data_7CDL
#
_entry.id   7CDL
#
_cell.length_a   128.11
_cell.length_b   211.107
_cell.length_c   222.554
_cell.angle_alpha   90
_cell.angle_beta   90
_cell.angle_gamma   90
#
_symmetry.space_group_name_H-M   'P 21 21 21'
#
loop_
_entity.id
_entity.type
_entity.pdbx_description
1 polymer 'Methanol dehydrogenase protein, large subunit'
2 polymer 'Methanol dehydrogenase [cytochrome c] subunit 2'
3 non-polymer 'CALCIUM ION'
4 non-polymer 'PYRROLOQUINOLINE QUINONE'
5 water water
#
loop_
_entity_poly.entity_id
_entity_poly.type
_entity_poly.pdbx_seq_one_letter_code
_entity_poly.pdbx_strand_id
1 'polypeptide(L)'
;NSELDRLSKDDRNWVMQTKDYSATHFSRLTEINSHNVKNLKVAWTLSTGTLHGHEGAPLVVDGIMYIHTPFPNNVYAVDL
NDTRKMLWQYKPKQNPAARAVACCDVVNRGLAYVPAGEHGPAKIFLNQLDGHIVALNAKTGEEIWKMENSDIAMGSTLTG
APFVVKDKVLVGSAGAELGVRGYVTAYNIKDGKQEWRAYATGPDEDLLLDKDFNKDNPHYGQFGLGLSTWEGDAWKIGGG
TNWGWYAYDPKLDMIYYGSGNPAPWNETMRPGDNKWTMTIWGRDADTGRAKFGYQKTPHDEWDYAGVNYMGLSEQEVDGK
LTPLLTHPDRNGLVYTLNRETGALVNAFKIDDTVNWVKKVDLKTGLPIRDPEYSTRMDHNAKGICPSAMGYHNQGIESYD
PDKKLFFMGVNHICMDWEPFMLPYRAGQFFVGATLNMYPGPKGMLGQVKAMNAVTGKMEWEVPEKFAVWGGTLATAGDLV
FYGTLDGFIKARDTRTGELKWQFQLPSGVIGHPITYQHNGKQYIAIYSGVGGWPGVGLVFDLKDPTAGLGAVGAFRELAH
YTQMGGSVFVFSL
;
C,D,A,B,G,H,M,N
2 'polypeptide(L)' YDGTHCKAPGNCWEPKPGYPDKVAGSKYDPKHDPNELNKQAESIKAMEARNQKRVENYAKTGKFVYKVEDIK K,L,E,F,I,J,O,P
#
loop_
_chem_comp.id
_chem_comp.type
_chem_comp.name
_chem_comp.formula
CA non-polymer 'CALCIUM ION' 'Ca 2'
PQQ non-polymer 'PYRROLOQUINOLINE QUINONE' 'C14 H6 N2 O8'
#
# COMPACT_ATOMS: atom_id res chain seq x y z
N ASN A 1 -47.60 -2.61 19.68
CA ASN A 1 -47.37 -1.23 19.10
C ASN A 1 -46.93 -1.33 17.65
N SER A 2 -47.72 -0.78 16.70
CA SER A 2 -47.44 -1.06 15.27
C SER A 2 -46.20 -0.29 14.77
N GLU A 3 -45.94 0.90 15.29
CA GLU A 3 -44.76 1.59 14.89
C GLU A 3 -43.51 0.89 15.49
N LEU A 4 -43.59 0.45 16.74
CA LEU A 4 -42.43 -0.34 17.30
C LEU A 4 -42.16 -1.57 16.45
N ASP A 5 -43.22 -2.28 16.05
CA ASP A 5 -43.09 -3.39 15.19
C ASP A 5 -42.44 -3.00 13.85
N ARG A 6 -42.82 -1.87 13.29
CA ARG A 6 -42.18 -1.53 12.03
C ARG A 6 -40.70 -1.19 12.27
N LEU A 7 -40.39 -0.44 13.32
CA LEU A 7 -38.99 -0.10 13.60
C LEU A 7 -38.11 -1.31 13.78
N SER A 8 -38.68 -2.39 14.33
CA SER A 8 -37.99 -3.66 14.55
C SER A 8 -37.59 -4.40 13.26
N LYS A 9 -38.21 -4.07 12.12
CA LYS A 9 -37.89 -4.73 10.88
C LYS A 9 -36.78 -4.00 10.14
N ASP A 10 -36.32 -2.85 10.65
CA ASP A 10 -35.19 -2.12 10.04
C ASP A 10 -33.91 -2.62 10.71
N ASP A 11 -32.91 -3.01 9.91
CA ASP A 11 -31.63 -3.51 10.44
C ASP A 11 -30.72 -2.48 10.99
N ARG A 12 -31.14 -1.22 10.99
CA ARG A 12 -30.38 -0.18 11.71
C ARG A 12 -30.75 -0.18 13.19
N ASN A 13 -31.80 -0.88 13.57
CA ASN A 13 -32.33 -0.82 14.88
C ASN A 13 -32.24 -2.17 15.62
N TRP A 14 -32.28 -2.06 16.95
CA TRP A 14 -32.50 -3.16 17.89
C TRP A 14 -33.34 -2.61 18.98
N VAL A 15 -34.68 -2.68 18.77
CA VAL A 15 -35.61 -1.82 19.50
C VAL A 15 -36.19 -2.38 20.83
N MET A 16 -35.92 -3.68 21.08
CA MET A 16 -36.36 -4.33 22.28
C MET A 16 -35.36 -5.45 22.60
N GLN A 17 -35.30 -5.87 23.86
CA GLN A 17 -34.29 -6.94 24.21
C GLN A 17 -34.39 -8.18 23.32
N THR A 18 -35.63 -8.57 23.00
CA THR A 18 -35.96 -9.73 22.16
C THR A 18 -35.80 -9.46 20.64
N LYS A 19 -35.33 -8.25 20.23
CA LYS A 19 -35.20 -7.77 18.86
C LYS A 19 -36.53 -7.41 18.23
N ASP A 20 -37.49 -8.30 18.38
CA ASP A 20 -38.80 -8.13 17.77
C ASP A 20 -39.78 -8.89 18.58
N TYR A 21 -41.07 -8.69 18.26
CA TYR A 21 -42.12 -9.25 19.06
C TYR A 21 -42.19 -10.76 19.01
N SER A 22 -41.62 -11.40 18.01
CA SER A 22 -41.54 -12.84 17.96
C SER A 22 -40.29 -13.40 18.70
N ALA A 23 -39.46 -12.53 19.23
CA ALA A 23 -38.19 -12.89 19.85
C ALA A 23 -37.29 -13.75 18.97
N THR A 24 -37.17 -13.40 17.69
CA THR A 24 -36.42 -14.18 16.77
C THR A 24 -34.92 -14.12 17.08
N HIS A 25 -34.44 -12.97 17.60
CA HIS A 25 -33.01 -12.72 17.71
C HIS A 25 -32.27 -13.11 16.45
N PHE A 26 -32.86 -12.78 15.29
CA PHE A 26 -32.28 -13.20 14.02
C PHE A 26 -32.11 -11.99 13.14
N SER A 27 -30.94 -11.79 12.58
CA SER A 27 -30.66 -10.64 11.74
C SER A 27 -30.47 -11.10 10.31
N ARG A 28 -31.08 -10.35 9.37
CA ARG A 28 -30.77 -10.55 7.95
C ARG A 28 -29.46 -9.98 7.47
N LEU A 29 -28.70 -9.25 8.30
CA LEU A 29 -27.42 -8.64 7.88
C LEU A 29 -26.41 -9.74 7.61
N THR A 30 -25.69 -9.62 6.50
CA THR A 30 -24.74 -10.59 6.03
C THR A 30 -23.37 -10.10 5.82
N GLU A 31 -23.08 -8.82 6.11
CA GLU A 31 -21.73 -8.31 5.93
C GLU A 31 -20.70 -9.16 6.70
N ILE A 32 -21.06 -9.43 7.95
CA ILE A 32 -20.34 -10.39 8.77
C ILE A 32 -20.94 -11.78 8.56
N ASN A 33 -20.13 -12.73 8.12
CA ASN A 33 -20.64 -14.03 7.76
C ASN A 33 -19.63 -15.12 8.11
N SER A 34 -20.00 -16.39 7.93
CA SER A 34 -19.17 -17.45 8.31
C SER A 34 -17.78 -17.47 7.68
N HIS A 35 -17.65 -16.96 6.48
CA HIS A 35 -16.36 -16.96 5.78
C HIS A 35 -15.48 -15.78 6.09
N ASN A 36 -15.95 -14.72 6.75
CA ASN A 36 -15.04 -13.61 7.14
C ASN A 36 -15.06 -13.23 8.61
N VAL A 37 -15.85 -13.96 9.45
CA VAL A 37 -15.98 -13.59 10.86
C VAL A 37 -14.64 -13.71 11.62
N LYS A 38 -13.73 -14.56 11.11
CA LYS A 38 -12.40 -14.61 11.64
C LYS A 38 -11.68 -13.24 11.65
N ASN A 39 -12.08 -12.27 10.84
CA ASN A 39 -11.44 -10.96 10.74
C ASN A 39 -12.13 -9.92 11.62
N LEU A 40 -13.13 -10.34 12.39
CA LEU A 40 -13.89 -9.37 13.22
C LEU A 40 -13.00 -8.79 14.31
N LYS A 41 -13.02 -7.46 14.49
CA LYS A 41 -12.13 -6.82 15.48
C LYS A 41 -12.93 -5.91 16.38
N VAL A 42 -12.38 -5.56 17.52
CA VAL A 42 -13.02 -4.53 18.36
C VAL A 42 -13.03 -3.19 17.70
N ALA A 43 -14.22 -2.56 17.54
CA ALA A 43 -14.32 -1.26 16.96
C ALA A 43 -14.17 -0.16 17.99
N TRP A 44 -14.87 -0.29 19.10
CA TRP A 44 -14.85 0.70 20.14
C TRP A 44 -15.54 0.08 21.37
N THR A 45 -15.35 0.72 22.53
CA THR A 45 -15.81 0.15 23.81
C THR A 45 -16.31 1.29 24.75
N LEU A 46 -17.15 0.93 25.71
CA LEU A 46 -17.61 1.89 26.71
C LEU A 46 -17.50 1.21 28.06
N SER A 47 -17.33 1.93 29.16
CA SER A 47 -17.46 1.33 30.50
C SER A 47 -18.86 1.68 31.00
N THR A 48 -19.48 0.76 31.73
CA THR A 48 -20.75 1.07 32.39
C THR A 48 -20.62 1.77 33.73
N GLY A 49 -19.42 1.79 34.35
CA GLY A 49 -19.22 2.37 35.66
C GLY A 49 -19.74 1.56 36.85
N THR A 50 -20.16 0.34 36.63
CA THR A 50 -20.58 -0.51 37.73
C THR A 50 -20.00 -1.87 37.55
N LEU A 51 -20.04 -2.67 38.62
CA LEU A 51 -19.64 -4.08 38.57
C LEU A 51 -20.93 -4.89 38.72
N HIS A 52 -20.85 -6.18 39.03
CA HIS A 52 -21.96 -7.07 39.13
C HIS A 52 -22.44 -7.46 37.75
N GLY A 53 -23.40 -8.38 37.70
CA GLY A 53 -23.80 -9.00 36.46
C GLY A 53 -24.54 -8.03 35.51
N HIS A 54 -24.14 -8.04 34.24
CA HIS A 54 -24.74 -7.23 33.18
C HIS A 54 -25.56 -8.14 32.26
N GLU A 55 -26.84 -8.28 32.60
CA GLU A 55 -27.79 -9.00 31.78
C GLU A 55 -28.46 -8.12 30.70
N GLY A 56 -29.25 -8.76 29.84
CA GLY A 56 -29.79 -8.12 28.67
C GLY A 56 -28.67 -7.57 27.77
N ALA A 57 -28.97 -6.51 27.01
CA ALA A 57 -28.01 -5.91 26.07
C ALA A 57 -28.45 -4.52 25.77
N PRO A 58 -27.62 -3.76 25.05
CA PRO A 58 -28.09 -2.42 24.62
C PRO A 58 -29.25 -2.45 23.65
N LEU A 59 -29.97 -1.32 23.59
CA LEU A 59 -30.95 -1.08 22.55
C LEU A 59 -30.29 -0.08 21.56
N VAL A 60 -30.72 -0.14 20.33
CA VAL A 60 -30.28 0.86 19.32
C VAL A 60 -31.50 1.37 18.59
N VAL A 61 -31.78 2.65 18.62
CA VAL A 61 -32.92 3.11 17.81
C VAL A 61 -32.59 4.50 17.28
N ASP A 62 -32.86 4.74 16.01
CA ASP A 62 -32.70 6.08 15.39
C ASP A 62 -31.27 6.63 15.61
N GLY A 63 -30.26 5.76 15.43
CA GLY A 63 -28.86 6.09 15.64
C GLY A 63 -28.34 6.42 17.04
N ILE A 64 -29.08 6.04 18.07
CA ILE A 64 -28.68 6.17 19.46
C ILE A 64 -28.63 4.77 20.11
N MET A 65 -27.58 4.50 20.85
CA MET A 65 -27.47 3.24 21.61
C MET A 65 -27.81 3.62 23.07
N TYR A 66 -28.57 2.75 23.72
CA TYR A 66 -28.94 2.94 25.08
C TYR A 66 -28.34 1.76 25.87
N ILE A 67 -27.74 2.09 27.00
CA ILE A 67 -27.02 1.18 27.89
C ILE A 67 -27.63 1.25 29.25
N HIS A 68 -27.70 0.12 29.96
CA HIS A 68 -28.23 0.09 31.32
C HIS A 68 -27.32 -0.73 32.25
N THR A 69 -27.45 -0.56 33.58
CA THR A 69 -26.57 -1.33 34.50
C THR A 69 -27.37 -2.21 35.50
N PRO A 70 -26.59 -3.04 36.18
CA PRO A 70 -27.13 -3.60 37.36
C PRO A 70 -27.29 -2.51 38.42
N PHE A 71 -27.81 -2.84 39.60
CA PHE A 71 -28.12 -1.83 40.67
C PHE A 71 -26.95 -0.84 40.81
N PRO A 72 -27.15 0.49 40.79
CA PRO A 72 -28.44 1.14 40.94
C PRO A 72 -29.17 1.47 39.60
N ASN A 73 -28.84 0.72 38.53
CA ASN A 73 -29.62 0.80 37.27
C ASN A 73 -29.52 2.11 36.57
N ASN A 74 -28.28 2.57 36.42
CA ASN A 74 -27.96 3.75 35.62
C ASN A 74 -28.24 3.44 34.16
N VAL A 75 -28.65 4.47 33.43
CA VAL A 75 -28.95 4.40 32.02
C VAL A 75 -28.16 5.56 31.30
N TYR A 76 -27.66 5.29 30.12
CA TYR A 76 -26.84 6.22 29.33
C TYR A 76 -27.29 6.03 27.90
N ALA A 77 -27.29 7.14 27.17
CA ALA A 77 -27.49 7.18 25.76
C ALA A 77 -26.22 7.66 25.07
N VAL A 78 -25.96 7.08 23.91
CA VAL A 78 -24.75 7.33 23.07
C VAL A 78 -25.18 7.51 21.63
N ASP A 79 -24.93 8.70 21.06
CA ASP A 79 -25.08 8.93 19.62
C ASP A 79 -24.06 8.14 18.87
N LEU A 80 -24.48 7.30 17.94
CA LEU A 80 -23.53 6.45 17.21
C LEU A 80 -22.56 7.20 16.30
N ASN A 81 -22.87 8.46 15.99
CA ASN A 81 -21.92 9.34 15.31
C ASN A 81 -20.88 9.97 16.28
N ASP A 82 -20.99 9.80 17.60
CA ASP A 82 -20.00 10.40 18.54
C ASP A 82 -19.89 9.41 19.71
N THR A 83 -19.22 8.30 19.49
CA THR A 83 -19.34 7.16 20.44
C THR A 83 -18.60 7.42 21.74
N ARG A 84 -17.81 8.49 21.84
CA ARG A 84 -17.11 8.77 23.08
C ARG A 84 -17.94 9.56 24.06
N LYS A 85 -19.00 10.22 23.61
CA LYS A 85 -19.72 11.19 24.44
C LYS A 85 -20.98 10.57 24.90
N MET A 86 -21.37 10.83 26.14
CA MET A 86 -22.68 10.36 26.61
C MET A 86 -23.71 11.48 26.32
N LEU A 87 -24.67 11.18 25.50
CA LEU A 87 -25.70 12.14 25.13
C LEU A 87 -26.51 12.58 26.36
N TRP A 88 -26.95 11.62 27.21
CA TRP A 88 -27.60 11.90 28.44
C TRP A 88 -27.38 10.73 29.37
N GLN A 89 -27.58 10.96 30.67
CA GLN A 89 -27.50 9.94 31.71
C GLN A 89 -28.62 10.07 32.67
N TYR A 90 -29.09 8.96 33.23
CA TYR A 90 -30.04 8.95 34.28
C TYR A 90 -29.54 8.07 35.40
N LYS A 91 -29.42 8.63 36.59
CA LYS A 91 -28.80 7.92 37.71
C LYS A 91 -29.79 7.76 38.88
N PRO A 92 -30.43 6.59 38.98
CA PRO A 92 -31.45 6.45 40.02
C PRO A 92 -30.91 6.54 41.46
N LYS A 93 -31.72 7.17 42.33
CA LYS A 93 -31.46 7.19 43.80
C LYS A 93 -32.37 6.11 44.43
N GLN A 94 -31.82 4.97 44.80
CA GLN A 94 -32.56 3.83 45.32
C GLN A 94 -32.07 3.46 46.70
N ASN A 95 -32.96 2.94 47.54
CA ASN A 95 -32.58 2.41 48.85
C ASN A 95 -31.63 1.22 48.67
N PRO A 96 -30.43 1.33 49.22
CA PRO A 96 -29.52 0.22 49.10
C PRO A 96 -29.95 -1.07 49.78
N ALA A 97 -30.93 -0.97 50.66
CA ALA A 97 -31.58 -2.18 51.19
C ALA A 97 -32.21 -3.08 50.09
N ALA A 98 -32.48 -2.50 48.89
CA ALA A 98 -32.96 -3.35 47.74
C ALA A 98 -32.05 -4.52 47.43
N ARG A 99 -30.77 -4.26 47.59
CA ARG A 99 -29.77 -5.30 47.35
C ARG A 99 -29.92 -6.52 48.22
N ALA A 100 -30.37 -6.34 49.46
CA ALA A 100 -30.43 -7.44 50.39
C ALA A 100 -31.57 -8.46 50.09
N VAL A 101 -32.57 -8.12 49.24
CA VAL A 101 -33.64 -8.95 48.91
C VAL A 101 -33.55 -9.50 47.47
N ALA A 102 -32.41 -9.31 46.83
CA ALA A 102 -32.20 -9.93 45.53
C ALA A 102 -31.67 -11.34 45.76
N CYS A 103 -32.31 -12.36 45.30
CA CYS A 103 -31.76 -13.64 45.59
C CYS A 103 -30.43 -14.02 44.98
N CYS A 104 -30.26 -13.63 43.71
CA CYS A 104 -29.12 -13.98 42.90
C CYS A 104 -28.42 -12.79 42.19
N ASP A 105 -27.85 -11.87 42.97
CA ASP A 105 -27.17 -10.70 42.41
C ASP A 105 -28.20 -9.61 42.05
N VAL A 106 -27.72 -8.46 41.71
CA VAL A 106 -28.57 -7.38 41.40
C VAL A 106 -28.67 -7.04 39.89
N VAL A 107 -28.91 -8.08 39.08
CA VAL A 107 -29.03 -7.95 37.64
C VAL A 107 -30.36 -7.25 37.23
N ASN A 108 -30.39 -6.65 36.04
CA ASN A 108 -31.47 -5.89 35.40
C ASN A 108 -31.41 -6.25 33.93
N ARG A 109 -32.44 -6.85 33.45
CA ARG A 109 -32.50 -7.43 32.11
C ARG A 109 -32.80 -6.40 31.01
N GLY A 110 -32.92 -5.15 31.40
CA GLY A 110 -32.75 -4.10 30.45
C GLY A 110 -33.90 -3.22 30.10
N LEU A 111 -33.58 -2.33 29.17
CA LEU A 111 -34.45 -1.22 28.86
C LEU A 111 -35.52 -1.67 27.86
N ALA A 112 -36.60 -0.89 27.76
CA ALA A 112 -37.52 -0.97 26.59
C ALA A 112 -37.69 0.43 26.04
N TYR A 113 -38.33 0.49 24.88
CA TYR A 113 -38.41 1.69 24.07
C TYR A 113 -39.80 1.75 23.39
N VAL A 114 -40.36 2.96 23.34
CA VAL A 114 -41.52 3.20 22.45
C VAL A 114 -41.26 4.47 21.61
N PRO A 115 -41.61 4.44 20.32
CA PRO A 115 -41.51 5.67 19.49
C PRO A 115 -42.49 6.75 19.91
N ALA A 116 -42.26 7.98 19.46
CA ALA A 116 -43.19 9.08 19.72
C ALA A 116 -44.57 8.82 19.13
N GLY A 117 -45.58 9.36 19.73
CA GLY A 117 -46.95 9.25 19.19
C GLY A 117 -47.85 10.19 19.94
N GLU A 118 -49.14 9.88 20.01
CA GLU A 118 -50.09 10.71 20.74
C GLU A 118 -49.82 10.78 22.22
N HIS A 119 -49.11 9.78 22.72
CA HIS A 119 -48.77 9.70 24.13
C HIS A 119 -47.67 10.63 24.52
N GLY A 120 -47.03 11.20 23.51
CA GLY A 120 -45.96 12.08 23.69
C GLY A 120 -44.70 11.63 22.97
N PRO A 121 -43.60 12.14 23.43
CA PRO A 121 -42.33 11.82 22.79
C PRO A 121 -41.86 10.40 23.00
N ALA A 122 -40.89 9.97 22.19
CA ALA A 122 -40.27 8.66 22.38
C ALA A 122 -39.73 8.49 23.81
N LYS A 123 -39.91 7.26 24.36
CA LYS A 123 -39.59 7.02 25.71
C LYS A 123 -38.72 5.77 25.82
N ILE A 124 -37.88 5.82 26.83
CA ILE A 124 -37.13 4.65 27.33
C ILE A 124 -37.80 4.27 28.65
N PHE A 125 -38.03 2.97 28.84
CA PHE A 125 -38.51 2.47 30.08
C PHE A 125 -37.48 1.66 30.85
N LEU A 126 -37.48 1.85 32.17
CA LEU A 126 -36.57 1.19 33.08
C LEU A 126 -37.33 0.61 34.24
N ASN A 127 -37.11 -0.69 34.53
CA ASN A 127 -37.57 -1.28 35.84
C ASN A 127 -36.40 -1.18 36.79
N GLN A 128 -36.58 -0.57 37.94
CA GLN A 128 -35.52 -0.50 38.91
C GLN A 128 -35.61 -1.67 39.88
N LEU A 129 -34.46 -2.08 40.45
CA LEU A 129 -34.51 -3.21 41.44
C LEU A 129 -35.48 -2.84 42.57
N ASP A 130 -35.56 -1.57 42.96
CA ASP A 130 -36.39 -1.18 44.08
C ASP A 130 -37.89 -1.15 43.76
N GLY A 131 -38.24 -1.60 42.61
CA GLY A 131 -39.63 -1.85 42.32
C GLY A 131 -40.38 -0.76 41.62
N HIS A 132 -39.68 0.26 41.12
CA HIS A 132 -40.30 1.28 40.33
C HIS A 132 -40.18 1.00 38.80
N ILE A 133 -41.21 1.40 38.07
CA ILE A 133 -41.19 1.52 36.63
C ILE A 133 -41.03 3.05 36.34
N VAL A 134 -40.06 3.35 35.50
CA VAL A 134 -39.69 4.74 35.15
C VAL A 134 -39.70 4.92 33.61
N ALA A 135 -40.36 5.99 33.17
CA ALA A 135 -40.41 6.45 31.80
C ALA A 135 -39.54 7.64 31.67
N LEU A 136 -38.61 7.58 30.70
CA LEU A 136 -37.66 8.62 30.43
C LEU A 136 -37.82 9.09 29.01
N ASN A 137 -37.62 10.38 28.75
CA ASN A 137 -37.53 10.86 27.37
C ASN A 137 -36.33 10.23 26.63
N ALA A 138 -36.60 9.58 25.54
CA ALA A 138 -35.54 8.82 24.81
C ALA A 138 -34.41 9.72 24.24
N LYS A 139 -34.76 11.00 23.98
CA LYS A 139 -33.81 11.93 23.37
C LYS A 139 -33.07 12.82 24.37
N THR A 140 -33.64 13.06 25.55
CA THR A 140 -33.07 13.92 26.56
C THR A 140 -32.75 13.28 27.89
N GLY A 141 -33.34 12.13 28.16
CA GLY A 141 -33.19 11.54 29.47
C GLY A 141 -34.07 12.08 30.56
N GLU A 142 -34.89 13.06 30.26
CA GLU A 142 -35.75 13.63 31.30
C GLU A 142 -36.70 12.56 31.84
N GLU A 143 -36.89 12.59 33.15
CA GLU A 143 -37.85 11.71 33.78
C GLU A 143 -39.26 12.19 33.54
N ILE A 144 -40.09 11.38 32.91
CA ILE A 144 -41.43 11.77 32.57
C ILE A 144 -42.44 11.32 33.63
N TRP A 145 -42.38 10.05 33.99
CA TRP A 145 -43.17 9.56 35.15
C TRP A 145 -42.49 8.35 35.80
N LYS A 146 -42.95 8.02 36.98
CA LYS A 146 -42.38 6.98 37.83
C LYS A 146 -43.48 6.48 38.76
N MET A 147 -43.71 5.17 38.78
CA MET A 147 -44.73 4.57 39.60
C MET A 147 -44.11 3.42 40.41
N GLU A 148 -44.75 3.11 41.48
CA GLU A 148 -44.38 1.99 42.36
C GLU A 148 -45.05 0.75 41.96
N ASN A 149 -44.30 -0.26 41.53
CA ASN A 149 -44.89 -1.54 41.17
C ASN A 149 -44.75 -2.63 42.30
N SER A 150 -43.56 -2.73 42.88
CA SER A 150 -43.17 -3.80 43.80
C SER A 150 -42.56 -3.18 45.04
N ASP A 151 -42.79 -3.80 46.19
CA ASP A 151 -42.31 -3.27 47.50
C ASP A 151 -41.19 -4.08 48.06
N ILE A 152 -39.99 -3.48 48.15
CA ILE A 152 -38.81 -4.24 48.69
C ILE A 152 -38.95 -4.70 50.15
N ALA A 153 -39.79 -4.06 50.93
CA ALA A 153 -40.05 -4.49 52.27
C ALA A 153 -40.74 -5.85 52.37
N MET A 154 -41.43 -6.24 51.31
CA MET A 154 -42.04 -7.55 51.17
C MET A 154 -41.16 -8.57 50.44
N GLY A 155 -39.91 -8.24 50.14
CA GLY A 155 -39.01 -9.02 49.33
C GLY A 155 -39.27 -8.98 47.87
N SER A 156 -39.97 -7.94 47.41
CA SER A 156 -40.53 -7.86 46.04
C SER A 156 -39.71 -6.83 45.24
N THR A 157 -39.05 -7.29 44.16
CA THR A 157 -38.06 -6.47 43.40
C THR A 157 -38.44 -6.54 41.98
N LEU A 158 -37.76 -5.78 41.12
CA LEU A 158 -37.86 -6.01 39.67
C LEU A 158 -36.52 -6.31 39.10
N THR A 159 -36.48 -7.29 38.22
CA THR A 159 -35.30 -7.62 37.47
C THR A 159 -35.54 -7.80 36.00
N GLY A 160 -36.72 -8.28 35.61
CA GLY A 160 -37.03 -8.42 34.20
C GLY A 160 -37.30 -7.12 33.48
N ALA A 161 -37.03 -7.13 32.19
CA ALA A 161 -37.18 -5.92 31.40
C ALA A 161 -38.67 -5.54 31.19
N PRO A 162 -38.98 -4.21 31.12
CA PRO A 162 -40.32 -3.82 30.69
C PRO A 162 -40.58 -4.26 29.25
N PHE A 163 -41.87 -4.34 28.85
CA PHE A 163 -42.23 -4.79 27.53
C PHE A 163 -43.38 -3.91 27.01
N VAL A 164 -43.17 -3.30 25.84
CA VAL A 164 -44.11 -2.32 25.29
C VAL A 164 -45.04 -3.05 24.31
N VAL A 165 -46.34 -2.88 24.51
CA VAL A 165 -47.35 -3.36 23.56
C VAL A 165 -48.47 -2.30 23.49
N LYS A 166 -48.71 -1.85 22.27
CA LYS A 166 -49.62 -0.73 21.96
C LYS A 166 -49.29 0.52 22.74
N ASP A 167 -50.23 1.02 23.56
CA ASP A 167 -50.07 2.12 24.47
C ASP A 167 -49.76 1.70 25.90
N LYS A 168 -49.21 0.49 26.12
CA LYS A 168 -48.97 -0.05 27.47
C LYS A 168 -47.55 -0.54 27.64
N VAL A 169 -47.06 -0.35 28.83
CA VAL A 169 -45.78 -1.04 29.22
C VAL A 169 -46.06 -2.05 30.29
N LEU A 170 -45.62 -3.30 30.08
CA LEU A 170 -45.79 -4.41 31.00
C LEU A 170 -44.60 -4.50 31.91
N VAL A 171 -44.88 -4.73 33.18
CA VAL A 171 -43.92 -4.79 34.24
C VAL A 171 -44.20 -6.07 35.01
N GLY A 172 -43.16 -6.91 35.12
CA GLY A 172 -43.30 -8.19 35.85
C GLY A 172 -43.08 -8.10 37.34
N SER A 173 -42.46 -9.14 37.88
CA SER A 173 -42.32 -9.25 39.34
C SER A 173 -41.17 -10.15 39.58
N ALA A 174 -40.73 -10.17 40.81
CA ALA A 174 -39.57 -10.94 41.29
C ALA A 174 -39.63 -11.03 42.80
N GLY A 175 -39.18 -12.18 43.32
CA GLY A 175 -39.14 -12.39 44.75
C GLY A 175 -39.82 -13.70 45.17
N ALA A 176 -39.96 -14.68 44.28
CA ALA A 176 -40.53 -16.00 44.68
C ALA A 176 -39.67 -16.66 45.79
N GLU A 177 -38.37 -16.41 45.83
CA GLU A 177 -37.52 -16.91 46.91
C GLU A 177 -37.81 -16.26 48.29
N LEU A 178 -38.64 -15.24 48.26
CA LEU A 178 -39.15 -14.55 49.46
C LEU A 178 -40.68 -14.58 49.59
N GLY A 179 -41.30 -15.54 48.93
CA GLY A 179 -42.73 -15.78 49.05
C GLY A 179 -43.61 -14.70 48.46
N VAL A 180 -43.05 -14.01 47.48
CA VAL A 180 -43.83 -13.05 46.71
C VAL A 180 -44.76 -13.79 45.78
N ARG A 181 -46.04 -13.42 45.78
CA ARG A 181 -47.00 -13.91 44.89
C ARG A 181 -46.96 -13.11 43.62
N GLY A 182 -46.76 -13.78 42.49
CA GLY A 182 -46.40 -13.14 41.23
C GLY A 182 -47.57 -12.39 40.63
N TYR A 183 -47.22 -11.29 39.99
CA TYR A 183 -48.19 -10.51 39.24
C TYR A 183 -47.47 -9.74 38.10
N VAL A 184 -48.21 -9.55 37.02
CA VAL A 184 -47.75 -8.77 35.86
C VAL A 184 -48.79 -7.61 35.75
N THR A 185 -48.25 -6.46 35.42
CA THR A 185 -49.01 -5.21 35.43
C THR A 185 -48.81 -4.45 34.15
N ALA A 186 -49.91 -3.97 33.55
CA ALA A 186 -49.82 -3.06 32.35
C ALA A 186 -50.09 -1.63 32.80
N TYR A 187 -49.23 -0.72 32.38
CA TYR A 187 -49.30 0.73 32.70
C TYR A 187 -49.46 1.49 31.38
N ASN A 188 -50.29 2.52 31.38
CA ASN A 188 -50.45 3.35 30.19
C ASN A 188 -49.19 4.18 30.01
N ILE A 189 -48.67 4.16 28.83
CA ILE A 189 -47.36 4.82 28.57
C ILE A 189 -47.40 6.36 28.66
N LYS A 190 -48.56 6.94 28.46
CA LYS A 190 -48.70 8.41 28.62
C LYS A 190 -48.50 8.93 30.03
N ASP A 191 -49.21 8.32 30.96
CA ASP A 191 -49.34 8.85 32.32
C ASP A 191 -48.95 7.89 33.46
N GLY A 192 -48.60 6.65 33.10
CA GLY A 192 -48.31 5.63 34.09
C GLY A 192 -49.49 5.06 34.85
N LYS A 193 -50.68 5.21 34.30
CA LYS A 193 -51.89 4.75 34.96
C LYS A 193 -51.93 3.22 34.83
N GLN A 194 -52.14 2.54 35.92
CA GLN A 194 -52.31 1.09 35.91
C GLN A 194 -53.56 0.72 35.18
N GLU A 195 -53.44 -0.10 34.20
CA GLU A 195 -54.55 -0.52 33.34
C GLU A 195 -55.11 -1.90 33.77
N TRP A 196 -54.24 -2.85 34.09
CA TRP A 196 -54.67 -4.16 34.57
C TRP A 196 -53.51 -4.84 35.26
N ARG A 197 -53.89 -5.76 36.12
CA ARG A 197 -52.90 -6.49 36.91
C ARG A 197 -53.38 -7.91 37.04
N ALA A 198 -52.58 -8.88 36.58
CA ALA A 198 -52.94 -10.30 36.63
C ALA A 198 -51.98 -11.07 37.59
N TYR A 199 -52.53 -11.74 38.59
CA TYR A 199 -51.78 -12.54 39.58
C TYR A 199 -51.64 -13.99 39.11
N ALA A 200 -50.65 -14.71 39.64
CA ALA A 200 -50.35 -16.06 39.14
C ALA A 200 -51.05 -17.14 39.98
N THR A 201 -51.58 -16.74 41.12
CA THR A 201 -52.27 -17.68 42.04
C THR A 201 -53.46 -16.96 42.61
N GLY A 202 -54.36 -17.76 43.20
CA GLY A 202 -55.46 -17.20 43.88
C GLY A 202 -56.79 -17.26 43.18
N PRO A 203 -57.73 -16.40 43.62
CA PRO A 203 -59.06 -16.46 43.03
C PRO A 203 -59.07 -16.11 41.57
N ASP A 204 -60.00 -16.70 40.84
CA ASP A 204 -60.14 -16.37 39.44
C ASP A 204 -60.16 -14.88 39.07
N GLU A 205 -60.77 -14.02 39.86
CA GLU A 205 -60.78 -12.63 39.49
C GLU A 205 -59.38 -12.04 39.51
N ASP A 206 -58.53 -12.53 40.38
CA ASP A 206 -57.17 -12.04 40.48
C ASP A 206 -56.29 -12.57 39.34
N LEU A 207 -56.54 -13.80 38.86
CA LEU A 207 -55.86 -14.42 37.72
C LEU A 207 -56.11 -13.72 36.39
N LEU A 208 -57.24 -13.07 36.31
CA LEU A 208 -57.71 -12.34 35.12
C LEU A 208 -57.91 -13.29 33.89
N LEU A 209 -58.99 -14.10 33.95
CA LEU A 209 -59.23 -15.13 32.98
C LEU A 209 -60.35 -14.67 32.02
N ASP A 210 -60.17 -14.96 30.75
CA ASP A 210 -61.22 -14.78 29.76
C ASP A 210 -62.36 -15.77 30.14
N LYS A 211 -63.60 -15.39 29.88
CA LYS A 211 -64.74 -16.31 29.98
C LYS A 211 -64.49 -17.63 29.19
N ASP A 212 -63.77 -17.56 28.08
CA ASP A 212 -63.35 -18.74 27.34
C ASP A 212 -61.94 -19.29 27.59
N PHE A 213 -61.45 -19.06 28.77
CA PHE A 213 -60.08 -19.56 29.18
C PHE A 213 -59.97 -21.04 28.95
N ASN A 214 -59.02 -21.43 28.13
CA ASN A 214 -58.65 -22.83 27.87
C ASN A 214 -59.82 -23.62 27.24
N LYS A 215 -60.67 -22.92 26.54
CA LYS A 215 -61.79 -23.58 25.86
C LYS A 215 -61.29 -24.62 24.85
N ASP A 216 -60.17 -24.38 24.20
CA ASP A 216 -59.59 -25.36 23.28
C ASP A 216 -58.90 -26.53 23.95
N ASN A 217 -58.50 -26.39 25.24
CA ASN A 217 -57.78 -27.47 25.97
C ASN A 217 -58.29 -27.54 27.37
N PRO A 218 -59.59 -27.96 27.51
CA PRO A 218 -60.16 -27.96 28.87
C PRO A 218 -59.47 -28.85 29.82
N HIS A 219 -58.82 -29.89 29.35
CA HIS A 219 -58.02 -30.81 30.18
C HIS A 219 -56.77 -30.13 30.81
N TYR A 220 -56.42 -28.92 30.39
CA TYR A 220 -55.37 -28.18 31.10
C TYR A 220 -55.87 -27.68 32.43
N GLY A 221 -57.19 -27.62 32.62
CA GLY A 221 -57.75 -26.94 33.75
C GLY A 221 -58.37 -25.62 33.35
N GLN A 222 -59.46 -25.24 33.98
CA GLN A 222 -60.09 -23.95 33.70
C GLN A 222 -60.29 -23.17 35.00
N PHE A 223 -61.50 -23.13 35.59
CA PHE A 223 -61.76 -22.20 36.68
C PHE A 223 -61.58 -22.79 38.06
N GLY A 224 -61.28 -21.93 38.99
CA GLY A 224 -61.16 -22.17 40.45
C GLY A 224 -59.83 -22.78 40.87
N LEU A 225 -58.90 -22.99 39.91
CA LEU A 225 -57.69 -23.78 40.20
C LEU A 225 -56.61 -23.00 40.98
N GLY A 226 -56.65 -21.69 40.87
CA GLY A 226 -55.75 -20.85 41.60
C GLY A 226 -55.97 -20.97 43.08
N LEU A 227 -57.16 -21.48 43.48
CA LEU A 227 -57.48 -21.78 44.90
C LEU A 227 -57.53 -23.26 45.23
N SER A 228 -58.13 -24.06 44.36
CA SER A 228 -58.35 -25.45 44.70
C SER A 228 -57.08 -26.31 44.57
N THR A 229 -55.98 -25.80 43.95
CA THR A 229 -54.74 -26.61 43.89
C THR A 229 -53.71 -26.13 44.94
N TRP A 230 -54.20 -25.43 45.97
CA TRP A 230 -53.48 -25.10 47.17
C TRP A 230 -54.32 -25.51 48.39
N GLU A 231 -53.66 -25.67 49.51
CA GLU A 231 -54.31 -25.90 50.76
C GLU A 231 -54.45 -24.58 51.47
N GLY A 232 -55.70 -24.20 51.72
CA GLY A 232 -55.98 -22.99 52.48
C GLY A 232 -55.43 -21.75 51.77
N ASP A 233 -54.81 -20.87 52.54
CA ASP A 233 -54.28 -19.57 52.06
C ASP A 233 -52.85 -19.62 51.60
N ALA A 234 -52.28 -20.81 51.40
CA ALA A 234 -50.83 -20.94 51.01
C ALA A 234 -50.49 -20.19 49.66
N TRP A 235 -51.50 -20.02 48.82
CA TRP A 235 -51.42 -19.27 47.55
C TRP A 235 -51.07 -17.79 47.75
N LYS A 236 -51.37 -17.24 48.93
CA LYS A 236 -51.07 -15.84 49.20
C LYS A 236 -49.57 -15.45 49.14
N ILE A 237 -48.70 -16.42 49.45
CA ILE A 237 -47.26 -16.26 49.40
C ILE A 237 -46.67 -17.27 48.40
N GLY A 238 -47.40 -17.53 47.36
CA GLY A 238 -47.23 -18.72 46.53
C GLY A 238 -46.30 -18.65 45.31
N GLY A 239 -45.56 -17.56 45.15
CA GLY A 239 -44.65 -17.46 44.02
C GLY A 239 -45.38 -17.22 42.70
N GLY A 240 -44.74 -17.66 41.65
CA GLY A 240 -45.29 -17.42 40.30
C GLY A 240 -44.90 -16.08 39.73
N THR A 241 -43.90 -15.44 40.28
CA THR A 241 -43.36 -14.18 39.75
C THR A 241 -42.88 -14.34 38.29
N ASN A 242 -42.94 -13.25 37.51
CA ASN A 242 -42.56 -13.32 36.10
C ASN A 242 -41.47 -12.32 35.80
N TRP A 243 -40.23 -12.81 35.82
CA TRP A 243 -39.05 -11.99 35.71
C TRP A 243 -38.31 -12.22 34.37
N GLY A 244 -38.93 -12.94 33.47
CA GLY A 244 -38.28 -13.33 32.23
C GLY A 244 -38.83 -12.47 31.06
N TRP A 245 -39.15 -13.10 29.98
CA TRP A 245 -39.35 -12.40 28.72
C TRP A 245 -40.78 -12.61 28.18
N TYR A 246 -41.18 -11.80 27.23
CA TYR A 246 -42.51 -11.87 26.64
C TYR A 246 -42.40 -11.94 25.16
N ALA A 247 -43.53 -12.25 24.53
CA ALA A 247 -43.63 -12.22 23.08
C ALA A 247 -45.03 -11.70 22.81
N TYR A 248 -45.24 -11.28 21.59
CA TYR A 248 -46.54 -10.69 21.24
C TYR A 248 -46.89 -11.00 19.78
N ASP A 249 -48.14 -11.36 19.50
CA ASP A 249 -48.57 -11.66 18.15
C ASP A 249 -49.64 -10.53 17.89
N PRO A 250 -49.32 -9.55 17.05
CA PRO A 250 -50.26 -8.42 16.85
C PRO A 250 -51.54 -8.85 16.09
N LYS A 251 -51.46 -9.89 15.26
CA LYS A 251 -52.65 -10.41 14.53
C LYS A 251 -53.67 -10.98 15.55
N LEU A 252 -53.19 -11.70 16.56
CA LEU A 252 -54.06 -12.26 17.60
C LEU A 252 -54.31 -11.31 18.70
N ASP A 253 -53.44 -10.27 18.84
CA ASP A 253 -53.46 -9.31 19.91
C ASP A 253 -53.25 -9.98 21.32
N MET A 254 -52.28 -10.90 21.34
CA MET A 254 -52.00 -11.76 22.46
C MET A 254 -50.52 -11.67 22.90
N ILE A 255 -50.33 -11.65 24.20
CA ILE A 255 -49.01 -11.49 24.86
C ILE A 255 -48.77 -12.86 25.48
N TYR A 256 -47.52 -13.32 25.41
CA TYR A 256 -47.12 -14.64 25.90
C TYR A 256 -45.97 -14.45 26.89
N TYR A 257 -46.05 -15.16 28.01
CA TYR A 257 -44.94 -15.15 29.00
C TYR A 257 -45.19 -16.35 29.93
N GLY A 258 -44.16 -16.65 30.71
CA GLY A 258 -44.23 -17.68 31.72
C GLY A 258 -44.23 -17.20 33.10
N SER A 259 -45.06 -17.84 33.95
CA SER A 259 -45.02 -17.56 35.38
C SER A 259 -44.00 -18.52 36.09
N GLY A 260 -43.42 -18.00 37.16
CA GLY A 260 -42.33 -18.68 37.87
C GLY A 260 -42.73 -19.71 38.90
N ASN A 261 -41.77 -20.10 39.70
CA ASN A 261 -41.94 -21.26 40.62
C ASN A 261 -42.83 -20.90 41.79
N PRO A 262 -43.53 -21.89 42.33
CA PRO A 262 -44.24 -21.76 43.59
C PRO A 262 -43.30 -21.64 44.79
N ALA A 263 -43.72 -20.91 45.82
CA ALA A 263 -42.97 -20.73 47.01
C ALA A 263 -43.66 -21.54 48.17
N PRO A 264 -42.89 -22.08 49.11
CA PRO A 264 -41.44 -22.10 49.20
C PRO A 264 -40.88 -23.22 48.30
N TRP A 265 -39.53 -23.35 48.24
CA TRP A 265 -38.95 -24.45 47.48
C TRP A 265 -39.35 -25.82 48.09
N ASN A 266 -39.63 -25.81 49.39
CA ASN A 266 -40.00 -27.03 50.16
C ASN A 266 -41.37 -27.47 49.75
N GLU A 267 -41.40 -28.46 48.85
CA GLU A 267 -42.67 -28.91 48.26
C GLU A 267 -43.72 -29.45 49.24
N THR A 268 -43.22 -30.04 50.29
CA THR A 268 -44.08 -30.66 51.32
C THR A 268 -44.88 -29.65 52.12
N MET A 269 -44.44 -28.40 52.13
CA MET A 269 -45.19 -27.30 52.75
C MET A 269 -46.34 -26.76 51.92
N ARG A 270 -46.48 -27.18 50.67
CA ARG A 270 -47.52 -26.66 49.76
C ARG A 270 -48.09 -27.75 48.87
N PRO A 271 -48.75 -28.76 49.49
CA PRO A 271 -49.43 -29.71 48.68
C PRO A 271 -50.40 -29.10 47.63
N GLY A 272 -50.46 -29.78 46.49
CA GLY A 272 -51.38 -29.43 45.36
C GLY A 272 -50.60 -29.04 44.12
N ASP A 273 -51.29 -28.98 42.98
CA ASP A 273 -50.65 -28.61 41.74
C ASP A 273 -50.10 -27.16 41.73
N ASN A 274 -50.63 -26.30 42.64
CA ASN A 274 -50.05 -24.95 42.87
C ASN A 274 -50.23 -24.08 41.59
N LYS A 275 -51.39 -24.23 40.95
CA LYS A 275 -51.74 -23.37 39.85
C LYS A 275 -51.90 -21.91 40.27
N TRP A 276 -51.56 -20.94 39.38
CA TRP A 276 -50.98 -21.15 38.02
C TRP A 276 -49.51 -20.71 37.98
N THR A 277 -48.75 -21.21 38.95
CA THR A 277 -47.31 -21.08 38.86
C THR A 277 -46.89 -22.04 37.66
N MET A 278 -45.69 -21.83 37.15
CA MET A 278 -45.09 -22.65 36.15
C MET A 278 -45.94 -22.77 34.89
N THR A 279 -46.55 -21.65 34.47
CA THR A 279 -47.60 -21.68 33.43
C THR A 279 -47.19 -20.84 32.19
N ILE A 280 -47.41 -21.38 31.01
CA ILE A 280 -47.27 -20.64 29.77
C ILE A 280 -48.67 -19.95 29.54
N TRP A 281 -48.68 -18.63 29.51
CA TRP A 281 -49.89 -17.84 29.37
C TRP A 281 -49.97 -17.24 27.98
N GLY A 282 -51.22 -17.10 27.49
CA GLY A 282 -51.57 -16.30 26.33
C GLY A 282 -52.65 -15.38 26.82
N ARG A 283 -52.34 -14.08 26.92
CA ARG A 283 -53.24 -13.09 27.47
C ARG A 283 -53.59 -12.04 26.42
N ASP A 284 -54.87 -11.62 26.44
CA ASP A 284 -55.35 -10.47 25.63
C ASP A 284 -54.60 -9.22 26.06
N ALA A 285 -54.03 -8.52 25.11
CA ALA A 285 -53.22 -7.35 25.37
C ALA A 285 -53.94 -6.20 26.01
N ASP A 286 -55.14 -5.88 25.53
CA ASP A 286 -55.88 -4.77 26.08
C ASP A 286 -56.39 -5.01 27.43
N THR A 287 -56.93 -6.21 27.70
CA THR A 287 -57.52 -6.47 29.00
C THR A 287 -56.68 -7.27 29.98
N GLY A 288 -55.62 -7.90 29.49
CA GLY A 288 -54.92 -8.88 30.31
C GLY A 288 -55.62 -10.23 30.53
N ARG A 289 -56.81 -10.45 29.97
CA ARG A 289 -57.52 -11.74 30.18
C ARG A 289 -56.91 -12.93 29.48
N ALA A 290 -56.58 -13.95 30.27
CA ALA A 290 -55.93 -15.10 29.70
C ALA A 290 -56.89 -15.87 28.81
N LYS A 291 -56.46 -16.18 27.61
CA LYS A 291 -57.17 -17.06 26.76
C LYS A 291 -56.72 -18.51 26.89
N PHE A 292 -55.43 -18.72 27.19
CA PHE A 292 -54.93 -20.06 27.52
C PHE A 292 -53.87 -19.96 28.57
N GLY A 293 -53.72 -21.07 29.27
CA GLY A 293 -52.77 -21.22 30.31
C GLY A 293 -52.43 -22.70 30.41
N TYR A 294 -51.15 -23.07 30.17
CA TYR A 294 -50.72 -24.42 30.24
C TYR A 294 -49.68 -24.53 31.37
N GLN A 295 -49.98 -25.35 32.37
CA GLN A 295 -49.05 -25.50 33.49
C GLN A 295 -48.02 -26.58 33.13
N LYS A 296 -46.76 -26.16 32.94
CA LYS A 296 -45.73 -27.12 32.54
C LYS A 296 -45.31 -28.06 33.65
N THR A 297 -45.20 -27.52 34.86
CA THR A 297 -44.60 -28.26 36.01
C THR A 297 -45.52 -28.16 37.20
N PRO A 298 -46.59 -28.95 37.21
CA PRO A 298 -47.47 -29.00 38.36
C PRO A 298 -46.73 -29.39 39.62
N HIS A 299 -47.09 -28.77 40.76
CA HIS A 299 -46.48 -29.05 42.00
C HIS A 299 -44.96 -29.08 41.93
N ASP A 300 -44.38 -27.96 41.51
CA ASP A 300 -42.95 -27.92 41.34
C ASP A 300 -42.22 -28.45 42.59
N GLU A 301 -41.19 -29.27 42.34
CA GLU A 301 -40.32 -29.81 43.40
C GLU A 301 -38.88 -29.39 43.27
N TRP A 302 -38.56 -28.56 42.28
CA TRP A 302 -37.21 -28.37 41.83
C TRP A 302 -36.78 -26.91 41.56
N ASP A 303 -37.62 -25.97 41.84
CA ASP A 303 -37.40 -24.60 41.37
C ASP A 303 -37.17 -24.53 39.84
N TYR A 304 -38.01 -25.20 39.06
CA TYR A 304 -37.92 -25.03 37.62
C TYR A 304 -38.65 -23.73 37.13
N ALA A 305 -38.30 -22.59 37.69
CA ALA A 305 -39.03 -21.36 37.43
C ALA A 305 -39.37 -21.17 35.96
N GLY A 306 -40.66 -21.11 35.67
CA GLY A 306 -41.15 -21.13 34.32
C GLY A 306 -41.09 -19.84 33.51
N VAL A 307 -40.05 -19.05 33.69
CA VAL A 307 -39.99 -17.70 33.13
C VAL A 307 -39.21 -17.52 31.81
N ASN A 308 -38.72 -18.61 31.23
CA ASN A 308 -37.81 -18.49 30.11
C ASN A 308 -38.51 -17.90 28.88
N TYR A 309 -37.72 -17.52 27.90
CA TYR A 309 -38.28 -16.78 26.81
C TYR A 309 -39.24 -17.62 25.90
N MET A 310 -40.00 -16.88 25.13
CA MET A 310 -41.01 -17.40 24.21
C MET A 310 -40.60 -16.96 22.81
N GLY A 311 -40.28 -17.95 21.95
CA GLY A 311 -39.88 -17.65 20.53
C GLY A 311 -40.98 -18.02 19.58
N LEU A 312 -41.50 -17.05 18.83
CA LEU A 312 -42.65 -17.31 17.95
C LEU A 312 -42.10 -17.71 16.58
N SER A 313 -42.78 -18.63 15.91
CA SER A 313 -42.49 -19.03 14.55
C SER A 313 -43.75 -19.52 13.88
N GLU A 314 -43.66 -19.68 12.57
CA GLU A 314 -44.72 -20.33 11.78
C GLU A 314 -44.12 -21.52 11.12
N GLN A 315 -44.54 -22.76 11.44
CA GLN A 315 -43.92 -23.96 10.85
C GLN A 315 -45.02 -25.01 10.58
N GLU A 316 -44.70 -25.99 9.77
CA GLU A 316 -45.68 -27.02 9.42
C GLU A 316 -45.76 -28.03 10.50
N VAL A 317 -46.98 -28.26 10.95
CA VAL A 317 -47.30 -29.32 11.85
C VAL A 317 -48.30 -30.29 11.16
N ASP A 318 -47.91 -31.56 10.99
CA ASP A 318 -48.67 -32.54 10.19
C ASP A 318 -49.11 -31.94 8.88
N GLY A 319 -48.15 -31.34 8.17
CA GLY A 319 -48.47 -30.66 6.89
C GLY A 319 -49.19 -29.31 6.88
N LYS A 320 -49.65 -28.76 8.01
CA LYS A 320 -50.36 -27.49 8.00
C LYS A 320 -49.48 -26.41 8.62
N LEU A 321 -49.39 -25.27 7.96
CA LEU A 321 -48.60 -24.14 8.44
C LEU A 321 -49.32 -23.51 9.63
N THR A 322 -48.64 -23.48 10.78
CA THR A 322 -49.28 -23.18 12.04
C THR A 322 -48.52 -22.09 12.80
N PRO A 323 -49.25 -21.17 13.44
CA PRO A 323 -48.58 -20.19 14.34
C PRO A 323 -48.21 -20.81 15.70
N LEU A 324 -46.92 -20.79 16.00
CA LEU A 324 -46.35 -21.48 17.15
C LEU A 324 -45.62 -20.54 18.10
N LEU A 325 -45.53 -20.99 19.35
CA LEU A 325 -44.52 -20.54 20.31
C LEU A 325 -43.65 -21.70 20.70
N THR A 326 -42.39 -21.44 20.96
CA THR A 326 -41.45 -22.44 21.39
C THR A 326 -40.73 -21.86 22.65
N HIS A 327 -40.51 -22.69 23.64
CA HIS A 327 -40.12 -22.22 24.98
C HIS A 327 -39.30 -23.27 25.65
N PRO A 328 -38.00 -23.05 25.77
CA PRO A 328 -37.07 -23.97 26.47
C PRO A 328 -37.11 -23.69 27.94
N ASP A 329 -37.75 -24.58 28.69
CA ASP A 329 -38.01 -24.35 30.09
C ASP A 329 -36.81 -24.78 30.93
N ARG A 330 -36.72 -24.19 32.12
CA ARG A 330 -35.83 -24.59 33.17
C ARG A 330 -35.92 -26.10 33.40
N ASN A 331 -37.12 -26.71 33.26
CA ASN A 331 -37.28 -28.15 33.56
C ASN A 331 -36.62 -29.06 32.54
N GLY A 332 -36.02 -28.49 31.53
CA GLY A 332 -35.29 -29.28 30.58
C GLY A 332 -36.09 -29.76 29.40
N LEU A 333 -37.36 -29.43 29.35
CA LEU A 333 -38.18 -29.67 28.21
C LEU A 333 -38.30 -28.40 27.29
N VAL A 334 -38.36 -28.65 26.00
CA VAL A 334 -38.64 -27.63 24.99
C VAL A 334 -40.09 -27.80 24.52
N TYR A 335 -40.90 -26.81 24.89
CA TYR A 335 -42.30 -26.86 24.58
C TYR A 335 -42.55 -26.12 23.30
N THR A 336 -43.39 -26.70 22.48
CA THR A 336 -43.97 -25.96 21.34
C THR A 336 -45.46 -26.07 21.39
N LEU A 337 -46.11 -24.92 21.39
CA LEU A 337 -47.56 -24.82 21.44
C LEU A 337 -48.08 -24.10 20.20
N ASN A 338 -49.28 -24.43 19.78
CA ASN A 338 -50.07 -23.51 18.91
C ASN A 338 -50.42 -22.26 19.71
N ARG A 339 -49.98 -21.11 19.21
CA ARG A 339 -50.07 -19.83 19.98
C ARG A 339 -51.41 -19.11 19.90
N GLU A 340 -52.27 -19.63 19.04
CA GLU A 340 -53.69 -19.24 18.99
C GLU A 340 -54.54 -20.06 19.97
N THR A 341 -54.42 -21.39 19.94
CA THR A 341 -55.26 -22.25 20.76
C THR A 341 -54.66 -22.70 22.07
N GLY A 342 -53.33 -22.68 22.15
CA GLY A 342 -52.67 -23.20 23.30
C GLY A 342 -52.41 -24.69 23.24
N ALA A 343 -52.81 -25.34 22.16
CA ALA A 343 -52.62 -26.76 22.04
C ALA A 343 -51.13 -27.12 22.02
N LEU A 344 -50.81 -28.21 22.69
CA LEU A 344 -49.45 -28.73 22.76
C LEU A 344 -49.09 -29.43 21.48
N VAL A 345 -48.00 -29.04 20.82
CA VAL A 345 -47.52 -29.66 19.61
C VAL A 345 -46.37 -30.63 19.90
N ASN A 346 -45.42 -30.19 20.74
CA ASN A 346 -44.36 -31.07 21.19
C ASN A 346 -43.76 -30.59 22.47
N ALA A 347 -43.13 -31.52 23.21
CA ALA A 347 -42.46 -31.22 24.47
C ALA A 347 -41.37 -32.28 24.63
N PHE A 348 -40.17 -31.94 24.20
CA PHE A 348 -39.08 -32.92 24.12
C PHE A 348 -37.96 -32.50 25.03
N LYS A 349 -37.15 -33.47 25.40
CA LYS A 349 -36.00 -33.20 26.30
C LYS A 349 -34.91 -32.48 25.57
N ILE A 350 -34.48 -31.34 26.14
CA ILE A 350 -33.37 -30.60 25.59
C ILE A 350 -32.06 -31.35 25.67
N ASP A 351 -31.89 -32.22 26.64
CA ASP A 351 -30.75 -33.16 26.71
C ASP A 351 -31.36 -34.44 27.28
N ASP A 352 -30.91 -35.60 26.80
CA ASP A 352 -31.53 -36.87 27.24
C ASP A 352 -31.34 -37.25 28.73
N THR A 353 -30.50 -36.55 29.42
CA THR A 353 -30.25 -36.80 30.81
C THR A 353 -31.26 -36.27 31.78
N VAL A 354 -32.20 -35.42 31.29
CA VAL A 354 -33.31 -34.94 32.11
C VAL A 354 -34.03 -36.14 32.73
N ASN A 355 -34.25 -36.13 34.03
CA ASN A 355 -34.72 -37.35 34.74
C ASN A 355 -35.86 -37.16 35.73
N TRP A 356 -36.25 -35.95 36.08
CA TRP A 356 -37.41 -35.74 36.95
C TRP A 356 -38.75 -36.28 36.32
N VAL A 357 -38.77 -36.31 34.99
CA VAL A 357 -39.88 -36.64 34.12
C VAL A 357 -39.36 -37.69 33.19
N LYS A 358 -40.20 -38.70 32.99
CA LYS A 358 -39.93 -39.74 32.02
C LYS A 358 -40.24 -39.24 30.62
N LYS A 359 -41.40 -38.69 30.44
CA LYS A 359 -41.77 -37.95 29.24
C LYS A 359 -43.06 -37.19 29.49
N VAL A 360 -43.36 -36.30 28.58
CA VAL A 360 -44.65 -35.64 28.56
C VAL A 360 -45.64 -36.41 27.68
N ASP A 361 -46.75 -36.79 28.29
CA ASP A 361 -47.84 -37.37 27.52
C ASP A 361 -48.54 -36.21 26.74
N LEU A 362 -48.39 -36.20 25.41
CA LEU A 362 -48.81 -35.01 24.65
C LEU A 362 -50.31 -34.89 24.57
N LYS A 363 -51.03 -36.03 24.68
CA LYS A 363 -52.50 -36.02 24.67
C LYS A 363 -53.09 -35.49 25.94
N THR A 364 -52.50 -35.87 27.08
CA THR A 364 -53.02 -35.37 28.33
C THR A 364 -52.37 -34.08 28.70
N GLY A 365 -51.21 -33.83 28.11
CA GLY A 365 -50.44 -32.64 28.42
C GLY A 365 -49.62 -32.76 29.77
N LEU A 366 -49.62 -33.94 30.39
CA LEU A 366 -49.07 -34.09 31.73
C LEU A 366 -47.68 -34.71 31.66
N PRO A 367 -46.72 -34.16 32.47
CA PRO A 367 -45.42 -34.76 32.60
C PRO A 367 -45.45 -35.97 33.56
N ILE A 368 -44.95 -37.09 33.07
CA ILE A 368 -45.08 -38.33 33.84
C ILE A 368 -43.85 -38.32 34.74
N ARG A 369 -44.06 -38.20 36.04
CA ARG A 369 -43.00 -37.96 36.99
C ARG A 369 -42.31 -39.25 37.31
N ASP A 370 -40.98 -39.21 37.49
CA ASP A 370 -40.21 -40.34 38.01
C ASP A 370 -39.98 -40.12 39.52
N PRO A 371 -40.63 -40.93 40.35
CA PRO A 371 -40.50 -40.71 41.82
C PRO A 371 -39.10 -40.86 42.36
N GLU A 372 -38.22 -41.50 41.62
CA GLU A 372 -36.84 -41.65 42.04
C GLU A 372 -36.13 -40.27 42.07
N TYR A 373 -36.70 -39.27 41.41
CA TYR A 373 -36.08 -37.96 41.28
C TYR A 373 -36.98 -36.83 41.82
N SER A 374 -37.84 -37.18 42.77
CA SER A 374 -38.70 -36.27 43.45
C SER A 374 -37.96 -35.56 44.56
N THR A 375 -38.47 -34.44 45.06
CA THR A 375 -37.95 -33.92 46.31
C THR A 375 -39.07 -33.94 47.31
N ARG A 376 -38.71 -33.87 48.57
CA ARG A 376 -39.62 -34.16 49.70
C ARG A 376 -38.90 -34.08 51.02
N MET A 377 -39.57 -33.60 52.06
CA MET A 377 -39.07 -33.53 53.37
C MET A 377 -38.55 -34.90 53.84
N ASP A 378 -37.51 -34.83 54.66
CA ASP A 378 -36.88 -36.01 55.27
C ASP A 378 -36.18 -36.87 54.29
N HIS A 379 -35.65 -36.20 53.24
CA HIS A 379 -35.02 -36.89 52.18
C HIS A 379 -33.99 -35.98 51.49
N ASN A 380 -32.78 -36.51 51.26
CA ASN A 380 -31.80 -35.83 50.39
C ASN A 380 -31.78 -36.46 49.03
N ALA A 381 -32.50 -35.84 48.11
CA ALA A 381 -32.63 -36.41 46.75
C ALA A 381 -31.34 -36.20 45.99
N LYS A 382 -30.79 -37.24 45.36
CA LYS A 382 -29.52 -37.08 44.68
C LYS A 382 -29.62 -37.28 43.21
N GLY A 383 -28.84 -36.51 42.43
CA GLY A 383 -28.68 -36.76 41.01
C GLY A 383 -29.86 -36.32 40.15
N ILE A 384 -30.62 -35.31 40.59
CA ILE A 384 -31.71 -34.75 39.84
C ILE A 384 -31.19 -33.90 38.67
N CYS A 385 -31.67 -34.18 37.46
CA CYS A 385 -31.39 -33.37 36.26
C CYS A 385 -32.71 -32.84 35.63
N PRO A 386 -32.83 -31.54 35.35
CA PRO A 386 -31.88 -30.49 35.67
C PRO A 386 -31.81 -30.13 37.18
N SER A 387 -30.75 -29.40 37.56
CA SER A 387 -30.77 -28.64 38.80
C SER A 387 -31.75 -27.49 38.69
N ALA A 388 -31.90 -26.82 39.82
CA ALA A 388 -32.71 -25.60 39.90
C ALA A 388 -32.24 -24.53 38.93
N MET A 389 -30.95 -24.54 38.59
CA MET A 389 -30.51 -23.54 37.61
C MET A 389 -31.04 -23.79 36.20
N GLY A 390 -31.60 -24.99 36.00
CA GLY A 390 -32.22 -25.48 34.75
C GLY A 390 -31.22 -25.99 33.72
N TYR A 391 -31.70 -26.68 32.67
CA TYR A 391 -30.93 -26.92 31.49
C TYR A 391 -31.02 -25.68 30.52
N HIS A 392 -31.88 -24.74 30.86
CA HIS A 392 -31.99 -23.46 30.15
C HIS A 392 -32.42 -22.42 31.20
N ASN A 393 -31.84 -21.20 31.15
CA ASN A 393 -32.20 -20.20 32.12
C ASN A 393 -32.60 -18.95 31.33
N GLN A 394 -32.27 -17.77 31.82
CA GLN A 394 -32.79 -16.44 31.32
C GLN A 394 -32.34 -16.00 29.93
N GLY A 395 -31.43 -16.74 29.28
CA GLY A 395 -30.91 -16.27 27.96
C GLY A 395 -32.01 -16.23 26.88
N ILE A 396 -32.08 -15.16 26.12
CA ILE A 396 -33.01 -15.10 24.96
C ILE A 396 -32.33 -15.80 23.76
N GLU A 397 -32.98 -16.81 23.20
CA GLU A 397 -32.35 -17.58 22.18
C GLU A 397 -32.79 -17.11 20.78
N SER A 398 -32.43 -17.90 19.76
CA SER A 398 -32.53 -17.43 18.38
C SER A 398 -33.08 -18.45 17.46
N TYR A 399 -33.66 -17.93 16.36
CA TYR A 399 -34.38 -18.79 15.40
C TYR A 399 -34.00 -18.36 13.96
N ASP A 400 -33.44 -19.27 13.20
CA ASP A 400 -33.20 -19.04 11.77
C ASP A 400 -34.43 -19.62 11.01
N PRO A 401 -35.25 -18.75 10.44
CA PRO A 401 -36.45 -19.18 9.77
C PRO A 401 -36.21 -19.92 8.45
N ASP A 402 -35.04 -19.79 7.86
CA ASP A 402 -34.75 -20.48 6.64
C ASP A 402 -34.40 -21.93 6.97
N LYS A 403 -33.65 -22.14 8.05
CA LYS A 403 -33.26 -23.43 8.45
C LYS A 403 -34.32 -24.10 9.33
N LYS A 404 -35.22 -23.31 9.90
CA LYS A 404 -36.13 -23.82 10.90
C LYS A 404 -35.44 -24.43 12.09
N LEU A 405 -34.39 -23.75 12.54
CA LEU A 405 -33.62 -24.16 13.68
C LEU A 405 -33.59 -23.07 14.73
N PHE A 406 -33.76 -23.51 15.98
CA PHE A 406 -33.49 -22.68 17.15
C PHE A 406 -32.07 -22.99 17.60
N PHE A 407 -31.33 -21.96 17.99
CA PHE A 407 -29.97 -22.09 18.51
C PHE A 407 -30.05 -21.70 19.97
N MET A 408 -29.60 -22.56 20.88
CA MET A 408 -29.71 -22.26 22.30
C MET A 408 -28.41 -22.56 23.06
N GLY A 409 -28.07 -21.67 23.96
CA GLY A 409 -27.08 -21.94 25.00
C GLY A 409 -27.80 -22.69 26.11
N VAL A 410 -27.22 -23.80 26.46
CA VAL A 410 -27.78 -24.81 27.35
C VAL A 410 -26.86 -24.99 28.54
N ASN A 411 -27.44 -25.41 29.68
CA ASN A 411 -26.70 -25.66 30.88
C ASN A 411 -26.76 -27.19 31.07
N HIS A 412 -25.74 -27.73 31.67
CA HIS A 412 -25.68 -29.16 31.97
C HIS A 412 -25.26 -29.31 33.47
N ILE A 413 -26.21 -29.09 34.35
CA ILE A 413 -26.00 -28.96 35.78
C ILE A 413 -27.06 -29.78 36.47
N CYS A 414 -26.63 -30.62 37.42
CA CYS A 414 -27.47 -31.56 38.15
C CYS A 414 -27.39 -31.17 39.63
N MET A 415 -28.18 -31.77 40.46
CA MET A 415 -28.22 -31.43 41.86
C MET A 415 -28.59 -32.54 42.86
N ASP A 416 -28.25 -32.25 44.08
CA ASP A 416 -28.87 -32.89 45.26
C ASP A 416 -29.73 -31.88 45.92
N TRP A 417 -30.81 -32.27 46.57
CA TRP A 417 -31.69 -31.34 47.22
C TRP A 417 -32.36 -31.97 48.43
N GLU A 418 -32.37 -31.20 49.53
CA GLU A 418 -33.00 -31.61 50.78
C GLU A 418 -33.79 -30.41 51.33
N PRO A 419 -35.09 -30.55 51.55
CA PRO A 419 -35.81 -29.40 52.09
C PRO A 419 -35.73 -29.33 53.59
N PHE A 420 -36.21 -28.22 54.11
CA PHE A 420 -36.31 -28.02 55.51
C PHE A 420 -37.49 -27.12 55.83
N MET A 421 -38.09 -27.35 57.00
CA MET A 421 -39.20 -26.49 57.42
C MET A 421 -38.74 -25.09 57.79
N LEU A 422 -39.56 -24.10 57.50
CA LEU A 422 -39.27 -22.75 57.91
C LEU A 422 -40.49 -21.86 57.90
N PRO A 423 -40.44 -20.81 58.72
CA PRO A 423 -41.60 -19.91 58.74
C PRO A 423 -41.53 -18.86 57.63
N TYR A 424 -42.69 -18.34 57.29
CA TYR A 424 -42.82 -17.16 56.39
C TYR A 424 -42.85 -15.92 57.25
N ARG A 425 -41.93 -14.98 56.99
CA ARG A 425 -42.01 -13.63 57.58
C ARG A 425 -41.74 -12.65 56.41
N ALA A 426 -42.67 -11.78 56.12
CA ALA A 426 -42.53 -10.84 55.02
C ALA A 426 -41.22 -10.06 55.04
N GLY A 427 -40.54 -10.05 53.93
CA GLY A 427 -39.27 -9.38 53.83
C GLY A 427 -38.07 -10.27 54.11
N GLN A 428 -38.30 -11.51 54.51
CA GLN A 428 -37.20 -12.45 54.71
C GLN A 428 -37.25 -13.51 53.61
N PHE A 429 -36.11 -14.18 53.38
CA PHE A 429 -36.04 -15.32 52.48
C PHE A 429 -36.93 -16.49 52.96
N PHE A 430 -37.50 -17.21 51.98
CA PHE A 430 -38.55 -18.21 52.21
C PHE A 430 -38.22 -19.34 51.22
N VAL A 431 -37.02 -19.86 51.32
CA VAL A 431 -36.58 -20.90 50.35
C VAL A 431 -36.84 -22.29 50.92
N GLY A 432 -36.13 -22.71 51.96
CA GLY A 432 -36.56 -23.99 52.58
C GLY A 432 -35.95 -25.21 51.90
N ALA A 433 -34.79 -25.07 51.24
CA ALA A 433 -34.08 -26.24 50.71
C ALA A 433 -32.57 -26.01 50.69
N THR A 434 -31.79 -27.11 50.81
CA THR A 434 -30.33 -27.07 50.75
C THR A 434 -29.93 -27.86 49.55
N LEU A 435 -29.17 -27.20 48.66
CA LEU A 435 -28.73 -27.76 47.39
C LEU A 435 -27.25 -27.89 47.27
N ASN A 436 -26.82 -28.91 46.55
CA ASN A 436 -25.46 -29.00 46.03
C ASN A 436 -25.58 -29.21 44.54
N MET A 437 -24.82 -28.49 43.74
CA MET A 437 -24.91 -28.67 42.27
C MET A 437 -23.56 -29.06 41.67
N TYR A 438 -23.59 -29.71 40.52
CA TYR A 438 -22.41 -30.23 39.89
C TYR A 438 -22.73 -30.50 38.45
N PRO A 439 -21.72 -30.79 37.63
CA PRO A 439 -22.03 -31.08 36.25
C PRO A 439 -22.88 -32.29 36.02
N GLY A 440 -23.61 -32.29 34.90
CA GLY A 440 -24.46 -33.39 34.58
C GLY A 440 -23.62 -34.57 34.11
N PRO A 441 -24.27 -35.65 33.71
CA PRO A 441 -23.50 -36.89 33.47
C PRO A 441 -22.47 -36.77 32.33
N LYS A 442 -22.64 -35.85 31.40
CA LYS A 442 -21.69 -35.70 30.29
C LYS A 442 -20.42 -35.00 30.70
N GLY A 443 -20.39 -34.45 31.90
CA GLY A 443 -19.14 -34.00 32.47
C GLY A 443 -18.83 -32.51 32.37
N MET A 444 -19.43 -31.82 31.43
CA MET A 444 -19.18 -30.33 31.35
C MET A 444 -20.43 -29.55 31.85
N LEU A 445 -20.33 -28.26 32.09
CA LEU A 445 -21.43 -27.47 32.59
C LEU A 445 -22.30 -26.78 31.51
N GLY A 446 -21.88 -26.74 30.26
CA GLY A 446 -22.67 -26.06 29.24
C GLY A 446 -22.63 -26.76 27.90
N GLN A 447 -23.59 -26.39 27.05
CA GLN A 447 -23.57 -26.81 25.68
C GLN A 447 -24.14 -25.72 24.81
N VAL A 448 -23.94 -25.80 23.49
CA VAL A 448 -24.73 -25.05 22.53
C VAL A 448 -25.31 -26.05 21.55
N LYS A 449 -26.61 -25.87 21.24
CA LYS A 449 -27.40 -26.85 20.47
C LYS A 449 -28.27 -26.16 19.48
N ALA A 450 -28.39 -26.77 18.32
CA ALA A 450 -29.34 -26.37 17.28
C ALA A 450 -30.38 -27.46 17.11
N MET A 451 -31.65 -27.05 17.02
CA MET A 451 -32.70 -28.02 17.01
C MET A 451 -33.94 -27.54 16.27
N ASN A 452 -34.69 -28.50 15.76
CA ASN A 452 -36.00 -28.24 15.19
C ASN A 452 -37.00 -28.44 16.32
N ALA A 453 -37.77 -27.41 16.61
CA ALA A 453 -38.69 -27.46 17.74
C ALA A 453 -39.93 -28.24 17.49
N VAL A 454 -40.30 -28.46 16.25
CA VAL A 454 -41.49 -29.27 15.98
C VAL A 454 -41.18 -30.78 16.08
N THR A 455 -40.09 -31.19 15.45
CA THR A 455 -39.69 -32.59 15.40
C THR A 455 -38.85 -33.01 16.55
N GLY A 456 -38.19 -32.07 17.24
CA GLY A 456 -37.21 -32.42 18.29
C GLY A 456 -35.85 -32.87 17.80
N LYS A 457 -35.57 -32.76 16.51
CA LYS A 457 -34.38 -33.28 15.92
C LYS A 457 -33.25 -32.28 16.21
N MET A 458 -32.21 -32.82 16.80
CA MET A 458 -30.99 -32.05 17.09
C MET A 458 -30.14 -32.04 15.84
N GLU A 459 -29.88 -30.87 15.29
CA GLU A 459 -28.97 -30.70 14.22
C GLU A 459 -27.54 -30.81 14.62
N TRP A 460 -27.13 -30.12 15.70
CA TRP A 460 -25.77 -30.31 16.20
C TRP A 460 -25.76 -29.89 17.66
N GLU A 461 -24.73 -30.30 18.38
CA GLU A 461 -24.56 -30.10 19.83
C GLU A 461 -23.05 -30.03 20.08
N VAL A 462 -22.59 -29.03 20.81
CA VAL A 462 -21.18 -28.84 21.13
C VAL A 462 -21.07 -28.58 22.62
N PRO A 463 -19.96 -29.02 23.23
CA PRO A 463 -19.78 -28.76 24.64
C PRO A 463 -19.18 -27.40 24.95
N GLU A 464 -19.46 -26.92 26.15
CA GLU A 464 -18.84 -25.68 26.64
C GLU A 464 -18.41 -25.89 28.08
N LYS A 465 -17.25 -25.33 28.42
CA LYS A 465 -16.74 -25.46 29.76
C LYS A 465 -17.69 -25.02 30.87
N PHE A 466 -18.35 -23.90 30.65
CA PHE A 466 -19.32 -23.41 31.57
C PHE A 466 -20.68 -23.33 30.94
N ALA A 467 -21.71 -23.31 31.77
CA ALA A 467 -23.10 -23.10 31.29
C ALA A 467 -23.18 -21.90 30.38
N VAL A 468 -23.89 -21.98 29.27
CA VAL A 468 -24.06 -20.84 28.38
C VAL A 468 -25.37 -20.10 28.77
N TRP A 469 -25.21 -18.97 29.43
CA TRP A 469 -26.24 -18.29 30.21
C TRP A 469 -26.94 -17.13 29.54
N GLY A 470 -26.24 -16.41 28.66
CA GLY A 470 -26.70 -15.17 28.15
C GLY A 470 -27.55 -15.15 26.90
N GLY A 471 -27.76 -16.30 26.26
CA GLY A 471 -28.57 -16.43 25.07
C GLY A 471 -27.74 -16.18 23.82
N THR A 472 -28.41 -16.03 22.68
CA THR A 472 -27.74 -16.11 21.42
C THR A 472 -28.35 -15.10 20.40
N LEU A 473 -27.55 -14.90 19.35
CA LEU A 473 -27.90 -14.09 18.19
C LEU A 473 -27.56 -14.89 16.96
N ALA A 474 -28.54 -15.06 16.05
CA ALA A 474 -28.28 -15.73 14.81
C ALA A 474 -28.47 -14.77 13.63
N THR A 475 -27.71 -15.03 12.58
CA THR A 475 -27.75 -14.20 11.40
C THR A 475 -27.75 -14.98 10.10
N ALA A 476 -28.19 -14.29 9.06
CA ALA A 476 -28.20 -14.81 7.69
C ALA A 476 -26.83 -14.92 7.11
N GLY A 477 -25.78 -14.47 7.81
CA GLY A 477 -24.43 -14.89 7.50
C GLY A 477 -24.02 -16.26 7.93
N ASP A 478 -25.02 -17.06 8.36
CA ASP A 478 -24.83 -18.42 8.85
C ASP A 478 -24.01 -18.51 10.14
N LEU A 479 -24.30 -17.60 11.08
CA LEU A 479 -23.55 -17.53 12.33
C LEU A 479 -24.50 -17.45 13.48
N VAL A 480 -24.09 -18.05 14.60
CA VAL A 480 -24.72 -17.78 15.84
C VAL A 480 -23.62 -17.28 16.76
N PHE A 481 -23.89 -16.17 17.44
CA PHE A 481 -22.96 -15.54 18.38
C PHE A 481 -23.51 -15.68 19.78
N TYR A 482 -22.63 -15.80 20.73
CA TYR A 482 -23.00 -15.88 22.15
C TYR A 482 -21.79 -15.61 23.01
N GLY A 483 -22.05 -15.19 24.24
CA GLY A 483 -20.97 -15.01 25.16
C GLY A 483 -20.92 -16.17 26.17
N THR A 484 -19.79 -16.31 26.84
CA THR A 484 -19.59 -17.36 27.79
C THR A 484 -19.27 -16.76 29.19
N LEU A 485 -19.54 -17.57 30.22
CA LEU A 485 -19.28 -17.19 31.59
C LEU A 485 -17.80 -16.99 31.89
N ASP A 486 -16.94 -17.63 31.13
CA ASP A 486 -15.51 -17.48 31.33
C ASP A 486 -14.92 -16.33 30.53
N GLY A 487 -15.77 -15.58 29.80
CA GLY A 487 -15.39 -14.31 29.27
C GLY A 487 -14.94 -14.37 27.84
N PHE A 488 -15.59 -15.16 27.02
CA PHE A 488 -15.42 -15.06 25.57
C PHE A 488 -16.66 -14.65 24.88
N ILE A 489 -16.52 -14.01 23.73
CA ILE A 489 -17.61 -14.01 22.76
C ILE A 489 -17.19 -14.91 21.66
N LYS A 490 -18.14 -15.70 21.15
CA LYS A 490 -17.85 -16.77 20.22
C LYS A 490 -18.84 -16.73 19.07
N ALA A 491 -18.40 -17.23 17.92
CA ALA A 491 -19.27 -17.38 16.79
C ALA A 491 -19.13 -18.75 16.17
N ARG A 492 -20.26 -19.42 15.93
CA ARG A 492 -20.25 -20.73 15.34
C ARG A 492 -21.10 -20.76 14.04
N ASP A 493 -20.69 -21.58 13.12
CA ASP A 493 -21.43 -21.80 11.87
C ASP A 493 -22.73 -22.50 12.16
N THR A 494 -23.76 -21.83 11.81
CA THR A 494 -25.03 -22.51 12.14
C THR A 494 -25.41 -23.72 11.29
N ARG A 495 -24.71 -24.10 10.29
CA ARG A 495 -25.11 -25.35 9.70
C ARG A 495 -24.48 -26.55 10.47
N THR A 496 -23.34 -26.34 11.09
CA THR A 496 -22.60 -27.45 11.70
C THR A 496 -22.12 -27.33 13.15
N GLY A 497 -22.19 -26.12 13.68
CA GLY A 497 -21.69 -25.77 14.96
C GLY A 497 -20.19 -25.53 15.06
N GLU A 498 -19.49 -25.51 13.93
CA GLU A 498 -18.07 -25.33 13.96
C GLU A 498 -17.74 -23.96 14.50
N LEU A 499 -16.74 -23.88 15.34
CA LEU A 499 -16.29 -22.62 15.92
C LEU A 499 -15.50 -21.86 14.89
N LYS A 500 -15.92 -20.63 14.60
CA LYS A 500 -15.30 -19.78 13.56
C LYS A 500 -14.53 -18.60 14.12
N TRP A 501 -14.83 -18.16 15.35
CA TRP A 501 -14.22 -16.94 15.89
C TRP A 501 -14.42 -16.92 17.36
N GLN A 502 -13.44 -16.36 18.09
CA GLN A 502 -13.67 -16.04 19.49
C GLN A 502 -12.76 -14.90 19.87
N PHE A 503 -13.22 -14.14 20.86
CA PHE A 503 -12.48 -13.03 21.36
C PHE A 503 -12.60 -13.02 22.91
N GLN A 504 -11.48 -12.78 23.56
CA GLN A 504 -11.39 -12.71 25.02
C GLN A 504 -11.81 -11.33 25.53
N LEU A 505 -13.05 -11.24 26.06
CA LEU A 505 -13.58 -10.07 26.74
C LEU A 505 -13.02 -9.91 28.15
N PRO A 506 -13.24 -8.75 28.81
CA PRO A 506 -12.60 -8.62 30.10
C PRO A 506 -13.20 -9.58 31.13
N SER A 507 -14.53 -9.69 31.14
CA SER A 507 -15.29 -10.45 32.13
C SER A 507 -16.27 -11.35 31.46
N GLY A 508 -16.69 -12.37 32.17
CA GLY A 508 -17.75 -13.22 31.76
C GLY A 508 -19.02 -12.53 31.29
N VAL A 509 -19.75 -13.21 30.42
CA VAL A 509 -20.95 -12.68 29.76
C VAL A 509 -22.18 -13.42 30.28
N ILE A 510 -23.18 -12.65 30.67
CA ILE A 510 -24.49 -13.19 30.99
C ILE A 510 -25.69 -12.56 30.27
N GLY A 511 -25.41 -11.69 29.32
CA GLY A 511 -26.41 -11.18 28.39
C GLY A 511 -26.20 -11.66 26.98
N HIS A 512 -26.99 -11.14 26.05
CA HIS A 512 -26.92 -11.57 24.70
C HIS A 512 -26.19 -10.57 23.80
N PRO A 513 -25.69 -11.04 22.65
CA PRO A 513 -25.17 -10.14 21.61
C PRO A 513 -26.28 -9.47 20.83
N ILE A 514 -26.00 -8.29 20.32
CA ILE A 514 -26.93 -7.60 19.35
C ILE A 514 -26.13 -7.30 18.12
N THR A 515 -26.84 -7.09 17.01
CA THR A 515 -26.20 -6.53 15.78
C THR A 515 -27.12 -5.48 15.20
N TYR A 516 -26.52 -4.52 14.49
CA TYR A 516 -27.21 -3.40 13.90
C TYR A 516 -26.34 -2.83 12.77
N GLN A 517 -26.98 -2.13 11.85
CA GLN A 517 -26.23 -1.45 10.81
C GLN A 517 -26.25 0.03 11.16
N HIS A 518 -25.06 0.64 11.14
CA HIS A 518 -24.97 2.07 11.31
C HIS A 518 -24.09 2.65 10.20
N ASN A 519 -24.67 3.59 9.43
CA ASN A 519 -23.96 4.23 8.34
C ASN A 519 -23.30 3.21 7.42
N GLY A 520 -24.11 2.27 7.01
CA GLY A 520 -23.72 1.30 5.99
C GLY A 520 -22.82 0.16 6.43
N LYS A 521 -22.51 0.05 7.71
CA LYS A 521 -21.63 -0.98 8.21
C LYS A 521 -22.31 -1.76 9.38
N GLN A 522 -22.04 -3.07 9.43
CA GLN A 522 -22.60 -3.97 10.43
C GLN A 522 -21.68 -4.02 11.67
N TYR A 523 -22.30 -3.89 12.84
CA TYR A 523 -21.62 -3.95 14.12
C TYR A 523 -22.26 -5.08 14.94
N ILE A 524 -21.48 -5.67 15.82
CA ILE A 524 -22.00 -6.61 16.82
C ILE A 524 -21.65 -5.99 18.18
N ALA A 525 -22.58 -5.96 19.13
CA ALA A 525 -22.28 -5.46 20.46
C ALA A 525 -22.70 -6.38 21.57
N ILE A 526 -22.01 -6.27 22.70
CA ILE A 526 -22.34 -7.15 23.85
C ILE A 526 -21.84 -6.53 25.14
N TYR A 527 -22.55 -6.82 26.25
CA TYR A 527 -22.07 -6.50 27.58
C TYR A 527 -21.03 -7.53 28.05
N SER A 528 -20.03 -7.06 28.77
CA SER A 528 -19.09 -7.93 29.54
C SER A 528 -19.17 -7.53 30.99
N GLY A 529 -19.49 -8.51 31.83
CA GLY A 529 -19.58 -8.25 33.27
C GLY A 529 -20.35 -9.38 33.96
N VAL A 530 -19.59 -10.30 34.54
CA VAL A 530 -20.11 -11.51 35.04
C VAL A 530 -20.84 -11.31 36.35
N GLY A 531 -21.82 -12.21 36.64
CA GLY A 531 -22.56 -12.15 37.87
C GLY A 531 -23.80 -12.98 37.66
N GLY A 532 -24.92 -12.54 38.18
CA GLY A 532 -26.08 -13.36 38.07
C GLY A 532 -25.90 -14.60 38.94
N TRP A 533 -26.77 -15.55 38.77
CA TRP A 533 -26.70 -16.77 39.65
C TRP A 533 -25.38 -17.52 39.53
N PRO A 534 -24.87 -17.77 38.32
CA PRO A 534 -23.58 -18.49 38.27
C PRO A 534 -22.45 -17.78 38.96
N GLY A 535 -22.49 -16.44 38.97
CA GLY A 535 -21.39 -15.63 39.40
C GLY A 535 -21.55 -15.27 40.86
N VAL A 536 -22.57 -15.79 41.56
CA VAL A 536 -22.78 -15.31 42.92
C VAL A 536 -21.59 -15.61 43.83
N GLY A 537 -20.94 -16.73 43.61
CA GLY A 537 -19.81 -17.03 44.44
C GLY A 537 -18.68 -16.07 44.30
N LEU A 538 -18.37 -15.69 43.07
CA LEU A 538 -17.30 -14.73 42.89
C LEU A 538 -17.68 -13.31 43.21
N VAL A 539 -18.91 -12.94 42.96
CA VAL A 539 -19.43 -11.63 43.26
C VAL A 539 -19.43 -11.32 44.77
N PHE A 540 -19.86 -12.28 45.57
CA PHE A 540 -20.06 -12.08 47.01
C PHE A 540 -19.03 -12.78 47.89
N ASP A 541 -18.00 -13.34 47.28
CA ASP A 541 -16.88 -14.02 47.95
C ASP A 541 -17.42 -15.15 48.84
N LEU A 542 -18.25 -16.00 48.23
CA LEU A 542 -18.82 -17.15 48.96
C LEU A 542 -17.91 -18.35 48.77
N LYS A 543 -17.83 -19.17 49.80
CA LYS A 543 -17.08 -20.44 49.70
C LYS A 543 -17.85 -21.74 50.06
N ASP A 544 -18.86 -21.64 50.90
CA ASP A 544 -19.73 -22.80 51.22
C ASP A 544 -20.39 -23.33 49.90
N PRO A 545 -20.17 -24.58 49.48
CA PRO A 545 -20.75 -25.01 48.17
C PRO A 545 -22.26 -24.98 48.12
N THR A 546 -22.92 -25.03 49.29
CA THR A 546 -24.36 -24.93 49.29
C THR A 546 -24.84 -23.51 49.26
N ALA A 547 -23.96 -22.48 49.42
CA ALA A 547 -24.41 -21.09 49.39
C ALA A 547 -24.77 -20.68 47.96
N GLY A 548 -25.37 -19.51 47.84
CA GLY A 548 -25.89 -19.08 46.56
C GLY A 548 -26.93 -20.05 46.02
N LEU A 549 -27.79 -20.52 46.91
CA LEU A 549 -28.84 -21.49 46.57
C LEU A 549 -28.24 -22.71 45.87
N GLY A 550 -27.00 -23.13 46.19
CA GLY A 550 -26.34 -24.30 45.59
C GLY A 550 -25.44 -24.06 44.40
N ALA A 551 -25.40 -22.81 43.95
CA ALA A 551 -24.57 -22.45 42.75
C ALA A 551 -23.08 -22.39 43.09
N VAL A 552 -22.75 -22.07 44.34
CA VAL A 552 -21.36 -21.78 44.68
C VAL A 552 -20.51 -23.00 44.38
N GLY A 553 -20.94 -24.20 44.78
CA GLY A 553 -20.07 -25.35 44.53
C GLY A 553 -19.96 -25.64 43.03
N ALA A 554 -21.06 -25.58 42.29
CA ALA A 554 -20.98 -25.90 40.84
C ALA A 554 -20.03 -24.95 40.08
N PHE A 555 -20.00 -23.70 40.46
CA PHE A 555 -19.27 -22.67 39.73
C PHE A 555 -17.99 -22.21 40.40
N ARG A 556 -17.48 -23.03 41.33
CA ARG A 556 -16.28 -22.67 42.08
C ARG A 556 -15.06 -22.39 41.23
N GLU A 557 -14.92 -23.01 40.06
CA GLU A 557 -13.83 -22.78 39.17
C GLU A 557 -13.92 -21.46 38.36
N LEU A 558 -15.10 -20.83 38.31
CA LEU A 558 -15.29 -19.67 37.45
C LEU A 558 -14.35 -18.53 37.83
N ALA A 559 -14.13 -18.34 39.14
CA ALA A 559 -13.20 -17.30 39.59
C ALA A 559 -11.75 -17.49 39.18
N HIS A 560 -11.39 -18.62 38.66
CA HIS A 560 -10.04 -18.74 38.11
C HIS A 560 -9.92 -18.09 36.77
N TYR A 561 -11.05 -17.81 36.11
CA TYR A 561 -11.06 -17.30 34.79
C TYR A 561 -11.52 -15.84 34.66
N THR A 562 -12.35 -15.33 35.56
CA THR A 562 -12.95 -14.02 35.38
C THR A 562 -13.09 -13.35 36.67
N GLN A 563 -12.96 -12.05 36.65
CA GLN A 563 -13.32 -11.15 37.71
C GLN A 563 -14.62 -10.48 37.29
N MET A 564 -15.13 -9.69 38.21
CA MET A 564 -16.26 -8.82 37.84
C MET A 564 -15.77 -7.74 36.86
N GLY A 565 -16.69 -7.11 36.17
CA GLY A 565 -16.36 -6.07 35.23
C GLY A 565 -17.68 -5.39 34.82
N GLY A 566 -17.58 -4.43 33.93
CA GLY A 566 -18.77 -3.79 33.38
C GLY A 566 -18.43 -2.92 32.15
N SER A 567 -18.59 -3.50 30.98
CA SER A 567 -18.24 -2.80 29.74
C SER A 567 -19.17 -3.20 28.62
N VAL A 568 -19.13 -2.40 27.54
CA VAL A 568 -19.83 -2.68 26.32
C VAL A 568 -18.80 -2.77 25.21
N PHE A 569 -18.75 -3.91 24.49
CA PHE A 569 -17.80 -4.06 23.40
C PHE A 569 -18.56 -4.05 22.11
N VAL A 570 -18.02 -3.32 21.17
CA VAL A 570 -18.63 -3.23 19.83
C VAL A 570 -17.62 -3.68 18.81
N PHE A 571 -17.98 -4.65 17.99
CA PHE A 571 -17.15 -5.20 16.94
C PHE A 571 -17.54 -4.82 15.51
N SER A 572 -16.56 -4.79 14.61
CA SER A 572 -16.89 -4.66 13.21
C SER A 572 -15.78 -5.24 12.36
N LEU A 573 -16.06 -5.37 11.08
CA LEU A 573 -14.95 -5.61 10.14
C LEU A 573 -14.33 -4.27 9.73
N TYR B 1 -47.05 -41.29 43.06
CA TYR B 1 -47.40 -39.96 42.49
C TYR B 1 -46.70 -39.80 41.18
N ASP B 2 -47.32 -40.29 40.10
CA ASP B 2 -46.73 -40.02 38.79
C ASP B 2 -47.25 -38.80 38.01
N GLY B 3 -48.19 -38.07 38.60
CA GLY B 3 -48.74 -36.89 37.97
C GLY B 3 -49.82 -37.13 36.97
N THR B 4 -50.20 -38.38 36.72
CA THR B 4 -51.17 -38.69 35.70
C THR B 4 -52.54 -39.08 36.23
N HIS B 5 -52.75 -39.05 37.52
CA HIS B 5 -54.06 -39.50 38.12
C HIS B 5 -54.78 -38.30 38.65
N CYS B 6 -55.79 -37.86 37.90
CA CYS B 6 -56.43 -36.57 38.05
C CYS B 6 -57.76 -36.63 38.78
N LYS B 7 -57.90 -35.86 39.83
CA LYS B 7 -59.13 -35.70 40.59
C LYS B 7 -60.08 -34.83 39.87
N ALA B 8 -59.55 -33.89 39.08
CA ALA B 8 -60.41 -32.99 38.23
C ALA B 8 -59.49 -32.47 37.14
N PRO B 9 -60.07 -31.92 36.05
CA PRO B 9 -59.17 -31.37 35.03
C PRO B 9 -58.25 -30.33 35.64
N GLY B 10 -56.96 -30.51 35.39
CA GLY B 10 -55.96 -29.61 35.96
C GLY B 10 -55.62 -29.75 37.41
N ASN B 11 -56.05 -30.84 38.03
CA ASN B 11 -55.74 -31.10 39.40
C ASN B 11 -55.33 -32.58 39.56
N CYS B 12 -54.04 -32.85 39.46
CA CYS B 12 -53.54 -34.23 39.51
C CYS B 12 -52.66 -34.53 40.70
N TRP B 13 -52.57 -33.62 41.66
CA TRP B 13 -51.70 -33.79 42.79
C TRP B 13 -52.19 -34.96 43.69
N GLU B 14 -51.22 -35.71 44.15
CA GLU B 14 -51.40 -36.78 45.14
C GLU B 14 -50.26 -36.71 46.12
N PRO B 15 -50.51 -37.06 47.41
CA PRO B 15 -49.41 -37.24 48.33
C PRO B 15 -48.51 -38.39 47.93
N LYS B 16 -47.22 -38.21 48.19
CA LYS B 16 -46.24 -39.25 47.97
C LYS B 16 -46.47 -40.33 49.07
N PRO B 17 -46.16 -41.57 48.77
CA PRO B 17 -46.34 -42.66 49.82
C PRO B 17 -45.65 -42.34 51.12
N GLY B 18 -46.41 -42.45 52.21
CA GLY B 18 -45.93 -42.10 53.51
C GLY B 18 -46.14 -40.68 53.98
N TYR B 19 -46.58 -39.80 53.08
CA TYR B 19 -46.80 -38.41 53.37
C TYR B 19 -48.29 -38.09 53.40
N PRO B 20 -48.66 -36.97 54.02
CA PRO B 20 -50.07 -36.77 54.31
C PRO B 20 -50.90 -36.13 53.18
N ASP B 21 -52.22 -36.41 53.16
CA ASP B 21 -53.11 -35.83 52.19
C ASP B 21 -53.30 -34.33 52.44
N LYS B 22 -53.26 -33.91 53.69
CA LYS B 22 -53.32 -32.53 54.03
C LYS B 22 -52.24 -32.21 55.02
N VAL B 23 -51.60 -31.04 54.91
CA VAL B 23 -50.57 -30.74 55.84
C VAL B 23 -51.05 -30.16 57.18
N ALA B 24 -52.19 -29.48 57.24
CA ALA B 24 -52.68 -28.95 58.54
C ALA B 24 -52.86 -30.11 59.50
N GLY B 25 -52.28 -30.01 60.65
CA GLY B 25 -52.33 -31.04 61.67
C GLY B 25 -51.24 -32.11 61.53
N SER B 26 -50.48 -32.11 60.41
CA SER B 26 -49.41 -33.11 60.24
C SER B 26 -48.11 -32.60 60.80
N LYS B 27 -47.07 -33.39 60.82
CA LYS B 27 -45.77 -32.86 61.22
C LYS B 27 -45.18 -31.89 60.15
N TYR B 28 -45.78 -31.78 58.97
CA TYR B 28 -45.24 -30.82 57.95
C TYR B 28 -46.11 -29.55 57.87
N ASP B 29 -46.89 -29.31 58.90
CA ASP B 29 -47.83 -28.17 58.99
C ASP B 29 -47.03 -26.88 58.90
N PRO B 30 -47.23 -26.08 57.83
CA PRO B 30 -46.47 -24.84 57.65
C PRO B 30 -46.80 -23.76 58.73
N LYS B 31 -47.99 -23.89 59.34
CA LYS B 31 -48.44 -23.07 60.49
C LYS B 31 -48.26 -21.54 60.24
N HIS B 32 -48.69 -21.12 59.06
CA HIS B 32 -48.51 -19.74 58.70
C HIS B 32 -49.36 -18.78 59.53
N ASP B 33 -48.79 -17.65 59.86
CA ASP B 33 -49.48 -16.54 60.57
C ASP B 33 -50.37 -15.83 59.56
N PRO B 34 -51.70 -15.84 59.77
CA PRO B 34 -52.61 -15.17 58.80
C PRO B 34 -52.26 -13.72 58.61
N ASN B 35 -51.78 -13.06 59.66
CA ASN B 35 -51.41 -11.65 59.55
C ASN B 35 -50.19 -11.42 58.66
N GLU B 36 -49.14 -12.22 58.79
CA GLU B 36 -48.00 -12.22 57.84
C GLU B 36 -48.40 -12.45 56.41
N LEU B 37 -49.26 -13.44 56.18
CA LEU B 37 -49.72 -13.81 54.84
C LEU B 37 -50.39 -12.63 54.13
N ASN B 38 -51.08 -11.80 54.90
CA ASN B 38 -51.77 -10.65 54.29
C ASN B 38 -50.93 -9.38 54.03
N LYS B 39 -49.70 -9.36 54.46
CA LYS B 39 -48.92 -8.16 54.35
C LYS B 39 -48.64 -7.73 52.90
N GLN B 40 -48.32 -8.69 51.99
CA GLN B 40 -48.00 -8.29 50.62
C GLN B 40 -49.13 -7.60 49.96
N ALA B 41 -50.32 -8.20 50.07
CA ALA B 41 -51.56 -7.57 49.48
C ALA B 41 -51.86 -6.18 50.08
N GLU B 42 -51.64 -5.95 51.36
CA GLU B 42 -51.83 -4.62 51.92
C GLU B 42 -50.81 -3.63 51.40
N SER B 43 -49.58 -4.07 51.20
CA SER B 43 -48.54 -3.22 50.61
C SER B 43 -48.90 -2.80 49.14
N ILE B 44 -49.39 -3.73 48.34
CA ILE B 44 -49.81 -3.43 46.99
C ILE B 44 -51.01 -2.46 46.96
N LYS B 45 -51.96 -2.63 47.88
CA LYS B 45 -53.01 -1.56 47.99
C LYS B 45 -52.48 -0.20 48.29
N ALA B 46 -51.47 -0.08 49.16
CA ALA B 46 -50.91 1.21 49.50
C ALA B 46 -50.15 1.80 48.31
N MET B 47 -49.39 0.96 47.61
CA MET B 47 -48.70 1.42 46.39
C MET B 47 -49.69 1.87 45.33
N GLU B 48 -50.74 1.07 45.10
CA GLU B 48 -51.81 1.42 44.13
C GLU B 48 -52.47 2.79 44.48
N ALA B 49 -52.67 3.02 45.76
CA ALA B 49 -53.26 4.30 46.22
C ALA B 49 -52.33 5.49 46.01
N ARG B 50 -51.04 5.33 46.29
CA ARG B 50 -50.08 6.38 45.99
C ARG B 50 -49.96 6.65 44.50
N ASN B 51 -49.93 5.58 43.70
CA ASN B 51 -49.81 5.79 42.27
C ASN B 51 -51.05 6.57 41.74
N GLN B 52 -52.22 6.25 42.27
CA GLN B 52 -53.45 6.91 41.81
C GLN B 52 -53.38 8.40 42.12
N LYS B 53 -52.85 8.77 43.29
CA LYS B 53 -52.57 10.18 43.62
C LYS B 53 -51.65 10.86 42.62
N ARG B 54 -50.57 10.19 42.20
CA ARG B 54 -49.66 10.77 41.25
C ARG B 54 -50.32 10.96 39.89
N VAL B 55 -51.15 9.99 39.48
CA VAL B 55 -51.91 10.08 38.21
C VAL B 55 -52.91 11.27 38.25
N GLU B 56 -53.69 11.37 39.32
CA GLU B 56 -54.69 12.49 39.53
C GLU B 56 -54.01 13.80 39.53
N ASN B 57 -52.83 13.88 40.16
CA ASN B 57 -52.11 15.13 40.13
C ASN B 57 -51.60 15.58 38.73
N TYR B 58 -51.17 14.61 37.96
CA TYR B 58 -50.69 14.81 36.59
C TYR B 58 -51.86 15.27 35.70
N ALA B 59 -53.01 14.70 35.90
CA ALA B 59 -54.22 15.10 35.18
C ALA B 59 -54.71 16.48 35.63
N LYS B 60 -54.46 16.86 36.88
CA LYS B 60 -54.89 18.16 37.37
C LYS B 60 -54.00 19.28 36.91
N THR B 61 -52.69 19.07 36.86
CA THR B 61 -51.69 20.13 36.72
C THR B 61 -50.93 20.04 35.47
N GLY B 62 -51.00 18.90 34.81
CA GLY B 62 -50.11 18.66 33.70
C GLY B 62 -48.66 18.46 34.01
N LYS B 63 -48.29 18.33 35.27
CA LYS B 63 -46.87 18.14 35.67
C LYS B 63 -46.79 16.92 36.55
N PHE B 64 -45.88 16.01 36.26
CA PHE B 64 -45.64 14.86 37.12
C PHE B 64 -44.88 15.16 38.41
N VAL B 65 -45.45 14.72 39.53
CA VAL B 65 -44.85 14.76 40.86
C VAL B 65 -44.90 13.36 41.53
N TYR B 66 -43.74 12.84 41.87
CA TYR B 66 -43.66 11.51 42.52
C TYR B 66 -44.03 11.56 44.05
N LYS B 67 -43.46 12.51 44.80
CA LYS B 67 -43.61 12.46 46.25
C LYS B 67 -44.99 12.91 46.58
N VAL B 68 -45.77 12.02 47.18
CA VAL B 68 -47.19 12.26 47.39
C VAL B 68 -47.41 13.35 48.46
N GLU B 69 -46.47 13.47 49.40
CA GLU B 69 -46.49 14.55 50.43
C GLU B 69 -46.33 15.96 49.80
N ASP B 70 -45.70 16.07 48.62
CA ASP B 70 -45.54 17.37 47.90
C ASP B 70 -46.71 17.68 46.95
N ILE B 71 -47.66 16.77 46.81
CA ILE B 71 -48.90 17.07 46.13
C ILE B 71 -49.83 17.56 47.29
N ASN C 1 20.26 -4.02 41.41
CA ASN C 1 20.19 -5.49 41.23
C ASN C 1 20.62 -5.85 39.83
N SER C 2 21.81 -6.49 39.66
CA SER C 2 22.35 -6.85 38.38
C SER C 2 21.49 -7.74 37.56
N GLU C 3 20.89 -8.73 38.19
CA GLU C 3 20.08 -9.66 37.45
C GLU C 3 18.77 -8.99 36.94
N LEU C 4 18.17 -8.12 37.76
CA LEU C 4 17.01 -7.31 37.31
C LEU C 4 17.37 -6.38 36.16
N ASP C 5 18.56 -5.78 36.23
CA ASP C 5 19.03 -4.96 35.13
C ASP C 5 19.15 -5.77 33.86
N ARG C 6 19.74 -6.96 33.96
CA ARG C 6 19.92 -7.79 32.85
C ARG C 6 18.54 -8.25 32.25
N LEU C 7 17.62 -8.63 33.14
CA LEU C 7 16.28 -8.98 32.65
C LEU C 7 15.55 -7.80 31.92
N SER C 8 15.79 -6.57 32.34
CA SER C 8 15.21 -5.38 31.68
C SER C 8 15.68 -5.24 30.19
N LYS C 9 16.80 -5.85 29.83
CA LYS C 9 17.38 -5.70 28.51
C LYS C 9 16.79 -6.77 27.58
N ASP C 10 15.90 -7.61 28.07
CA ASP C 10 15.24 -8.62 27.27
C ASP C 10 13.84 -8.05 26.93
N ASP C 11 13.55 -7.90 25.67
CA ASP C 11 12.32 -7.28 25.18
C ASP C 11 11.03 -8.12 25.47
N ARG C 12 11.18 -9.38 25.87
CA ARG C 12 10.11 -10.19 26.45
C ARG C 12 9.59 -9.63 27.75
N ASN C 13 10.35 -8.75 28.43
CA ASN C 13 10.01 -8.40 29.77
C ASN C 13 9.72 -6.92 29.90
N TRP C 14 8.98 -6.60 30.95
CA TRP C 14 8.79 -5.26 31.46
C TRP C 14 8.82 -5.40 32.97
N VAL C 15 10.02 -5.18 33.53
CA VAL C 15 10.33 -5.74 34.84
C VAL C 15 10.10 -4.78 35.97
N MET C 16 9.89 -3.52 35.70
CA MET C 16 9.57 -2.52 36.75
C MET C 16 8.73 -1.42 36.05
N GLN C 17 8.05 -0.61 36.84
CA GLN C 17 7.10 0.39 36.31
C GLN C 17 7.78 1.33 35.31
N THR C 18 9.01 1.71 35.66
CA THR C 18 9.87 2.55 34.86
C THR C 18 10.54 1.87 33.67
N LYS C 19 10.31 0.58 33.48
CA LYS C 19 10.88 -0.29 32.43
C LYS C 19 12.34 -0.69 32.80
N ASP C 20 13.14 0.28 33.17
CA ASP C 20 14.57 0.04 33.43
C ASP C 20 14.99 1.05 34.45
N TYR C 21 16.20 0.80 34.95
CA TYR C 21 16.72 1.65 36.00
C TYR C 21 16.92 3.13 35.57
N SER C 22 17.06 3.40 34.30
CA SER C 22 17.13 4.80 33.75
C SER C 22 15.77 5.45 33.49
N ALA C 23 14.70 4.66 33.74
CA ALA C 23 13.35 5.05 33.48
C ALA C 23 13.23 5.62 32.04
N THR C 24 13.81 4.92 31.07
CA THR C 24 13.74 5.43 29.71
C THR C 24 12.30 5.32 29.10
N HIS C 25 11.53 4.30 29.55
CA HIS C 25 10.26 3.95 28.90
C HIS C 25 10.39 3.88 27.40
N PHE C 26 11.51 3.34 26.93
CA PHE C 26 11.79 3.23 25.56
C PHE C 26 12.03 1.83 25.18
N SER C 27 11.28 1.38 24.17
CA SER C 27 11.47 0.05 23.62
C SER C 27 12.17 0.09 22.27
N ARG C 28 13.16 -0.78 22.11
CA ARG C 28 13.79 -0.91 20.83
C ARG C 28 13.04 -1.73 19.85
N LEU C 29 11.93 -2.38 20.24
CA LEU C 29 11.16 -3.12 19.32
C LEU C 29 10.63 -2.31 18.15
N THR C 30 10.76 -2.88 16.96
CA THR C 30 10.44 -2.14 15.71
C THR C 30 9.28 -2.74 14.94
N GLU C 31 8.66 -3.83 15.42
CA GLU C 31 7.61 -4.47 14.70
C GLU C 31 6.43 -3.56 14.46
N ILE C 32 6.01 -2.92 15.52
CA ILE C 32 4.94 -1.92 15.44
C ILE C 32 5.61 -0.53 15.18
N ASN C 33 5.25 0.11 14.07
CA ASN C 33 5.98 1.36 13.73
C ASN C 33 5.05 2.33 13.07
N SER C 34 5.56 3.52 12.71
CA SER C 34 4.71 4.57 12.21
C SER C 34 3.99 4.19 10.93
N HIS C 35 4.52 3.23 10.15
CA HIS C 35 3.94 2.83 8.89
C HIS C 35 2.82 1.86 9.06
N ASN C 36 2.77 1.10 10.15
CA ASN C 36 1.77 0.08 10.28
C ASN C 36 0.87 0.19 11.53
N VAL C 37 1.09 1.18 12.37
CA VAL C 37 0.37 1.27 13.62
C VAL C 37 -1.12 1.44 13.39
N LYS C 38 -1.49 2.02 12.25
CA LYS C 38 -2.90 2.12 11.92
C LYS C 38 -3.63 0.73 11.92
N ASN C 39 -2.92 -0.36 11.76
CA ASN C 39 -3.51 -1.68 11.80
C ASN C 39 -3.54 -2.36 13.15
N LEU C 40 -3.14 -1.68 14.24
CA LEU C 40 -3.20 -2.27 15.56
C LEU C 40 -4.59 -2.59 15.98
N LYS C 41 -4.84 -3.81 16.47
CA LYS C 41 -6.17 -4.24 16.92
C LYS C 41 -6.09 -4.79 18.34
N VAL C 42 -7.23 -4.80 19.00
CA VAL C 42 -7.28 -5.41 20.30
C VAL C 42 -7.06 -6.94 20.21
N ALA C 43 -6.05 -7.45 20.91
CA ALA C 43 -5.72 -8.88 20.91
C ALA C 43 -6.51 -9.66 21.98
N TRP C 44 -6.51 -9.16 23.19
CA TRP C 44 -7.22 -9.76 24.27
C TRP C 44 -7.31 -8.69 25.41
N THR C 45 -8.18 -8.95 26.38
CA THR C 45 -8.44 -8.07 27.48
C THR C 45 -8.71 -8.82 28.76
N LEU C 46 -8.64 -8.12 29.88
CA LEU C 46 -8.90 -8.71 31.14
C LEU C 46 -9.58 -7.66 32.02
N SER C 47 -10.46 -8.04 32.91
CA SER C 47 -11.05 -7.09 33.87
C SER C 47 -10.28 -7.16 35.16
N THR C 48 -10.09 -6.04 35.84
CA THR C 48 -9.41 -6.02 37.13
C THR C 48 -10.34 -6.31 38.30
N GLY C 49 -11.64 -6.26 38.07
CA GLY C 49 -12.57 -6.45 39.18
C GLY C 49 -12.74 -5.32 40.14
N THR C 50 -12.19 -4.11 39.86
CA THR C 50 -12.33 -2.96 40.73
C THR C 50 -12.62 -1.77 39.83
N LEU C 51 -13.12 -0.71 40.45
CA LEU C 51 -13.30 0.60 39.87
C LEU C 51 -12.25 1.49 40.47
N HIS C 52 -12.38 2.79 40.32
CA HIS C 52 -11.40 3.80 40.76
C HIS C 52 -10.18 3.80 39.85
N GLY C 53 -9.37 4.80 40.04
CA GLY C 53 -8.26 5.04 39.17
C GLY C 53 -7.24 3.88 39.12
N HIS C 54 -6.79 3.54 37.91
CA HIS C 54 -5.78 2.48 37.69
C HIS C 54 -4.48 3.14 37.20
N GLU C 55 -3.59 3.48 38.13
CA GLU C 55 -2.26 4.03 37.80
C GLU C 55 -1.25 2.89 37.63
N GLY C 56 -0.04 3.28 37.27
CA GLY C 56 0.99 2.34 36.79
C GLY C 56 0.52 1.52 35.62
N ALA C 57 1.02 0.29 35.52
CA ALA C 57 0.67 -0.60 34.44
C ALA C 57 1.16 -1.99 34.85
N PRO C 58 0.81 -3.00 34.09
CA PRO C 58 1.31 -4.35 34.38
C PRO C 58 2.85 -4.49 34.33
N LEU C 59 3.36 -5.54 34.98
CA LEU C 59 4.71 -6.01 34.75
C LEU C 59 4.62 -7.28 33.93
N VAL C 60 5.69 -7.60 33.19
CA VAL C 60 5.76 -8.85 32.48
C VAL C 60 7.17 -9.39 32.78
N VAL C 61 7.26 -10.58 33.34
CA VAL C 61 8.56 -11.19 33.53
C VAL C 61 8.44 -12.68 33.26
N ASP C 62 9.36 -13.20 32.44
CA ASP C 62 9.52 -14.62 32.22
C ASP C 62 8.17 -15.29 31.88
N GLY C 63 7.41 -14.66 30.98
CA GLY C 63 6.20 -15.21 30.42
C GLY C 63 4.95 -15.00 31.28
N ILE C 64 5.06 -14.25 32.32
CA ILE C 64 3.95 -14.00 33.18
C ILE C 64 3.67 -12.51 33.27
N MET C 65 2.39 -12.13 33.15
CA MET C 65 1.95 -10.77 33.38
C MET C 65 1.37 -10.66 34.78
N TYR C 66 1.70 -9.57 35.43
CA TYR C 66 1.26 -9.24 36.81
C TYR C 66 0.48 -7.94 36.80
N ILE C 67 -0.76 -8.02 37.32
CA ILE C 67 -1.77 -6.94 37.29
C ILE C 67 -2.01 -6.53 38.70
N HIS C 68 -2.21 -5.24 38.95
CA HIS C 68 -2.57 -4.73 40.25
C HIS C 68 -3.74 -3.75 40.13
N THR C 69 -4.38 -3.57 41.35
CA THR C 69 -5.58 -2.74 41.32
C THR C 69 -5.40 -1.58 42.27
N PRO C 70 -6.38 -0.56 42.14
CA PRO C 70 -6.51 0.37 43.24
C PRO C 70 -7.08 -0.35 44.49
N PHE C 71 -7.30 0.40 45.54
CA PHE C 71 -7.75 -0.21 46.81
C PHE C 71 -8.89 -1.20 46.63
N PRO C 72 -8.82 -2.43 47.17
CA PRO C 72 -7.89 -2.93 48.18
C PRO C 72 -6.61 -3.60 47.63
N ASN C 73 -6.21 -3.23 46.38
CA ASN C 73 -4.85 -3.58 45.86
C ASN C 73 -4.68 -5.09 45.63
N ASN C 74 -5.67 -5.69 44.96
CA ASN C 74 -5.53 -7.04 44.48
C ASN C 74 -4.44 -7.16 43.47
N VAL C 75 -3.83 -8.34 43.39
CA VAL C 75 -2.79 -8.68 42.48
C VAL C 75 -3.15 -10.01 41.79
N TYR C 76 -2.93 -10.11 40.51
CA TYR C 76 -3.21 -11.33 39.71
C TYR C 76 -2.01 -11.60 38.90
N ALA C 77 -1.73 -12.87 38.65
CA ALA C 77 -0.71 -13.25 37.68
C ALA C 77 -1.36 -14.05 36.52
N VAL C 78 -0.90 -13.81 35.30
CA VAL C 78 -1.39 -14.45 34.11
C VAL C 78 -0.27 -15.03 33.31
N ASP C 79 -0.37 -16.32 32.97
CA ASP C 79 0.60 -16.94 32.08
C ASP C 79 0.19 -16.48 30.67
N LEU C 80 1.12 -15.82 29.94
CA LEU C 80 0.85 -15.31 28.60
C LEU C 80 0.55 -16.38 27.51
N ASN C 81 0.85 -17.67 27.81
CA ASN C 81 0.38 -18.77 26.99
C ASN C 81 -1.09 -19.19 27.30
N ASP C 82 -1.72 -18.62 28.35
CA ASP C 82 -3.12 -19.01 28.72
C ASP C 82 -3.81 -17.76 29.34
N THR C 83 -4.13 -16.81 28.48
CA THR C 83 -4.44 -15.46 28.95
C THR C 83 -5.77 -15.37 29.63
N ARG C 84 -6.59 -16.42 29.55
CA ARG C 84 -7.92 -16.34 30.14
C ARG C 84 -7.88 -16.76 31.63
N LYS C 85 -6.81 -17.41 32.06
CA LYS C 85 -6.77 -17.97 33.40
C LYS C 85 -5.87 -17.22 34.28
N MET C 86 -6.24 -17.07 35.55
CA MET C 86 -5.35 -16.43 36.53
C MET C 86 -4.53 -17.54 37.15
N LEU C 87 -3.23 -17.48 36.92
CA LEU C 87 -2.25 -18.37 37.55
C LEU C 87 -2.28 -18.29 39.08
N TRP C 88 -2.38 -17.11 39.64
CA TRP C 88 -2.61 -16.95 41.05
C TRP C 88 -3.17 -15.61 41.35
N GLN C 89 -3.74 -15.46 42.53
CA GLN C 89 -4.30 -14.18 43.02
C GLN C 89 -3.89 -13.88 44.43
N TYR C 90 -3.78 -12.62 44.78
CA TYR C 90 -3.58 -12.19 46.16
C TYR C 90 -4.57 -11.07 46.40
N LYS C 91 -5.39 -11.22 47.45
CA LYS C 91 -6.47 -10.30 47.76
C LYS C 91 -6.36 -9.75 49.14
N PRO C 92 -5.75 -8.56 49.27
CA PRO C 92 -5.47 -8.08 50.61
C PRO C 92 -6.74 -7.81 51.41
N LYS C 93 -6.67 -8.02 52.72
CA LYS C 93 -7.69 -7.53 53.63
C LYS C 93 -7.20 -6.29 54.32
N GLN C 94 -7.86 -5.17 54.08
CA GLN C 94 -7.41 -3.91 54.58
C GLN C 94 -8.58 -3.25 55.22
N ASN C 95 -8.26 -2.46 56.21
CA ASN C 95 -9.20 -1.57 56.78
C ASN C 95 -9.76 -0.55 55.80
N PRO C 96 -11.09 -0.51 55.61
CA PRO C 96 -11.69 0.47 54.72
C PRO C 96 -11.48 1.92 55.15
N ALA C 97 -11.15 2.17 56.42
CA ALA C 97 -10.73 3.51 56.89
C ALA C 97 -9.54 4.09 56.08
N ALA C 98 -8.72 3.23 55.47
CA ALA C 98 -7.59 3.70 54.64
C ALA C 98 -8.04 4.67 53.50
N ARG C 99 -9.21 4.37 52.96
CA ARG C 99 -9.80 5.15 51.87
C ARG C 99 -10.00 6.58 52.26
N ALA C 100 -10.27 6.82 53.53
CA ALA C 100 -10.66 8.12 54.00
C ALA C 100 -9.48 9.07 54.21
N VAL C 101 -8.26 8.57 54.20
CA VAL C 101 -7.09 9.45 54.33
C VAL C 101 -6.31 9.55 53.00
N ALA C 102 -6.91 9.05 51.92
CA ALA C 102 -6.33 9.24 50.56
C ALA C 102 -6.81 10.57 50.06
N CYS C 103 -5.83 11.40 49.62
CA CYS C 103 -6.33 12.76 49.24
C CYS C 103 -7.14 12.82 47.91
N CYS C 104 -6.61 12.16 46.92
CA CYS C 104 -7.09 12.16 45.56
C CYS C 104 -7.30 10.75 45.01
N ASP C 105 -8.30 10.11 45.48
CA ASP C 105 -8.58 8.72 45.00
C ASP C 105 -7.56 7.66 45.57
N VAL C 106 -8.02 6.46 45.55
CA VAL C 106 -7.34 5.37 46.15
C VAL C 106 -6.47 4.62 45.14
N VAL C 107 -5.71 5.40 44.38
CA VAL C 107 -4.77 4.85 43.38
C VAL C 107 -3.57 4.14 44.02
N ASN C 108 -2.93 3.28 43.23
CA ASN C 108 -1.72 2.58 43.54
C ASN C 108 -0.89 2.44 42.29
N ARG C 109 0.38 2.89 42.40
CA ARG C 109 1.27 2.97 41.24
C ARG C 109 1.99 1.68 40.83
N GLY C 110 1.73 0.58 41.54
CA GLY C 110 2.00 -0.71 41.00
C GLY C 110 3.09 -1.55 41.65
N LEU C 111 3.27 -2.73 41.09
CA LEU C 111 4.13 -3.79 41.66
C LEU C 111 5.58 -3.52 41.23
N ALA C 112 6.49 -4.15 41.99
CA ALA C 112 7.87 -4.33 41.61
C ALA C 112 8.16 -5.82 41.74
N TYR C 113 9.25 -6.18 41.14
CA TYR C 113 9.69 -7.54 40.99
C TYR C 113 11.25 -7.65 41.28
N VAL C 114 11.64 -8.79 41.81
CA VAL C 114 13.08 -9.16 41.92
C VAL C 114 13.27 -10.62 41.51
N PRO C 115 14.29 -10.91 40.73
CA PRO C 115 14.47 -12.28 40.36
C PRO C 115 15.01 -13.11 41.57
N ALA C 116 15.05 -14.40 41.37
CA ALA C 116 15.57 -15.26 42.40
C ALA C 116 17.03 -15.03 42.54
N GLY C 117 17.43 -15.18 43.80
CA GLY C 117 18.80 -15.12 44.17
C GLY C 117 19.07 -15.70 45.53
N GLU C 118 20.15 -15.18 46.10
CA GLU C 118 20.59 -15.55 47.43
C GLU C 118 19.47 -15.31 48.40
N HIS C 119 18.69 -14.24 48.26
CA HIS C 119 17.51 -14.12 49.12
C HIS C 119 16.19 -15.03 49.19
N GLY C 120 15.63 -16.05 48.55
CA GLY C 120 15.79 -16.92 47.50
C GLY C 120 14.75 -16.70 46.38
N PRO C 121 13.49 -17.20 46.38
CA PRO C 121 12.84 -17.24 45.02
C PRO C 121 12.46 -15.82 44.50
N ALA C 122 12.14 -15.74 43.23
CA ALA C 122 11.65 -14.49 42.67
C ALA C 122 10.44 -13.98 43.46
N LYS C 123 10.35 -12.66 43.63
CA LYS C 123 9.28 -12.02 44.36
C LYS C 123 8.61 -10.85 43.66
N ILE C 124 7.33 -10.66 43.98
CA ILE C 124 6.58 -9.46 43.56
C ILE C 124 6.39 -8.69 44.80
N PHE C 125 6.56 -7.38 44.74
CA PHE C 125 6.30 -6.52 45.87
C PHE C 125 5.13 -5.60 45.64
N LEU C 126 4.33 -5.43 46.68
CA LEU C 126 3.16 -4.62 46.69
C LEU C 126 3.13 -3.69 47.85
N ASN C 127 2.95 -2.42 47.57
CA ASN C 127 2.71 -1.43 48.62
C ASN C 127 1.22 -1.29 48.72
N GLN C 128 0.64 -1.46 49.90
CA GLN C 128 -0.80 -1.31 50.11
C GLN C 128 -1.15 0.08 50.58
N LEU C 129 -2.35 0.54 50.26
CA LEU C 129 -2.80 1.83 50.75
C LEU C 129 -2.69 1.91 52.26
N ASP C 130 -3.05 0.84 52.95
CA ASP C 130 -3.04 0.85 54.43
C ASP C 130 -1.61 0.87 55.02
N GLY C 131 -0.62 0.98 54.16
CA GLY C 131 0.74 1.25 54.64
C GLY C 131 1.67 0.10 54.85
N HIS C 132 1.30 -1.08 54.38
CA HIS C 132 2.17 -2.23 54.46
C HIS C 132 2.90 -2.38 53.15
N ILE C 133 4.09 -2.91 53.23
CA ILE C 133 4.86 -3.52 52.11
C ILE C 133 4.77 -5.03 52.24
N VAL C 134 4.41 -5.67 51.16
CA VAL C 134 4.24 -7.12 51.07
C VAL C 134 5.07 -7.72 50.03
N ALA C 135 5.70 -8.86 50.35
CA ALA C 135 6.48 -9.65 49.42
C ALA C 135 5.73 -10.93 49.13
N LEU C 136 5.53 -11.25 47.86
CA LEU C 136 4.83 -12.42 47.37
C LEU C 136 5.74 -13.22 46.56
N ASN C 137 5.59 -14.55 46.56
CA ASN C 137 6.32 -15.39 45.59
C ASN C 137 5.86 -15.10 44.21
N ALA C 138 6.75 -14.79 43.26
CA ALA C 138 6.32 -14.42 41.92
C ALA C 138 5.61 -15.54 41.13
N LYS C 139 5.95 -16.79 41.47
CA LYS C 139 5.45 -17.94 40.72
C LYS C 139 4.17 -18.48 41.31
N THR C 140 3.95 -18.29 42.59
CA THR C 140 2.86 -18.93 43.28
C THR C 140 1.90 -18.00 43.98
N GLY C 141 2.27 -16.76 44.16
CA GLY C 141 1.51 -15.80 44.95
C GLY C 141 1.47 -15.91 46.45
N GLU C 142 2.22 -16.88 46.99
CA GLU C 142 2.34 -17.10 48.44
C GLU C 142 2.90 -15.85 49.10
N GLU C 143 2.25 -15.40 50.15
CA GLU C 143 2.77 -14.33 50.96
C GLU C 143 4.05 -14.71 51.69
N ILE C 144 5.17 -14.06 51.41
CA ILE C 144 6.48 -14.40 52.02
C ILE C 144 6.66 -13.58 53.32
N TRP C 145 6.44 -12.27 53.28
CA TRP C 145 6.55 -11.42 54.45
C TRP C 145 5.74 -10.12 54.18
N LYS C 146 5.43 -9.42 55.24
CA LYS C 146 4.63 -8.25 55.28
C LYS C 146 5.01 -7.37 56.50
N MET C 147 5.34 -6.12 56.23
CA MET C 147 5.73 -5.21 57.27
C MET C 147 4.91 -3.95 57.23
N GLU C 148 4.85 -3.28 58.39
CA GLU C 148 4.15 -1.98 58.50
C GLU C 148 5.11 -0.83 58.22
N ASN C 149 4.87 -0.08 57.15
CA ASN C 149 5.71 1.11 56.88
C ASN C 149 5.12 2.36 57.39
N SER C 150 3.81 2.47 57.20
CA SER C 150 3.09 3.73 57.32
C SER C 150 1.80 3.48 58.09
N ASP C 151 1.40 4.44 58.91
CA ASP C 151 0.24 4.27 59.81
C ASP C 151 -0.94 5.18 59.38
N ILE C 152 -2.01 4.56 58.94
CA ILE C 152 -3.20 5.31 58.55
C ILE C 152 -3.86 6.20 59.58
N ALA C 153 -3.69 5.84 60.84
CA ALA C 153 -4.20 6.65 61.92
C ALA C 153 -3.51 7.98 62.04
N MET C 154 -2.31 8.07 61.50
CA MET C 154 -1.61 9.35 61.35
C MET C 154 -1.86 10.09 60.01
N GLY C 155 -2.69 9.51 59.17
CA GLY C 155 -2.93 10.04 57.84
C GLY C 155 -1.89 9.57 56.85
N SER C 156 -1.18 8.50 57.19
CA SER C 156 -0.01 8.09 56.42
C SER C 156 -0.33 6.81 55.65
N THR C 157 -0.27 6.91 54.32
CA THR C 157 -0.62 5.84 53.37
C THR C 157 0.56 5.49 52.44
N LEU C 158 0.38 4.49 51.58
CA LEU C 158 1.30 4.26 50.50
C LEU C 158 0.50 4.30 49.19
N THR C 159 1.06 4.98 48.20
CA THR C 159 0.55 5.01 46.81
C THR C 159 1.62 4.74 45.77
N GLY C 160 2.87 5.12 46.03
CA GLY C 160 3.97 4.83 45.11
C GLY C 160 4.38 3.39 45.05
N ALA C 161 4.94 2.99 43.91
CA ALA C 161 5.37 1.63 43.70
C ALA C 161 6.65 1.39 44.52
N PRO C 162 6.83 0.15 44.99
CA PRO C 162 8.14 -0.19 45.57
C PRO C 162 9.19 -0.14 44.49
N PHE C 163 10.45 -0.17 44.92
CA PHE C 163 11.57 -0.05 43.95
C PHE C 163 12.69 -0.96 44.46
N VAL C 164 13.09 -1.89 43.64
CA VAL C 164 14.13 -2.87 44.00
C VAL C 164 15.50 -2.43 43.52
N VAL C 165 16.47 -2.42 44.46
CA VAL C 165 17.88 -2.18 44.18
C VAL C 165 18.72 -3.16 45.00
N LYS C 166 19.56 -3.90 44.32
CA LYS C 166 20.31 -5.05 44.88
C LYS C 166 19.40 -6.01 45.62
N ASP C 167 19.65 -6.24 46.89
CA ASP C 167 18.76 -6.99 47.73
C ASP C 167 17.91 -6.19 48.71
N LYS C 168 17.53 -5.00 48.29
CA LYS C 168 16.71 -4.13 49.10
C LYS C 168 15.50 -3.73 48.24
N VAL C 169 14.40 -3.46 48.91
CA VAL C 169 13.23 -2.88 48.25
C VAL C 169 12.94 -1.58 48.99
N LEU C 170 12.86 -0.47 48.23
CA LEU C 170 12.55 0.86 48.79
C LEU C 170 11.02 1.11 48.78
N VAL C 171 10.55 1.72 49.83
CA VAL C 171 9.15 1.99 50.08
C VAL C 171 9.12 3.47 50.48
N GLY C 172 8.31 4.22 49.76
CA GLY C 172 8.07 5.60 50.04
C GLY C 172 7.07 5.93 51.08
N SER C 173 6.42 7.09 50.90
CA SER C 173 5.47 7.61 51.87
C SER C 173 4.42 8.43 51.17
N ALA C 174 3.37 8.75 51.88
CA ALA C 174 2.28 9.56 51.35
C ALA C 174 1.47 10.12 52.51
N GLY C 175 0.90 11.28 52.29
CA GLY C 175 0.12 11.95 53.27
C GLY C 175 0.53 13.35 53.67
N ALA C 176 1.25 14.05 52.79
CA ALA C 176 1.63 15.45 53.06
C ALA C 176 0.40 16.27 53.30
N GLU C 177 -0.72 15.96 52.66
CA GLU C 177 -1.97 16.71 52.87
C GLU C 177 -2.57 16.51 54.27
N LEU C 178 -2.02 15.56 54.99
CA LEU C 178 -2.39 15.35 56.41
C LEU C 178 -1.21 15.62 57.38
N GLY C 179 -0.23 16.36 56.95
CA GLY C 179 0.88 16.67 57.84
C GLY C 179 1.84 15.53 58.12
N VAL C 180 1.96 14.56 57.23
CA VAL C 180 2.88 13.46 57.42
C VAL C 180 4.29 13.94 56.98
N ARG C 181 5.27 13.79 57.86
CA ARG C 181 6.68 14.03 57.56
C ARG C 181 7.22 12.90 56.72
N GLY C 182 7.78 13.24 55.57
CA GLY C 182 8.16 12.20 54.62
C GLY C 182 9.35 11.35 55.03
N TYR C 183 9.35 10.09 54.61
CA TYR C 183 10.50 9.24 54.73
C TYR C 183 10.48 8.15 53.67
N VAL C 184 11.67 7.73 53.27
CA VAL C 184 11.88 6.56 52.43
C VAL C 184 12.62 5.49 53.22
N THR C 185 12.32 4.23 52.99
CA THR C 185 12.80 3.12 53.77
C THR C 185 13.27 2.03 52.84
N ALA C 186 14.43 1.47 53.15
CA ALA C 186 14.93 0.30 52.46
C ALA C 186 14.71 -0.92 53.40
N TYR C 187 14.15 -1.97 52.82
CA TYR C 187 13.93 -3.27 53.47
C TYR C 187 14.69 -4.35 52.78
N ASN C 188 15.28 -5.24 53.58
CA ASN C 188 15.94 -6.43 53.04
C ASN C 188 14.99 -7.34 52.36
N ILE C 189 15.28 -7.83 51.17
CA ILE C 189 14.21 -8.55 50.38
C ILE C 189 13.93 -9.96 50.95
N LYS C 190 14.93 -10.54 51.58
CA LYS C 190 14.77 -11.92 52.14
C LYS C 190 13.73 -11.99 53.25
N ASP C 191 13.72 -11.00 54.13
CA ASP C 191 12.97 -11.08 55.36
C ASP C 191 12.25 -9.81 55.81
N GLY C 192 12.38 -8.69 55.06
CA GLY C 192 11.66 -7.48 55.38
C GLY C 192 12.30 -6.67 56.49
N LYS C 193 13.54 -7.00 56.78
CA LYS C 193 14.28 -6.30 57.85
C LYS C 193 14.62 -4.92 57.36
N GLN C 194 14.25 -3.93 58.14
CA GLN C 194 14.58 -2.53 57.80
C GLN C 194 16.07 -2.24 57.82
N GLU C 195 16.63 -1.80 56.69
CA GLU C 195 18.01 -1.48 56.63
C GLU C 195 18.33 -0.05 56.92
N TRP C 196 17.61 0.88 56.30
CA TRP C 196 17.83 2.32 56.56
C TRP C 196 16.56 3.10 56.24
N ARG C 197 16.47 4.27 56.80
CA ARG C 197 15.26 5.11 56.69
C ARG C 197 15.70 6.58 56.66
N ALA C 198 15.35 7.33 55.62
CA ALA C 198 15.75 8.72 55.48
C ALA C 198 14.55 9.64 55.48
N TYR C 199 14.53 10.62 56.37
CA TYR C 199 13.45 11.58 56.47
C TYR C 199 13.71 12.75 55.57
N ALA C 200 12.64 13.46 55.23
CA ALA C 200 12.77 14.66 54.36
C ALA C 200 12.99 15.97 55.11
N THR C 201 12.70 15.99 56.42
CA THR C 201 12.91 17.17 57.24
C THR C 201 13.52 16.73 58.57
N GLY C 202 13.95 17.74 59.32
CA GLY C 202 14.44 17.53 60.65
C GLY C 202 15.95 17.43 60.79
N PRO C 203 16.41 16.82 61.90
CA PRO C 203 17.86 16.81 62.17
C PRO C 203 18.63 16.04 61.14
N ASP C 204 19.89 16.40 61.00
CA ASP C 204 20.73 15.76 60.00
C ASP C 204 20.83 14.25 60.09
N GLU C 205 20.79 13.69 61.33
CA GLU C 205 20.83 12.22 61.57
C GLU C 205 19.62 11.54 60.86
N ASP C 206 18.47 12.21 60.94
CA ASP C 206 17.23 11.68 60.29
C ASP C 206 17.27 11.79 58.74
N LEU C 207 17.82 12.88 58.22
CA LEU C 207 17.95 13.12 56.75
C LEU C 207 18.85 12.09 56.10
N LEU C 208 19.80 11.54 56.88
CA LEU C 208 20.76 10.57 56.47
C LEU C 208 21.67 11.13 55.32
N LEU C 209 22.62 11.97 55.71
CA LEU C 209 23.49 12.64 54.79
C LEU C 209 24.88 12.04 54.78
N ASP C 210 25.54 12.07 53.65
CA ASP C 210 26.94 11.66 53.54
C ASP C 210 27.76 12.76 54.20
N LYS C 211 28.93 12.43 54.78
CA LYS C 211 29.78 13.54 55.29
C LYS C 211 30.12 14.57 54.22
N ASP C 212 30.18 14.17 52.98
CA ASP C 212 30.44 15.05 51.84
C ASP C 212 29.17 15.52 51.06
N PHE C 213 28.03 15.53 51.72
CA PHE C 213 26.74 16.00 51.14
C PHE C 213 26.86 17.37 50.53
N ASN C 214 26.51 17.46 49.24
CA ASN C 214 26.59 18.62 48.41
C ASN C 214 27.98 19.28 48.45
N LYS C 215 29.02 18.47 48.53
CA LYS C 215 30.37 19.10 48.44
C LYS C 215 30.60 19.73 47.08
N ASP C 216 30.02 19.16 46.03
CA ASP C 216 30.16 19.74 44.71
C ASP C 216 29.34 21.03 44.50
N ASN C 217 28.25 21.21 45.27
CA ASN C 217 27.43 22.40 45.17
C ASN C 217 27.05 22.91 46.55
N PRO C 218 28.03 23.50 47.22
CA PRO C 218 27.77 23.79 48.64
C PRO C 218 26.70 24.96 48.79
N HIS C 219 26.53 25.77 47.73
CA HIS C 219 25.51 26.79 47.59
C HIS C 219 24.06 26.27 47.58
N TYR C 220 23.87 24.97 47.42
CA TYR C 220 22.55 24.29 47.59
C TYR C 220 22.15 24.23 49.04
N GLY C 221 23.13 24.40 49.96
CA GLY C 221 22.97 24.18 51.37
C GLY C 221 23.54 22.83 51.76
N GLN C 222 24.07 22.74 52.97
CA GLN C 222 24.58 21.49 53.44
C GLN C 222 23.94 21.11 54.73
N PHE C 223 24.59 21.37 55.90
CA PHE C 223 24.13 20.75 57.15
C PHE C 223 23.21 21.67 57.95
N GLY C 224 22.38 21.11 58.82
CA GLY C 224 21.53 21.76 59.81
C GLY C 224 20.21 22.38 59.21
N LEU C 225 20.04 22.29 57.91
CA LEU C 225 18.93 22.98 57.21
C LEU C 225 17.54 22.33 57.35
N GLY C 226 17.52 21.06 57.71
CA GLY C 226 16.27 20.34 57.97
C GLY C 226 15.61 20.86 59.25
N LEU C 227 16.36 21.58 60.11
CA LEU C 227 15.91 22.30 61.31
C LEU C 227 15.91 23.81 61.12
N SER C 228 16.97 24.36 60.51
CA SER C 228 17.13 25.81 60.49
C SER C 228 16.20 26.49 59.53
N THR C 229 15.66 25.75 58.53
CA THR C 229 14.73 26.40 57.60
C THR C 229 13.25 26.22 57.98
N TRP C 230 12.99 25.96 59.25
CA TRP C 230 11.69 25.84 59.85
C TRP C 230 11.67 26.64 61.12
N GLU C 231 10.50 27.08 61.59
CA GLU C 231 10.40 27.75 62.87
C GLU C 231 10.01 26.70 63.92
N GLY C 232 10.89 26.51 64.91
CA GLY C 232 10.59 25.54 66.00
C GLY C 232 10.39 24.10 65.47
N ASP C 233 9.37 23.41 65.98
CA ASP C 233 9.16 22.01 65.66
C ASP C 233 8.19 21.80 64.46
N ALA C 234 7.99 22.81 63.62
CA ALA C 234 7.10 22.70 62.45
C ALA C 234 7.49 21.62 61.44
N TRP C 235 8.78 21.30 61.39
CA TRP C 235 9.30 20.18 60.57
C TRP C 235 8.74 18.82 60.93
N LYS C 236 8.28 18.65 62.18
CA LYS C 236 7.73 17.38 62.61
C LYS C 236 6.47 16.91 61.82
N ILE C 237 5.71 17.89 61.30
CA ILE C 237 4.51 17.65 60.54
C ILE C 237 4.65 18.21 59.11
N GLY C 238 5.91 18.19 58.65
CA GLY C 238 6.37 19.11 57.68
C GLY C 238 6.22 18.63 56.25
N GLY C 239 5.69 17.46 56.02
CA GLY C 239 5.56 16.96 54.63
C GLY C 239 6.82 16.38 54.03
N GLY C 240 6.95 16.47 52.71
CA GLY C 240 8.08 15.88 52.02
C GLY C 240 7.98 14.44 51.73
N THR C 241 6.77 13.90 51.78
CA THR C 241 6.57 12.53 51.43
C THR C 241 7.00 12.23 50.00
N ASN C 242 7.35 10.98 49.75
CA ASN C 242 7.79 10.56 48.41
C ASN C 242 6.96 9.43 47.84
N TRP C 243 5.99 9.85 47.00
CA TRP C 243 5.02 8.91 46.43
C TRP C 243 5.17 8.69 44.92
N GLY C 244 6.30 9.12 44.37
CA GLY C 244 6.59 9.16 42.98
C GLY C 244 7.59 8.01 42.64
N TRP C 245 8.52 8.30 41.75
CA TRP C 245 9.32 7.30 41.04
C TRP C 245 10.79 7.49 41.35
N TYR C 246 11.53 6.42 41.21
CA TYR C 246 12.95 6.43 41.45
C TYR C 246 13.68 6.08 40.18
N ALA C 247 14.97 6.39 40.19
CA ALA C 247 15.90 5.88 39.22
C ALA C 247 17.19 5.43 39.98
N TYR C 248 18.03 4.70 39.26
CA TYR C 248 19.21 4.09 39.88
C TYR C 248 20.33 3.99 38.82
N ASP C 249 21.51 4.43 39.17
CA ASP C 249 22.69 4.26 38.25
C ASP C 249 23.61 3.22 38.95
N PRO C 250 23.75 2.01 38.41
CA PRO C 250 24.55 1.05 39.18
C PRO C 250 26.08 1.34 39.17
N LYS C 251 26.56 2.14 38.24
CA LYS C 251 28.02 2.49 38.21
C LYS C 251 28.37 3.51 39.31
N LEU C 252 27.46 4.43 39.65
CA LEU C 252 27.61 5.33 40.76
C LEU C 252 27.07 4.78 42.08
N ASP C 253 26.29 3.72 41.95
CA ASP C 253 25.54 3.10 43.00
C ASP C 253 24.67 4.11 43.75
N MET C 254 23.91 4.89 42.99
CA MET C 254 23.14 5.97 43.56
C MET C 254 21.65 5.85 43.08
N ILE C 255 20.77 6.18 43.98
CA ILE C 255 19.31 6.14 43.78
C ILE C 255 18.88 7.57 43.77
N TYR C 256 17.97 7.91 42.86
CA TYR C 256 17.48 9.24 42.72
C TYR C 256 15.96 9.23 42.92
N TYR C 257 15.43 10.29 43.57
CA TYR C 257 13.97 10.45 43.73
C TYR C 257 13.73 11.84 44.18
N GLY C 258 12.48 12.29 44.17
CA GLY C 258 12.13 13.57 44.72
C GLY C 258 11.25 13.53 45.93
N SER C 259 11.46 14.47 46.84
CA SER C 259 10.62 14.59 48.03
C SER C 259 9.53 15.62 47.76
N GLY C 260 8.38 15.38 48.34
CA GLY C 260 7.19 16.20 48.08
C GLY C 260 7.04 17.50 48.83
N ASN C 261 5.81 18.00 48.82
CA ASN C 261 5.50 19.33 49.33
C ASN C 261 5.53 19.43 50.86
N PRO C 262 5.85 20.59 51.36
CA PRO C 262 5.74 20.85 52.78
C PRO C 262 4.25 21.00 53.18
N ALA C 263 3.98 20.73 54.44
CA ALA C 263 2.68 20.83 55.03
C ALA C 263 2.69 21.93 56.07
N PRO C 264 1.59 22.63 56.29
CA PRO C 264 0.38 22.56 55.47
C PRO C 264 0.52 23.35 54.12
N TRP C 265 -0.53 23.38 53.32
CA TRP C 265 -0.51 24.18 52.08
C TRP C 265 -0.45 25.66 52.37
N ASN C 266 -0.94 26.05 53.55
CA ASN C 266 -0.90 27.43 54.02
C ASN C 266 0.56 27.82 54.36
N GLU C 267 1.15 28.56 53.45
CA GLU C 267 2.56 28.90 53.53
C GLU C 267 2.84 29.78 54.75
N THR C 268 1.84 30.56 55.18
CA THR C 268 2.05 31.54 56.25
C THR C 268 2.29 30.87 57.59
N MET C 269 1.82 29.63 57.75
CA MET C 269 1.97 28.86 58.97
C MET C 269 3.36 28.20 59.11
N ARG C 270 4.18 28.27 58.09
CA ARG C 270 5.49 27.56 58.08
C ARG C 270 6.58 28.43 57.41
N PRO C 271 6.85 29.59 57.98
CA PRO C 271 7.98 30.38 57.51
C PRO C 271 9.28 29.50 57.39
N GLY C 272 10.05 29.81 56.37
CA GLY C 272 11.37 29.23 56.13
C GLY C 272 11.40 28.49 54.79
N ASP C 273 12.61 28.16 54.35
CA ASP C 273 12.78 27.37 53.12
C ASP C 273 12.19 25.96 53.19
N ASN C 274 11.97 25.44 54.40
CA ASN C 274 11.24 24.21 54.59
C ASN C 274 12.02 23.03 53.96
N LYS C 275 13.34 23.10 54.12
CA LYS C 275 14.15 22.00 53.65
C LYS C 275 13.92 20.74 54.44
N TRP C 276 14.07 19.56 53.84
CA TRP C 276 14.43 19.31 52.43
C TRP C 276 13.16 18.74 51.70
N THR C 277 12.04 19.44 51.88
CA THR C 277 10.94 19.27 50.97
C THR C 277 11.33 19.71 49.56
N MET C 278 10.62 19.21 48.56
CA MET C 278 10.81 19.64 47.16
C MET C 278 12.24 19.48 46.70
N THR C 279 12.85 18.35 47.05
CA THR C 279 14.25 18.15 46.81
C THR C 279 14.52 16.97 45.87
N ILE C 280 15.47 17.15 44.94
CA ILE C 280 15.98 16.07 44.10
C ILE C 280 17.13 15.50 44.89
N TRP C 281 17.05 14.23 45.23
CA TRP C 281 18.06 13.50 46.02
C TRP C 281 18.87 12.56 45.21
N GLY C 282 20.17 12.43 45.54
CA GLY C 282 21.00 11.37 45.03
C GLY C 282 21.61 10.68 46.22
N ARG C 283 21.15 9.47 46.49
CA ARG C 283 21.51 8.71 47.71
C ARG C 283 22.28 7.46 47.44
N ASP C 284 23.33 7.22 48.26
CA ASP C 284 24.04 5.92 48.20
C ASP C 284 23.08 4.70 48.39
N ALA C 285 23.15 3.71 47.50
CA ALA C 285 22.19 2.64 47.58
C ALA C 285 22.28 1.85 48.87
N ASP C 286 23.50 1.47 49.26
CA ASP C 286 23.64 0.54 50.42
C ASP C 286 23.32 1.21 51.72
N THR C 287 23.72 2.44 51.89
CA THR C 287 23.53 3.14 53.16
C THR C 287 22.41 4.15 53.24
N GLY C 288 21.93 4.62 52.06
CA GLY C 288 20.92 5.64 52.04
C GLY C 288 21.46 7.02 52.20
N ARG C 289 22.77 7.19 52.33
CA ARG C 289 23.28 8.50 52.65
C ARG C 289 23.29 9.40 51.44
N ALA C 290 22.81 10.63 51.63
CA ALA C 290 22.65 11.52 50.52
C ALA C 290 24.01 12.11 50.13
N LYS C 291 24.32 11.98 48.84
CA LYS C 291 25.48 12.64 48.27
C LYS C 291 25.18 14.03 47.77
N PHE C 292 23.99 14.23 47.21
CA PHE C 292 23.51 15.57 46.83
C PHE C 292 22.02 15.71 47.06
N GLY C 293 21.63 16.94 47.18
CA GLY C 293 20.28 17.35 47.41
C GLY C 293 20.02 18.71 46.89
N TYR C 294 19.11 18.86 45.93
CA TYR C 294 18.82 20.19 45.33
C TYR C 294 17.37 20.51 45.57
N GLN C 295 17.11 21.60 46.26
CA GLN C 295 15.75 21.97 46.58
C GLN C 295 15.23 22.84 45.42
N LYS C 296 14.25 22.32 44.70
CA LYS C 296 13.70 22.99 43.55
C LYS C 296 12.85 24.15 43.91
N THR C 297 12.03 23.96 44.94
CA THR C 297 10.97 24.90 45.29
C THR C 297 11.06 25.23 46.78
N PRO C 298 11.98 26.12 47.14
CA PRO C 298 12.10 26.53 48.55
C PRO C 298 10.80 27.23 49.00
N HIS C 299 10.37 26.92 50.22
CA HIS C 299 9.21 27.56 50.79
C HIS C 299 8.00 27.47 49.83
N ASP C 300 7.67 26.26 49.47
CA ASP C 300 6.54 26.05 48.54
C ASP C 300 5.27 26.82 48.93
N GLU C 301 4.66 27.48 47.95
CA GLU C 301 3.44 28.21 48.18
C GLU C 301 2.28 27.68 47.34
N TRP C 302 2.47 26.57 46.68
CA TRP C 302 1.60 26.18 45.55
C TRP C 302 1.25 24.68 45.54
N ASP C 303 1.73 23.88 46.50
CA ASP C 303 1.70 22.40 46.33
C ASP C 303 2.32 21.93 45.03
N TYR C 304 3.54 22.37 44.71
CA TYR C 304 4.27 21.77 43.61
C TYR C 304 5.02 20.50 44.00
N ALA C 305 4.30 19.51 44.57
CA ALA C 305 4.96 18.37 45.22
C ALA C 305 6.03 17.80 44.28
N GLY C 306 7.21 17.68 44.84
CA GLY C 306 8.40 17.37 44.03
C GLY C 306 8.71 15.92 43.69
N VAL C 307 7.70 15.10 43.45
CA VAL C 307 7.81 13.67 43.35
C VAL C 307 7.84 13.08 41.98
N ASN C 308 7.85 13.93 40.94
CA ASN C 308 7.84 13.43 39.57
C ASN C 308 9.02 12.56 39.18
N TYR C 309 8.89 11.84 38.09
CA TYR C 309 9.89 10.86 37.75
C TYR C 309 11.26 11.44 37.41
N MET C 310 12.23 10.53 37.38
CA MET C 310 13.65 10.88 37.07
C MET C 310 14.07 10.02 35.90
N GLY C 311 14.41 10.66 34.75
CA GLY C 311 14.82 9.97 33.52
C GLY C 311 16.32 10.22 33.33
N LEU C 312 17.08 9.13 33.38
CA LEU C 312 18.52 9.23 33.20
C LEU C 312 18.87 9.14 31.75
N SER C 313 19.93 9.86 31.40
CA SER C 313 20.45 9.80 30.05
C SER C 313 21.90 10.22 30.05
N GLU C 314 22.57 10.00 28.93
CA GLU C 314 23.93 10.48 28.78
C GLU C 314 23.95 11.36 27.54
N GLN C 315 24.22 12.65 27.69
CA GLN C 315 24.13 13.57 26.55
C GLN C 315 25.31 14.53 26.68
N GLU C 316 25.67 15.16 25.57
CA GLU C 316 26.70 16.24 25.59
C GLU C 316 26.28 17.52 26.21
N VAL C 317 27.13 18.04 27.07
CA VAL C 317 26.92 19.31 27.79
C VAL C 317 28.24 20.10 27.59
N ASP C 318 28.13 21.24 26.91
CA ASP C 318 29.31 21.99 26.39
C ASP C 318 30.35 21.02 25.77
N GLY C 319 29.88 20.17 24.86
CA GLY C 319 30.70 19.17 24.15
C GLY C 319 31.26 17.99 24.91
N LYS C 320 30.88 17.79 26.15
CA LYS C 320 31.38 16.65 26.92
C LYS C 320 30.20 15.71 27.27
N LEU C 321 30.30 14.45 26.92
CA LEU C 321 29.25 13.42 27.22
C LEU C 321 29.16 13.30 28.73
N THR C 322 28.00 13.57 29.30
CA THR C 322 27.83 13.69 30.74
C THR C 322 26.65 12.78 31.19
N PRO C 323 26.74 12.13 32.38
CA PRO C 323 25.60 11.37 32.99
C PRO C 323 24.64 12.34 33.67
N LEU C 324 23.40 12.30 33.24
CA LEU C 324 22.40 13.27 33.58
C LEU C 324 21.20 12.61 34.17
N LEU C 325 20.43 13.42 34.89
CA LEU C 325 19.05 13.09 35.20
C LEU C 325 18.20 14.24 34.70
N THR C 326 16.98 13.90 34.23
CA THR C 326 16.06 14.88 33.80
C THR C 326 14.74 14.67 34.49
N HIS C 327 14.13 15.75 34.92
CA HIS C 327 13.01 15.70 35.87
C HIS C 327 12.01 16.83 35.61
N PRO C 328 10.83 16.53 35.04
CA PRO C 328 9.77 17.50 34.76
C PRO C 328 9.00 17.70 36.04
N ASP C 329 9.25 18.78 36.73
CA ASP C 329 8.58 19.02 38.00
C ASP C 329 7.12 19.51 37.91
N ARG C 330 6.34 19.29 38.96
CA ARG C 330 5.05 19.94 39.09
C ARG C 330 5.09 21.46 38.94
N ASN C 331 6.17 22.06 39.37
CA ASN C 331 6.34 23.50 39.26
C ASN C 331 6.51 24.06 37.84
N GLY C 332 6.54 23.16 36.86
CA GLY C 332 6.53 23.58 35.51
C GLY C 332 7.89 23.82 34.89
N LEU C 333 8.94 23.55 35.64
CA LEU C 333 10.32 23.55 35.18
C LEU C 333 10.81 22.12 34.93
N VAL C 334 11.56 21.92 33.84
CA VAL C 334 12.21 20.68 33.53
C VAL C 334 13.68 20.83 33.95
N TYR C 335 14.07 20.05 34.91
CA TYR C 335 15.41 20.09 35.54
C TYR C 335 16.28 19.04 34.90
N THR C 336 17.48 19.42 34.47
CA THR C 336 18.48 18.48 34.12
C THR C 336 19.71 18.74 35.03
N LEU C 337 20.13 17.71 35.74
CA LEU C 337 21.31 17.79 36.62
C LEU C 337 22.35 16.75 36.18
N ASN C 338 23.60 17.06 36.49
CA ASN C 338 24.66 16.05 36.43
C ASN C 338 24.32 15.08 37.53
N ARG C 339 24.17 13.80 37.19
CA ARG C 339 23.71 12.83 38.18
C ARG C 339 24.79 12.26 39.09
N GLU C 340 26.02 12.65 38.84
CA GLU C 340 27.10 12.28 39.76
C GLU C 340 27.39 13.39 40.73
N THR C 341 27.49 14.62 40.24
CA THR C 341 27.78 15.79 41.10
C THR C 341 26.58 16.54 41.66
N GLY C 342 25.41 16.35 41.02
CA GLY C 342 24.24 17.13 41.38
C GLY C 342 24.22 18.51 40.80
N ALA C 343 25.21 18.86 39.98
CA ALA C 343 25.24 20.25 39.43
C ALA C 343 24.09 20.45 38.47
N LEU C 344 23.54 21.64 38.50
CA LEU C 344 22.47 22.03 37.60
C LEU C 344 22.98 22.33 36.19
N VAL C 345 22.42 21.65 35.19
CA VAL C 345 22.78 21.85 33.78
C VAL C 345 21.75 22.75 33.11
N ASN C 346 20.45 22.47 33.29
CA ASN C 346 19.42 23.41 32.85
C ASN C 346 18.14 23.27 33.71
N ALA C 347 17.30 24.31 33.67
CA ALA C 347 16.02 24.32 34.31
C ALA C 347 15.16 25.23 33.49
N PHE C 348 14.36 24.68 32.59
CA PHE C 348 13.63 25.47 31.62
C PHE C 348 12.12 25.30 31.78
N LYS C 349 11.34 26.32 31.43
CA LYS C 349 9.87 26.23 31.54
C LYS C 349 9.34 25.21 30.55
N ILE C 350 8.50 24.29 31.04
CA ILE C 350 7.86 23.30 30.16
C ILE C 350 6.86 23.96 29.26
N ASP C 351 6.40 25.15 29.62
CA ASP C 351 5.44 25.95 28.85
C ASP C 351 5.69 27.34 29.32
N ASP C 352 5.70 28.26 28.40
CA ASP C 352 6.09 29.63 28.68
C ASP C 352 5.17 30.40 29.65
N THR C 353 3.95 29.86 29.92
CA THR C 353 2.99 30.51 30.78
C THR C 353 3.26 30.30 32.28
N VAL C 354 4.24 29.45 32.64
CA VAL C 354 4.67 29.37 34.06
C VAL C 354 5.00 30.77 34.60
N ASN C 355 4.38 31.14 35.72
CA ASN C 355 4.51 32.48 36.21
C ASN C 355 4.87 32.65 37.69
N TRP C 356 4.90 31.60 38.48
CA TRP C 356 5.34 31.76 39.89
C TRP C 356 6.79 32.12 40.03
N VAL C 357 7.56 31.75 38.99
CA VAL C 357 8.97 31.96 38.85
C VAL C 357 9.23 32.70 37.56
N LYS C 358 10.14 33.69 37.61
CA LYS C 358 10.59 34.39 36.39
C LYS C 358 11.52 33.51 35.64
N LYS C 359 12.53 33.00 36.32
CA LYS C 359 13.53 32.08 35.79
C LYS C 359 14.28 31.50 36.94
N VAL C 360 14.92 30.36 36.70
CA VAL C 360 15.88 29.82 37.62
C VAL C 360 17.25 30.34 37.17
N ASP C 361 17.93 30.97 38.11
CA ASP C 361 19.31 31.45 37.91
C ASP C 361 20.21 30.23 38.02
N LEU C 362 20.81 29.84 36.93
CA LEU C 362 21.47 28.53 36.87
C LEU C 362 22.73 28.56 37.67
N LYS C 363 23.36 29.73 37.76
CA LYS C 363 24.53 29.89 38.62
C LYS C 363 24.25 29.66 40.11
N THR C 364 23.24 30.28 40.64
CA THR C 364 22.91 30.22 42.06
C THR C 364 21.98 29.07 42.35
N GLY C 365 21.32 28.55 41.31
CA GLY C 365 20.36 27.49 41.51
C GLY C 365 19.00 27.92 42.04
N LEU C 366 18.76 29.23 42.19
CA LEU C 366 17.59 29.66 42.90
C LEU C 366 16.53 30.09 41.90
N PRO C 367 15.24 29.69 42.15
CA PRO C 367 14.19 30.25 41.31
C PRO C 367 13.93 31.71 41.75
N ILE C 368 13.97 32.61 40.78
CA ILE C 368 13.64 33.98 41.10
C ILE C 368 12.10 34.12 41.12
N ARG C 369 11.56 34.41 42.27
CA ARG C 369 10.09 34.37 42.48
C ARG C 369 9.44 35.64 41.96
N ASP C 370 8.23 35.53 41.40
CA ASP C 370 7.43 36.66 41.00
C ASP C 370 6.37 36.85 42.13
N PRO C 371 6.51 37.94 42.96
CA PRO C 371 5.54 38.07 44.05
C PRO C 371 4.10 38.27 43.62
N GLU C 372 3.84 38.72 42.40
CA GLU C 372 2.44 38.80 41.95
C GLU C 372 1.74 37.47 41.98
N TYR C 373 2.52 36.38 41.90
CA TYR C 373 1.93 35.05 41.92
C TYR C 373 2.29 34.19 43.14
N SER C 374 2.58 34.84 44.26
CA SER C 374 2.83 34.19 45.52
C SER C 374 1.49 33.86 46.13
N THR C 375 1.49 33.01 47.13
CA THR C 375 0.27 32.83 48.00
C THR C 375 0.63 33.27 49.39
N ARG C 376 -0.38 33.67 50.13
CA ARG C 376 -0.25 34.20 51.47
C ARG C 376 -1.62 34.42 52.12
N MET C 377 -1.66 34.28 53.42
CA MET C 377 -2.83 34.60 54.25
C MET C 377 -3.47 35.92 53.91
N ASP C 378 -4.80 35.88 53.91
CA ASP C 378 -5.62 37.07 53.78
C ASP C 378 -5.54 37.64 52.40
N HIS C 379 -5.30 36.76 51.42
CA HIS C 379 -5.25 37.18 50.04
C HIS C 379 -5.73 35.99 49.17
N ASN C 380 -6.49 36.29 48.14
CA ASN C 380 -6.88 35.33 47.12
C ASN C 380 -6.04 35.63 45.89
N ALA C 381 -5.04 34.77 45.69
CA ALA C 381 -4.10 34.93 44.62
C ALA C 381 -4.74 34.34 43.38
N LYS C 382 -4.71 35.08 42.30
CA LYS C 382 -5.34 34.67 41.11
C LYS C 382 -4.42 34.46 39.92
N GLY C 383 -4.73 33.47 39.10
CA GLY C 383 -4.06 33.29 37.84
C GLY C 383 -2.67 32.67 37.93
N ILE C 384 -2.44 31.81 38.90
CA ILE C 384 -1.17 31.21 39.13
C ILE C 384 -1.02 30.01 38.19
N CYS C 385 0.07 29.98 37.45
CA CYS C 385 0.49 28.81 36.66
C CYS C 385 1.85 28.28 37.02
N PRO C 386 2.00 26.95 37.25
CA PRO C 386 0.95 25.97 37.17
C PRO C 386 0.00 26.04 38.36
N SER C 387 -1.14 25.40 38.23
CA SER C 387 -1.87 25.02 39.42
C SER C 387 -1.14 23.95 40.27
N ALA C 388 -1.69 23.65 41.44
CA ALA C 388 -1.21 22.54 42.25
C ALA C 388 -1.13 21.19 41.56
N MET C 389 -1.96 20.98 40.52
CA MET C 389 -1.90 19.71 39.75
C MET C 389 -0.63 19.61 38.92
N GLY C 390 0.01 20.78 38.71
CA GLY C 390 1.26 20.82 38.03
C GLY C 390 1.10 20.96 36.54
N TYR C 391 2.11 21.42 35.85
CA TYR C 391 2.15 21.23 34.42
C TYR C 391 2.67 19.84 34.10
N HIS C 392 3.10 19.11 35.14
CA HIS C 392 3.40 17.72 34.94
C HIS C 392 3.12 17.06 36.23
N ASN C 393 2.52 15.85 36.20
CA ASN C 393 2.19 15.19 37.47
C ASN C 393 2.90 13.79 37.44
N GLN C 394 2.22 12.74 37.89
CA GLN C 394 2.83 11.48 38.19
C GLN C 394 3.17 10.55 37.03
N GLY C 395 2.87 10.93 35.78
CA GLY C 395 3.17 10.08 34.64
C GLY C 395 4.63 9.87 34.40
N ILE C 396 5.02 8.61 34.15
CA ILE C 396 6.40 8.30 33.78
C ILE C 396 6.55 8.60 32.30
N GLU C 397 7.58 9.40 31.96
CA GLU C 397 7.77 9.77 30.55
C GLU C 397 8.88 8.97 29.89
N SER C 398 9.22 9.33 28.63
CA SER C 398 9.98 8.43 27.81
C SER C 398 11.07 9.25 27.09
N TYR C 399 12.13 8.54 26.72
CA TYR C 399 13.34 9.07 26.11
C TYR C 399 13.82 8.21 24.94
N ASP C 400 13.85 8.80 23.78
CA ASP C 400 14.44 8.19 22.56
C ASP C 400 15.94 8.60 22.46
N PRO C 401 16.86 7.67 22.69
CA PRO C 401 18.26 8.00 22.78
C PRO C 401 18.91 8.36 21.44
N ASP C 402 18.33 7.99 20.32
CA ASP C 402 18.88 8.33 19.00
C ASP C 402 18.45 9.76 18.67
N LYS C 403 17.22 10.11 19.00
CA LYS C 403 16.70 11.48 18.71
C LYS C 403 17.10 12.47 19.79
N LYS C 404 17.51 11.96 20.96
CA LYS C 404 17.77 12.76 22.16
C LYS C 404 16.55 13.65 22.47
N LEU C 405 15.35 13.02 22.44
CA LEU C 405 14.16 13.72 22.86
C LEU C 405 13.44 12.98 23.98
N PHE C 406 12.94 13.75 24.95
CA PHE C 406 11.96 13.27 25.87
C PHE C 406 10.58 13.63 25.38
N PHE C 407 9.66 12.73 25.60
CA PHE C 407 8.26 12.86 25.18
C PHE C 407 7.43 12.86 26.44
N MET C 408 6.64 13.92 26.59
CA MET C 408 5.94 14.15 27.82
C MET C 408 4.47 14.52 27.61
N GLY C 409 3.63 13.91 28.44
CA GLY C 409 2.25 14.32 28.64
C GLY C 409 2.22 15.46 29.59
N VAL C 410 1.63 16.58 29.17
CA VAL C 410 1.68 17.81 29.93
C VAL C 410 0.23 18.28 30.30
N ASN C 411 0.13 18.99 31.42
CA ASN C 411 -1.11 19.60 31.91
C ASN C 411 -1.03 21.09 31.71
N HIS C 412 -2.19 21.69 31.41
CA HIS C 412 -2.22 23.12 31.16
C HIS C 412 -3.36 23.64 32.02
N ILE C 413 -3.06 23.80 33.31
CA ILE C 413 -4.04 24.11 34.32
C ILE C 413 -3.53 25.22 35.20
N CYS C 414 -4.37 26.20 35.53
CA CYS C 414 -3.96 27.36 36.28
C CYS C 414 -4.93 27.45 37.47
N MET C 415 -4.66 28.34 38.43
CA MET C 415 -5.48 28.37 39.66
C MET C 415 -5.61 29.70 40.34
N ASP C 416 -6.60 29.76 41.19
CA ASP C 416 -6.66 30.80 42.19
C ASP C 416 -6.48 30.05 43.49
N TRP C 417 -5.93 30.74 44.48
CA TRP C 417 -5.58 30.09 45.78
C TRP C 417 -5.67 31.10 46.93
N GLU C 418 -6.38 30.72 47.96
CA GLU C 418 -6.44 31.49 49.21
C GLU C 418 -6.26 30.56 50.42
N PRO C 419 -5.23 30.78 51.27
CA PRO C 419 -5.09 29.96 52.45
C PRO C 419 -6.08 30.26 53.56
N PHE C 420 -6.13 29.35 54.52
CA PHE C 420 -6.80 29.62 55.80
C PHE C 420 -6.07 28.92 56.96
N MET C 421 -6.16 29.53 58.13
CA MET C 421 -5.60 28.90 59.30
C MET C 421 -6.39 27.67 59.71
N LEU C 422 -5.71 26.67 60.21
CA LEU C 422 -6.31 25.49 60.77
C LEU C 422 -5.37 24.78 61.75
N PRO C 423 -5.92 23.97 62.69
CA PRO C 423 -5.08 23.21 63.58
C PRO C 423 -4.59 21.93 62.95
N TYR C 424 -3.48 21.43 63.43
CA TYR C 424 -3.00 20.10 63.11
C TYR C 424 -3.60 19.11 64.14
N ARG C 425 -4.30 18.10 63.66
CA ARG C 425 -4.68 16.97 64.54
C ARG C 425 -4.31 15.74 63.78
N ALA C 426 -3.54 14.87 64.39
CA ALA C 426 -2.99 13.70 63.73
C ALA C 426 -4.11 12.83 63.24
N GLY C 427 -4.08 12.43 61.96
CA GLY C 427 -5.16 11.72 61.31
C GLY C 427 -6.22 12.49 60.57
N GLN C 428 -6.24 13.80 60.73
CA GLN C 428 -7.12 14.72 60.01
C GLN C 428 -6.38 15.44 58.88
N PHE C 429 -7.12 15.88 57.86
CA PHE C 429 -6.51 16.70 56.83
C PHE C 429 -5.89 17.98 57.42
N PHE C 430 -4.87 18.45 56.75
CA PHE C 430 -4.07 19.55 57.16
C PHE C 430 -3.62 20.26 55.90
N VAL C 431 -4.62 20.74 55.14
CA VAL C 431 -4.34 21.44 53.92
C VAL C 431 -4.29 22.93 54.13
N GLY C 432 -5.43 23.54 54.48
CA GLY C 432 -5.50 25.00 54.69
C GLY C 432 -5.37 25.91 53.50
N ALA C 433 -5.98 25.52 52.39
CA ALA C 433 -6.13 26.39 51.27
C ALA C 433 -7.38 26.01 50.49
N THR C 434 -7.98 27.01 49.87
CA THR C 434 -9.09 26.85 48.96
C THR C 434 -8.66 27.27 47.56
N LEU C 435 -8.91 26.38 46.59
CA LEU C 435 -8.43 26.52 45.24
C LEU C 435 -9.59 26.46 44.24
N ASN C 436 -9.43 27.17 43.15
CA ASN C 436 -10.30 27.00 41.99
C ASN C 436 -9.32 26.79 40.80
N MET C 437 -9.57 25.82 39.96
CA MET C 437 -8.67 25.53 38.82
C MET C 437 -9.39 25.63 37.50
N TYR C 438 -8.64 25.91 36.46
CA TYR C 438 -9.23 26.19 35.14
C TYR C 438 -8.11 26.09 34.11
N PRO C 439 -8.47 26.01 32.83
CA PRO C 439 -7.43 25.92 31.77
C PRO C 439 -6.45 27.08 31.79
N GLY C 440 -5.22 26.81 31.43
CA GLY C 440 -4.24 27.84 31.32
C GLY C 440 -4.52 28.71 30.11
N PRO C 441 -3.69 29.73 29.91
CA PRO C 441 -3.92 30.76 28.92
C PRO C 441 -4.07 30.29 27.52
N LYS C 442 -3.50 29.17 27.14
CA LYS C 442 -3.71 28.64 25.76
C LYS C 442 -5.05 28.00 25.50
N GLY C 443 -5.81 27.73 26.55
CA GLY C 443 -7.19 27.35 26.45
C GLY C 443 -7.49 25.87 26.58
N MET C 444 -6.49 25.01 26.35
CA MET C 444 -6.77 23.56 26.54
C MET C 444 -6.23 23.10 27.82
N LEU C 445 -6.54 21.86 28.21
CA LEU C 445 -6.11 21.33 29.52
C LEU C 445 -4.94 20.38 29.44
N GLY C 446 -4.57 19.93 28.25
CA GLY C 446 -3.45 18.98 28.08
C GLY C 446 -2.61 19.36 26.86
N GLN C 447 -1.41 18.79 26.79
CA GLN C 447 -0.50 18.89 25.67
C GLN C 447 0.36 17.65 25.65
N VAL C 448 0.91 17.32 24.48
CA VAL C 448 2.03 16.37 24.38
C VAL C 448 3.17 17.08 23.71
N LYS C 449 4.35 16.96 24.31
CA LYS C 449 5.52 17.69 23.88
C LYS C 449 6.72 16.81 23.75
N ALA C 450 7.58 17.11 22.76
CA ALA C 450 8.84 16.40 22.58
C ALA C 450 9.95 17.42 22.77
N MET C 451 10.95 17.14 23.61
CA MET C 451 11.93 18.17 23.93
C MET C 451 13.31 17.63 24.13
N ASN C 452 14.30 18.46 23.81
CA ASN C 452 15.71 18.18 24.23
C ASN C 452 15.93 18.77 25.65
N ALA C 453 16.34 17.96 26.60
CA ALA C 453 16.37 18.41 27.98
C ALA C 453 17.63 19.25 28.29
N VAL C 454 18.64 19.20 27.42
CA VAL C 454 19.85 20.02 27.61
C VAL C 454 19.58 21.40 27.15
N THR C 455 19.09 21.53 25.92
CA THR C 455 18.83 22.88 25.35
C THR C 455 17.50 23.47 25.66
N GLY C 456 16.52 22.64 26.07
CA GLY C 456 15.13 23.09 26.22
C GLY C 456 14.35 23.22 24.89
N LYS C 457 14.94 22.84 23.80
CA LYS C 457 14.30 23.03 22.49
C LYS C 457 13.13 22.04 22.28
N MET C 458 11.94 22.54 21.97
CA MET C 458 10.79 21.73 21.74
C MET C 458 10.79 21.33 20.28
N GLU C 459 10.91 20.04 20.02
CA GLU C 459 10.78 19.55 18.67
C GLU C 459 9.38 19.65 18.14
N TRP C 460 8.39 19.35 18.98
CA TRP C 460 7.00 19.55 18.60
C TRP C 460 6.15 19.66 19.86
N GLU C 461 4.99 20.27 19.69
CA GLU C 461 4.00 20.40 20.73
C GLU C 461 2.66 20.26 20.07
N VAL C 462 1.74 19.53 20.71
CA VAL C 462 0.35 19.33 20.19
C VAL C 462 -0.65 19.45 21.37
N PRO C 463 -1.86 19.91 21.08
CA PRO C 463 -2.88 20.12 22.16
C PRO C 463 -3.67 18.84 22.41
N GLU C 464 -4.17 18.69 23.63
CA GLU C 464 -5.04 17.61 24.01
C GLU C 464 -6.23 18.24 24.83
N LYS C 465 -7.41 17.63 24.69
CA LYS C 465 -8.64 18.15 25.26
C LYS C 465 -8.55 18.12 26.81
N PHE C 466 -8.01 17.04 27.35
CA PHE C 466 -7.74 16.95 28.78
C PHE C 466 -6.26 16.79 29.10
N ALA C 467 -5.92 17.14 30.32
CA ALA C 467 -4.58 16.89 30.82
C ALA C 467 -4.08 15.47 30.52
N VAL C 468 -2.80 15.30 30.20
CA VAL C 468 -2.26 13.94 29.85
C VAL C 468 -1.53 13.48 31.05
N TRP C 469 -2.14 12.57 31.77
CA TRP C 469 -1.80 12.30 33.16
C TRP C 469 -0.95 11.08 33.32
N GLY C 470 -1.10 10.13 32.39
CA GLY C 470 -0.60 8.77 32.63
C GLY C 470 0.80 8.45 32.20
N GLY C 471 1.47 9.37 31.53
CA GLY C 471 2.83 9.15 31.02
C GLY C 471 2.83 8.48 29.65
N THR C 472 4.02 8.11 29.18
CA THR C 472 4.20 7.79 27.82
C THR C 472 5.14 6.60 27.63
N LEU C 473 5.03 6.00 26.47
CA LEU C 473 5.93 4.91 26.04
C LEU C 473 6.42 5.30 24.67
N ALA C 474 7.73 5.30 24.46
CA ALA C 474 8.27 5.60 23.13
C ALA C 474 8.96 4.36 22.60
N THR C 475 8.99 4.25 21.28
CA THR C 475 9.62 3.09 20.64
C THR C 475 10.46 3.42 19.42
N ALA C 476 11.33 2.47 19.07
CA ALA C 476 12.14 2.57 17.84
C ALA C 476 11.41 2.44 16.60
N GLY C 477 10.11 2.21 16.64
CA GLY C 477 9.28 2.41 15.47
C GLY C 477 8.84 3.82 15.20
N ASP C 478 9.44 4.81 15.88
CA ASP C 478 9.11 6.26 15.73
C ASP C 478 7.69 6.59 16.20
N LEU C 479 7.31 5.94 17.29
CA LEU C 479 6.03 6.16 17.94
C LEU C 479 6.15 6.50 19.42
N VAL C 480 5.27 7.36 19.89
CA VAL C 480 5.00 7.50 21.29
C VAL C 480 3.52 7.19 21.54
N PHE C 481 3.29 6.33 22.53
CA PHE C 481 1.93 5.87 22.91
C PHE C 481 1.60 6.52 24.25
N TYR C 482 0.37 6.88 24.42
CA TYR C 482 -0.14 7.32 25.68
C TYR C 482 -1.64 7.13 25.75
N GLY C 483 -2.16 7.26 26.99
CA GLY C 483 -3.60 7.20 27.22
C GLY C 483 -4.12 8.57 27.61
N THR C 484 -5.41 8.85 27.40
CA THR C 484 -5.97 10.14 27.76
C THR C 484 -7.09 9.95 28.78
N LEU C 485 -7.35 11.01 29.52
CA LEU C 485 -8.39 10.98 30.55
C LEU C 485 -9.78 10.72 30.00
N ASP C 486 -10.04 11.09 28.76
CA ASP C 486 -11.31 10.84 28.12
C ASP C 486 -11.46 9.47 27.50
N GLY C 487 -10.46 8.61 27.59
CA GLY C 487 -10.61 7.21 27.33
C GLY C 487 -10.11 6.80 25.94
N PHE C 488 -9.03 7.41 25.49
CA PHE C 488 -8.35 6.88 24.32
C PHE C 488 -6.95 6.41 24.68
N ILE C 489 -6.47 5.45 23.91
CA ILE C 489 -5.07 5.19 23.72
C ILE C 489 -4.70 5.72 22.32
N LYS C 490 -3.61 6.48 22.28
CA LYS C 490 -3.16 7.15 21.07
C LYS C 490 -1.70 6.87 20.75
N ALA C 491 -1.35 6.93 19.45
CA ALA C 491 0.05 6.84 19.06
C ALA C 491 0.35 8.03 18.15
N ARG C 492 1.39 8.75 18.50
CA ARG C 492 1.93 9.83 17.64
C ARG C 492 3.31 9.54 17.10
N ASP C 493 3.59 10.02 15.89
CA ASP C 493 4.90 9.93 15.28
C ASP C 493 5.87 10.79 16.10
N THR C 494 6.96 10.21 16.69
CA THR C 494 7.90 10.99 17.50
C THR C 494 8.78 11.96 16.69
N ARG C 495 8.75 12.00 15.35
CA ARG C 495 9.38 13.09 14.60
C ARG C 495 8.63 14.38 14.57
N THR C 496 7.30 14.29 14.58
CA THR C 496 6.39 15.40 14.29
C THR C 496 5.25 15.56 15.28
N GLY C 497 4.93 14.52 16.05
CA GLY C 497 3.72 14.52 16.82
C GLY C 497 2.43 14.24 16.06
N GLU C 498 2.53 13.86 14.80
CA GLU C 498 1.32 13.61 14.02
C GLU C 498 0.60 12.39 14.62
N LEU C 499 -0.70 12.50 14.74
CA LEU C 499 -1.50 11.34 15.26
C LEU C 499 -1.59 10.28 14.22
N LYS C 500 -1.18 9.06 14.55
CA LYS C 500 -1.23 7.94 13.66
C LYS C 500 -2.30 6.89 13.94
N TRP C 501 -2.73 6.82 15.19
CA TRP C 501 -3.66 5.77 15.57
C TRP C 501 -4.33 6.19 16.90
N GLN C 502 -5.57 5.78 17.05
CA GLN C 502 -6.27 5.97 18.31
C GLN C 502 -7.33 4.86 18.46
N PHE C 503 -7.63 4.48 19.71
CA PHE C 503 -8.64 3.51 19.99
C PHE C 503 -9.38 3.94 21.19
N GLN C 504 -10.71 3.80 21.14
CA GLN C 504 -11.63 4.10 22.24
C GLN C 504 -11.71 2.94 23.26
N LEU C 505 -11.04 3.13 24.38
CA LEU C 505 -11.04 2.29 25.54
C LEU C 505 -12.33 2.56 26.36
N PRO C 506 -12.61 1.68 27.31
CA PRO C 506 -13.88 1.89 27.97
C PRO C 506 -13.90 3.16 28.85
N SER C 507 -12.82 3.36 29.62
CA SER C 507 -12.66 4.39 30.58
C SER C 507 -11.38 5.13 30.35
N GLY C 508 -11.29 6.32 30.91
CA GLY C 508 -10.07 7.11 30.91
C GLY C 508 -8.84 6.38 31.44
N VAL C 509 -7.70 6.93 31.09
CA VAL C 509 -6.44 6.31 31.40
C VAL C 509 -5.63 7.27 32.28
N ILE C 510 -5.06 6.73 33.35
CA ILE C 510 -4.19 7.47 34.23
C ILE C 510 -2.87 6.77 34.48
N GLY C 511 -2.63 5.60 33.87
CA GLY C 511 -1.32 4.94 33.87
C GLY C 511 -0.68 4.96 32.51
N HIS C 512 0.47 4.29 32.41
CA HIS C 512 1.23 4.26 31.14
C HIS C 512 1.02 3.00 30.32
N PRO C 513 1.32 3.05 29.03
CA PRO C 513 1.34 1.86 28.24
C PRO C 513 2.61 1.14 28.44
N ILE C 514 2.61 -0.13 28.16
CA ILE C 514 3.83 -1.01 28.14
C ILE C 514 3.84 -1.70 26.78
N THR C 515 4.99 -2.27 26.43
CA THR C 515 5.18 -3.11 25.30
C THR C 515 6.15 -4.21 25.64
N TYR C 516 5.91 -5.37 25.07
CA TYR C 516 6.72 -6.56 25.34
C TYR C 516 6.49 -7.51 24.17
N GLN C 517 7.41 -8.46 24.04
CA GLN C 517 7.27 -9.54 23.08
C GLN C 517 6.88 -10.86 23.71
N HIS C 518 5.87 -11.52 23.20
CA HIS C 518 5.55 -12.79 23.64
C HIS C 518 5.39 -13.71 22.43
N ASN C 519 6.12 -14.84 22.47
CA ASN C 519 6.06 -15.79 21.36
C ASN C 519 6.25 -15.12 19.98
N GLY C 520 7.24 -14.27 19.93
CA GLY C 520 7.69 -13.63 18.74
C GLY C 520 6.95 -12.41 18.24
N LYS C 521 5.88 -12.02 18.91
CA LYS C 521 5.01 -10.95 18.47
C LYS C 521 5.01 -9.82 19.51
N GLN C 522 5.02 -8.58 19.03
CA GLN C 522 5.01 -7.44 19.88
C GLN C 522 3.57 -7.11 20.31
N TYR C 523 3.36 -6.84 21.61
CA TYR C 523 2.05 -6.45 22.18
C TYR C 523 2.19 -5.06 22.85
N ILE C 524 1.12 -4.27 22.89
CA ILE C 524 1.10 -3.07 23.68
C ILE C 524 -0.03 -3.27 24.68
N ALA C 525 0.19 -2.93 25.95
CA ALA C 525 -0.85 -3.14 26.99
C ALA C 525 -1.03 -1.85 27.81
N ILE C 526 -2.18 -1.66 28.41
CA ILE C 526 -2.50 -0.48 29.19
C ILE C 526 -3.69 -0.78 30.09
N TYR C 527 -3.74 -0.13 31.23
CA TYR C 527 -4.94 -0.11 32.04
C TYR C 527 -5.95 0.89 31.54
N SER C 528 -7.24 0.58 31.65
CA SER C 528 -8.30 1.59 31.50
C SER C 528 -9.07 1.64 32.77
N GLY C 529 -9.21 2.83 33.35
CA GLY C 529 -9.91 2.97 34.62
C GLY C 529 -9.58 4.33 35.19
N VAL C 530 -10.48 5.28 34.95
CA VAL C 530 -10.19 6.67 35.24
C VAL C 530 -10.31 6.90 36.73
N GLY C 531 -9.61 7.94 37.22
CA GLY C 531 -9.75 8.32 38.64
C GLY C 531 -8.55 9.22 38.94
N GLY C 532 -7.90 8.98 40.08
CA GLY C 532 -6.85 9.88 40.56
C GLY C 532 -7.37 11.27 40.76
N TRP C 533 -6.48 12.26 40.80
CA TRP C 533 -6.88 13.63 41.09
C TRP C 533 -7.83 14.20 40.01
N PRO C 534 -7.51 14.03 38.69
CA PRO C 534 -8.46 14.58 37.68
C PRO C 534 -9.83 13.96 37.74
N GLY C 535 -9.91 12.69 38.09
CA GLY C 535 -11.21 12.05 38.14
C GLY C 535 -11.96 12.06 39.48
N VAL C 536 -11.49 12.84 40.42
CA VAL C 536 -12.06 12.84 41.74
C VAL C 536 -13.54 13.28 41.71
N GLY C 537 -13.89 14.25 40.87
CA GLY C 537 -15.25 14.68 40.73
C GLY C 537 -16.20 13.60 40.24
N LEU C 538 -15.78 12.82 39.25
CA LEU C 538 -16.66 11.78 38.80
C LEU C 538 -16.65 10.56 39.64
N VAL C 539 -15.54 10.24 40.27
CA VAL C 539 -15.45 9.07 41.11
C VAL C 539 -16.28 9.27 42.37
N PHE C 540 -16.28 10.46 42.96
CA PHE C 540 -16.98 10.69 44.26
C PHE C 540 -18.25 11.51 44.15
N ASP C 541 -18.70 11.76 42.93
CA ASP C 541 -19.90 12.58 42.66
C ASP C 541 -19.89 13.96 43.23
N LEU C 542 -18.79 14.68 43.02
CA LEU C 542 -18.59 15.98 43.64
C LEU C 542 -19.06 17.02 42.74
N LYS C 543 -19.59 18.09 43.33
CA LYS C 543 -20.25 19.21 42.55
C LYS C 543 -19.59 20.56 42.70
N ASP C 544 -19.19 20.87 43.92
CA ASP C 544 -18.58 22.17 44.28
C ASP C 544 -17.25 22.31 43.46
N PRO C 545 -17.07 23.41 42.73
CA PRO C 545 -15.81 23.55 41.99
C PRO C 545 -14.53 23.60 42.78
N THR C 546 -14.60 23.93 44.10
CA THR C 546 -13.45 23.95 44.95
C THR C 546 -13.19 22.60 45.59
N ALA C 547 -14.08 21.63 45.44
CA ALA C 547 -13.85 20.34 46.04
C ALA C 547 -12.73 19.57 45.27
N GLY C 548 -12.26 18.46 45.82
CA GLY C 548 -11.18 17.70 45.22
C GLY C 548 -9.90 18.53 45.18
N LEU C 549 -9.76 19.37 46.20
CA LEU C 549 -8.68 20.37 46.30
C LEU C 549 -8.59 21.26 45.05
N GLY C 550 -9.73 21.63 44.46
CA GLY C 550 -9.74 22.49 43.29
C GLY C 550 -9.93 21.83 41.94
N ALA C 551 -9.72 20.56 41.91
CA ALA C 551 -9.78 19.83 40.66
C ALA C 551 -11.20 19.73 40.09
N VAL C 552 -12.24 19.74 40.94
CA VAL C 552 -13.58 19.37 40.45
C VAL C 552 -14.04 20.33 39.39
N GLY C 553 -13.81 21.61 39.62
CA GLY C 553 -14.21 22.68 38.67
C GLY C 553 -13.49 22.55 37.33
N ALA C 554 -12.21 22.25 37.36
CA ALA C 554 -11.44 22.18 36.10
C ALA C 554 -11.85 20.98 35.26
N PHE C 555 -12.16 19.89 35.93
CA PHE C 555 -12.47 18.62 35.23
C PHE C 555 -13.99 18.27 35.12
N ARG C 556 -14.84 19.30 35.29
CA ARG C 556 -16.30 19.11 35.27
C ARG C 556 -16.76 18.39 34.05
N GLU C 557 -16.18 18.69 32.89
CA GLU C 557 -16.65 18.05 31.67
C GLU C 557 -16.21 16.62 31.43
N LEU C 558 -15.28 16.10 32.20
CA LEU C 558 -14.79 14.73 31.96
C LEU C 558 -15.87 13.67 32.08
N ALA C 559 -16.83 13.89 32.96
CA ALA C 559 -17.91 12.95 33.16
C ALA C 559 -18.87 12.85 31.97
N HIS C 560 -18.78 13.77 31.00
CA HIS C 560 -19.55 13.61 29.73
C HIS C 560 -18.94 12.53 28.85
N TYR C 561 -17.68 12.17 29.11
CA TYR C 561 -16.96 11.27 28.22
C TYR C 561 -16.68 9.86 28.80
N THR C 562 -16.53 9.77 30.13
CA THR C 562 -16.10 8.53 30.73
C THR C 562 -16.76 8.32 32.09
N GLN C 563 -17.02 7.05 32.35
CA GLN C 563 -17.38 6.54 33.64
C GLN C 563 -16.11 5.85 34.21
N MET C 564 -16.22 5.40 35.44
CA MET C 564 -15.28 4.48 36.01
C MET C 564 -15.24 3.14 35.29
N GLY C 565 -14.09 2.49 35.41
CA GLY C 565 -13.84 1.18 34.87
C GLY C 565 -12.63 0.52 35.52
N GLY C 566 -12.25 -0.63 35.03
CA GLY C 566 -11.03 -1.27 35.39
C GLY C 566 -10.76 -2.47 34.51
N SER C 567 -9.87 -2.34 33.54
CA SER C 567 -9.58 -3.39 32.63
C SER C 567 -8.16 -3.19 32.10
N VAL C 568 -7.64 -4.26 31.54
CA VAL C 568 -6.36 -4.30 30.85
C VAL C 568 -6.63 -4.61 29.43
N PHE C 569 -6.20 -3.70 28.53
CA PHE C 569 -6.28 -3.96 27.13
C PHE C 569 -4.94 -4.29 26.56
N VAL C 570 -4.90 -5.24 25.67
CA VAL C 570 -3.65 -5.71 25.03
C VAL C 570 -3.89 -5.72 23.54
N PHE C 571 -2.99 -5.06 22.77
CA PHE C 571 -3.09 -4.82 21.34
C PHE C 571 -1.95 -5.47 20.59
N SER C 572 -2.21 -5.91 19.38
CA SER C 572 -1.13 -6.34 18.51
C SER C 572 -1.48 -6.13 17.07
N LEU C 573 -0.50 -6.31 16.21
CA LEU C 573 -0.82 -6.42 14.81
C LEU C 573 -1.14 -7.89 14.69
N TYR D 1 10.14 39.57 48.61
CA TYR D 1 10.77 38.26 48.77
C TYR D 1 10.88 37.68 47.36
N ASP D 2 12.06 37.67 46.74
CA ASP D 2 12.26 37.07 45.41
C ASP D 2 13.04 35.80 45.46
N GLY D 3 13.43 35.36 46.67
CA GLY D 3 14.10 34.08 46.86
C GLY D 3 15.62 34.13 46.70
N THR D 4 16.22 35.38 46.42
CA THR D 4 17.67 35.48 46.12
C THR D 4 18.47 36.17 47.27
N HIS D 5 17.81 36.48 48.35
CA HIS D 5 18.54 37.08 49.50
C HIS D 5 18.89 35.96 50.51
N CYS D 6 20.13 35.47 50.54
CA CYS D 6 20.45 34.28 51.34
C CYS D 6 21.24 34.67 52.59
N LYS D 7 20.70 34.33 53.73
CA LYS D 7 21.25 34.58 55.08
C LYS D 7 22.42 33.59 55.15
N ALA D 8 22.28 32.45 54.49
CA ALA D 8 23.29 31.37 54.54
C ALA D 8 22.99 30.44 53.37
N PRO D 9 23.98 29.62 52.97
CA PRO D 9 23.72 28.66 51.88
C PRO D 9 22.49 27.80 52.15
N GLY D 10 21.57 27.77 51.20
CA GLY D 10 20.31 27.00 51.39
C GLY D 10 19.26 27.64 52.26
N ASN D 11 19.44 28.91 52.66
CA ASN D 11 18.46 29.56 53.47
C ASN D 11 18.18 30.98 53.01
N CYS D 12 17.17 31.12 52.13
CA CYS D 12 16.85 32.41 51.47
C CYS D 12 15.47 32.97 51.79
N TRP D 13 14.77 32.33 52.72
CA TRP D 13 13.44 32.80 53.11
C TRP D 13 13.43 34.20 53.70
N GLU D 14 12.48 35.01 53.27
CA GLU D 14 12.21 36.30 53.91
C GLU D 14 10.68 36.41 54.05
N PRO D 15 10.20 37.13 55.08
CA PRO D 15 8.76 37.49 55.08
C PRO D 15 8.34 38.33 53.94
N LYS D 16 7.10 38.15 53.48
CA LYS D 16 6.55 39.06 52.50
C LYS D 16 6.19 40.43 53.14
N PRO D 17 6.08 41.50 52.36
CA PRO D 17 5.77 42.84 52.93
C PRO D 17 4.61 42.78 53.86
N GLY D 18 4.76 43.29 55.07
CA GLY D 18 3.62 43.34 55.99
C GLY D 18 3.47 42.10 56.87
N TYR D 19 4.29 41.05 56.67
CA TYR D 19 4.11 39.77 57.34
C TYR D 19 5.23 39.60 58.34
N PRO D 20 5.01 38.83 59.38
CA PRO D 20 6.02 38.78 60.40
C PRO D 20 7.25 37.88 60.10
N ASP D 21 8.34 38.21 60.75
CA ASP D 21 9.59 37.44 60.69
C ASP D 21 9.49 36.07 61.34
N LYS D 22 8.72 36.01 62.44
CA LYS D 22 8.39 34.83 63.19
C LYS D 22 6.91 34.81 63.42
N VAL D 23 6.31 33.62 63.33
CA VAL D 23 4.85 33.47 63.52
C VAL D 23 4.38 33.31 64.98
N ALA D 24 5.20 32.74 65.85
CA ALA D 24 4.89 32.63 67.27
C ALA D 24 4.65 34.00 67.85
N GLY D 25 3.48 34.15 68.50
CA GLY D 25 3.04 35.44 69.05
C GLY D 25 2.35 36.36 68.05
N SER D 26 2.38 36.04 66.74
CA SER D 26 1.65 36.83 65.73
C SER D 26 0.21 36.35 65.54
N LYS D 27 -0.53 37.10 64.73
CA LYS D 27 -1.90 36.68 64.34
C LYS D 27 -1.90 35.42 63.48
N TYR D 28 -0.74 35.02 62.96
CA TYR D 28 -0.61 33.75 62.18
C TYR D 28 0.09 32.66 62.92
N ASP D 29 0.11 32.76 64.27
CA ASP D 29 0.65 31.71 65.08
C ASP D 29 -0.09 30.40 64.88
N PRO D 30 0.60 29.30 64.50
CA PRO D 30 -0.18 28.08 64.27
C PRO D 30 -0.62 27.42 65.59
N LYS D 31 0.06 27.77 66.69
CA LYS D 31 -0.32 27.25 68.02
C LYS D 31 -0.38 25.73 68.06
N HIS D 32 0.65 25.04 67.54
CA HIS D 32 0.60 23.61 67.50
C HIS D 32 0.77 23.00 68.93
N ASP D 33 0.03 21.94 69.18
CA ASP D 33 0.12 21.22 70.44
C ASP D 33 1.34 20.29 70.37
N PRO D 34 2.33 20.44 71.28
CA PRO D 34 3.50 19.59 71.19
C PRO D 34 3.21 18.13 71.26
N ASN D 35 2.15 17.74 71.98
CA ASN D 35 1.79 16.33 72.04
C ASN D 35 1.27 15.82 70.70
N GLU D 36 0.50 16.63 69.98
CA GLU D 36 0.05 16.24 68.61
C GLU D 36 1.22 16.10 67.65
N LEU D 37 2.11 17.07 67.67
CA LEU D 37 3.32 17.03 66.82
C LEU D 37 4.13 15.77 66.96
N ASN D 38 4.22 15.24 68.18
CA ASN D 38 4.98 14.03 68.44
C ASN D 38 4.31 12.72 68.14
N LYS D 39 3.06 12.72 67.71
CA LYS D 39 2.38 11.45 67.49
C LYS D 39 2.89 10.56 66.37
N GLN D 40 3.22 11.16 65.24
CA GLN D 40 3.73 10.33 64.14
C GLN D 40 4.96 9.56 64.43
N ALA D 41 5.90 10.21 65.07
CA ALA D 41 7.18 9.55 65.38
C ALA D 41 7.00 8.45 66.45
N GLU D 42 6.14 8.67 67.41
CA GLU D 42 5.74 7.58 68.36
C GLU D 42 5.08 6.36 67.64
N SER D 43 4.15 6.69 66.76
CA SER D 43 3.58 5.64 65.89
C SER D 43 4.65 4.91 65.06
N ILE D 44 5.67 5.61 64.54
CA ILE D 44 6.73 4.94 63.75
C ILE D 44 7.56 4.01 64.63
N LYS D 45 7.85 4.46 65.82
CA LYS D 45 8.60 3.55 66.76
C LYS D 45 7.85 2.28 67.04
N ALA D 46 6.55 2.39 67.20
CA ALA D 46 5.74 1.22 67.53
C ALA D 46 5.66 0.29 66.31
N MET D 47 5.55 0.85 65.09
CA MET D 47 5.62 0.02 63.91
C MET D 47 6.94 -0.73 63.77
N GLU D 48 8.03 0.01 63.96
CA GLU D 48 9.37 -0.51 63.85
C GLU D 48 9.61 -1.63 64.88
N ALA D 49 9.02 -1.49 66.04
CA ALA D 49 9.21 -2.52 67.10
C ALA D 49 8.42 -3.75 66.75
N ARG D 50 7.16 -3.53 66.29
CA ARG D 50 6.36 -4.69 65.79
C ARG D 50 7.06 -5.39 64.62
N ASN D 51 7.60 -4.62 63.66
CA ASN D 51 8.29 -5.23 62.54
C ASN D 51 9.43 -6.05 63.01
N GLN D 52 10.16 -5.52 63.95
CA GLN D 52 11.36 -6.25 64.39
C GLN D 52 10.95 -7.58 65.07
N LYS D 53 9.86 -7.61 65.83
CA LYS D 53 9.27 -8.87 66.32
C LYS D 53 8.95 -9.83 65.24
N ARG D 54 8.38 -9.33 64.13
CA ARG D 54 8.09 -10.23 63.02
C ARG D 54 9.35 -10.79 62.38
N VAL D 55 10.37 -9.97 62.22
CA VAL D 55 11.60 -10.38 61.56
C VAL D 55 12.34 -11.46 62.45
N GLU D 56 12.32 -11.21 63.74
CA GLU D 56 12.96 -12.15 64.71
C GLU D 56 12.20 -13.45 64.69
N ASN D 57 10.87 -13.39 64.77
CA ASN D 57 10.08 -14.60 64.71
C ASN D 57 10.37 -15.39 63.46
N TYR D 58 10.41 -14.70 62.32
CA TYR D 58 10.68 -15.41 61.02
C TYR D 58 12.04 -16.09 61.01
N ALA D 59 13.05 -15.42 61.52
CA ALA D 59 14.43 -16.01 61.55
C ALA D 59 14.40 -17.20 62.58
N LYS D 60 13.59 -17.07 63.63
CA LYS D 60 13.48 -18.15 64.65
C LYS D 60 12.85 -19.46 64.14
N THR D 61 11.76 -19.34 63.38
CA THR D 61 10.87 -20.45 63.06
C THR D 61 10.80 -20.78 61.56
N GLY D 62 11.37 -19.93 60.69
CA GLY D 62 11.22 -20.15 59.26
C GLY D 62 9.82 -19.98 58.72
N LYS D 63 8.88 -19.47 59.52
CA LYS D 63 7.48 -19.31 59.08
C LYS D 63 7.01 -17.91 59.46
N PHE D 64 6.51 -17.17 58.46
CA PHE D 64 6.30 -15.75 58.69
C PHE D 64 4.99 -15.63 59.41
N VAL D 65 4.94 -14.80 60.44
CA VAL D 65 3.69 -14.49 61.15
C VAL D 65 3.57 -13.01 61.26
N TYR D 66 2.47 -12.45 60.72
CA TYR D 66 2.20 -11.00 60.85
C TYR D 66 1.68 -10.55 62.22
N LYS D 67 0.72 -11.30 62.81
CA LYS D 67 0.03 -10.82 64.00
C LYS D 67 0.91 -10.97 65.23
N VAL D 68 1.32 -9.84 65.82
CA VAL D 68 2.36 -9.93 66.85
C VAL D 68 1.89 -10.70 68.09
N GLU D 69 0.60 -10.69 68.37
CA GLU D 69 0.05 -11.40 69.55
C GLU D 69 -0.01 -12.92 69.32
N ASP D 70 0.09 -13.39 68.06
CA ASP D 70 0.23 -14.81 67.78
C ASP D 70 1.69 -15.26 67.74
N ILE D 71 2.64 -14.37 68.02
CA ILE D 71 4.08 -14.73 68.11
C ILE D 71 4.32 -15.06 69.60
N ASN E 1 17.70 44.49 19.23
CA ASN E 1 17.01 43.73 20.33
C ASN E 1 17.65 42.36 20.37
N SER E 2 18.38 42.03 21.44
CA SER E 2 19.22 40.81 21.39
C SER E 2 18.30 39.54 21.50
N GLU E 3 17.15 39.63 22.14
CA GLU E 3 16.22 38.49 22.18
C GLU E 3 15.58 38.26 20.79
N LEU E 4 15.20 39.32 20.10
CA LEU E 4 14.74 39.19 18.71
C LEU E 4 15.79 38.61 17.81
N ASP E 5 17.04 39.04 18.02
CA ASP E 5 18.14 38.46 17.24
C ASP E 5 18.25 36.95 17.49
N ARG E 6 18.20 36.56 18.75
CA ARG E 6 18.30 35.12 19.08
C ARG E 6 17.14 34.29 18.48
N LEU E 7 15.91 34.78 18.61
CA LEU E 7 14.72 34.19 17.95
C LEU E 7 14.84 34.08 16.47
N SER E 8 15.55 35.03 15.82
CA SER E 8 15.80 34.99 14.40
C SER E 8 16.72 33.88 13.96
N LYS E 9 17.46 33.23 14.89
CA LYS E 9 18.39 32.18 14.46
C LYS E 9 17.74 30.81 14.56
N ASP E 10 16.47 30.74 15.00
CA ASP E 10 15.75 29.52 15.22
C ASP E 10 14.90 29.37 13.98
N ASP E 11 15.08 28.23 13.33
CA ASP E 11 14.40 27.94 12.07
C ASP E 11 12.89 27.64 12.22
N ARG E 12 12.41 27.55 13.47
CA ARG E 12 10.98 27.56 13.77
C ARG E 12 10.34 28.91 13.49
N ASN E 13 11.13 29.99 13.39
CA ASN E 13 10.62 31.35 13.36
C ASN E 13 10.98 32.10 12.08
N TRP E 14 10.16 33.14 11.81
CA TRP E 14 10.45 34.14 10.77
C TRP E 14 9.97 35.44 11.44
N VAL E 15 10.86 36.11 12.15
CA VAL E 15 10.49 37.07 13.13
C VAL E 15 10.39 38.52 12.64
N MET E 16 10.92 38.76 11.44
CA MET E 16 10.86 40.11 10.79
C MET E 16 10.81 39.91 9.30
N GLN E 17 10.37 40.93 8.56
CA GLN E 17 10.15 40.75 7.14
C GLN E 17 11.42 40.29 6.41
N THR E 18 12.52 40.92 6.82
CA THR E 18 13.87 40.58 6.39
C THR E 18 14.48 39.30 6.89
N LYS E 19 13.73 38.51 7.70
CA LYS E 19 14.22 37.28 8.38
C LYS E 19 15.12 37.51 9.58
N ASP E 20 16.16 38.32 9.40
CA ASP E 20 17.10 38.58 10.46
C ASP E 20 17.69 39.99 10.23
N TYR E 21 18.46 40.45 11.18
CA TYR E 21 18.93 41.83 11.10
C TYR E 21 19.93 42.11 9.94
N SER E 22 20.51 41.07 9.38
CA SER E 22 21.34 41.15 8.16
C SER E 22 20.59 41.04 6.87
N ALA E 23 19.27 40.80 6.99
CA ALA E 23 18.45 40.59 5.83
C ALA E 23 18.99 39.57 4.88
N THR E 24 19.40 38.43 5.41
CA THR E 24 19.86 37.34 4.58
C THR E 24 18.83 36.68 3.76
N HIS E 25 17.59 36.60 4.26
CA HIS E 25 16.62 35.82 3.59
C HIS E 25 17.13 34.40 3.23
N PHE E 26 17.95 33.84 4.10
CA PHE E 26 18.59 32.55 3.84
C PHE E 26 18.21 31.62 4.98
N SER E 27 17.72 30.46 4.62
CA SER E 27 17.38 29.37 5.61
C SER E 27 18.31 28.20 5.47
N ARG E 28 18.76 27.73 6.63
CA ARG E 28 19.54 26.49 6.72
C ARG E 28 18.72 25.25 6.63
N LEU E 29 17.37 25.35 6.60
CA LEU E 29 16.56 24.17 6.41
C LEU E 29 16.81 23.46 5.07
N THR E 30 16.85 22.13 5.06
CA THR E 30 17.16 21.37 3.88
C THR E 30 16.22 20.26 3.56
N GLU E 31 15.11 20.11 4.29
CA GLU E 31 14.12 19.08 4.01
C GLU E 31 13.61 19.25 2.61
N ILE E 32 13.31 20.50 2.24
CA ILE E 32 12.99 20.83 0.86
C ILE E 32 14.29 21.20 0.14
N ASN E 33 14.65 20.52 -0.95
CA ASN E 33 15.96 20.75 -1.59
C ASN E 33 15.85 20.57 -3.07
N SER E 34 16.95 20.79 -3.82
CA SER E 34 16.87 20.81 -5.23
C SER E 34 16.42 19.52 -5.90
N HIS E 35 16.61 18.40 -5.20
CA HIS E 35 16.32 17.09 -5.78
C HIS E 35 14.94 16.54 -5.37
N ASN E 36 14.24 17.22 -4.47
CA ASN E 36 12.85 16.82 -4.19
C ASN E 36 11.79 17.92 -4.28
N VAL E 37 12.16 19.16 -4.61
CA VAL E 37 11.18 20.29 -4.63
C VAL E 37 10.14 20.01 -5.72
N LYS E 38 10.47 19.25 -6.76
CA LYS E 38 9.45 18.89 -7.68
C LYS E 38 8.19 18.30 -7.01
N ASN E 39 8.33 17.75 -5.80
CA ASN E 39 7.21 17.12 -5.12
C ASN E 39 6.51 18.03 -4.12
N LEU E 40 6.83 19.31 -4.09
CA LEU E 40 6.26 20.21 -3.11
C LEU E 40 4.76 20.41 -3.52
N LYS E 41 3.86 20.36 -2.53
CA LYS E 41 2.42 20.51 -2.74
C LYS E 41 1.85 21.54 -1.77
N VAL E 42 0.68 22.08 -2.13
CA VAL E 42 0.02 23.02 -1.24
C VAL E 42 -0.46 22.23 0.01
N ALA E 43 -0.16 22.73 1.18
CA ALA E 43 -0.53 22.08 2.44
C ALA E 43 -1.83 22.64 2.99
N TRP E 44 -1.95 23.96 2.97
CA TRP E 44 -3.17 24.62 3.41
C TRP E 44 -3.09 26.11 2.96
N THR E 45 -4.25 26.76 2.98
CA THR E 45 -4.39 28.13 2.51
C THR E 45 -5.28 28.94 3.40
N LEU E 46 -5.16 30.25 3.26
CA LEU E 46 -5.99 31.23 4.00
C LEU E 46 -6.37 32.35 3.05
N SER E 47 -7.51 32.98 3.25
CA SER E 47 -7.88 34.18 2.50
C SER E 47 -7.60 35.36 3.38
N THR E 48 -7.15 36.48 2.79
CA THR E 48 -6.94 37.66 3.58
C THR E 48 -8.21 38.53 3.71
N GLY E 49 -9.20 38.29 2.86
CA GLY E 49 -10.45 39.06 2.81
C GLY E 49 -10.33 40.45 2.18
N THR E 50 -9.21 40.74 1.52
CA THR E 50 -8.98 42.00 0.80
C THR E 50 -8.46 41.68 -0.56
N LEU E 51 -8.63 42.67 -1.47
CA LEU E 51 -7.98 42.68 -2.77
C LEU E 51 -6.84 43.71 -2.71
N HIS E 52 -6.32 44.18 -3.85
CA HIS E 52 -5.10 45.01 -3.93
C HIS E 52 -3.83 44.25 -3.54
N GLY E 53 -2.69 44.93 -3.77
CA GLY E 53 -1.40 44.31 -3.72
C GLY E 53 -1.08 43.84 -2.28
N HIS E 54 -0.55 42.61 -2.16
CA HIS E 54 -0.14 42.04 -0.93
C HIS E 54 1.36 41.94 -0.87
N GLU E 55 1.99 43.00 -0.31
CA GLU E 55 3.44 43.04 -0.14
C GLU E 55 3.88 42.46 1.18
N GLY E 56 5.21 42.34 1.34
CA GLY E 56 5.71 41.72 2.55
C GLY E 56 5.31 40.23 2.55
N ALA E 57 5.25 39.65 3.74
CA ALA E 57 4.91 38.24 3.89
C ALA E 57 4.50 38.02 5.35
N PRO E 58 3.99 36.83 5.65
CA PRO E 58 3.72 36.56 7.02
C PRO E 58 4.94 36.56 7.93
N LEU E 59 4.71 36.76 9.24
CA LEU E 59 5.71 36.45 10.29
C LEU E 59 5.25 35.15 10.96
N VAL E 60 6.20 34.43 11.52
CA VAL E 60 5.93 33.23 12.34
C VAL E 60 6.77 33.32 13.57
N VAL E 61 6.17 33.31 14.74
CA VAL E 61 6.96 33.33 16.01
C VAL E 61 6.23 32.51 17.05
N ASP E 62 6.99 31.64 17.68
CA ASP E 62 6.49 30.77 18.83
C ASP E 62 5.18 30.04 18.42
N GLY E 63 5.16 29.50 17.20
CA GLY E 63 4.07 28.69 16.70
C GLY E 63 2.84 29.42 16.21
N ILE E 64 2.90 30.74 16.06
CA ILE E 64 1.81 31.52 15.53
C ILE E 64 2.29 32.21 14.24
N MET E 65 1.47 32.17 13.20
CA MET E 65 1.61 32.96 12.00
C MET E 65 0.75 34.23 12.08
N TYR E 66 1.37 35.36 11.68
CA TYR E 66 0.72 36.66 11.63
C TYR E 66 0.65 37.12 10.18
N ILE E 67 -0.54 37.51 9.80
CA ILE E 67 -0.90 37.92 8.41
C ILE E 67 -1.37 39.39 8.45
N HIS E 68 -1.05 40.16 7.40
CA HIS E 68 -1.47 41.56 7.27
C HIS E 68 -2.02 41.86 5.87
N THR E 69 -2.87 42.91 5.71
CA THR E 69 -3.42 43.14 4.38
C THR E 69 -2.96 44.56 3.92
N PRO E 70 -3.28 44.77 2.60
CA PRO E 70 -3.38 46.15 2.12
C PRO E 70 -4.52 46.89 2.81
N PHE E 71 -4.72 48.17 2.49
CA PHE E 71 -5.69 49.02 3.20
C PHE E 71 -7.07 48.30 3.28
N PRO E 72 -7.75 48.29 4.42
CA PRO E 72 -7.43 48.99 5.72
C PRO E 72 -6.50 48.29 6.72
N ASN E 73 -5.64 47.37 6.23
CA ASN E 73 -4.53 46.88 7.00
C ASN E 73 -5.01 46.00 8.18
N ASN E 74 -5.93 45.10 7.86
CA ASN E 74 -6.34 44.07 8.81
C ASN E 74 -5.17 43.17 9.19
N VAL E 75 -5.20 42.69 10.44
CA VAL E 75 -4.17 41.78 10.96
C VAL E 75 -4.88 40.56 11.57
N TYR E 76 -4.29 39.37 11.37
CA TYR E 76 -4.88 38.12 11.88
C TYR E 76 -3.70 37.30 12.42
N ALA E 77 -3.97 36.53 13.45
CA ALA E 77 -3.04 35.56 14.01
C ALA E 77 -3.65 34.16 13.84
N VAL E 78 -2.81 33.18 13.55
CA VAL E 78 -3.23 31.79 13.33
C VAL E 78 -2.28 30.91 14.10
N ASP E 79 -2.82 30.11 15.01
CA ASP E 79 -2.00 29.10 15.70
C ASP E 79 -1.72 28.00 14.67
N LEU E 80 -0.46 27.64 14.52
CA LEU E 80 -0.07 26.64 13.49
C LEU E 80 -0.51 25.20 13.85
N ASN E 81 -0.95 24.97 15.08
CA ASN E 81 -1.67 23.77 15.46
C ASN E 81 -3.16 23.77 15.11
N ASP E 82 -3.72 24.84 14.59
CA ASP E 82 -5.17 24.96 14.32
C ASP E 82 -5.34 26.01 13.19
N THR E 83 -4.92 25.60 12.00
CA THR E 83 -4.73 26.49 10.87
C THR E 83 -6.01 27.06 10.27
N ARG E 84 -7.15 26.52 10.64
CA ARG E 84 -8.39 27.01 10.11
C ARG E 84 -9.00 28.13 10.95
N LYS E 85 -8.54 28.29 12.17
CA LYS E 85 -9.13 29.25 13.07
C LYS E 85 -8.26 30.49 13.16
N MET E 86 -8.91 31.63 13.25
CA MET E 86 -8.20 32.89 13.54
C MET E 86 -8.14 33.06 15.02
N LEU E 87 -6.93 33.01 15.61
CA LEU E 87 -6.72 33.20 17.04
C LEU E 87 -7.17 34.56 17.48
N TRP E 88 -6.79 35.59 16.76
CA TRP E 88 -7.34 36.91 16.97
C TRP E 88 -7.28 37.77 15.72
N GLN E 89 -8.04 38.88 15.70
CA GLN E 89 -8.08 39.74 14.54
C GLN E 89 -8.03 41.14 15.00
N TYR E 90 -7.47 42.03 14.19
CA TYR E 90 -7.48 43.50 14.50
C TYR E 90 -7.85 44.18 13.19
N LYS E 91 -8.93 44.99 13.21
CA LYS E 91 -9.49 45.59 12.07
C LYS E 91 -9.52 47.10 12.18
N PRO E 92 -8.51 47.76 11.57
CA PRO E 92 -8.47 49.26 11.73
C PRO E 92 -9.68 49.98 11.09
N LYS E 93 -10.09 51.05 11.74
CA LYS E 93 -11.02 52.05 11.20
C LYS E 93 -10.14 53.23 10.75
N GLN E 94 -10.05 53.44 9.46
CA GLN E 94 -9.17 54.47 8.88
C GLN E 94 -10.05 55.30 7.95
N ASN E 95 -9.70 56.56 7.85
CA ASN E 95 -10.38 57.41 6.81
C ASN E 95 -10.12 56.89 5.42
N PRO E 96 -11.17 56.58 4.65
CA PRO E 96 -10.98 56.10 3.28
C PRO E 96 -10.30 57.09 2.31
N ALA E 97 -10.28 58.35 2.69
CA ALA E 97 -9.50 59.35 1.97
C ALA E 97 -8.00 59.02 1.98
N ALA E 98 -7.51 58.24 2.94
CA ALA E 98 -6.12 57.73 2.88
C ALA E 98 -5.84 57.09 1.56
N ARG E 99 -6.81 56.41 0.94
CA ARG E 99 -6.56 55.79 -0.36
C ARG E 99 -6.16 56.73 -1.50
N ALA E 100 -6.64 57.97 -1.43
CA ALA E 100 -6.47 58.90 -2.53
C ALA E 100 -5.11 59.53 -2.60
N VAL E 101 -4.32 59.40 -1.54
CA VAL E 101 -2.94 59.87 -1.56
C VAL E 101 -1.87 58.82 -1.57
N ALA E 102 -2.23 57.60 -1.96
CA ALA E 102 -1.26 56.54 -2.13
C ALA E 102 -0.92 56.60 -3.62
N CYS E 103 0.43 56.56 -3.94
CA CYS E 103 0.72 56.76 -5.37
C CYS E 103 0.51 55.53 -6.21
N CYS E 104 0.94 54.41 -5.68
CA CYS E 104 0.97 53.20 -6.43
C CYS E 104 0.34 52.06 -5.68
N ASP E 105 -0.92 52.16 -5.53
CA ASP E 105 -1.69 51.12 -4.76
C ASP E 105 -1.50 51.23 -3.25
N VAL E 106 -2.46 50.69 -2.53
CA VAL E 106 -2.54 50.82 -1.10
C VAL E 106 -1.88 49.61 -0.39
N VAL E 107 -0.67 49.32 -0.82
CA VAL E 107 0.16 48.21 -0.29
C VAL E 107 0.69 48.55 1.07
N ASN E 108 1.04 47.50 1.79
CA ASN E 108 1.60 47.62 3.13
C ASN E 108 2.65 46.50 3.26
N ARG E 109 3.87 46.83 3.66
CA ARG E 109 5.01 45.90 3.57
C ARG E 109 5.15 45.08 4.85
N GLY E 110 4.26 45.28 5.82
CA GLY E 110 4.00 44.23 6.79
C GLY E 110 4.29 44.52 8.20
N LEU E 111 4.14 43.48 8.98
CA LEU E 111 4.24 43.57 10.44
C LEU E 111 5.67 43.45 10.96
N ALA E 112 5.84 43.94 12.18
CA ALA E 112 7.03 43.62 13.00
C ALA E 112 6.59 43.02 14.31
N TYR E 113 7.57 42.53 15.01
CA TYR E 113 7.42 41.77 16.22
C TYR E 113 8.53 42.05 17.20
N VAL E 114 8.17 42.09 18.49
CA VAL E 114 9.16 42.10 19.59
C VAL E 114 8.74 41.12 20.68
N PRO E 115 9.65 40.34 21.23
CA PRO E 115 9.28 39.39 22.34
C PRO E 115 9.03 40.15 23.64
N ALA E 116 8.44 39.45 24.58
CA ALA E 116 8.16 40.00 25.87
C ALA E 116 9.44 40.39 26.57
N GLY E 117 9.29 41.36 27.42
CA GLY E 117 10.36 41.89 28.18
C GLY E 117 9.86 42.86 29.21
N GLU E 118 10.76 43.69 29.61
CA GLU E 118 10.51 44.73 30.60
C GLU E 118 9.46 45.73 30.15
N HIS E 119 9.45 46.00 28.88
CA HIS E 119 8.42 46.81 28.26
C HIS E 119 6.96 46.23 28.36
N GLY E 120 6.84 44.97 28.76
CA GLY E 120 5.57 44.24 28.70
C GLY E 120 5.52 42.99 27.81
N PRO E 121 4.31 42.54 27.51
CA PRO E 121 4.11 41.36 26.61
C PRO E 121 4.67 41.54 25.24
N ALA E 122 4.91 40.42 24.55
CA ALA E 122 5.28 40.42 23.15
C ALA E 122 4.26 41.24 22.32
N LYS E 123 4.77 41.99 21.38
CA LYS E 123 3.99 42.90 20.59
C LYS E 123 4.13 42.65 19.10
N ILE E 124 3.03 42.86 18.37
CA ILE E 124 3.02 43.04 16.95
C ILE E 124 2.94 44.52 16.65
N PHE E 125 3.73 45.03 15.71
CA PHE E 125 3.60 46.44 15.24
C PHE E 125 3.07 46.48 13.84
N LEU E 126 2.17 47.45 13.62
CA LEU E 126 1.50 47.66 12.38
C LEU E 126 1.65 49.17 12.00
N ASN E 127 2.12 49.44 10.78
CA ASN E 127 2.01 50.82 10.25
C ASN E 127 0.82 50.87 9.39
N GLN E 128 -0.11 51.77 9.68
CA GLN E 128 -1.31 51.92 8.81
C GLN E 128 -1.11 52.91 7.69
N LEU E 129 -1.83 52.74 6.59
CA LEU E 129 -1.79 53.68 5.50
C LEU E 129 -2.04 55.12 5.97
N ASP E 130 -2.99 55.25 6.89
CA ASP E 130 -3.37 56.57 7.44
C ASP E 130 -2.32 57.25 8.32
N GLY E 131 -1.17 56.64 8.50
CA GLY E 131 -0.08 57.26 9.17
C GLY E 131 0.07 56.96 10.65
N HIS E 132 -0.65 55.99 11.18
CA HIS E 132 -0.50 55.62 12.55
C HIS E 132 0.44 54.41 12.68
N ILE E 133 1.16 54.39 13.77
CA ILE E 133 1.89 53.24 14.27
C ILE E 133 1.13 52.68 15.45
N VAL E 134 0.86 51.35 15.40
CA VAL E 134 0.06 50.66 16.39
C VAL E 134 0.80 49.51 16.93
N ALA E 135 0.76 49.38 18.26
CA ALA E 135 1.28 48.27 18.98
C ALA E 135 0.13 47.36 19.47
N LEU E 136 0.19 46.08 19.08
CA LEU E 136 -0.81 45.09 19.47
C LEU E 136 -0.12 44.04 20.39
N ASN E 137 -0.89 43.48 21.34
CA ASN E 137 -0.48 42.26 22.04
C ASN E 137 -0.35 41.10 21.10
N ALA E 138 0.82 40.48 21.06
CA ALA E 138 1.04 39.48 20.03
C ALA E 138 0.16 38.19 20.25
N LYS E 139 -0.22 37.94 21.50
CA LYS E 139 -1.01 36.74 21.80
C LYS E 139 -2.53 36.95 21.78
N THR E 140 -3.01 38.16 22.00
CA THR E 140 -4.42 38.45 22.14
C THR E 140 -4.93 39.42 21.12
N GLY E 141 -4.05 40.17 20.46
CA GLY E 141 -4.48 41.21 19.56
C GLY E 141 -5.02 42.52 20.16
N GLU E 142 -5.03 42.65 21.45
CA GLU E 142 -5.50 43.92 22.06
C GLU E 142 -4.55 45.10 21.72
N GLU E 143 -5.15 46.25 21.48
CA GLU E 143 -4.39 47.45 21.07
C GLU E 143 -3.76 47.97 22.36
N ILE E 144 -2.46 48.09 22.39
CA ILE E 144 -1.73 48.57 23.54
C ILE E 144 -1.48 50.11 23.46
N TRP E 145 -1.02 50.55 22.31
CA TRP E 145 -0.86 51.95 22.03
C TRP E 145 -0.93 52.26 20.55
N LYS E 146 -1.18 53.52 20.23
CA LYS E 146 -1.33 53.98 18.88
C LYS E 146 -0.93 55.43 18.80
N MET E 147 0.00 55.76 17.89
CA MET E 147 0.47 57.13 17.73
C MET E 147 0.36 57.56 16.32
N GLU E 148 0.26 58.89 16.16
CA GLU E 148 0.23 59.55 14.84
C GLU E 148 1.63 59.85 14.31
N ASN E 149 2.02 59.22 13.23
CA ASN E 149 3.30 59.55 12.64
C ASN E 149 3.22 60.52 11.45
N SER E 150 2.28 60.27 10.54
CA SER E 150 2.18 60.90 9.25
C SER E 150 0.74 61.36 9.08
N ASP E 151 0.57 62.50 8.47
CA ASP E 151 -0.74 63.10 8.24
C ASP E 151 -1.14 63.04 6.73
N ILE E 152 -2.21 62.31 6.49
CA ILE E 152 -2.67 62.11 5.13
C ILE E 152 -3.19 63.40 4.45
N ALA E 153 -3.59 64.37 5.24
CA ALA E 153 -4.00 65.69 4.69
C ALA E 153 -2.83 66.35 3.89
N MET E 154 -1.59 66.02 4.28
CA MET E 154 -0.39 66.48 3.61
C MET E 154 0.10 65.56 2.53
N GLY E 155 -0.65 64.50 2.22
CA GLY E 155 -0.16 63.58 1.22
C GLY E 155 0.82 62.58 1.81
N SER E 156 0.88 62.50 3.14
CA SER E 156 1.87 61.66 3.88
C SER E 156 1.20 60.41 4.46
N THR E 157 1.71 59.24 4.04
CA THR E 157 1.11 57.95 4.39
C THR E 157 2.22 57.06 4.95
N LEU E 158 1.84 55.82 5.32
CA LEU E 158 2.87 54.81 5.58
C LEU E 158 2.62 53.60 4.76
N THR E 159 3.69 53.05 4.18
CA THR E 159 3.64 51.79 3.47
C THR E 159 4.76 50.83 3.88
N GLY E 160 5.95 51.31 4.27
CA GLY E 160 7.00 50.42 4.74
C GLY E 160 6.74 49.83 6.12
N ALA E 161 7.26 48.61 6.33
CA ALA E 161 7.13 47.90 7.62
C ALA E 161 7.83 48.61 8.78
N PRO E 162 7.24 48.63 9.98
CA PRO E 162 8.04 48.95 11.16
C PRO E 162 9.27 48.03 11.33
N PHE E 163 10.23 48.52 12.08
CA PHE E 163 11.48 47.82 12.31
C PHE E 163 11.91 47.97 13.76
N VAL E 164 12.05 46.84 14.43
CA VAL E 164 12.31 46.80 15.91
C VAL E 164 13.84 46.69 16.15
N VAL E 165 14.34 47.58 16.96
CA VAL E 165 15.77 47.68 17.35
C VAL E 165 15.86 48.06 18.84
N LYS E 166 16.37 47.14 19.64
CA LYS E 166 16.42 47.24 21.12
C LYS E 166 15.08 47.49 21.73
N ASP E 167 14.84 48.65 22.36
CA ASP E 167 13.56 49.03 22.94
C ASP E 167 12.80 50.04 22.07
N LYS E 168 13.08 50.06 20.79
CA LYS E 168 12.45 51.00 19.87
C LYS E 168 11.80 50.38 18.68
N VAL E 169 10.80 51.05 18.13
CA VAL E 169 10.30 50.63 16.84
C VAL E 169 10.48 51.83 15.90
N LEU E 170 11.05 51.57 14.75
CA LEU E 170 11.29 52.59 13.70
C LEU E 170 10.15 52.61 12.69
N VAL E 171 9.69 53.83 12.36
CA VAL E 171 8.59 54.08 11.45
C VAL E 171 9.09 55.02 10.36
N GLY E 172 9.02 54.61 9.12
CA GLY E 172 9.43 55.40 7.96
C GLY E 172 8.40 56.45 7.53
N SER E 173 8.36 56.74 6.23
CA SER E 173 7.53 57.79 5.69
C SER E 173 7.25 57.40 4.28
N ALA E 174 6.29 58.09 3.70
CA ALA E 174 5.94 57.88 2.31
C ALA E 174 5.18 59.13 1.85
N GLY E 175 5.24 59.35 0.55
CA GLY E 175 4.56 60.52 -0.04
C GLY E 175 5.47 61.45 -0.82
N ALA E 176 6.66 61.03 -1.24
CA ALA E 176 7.51 61.94 -2.06
C ALA E 176 6.84 62.41 -3.32
N GLU E 177 5.96 61.58 -3.90
CA GLU E 177 5.17 62.02 -5.07
C GLU E 177 4.17 63.16 -4.76
N LEU E 178 3.96 63.45 -3.46
CA LEU E 178 3.18 64.54 -2.96
C LEU E 178 3.98 65.62 -2.17
N GLY E 179 5.30 65.70 -2.40
CA GLY E 179 6.13 66.69 -1.76
C GLY E 179 6.31 66.52 -0.29
N VAL E 180 6.13 65.27 0.22
CA VAL E 180 6.47 65.00 1.63
C VAL E 180 7.96 64.96 1.80
N ARG E 181 8.44 65.68 2.78
CA ARG E 181 9.85 65.69 3.14
C ARG E 181 10.06 64.50 4.09
N GLY E 182 10.96 63.63 3.70
CA GLY E 182 11.14 62.35 4.40
C GLY E 182 11.61 62.48 5.81
N TYR E 183 11.18 61.56 6.67
CA TYR E 183 11.74 61.40 7.98
C TYR E 183 11.49 59.99 8.47
N VAL E 184 12.39 59.55 9.34
CA VAL E 184 12.32 58.26 10.02
C VAL E 184 12.25 58.60 11.55
N THR E 185 11.48 57.83 12.29
CA THR E 185 11.09 58.11 13.70
C THR E 185 11.25 56.83 14.53
N ALA E 186 11.93 56.93 15.67
CA ALA E 186 11.99 55.85 16.63
C ALA E 186 11.02 56.13 17.76
N TYR E 187 10.20 55.12 18.06
CA TYR E 187 9.28 55.20 19.19
C TYR E 187 9.71 54.16 20.22
N ASN E 188 9.57 54.48 21.49
CA ASN E 188 9.75 53.50 22.53
C ASN E 188 8.63 52.47 22.51
N ILE E 189 9.02 51.23 22.62
CA ILE E 189 8.05 50.13 22.46
C ILE E 189 7.06 49.99 23.63
N LYS E 190 7.46 50.45 24.83
CA LYS E 190 6.61 50.36 26.02
C LYS E 190 5.39 51.29 25.94
N ASP E 191 5.63 52.55 25.61
CA ASP E 191 4.60 53.58 25.67
C ASP E 191 4.38 54.40 24.40
N GLY E 192 5.10 54.08 23.32
CA GLY E 192 5.00 54.85 22.10
C GLY E 192 5.56 56.28 22.15
N LYS E 193 6.46 56.59 23.11
CA LYS E 193 7.10 57.93 23.18
C LYS E 193 8.15 58.08 22.07
N GLN E 194 7.99 59.11 21.31
CA GLN E 194 8.94 59.41 20.25
C GLN E 194 10.32 59.65 20.87
N GLU E 195 11.32 58.92 20.42
CA GLU E 195 12.69 59.03 20.93
C GLU E 195 13.53 59.96 20.07
N TRP E 196 13.48 59.79 18.75
CA TRP E 196 14.16 60.68 17.85
C TRP E 196 13.52 60.65 16.45
N ARG E 197 13.87 61.62 15.61
CA ARG E 197 13.22 61.82 14.31
C ARG E 197 14.27 62.47 13.48
N ALA E 198 14.68 61.75 12.44
CA ALA E 198 15.66 62.22 11.50
C ALA E 198 15.05 62.49 10.17
N TYR E 199 15.21 63.74 9.70
CA TYR E 199 14.75 64.12 8.36
C TYR E 199 15.81 63.90 7.29
N ALA E 200 15.36 63.82 6.02
CA ALA E 200 16.22 63.50 4.90
C ALA E 200 16.83 64.80 4.22
N THR E 201 16.26 65.94 4.57
CA THR E 201 16.65 67.23 3.92
C THR E 201 16.60 68.28 5.03
N GLY E 202 17.19 69.44 4.74
CA GLY E 202 17.13 70.58 5.60
C GLY E 202 18.36 70.81 6.48
N PRO E 203 18.16 71.52 7.53
CA PRO E 203 19.26 71.84 8.40
C PRO E 203 19.84 70.65 9.16
N ASP E 204 21.14 70.72 9.44
CA ASP E 204 21.86 69.65 10.10
C ASP E 204 21.13 69.18 11.40
N GLU E 205 20.49 70.06 12.19
CA GLU E 205 19.83 69.59 13.40
C GLU E 205 18.66 68.65 13.06
N ASP E 206 18.03 68.87 11.92
CA ASP E 206 16.94 67.99 11.46
C ASP E 206 17.43 66.67 10.89
N LEU E 207 18.54 66.72 10.15
CA LEU E 207 19.22 65.53 9.63
C LEU E 207 19.71 64.53 10.70
N LEU E 208 20.07 65.05 11.86
CA LEU E 208 20.59 64.30 13.02
C LEU E 208 21.89 63.66 12.62
N LEU E 209 22.96 64.47 12.63
CA LEU E 209 24.28 64.03 12.22
C LEU E 209 25.14 63.85 13.48
N ASP E 210 25.94 62.78 13.50
CA ASP E 210 26.97 62.65 14.49
C ASP E 210 28.06 63.78 14.24
N LYS E 211 28.68 64.28 15.29
CA LYS E 211 29.85 65.20 15.13
C LYS E 211 30.87 64.64 14.15
N ASP E 212 31.05 63.33 14.12
CA ASP E 212 31.99 62.68 13.20
C ASP E 212 31.34 62.12 11.93
N PHE E 213 30.18 62.63 11.54
CA PHE E 213 29.51 62.22 10.25
C PHE E 213 30.44 62.29 9.06
N ASN E 214 30.60 61.14 8.39
CA ASN E 214 31.42 61.01 7.22
C ASN E 214 32.91 61.36 7.45
N LYS E 215 33.38 61.12 8.69
CA LYS E 215 34.82 61.27 9.05
C LYS E 215 35.67 60.43 8.12
N ASP E 216 35.22 59.20 7.82
CA ASP E 216 36.02 58.27 7.06
C ASP E 216 35.99 58.61 5.57
N ASN E 217 34.95 59.29 5.06
CA ASN E 217 34.87 59.64 3.64
C ASN E 217 34.35 61.09 3.55
N PRO E 218 35.19 62.07 3.89
CA PRO E 218 34.75 63.48 3.89
C PRO E 218 34.32 63.95 2.52
N HIS E 219 34.83 63.32 1.49
CA HIS E 219 34.42 63.66 0.14
C HIS E 219 32.98 63.28 -0.26
N TYR E 220 32.29 62.51 0.58
CA TYR E 220 30.87 62.29 0.40
C TYR E 220 30.12 63.55 0.74
N GLY E 221 30.73 64.45 1.52
CA GLY E 221 30.06 65.62 1.97
C GLY E 221 29.83 65.53 3.47
N GLN E 222 29.83 66.65 4.20
CA GLN E 222 29.55 66.58 5.61
C GLN E 222 28.48 67.53 6.02
N PHE E 223 28.81 68.71 6.54
CA PHE E 223 27.82 69.54 7.15
C PHE E 223 27.28 70.63 6.22
N GLY E 224 26.03 71.05 6.50
CA GLY E 224 25.25 72.07 5.85
C GLY E 224 24.66 71.74 4.51
N LEU E 225 24.87 70.50 4.04
CA LEU E 225 24.51 70.14 2.68
C LEU E 225 23.03 69.91 2.47
N GLY E 226 22.29 69.69 3.54
CA GLY E 226 20.83 69.57 3.45
C GLY E 226 20.12 70.87 3.20
N LEU E 227 20.86 71.98 3.37
CA LEU E 227 20.39 73.34 2.92
C LEU E 227 21.10 73.82 1.67
N SER E 228 22.42 73.67 1.63
CA SER E 228 23.20 74.23 0.53
C SER E 228 23.08 73.55 -0.82
N THR E 229 22.59 72.28 -0.86
CA THR E 229 22.35 71.63 -2.12
C THR E 229 20.93 71.78 -2.63
N TRP E 230 20.20 72.74 -2.07
CA TRP E 230 18.92 73.19 -2.55
C TRP E 230 18.93 74.71 -2.70
N GLU E 231 18.01 75.21 -3.52
CA GLU E 231 17.78 76.67 -3.64
C GLU E 231 16.65 77.09 -2.73
N GLY E 232 16.96 77.96 -1.77
CA GLY E 232 15.97 78.51 -0.87
C GLY E 232 15.29 77.40 -0.06
N ASP E 233 13.96 77.48 0.05
CA ASP E 233 13.18 76.63 0.93
C ASP E 233 12.63 75.36 0.19
N ALA E 234 13.22 74.99 -0.95
CA ALA E 234 12.70 73.87 -1.76
C ALA E 234 12.94 72.51 -1.04
N TRP E 235 13.86 72.47 -0.09
CA TRP E 235 14.04 71.29 0.75
C TRP E 235 12.85 70.96 1.65
N LYS E 236 11.97 71.93 1.93
CA LYS E 236 10.84 71.71 2.85
C LYS E 236 9.82 70.71 2.29
N ILE E 237 9.81 70.55 0.99
CA ILE E 237 8.88 69.68 0.22
C ILE E 237 9.70 68.74 -0.62
N GLY E 238 10.87 68.39 -0.08
CA GLY E 238 11.91 67.85 -0.91
C GLY E 238 12.02 66.34 -1.06
N GLY E 239 11.05 65.57 -0.56
CA GLY E 239 11.10 64.10 -0.67
C GLY E 239 12.11 63.44 0.25
N GLY E 240 12.73 62.33 -0.22
CA GLY E 240 13.62 61.56 0.67
C GLY E 240 12.87 60.71 1.71
N THR E 241 11.61 60.42 1.45
CA THR E 241 10.84 59.47 2.27
C THR E 241 11.52 58.11 2.26
N ASN E 242 11.37 57.40 3.35
CA ASN E 242 11.94 56.03 3.48
C ASN E 242 10.83 55.01 3.75
N TRP E 243 10.49 54.29 2.68
CA TRP E 243 9.34 53.38 2.66
C TRP E 243 9.80 51.94 2.38
N GLY E 244 11.12 51.70 2.42
CA GLY E 244 11.73 50.39 2.17
C GLY E 244 12.15 49.73 3.43
N TRP E 245 13.36 49.21 3.44
CA TRP E 245 13.76 48.21 4.44
C TRP E 245 15.01 48.64 5.18
N TYR E 246 15.25 48.07 6.32
CA TYR E 246 16.40 48.40 7.16
C TYR E 246 17.20 47.16 7.42
N ALA E 247 18.43 47.39 7.89
CA ALA E 247 19.22 46.40 8.48
C ALA E 247 19.88 46.99 9.75
N TYR E 248 20.48 46.12 10.57
CA TYR E 248 20.99 46.50 11.84
C TYR E 248 22.17 45.61 12.15
N ASP E 249 23.26 46.24 12.61
CA ASP E 249 24.46 45.47 13.09
C ASP E 249 24.54 45.72 14.60
N PRO E 250 24.27 44.69 15.42
CA PRO E 250 24.26 44.96 16.84
C PRO E 250 25.59 45.17 17.46
N LYS E 251 26.66 44.71 16.83
CA LYS E 251 28.02 44.94 17.36
C LYS E 251 28.41 46.47 17.19
N LEU E 252 28.04 47.07 16.08
CA LEU E 252 28.27 48.50 15.83
C LEU E 252 27.14 49.35 16.41
N ASP E 253 26.00 48.74 16.81
CA ASP E 253 24.79 49.46 17.18
C ASP E 253 24.37 50.53 16.11
N MET E 254 24.36 50.06 14.85
CA MET E 254 24.06 50.85 13.68
C MET E 254 22.90 50.30 12.87
N ILE E 255 22.03 51.20 12.45
CA ILE E 255 20.90 50.94 11.59
C ILE E 255 21.21 51.52 10.21
N TYR E 256 20.86 50.77 9.18
CA TYR E 256 21.11 51.11 7.77
C TYR E 256 19.78 51.17 7.02
N TYR E 257 19.59 52.17 6.16
CA TYR E 257 18.42 52.29 5.36
C TYR E 257 18.76 53.34 4.29
N GLY E 258 17.93 53.39 3.26
CA GLY E 258 18.09 54.35 2.10
C GLY E 258 16.92 55.36 2.11
N SER E 259 17.23 56.65 1.90
CA SER E 259 16.22 57.65 1.74
C SER E 259 15.90 57.77 0.22
N GLY E 260 14.66 58.14 -0.07
CA GLY E 260 14.12 58.04 -1.37
C GLY E 260 14.36 59.27 -2.23
N ASN E 261 13.51 59.43 -3.23
CA ASN E 261 13.76 60.41 -4.30
C ASN E 261 13.40 61.84 -3.82
N PRO E 262 14.09 62.84 -4.38
CA PRO E 262 13.65 64.21 -4.13
C PRO E 262 12.37 64.54 -4.89
N ALA E 263 11.64 65.56 -4.42
CA ALA E 263 10.43 66.01 -5.07
C ALA E 263 10.63 67.48 -5.58
N PRO E 264 10.05 67.84 -6.70
CA PRO E 264 9.16 67.02 -7.57
C PRO E 264 9.96 66.10 -8.46
N TRP E 265 9.34 65.26 -9.32
CA TRP E 265 10.09 64.54 -10.32
C TRP E 265 10.77 65.52 -11.32
N ASN E 266 10.20 66.72 -11.48
CA ASN E 266 10.76 67.73 -12.42
C ASN E 266 12.03 68.29 -11.86
N GLU E 267 13.12 67.81 -12.44
CA GLU E 267 14.50 68.15 -11.86
C GLU E 267 14.81 69.66 -11.96
N THR E 268 14.22 70.31 -12.97
CA THR E 268 14.47 71.73 -13.24
C THR E 268 13.92 72.64 -12.16
N MET E 269 12.84 72.23 -11.49
CA MET E 269 12.33 72.97 -10.36
C MET E 269 13.15 72.85 -9.10
N ARG E 270 14.20 72.02 -9.11
CA ARG E 270 14.97 71.85 -7.87
C ARG E 270 16.47 71.70 -8.13
N PRO E 271 17.09 72.77 -8.63
CA PRO E 271 18.53 72.67 -8.83
C PRO E 271 19.28 72.36 -7.53
N GLY E 272 20.36 71.60 -7.72
CA GLY E 272 21.33 71.26 -6.68
C GLY E 272 21.40 69.73 -6.48
N ASP E 273 22.38 69.29 -5.67
CA ASP E 273 22.53 67.87 -5.35
C ASP E 273 21.32 67.31 -4.57
N ASN E 274 20.53 68.15 -3.93
CA ASN E 274 19.30 67.70 -3.28
C ASN E 274 19.62 66.67 -2.12
N LYS E 275 20.74 66.89 -1.43
CA LYS E 275 21.05 66.06 -0.27
C LYS E 275 20.04 66.30 0.87
N TRP E 276 19.74 65.26 1.68
CA TRP E 276 20.30 63.93 1.53
C TRP E 276 19.21 62.94 1.07
N THR E 277 18.50 63.28 0.03
CA THR E 277 17.72 62.29 -0.72
C THR E 277 18.71 61.31 -1.30
N MET E 278 18.20 60.14 -1.64
CA MET E 278 18.92 59.14 -2.37
C MET E 278 20.22 58.69 -1.68
N THR E 279 20.15 58.52 -0.40
CA THR E 279 21.31 58.34 0.45
C THR E 279 21.26 57.04 1.25
N ILE E 280 22.40 56.33 1.26
CA ILE E 280 22.62 55.15 2.16
C ILE E 280 23.10 55.69 3.52
N TRP E 281 22.31 55.45 4.58
CA TRP E 281 22.59 55.91 5.90
C TRP E 281 23.04 54.78 6.79
N GLY E 282 23.93 55.14 7.72
CA GLY E 282 24.37 54.31 8.84
C GLY E 282 24.17 55.16 10.04
N ARG E 283 23.12 54.89 10.81
CA ARG E 283 22.77 55.75 11.98
C ARG E 283 22.92 55.02 13.26
N ASP E 284 23.40 55.72 14.27
CA ASP E 284 23.45 55.14 15.64
C ASP E 284 21.99 54.79 16.10
N ALA E 285 21.80 53.62 16.70
CA ALA E 285 20.45 53.18 17.17
C ALA E 285 19.81 54.01 18.27
N ASP E 286 20.58 54.40 19.28
CA ASP E 286 20.02 55.11 20.44
C ASP E 286 19.62 56.55 20.10
N THR E 287 20.48 57.21 19.34
CA THR E 287 20.35 58.64 19.11
C THR E 287 19.78 58.89 17.77
N GLY E 288 19.95 57.98 16.84
CA GLY E 288 19.58 58.26 15.44
C GLY E 288 20.64 59.05 14.65
N ARG E 289 21.75 59.40 15.31
CA ARG E 289 22.78 60.27 14.69
C ARG E 289 23.54 59.55 13.61
N ALA E 290 23.56 60.13 12.42
CA ALA E 290 24.23 59.49 11.29
C ALA E 290 25.73 59.49 11.47
N LYS E 291 26.34 58.30 11.37
CA LYS E 291 27.74 58.12 11.27
C LYS E 291 28.26 58.21 9.86
N PHE E 292 27.50 57.76 8.90
CA PHE E 292 27.84 57.98 7.49
C PHE E 292 26.59 58.15 6.69
N GLY E 293 26.78 58.70 5.50
CA GLY E 293 25.73 58.95 4.53
C GLY E 293 26.37 59.08 3.18
N TYR E 294 26.01 58.20 2.26
CA TYR E 294 26.50 58.20 0.92
C TYR E 294 25.38 58.50 -0.04
N GLN E 295 25.48 59.59 -0.80
CA GLN E 295 24.38 59.91 -1.72
C GLN E 295 24.64 59.15 -2.99
N LYS E 296 23.75 58.23 -3.33
CA LYS E 296 23.97 57.40 -4.53
C LYS E 296 23.66 58.14 -5.88
N THR E 297 22.61 58.94 -5.85
CA THR E 297 22.07 59.59 -7.06
C THR E 297 21.87 61.11 -6.74
N PRO E 298 22.97 61.88 -6.79
CA PRO E 298 22.85 63.33 -6.57
C PRO E 298 21.97 63.95 -7.63
N HIS E 299 21.14 64.88 -7.20
CA HIS E 299 20.24 65.55 -8.15
C HIS E 299 19.50 64.56 -9.04
N ASP E 300 18.67 63.71 -8.41
CA ASP E 300 17.90 62.74 -9.19
C ASP E 300 17.12 63.40 -10.31
N GLU E 301 17.18 62.77 -11.46
CA GLU E 301 16.39 63.13 -12.66
C GLU E 301 15.41 62.06 -13.13
N TRP E 302 15.23 60.99 -12.35
CA TRP E 302 14.62 59.78 -12.89
C TRP E 302 13.67 59.04 -11.92
N ASP E 303 13.47 59.58 -10.71
CA ASP E 303 12.83 58.84 -9.58
C ASP E 303 13.48 57.50 -9.36
N TYR E 304 14.80 57.47 -9.18
CA TYR E 304 15.45 56.23 -8.69
C TYR E 304 15.40 56.12 -7.12
N ALA E 305 14.20 56.17 -6.55
CA ALA E 305 14.04 56.31 -5.08
C ALA E 305 14.90 55.30 -4.35
N GLY E 306 15.73 55.82 -3.45
CA GLY E 306 16.87 55.06 -2.93
C GLY E 306 16.54 54.16 -1.75
N VAL E 307 15.33 53.57 -1.75
CA VAL E 307 14.76 52.90 -0.58
C VAL E 307 14.96 51.38 -0.52
N ASN E 308 15.62 50.80 -1.51
CA ASN E 308 15.75 49.34 -1.56
C ASN E 308 16.48 48.73 -0.42
N TYR E 309 16.39 47.38 -0.32
CA TYR E 309 16.85 46.77 0.89
C TYR E 309 18.38 46.77 1.04
N MET E 310 18.82 46.46 2.27
CA MET E 310 20.24 46.45 2.67
C MET E 310 20.54 45.05 3.17
N GLY E 311 21.43 44.33 2.49
CA GLY E 311 21.82 42.99 2.85
C GLY E 311 23.23 42.94 3.43
N LEU E 312 23.35 42.48 4.69
CA LEU E 312 24.65 42.53 5.41
C LEU E 312 25.35 41.21 5.18
N SER E 313 26.68 41.27 4.97
CA SER E 313 27.51 40.09 4.81
C SER E 313 28.94 40.42 5.30
N GLU E 314 29.74 39.37 5.44
CA GLU E 314 31.14 39.53 5.80
C GLU E 314 31.89 38.79 4.71
N GLN E 315 32.69 39.52 3.87
CA GLN E 315 33.32 38.87 2.72
C GLN E 315 34.76 39.47 2.60
N GLU E 316 35.64 38.74 1.94
CA GLU E 316 36.98 39.27 1.65
C GLU E 316 36.98 40.39 0.61
N VAL E 317 37.64 41.49 0.97
CA VAL E 317 37.89 42.64 0.15
C VAL E 317 39.43 42.77 0.16
N ASP E 318 40.07 42.45 -0.97
CA ASP E 318 41.56 42.51 -1.07
C ASP E 318 42.18 41.58 -0.06
N GLY E 319 41.62 40.37 0.08
CA GLY E 319 42.09 39.42 1.08
C GLY E 319 41.80 39.72 2.55
N LYS E 320 41.10 40.78 2.87
CA LYS E 320 40.78 41.07 4.29
C LYS E 320 39.24 40.88 4.53
N LEU E 321 38.86 40.10 5.54
CA LEU E 321 37.43 39.84 5.84
C LEU E 321 36.80 41.10 6.45
N THR E 322 35.77 41.61 5.80
CA THR E 322 35.26 42.97 6.03
C THR E 322 33.74 42.90 6.26
N PRO E 323 33.19 43.71 7.20
CA PRO E 323 31.71 43.81 7.33
C PRO E 323 31.15 44.74 6.28
N LEU E 324 30.24 44.21 5.49
CA LEU E 324 29.72 44.88 4.30
C LEU E 324 28.19 45.04 4.37
N LEU E 325 27.70 46.01 3.62
CA LEU E 325 26.32 46.06 3.18
C LEU E 325 26.31 46.05 1.69
N THR E 326 25.26 45.47 1.15
CA THR E 326 25.05 45.33 -0.26
C THR E 326 23.65 45.80 -0.54
N HIS E 327 23.47 46.60 -1.59
CA HIS E 327 22.24 47.38 -1.80
C HIS E 327 21.96 47.56 -3.28
N PRO E 328 20.99 46.79 -3.84
CA PRO E 328 20.71 46.88 -5.29
C PRO E 328 19.76 48.03 -5.45
N ASP E 329 20.24 49.15 -5.93
CA ASP E 329 19.35 50.37 -6.02
C ASP E 329 18.41 50.39 -7.25
N ARG E 330 17.38 51.20 -7.19
CA ARG E 330 16.58 51.52 -8.34
C ARG E 330 17.39 51.98 -9.55
N ASN E 331 18.48 52.72 -9.30
CA ASN E 331 19.30 53.31 -10.41
C ASN E 331 20.08 52.27 -11.21
N GLY E 332 19.94 50.96 -10.86
CA GLY E 332 20.53 49.92 -11.61
C GLY E 332 21.97 49.58 -11.19
N LEU E 333 22.47 50.20 -10.16
CA LEU E 333 23.78 49.84 -9.60
C LEU E 333 23.57 49.01 -8.34
N VAL E 334 24.48 48.05 -8.13
CA VAL E 334 24.58 47.29 -6.89
C VAL E 334 25.73 47.86 -6.11
N TYR E 335 25.43 48.47 -4.97
CA TYR E 335 26.42 49.05 -4.09
C TYR E 335 26.79 48.11 -3.02
N THR E 336 28.08 48.03 -2.75
CA THR E 336 28.63 47.38 -1.59
C THR E 336 29.53 48.32 -0.84
N LEU E 337 29.20 48.61 0.41
CA LEU E 337 29.93 49.52 1.29
C LEU E 337 30.47 48.76 2.48
N ASN E 338 31.64 49.21 2.97
CA ASN E 338 32.02 48.86 4.34
C ASN E 338 31.03 49.42 5.32
N ARG E 339 30.41 48.56 6.15
CA ARG E 339 29.23 49.00 6.89
C ARG E 339 29.62 49.62 8.19
N GLU E 340 30.92 49.64 8.48
CA GLU E 340 31.45 50.32 9.61
C GLU E 340 31.88 51.78 9.25
N THR E 341 32.61 51.94 8.15
CA THR E 341 33.19 53.26 7.76
C THR E 341 32.39 53.99 6.73
N GLY E 342 31.57 53.23 6.02
CA GLY E 342 30.82 53.77 4.91
C GLY E 342 31.60 53.81 3.62
N ALA E 343 32.84 53.31 3.61
CA ALA E 343 33.63 53.33 2.37
C ALA E 343 33.06 52.49 1.27
N LEU E 344 33.15 53.02 0.08
CA LEU E 344 32.67 52.32 -1.07
C LEU E 344 33.64 51.22 -1.49
N VAL E 345 33.14 50.01 -1.64
CA VAL E 345 33.90 48.87 -2.08
C VAL E 345 33.60 48.59 -3.53
N ASN E 346 32.34 48.56 -3.96
CA ASN E 346 32.01 48.39 -5.37
C ASN E 346 30.66 48.96 -5.65
N ALA E 347 30.41 49.20 -6.94
CA ALA E 347 29.14 49.79 -7.44
C ALA E 347 29.13 49.44 -8.89
N PHE E 348 28.50 48.32 -9.22
CA PHE E 348 28.55 47.72 -10.52
C PHE E 348 27.17 47.68 -11.09
N LYS E 349 27.04 47.68 -12.41
CA LYS E 349 25.72 47.66 -13.04
C LYS E 349 25.05 46.29 -12.91
N ILE E 350 23.80 46.28 -12.44
CA ILE E 350 23.05 45.03 -12.30
C ILE E 350 22.71 44.41 -13.66
N ASP E 351 22.66 45.23 -14.71
CA ASP E 351 22.50 44.78 -16.07
C ASP E 351 23.27 45.79 -16.93
N ASP E 352 23.93 45.32 -17.98
CA ASP E 352 24.88 46.27 -18.72
C ASP E 352 24.19 47.36 -19.58
N THR E 353 22.87 47.37 -19.62
CA THR E 353 22.10 48.33 -20.35
C THR E 353 21.86 49.59 -19.58
N VAL E 354 22.19 49.63 -18.28
CA VAL E 354 22.01 50.87 -17.51
C VAL E 354 22.81 51.96 -18.26
N ASN E 355 22.22 53.14 -18.40
CA ASN E 355 22.75 54.19 -19.33
C ASN E 355 22.71 55.61 -18.86
N TRP E 356 22.01 55.89 -17.77
CA TRP E 356 22.07 57.25 -17.17
C TRP E 356 23.43 57.59 -16.64
N VAL E 357 24.19 56.55 -16.29
CA VAL E 357 25.48 56.63 -15.67
C VAL E 357 26.41 55.84 -16.53
N LYS E 358 27.61 56.37 -16.80
CA LYS E 358 28.65 55.60 -17.50
C LYS E 358 29.29 54.60 -16.55
N LYS E 359 29.79 55.09 -15.40
CA LYS E 359 30.26 54.25 -14.33
C LYS E 359 30.36 55.14 -13.09
N VAL E 360 30.46 54.51 -11.90
CA VAL E 360 30.74 55.21 -10.68
C VAL E 360 32.26 55.16 -10.53
N ASP E 361 32.84 56.32 -10.30
CA ASP E 361 34.27 56.38 -10.02
C ASP E 361 34.39 56.08 -8.55
N LEU E 362 35.02 54.93 -8.24
CA LEU E 362 35.02 54.41 -6.83
C LEU E 362 35.85 55.27 -5.92
N LYS E 363 36.86 55.95 -6.48
CA LYS E 363 37.69 56.84 -5.63
C LYS E 363 36.95 58.11 -5.21
N THR E 364 36.22 58.73 -6.10
CA THR E 364 35.51 59.97 -5.75
C THR E 364 34.11 59.66 -5.17
N GLY E 365 33.61 58.50 -5.56
CA GLY E 365 32.28 58.05 -5.14
C GLY E 365 31.16 58.55 -6.06
N LEU E 366 31.51 59.23 -7.17
CA LEU E 366 30.56 59.98 -7.95
C LEU E 366 30.15 59.20 -9.15
N PRO E 367 28.83 59.17 -9.43
CA PRO E 367 28.49 58.63 -10.67
C PRO E 367 28.81 59.57 -11.85
N ILE E 368 29.45 59.05 -12.88
CA ILE E 368 29.77 59.85 -14.08
C ILE E 368 28.55 59.78 -14.99
N ARG E 369 27.85 60.90 -15.08
CA ARG E 369 26.58 61.01 -15.82
C ARG E 369 26.71 61.04 -17.32
N ASP E 370 25.80 60.37 -18.01
CA ASP E 370 25.72 60.53 -19.45
C ASP E 370 24.65 61.50 -19.82
N PRO E 371 25.05 62.69 -20.37
CA PRO E 371 24.04 63.71 -20.59
C PRO E 371 23.03 63.31 -21.64
N GLU E 372 23.32 62.31 -22.46
CA GLU E 372 22.34 61.89 -23.42
C GLU E 372 21.11 61.27 -22.76
N TYR E 373 21.21 60.85 -21.50
CA TYR E 373 20.06 60.19 -20.81
C TYR E 373 19.65 60.99 -19.57
N SER E 374 20.01 62.28 -19.56
CA SER E 374 19.48 63.21 -18.57
C SER E 374 18.00 63.56 -18.83
N THR E 375 17.30 64.12 -17.82
CA THR E 375 15.99 64.69 -18.05
C THR E 375 16.07 66.14 -17.67
N ARG E 376 15.15 66.89 -18.25
CA ARG E 376 15.11 68.36 -18.15
C ARG E 376 13.90 68.95 -18.85
N MET E 377 13.45 70.10 -18.37
CA MET E 377 12.30 70.79 -18.91
C MET E 377 12.53 71.06 -20.39
N ASP E 378 11.47 70.99 -21.15
CA ASP E 378 11.49 71.32 -22.60
C ASP E 378 12.21 70.33 -23.42
N HIS E 379 12.27 69.08 -22.93
CA HIS E 379 12.90 68.01 -23.62
C HIS E 379 12.16 66.70 -23.26
N ASN E 380 11.97 65.86 -24.25
CA ASN E 380 11.43 64.55 -24.06
C ASN E 380 12.60 63.58 -24.19
N ALA E 381 13.06 63.12 -23.05
CA ALA E 381 14.22 62.22 -23.00
C ALA E 381 13.82 60.81 -23.37
N LYS E 382 14.56 60.20 -24.28
CA LYS E 382 14.20 58.88 -24.78
C LYS E 382 15.16 57.77 -24.43
N GLY E 383 14.62 56.57 -24.14
CA GLY E 383 15.46 55.43 -23.98
C GLY E 383 16.41 55.37 -22.76
N ILE E 384 15.96 55.89 -21.63
CA ILE E 384 16.68 55.88 -20.41
C ILE E 384 16.49 54.53 -19.66
N CYS E 385 17.60 53.91 -19.27
CA CYS E 385 17.60 52.66 -18.53
C CYS E 385 18.35 52.89 -17.24
N PRO E 386 17.78 52.57 -16.07
CA PRO E 386 16.43 52.10 -15.87
C PRO E 386 15.38 53.18 -16.01
N SER E 387 14.15 52.72 -16.15
CA SER E 387 12.99 53.55 -15.82
C SER E 387 12.87 53.87 -14.36
N ALA E 388 11.92 54.75 -14.04
CA ALA E 388 11.66 55.06 -12.66
C ALA E 388 11.29 53.85 -11.81
N MET E 389 10.76 52.78 -12.43
CA MET E 389 10.42 51.55 -11.64
C MET E 389 11.68 50.83 -11.16
N GLY E 390 12.84 51.18 -11.72
CA GLY E 390 14.16 50.67 -11.36
C GLY E 390 14.51 49.40 -12.09
N TYR E 391 15.79 49.04 -12.11
CA TYR E 391 16.12 47.62 -12.46
C TYR E 391 15.99 46.74 -11.20
N HIS E 392 15.85 47.38 -10.07
CA HIS E 392 15.40 46.73 -8.80
C HIS E 392 14.47 47.61 -8.02
N ASN E 393 13.41 47.04 -7.40
CA ASN E 393 12.48 47.78 -6.60
C ASN E 393 12.45 47.19 -5.17
N GLN E 394 11.26 47.18 -4.52
CA GLN E 394 11.05 46.96 -3.11
C GLN E 394 11.26 45.49 -2.62
N GLY E 395 11.58 44.58 -3.52
CA GLY E 395 11.79 43.18 -3.12
C GLY E 395 12.94 42.98 -2.19
N ILE E 396 12.75 42.22 -1.09
CA ILE E 396 13.88 41.84 -0.24
C ILE E 396 14.59 40.62 -0.86
N GLU E 397 15.90 40.75 -1.08
CA GLU E 397 16.64 39.70 -1.71
C GLU E 397 17.39 38.81 -0.74
N SER E 398 18.14 37.86 -1.27
CA SER E 398 18.71 36.81 -0.50
C SER E 398 20.17 36.57 -0.77
N TYR E 399 20.83 36.05 0.22
CA TYR E 399 22.32 35.81 0.22
C TYR E 399 22.67 34.42 0.77
N ASP E 400 23.31 33.62 -0.04
CA ASP E 400 23.82 32.33 0.43
C ASP E 400 25.28 32.49 0.83
N PRO E 401 25.57 32.39 2.13
CA PRO E 401 26.91 32.67 2.64
C PRO E 401 27.93 31.57 2.31
N ASP E 402 27.48 30.41 1.91
CA ASP E 402 28.40 29.34 1.49
C ASP E 402 28.90 29.66 0.07
N LYS E 403 28.03 30.14 -0.80
CA LYS E 403 28.36 30.44 -2.14
C LYS E 403 28.85 31.87 -2.30
N LYS E 404 28.63 32.74 -1.29
CA LYS E 404 28.86 34.19 -1.43
C LYS E 404 28.16 34.76 -2.64
N LEU E 405 26.89 34.38 -2.79
CA LEU E 405 26.08 34.90 -3.91
C LEU E 405 24.80 35.52 -3.33
N PHE E 406 24.47 36.69 -3.87
CA PHE E 406 23.14 37.24 -3.78
C PHE E 406 22.27 36.79 -4.95
N PHE E 407 21.00 36.53 -4.68
CA PHE E 407 20.06 36.16 -5.68
C PHE E 407 19.00 37.23 -5.72
N MET E 408 18.74 37.74 -6.90
CA MET E 408 17.86 38.88 -7.02
C MET E 408 16.90 38.79 -8.12
N GLY E 409 15.67 39.15 -7.78
CA GLY E 409 14.64 39.46 -8.77
C GLY E 409 14.85 40.83 -9.35
N VAL E 410 14.97 40.88 -10.69
CA VAL E 410 15.40 42.10 -11.39
C VAL E 410 14.34 42.57 -12.38
N ASN E 411 14.28 43.87 -12.60
CA ASN E 411 13.33 44.44 -13.63
C ASN E 411 14.17 44.83 -14.85
N HIS E 412 13.58 44.80 -16.03
CA HIS E 412 14.24 45.18 -17.29
C HIS E 412 13.27 46.13 -18.06
N ILE E 413 13.19 47.32 -17.51
CA ILE E 413 12.17 48.31 -17.85
C ILE E 413 12.93 49.62 -18.15
N CYS E 414 12.58 50.24 -19.27
CA CYS E 414 13.22 51.48 -19.82
C CYS E 414 12.11 52.54 -20.04
N MET E 415 12.45 53.80 -20.28
CA MET E 415 11.44 54.86 -20.34
C MET E 415 11.82 56.02 -21.25
N ASP E 416 10.78 56.72 -21.67
CA ASP E 416 10.90 58.14 -22.12
C ASP E 416 10.31 59.00 -21.04
N TRP E 417 10.72 60.27 -20.93
CA TRP E 417 10.29 61.11 -19.84
C TRP E 417 10.39 62.58 -20.25
N GLU E 418 9.37 63.33 -19.92
CA GLU E 418 9.41 64.77 -20.13
C GLU E 418 8.77 65.42 -18.92
N PRO E 419 9.41 66.40 -18.32
CA PRO E 419 8.76 67.09 -17.20
C PRO E 419 7.81 68.17 -17.55
N PHE E 420 7.11 68.66 -16.54
CA PHE E 420 6.26 69.82 -16.72
C PHE E 420 6.17 70.62 -15.45
N MET E 421 5.94 71.94 -15.57
CA MET E 421 5.85 72.78 -14.39
C MET E 421 4.54 72.56 -13.64
N LEU E 422 4.55 72.73 -12.32
CA LEU E 422 3.31 72.61 -11.61
C LEU E 422 3.53 73.19 -10.27
N PRO E 423 2.45 73.68 -9.61
CA PRO E 423 2.59 74.21 -8.26
C PRO E 423 2.56 73.09 -7.20
N TYR E 424 3.10 73.37 -6.02
CA TYR E 424 2.90 72.53 -4.87
C TYR E 424 1.68 72.98 -4.10
N ARG E 425 0.74 72.05 -3.79
CA ARG E 425 -0.31 72.35 -2.83
C ARG E 425 -0.43 71.13 -1.95
N ALA E 426 -0.37 71.36 -0.65
CA ALA E 426 -0.27 70.29 0.35
C ALA E 426 -1.54 69.43 0.24
N GLY E 427 -1.36 68.14 0.07
CA GLY E 427 -2.46 67.22 -0.09
C GLY E 427 -2.65 66.80 -1.51
N GLN E 428 -1.98 67.47 -2.46
CA GLN E 428 -2.12 67.17 -3.87
C GLN E 428 -0.87 66.52 -4.43
N PHE E 429 -1.06 65.75 -5.49
CA PHE E 429 0.11 65.15 -6.16
C PHE E 429 1.11 66.27 -6.68
N PHE E 430 2.41 65.99 -6.65
CA PHE E 430 3.50 66.92 -6.95
C PHE E 430 4.58 66.15 -7.67
N VAL E 431 4.20 65.59 -8.81
CA VAL E 431 5.05 64.75 -9.63
C VAL E 431 5.74 65.59 -10.72
N GLY E 432 5.02 66.02 -11.74
CA GLY E 432 5.59 66.89 -12.79
C GLY E 432 6.44 66.22 -13.82
N ALA E 433 6.10 65.02 -14.22
CA ALA E 433 6.67 64.38 -15.36
C ALA E 433 5.66 63.43 -16.01
N THR E 434 5.78 63.28 -17.32
CA THR E 434 5.02 62.33 -18.07
C THR E 434 5.98 61.28 -18.65
N LEU E 435 5.61 59.99 -18.44
CA LEU E 435 6.54 58.95 -18.78
C LEU E 435 5.85 57.94 -19.64
N ASN E 436 6.60 57.29 -20.52
CA ASN E 436 6.14 56.09 -21.17
C ASN E 436 7.20 55.02 -20.86
N MET E 437 6.79 53.79 -20.50
CA MET E 437 7.75 52.74 -20.11
C MET E 437 7.56 51.53 -20.98
N TYR E 438 8.60 50.74 -21.11
CA TYR E 438 8.58 49.62 -21.99
C TYR E 438 9.76 48.70 -21.69
N PRO E 439 9.84 47.52 -22.34
CA PRO E 439 10.95 46.63 -21.99
C PRO E 439 12.27 47.18 -22.35
N GLY E 440 13.29 46.77 -21.60
CA GLY E 440 14.67 47.10 -21.94
C GLY E 440 15.12 46.45 -23.21
N PRO E 441 16.36 46.70 -23.60
CA PRO E 441 16.91 46.20 -24.89
C PRO E 441 16.84 44.67 -25.08
N LYS E 442 16.96 43.92 -23.99
CA LYS E 442 16.86 42.44 -24.07
C LYS E 442 15.45 41.92 -24.40
N GLY E 443 14.46 42.78 -24.24
CA GLY E 443 13.13 42.55 -24.75
C GLY E 443 12.12 41.94 -23.79
N MET E 444 12.58 41.38 -22.69
CA MET E 444 11.64 40.92 -21.63
C MET E 444 11.60 41.93 -20.48
N LEU E 445 10.63 41.80 -19.58
CA LEU E 445 10.49 42.75 -18.49
C LEU E 445 11.16 42.36 -17.18
N GLY E 446 11.59 41.11 -17.05
CA GLY E 446 12.23 40.70 -15.84
C GLY E 446 13.38 39.71 -16.01
N GLN E 447 14.16 39.55 -14.96
CA GLN E 447 15.24 38.56 -14.86
C GLN E 447 15.44 38.10 -13.41
N VAL E 448 16.08 36.97 -13.25
CA VAL E 448 16.59 36.56 -11.95
C VAL E 448 18.08 36.34 -12.14
N LYS E 449 18.85 36.88 -11.21
CA LYS E 449 20.33 36.87 -11.33
C LYS E 449 20.93 36.48 -10.01
N ALA E 450 22.03 35.75 -10.14
CA ALA E 450 22.90 35.43 -9.05
C ALA E 450 24.26 36.08 -9.29
N MET E 451 24.77 36.72 -8.25
CA MET E 451 25.97 37.57 -8.39
C MET E 451 26.79 37.64 -7.12
N ASN E 452 28.10 37.83 -7.31
CA ASN E 452 28.99 38.11 -6.20
C ASN E 452 29.05 39.61 -6.05
N ALA E 453 28.76 40.15 -4.89
CA ALA E 453 28.60 41.60 -4.77
C ALA E 453 29.93 42.38 -4.59
N VAL E 454 31.00 41.70 -4.19
CA VAL E 454 32.34 42.30 -4.14
C VAL E 454 32.93 42.39 -5.54
N THR E 455 32.87 41.30 -6.34
CA THR E 455 33.54 41.25 -7.63
C THR E 455 32.65 41.68 -8.74
N GLY E 456 31.33 41.63 -8.49
CA GLY E 456 30.36 41.91 -9.54
C GLY E 456 30.19 40.77 -10.54
N LYS E 457 30.82 39.61 -10.30
CA LYS E 457 30.73 38.49 -11.26
C LYS E 457 29.31 37.90 -11.18
N MET E 458 28.67 37.78 -12.33
CA MET E 458 27.34 37.21 -12.45
C MET E 458 27.54 35.73 -12.61
N GLU E 459 26.98 34.95 -11.70
CA GLU E 459 27.01 33.48 -11.78
C GLU E 459 26.04 32.94 -12.77
N TRP E 460 24.80 33.45 -12.80
CA TRP E 460 23.82 33.04 -13.80
C TRP E 460 22.73 34.09 -13.90
N GLU E 461 22.01 34.08 -15.00
CA GLU E 461 21.00 35.11 -15.30
C GLU E 461 19.98 34.42 -16.11
N VAL E 462 18.71 34.61 -15.80
CA VAL E 462 17.66 34.00 -16.54
C VAL E 462 16.54 35.01 -16.76
N PRO E 463 15.83 34.87 -17.87
CA PRO E 463 14.79 35.85 -18.19
C PRO E 463 13.44 35.46 -17.54
N GLU E 464 12.61 36.48 -17.33
CA GLU E 464 11.23 36.35 -16.87
C GLU E 464 10.31 37.24 -17.68
N LYS E 465 9.09 36.74 -17.92
CA LYS E 465 8.15 37.47 -18.74
C LYS E 465 7.85 38.85 -18.17
N PHE E 466 7.69 38.94 -16.85
CA PHE E 466 7.41 40.16 -16.14
C PHE E 466 8.51 40.44 -15.13
N ALA E 467 8.66 41.72 -14.74
CA ALA E 467 9.54 42.17 -13.69
C ALA E 467 9.34 41.26 -12.46
N VAL E 468 10.43 40.87 -11.80
CA VAL E 468 10.34 40.03 -10.59
C VAL E 468 10.37 41.01 -9.42
N TRP E 469 9.22 41.25 -8.81
CA TRP E 469 9.02 42.39 -7.92
C TRP E 469 9.13 42.11 -6.43
N GLY E 470 8.84 40.86 -6.02
CA GLY E 470 8.61 40.56 -4.64
C GLY E 470 9.78 40.10 -3.79
N GLY E 471 10.95 39.93 -4.39
CA GLY E 471 12.07 39.43 -3.67
C GLY E 471 12.15 37.92 -3.63
N THR E 472 13.13 37.44 -2.87
CA THR E 472 13.56 36.07 -2.96
C THR E 472 13.87 35.47 -1.58
N LEU E 473 13.85 34.13 -1.54
CA LEU E 473 14.22 33.35 -0.39
C LEU E 473 15.23 32.33 -0.89
N ALA E 474 16.38 32.22 -0.23
CA ALA E 474 17.36 31.20 -0.65
C ALA E 474 17.51 30.20 0.51
N THR E 475 17.76 28.93 0.19
CA THR E 475 18.00 27.95 1.20
C THR E 475 19.23 27.08 0.99
N ALA E 476 19.61 26.44 2.05
CA ALA E 476 20.72 25.45 2.09
C ALA E 476 20.39 24.15 1.34
N GLY E 477 19.14 24.01 0.91
CA GLY E 477 18.76 23.03 -0.07
C GLY E 477 19.10 23.30 -1.54
N ASP E 478 19.87 24.35 -1.73
CA ASP E 478 20.36 24.85 -3.01
C ASP E 478 19.21 25.34 -3.87
N LEU E 479 18.34 26.12 -3.25
CA LEU E 479 17.15 26.64 -3.97
C LEU E 479 16.94 28.11 -3.63
N VAL E 480 16.47 28.81 -4.64
CA VAL E 480 15.95 30.17 -4.47
C VAL E 480 14.48 30.13 -4.95
N PHE E 481 13.60 30.61 -4.07
CA PHE E 481 12.19 30.69 -4.32
C PHE E 481 11.81 32.23 -4.54
N TYR E 482 10.85 32.45 -5.39
CA TYR E 482 10.32 33.79 -5.69
C TYR E 482 8.97 33.66 -6.33
N GLY E 483 8.20 34.73 -6.22
CA GLY E 483 6.94 34.83 -6.92
C GLY E 483 7.05 35.75 -8.12
N THR E 484 6.16 35.58 -9.05
CA THR E 484 6.09 36.39 -10.28
C THR E 484 4.76 37.13 -10.35
N LEU E 485 4.79 38.24 -11.09
CA LEU E 485 3.61 39.07 -11.27
C LEU E 485 2.49 38.38 -11.99
N ASP E 486 2.82 37.45 -12.85
CA ASP E 486 1.86 36.67 -13.53
C ASP E 486 1.26 35.51 -12.74
N GLY E 487 1.73 35.27 -11.52
CA GLY E 487 1.00 34.41 -10.61
C GLY E 487 1.58 33.01 -10.48
N PHE E 488 2.90 32.94 -10.41
CA PHE E 488 3.58 31.70 -10.08
C PHE E 488 4.42 31.92 -8.84
N ILE E 489 4.66 30.82 -8.10
CA ILE E 489 5.79 30.70 -7.24
C ILE E 489 6.71 29.68 -7.93
N LYS E 490 8.00 29.97 -7.94
CA LYS E 490 9.01 29.22 -8.64
C LYS E 490 10.18 28.95 -7.73
N ALA E 491 10.86 27.86 -8.04
CA ALA E 491 12.09 27.51 -7.36
C ALA E 491 13.16 27.17 -8.39
N ARG E 492 14.33 27.78 -8.23
CA ARG E 492 15.47 27.50 -9.12
C ARG E 492 16.66 27.00 -8.31
N ASP E 493 17.44 26.11 -8.94
CA ASP E 493 18.72 25.69 -8.36
C ASP E 493 19.68 26.85 -8.26
N THR E 494 20.15 27.18 -7.09
CA THR E 494 21.02 28.34 -6.91
C THR E 494 22.46 28.07 -7.43
N ARG E 495 22.85 26.92 -7.90
CA ARG E 495 24.19 26.76 -8.53
C ARG E 495 24.09 27.23 -9.97
N THR E 496 22.95 27.00 -10.63
CA THR E 496 22.83 27.08 -12.09
C THR E 496 21.75 27.98 -12.64
N GLY E 497 20.78 28.33 -11.83
CA GLY E 497 19.57 29.00 -12.33
C GLY E 497 18.50 28.07 -12.86
N GLU E 498 18.74 26.76 -12.89
CA GLU E 498 17.80 25.86 -13.54
C GLU E 498 16.46 25.87 -12.78
N LEU E 499 15.35 25.94 -13.52
CA LEU E 499 14.02 25.87 -12.91
C LEU E 499 13.70 24.45 -12.44
N LYS E 500 13.40 24.29 -11.15
CA LYS E 500 13.11 23.00 -10.55
C LYS E 500 11.64 22.76 -10.20
N TRP E 501 10.89 23.83 -10.05
CA TRP E 501 9.50 23.72 -9.70
C TRP E 501 8.78 25.05 -9.91
N GLN E 502 7.49 24.94 -10.20
CA GLN E 502 6.61 26.10 -10.45
C GLN E 502 5.20 25.71 -9.99
N PHE E 503 4.46 26.65 -9.37
CA PHE E 503 3.06 26.38 -9.05
C PHE E 503 2.23 27.64 -9.37
N GLN E 504 1.05 27.39 -9.94
CA GLN E 504 0.16 28.45 -10.36
C GLN E 504 -0.73 28.89 -9.18
N LEU E 505 -0.36 30.02 -8.57
CA LEU E 505 -1.10 30.73 -7.56
C LEU E 505 -2.31 31.44 -8.15
N PRO E 506 -3.28 31.89 -7.31
CA PRO E 506 -4.45 32.50 -7.90
C PRO E 506 -4.09 33.82 -8.62
N SER E 507 -3.30 34.64 -7.97
CA SER E 507 -3.02 36.00 -8.43
C SER E 507 -1.50 36.20 -8.44
N GLY E 508 -1.04 37.22 -9.16
CA GLY E 508 0.37 37.66 -9.04
C GLY E 508 0.90 37.99 -7.70
N VAL E 509 2.22 37.85 -7.56
CA VAL E 509 2.94 37.98 -6.35
C VAL E 509 3.84 39.20 -6.35
N ILE E 510 3.70 39.99 -5.31
CA ILE E 510 4.46 41.21 -5.06
C ILE E 510 5.18 41.21 -3.74
N GLY E 511 5.08 40.15 -2.93
CA GLY E 511 5.86 39.99 -1.68
C GLY E 511 6.82 38.79 -1.81
N HIS E 512 7.48 38.42 -0.73
CA HIS E 512 8.50 37.39 -0.77
C HIS E 512 7.98 36.09 -0.14
N PRO E 513 8.63 34.97 -0.46
CA PRO E 513 8.37 33.74 0.28
C PRO E 513 9.05 33.72 1.61
N ILE E 514 8.52 32.90 2.52
CA ILE E 514 9.16 32.63 3.76
C ILE E 514 9.25 31.10 3.94
N THR E 515 10.12 30.67 4.83
CA THR E 515 10.17 29.26 5.25
C THR E 515 10.32 29.18 6.74
N TYR E 516 9.80 28.09 7.32
CA TYR E 516 9.88 27.86 8.75
C TYR E 516 9.65 26.36 9.01
N GLN E 517 10.04 25.95 10.18
CA GLN E 517 9.81 24.59 10.59
C GLN E 517 8.72 24.61 11.67
N HIS E 518 7.72 23.75 11.54
CA HIS E 518 6.72 23.64 12.62
C HIS E 518 6.51 22.16 12.88
N ASN E 519 6.69 21.75 14.13
CA ASN E 519 6.51 20.38 14.50
C ASN E 519 7.27 19.37 13.57
N GLY E 520 8.52 19.69 13.37
CA GLY E 520 9.44 18.85 12.66
C GLY E 520 9.37 18.80 11.16
N LYS E 521 8.54 19.66 10.57
CA LYS E 521 8.36 19.66 9.16
C LYS E 521 8.63 21.09 8.62
N GLN E 522 9.23 21.14 7.42
CA GLN E 522 9.43 22.41 6.74
C GLN E 522 8.24 22.83 5.88
N TYR E 523 7.90 24.12 5.98
CA TYR E 523 6.89 24.79 5.17
C TYR E 523 7.49 25.99 4.42
N ILE E 524 6.94 26.28 3.28
CA ILE E 524 7.11 27.55 2.57
C ILE E 524 5.78 28.28 2.44
N ALA E 525 5.77 29.57 2.72
CA ALA E 525 4.54 30.35 2.64
C ALA E 525 4.74 31.64 1.83
N ILE E 526 3.67 32.10 1.21
CA ILE E 526 3.76 33.34 0.39
C ILE E 526 2.32 33.93 0.29
N TYR E 527 2.25 35.24 0.08
CA TYR E 527 1.05 35.91 -0.37
C TYR E 527 0.86 35.83 -1.82
N SER E 528 -0.41 35.67 -2.25
CA SER E 528 -0.83 35.85 -3.60
C SER E 528 -1.86 37.03 -3.63
N GLY E 529 -1.61 38.04 -4.45
CA GLY E 529 -2.54 39.19 -4.61
C GLY E 529 -1.79 40.33 -5.29
N VAL E 530 -1.97 40.42 -6.59
CA VAL E 530 -1.21 41.41 -7.43
C VAL E 530 -1.66 42.82 -7.12
N GLY E 531 -0.76 43.77 -7.34
CA GLY E 531 -1.08 45.19 -7.16
C GLY E 531 0.23 45.89 -7.16
N GLY E 532 0.42 46.84 -6.27
CA GLY E 532 1.62 47.65 -6.29
C GLY E 532 1.73 48.45 -7.58
N TRP E 533 2.89 48.99 -7.80
CA TRP E 533 3.10 49.79 -9.03
C TRP E 533 2.83 49.02 -10.36
N PRO E 534 3.34 47.76 -10.51
CA PRO E 534 3.08 47.07 -11.76
C PRO E 534 1.62 46.77 -12.01
N GLY E 535 0.90 46.51 -10.96
CA GLY E 535 -0.50 46.17 -11.07
C GLY E 535 -1.45 47.36 -11.08
N VAL E 536 -0.97 48.61 -11.03
CA VAL E 536 -1.91 49.75 -10.92
C VAL E 536 -2.91 49.82 -12.03
N GLY E 537 -2.56 49.40 -13.25
CA GLY E 537 -3.50 49.43 -14.36
C GLY E 537 -4.61 48.42 -14.20
N LEU E 538 -4.27 47.19 -13.84
CA LEU E 538 -5.34 46.23 -13.58
C LEU E 538 -6.14 46.54 -12.30
N VAL E 539 -5.50 47.06 -11.27
CA VAL E 539 -6.17 47.35 -10.02
C VAL E 539 -7.19 48.47 -10.21
N PHE E 540 -6.80 49.54 -10.94
CA PHE E 540 -7.64 50.74 -11.06
C PHE E 540 -8.36 50.86 -12.39
N ASP E 541 -8.23 49.85 -13.26
CA ASP E 541 -8.88 49.80 -14.57
C ASP E 541 -8.37 51.01 -15.39
N LEU E 542 -7.07 51.24 -15.43
CA LEU E 542 -6.49 52.37 -16.22
C LEU E 542 -6.11 51.89 -17.59
N LYS E 543 -6.28 52.77 -18.57
CA LYS E 543 -5.98 52.49 -19.99
C LYS E 543 -4.95 53.44 -20.65
N ASP E 544 -4.84 54.67 -20.16
CA ASP E 544 -3.85 55.61 -20.74
C ASP E 544 -2.44 55.05 -20.39
N PRO E 545 -1.55 54.88 -21.38
CA PRO E 545 -0.21 54.28 -21.14
C PRO E 545 0.66 55.09 -20.21
N THR E 546 0.39 56.40 -20.09
CA THR E 546 1.20 57.26 -19.22
C THR E 546 0.61 57.31 -17.85
N ALA E 547 -0.61 56.74 -17.65
CA ALA E 547 -1.19 56.77 -16.27
C ALA E 547 -0.38 55.76 -15.43
N GLY E 548 -0.63 55.80 -14.15
CA GLY E 548 0.16 55.06 -13.17
C GLY E 548 1.63 55.46 -13.17
N LEU E 549 1.89 56.76 -13.30
CA LEU E 549 3.29 57.28 -13.37
C LEU E 549 4.13 56.59 -14.46
N GLY E 550 3.48 56.20 -15.57
CA GLY E 550 4.04 55.44 -16.68
C GLY E 550 4.00 53.91 -16.69
N ALA E 551 3.53 53.30 -15.59
CA ALA E 551 3.49 51.80 -15.46
C ALA E 551 2.49 51.15 -16.37
N VAL E 552 1.40 51.88 -16.61
CA VAL E 552 0.25 51.33 -17.27
C VAL E 552 0.62 50.83 -18.66
N GLY E 553 1.35 51.59 -19.48
CA GLY E 553 1.69 51.05 -20.80
C GLY E 553 2.59 49.80 -20.76
N ALA E 554 3.60 49.84 -19.88
CA ALA E 554 4.61 48.79 -19.78
C ALA E 554 3.98 47.42 -19.36
N PHE E 555 3.02 47.50 -18.46
CA PHE E 555 2.36 46.31 -17.84
C PHE E 555 0.96 46.03 -18.35
N ARG E 556 0.66 46.53 -19.55
CA ARG E 556 -0.67 46.37 -20.08
C ARG E 556 -1.00 44.92 -20.36
N GLU E 557 -0.04 44.05 -20.59
CA GLU E 557 -0.38 42.64 -20.79
C GLU E 557 -0.64 41.84 -19.48
N LEU E 558 -0.35 42.41 -18.34
CA LEU E 558 -0.41 41.68 -17.05
C LEU E 558 -1.85 41.20 -16.80
N ALA E 559 -2.83 42.04 -17.13
CA ALA E 559 -4.21 41.69 -16.86
C ALA E 559 -4.74 40.58 -17.73
N HIS E 560 -3.98 40.13 -18.75
CA HIS E 560 -4.27 38.95 -19.47
C HIS E 560 -3.95 37.66 -18.69
N TYR E 561 -3.18 37.80 -17.63
CA TYR E 561 -2.66 36.67 -16.85
C TYR E 561 -3.27 36.62 -15.44
N THR E 562 -3.52 37.76 -14.83
CA THR E 562 -3.93 37.75 -13.43
C THR E 562 -4.97 38.79 -13.15
N GLN E 563 -5.87 38.45 -12.21
CA GLN E 563 -6.82 39.32 -11.61
C GLN E 563 -6.30 39.67 -10.23
N MET E 564 -6.96 40.62 -9.57
CA MET E 564 -6.69 40.83 -8.18
C MET E 564 -7.00 39.56 -7.33
N GLY E 565 -6.47 39.53 -6.13
CA GLY E 565 -6.73 38.46 -5.17
C GLY E 565 -6.10 38.79 -3.87
N GLY E 566 -6.24 37.85 -2.91
CA GLY E 566 -5.67 38.03 -1.61
C GLY E 566 -5.74 36.71 -0.79
N SER E 567 -4.61 35.99 -0.78
CA SER E 567 -4.54 34.70 -0.08
C SER E 567 -3.15 34.43 0.44
N VAL E 568 -3.05 33.45 1.33
CA VAL E 568 -1.76 32.96 1.85
C VAL E 568 -1.74 31.50 1.41
N PHE E 569 -0.68 31.11 0.72
CA PHE E 569 -0.43 29.73 0.33
C PHE E 569 0.69 29.14 1.15
N VAL E 570 0.46 27.93 1.69
CA VAL E 570 1.49 27.28 2.51
C VAL E 570 1.75 25.93 1.86
N PHE E 571 3.01 25.63 1.56
CA PHE E 571 3.42 24.46 0.87
C PHE E 571 4.29 23.54 1.76
N SER E 572 4.23 22.24 1.49
CA SER E 572 5.10 21.29 2.18
C SER E 572 5.25 20.04 1.31
N LEU E 573 6.22 19.21 1.72
CA LEU E 573 6.30 17.88 1.16
C LEU E 573 5.36 16.96 1.99
N TYR F 1 27.40 68.84 -17.61
CA TYR F 1 27.11 68.33 -16.23
C TYR F 1 27.25 66.83 -16.29
N ASP F 2 28.41 66.36 -15.85
CA ASP F 2 28.67 64.95 -15.73
C ASP F 2 28.78 64.49 -14.25
N GLY F 3 28.56 65.40 -13.31
CA GLY F 3 28.50 65.06 -11.88
C GLY F 3 29.87 65.02 -11.24
N THR F 4 30.95 65.27 -12.03
CA THR F 4 32.32 65.16 -11.47
C THR F 4 33.01 66.45 -11.13
N HIS F 5 32.41 67.60 -11.33
CA HIS F 5 33.10 68.86 -11.05
C HIS F 5 32.45 69.47 -9.87
N CYS F 6 33.18 69.48 -8.75
CA CYS F 6 32.59 69.83 -7.47
C CYS F 6 33.01 71.17 -6.96
N LYS F 7 32.02 71.96 -6.61
CA LYS F 7 32.16 73.25 -6.00
C LYS F 7 32.64 73.12 -4.58
N ALA F 8 32.37 71.97 -3.96
CA ALA F 8 32.71 71.71 -2.57
C ALA F 8 32.44 70.23 -2.34
N PRO F 9 33.02 69.65 -1.28
CA PRO F 9 32.76 68.19 -1.07
C PRO F 9 31.24 67.96 -0.90
N GLY F 10 30.70 67.02 -1.67
CA GLY F 10 29.29 66.69 -1.59
C GLY F 10 28.34 67.62 -2.36
N ASN F 11 28.91 68.48 -3.22
CA ASN F 11 28.14 69.45 -4.02
C ASN F 11 28.79 69.59 -5.39
N CYS F 12 28.29 68.81 -6.32
CA CYS F 12 28.78 68.78 -7.68
C CYS F 12 27.78 69.25 -8.72
N TRP F 13 26.60 69.71 -8.29
CA TRP F 13 25.56 70.06 -9.25
C TRP F 13 26.11 71.23 -10.18
N GLU F 14 25.80 71.16 -11.46
CA GLU F 14 25.97 72.25 -12.37
C GLU F 14 24.69 72.35 -13.19
N PRO F 15 24.36 73.59 -13.69
CA PRO F 15 23.23 73.66 -14.65
C PRO F 15 23.57 72.96 -15.92
N LYS F 16 22.59 72.42 -16.60
CA LYS F 16 22.81 71.85 -17.92
C LYS F 16 23.05 72.96 -18.95
N PRO F 17 23.60 72.59 -20.12
CA PRO F 17 23.92 73.72 -21.07
C PRO F 17 22.66 74.51 -21.43
N GLY F 18 22.67 75.81 -21.16
CA GLY F 18 21.57 76.70 -21.55
C GLY F 18 20.52 76.84 -20.50
N TYR F 19 20.76 76.29 -19.29
CA TYR F 19 19.76 76.40 -18.21
C TYR F 19 20.37 77.31 -17.10
N PRO F 20 19.53 77.93 -16.30
CA PRO F 20 19.97 78.86 -15.25
C PRO F 20 20.73 78.24 -14.06
N ASP F 21 21.64 79.02 -13.47
CA ASP F 21 22.25 78.76 -12.14
C ASP F 21 21.24 78.72 -11.04
N LYS F 22 20.32 79.66 -11.08
CA LYS F 22 19.28 79.81 -10.08
C LYS F 22 17.94 79.84 -10.79
N VAL F 23 16.94 79.21 -10.21
CA VAL F 23 15.61 79.23 -10.82
C VAL F 23 14.78 80.46 -10.41
N ALA F 24 15.06 81.05 -9.29
CA ALA F 24 14.23 82.15 -8.82
C ALA F 24 14.45 83.26 -9.87
N GLY F 25 13.34 83.87 -10.22
CA GLY F 25 13.29 84.86 -11.24
C GLY F 25 13.50 84.33 -12.65
N SER F 26 13.56 83.03 -12.89
CA SER F 26 13.72 82.45 -14.28
C SER F 26 12.34 81.96 -14.82
N LYS F 27 12.30 81.48 -16.07
CA LYS F 27 11.10 80.85 -16.60
C LYS F 27 10.77 79.47 -15.91
N TYR F 28 11.72 78.93 -15.13
CA TYR F 28 11.55 77.71 -14.34
C TYR F 28 11.38 77.98 -12.85
N ASP F 29 10.99 79.20 -12.51
CA ASP F 29 10.85 79.56 -11.14
C ASP F 29 9.64 78.75 -10.60
N PRO F 30 9.84 77.91 -9.57
CA PRO F 30 8.70 77.11 -9.04
C PRO F 30 7.67 78.00 -8.37
N LYS F 31 8.08 79.22 -7.94
CA LYS F 31 7.18 80.21 -7.28
C LYS F 31 6.36 79.60 -6.18
N HIS F 32 7.00 78.89 -5.25
CA HIS F 32 6.26 78.23 -4.20
C HIS F 32 5.68 79.24 -3.24
N ASP F 33 4.46 78.96 -2.73
CA ASP F 33 3.82 79.82 -1.73
C ASP F 33 4.38 79.40 -0.36
N PRO F 34 5.05 80.32 0.36
CA PRO F 34 5.72 79.91 1.62
C PRO F 34 4.79 79.32 2.67
N ASN F 35 3.54 79.75 2.62
CA ASN F 35 2.49 79.17 3.44
C ASN F 35 2.19 77.70 3.14
N GLU F 36 2.12 77.38 1.86
CA GLU F 36 2.00 75.98 1.44
C GLU F 36 3.23 75.21 1.91
N LEU F 37 4.42 75.75 1.71
CA LEU F 37 5.65 75.03 2.10
C LEU F 37 5.67 74.67 3.56
N ASN F 38 5.14 75.54 4.44
CA ASN F 38 5.27 75.30 5.85
C ASN F 38 4.19 74.39 6.42
N LYS F 39 3.20 73.99 5.63
CA LYS F 39 2.06 73.25 6.21
C LYS F 39 2.43 71.89 6.83
N GLN F 40 3.33 71.17 6.18
CA GLN F 40 3.67 69.79 6.66
C GLN F 40 4.40 69.78 7.97
N ALA F 41 5.32 70.76 8.17
CA ALA F 41 5.95 70.91 9.44
C ALA F 41 5.03 71.31 10.55
N GLU F 42 4.06 72.20 10.27
CA GLU F 42 3.05 72.58 11.31
C GLU F 42 2.14 71.39 11.69
N SER F 43 1.83 70.56 10.70
CA SER F 43 1.01 69.36 10.95
C SER F 43 1.79 68.31 11.81
N ILE F 44 3.08 68.15 11.53
CA ILE F 44 3.97 67.35 12.40
C ILE F 44 4.02 67.84 13.83
N LYS F 45 4.16 69.16 14.01
CA LYS F 45 4.08 69.73 15.34
C LYS F 45 2.81 69.40 16.05
N ALA F 46 1.69 69.50 15.36
CA ALA F 46 0.41 69.19 16.03
C ALA F 46 0.27 67.69 16.32
N MET F 47 0.73 66.82 15.40
CA MET F 47 0.77 65.34 15.70
C MET F 47 1.65 65.01 16.91
N GLU F 48 2.83 65.62 16.99
CA GLU F 48 3.79 65.41 18.11
C GLU F 48 3.19 65.87 19.43
N ALA F 49 2.44 66.98 19.38
CA ALA F 49 1.78 67.48 20.59
C ALA F 49 0.67 66.57 21.07
N ARG F 50 -0.14 66.06 20.14
CA ARG F 50 -1.13 65.09 20.53
C ARG F 50 -0.56 63.78 21.07
N ASN F 51 0.48 63.28 20.43
CA ASN F 51 1.16 62.11 20.90
C ASN F 51 1.69 62.31 22.31
N GLN F 52 2.28 63.46 22.56
CA GLN F 52 2.80 63.71 23.92
C GLN F 52 1.67 63.75 24.93
N LYS F 53 0.49 64.30 24.58
CA LYS F 53 -0.66 64.16 25.49
C LYS F 53 -1.00 62.68 25.80
N ARG F 54 -0.91 61.82 24.79
CA ARG F 54 -1.32 60.42 24.97
C ARG F 54 -0.31 59.73 25.85
N VAL F 55 0.97 60.03 25.64
CA VAL F 55 2.09 59.49 26.48
C VAL F 55 1.94 59.93 27.94
N GLU F 56 1.68 61.21 28.14
CA GLU F 56 1.54 61.74 29.54
C GLU F 56 0.41 61.07 30.25
N ASN F 57 -0.71 60.94 29.55
CA ASN F 57 -1.93 60.38 30.10
C ASN F 57 -1.67 58.92 30.46
N TYR F 58 -1.01 58.19 29.57
CA TYR F 58 -0.58 56.80 29.88
C TYR F 58 0.26 56.72 31.14
N ALA F 59 1.23 57.60 31.30
CA ALA F 59 2.08 57.62 32.50
C ALA F 59 1.35 58.01 33.78
N LYS F 60 0.29 58.77 33.62
CA LYS F 60 -0.44 59.32 34.77
C LYS F 60 -1.46 58.31 35.23
N THR F 61 -2.09 57.58 34.30
CA THR F 61 -3.26 56.74 34.61
C THR F 61 -2.97 55.29 34.46
N GLY F 62 -1.89 54.94 33.75
CA GLY F 62 -1.62 53.54 33.36
C GLY F 62 -2.55 52.92 32.32
N LYS F 63 -3.44 53.73 31.72
CA LYS F 63 -4.34 53.26 30.67
C LYS F 63 -4.14 54.13 29.42
N PHE F 64 -3.96 53.49 28.27
CA PHE F 64 -3.83 54.18 27.01
C PHE F 64 -5.14 54.71 26.48
N VAL F 65 -5.16 55.99 26.11
CA VAL F 65 -6.32 56.66 25.52
C VAL F 65 -5.83 57.42 24.30
N TYR F 66 -6.38 57.07 23.11
CA TYR F 66 -5.98 57.73 21.85
C TYR F 66 -6.64 59.07 21.71
N LYS F 67 -7.94 59.14 21.93
CA LYS F 67 -8.70 60.38 21.57
C LYS F 67 -8.35 61.47 22.52
N VAL F 68 -7.65 62.50 22.06
CA VAL F 68 -7.17 63.52 23.02
C VAL F 68 -8.29 64.34 23.70
N GLU F 69 -9.49 64.41 23.13
CA GLU F 69 -10.62 65.09 23.83
C GLU F 69 -11.20 64.22 24.95
N ASP F 70 -10.90 62.91 24.93
CA ASP F 70 -11.27 62.00 26.00
C ASP F 70 -10.29 61.98 27.16
N ILE F 71 -9.14 62.64 27.02
CA ILE F 71 -8.27 62.87 28.14
C ILE F 71 -8.69 64.19 28.78
N ASN G 1 -32.05 20.68 -25.78
CA ASN G 1 -31.09 20.82 -26.89
C ASN G 1 -30.32 19.51 -27.02
N SER G 2 -30.53 18.79 -28.15
CA SER G 2 -29.94 17.46 -28.39
C SER G 2 -28.45 17.47 -28.32
N GLU G 3 -27.86 18.47 -28.92
CA GLU G 3 -26.40 18.56 -28.95
C GLU G 3 -25.80 18.84 -27.57
N LEU G 4 -26.44 19.71 -26.78
CA LEU G 4 -25.95 19.96 -25.44
C LEU G 4 -26.06 18.68 -24.64
N ASP G 5 -27.17 17.97 -24.77
CA ASP G 5 -27.32 16.68 -24.08
C ASP G 5 -26.17 15.69 -24.42
N ARG G 6 -25.86 15.60 -25.70
CA ARG G 6 -24.76 14.76 -26.22
C ARG G 6 -23.41 15.22 -25.62
N LEU G 7 -23.16 16.51 -25.59
CA LEU G 7 -21.90 17.02 -25.05
C LEU G 7 -21.80 16.76 -23.56
N SER G 8 -22.92 16.71 -22.84
CA SER G 8 -22.93 16.38 -21.39
C SER G 8 -22.47 14.94 -21.19
N LYS G 9 -22.60 14.08 -22.16
CA LYS G 9 -22.15 12.68 -22.01
C LYS G 9 -20.63 12.46 -22.15
N ASP G 10 -19.91 13.45 -22.58
CA ASP G 10 -18.49 13.45 -22.65
C ASP G 10 -17.89 13.92 -21.33
N ASP G 11 -17.09 13.07 -20.69
CA ASP G 11 -16.50 13.39 -19.41
C ASP G 11 -15.39 14.47 -19.47
N ARG G 12 -15.00 14.96 -20.68
CA ARG G 12 -14.22 16.18 -20.78
C ARG G 12 -14.99 17.46 -20.43
N ASN G 13 -16.29 17.39 -20.39
CA ASN G 13 -17.08 18.58 -20.24
C ASN G 13 -17.91 18.61 -19.00
N TRP G 14 -18.31 19.84 -18.60
CA TRP G 14 -19.30 20.03 -17.59
C TRP G 14 -20.10 21.18 -18.19
N VAL G 15 -21.22 20.85 -18.83
CA VAL G 15 -21.77 21.80 -19.79
C VAL G 15 -22.88 22.67 -19.24
N MET G 16 -23.37 22.37 -18.02
CA MET G 16 -24.39 23.19 -17.36
C MET G 16 -24.20 23.05 -15.85
N GLN G 17 -24.73 23.99 -15.07
CA GLN G 17 -24.45 23.93 -13.64
C GLN G 17 -24.84 22.58 -13.01
N THR G 18 -25.97 22.02 -13.47
CA THR G 18 -26.54 20.77 -13.02
C THR G 18 -25.87 19.57 -13.66
N LYS G 19 -24.82 19.81 -14.42
CA LYS G 19 -24.01 18.81 -15.16
C LYS G 19 -24.79 18.26 -16.36
N ASP G 20 -26.00 17.80 -16.17
CA ASP G 20 -26.82 17.24 -17.23
C ASP G 20 -28.25 17.57 -16.99
N TYR G 21 -29.09 17.26 -17.96
CA TYR G 21 -30.51 17.62 -17.91
C TYR G 21 -31.31 17.01 -16.75
N SER G 22 -30.83 15.87 -16.26
CA SER G 22 -31.38 15.21 -15.10
C SER G 22 -30.85 15.75 -13.77
N ALA G 23 -29.89 16.66 -13.83
CA ALA G 23 -29.23 17.20 -12.62
C ALA G 23 -28.68 16.06 -11.72
N THR G 24 -28.03 15.07 -12.31
CA THR G 24 -27.47 13.97 -11.48
C THR G 24 -26.26 14.39 -10.67
N HIS G 25 -25.49 15.40 -11.13
CA HIS G 25 -24.25 15.77 -10.50
C HIS G 25 -23.41 14.52 -10.22
N PHE G 26 -23.46 13.60 -11.18
CA PHE G 26 -22.78 12.31 -11.00
C PHE G 26 -21.81 12.08 -12.16
N SER G 27 -20.56 11.85 -11.84
CA SER G 27 -19.53 11.53 -12.84
C SER G 27 -19.24 10.07 -12.80
N ARG G 28 -19.27 9.44 -13.95
CA ARG G 28 -18.76 8.09 -14.09
C ARG G 28 -17.24 7.92 -14.05
N LEU G 29 -16.47 9.01 -13.99
CA LEU G 29 -15.06 8.87 -13.90
C LEU G 29 -14.62 8.11 -12.66
N THR G 30 -13.66 7.15 -12.84
CA THR G 30 -13.26 6.28 -11.74
C THR G 30 -11.84 6.48 -11.36
N GLU G 31 -11.12 7.40 -12.01
CA GLU G 31 -9.69 7.59 -11.68
C GLU G 31 -9.43 7.95 -10.21
N ILE G 32 -10.17 8.97 -9.70
CA ILE G 32 -10.12 9.37 -8.34
C ILE G 32 -11.16 8.52 -7.62
N ASN G 33 -10.72 7.83 -6.58
CA ASN G 33 -11.67 6.90 -5.95
C ASN G 33 -11.39 6.77 -4.50
N SER G 34 -12.23 6.03 -3.76
CA SER G 34 -12.06 5.99 -2.35
C SER G 34 -10.66 5.47 -1.81
N HIS G 35 -10.00 4.69 -2.61
CA HIS G 35 -8.71 4.07 -2.32
C HIS G 35 -7.58 5.07 -2.52
N ASN G 36 -7.73 6.08 -3.37
CA ASN G 36 -6.62 6.95 -3.67
C ASN G 36 -6.86 8.42 -3.46
N VAL G 37 -8.05 8.78 -3.01
CA VAL G 37 -8.43 10.23 -2.89
C VAL G 37 -7.56 10.90 -1.83
N LYS G 38 -7.01 10.12 -0.92
CA LYS G 38 -6.15 10.79 0.08
C LYS G 38 -4.90 11.42 -0.56
N ASN G 39 -4.53 11.00 -1.75
CA ASN G 39 -3.45 11.65 -2.51
C ASN G 39 -3.78 12.85 -3.36
N LEU G 40 -5.01 13.32 -3.37
CA LEU G 40 -5.41 14.47 -4.18
C LEU G 40 -4.70 15.69 -3.73
N LYS G 41 -4.19 16.48 -4.68
CA LYS G 41 -3.43 17.70 -4.35
C LYS G 41 -3.88 18.79 -5.26
N VAL G 42 -3.63 20.01 -4.83
CA VAL G 42 -3.95 21.15 -5.68
C VAL G 42 -3.03 21.16 -6.94
N ALA G 43 -3.64 21.23 -8.11
CA ALA G 43 -2.94 21.24 -9.32
C ALA G 43 -2.71 22.63 -9.81
N TRP G 44 -3.70 23.52 -9.70
CA TRP G 44 -3.53 24.93 -10.12
C TRP G 44 -4.73 25.72 -9.63
N THR G 45 -4.60 27.04 -9.58
CA THR G 45 -5.60 27.89 -9.02
C THR G 45 -5.70 29.16 -9.90
N LEU G 46 -6.86 29.84 -9.73
CA LEU G 46 -7.08 31.15 -10.39
C LEU G 46 -7.81 32.07 -9.39
N SER G 47 -7.56 33.37 -9.45
CA SER G 47 -8.33 34.31 -8.65
C SER G 47 -9.48 34.83 -9.52
N THR G 48 -10.64 35.09 -8.92
CA THR G 48 -11.75 35.62 -9.68
C THR G 48 -11.68 37.11 -9.67
N GLY G 49 -10.89 37.74 -8.81
CA GLY G 49 -10.85 39.19 -8.70
C GLY G 49 -12.01 39.90 -8.01
N THR G 50 -12.88 39.16 -7.32
CA THR G 50 -13.97 39.78 -6.58
C THR G 50 -14.03 39.10 -5.25
N LEU G 51 -14.67 39.75 -4.33
CA LEU G 51 -15.02 39.12 -3.06
C LEU G 51 -16.51 38.75 -3.09
N HIS G 52 -17.12 38.57 -1.93
CA HIS G 52 -18.53 38.16 -1.81
C HIS G 52 -18.73 36.71 -2.24
N GLY G 53 -19.95 36.24 -2.06
CA GLY G 53 -20.20 34.82 -2.20
C GLY G 53 -20.07 34.32 -3.67
N HIS G 54 -19.41 33.18 -3.87
CA HIS G 54 -19.27 32.53 -5.13
C HIS G 54 -20.11 31.28 -5.21
N GLU G 55 -21.33 31.40 -5.77
CA GLU G 55 -22.23 30.30 -5.94
C GLU G 55 -22.03 29.66 -7.33
N GLY G 56 -22.72 28.58 -7.60
CA GLY G 56 -22.44 27.87 -8.85
C GLY G 56 -21.03 27.31 -8.88
N ALA G 57 -20.56 27.04 -10.07
CA ALA G 57 -19.22 26.55 -10.28
C ALA G 57 -18.86 26.85 -11.75
N PRO G 58 -17.63 26.54 -12.14
CA PRO G 58 -17.26 26.73 -13.54
C PRO G 58 -17.99 25.81 -14.43
N LEU G 59 -18.04 26.20 -15.71
CA LEU G 59 -18.36 25.26 -16.78
C LEU G 59 -17.09 24.88 -17.53
N VAL G 60 -17.06 23.69 -18.14
CA VAL G 60 -15.95 23.28 -19.02
C VAL G 60 -16.60 22.73 -20.26
N VAL G 61 -16.25 23.28 -21.42
CA VAL G 61 -16.73 22.71 -22.70
C VAL G 61 -15.63 22.86 -23.73
N ASP G 62 -15.41 21.79 -24.49
CA ASP G 62 -14.45 21.77 -25.60
C ASP G 62 -13.08 22.39 -25.24
N GLY G 63 -12.56 22.06 -24.07
CA GLY G 63 -11.24 22.47 -23.69
C GLY G 63 -11.09 23.83 -23.03
N ILE G 64 -12.21 24.49 -22.78
CA ILE G 64 -12.21 25.81 -22.19
C ILE G 64 -13.00 25.78 -20.89
N MET G 65 -12.43 26.36 -19.83
CA MET G 65 -13.15 26.57 -18.60
C MET G 65 -13.69 27.99 -18.55
N TYR G 66 -14.91 28.11 -18.07
CA TYR G 66 -15.65 29.41 -17.99
C TYR G 66 -15.96 29.66 -16.50
N ILE G 67 -15.60 30.83 -16.04
CA ILE G 67 -15.63 31.26 -14.61
C ILE G 67 -16.55 32.46 -14.57
N HIS G 68 -17.30 32.58 -13.49
CA HIS G 68 -18.13 33.76 -13.24
C HIS G 68 -18.00 34.19 -11.80
N THR G 69 -18.41 35.65 -11.64
CA THR G 69 -18.30 36.12 -10.32
C THR G 69 -19.65 36.55 -9.71
N PRO G 70 -19.60 36.89 -8.44
CA PRO G 70 -20.64 37.73 -7.92
C PRO G 70 -20.58 39.12 -8.52
N PHE G 71 -21.52 39.97 -8.16
CA PHE G 71 -21.62 41.37 -8.77
C PHE G 71 -20.24 42.04 -8.82
N PRO G 72 -19.81 42.66 -9.93
CA PRO G 72 -20.55 42.90 -11.18
C PRO G 72 -20.56 41.78 -12.23
N ASN G 73 -20.41 40.52 -11.81
CA ASN G 73 -20.70 39.40 -12.70
C ASN G 73 -19.73 39.35 -13.90
N ASN G 74 -18.46 39.55 -13.61
CA ASN G 74 -17.39 39.29 -14.57
C ASN G 74 -17.36 37.81 -15.01
N VAL G 75 -17.02 37.62 -16.29
CA VAL G 75 -16.90 36.31 -16.93
C VAL G 75 -15.51 36.20 -17.53
N TYR G 76 -14.85 35.03 -17.37
CA TYR G 76 -13.51 34.78 -17.90
C TYR G 76 -13.54 33.38 -18.50
N ALA G 77 -12.79 33.21 -19.58
CA ALA G 77 -12.61 31.95 -20.21
C ALA G 77 -11.12 31.61 -20.15
N VAL G 78 -10.83 30.30 -19.96
CA VAL G 78 -9.45 29.80 -19.73
C VAL G 78 -9.31 28.58 -20.64
N ASP G 79 -8.31 28.62 -21.48
CA ASP G 79 -7.95 27.42 -22.28
C ASP G 79 -7.17 26.51 -21.36
N LEU G 80 -7.68 25.30 -21.19
CA LEU G 80 -7.14 24.36 -20.24
C LEU G 80 -5.73 23.81 -20.62
N ASN G 81 -5.30 24.06 -21.86
CA ASN G 81 -3.90 23.87 -22.23
C ASN G 81 -2.97 25.00 -21.83
N ASP G 82 -3.45 26.13 -21.29
CA ASP G 82 -2.61 27.25 -20.89
C ASP G 82 -3.33 27.98 -19.75
N THR G 83 -3.30 27.36 -18.59
CA THR G 83 -4.24 27.80 -17.53
C THR G 83 -3.90 29.09 -16.89
N ARG G 84 -2.76 29.69 -17.19
CA ARG G 84 -2.40 30.93 -16.55
C ARG G 84 -2.97 32.18 -17.30
N LYS G 85 -3.37 32.01 -18.55
CA LYS G 85 -3.87 33.10 -19.42
C LYS G 85 -5.39 33.09 -19.52
N MET G 86 -5.97 34.28 -19.55
CA MET G 86 -7.36 34.37 -19.82
C MET G 86 -7.55 34.53 -21.31
N LEU G 87 -8.24 33.59 -21.92
CA LEU G 87 -8.60 33.59 -23.34
C LEU G 87 -9.44 34.82 -23.74
N TRP G 88 -10.43 35.12 -22.93
CA TRP G 88 -11.24 36.33 -23.06
C TRP G 88 -11.88 36.69 -21.73
N GLN G 89 -12.32 37.94 -21.62
CA GLN G 89 -12.99 38.46 -20.43
C GLN G 89 -14.19 39.27 -20.85
N TYR G 90 -15.24 39.26 -20.02
CA TYR G 90 -16.38 40.15 -20.21
C TYR G 90 -16.62 40.77 -18.84
N LYS G 91 -16.68 42.12 -18.80
CA LYS G 91 -16.75 42.84 -17.54
C LYS G 91 -17.96 43.79 -17.57
N PRO G 92 -19.12 43.33 -17.07
CA PRO G 92 -20.34 44.15 -17.16
C PRO G 92 -20.23 45.47 -16.44
N LYS G 93 -20.93 46.46 -17.03
CA LYS G 93 -21.05 47.78 -16.41
C LYS G 93 -22.47 47.84 -15.91
N GLN G 94 -22.65 47.80 -14.61
CA GLN G 94 -23.99 47.73 -14.02
C GLN G 94 -24.14 48.85 -13.01
N ASN G 95 -25.38 49.27 -12.80
CA ASN G 95 -25.69 50.30 -11.81
C ASN G 95 -25.43 49.70 -10.43
N PRO G 96 -24.59 50.35 -9.63
CA PRO G 96 -24.29 49.83 -8.32
C PRO G 96 -25.49 49.78 -7.33
N ALA G 97 -26.57 50.49 -7.66
CA ALA G 97 -27.81 50.46 -6.95
C ALA G 97 -28.42 49.06 -6.99
N ALA G 98 -28.08 48.24 -7.99
CA ALA G 98 -28.47 46.82 -7.96
C ALA G 98 -28.15 46.08 -6.63
N ARG G 99 -27.04 46.44 -5.99
CA ARG G 99 -26.58 45.81 -4.78
C ARG G 99 -27.56 46.06 -3.66
N ALA G 100 -28.27 47.21 -3.69
CA ALA G 100 -29.11 47.58 -2.58
C ALA G 100 -30.43 46.80 -2.54
N VAL G 101 -30.79 46.15 -3.64
CA VAL G 101 -32.02 45.37 -3.70
C VAL G 101 -31.75 43.86 -3.70
N ALA G 102 -30.53 43.47 -3.33
CA ALA G 102 -30.25 42.03 -3.16
C ALA G 102 -30.45 41.69 -1.68
N CYS G 103 -31.19 40.69 -1.37
CA CYS G 103 -31.49 40.51 0.09
C CYS G 103 -30.34 39.81 0.90
N CYS G 104 -29.83 38.76 0.31
CA CYS G 104 -28.83 37.91 0.90
C CYS G 104 -27.56 37.80 0.05
N ASP G 105 -26.83 38.86 0.00
CA ASP G 105 -25.60 38.90 -0.79
C ASP G 105 -25.83 38.96 -2.31
N VAL G 106 -24.80 39.45 -2.99
CA VAL G 106 -24.82 39.67 -4.42
C VAL G 106 -24.30 38.46 -5.22
N VAL G 107 -24.89 37.32 -4.89
CA VAL G 107 -24.51 36.07 -5.51
C VAL G 107 -25.08 35.91 -6.90
N ASN G 108 -24.47 35.00 -7.63
CA ASN G 108 -24.86 34.69 -8.95
C ASN G 108 -24.59 33.18 -9.17
N ARG G 109 -25.60 32.44 -9.60
CA ARG G 109 -25.44 30.99 -9.66
C ARG G 109 -24.92 30.48 -10.96
N GLY G 110 -24.53 31.34 -11.91
CA GLY G 110 -23.60 30.89 -12.94
C GLY G 110 -23.98 30.92 -14.37
N LEU G 111 -23.07 30.44 -15.21
CA LEU G 111 -23.26 30.50 -16.61
C LEU G 111 -24.01 29.35 -17.15
N ALA G 112 -24.54 29.53 -18.34
CA ALA G 112 -25.00 28.45 -19.18
C ALA G 112 -24.30 28.53 -20.54
N TYR G 113 -24.50 27.52 -21.34
CA TYR G 113 -23.80 27.23 -22.58
C TYR G 113 -24.74 26.52 -23.61
N VAL G 114 -24.62 26.93 -24.88
CA VAL G 114 -25.27 26.19 -25.98
C VAL G 114 -24.20 26.01 -27.06
N PRO G 115 -24.17 24.80 -27.65
CA PRO G 115 -23.18 24.64 -28.75
C PRO G 115 -23.68 25.39 -30.04
N ALA G 116 -22.84 25.38 -31.04
CA ALA G 116 -23.16 25.93 -32.34
C ALA G 116 -24.24 25.10 -32.99
N GLY G 117 -25.01 25.83 -33.75
CA GLY G 117 -26.12 25.33 -34.50
C GLY G 117 -26.71 26.35 -35.44
N GLU G 118 -27.94 26.13 -35.78
CA GLU G 118 -28.66 27.02 -36.70
C GLU G 118 -28.76 28.45 -36.15
N HIS G 119 -28.74 28.57 -34.86
CA HIS G 119 -28.65 29.89 -34.24
C HIS G 119 -27.39 30.84 -34.25
N GLY G 120 -26.11 30.80 -34.62
CA GLY G 120 -25.19 29.98 -35.07
C GLY G 120 -24.08 29.76 -34.03
N PRO G 121 -23.08 30.65 -33.72
CA PRO G 121 -21.98 29.95 -33.02
C PRO G 121 -22.30 29.62 -31.55
N ALA G 122 -21.44 28.82 -30.94
CA ALA G 122 -21.62 28.48 -29.51
C ALA G 122 -21.62 29.77 -28.65
N LYS G 123 -22.47 29.79 -27.60
CA LYS G 123 -22.68 30.93 -26.71
C LYS G 123 -22.62 30.57 -25.25
N ILE G 124 -22.15 31.55 -24.48
CA ILE G 124 -22.23 31.55 -23.03
C ILE G 124 -23.36 32.54 -22.67
N PHE G 125 -24.23 32.18 -21.73
CA PHE G 125 -25.28 33.02 -21.22
C PHE G 125 -25.03 33.37 -19.76
N LEU G 126 -25.19 34.64 -19.44
CA LEU G 126 -24.97 35.24 -18.15
C LEU G 126 -26.26 35.98 -17.75
N ASN G 127 -26.77 35.67 -16.58
CA ASN G 127 -27.81 36.55 -15.95
C ASN G 127 -27.10 37.55 -15.06
N GLN G 128 -27.31 38.86 -15.24
CA GLN G 128 -26.70 39.85 -14.35
C GLN G 128 -27.64 40.22 -13.24
N LEU G 129 -27.07 40.60 -12.10
CA LEU G 129 -27.86 41.07 -10.95
C LEU G 129 -28.80 42.16 -11.36
N ASP G 130 -28.34 43.08 -12.24
CA ASP G 130 -29.21 44.16 -12.69
C ASP G 130 -30.32 43.77 -13.66
N GLY G 131 -30.52 42.46 -13.91
CA GLY G 131 -31.72 42.00 -14.57
C GLY G 131 -31.62 41.75 -16.05
N HIS G 132 -30.41 41.82 -16.58
CA HIS G 132 -30.20 41.52 -17.98
C HIS G 132 -29.76 40.06 -18.15
N ILE G 133 -30.22 39.50 -19.24
CA ILE G 133 -29.76 38.22 -19.79
C ILE G 133 -28.83 38.58 -20.99
N VAL G 134 -27.60 38.07 -20.98
CA VAL G 134 -26.56 38.41 -21.97
C VAL G 134 -26.09 37.14 -22.62
N ALA G 135 -25.98 37.14 -23.96
CA ALA G 135 -25.39 36.03 -24.75
C ALA G 135 -24.04 36.46 -25.26
N LEU G 136 -23.00 35.68 -24.94
CA LEU G 136 -21.63 35.97 -25.34
C LEU G 136 -21.16 34.89 -26.28
N ASN G 137 -20.27 35.26 -27.20
CA ASN G 137 -19.66 34.24 -28.06
C ASN G 137 -18.75 33.36 -27.19
N ALA G 138 -18.93 32.03 -27.21
CA ALA G 138 -18.20 31.16 -26.26
C ALA G 138 -16.70 31.16 -26.54
N LYS G 139 -16.29 31.41 -27.80
CA LYS G 139 -14.88 31.32 -28.17
C LYS G 139 -14.20 32.63 -28.07
N THR G 140 -14.91 33.74 -28.25
CA THR G 140 -14.26 35.04 -28.31
C THR G 140 -14.71 36.00 -27.23
N GLY G 141 -15.85 35.72 -26.60
CA GLY G 141 -16.33 36.62 -25.51
C GLY G 141 -17.08 37.86 -26.00
N GLU G 142 -17.32 37.94 -27.30
CA GLU G 142 -17.97 39.13 -27.86
C GLU G 142 -19.45 39.09 -27.45
N GLU G 143 -19.99 40.25 -27.08
CA GLU G 143 -21.41 40.37 -26.74
C GLU G 143 -22.28 40.14 -27.98
N ILE G 144 -23.16 39.16 -28.00
CA ILE G 144 -23.96 38.88 -29.17
C ILE G 144 -25.28 39.63 -29.00
N TRP G 145 -25.95 39.45 -27.86
CA TRP G 145 -27.24 40.15 -27.58
C TRP G 145 -27.40 40.32 -26.08
N LYS G 146 -28.30 41.23 -25.68
CA LYS G 146 -28.49 41.56 -24.29
C LYS G 146 -29.89 42.08 -24.13
N MET G 147 -30.72 41.44 -23.26
CA MET G 147 -32.09 41.91 -23.09
C MET G 147 -32.37 42.26 -21.63
N GLU G 148 -33.34 43.14 -21.42
CA GLU G 148 -33.83 43.48 -20.09
C GLU G 148 -34.86 42.50 -19.61
N ASN G 149 -34.57 41.74 -18.57
CA ASN G 149 -35.60 40.79 -18.07
C ASN G 149 -36.31 41.33 -16.84
N SER G 150 -35.54 41.90 -15.92
CA SER G 150 -35.97 42.28 -14.56
C SER G 150 -35.51 43.68 -14.28
N ASP G 151 -36.33 44.43 -13.56
CA ASP G 151 -36.10 45.84 -13.29
C ASP G 151 -35.74 46.17 -11.84
N ILE G 152 -34.51 46.57 -11.58
CA ILE G 152 -34.09 46.80 -10.24
C ILE G 152 -34.81 47.94 -9.50
N ALA G 153 -35.40 48.88 -10.23
CA ALA G 153 -36.21 49.91 -9.58
C ALA G 153 -37.46 49.32 -8.93
N MET G 154 -37.87 48.13 -9.37
CA MET G 154 -38.95 47.41 -8.75
C MET G 154 -38.44 46.41 -7.69
N GLY G 155 -37.17 46.37 -7.36
CA GLY G 155 -36.65 45.36 -6.44
C GLY G 155 -36.46 44.02 -7.12
N SER G 156 -36.45 43.98 -8.44
CA SER G 156 -36.40 42.75 -9.22
C SER G 156 -35.02 42.56 -9.86
N THR G 157 -34.35 41.45 -9.48
CA THR G 157 -32.94 41.17 -9.84
C THR G 157 -32.89 39.80 -10.45
N LEU G 158 -31.71 39.40 -10.91
CA LEU G 158 -31.48 37.98 -11.23
C LEU G 158 -30.32 37.44 -10.46
N THR G 159 -30.53 36.23 -9.93
CA THR G 159 -29.46 35.48 -9.30
C THR G 159 -29.31 34.05 -9.78
N GLY G 160 -30.39 33.39 -10.20
CA GLY G 160 -30.32 32.03 -10.72
C GLY G 160 -29.71 31.96 -12.12
N ALA G 161 -29.10 30.84 -12.41
CA ALA G 161 -28.43 30.64 -13.71
C ALA G 161 -29.47 30.50 -14.85
N PRO G 162 -29.10 30.94 -16.03
CA PRO G 162 -29.93 30.63 -17.21
C PRO G 162 -29.92 29.13 -17.49
N PHE G 163 -30.89 28.68 -18.26
CA PHE G 163 -31.06 27.28 -18.60
C PHE G 163 -31.40 27.08 -20.07
N VAL G 164 -30.60 26.32 -20.78
CA VAL G 164 -30.74 26.15 -22.25
C VAL G 164 -31.52 24.89 -22.57
N VAL G 165 -32.62 25.05 -23.30
CA VAL G 165 -33.44 23.96 -23.77
C VAL G 165 -33.74 24.25 -25.26
N LYS G 166 -33.44 23.27 -26.12
CA LYS G 166 -33.53 23.42 -27.59
C LYS G 166 -32.85 24.73 -28.03
N ASP G 167 -33.54 25.62 -28.75
CA ASP G 167 -32.96 26.89 -29.12
C ASP G 167 -33.49 28.05 -28.26
N LYS G 168 -33.78 27.77 -26.99
CA LYS G 168 -34.29 28.80 -26.06
C LYS G 168 -33.39 28.80 -24.84
N VAL G 169 -33.29 29.93 -24.23
CA VAL G 169 -32.67 30.04 -22.92
C VAL G 169 -33.71 30.60 -21.93
N LEU G 170 -33.86 29.88 -20.81
CA LEU G 170 -34.78 30.26 -19.72
C LEU G 170 -34.10 31.14 -18.66
N VAL G 171 -34.80 32.20 -18.28
CA VAL G 171 -34.39 33.20 -17.35
C VAL G 171 -35.46 33.31 -16.28
N GLY G 172 -35.08 33.10 -15.04
CA GLY G 172 -35.97 33.20 -13.87
C GLY G 172 -36.09 34.60 -13.35
N SER G 173 -36.28 34.73 -12.03
CA SER G 173 -36.64 35.99 -11.41
C SER G 173 -36.21 35.93 -9.95
N ALA G 174 -36.09 37.06 -9.28
CA ALA G 174 -35.69 37.11 -7.88
C ALA G 174 -36.24 38.44 -7.37
N GLY G 175 -36.35 38.54 -6.09
CA GLY G 175 -36.92 39.72 -5.43
C GLY G 175 -38.26 39.47 -4.72
N ALA G 176 -38.55 38.24 -4.30
CA ALA G 176 -39.77 38.04 -3.48
C ALA G 176 -39.79 38.79 -2.19
N GLU G 177 -38.59 38.99 -1.63
CA GLU G 177 -38.46 39.82 -0.43
C GLU G 177 -38.82 41.33 -0.66
N LEU G 178 -38.99 41.69 -1.90
CA LEU G 178 -39.42 43.04 -2.31
C LEU G 178 -40.75 43.05 -3.00
N GLY G 179 -41.53 42.01 -2.80
CA GLY G 179 -42.86 41.94 -3.39
C GLY G 179 -42.84 41.81 -4.94
N VAL G 180 -41.81 41.18 -5.52
CA VAL G 180 -41.82 40.89 -6.94
C VAL G 180 -42.63 39.66 -7.24
N ARG G 181 -43.59 39.77 -8.17
CA ARG G 181 -44.37 38.69 -8.66
C ARG G 181 -43.51 37.90 -9.65
N GLY G 182 -43.37 36.62 -9.37
CA GLY G 182 -42.42 35.78 -10.07
C GLY G 182 -42.82 35.47 -11.49
N TYR G 183 -41.82 35.39 -12.33
CA TYR G 183 -42.06 34.90 -13.70
C TYR G 183 -40.79 34.25 -14.28
N VAL G 184 -41.01 33.26 -15.15
CA VAL G 184 -39.96 32.66 -15.95
C VAL G 184 -40.18 32.94 -17.45
N THR G 185 -39.09 33.15 -18.17
CA THR G 185 -39.14 33.68 -19.52
C THR G 185 -38.28 32.82 -20.43
N ALA G 186 -38.79 32.45 -21.57
CA ALA G 186 -37.96 31.78 -22.61
C ALA G 186 -37.57 32.73 -23.74
N TYR G 187 -36.28 32.92 -23.94
CA TYR G 187 -35.74 33.76 -25.02
C TYR G 187 -35.17 32.92 -26.12
N ASN G 188 -35.47 33.28 -27.37
CA ASN G 188 -34.80 32.68 -28.51
C ASN G 188 -33.31 32.90 -28.52
N ILE G 189 -32.56 31.83 -28.69
CA ILE G 189 -31.09 31.97 -28.54
C ILE G 189 -30.46 32.76 -29.70
N LYS G 190 -31.05 32.72 -30.87
CA LYS G 190 -30.46 33.41 -32.05
C LYS G 190 -30.33 34.91 -31.84
N ASP G 191 -31.41 35.49 -31.31
CA ASP G 191 -31.56 36.95 -31.26
C ASP G 191 -32.18 37.56 -30.01
N GLY G 192 -32.46 36.73 -28.99
CA GLY G 192 -33.03 37.25 -27.75
C GLY G 192 -34.50 37.56 -27.84
N LYS G 193 -35.20 37.07 -28.85
CA LYS G 193 -36.66 37.31 -28.92
C LYS G 193 -37.43 36.56 -27.81
N GLN G 194 -38.25 37.28 -27.09
CA GLN G 194 -39.05 36.65 -26.06
C GLN G 194 -40.08 35.67 -26.63
N GLU G 195 -40.01 34.40 -26.28
CA GLU G 195 -40.96 33.39 -26.83
C GLU G 195 -42.15 33.19 -25.96
N TRP G 196 -41.92 33.10 -24.64
CA TRP G 196 -43.04 32.95 -23.71
C TRP G 196 -42.63 33.35 -22.34
N ARG G 197 -43.62 33.62 -21.47
CA ARG G 197 -43.33 34.15 -20.14
C ARG G 197 -44.48 33.67 -19.24
N ALA G 198 -44.15 32.92 -18.19
CA ALA G 198 -45.13 32.34 -17.33
C ALA G 198 -44.95 32.90 -15.94
N TYR G 199 -46.03 33.43 -15.38
CA TYR G 199 -46.02 34.07 -14.07
C TYR G 199 -46.46 33.01 -13.01
N ALA G 200 -46.09 33.27 -11.76
CA ALA G 200 -46.41 32.36 -10.68
C ALA G 200 -47.75 32.60 -10.02
N THR G 201 -48.34 33.77 -10.24
CA THR G 201 -49.62 34.11 -9.61
C THR G 201 -50.46 34.82 -10.66
N GLY G 202 -51.72 34.99 -10.35
CA GLY G 202 -52.62 35.74 -11.20
C GLY G 202 -53.49 34.93 -12.16
N PRO G 203 -54.01 35.63 -13.21
CA PRO G 203 -54.93 34.97 -14.13
C PRO G 203 -54.31 33.79 -14.84
N ASP G 204 -55.14 32.84 -15.20
CA ASP G 204 -54.64 31.64 -15.86
C ASP G 204 -53.86 31.94 -17.12
N GLU G 205 -54.25 32.98 -17.85
CA GLU G 205 -53.52 33.36 -19.08
C GLU G 205 -52.07 33.72 -18.75
N ASP G 206 -51.85 34.38 -17.60
CA ASP G 206 -50.49 34.68 -17.19
C ASP G 206 -49.70 33.42 -16.67
N LEU G 207 -50.40 32.52 -16.00
CA LEU G 207 -49.77 31.30 -15.41
C LEU G 207 -49.25 30.40 -16.55
N LEU G 208 -49.93 30.49 -17.71
CA LEU G 208 -49.62 29.72 -18.90
C LEU G 208 -49.77 28.20 -18.71
N LEU G 209 -51.05 27.82 -18.71
CA LEU G 209 -51.50 26.49 -18.40
C LEU G 209 -51.91 25.71 -19.63
N ASP G 210 -51.67 24.40 -19.67
CA ASP G 210 -52.18 23.54 -20.73
C ASP G 210 -53.68 23.42 -20.52
N LYS G 211 -54.47 23.24 -21.57
CA LYS G 211 -55.90 22.83 -21.35
C LYS G 211 -56.07 21.64 -20.38
N ASP G 212 -55.12 20.70 -20.38
CA ASP G 212 -55.20 19.50 -19.55
C ASP G 212 -54.27 19.63 -18.29
N PHE G 213 -53.99 20.86 -17.88
CA PHE G 213 -53.26 21.11 -16.60
C PHE G 213 -53.84 20.30 -15.42
N ASN G 214 -52.95 19.52 -14.79
CA ASN G 214 -53.25 18.66 -13.64
C ASN G 214 -54.41 17.72 -13.91
N LYS G 215 -54.57 17.32 -15.18
CA LYS G 215 -55.63 16.30 -15.48
C LYS G 215 -55.39 15.02 -14.70
N ASP G 216 -54.13 14.64 -14.44
CA ASP G 216 -53.87 13.36 -13.74
C ASP G 216 -54.07 13.50 -12.21
N ASN G 217 -53.97 14.73 -11.71
CA ASN G 217 -54.18 15.03 -10.29
C ASN G 217 -55.06 16.23 -10.07
N PRO G 218 -56.33 16.10 -10.37
CA PRO G 218 -57.20 17.33 -10.28
C PRO G 218 -57.37 17.88 -8.86
N HIS G 219 -57.11 17.04 -7.88
CA HIS G 219 -57.11 17.41 -6.48
C HIS G 219 -56.00 18.36 -6.08
N TYR G 220 -54.97 18.50 -6.90
CA TYR G 220 -53.97 19.57 -6.73
C TYR G 220 -54.53 20.95 -6.94
N GLY G 221 -55.64 21.06 -7.63
CA GLY G 221 -56.10 22.35 -8.14
C GLY G 221 -55.87 22.44 -9.64
N GLN G 222 -56.81 23.08 -10.34
CA GLN G 222 -56.66 23.32 -11.71
C GLN G 222 -56.79 24.81 -12.01
N PHE G 223 -57.96 25.25 -12.52
CA PHE G 223 -58.10 26.62 -13.08
C PHE G 223 -58.58 27.67 -12.09
N GLY G 224 -58.18 28.92 -12.33
CA GLY G 224 -58.63 30.12 -11.60
C GLY G 224 -57.98 30.34 -10.23
N LEU G 225 -57.03 29.48 -9.82
CA LEU G 225 -56.48 29.53 -8.45
C LEU G 225 -55.42 30.56 -8.21
N GLY G 226 -54.76 31.03 -9.26
CA GLY G 226 -53.83 32.12 -9.19
C GLY G 226 -54.46 33.46 -8.82
N LEU G 227 -55.80 33.49 -8.96
CA LEU G 227 -56.64 34.58 -8.41
C LEU G 227 -57.44 34.20 -7.20
N SER G 228 -58.14 33.07 -7.23
CA SER G 228 -59.06 32.74 -6.14
C SER G 228 -58.45 32.38 -4.79
N THR G 229 -57.14 32.11 -4.75
CA THR G 229 -56.44 31.85 -3.49
C THR G 229 -55.71 33.07 -2.95
N TRP G 230 -56.03 34.25 -3.49
CA TRP G 230 -55.61 35.53 -2.96
C TRP G 230 -56.85 36.40 -2.67
N GLU G 231 -56.69 37.37 -1.79
CA GLU G 231 -57.72 38.36 -1.54
C GLU G 231 -57.47 39.56 -2.43
N GLY G 232 -58.42 39.81 -3.35
CA GLY G 232 -58.29 40.97 -4.20
C GLY G 232 -57.01 40.93 -5.08
N ASP G 233 -56.26 42.02 -5.13
CA ASP G 233 -55.13 42.15 -6.03
C ASP G 233 -53.78 41.85 -5.34
N ALA G 234 -53.81 41.19 -4.19
CA ALA G 234 -52.59 40.92 -3.48
C ALA G 234 -51.63 40.01 -4.33
N TRP G 235 -52.17 39.26 -5.29
CA TRP G 235 -51.33 38.47 -6.15
C TRP G 235 -50.34 39.30 -6.94
N LYS G 236 -50.65 40.60 -7.12
CA LYS G 236 -49.80 41.41 -7.97
C LYS G 236 -48.38 41.58 -7.45
N ILE G 237 -48.21 41.51 -6.17
CA ILE G 237 -46.95 41.69 -5.49
C ILE G 237 -46.64 40.41 -4.70
N GLY G 238 -47.05 39.29 -5.27
CA GLY G 238 -47.28 38.05 -4.50
C GLY G 238 -46.12 37.08 -4.38
N GLY G 239 -44.98 37.37 -4.97
CA GLY G 239 -43.79 36.50 -4.88
C GLY G 239 -43.80 35.41 -5.92
N GLY G 240 -43.24 34.27 -5.54
CA GLY G 240 -43.17 33.13 -6.43
C GLY G 240 -42.04 33.22 -7.46
N THR G 241 -41.08 34.12 -7.23
CA THR G 241 -39.93 34.20 -8.11
C THR G 241 -39.15 32.87 -8.15
N ASN G 242 -38.51 32.57 -9.26
CA ASN G 242 -37.81 31.31 -9.44
C ASN G 242 -36.32 31.55 -9.69
N TRP G 243 -35.52 31.46 -8.62
CA TRP G 243 -34.10 31.78 -8.71
C TRP G 243 -33.22 30.54 -8.49
N GLY G 244 -33.84 29.38 -8.54
CA GLY G 244 -33.15 28.12 -8.38
C GLY G 244 -32.86 27.40 -9.71
N TRP G 245 -33.10 26.11 -9.74
CA TRP G 245 -32.56 25.23 -10.75
C TRP G 245 -33.70 24.58 -11.57
N TYR G 246 -33.35 24.09 -12.76
CA TYR G 246 -34.26 23.40 -13.61
C TYR G 246 -33.76 22.02 -13.95
N ALA G 247 -34.71 21.23 -14.47
CA ALA G 247 -34.39 19.94 -15.08
C ALA G 247 -35.22 19.80 -16.37
N TYR G 248 -34.82 18.85 -17.22
CA TYR G 248 -35.50 18.71 -18.52
C TYR G 248 -35.47 17.24 -18.93
N ASP G 249 -36.60 16.74 -19.35
CA ASP G 249 -36.73 15.41 -19.91
C ASP G 249 -37.04 15.59 -21.40
N PRO G 250 -36.09 15.32 -22.27
CA PRO G 250 -36.36 15.47 -23.71
C PRO G 250 -37.36 14.49 -24.29
N LYS G 251 -37.59 13.34 -23.66
CA LYS G 251 -38.63 12.40 -24.18
C LYS G 251 -40.02 12.89 -23.91
N LEU G 252 -40.24 13.47 -22.72
CA LEU G 252 -41.49 14.13 -22.43
C LEU G 252 -41.58 15.55 -23.01
N ASP G 253 -40.42 16.13 -23.32
CA ASP G 253 -40.26 17.56 -23.75
C ASP G 253 -40.75 18.56 -22.68
N MET G 254 -40.36 18.29 -21.42
CA MET G 254 -40.94 18.99 -20.26
C MET G 254 -39.78 19.53 -19.41
N ILE G 255 -39.97 20.77 -18.92
CA ILE G 255 -39.05 21.47 -18.06
C ILE G 255 -39.65 21.50 -16.64
N TYR G 256 -38.80 21.28 -15.65
CA TYR G 256 -39.22 21.20 -14.23
C TYR G 256 -38.49 22.28 -13.46
N TYR G 257 -39.22 23.00 -12.58
CA TYR G 257 -38.60 23.94 -11.69
C TYR G 257 -39.63 24.27 -10.61
N GLY G 258 -39.14 24.87 -9.54
CA GLY G 258 -39.99 25.33 -8.50
C GLY G 258 -40.14 26.84 -8.39
N SER G 259 -41.35 27.29 -8.07
CA SER G 259 -41.59 28.69 -7.74
C SER G 259 -41.43 28.97 -6.24
N GLY G 260 -41.02 30.19 -5.93
CA GLY G 260 -40.63 30.59 -4.65
C GLY G 260 -41.76 31.05 -3.73
N ASN G 261 -41.35 31.70 -2.69
CA ASN G 261 -42.25 32.04 -1.60
C ASN G 261 -43.20 33.17 -1.97
N PRO G 262 -44.37 33.16 -1.32
CA PRO G 262 -45.24 34.34 -1.45
C PRO G 262 -44.74 35.52 -0.63
N ALA G 263 -45.12 36.73 -1.06
CA ALA G 263 -44.77 37.97 -0.43
C ALA G 263 -46.05 38.64 0.10
N PRO G 264 -45.99 39.28 1.28
CA PRO G 264 -44.82 39.36 2.15
C PRO G 264 -44.60 38.12 2.97
N TRP G 265 -43.54 38.13 3.84
CA TRP G 265 -43.35 37.02 4.74
C TRP G 265 -44.45 36.99 5.77
N ASN G 266 -45.06 38.15 6.07
CA ASN G 266 -46.22 38.26 7.04
C ASN G 266 -47.47 37.61 6.47
N GLU G 267 -47.73 36.39 6.93
CA GLU G 267 -48.77 35.58 6.36
C GLU G 267 -50.16 36.21 6.55
N THR G 268 -50.31 36.98 7.62
CA THR G 268 -51.61 37.53 7.98
C THR G 268 -52.04 38.57 6.94
N MET G 269 -51.10 39.19 6.21
CA MET G 269 -51.44 40.17 5.20
C MET G 269 -51.92 39.56 3.86
N ARG G 270 -51.87 38.23 3.72
CA ARG G 270 -52.16 37.57 2.42
C ARG G 270 -52.91 36.28 2.71
N PRO G 271 -54.11 36.39 3.30
CA PRO G 271 -54.92 35.20 3.40
C PRO G 271 -55.11 34.44 2.05
N GLY G 272 -55.09 33.11 2.12
CA GLY G 272 -55.34 32.25 0.95
C GLY G 272 -54.21 31.33 0.71
N ASP G 273 -54.45 30.29 -0.11
CA ASP G 273 -53.38 29.29 -0.44
C ASP G 273 -52.22 29.92 -1.22
N ASN G 274 -52.47 31.11 -1.79
CA ASN G 274 -51.46 31.88 -2.51
C ASN G 274 -50.83 31.10 -3.69
N LYS G 275 -51.65 30.40 -4.44
CA LYS G 275 -51.20 29.69 -5.61
C LYS G 275 -50.78 30.67 -6.67
N TRP G 276 -49.80 30.34 -7.49
CA TRP G 276 -49.02 29.11 -7.51
C TRP G 276 -47.55 29.39 -7.07
N THR G 277 -47.43 30.08 -5.94
CA THR G 277 -46.19 30.10 -5.22
C THR G 277 -45.94 28.68 -4.65
N MET G 278 -44.66 28.41 -4.32
CA MET G 278 -44.23 27.15 -3.66
C MET G 278 -44.65 25.98 -4.48
N THR G 279 -44.54 26.10 -5.78
CA THR G 279 -45.09 25.03 -6.65
C THR G 279 -44.02 24.29 -7.47
N ILE G 280 -44.13 22.98 -7.56
CA ILE G 280 -43.34 22.18 -8.52
C ILE G 280 -44.07 22.18 -9.88
N TRP G 281 -43.42 22.69 -10.92
CA TRP G 281 -44.06 22.77 -12.25
C TRP G 281 -43.45 21.76 -13.21
N GLY G 282 -44.28 21.24 -14.11
CA GLY G 282 -43.85 20.52 -15.31
C GLY G 282 -44.43 21.30 -16.51
N ARG G 283 -43.57 21.98 -17.27
CA ARG G 283 -44.03 22.81 -18.39
C ARG G 283 -43.51 22.28 -19.71
N ASP G 284 -44.35 22.37 -20.71
CA ASP G 284 -43.97 22.04 -22.05
C ASP G 284 -42.86 22.98 -22.52
N ALA G 285 -41.77 22.44 -23.09
CA ALA G 285 -40.62 23.24 -23.50
C ALA G 285 -40.94 24.32 -24.53
N ASP G 286 -41.65 23.94 -25.57
CA ASP G 286 -41.83 24.87 -26.71
C ASP G 286 -42.78 26.00 -26.38
N THR G 287 -43.86 25.73 -25.66
CA THR G 287 -44.85 26.77 -25.35
C THR G 287 -44.90 27.32 -23.91
N GLY G 288 -44.21 26.67 -22.99
CA GLY G 288 -44.25 26.95 -21.61
C GLY G 288 -45.49 26.49 -20.89
N ARG G 289 -46.44 25.83 -21.54
CA ARG G 289 -47.75 25.54 -20.92
C ARG G 289 -47.58 24.46 -19.86
N ALA G 290 -48.11 24.74 -18.66
CA ALA G 290 -47.98 23.79 -17.56
C ALA G 290 -48.81 22.61 -17.75
N LYS G 291 -48.19 21.44 -17.70
CA LYS G 291 -48.95 20.20 -17.65
C LYS G 291 -49.33 19.76 -16.27
N PHE G 292 -48.46 19.99 -15.29
CA PHE G 292 -48.81 19.84 -13.93
C PHE G 292 -48.18 20.92 -13.06
N GLY G 293 -48.74 21.03 -11.88
CA GLY G 293 -48.34 21.98 -10.86
C GLY G 293 -48.78 21.43 -9.52
N TYR G 294 -47.83 21.25 -8.60
CA TYR G 294 -48.11 20.75 -7.27
C TYR G 294 -47.61 21.75 -6.26
N GLN G 295 -48.52 22.31 -5.46
CA GLN G 295 -48.19 23.27 -4.49
C GLN G 295 -47.76 22.55 -3.21
N LYS G 296 -46.46 22.68 -2.89
CA LYS G 296 -45.88 22.01 -1.73
C LYS G 296 -46.31 22.62 -0.43
N THR G 297 -46.34 23.96 -0.37
CA THR G 297 -46.50 24.62 0.87
C THR G 297 -47.63 25.69 0.64
N PRO G 298 -48.91 25.28 0.71
CA PRO G 298 -49.99 26.28 0.61
C PRO G 298 -49.90 27.32 1.73
N HIS G 299 -50.20 28.58 1.42
CA HIS G 299 -50.23 29.65 2.39
C HIS G 299 -48.93 29.65 3.26
N ASP G 300 -47.76 29.75 2.58
CA ASP G 300 -46.51 29.75 3.28
C ASP G 300 -46.53 30.71 4.48
N GLU G 301 -46.00 30.25 5.61
CA GLU G 301 -45.86 31.05 6.83
C GLU G 301 -44.39 31.19 7.26
N TRP G 302 -43.46 30.66 6.47
CA TRP G 302 -42.09 30.41 6.99
C TRP G 302 -40.98 30.81 6.02
N ASP G 303 -41.30 31.38 4.85
CA ASP G 303 -40.36 31.57 3.73
C ASP G 303 -39.68 30.27 3.39
N TYR G 304 -40.45 29.22 3.16
CA TYR G 304 -39.84 28.01 2.62
C TYR G 304 -39.69 28.03 1.08
N ALA G 305 -39.10 29.09 0.59
CA ALA G 305 -39.06 29.34 -0.87
C ALA G 305 -38.81 28.05 -1.66
N GLY G 306 -39.70 27.71 -2.58
CA GLY G 306 -39.71 26.42 -3.19
C GLY G 306 -38.88 26.25 -4.47
N VAL G 307 -37.71 26.86 -4.48
CA VAL G 307 -36.81 26.99 -5.65
C VAL G 307 -35.71 25.92 -5.77
N ASN G 308 -35.67 24.94 -4.85
CA ASN G 308 -34.53 24.05 -4.83
C ASN G 308 -34.51 23.14 -6.04
N TYR G 309 -33.38 22.49 -6.20
CA TYR G 309 -33.12 21.69 -7.36
C TYR G 309 -34.07 20.51 -7.57
N MET G 310 -34.14 20.08 -8.82
CA MET G 310 -34.95 18.95 -9.25
C MET G 310 -34.00 17.86 -9.85
N GLY G 311 -33.89 16.72 -9.20
CA GLY G 311 -33.04 15.62 -9.67
C GLY G 311 -33.87 14.51 -10.29
N LEU G 312 -33.62 14.21 -11.58
CA LEU G 312 -34.48 13.20 -12.24
C LEU G 312 -33.83 11.85 -12.13
N SER G 313 -34.65 10.82 -12.03
CA SER G 313 -34.14 9.48 -12.02
C SER G 313 -35.18 8.53 -12.55
N GLU G 314 -34.80 7.24 -12.73
CA GLU G 314 -35.79 6.23 -13.05
C GLU G 314 -35.66 5.14 -12.04
N GLN G 315 -36.68 4.88 -11.28
CA GLN G 315 -36.62 3.90 -10.18
C GLN G 315 -37.89 3.11 -10.09
N GLU G 316 -37.83 1.94 -9.46
CA GLU G 316 -39.07 1.19 -9.27
C GLU G 316 -39.95 1.78 -8.21
N VAL G 317 -41.24 1.89 -8.53
CA VAL G 317 -42.27 2.33 -7.61
C VAL G 317 -43.33 1.22 -7.64
N ASP G 318 -43.47 0.51 -6.52
CA ASP G 318 -44.31 -0.71 -6.45
C ASP G 318 -43.98 -1.67 -7.59
N GLY G 319 -42.70 -1.96 -7.82
CA GLY G 319 -42.30 -2.94 -8.85
C GLY G 319 -42.29 -2.42 -10.28
N LYS G 320 -42.72 -1.19 -10.51
CA LYS G 320 -42.78 -0.66 -11.88
C LYS G 320 -41.69 0.41 -12.06
N LEU G 321 -40.80 0.26 -13.01
CA LEU G 321 -39.78 1.25 -13.29
C LEU G 321 -40.44 2.54 -13.75
N THR G 322 -40.23 3.67 -13.07
CA THR G 322 -41.03 4.90 -13.28
C THR G 322 -40.06 6.15 -13.48
N PRO G 323 -40.36 7.08 -14.41
CA PRO G 323 -39.65 8.36 -14.49
C PRO G 323 -40.09 9.35 -13.41
N LEU G 324 -39.12 9.77 -12.62
CA LEU G 324 -39.31 10.49 -11.38
C LEU G 324 -38.55 11.78 -11.45
N LEU G 325 -39.02 12.72 -10.62
CA LEU G 325 -38.21 13.85 -10.15
C LEU G 325 -38.15 13.78 -8.61
N THR G 326 -37.03 14.18 -8.03
CA THR G 326 -36.84 14.24 -6.62
C THR G 326 -36.37 15.66 -6.27
N HIS G 327 -36.87 16.19 -5.19
CA HIS G 327 -36.78 17.65 -4.90
C HIS G 327 -36.74 17.85 -3.40
N PRO G 328 -35.57 18.15 -2.83
CA PRO G 328 -35.44 18.40 -1.40
C PRO G 328 -35.80 19.89 -1.13
N ASP G 329 -36.97 20.17 -0.57
CA ASP G 329 -37.49 21.55 -0.45
C ASP G 329 -36.90 22.21 0.81
N ARG G 330 -36.93 23.54 0.85
CA ARG G 330 -36.68 24.29 2.06
C ARG G 330 -37.50 23.85 3.23
N ASN G 331 -38.71 23.40 2.96
CA ASN G 331 -39.66 23.08 4.06
C ASN G 331 -39.28 21.79 4.79
N GLY G 332 -38.18 21.18 4.35
CA GLY G 332 -37.67 20.01 5.09
C GLY G 332 -38.25 18.70 4.61
N LEU G 333 -39.10 18.73 3.58
CA LEU G 333 -39.58 17.50 2.95
C LEU G 333 -38.84 17.23 1.64
N VAL G 334 -38.60 15.94 1.35
CA VAL G 334 -38.03 15.48 0.11
C VAL G 334 -39.21 14.89 -0.70
N TYR G 335 -39.53 15.55 -1.80
CA TYR G 335 -40.62 15.15 -2.67
C TYR G 335 -40.11 14.32 -3.81
N THR G 336 -40.80 13.24 -4.06
CA THR G 336 -40.59 12.43 -5.27
C THR G 336 -41.95 12.33 -6.00
N LEU G 337 -41.96 12.80 -7.23
CA LEU G 337 -43.13 12.79 -8.13
C LEU G 337 -42.82 11.95 -9.36
N ASN G 338 -43.87 11.38 -9.91
CA ASN G 338 -43.81 10.89 -11.28
C ASN G 338 -43.72 12.12 -12.14
N ARG G 339 -42.69 12.18 -12.96
CA ARG G 339 -42.38 13.38 -13.72
C ARG G 339 -43.15 13.50 -15.05
N GLU G 340 -43.88 12.47 -15.36
CA GLU G 340 -44.83 12.56 -16.47
C GLU G 340 -46.23 12.99 -16.02
N THR G 341 -46.76 12.43 -14.96
CA THR G 341 -48.12 12.73 -14.53
C THR G 341 -48.22 13.80 -13.44
N GLY G 342 -47.12 13.99 -12.74
CA GLY G 342 -47.08 14.80 -11.57
C GLY G 342 -47.54 14.14 -10.30
N ALA G 343 -47.91 12.88 -10.35
CA ALA G 343 -48.41 12.18 -9.19
C ALA G 343 -47.38 12.09 -8.05
N LEU G 344 -47.85 12.26 -6.79
CA LEU G 344 -46.95 12.23 -5.66
C LEU G 344 -46.58 10.76 -5.35
N VAL G 345 -45.33 10.41 -5.35
CA VAL G 345 -44.84 9.10 -4.96
C VAL G 345 -44.46 9.04 -3.47
N ASN G 346 -43.66 10.00 -3.00
CA ASN G 346 -43.32 10.15 -1.59
C ASN G 346 -43.01 11.60 -1.26
N ALA G 347 -43.13 11.92 0.01
CA ALA G 347 -42.74 13.21 0.57
C ALA G 347 -42.40 12.91 2.04
N PHE G 348 -41.10 12.81 2.36
CA PHE G 348 -40.65 12.39 3.65
C PHE G 348 -39.76 13.42 4.24
N LYS G 349 -39.71 13.48 5.57
CA LYS G 349 -38.89 14.47 6.28
C LYS G 349 -37.41 14.19 6.10
N ILE G 350 -36.62 15.20 5.72
CA ILE G 350 -35.20 15.07 5.52
C ILE G 350 -34.51 14.91 6.89
N ASP G 351 -35.20 15.31 7.94
CA ASP G 351 -34.75 15.11 9.28
C ASP G 351 -36.00 15.07 10.12
N ASP G 352 -36.05 14.18 11.09
CA ASP G 352 -37.26 13.96 11.86
C ASP G 352 -37.69 15.15 12.74
N THR G 353 -36.84 16.17 12.86
CA THR G 353 -37.16 17.33 13.65
C THR G 353 -38.08 18.38 12.99
N VAL G 354 -38.32 18.21 11.70
CA VAL G 354 -39.28 19.07 10.97
C VAL G 354 -40.60 19.09 11.74
N ASN G 355 -41.14 20.26 12.02
CA ASN G 355 -42.35 20.30 12.92
C ASN G 355 -43.51 21.22 12.48
N TRP G 356 -43.31 22.03 11.43
CA TRP G 356 -44.45 22.84 10.88
C TRP G 356 -45.56 22.00 10.30
N VAL G 357 -45.21 20.78 9.87
CA VAL G 357 -46.03 19.81 9.21
C VAL G 357 -45.89 18.53 10.00
N LYS G 358 -47.01 17.83 10.21
CA LYS G 358 -47.03 16.55 10.91
C LYS G 358 -46.58 15.48 9.92
N LYS G 359 -47.24 15.40 8.78
CA LYS G 359 -46.87 14.56 7.66
C LYS G 359 -47.62 15.06 6.46
N VAL G 360 -47.14 14.70 5.30
CA VAL G 360 -47.90 14.88 4.05
C VAL G 360 -48.76 13.63 3.82
N ASP G 361 -50.05 13.84 3.64
CA ASP G 361 -50.96 12.77 3.28
C ASP G 361 -50.80 12.53 1.80
N LEU G 362 -50.25 11.38 1.40
CA LEU G 362 -49.86 11.22 0.01
C LEU G 362 -51.08 11.09 -0.88
N LYS G 363 -52.22 10.68 -0.34
CA LYS G 363 -53.41 10.51 -1.18
C LYS G 363 -53.96 11.88 -1.52
N THR G 364 -54.06 12.75 -0.53
CA THR G 364 -54.68 14.06 -0.77
C THR G 364 -53.67 15.04 -1.26
N GLY G 365 -52.38 14.72 -1.04
CA GLY G 365 -51.25 15.62 -1.38
C GLY G 365 -51.07 16.80 -0.42
N LEU G 366 -51.82 16.83 0.68
CA LEU G 366 -51.77 18.01 1.56
C LEU G 366 -50.85 17.80 2.73
N PRO G 367 -50.07 18.84 3.08
CA PRO G 367 -49.35 18.77 4.35
C PRO G 367 -50.28 19.09 5.48
N ILE G 368 -50.38 18.16 6.43
CA ILE G 368 -51.19 18.34 7.65
C ILE G 368 -50.38 19.23 8.59
N ARG G 369 -50.87 20.45 8.78
CA ARG G 369 -50.15 21.48 9.48
C ARG G 369 -50.23 21.32 10.98
N ASP G 370 -49.13 21.62 11.67
CA ASP G 370 -49.18 21.68 13.17
C ASP G 370 -49.36 23.12 13.59
N PRO G 371 -50.55 23.50 14.09
CA PRO G 371 -50.77 24.93 14.44
C PRO G 371 -49.79 25.45 15.54
N GLU G 372 -49.21 24.54 16.32
CA GLU G 372 -48.18 24.95 17.32
C GLU G 372 -46.97 25.59 16.69
N TYR G 373 -46.72 25.35 15.41
CA TYR G 373 -45.55 25.89 14.73
C TYR G 373 -45.94 26.76 13.54
N SER G 374 -47.15 27.36 13.58
CA SER G 374 -47.62 28.31 12.60
C SER G 374 -46.97 29.67 12.93
N THR G 375 -47.03 30.59 11.99
CA THR G 375 -46.71 31.95 12.24
C THR G 375 -47.97 32.80 11.99
N ARG G 376 -47.99 33.97 12.62
CA ARG G 376 -49.21 34.80 12.60
C ARG G 376 -48.95 36.09 13.35
N MET G 377 -49.64 37.13 12.92
CA MET G 377 -49.58 38.43 13.62
C MET G 377 -49.84 38.31 15.11
N ASP G 378 -49.13 39.13 15.87
CA ASP G 378 -49.33 39.30 17.31
C ASP G 378 -48.95 38.06 18.08
N HIS G 379 -47.97 37.31 17.55
CA HIS G 379 -47.52 36.06 18.18
C HIS G 379 -46.04 35.87 17.82
N ASN G 380 -45.22 35.55 18.79
CA ASN G 380 -43.84 35.28 18.48
C ASN G 380 -43.74 33.74 18.50
N ALA G 381 -43.59 33.13 17.36
CA ALA G 381 -43.69 31.69 17.28
C ALA G 381 -42.28 31.14 17.58
N LYS G 382 -42.16 30.17 18.50
CA LYS G 382 -40.81 29.68 18.89
C LYS G 382 -40.54 28.26 18.43
N GLY G 383 -39.31 27.99 18.05
CA GLY G 383 -38.84 26.60 17.93
C GLY G 383 -39.35 25.98 16.59
N ILE G 384 -39.57 26.78 15.54
CA ILE G 384 -40.00 26.23 14.24
C ILE G 384 -38.85 25.63 13.48
N CYS G 385 -39.03 24.38 13.06
CA CYS G 385 -38.07 23.65 12.21
C CYS G 385 -38.70 23.23 10.86
N PRO G 386 -38.08 23.53 9.73
CA PRO G 386 -36.89 24.33 9.57
C PRO G 386 -37.10 25.81 9.77
N SER G 387 -36.00 26.51 9.94
CA SER G 387 -35.99 27.95 9.75
C SER G 387 -36.25 28.28 8.29
N ALA G 388 -36.43 29.59 8.08
CA ALA G 388 -36.50 30.09 6.73
C ALA G 388 -35.36 29.71 5.80
N MET G 389 -34.17 29.52 6.35
CA MET G 389 -33.02 29.12 5.53
C MET G 389 -33.21 27.71 4.97
N GLY G 390 -34.16 26.97 5.54
CA GLY G 390 -34.49 25.60 5.11
C GLY G 390 -33.60 24.52 5.71
N TYR G 391 -34.06 23.28 5.73
CA TYR G 391 -33.17 22.18 6.00
C TYR G 391 -32.42 21.83 4.70
N HIS G 392 -32.79 22.41 3.57
CA HIS G 392 -32.00 22.35 2.36
C HIS G 392 -32.22 23.69 1.63
N ASN G 393 -31.16 24.22 1.03
CA ASN G 393 -31.25 25.51 0.34
C ASN G 393 -30.77 25.28 -1.12
N GLN G 394 -30.03 26.24 -1.65
CA GLN G 394 -29.82 26.31 -3.07
C GLN G 394 -28.79 25.33 -3.63
N GLY G 395 -28.11 24.53 -2.81
CA GLY G 395 -27.12 23.58 -3.38
C GLY G 395 -27.72 22.51 -4.30
N ILE G 396 -27.05 22.28 -5.42
CA ILE G 396 -27.43 21.17 -6.33
C ILE G 396 -26.88 19.88 -5.78
N GLU G 397 -27.72 18.89 -5.67
CA GLU G 397 -27.24 17.62 -5.07
C GLU G 397 -26.98 16.55 -6.09
N SER G 398 -26.73 15.31 -5.63
CA SER G 398 -26.16 14.32 -6.51
C SER G 398 -26.85 12.97 -6.37
N TYR G 399 -26.82 12.16 -7.42
CA TYR G 399 -27.50 10.86 -7.46
C TYR G 399 -26.57 9.79 -8.10
N ASP G 400 -26.31 8.74 -7.35
CA ASP G 400 -25.60 7.52 -7.84
C ASP G 400 -26.67 6.55 -8.28
N PRO G 401 -26.76 6.32 -9.58
CA PRO G 401 -27.78 5.48 -10.14
C PRO G 401 -27.62 3.96 -9.87
N ASP G 402 -26.46 3.51 -9.46
CA ASP G 402 -26.24 2.10 -9.14
C ASP G 402 -26.60 1.83 -7.71
N LYS G 403 -26.28 2.76 -6.82
CA LYS G 403 -26.68 2.67 -5.43
C LYS G 403 -28.10 3.11 -5.21
N LYS G 404 -28.69 3.83 -6.16
CA LYS G 404 -30.00 4.48 -6.02
C LYS G 404 -30.09 5.36 -4.78
N LEU G 405 -29.04 6.16 -4.59
CA LEU G 405 -28.97 7.11 -3.47
C LEU G 405 -28.76 8.54 -3.95
N PHE G 406 -29.47 9.46 -3.29
CA PHE G 406 -29.18 10.86 -3.37
C PHE G 406 -28.30 11.25 -2.22
N PHE G 407 -27.32 12.07 -2.47
CA PHE G 407 -26.41 12.58 -1.46
C PHE G 407 -26.66 14.08 -1.31
N MET G 408 -26.90 14.53 -0.12
CA MET G 408 -27.28 15.94 0.10
C MET G 408 -26.61 16.56 1.27
N GLY G 409 -26.25 17.85 1.08
CA GLY G 409 -25.79 18.66 2.20
C GLY G 409 -27.03 19.31 2.78
N VAL G 410 -27.18 19.19 4.09
CA VAL G 410 -28.40 19.52 4.79
C VAL G 410 -28.02 20.63 5.79
N ASN G 411 -29.02 21.42 6.13
CA ASN G 411 -28.90 22.45 7.13
C ASN G 411 -29.76 22.00 8.33
N HIS G 412 -29.33 22.33 9.54
CA HIS G 412 -30.05 21.97 10.76
C HIS G 412 -30.21 23.27 11.57
N ILE G 413 -31.16 24.10 11.13
CA ILE G 413 -31.30 25.48 11.64
C ILE G 413 -32.78 25.62 11.95
N CYS G 414 -33.08 26.13 13.14
CA CYS G 414 -34.44 26.35 13.61
C CYS G 414 -34.62 27.83 13.90
N MET G 415 -35.86 28.27 14.18
CA MET G 415 -36.12 29.72 14.32
C MET G 415 -37.30 30.07 15.27
N ASP G 416 -37.23 31.30 15.73
CA ASP G 416 -38.39 32.04 16.19
C ASP G 416 -38.75 33.09 15.17
N TRP G 417 -40.06 33.41 15.10
CA TRP G 417 -40.55 34.29 14.09
C TRP G 417 -41.73 35.09 14.58
N GLU G 418 -41.69 36.40 14.37
CA GLU G 418 -42.89 37.23 14.60
C GLU G 418 -43.08 38.19 13.45
N PRO G 419 -44.27 38.25 12.86
CA PRO G 419 -44.47 39.16 11.75
C PRO G 419 -44.77 40.58 12.25
N PHE G 420 -44.68 41.52 11.34
CA PHE G 420 -45.07 42.91 11.54
C PHE G 420 -45.76 43.46 10.28
N MET G 421 -46.73 44.34 10.50
CA MET G 421 -47.40 45.02 9.38
C MET G 421 -46.48 46.04 8.73
N LEU G 422 -46.60 46.16 7.42
CA LEU G 422 -45.83 47.14 6.67
C LEU G 422 -46.43 47.44 5.34
N PRO G 423 -46.13 48.61 4.76
CA PRO G 423 -46.72 48.90 3.43
C PRO G 423 -45.84 48.33 2.33
N TYR G 424 -46.43 48.16 1.17
CA TYR G 424 -45.69 47.89 -0.04
C TYR G 424 -45.33 49.19 -0.72
N ARG G 425 -44.06 49.41 -0.98
CA ARG G 425 -43.61 50.54 -1.83
C ARG G 425 -42.62 49.96 -2.84
N ALA G 426 -42.91 50.05 -4.10
CA ALA G 426 -42.06 49.46 -5.10
C ALA G 426 -40.65 49.91 -5.01
N GLY G 427 -39.76 48.93 -4.97
CA GLY G 427 -38.35 49.12 -4.88
C GLY G 427 -37.85 49.12 -3.47
N GLN G 428 -38.75 49.06 -2.49
CA GLN G 428 -38.33 48.87 -1.07
C GLN G 428 -38.55 47.42 -0.64
N PHE G 429 -37.82 46.99 0.36
CA PHE G 429 -38.10 45.68 1.04
C PHE G 429 -39.55 45.55 1.58
N PHE G 430 -40.10 44.31 1.46
CA PHE G 430 -41.43 43.98 1.78
C PHE G 430 -41.45 42.62 2.47
N VAL G 431 -40.72 42.54 3.55
CA VAL G 431 -40.58 41.26 4.30
C VAL G 431 -41.58 41.13 5.39
N GLY G 432 -41.47 41.98 6.40
CA GLY G 432 -42.48 42.00 7.47
C GLY G 432 -42.48 40.85 8.46
N ALA G 433 -41.27 40.43 8.82
CA ALA G 433 -41.07 39.50 9.92
C ALA G 433 -39.71 39.68 10.53
N THR G 434 -39.64 39.40 11.81
CA THR G 434 -38.43 39.45 12.57
C THR G 434 -38.11 38.01 13.04
N LEU G 435 -36.90 37.52 12.73
CA LEU G 435 -36.46 36.15 13.09
C LEU G 435 -35.23 36.12 13.98
N ASN G 436 -35.13 35.04 14.71
CA ASN G 436 -33.96 34.65 15.40
C ASN G 436 -33.68 33.20 14.96
N MET G 437 -32.46 32.88 14.57
CA MET G 437 -32.15 31.49 14.13
C MET G 437 -31.06 30.87 14.95
N TYR G 438 -31.05 29.54 15.01
CA TYR G 438 -30.17 28.84 15.95
C TYR G 438 -30.17 27.37 15.55
N PRO G 439 -29.25 26.58 16.13
CA PRO G 439 -29.16 25.21 15.66
C PRO G 439 -30.40 24.45 15.98
N GLY G 440 -30.72 23.43 15.16
CA GLY G 440 -31.85 22.56 15.42
C GLY G 440 -31.54 21.65 16.66
N PRO G 441 -32.50 20.81 17.03
CA PRO G 441 -32.41 20.11 18.30
C PRO G 441 -31.24 19.16 18.42
N LYS G 442 -30.66 18.69 17.32
CA LYS G 442 -29.48 17.82 17.39
C LYS G 442 -28.21 18.55 17.70
N GLY G 443 -28.22 19.90 17.65
CA GLY G 443 -27.12 20.66 18.19
C GLY G 443 -26.09 21.25 17.22
N MET G 444 -26.03 20.70 16.04
CA MET G 444 -25.06 21.17 15.03
C MET G 444 -25.85 21.90 13.95
N LEU G 445 -25.16 22.64 13.08
CA LEU G 445 -25.82 23.40 12.05
C LEU G 445 -25.91 22.73 10.74
N GLY G 446 -25.17 21.63 10.52
CA GLY G 446 -25.22 21.03 9.20
C GLY G 446 -25.13 19.52 9.28
N GLN G 447 -25.52 18.84 8.21
CA GLN G 447 -25.37 17.36 8.05
C GLN G 447 -25.07 17.05 6.63
N VAL G 448 -24.55 15.84 6.35
CA VAL G 448 -24.55 15.28 5.01
C VAL G 448 -25.27 13.92 5.11
N LYS G 449 -26.17 13.66 4.19
CA LYS G 449 -26.98 12.47 4.24
C LYS G 449 -27.08 11.81 2.91
N ALA G 450 -27.25 10.48 2.94
CA ALA G 450 -27.44 9.68 1.73
C ALA G 450 -28.75 8.99 1.87
N MET G 451 -29.61 9.08 0.87
CA MET G 451 -30.99 8.52 1.00
C MET G 451 -31.55 7.94 -0.24
N ASN G 452 -32.46 6.98 -0.07
CA ASN G 452 -33.28 6.44 -1.13
C ASN G 452 -34.50 7.34 -1.27
N ALA G 453 -34.73 7.94 -2.43
CA ALA G 453 -35.85 8.94 -2.48
C ALA G 453 -37.27 8.33 -2.63
N VAL G 454 -37.35 7.05 -2.98
CA VAL G 454 -38.63 6.41 -3.06
C VAL G 454 -39.04 5.96 -1.70
N THR G 455 -38.14 5.34 -0.95
CA THR G 455 -38.47 4.77 0.38
C THR G 455 -38.28 5.74 1.48
N GLY G 456 -37.39 6.72 1.30
CA GLY G 456 -36.96 7.57 2.39
C GLY G 456 -35.89 6.98 3.30
N LYS G 457 -35.43 5.78 3.02
CA LYS G 457 -34.44 5.17 3.90
C LYS G 457 -33.09 5.95 3.80
N MET G 458 -32.59 6.40 4.94
CA MET G 458 -31.29 7.04 5.02
C MET G 458 -30.20 5.96 5.07
N GLU G 459 -29.26 5.94 4.15
CA GLU G 459 -28.21 4.96 4.21
C GLU G 459 -27.16 5.39 5.21
N TRP G 460 -26.91 6.70 5.32
CA TRP G 460 -26.01 7.25 6.27
C TRP G 460 -26.24 8.73 6.51
N GLU G 461 -25.86 9.19 7.67
CA GLU G 461 -26.01 10.61 8.09
C GLU G 461 -24.79 10.95 8.93
N VAL G 462 -24.14 12.07 8.64
CA VAL G 462 -22.99 12.52 9.39
C VAL G 462 -23.17 14.04 9.73
N PRO G 463 -22.68 14.48 10.87
CA PRO G 463 -22.83 15.91 11.26
C PRO G 463 -21.74 16.77 10.64
N GLU G 464 -22.04 18.07 10.52
CA GLU G 464 -21.10 19.10 10.07
C GLU G 464 -21.23 20.27 10.99
N LYS G 465 -20.12 20.96 11.25
CA LYS G 465 -20.11 22.13 12.12
C LYS G 465 -21.02 23.23 11.61
N PHE G 466 -20.99 23.48 10.31
CA PHE G 466 -21.89 24.48 9.67
C PHE G 466 -22.80 23.85 8.67
N ALA G 467 -23.90 24.53 8.40
CA ALA G 467 -24.79 24.15 7.32
C ALA G 467 -24.01 23.87 6.03
N VAL G 468 -24.36 22.79 5.31
CA VAL G 468 -23.72 22.43 4.04
C VAL G 468 -24.57 23.06 2.91
N TRP G 469 -24.06 24.15 2.36
CA TRP G 469 -24.88 25.07 1.52
C TRP G 469 -24.69 24.84 0.06
N GLY G 470 -23.49 24.40 -0.39
CA GLY G 470 -23.15 24.48 -1.80
C GLY G 470 -23.50 23.31 -2.70
N GLY G 471 -24.02 22.20 -2.14
CA GLY G 471 -24.33 21.08 -2.96
C GLY G 471 -23.17 20.11 -3.07
N THR G 472 -23.36 19.09 -3.89
CA THR G 472 -22.50 17.93 -3.88
C THR G 472 -22.22 17.47 -5.26
N LEU G 473 -21.13 16.70 -5.37
CA LEU G 473 -20.75 15.99 -6.56
C LEU G 473 -20.50 14.54 -6.15
N ALA G 474 -21.09 13.58 -6.86
CA ALA G 474 -20.82 12.16 -6.58
C ALA G 474 -20.18 11.49 -7.76
N THR G 475 -19.37 10.47 -7.51
CA THR G 475 -18.67 9.81 -8.58
C THR G 475 -18.69 8.31 -8.43
N ALA G 476 -18.40 7.69 -9.55
CA ALA G 476 -18.24 6.23 -9.60
C ALA G 476 -17.02 5.69 -8.92
N GLY G 477 -16.16 6.55 -8.43
CA GLY G 477 -15.14 6.17 -7.49
C GLY G 477 -15.58 5.95 -6.06
N ASP G 478 -16.89 5.95 -5.83
CA ASP G 478 -17.47 5.82 -4.48
C ASP G 478 -17.21 7.00 -3.57
N LEU G 479 -17.27 8.22 -4.15
CA LEU G 479 -17.00 9.41 -3.40
C LEU G 479 -18.07 10.45 -3.63
N VAL G 480 -18.30 11.24 -2.58
CA VAL G 480 -19.15 12.44 -2.70
C VAL G 480 -18.28 13.56 -2.17
N PHE G 481 -18.11 14.57 -3.00
CA PHE G 481 -17.35 15.77 -2.69
C PHE G 481 -18.29 16.95 -2.42
N TYR G 482 -17.86 17.81 -1.53
CA TYR G 482 -18.62 19.03 -1.19
C TYR G 482 -17.69 19.98 -0.50
N GLY G 483 -18.08 21.24 -0.51
CA GLY G 483 -17.43 22.27 0.20
C GLY G 483 -18.19 22.72 1.43
N THR G 484 -17.47 23.29 2.38
CA THR G 484 -18.08 23.72 3.65
C THR G 484 -17.99 25.23 3.84
N LEU G 485 -18.90 25.78 4.63
CA LEU G 485 -18.86 27.21 4.93
C LEU G 485 -17.60 27.67 5.65
N ASP G 486 -17.01 26.78 6.43
CA ASP G 486 -15.75 27.09 7.17
C ASP G 486 -14.50 26.94 6.31
N GLY G 487 -14.63 26.64 5.04
CA GLY G 487 -13.56 26.66 4.12
C GLY G 487 -12.81 25.34 3.85
N PHE G 488 -13.50 24.23 3.81
CA PHE G 488 -12.90 22.99 3.37
C PHE G 488 -13.57 22.46 2.14
N ILE G 489 -12.83 21.69 1.36
CA ILE G 489 -13.44 20.76 0.46
C ILE G 489 -13.19 19.38 1.06
N LYS G 490 -14.25 18.55 1.05
CA LYS G 490 -14.20 17.20 1.67
C LYS G 490 -14.69 16.14 0.71
N ALA G 491 -14.17 14.93 0.88
CA ALA G 491 -14.65 13.83 0.18
C ALA G 491 -15.04 12.74 1.17
N ARG G 492 -16.24 12.16 0.97
CA ARG G 492 -16.74 11.05 1.82
C ARG G 492 -17.03 9.86 0.97
N ASP G 493 -16.80 8.65 1.56
CA ASP G 493 -17.16 7.41 0.87
C ASP G 493 -18.69 7.34 0.74
N THR G 494 -19.21 7.22 -0.36
CA THR G 494 -20.66 7.14 -0.54
C THR G 494 -21.30 5.84 -0.04
N ARG G 495 -20.66 4.80 0.35
CA ARG G 495 -21.27 3.68 1.06
C ARG G 495 -21.59 3.95 2.52
N THR G 496 -20.76 4.76 3.16
CA THR G 496 -20.77 4.86 4.57
C THR G 496 -20.74 6.27 5.10
N GLY G 497 -20.40 7.23 4.26
CA GLY G 497 -20.19 8.61 4.79
C GLY G 497 -18.84 8.87 5.44
N GLU G 498 -17.91 7.90 5.40
CA GLU G 498 -16.65 8.03 6.11
C GLU G 498 -15.84 9.11 5.41
N LEU G 499 -15.29 10.02 6.19
CA LEU G 499 -14.44 11.06 5.65
C LEU G 499 -13.10 10.46 5.12
N LYS G 500 -12.80 10.67 3.86
CA LYS G 500 -11.62 10.15 3.18
C LYS G 500 -10.54 11.20 2.87
N TRP G 501 -10.91 12.45 2.77
CA TRP G 501 -9.96 13.49 2.36
C TRP G 501 -10.55 14.83 2.67
N GLN G 502 -9.71 15.77 3.01
CA GLN G 502 -10.13 17.15 3.16
C GLN G 502 -8.97 18.11 2.87
N PHE G 503 -9.29 19.29 2.40
CA PHE G 503 -8.31 20.35 2.15
C PHE G 503 -8.86 21.70 2.62
N GLN G 504 -7.98 22.47 3.23
CA GLN G 504 -8.24 23.81 3.70
C GLN G 504 -8.11 24.90 2.61
N LEU G 505 -9.26 25.30 2.08
CA LEU G 505 -9.39 26.31 1.06
C LEU G 505 -9.24 27.66 1.72
N PRO G 506 -9.04 28.72 0.88
CA PRO G 506 -8.78 29.99 1.56
C PRO G 506 -10.05 30.47 2.33
N SER G 507 -11.22 30.30 1.69
CA SER G 507 -12.48 30.86 2.13
C SER G 507 -13.56 29.79 2.07
N GLY G 508 -14.63 30.00 2.82
CA GLY G 508 -15.82 29.15 2.80
C GLY G 508 -16.39 28.98 1.39
N VAL G 509 -17.07 27.85 1.22
CA VAL G 509 -17.64 27.44 -0.06
C VAL G 509 -19.15 27.47 0.00
N ILE G 510 -19.76 28.09 -1.00
CA ILE G 510 -21.22 28.08 -1.18
C ILE G 510 -21.69 27.61 -2.57
N GLY G 511 -20.78 27.14 -3.39
CA GLY G 511 -21.05 26.47 -4.65
C GLY G 511 -20.63 25.00 -4.64
N HIS G 512 -20.79 24.35 -5.75
CA HIS G 512 -20.64 22.89 -5.84
C HIS G 512 -19.32 22.58 -6.51
N PRO G 513 -18.78 21.38 -6.23
CA PRO G 513 -17.61 20.91 -7.02
C PRO G 513 -18.00 20.41 -8.39
N ILE G 514 -17.08 20.49 -9.31
CA ILE G 514 -17.23 19.86 -10.61
C ILE G 514 -16.06 18.89 -10.80
N THR G 515 -16.23 18.00 -11.77
CA THR G 515 -15.11 17.14 -12.19
C THR G 515 -15.15 17.06 -13.69
N TYR G 516 -13.98 16.85 -14.28
CA TYR G 516 -13.88 16.75 -15.76
C TYR G 516 -12.54 16.15 -16.05
N GLN G 517 -12.38 15.66 -17.29
CA GLN G 517 -11.09 15.12 -17.69
C GLN G 517 -10.46 16.11 -18.67
N HIS G 518 -9.19 16.40 -18.51
CA HIS G 518 -8.48 17.19 -19.48
C HIS G 518 -7.15 16.51 -19.77
N ASN G 519 -6.88 16.32 -21.07
CA ASN G 519 -5.64 15.61 -21.55
C ASN G 519 -5.39 14.29 -20.75
N GLY G 520 -6.44 13.51 -20.63
CA GLY G 520 -6.42 12.22 -20.05
C GLY G 520 -6.47 12.10 -18.55
N LYS G 521 -6.50 13.22 -17.84
CA LYS G 521 -6.39 13.21 -16.39
C LYS G 521 -7.69 13.85 -15.76
N GLN G 522 -8.15 13.25 -14.65
CA GLN G 522 -9.36 13.71 -13.96
C GLN G 522 -8.96 14.89 -13.01
N TYR G 523 -9.71 15.98 -13.08
CA TYR G 523 -9.57 17.10 -12.19
C TYR G 523 -10.89 17.31 -11.40
N ILE G 524 -10.76 17.83 -10.20
CA ILE G 524 -11.93 18.34 -9.48
C ILE G 524 -11.72 19.83 -9.32
N ALA G 525 -12.76 20.65 -9.49
CA ALA G 525 -12.66 22.13 -9.32
C ALA G 525 -13.77 22.67 -8.47
N ILE G 526 -13.50 23.78 -7.75
CA ILE G 526 -14.49 24.37 -6.89
C ILE G 526 -14.13 25.84 -6.71
N TYR G 527 -15.15 26.65 -6.48
CA TYR G 527 -14.98 28.04 -6.04
C TYR G 527 -14.75 28.08 -4.57
N SER G 528 -13.89 28.96 -4.09
CA SER G 528 -13.80 29.30 -2.69
C SER G 528 -14.14 30.81 -2.58
N GLY G 529 -15.05 31.19 -1.70
CA GLY G 529 -15.43 32.56 -1.53
C GLY G 529 -16.75 32.65 -0.85
N VAL G 530 -16.70 32.82 0.46
CA VAL G 530 -17.91 32.68 1.28
C VAL G 530 -18.80 33.91 1.18
N GLY G 531 -20.08 33.66 1.41
CA GLY G 531 -21.08 34.74 1.35
C GLY G 531 -22.44 34.11 1.28
N GLY G 532 -23.30 34.69 0.44
CA GLY G 532 -24.66 34.21 0.40
C GLY G 532 -25.36 34.50 1.68
N TRP G 533 -26.48 33.83 1.88
CA TRP G 533 -27.22 34.05 3.11
C TRP G 533 -26.43 33.75 4.42
N PRO G 534 -25.78 32.60 4.54
CA PRO G 534 -25.08 32.31 5.78
C PRO G 534 -23.92 33.24 6.05
N GLY G 535 -23.28 33.80 5.00
CA GLY G 535 -22.18 34.74 5.12
C GLY G 535 -22.54 36.22 5.28
N VAL G 536 -23.83 36.54 5.29
CA VAL G 536 -24.24 37.90 5.22
C VAL G 536 -23.64 38.71 6.39
N GLY G 537 -23.58 38.16 7.59
CA GLY G 537 -22.97 38.84 8.70
C GLY G 537 -21.49 39.15 8.55
N LEU G 538 -20.72 38.21 8.02
CA LEU G 538 -19.34 38.50 7.89
C LEU G 538 -19.13 39.37 6.63
N VAL G 539 -19.91 39.19 5.56
CA VAL G 539 -19.72 40.00 4.35
C VAL G 539 -20.01 41.50 4.65
N PHE G 540 -21.05 41.80 5.43
CA PHE G 540 -21.51 43.16 5.64
C PHE G 540 -21.26 43.67 7.05
N ASP G 541 -20.51 42.92 7.89
CA ASP G 541 -20.07 43.31 9.26
C ASP G 541 -21.28 43.62 10.11
N LEU G 542 -22.22 42.71 10.11
CA LEU G 542 -23.47 42.87 10.87
C LEU G 542 -23.31 42.24 12.22
N LYS G 543 -23.91 42.85 13.24
CA LYS G 543 -23.87 42.31 14.60
C LYS G 543 -25.21 41.95 15.24
N ASP G 544 -26.25 42.63 14.85
CA ASP G 544 -27.60 42.36 15.41
C ASP G 544 -28.00 40.90 15.00
N PRO G 545 -28.31 40.01 15.96
CA PRO G 545 -28.67 38.59 15.65
C PRO G 545 -29.89 38.42 14.76
N THR G 546 -30.80 39.41 14.71
CA THR G 546 -31.94 39.40 13.78
C THR G 546 -31.63 39.97 12.44
N ALA G 547 -30.45 40.58 12.23
CA ALA G 547 -30.09 41.07 10.90
C ALA G 547 -29.84 39.93 9.94
N GLY G 548 -29.78 40.25 8.68
CA GLY G 548 -29.61 39.24 7.60
C GLY G 548 -30.77 38.28 7.56
N LEU G 549 -31.95 38.83 7.87
CA LEU G 549 -33.19 38.07 8.00
C LEU G 549 -33.12 36.91 8.97
N GLY G 550 -32.44 37.11 10.08
CA GLY G 550 -32.22 36.15 11.13
C GLY G 550 -30.94 35.33 11.06
N ALA G 551 -30.22 35.38 9.93
CA ALA G 551 -29.05 34.53 9.78
C ALA G 551 -27.84 34.94 10.62
N VAL G 552 -27.77 36.23 10.96
CA VAL G 552 -26.57 36.81 11.57
C VAL G 552 -26.33 36.15 12.89
N GLY G 553 -27.39 35.96 13.69
CA GLY G 553 -27.20 35.27 14.96
C GLY G 553 -26.72 33.81 14.81
N ALA G 554 -27.38 33.07 13.95
CA ALA G 554 -27.11 31.61 13.77
C ALA G 554 -25.62 31.42 13.34
N PHE G 555 -25.11 32.31 12.48
CA PHE G 555 -23.79 32.13 11.84
C PHE G 555 -22.69 33.01 12.40
N ARG G 556 -22.90 33.52 13.61
CA ARG G 556 -21.94 34.46 14.17
C ARG G 556 -20.53 33.86 14.41
N GLU G 557 -20.40 32.54 14.61
CA GLU G 557 -19.05 31.96 14.73
C GLU G 557 -18.28 31.79 13.41
N LEU G 558 -18.92 31.91 12.26
CA LEU G 558 -18.29 31.60 10.97
C LEU G 558 -17.10 32.49 10.75
N ALA G 559 -17.24 33.74 11.17
CA ALA G 559 -16.14 34.73 11.01
C ALA G 559 -14.88 34.39 11.81
N HIS G 560 -14.96 33.43 12.75
CA HIS G 560 -13.72 32.94 13.41
C HIS G 560 -12.89 32.05 12.50
N TYR G 561 -13.50 31.54 11.42
CA TYR G 561 -12.85 30.56 10.59
C TYR G 561 -12.56 31.02 9.17
N THR G 562 -13.35 31.94 8.62
CA THR G 562 -13.19 32.37 7.25
C THR G 562 -13.38 33.88 7.12
N GLN G 563 -12.59 34.43 6.22
CA GLN G 563 -12.83 35.73 5.61
C GLN G 563 -13.46 35.54 4.21
N MET G 564 -13.77 36.65 3.57
CA MET G 564 -14.19 36.62 2.17
C MET G 564 -13.03 36.23 1.29
N GLY G 565 -13.34 35.81 0.06
CA GLY G 565 -12.32 35.44 -0.88
C GLY G 565 -12.93 35.32 -2.24
N GLY G 566 -12.17 34.88 -3.18
CA GLY G 566 -12.72 34.59 -4.47
C GLY G 566 -11.68 33.89 -5.35
N SER G 567 -11.70 32.59 -5.38
CA SER G 567 -10.71 31.80 -6.22
C SER G 567 -11.31 30.57 -6.75
N VAL G 568 -10.61 29.94 -7.70
CA VAL G 568 -10.99 28.65 -8.24
C VAL G 568 -9.83 27.73 -7.90
N PHE G 569 -10.11 26.59 -7.26
CA PHE G 569 -9.09 25.60 -6.93
C PHE G 569 -9.33 24.38 -7.79
N VAL G 570 -8.28 23.83 -8.35
CA VAL G 570 -8.40 22.69 -9.20
C VAL G 570 -7.44 21.63 -8.65
N PHE G 571 -7.94 20.42 -8.46
CA PHE G 571 -7.18 19.33 -7.83
C PHE G 571 -7.00 18.17 -8.78
N SER G 572 -5.90 17.42 -8.65
CA SER G 572 -5.72 16.14 -9.38
C SER G 572 -4.87 15.21 -8.58
N LEU G 573 -4.79 14.01 -9.09
CA LEU G 573 -3.81 13.11 -8.64
C LEU G 573 -2.65 13.41 -9.63
N TYR H 1 -56.78 25.45 11.79
CA TYR H 1 -56.27 25.43 10.40
C TYR H 1 -55.22 24.37 10.25
N ASP H 2 -55.65 23.16 9.81
CA ASP H 2 -54.69 22.11 9.56
C ASP H 2 -54.33 21.92 8.09
N GLY H 3 -54.95 22.70 7.20
CA GLY H 3 -54.69 22.57 5.79
C GLY H 3 -55.45 21.50 5.05
N THR H 4 -56.45 20.83 5.75
CA THR H 4 -57.18 19.73 5.09
C THR H 4 -58.68 20.05 4.89
N HIS H 5 -59.13 21.20 5.19
CA HIS H 5 -60.56 21.51 4.91
C HIS H 5 -60.60 22.26 3.60
N CYS H 6 -61.06 21.59 2.58
CA CYS H 6 -60.93 22.11 1.28
C CYS H 6 -62.30 22.63 0.78
N LYS H 7 -62.40 23.90 0.51
CA LYS H 7 -63.66 24.42 -0.03
C LYS H 7 -63.76 24.10 -1.54
N ALA H 8 -62.62 23.89 -2.20
CA ALA H 8 -62.57 23.50 -3.59
C ALA H 8 -61.19 22.88 -3.82
N PRO H 9 -61.03 22.05 -4.87
CA PRO H 9 -59.67 21.54 -5.13
C PRO H 9 -58.59 22.62 -5.21
N GLY H 10 -57.54 22.44 -4.43
CA GLY H 10 -56.45 23.43 -4.43
C GLY H 10 -56.69 24.67 -3.64
N ASN H 11 -57.76 24.71 -2.86
CA ASN H 11 -58.12 25.86 -2.05
C ASN H 11 -58.59 25.35 -0.67
N CYS H 12 -57.63 25.26 0.28
CA CYS H 12 -57.88 24.81 1.58
C CYS H 12 -57.63 25.82 2.70
N TRP H 13 -57.35 27.07 2.37
CA TRP H 13 -56.99 28.07 3.38
C TRP H 13 -58.16 28.29 4.32
N GLU H 14 -57.87 28.44 5.60
CA GLU H 14 -58.82 28.88 6.62
C GLU H 14 -58.14 29.86 7.54
N PRO H 15 -58.89 30.82 8.09
CA PRO H 15 -58.30 31.67 9.10
C PRO H 15 -57.97 30.88 10.32
N LYS H 16 -56.94 31.30 11.00
CA LYS H 16 -56.58 30.72 12.28
C LYS H 16 -57.60 31.16 13.36
N PRO H 17 -57.73 30.43 14.47
CA PRO H 17 -58.65 30.82 15.59
C PRO H 17 -58.47 32.31 16.00
N GLY H 18 -59.54 33.07 15.90
CA GLY H 18 -59.56 34.45 16.28
C GLY H 18 -59.17 35.39 15.17
N TYR H 19 -58.80 34.90 13.98
CA TYR H 19 -58.37 35.75 12.92
C TYR H 19 -59.49 35.91 11.89
N PRO H 20 -59.45 36.98 11.12
CA PRO H 20 -60.59 37.23 10.19
C PRO H 20 -60.59 36.40 8.92
N ASP H 21 -61.79 36.15 8.39
CA ASP H 21 -62.01 35.58 7.06
C ASP H 21 -61.45 36.39 5.90
N LYS H 22 -61.55 37.71 6.02
CA LYS H 22 -61.06 38.61 5.00
C LYS H 22 -60.31 39.71 5.70
N VAL H 23 -59.21 40.14 5.12
CA VAL H 23 -58.39 41.21 5.77
C VAL H 23 -58.86 42.63 5.49
N ALA H 24 -59.49 42.86 4.33
CA ALA H 24 -60.09 44.18 4.00
C ALA H 24 -61.02 44.63 5.20
N GLY H 25 -60.81 45.82 5.74
CA GLY H 25 -61.64 46.30 6.87
C GLY H 25 -61.27 45.77 8.22
N SER H 26 -60.30 44.82 8.31
CA SER H 26 -59.95 44.19 9.58
C SER H 26 -58.72 44.93 10.11
N LYS H 27 -58.28 44.58 11.30
CA LYS H 27 -57.04 45.18 11.86
C LYS H 27 -55.76 44.78 11.11
N TYR H 28 -55.88 43.82 10.22
CA TYR H 28 -54.72 43.31 9.43
C TYR H 28 -54.81 43.74 7.99
N ASP H 29 -55.66 44.75 7.71
CA ASP H 29 -55.86 45.18 6.33
C ASP H 29 -54.57 45.74 5.76
N PRO H 30 -54.10 45.19 4.66
CA PRO H 30 -52.81 45.66 4.17
C PRO H 30 -52.96 47.05 3.49
N LYS H 31 -54.18 47.43 3.07
CA LYS H 31 -54.46 48.74 2.50
C LYS H 31 -53.51 49.12 1.40
N HIS H 32 -53.30 48.25 0.42
CA HIS H 32 -52.30 48.54 -0.57
C HIS H 32 -52.74 49.67 -1.49
N ASP H 33 -51.79 50.47 -1.94
CA ASP H 33 -52.09 51.53 -2.91
C ASP H 33 -52.22 50.89 -4.34
N PRO H 34 -53.37 51.02 -5.00
CA PRO H 34 -53.50 50.35 -6.31
C PRO H 34 -52.50 50.81 -7.35
N ASN H 35 -52.08 52.08 -7.28
CA ASN H 35 -51.03 52.58 -8.17
C ASN H 35 -49.67 51.93 -7.81
N GLU H 36 -49.33 51.74 -6.54
CA GLU H 36 -48.09 51.03 -6.25
C GLU H 36 -48.15 49.59 -6.78
N LEU H 37 -49.24 48.91 -6.54
CA LEU H 37 -49.45 47.54 -7.00
C LEU H 37 -49.19 47.39 -8.49
N ASN H 38 -49.57 48.35 -9.33
CA ASN H 38 -49.42 48.19 -10.80
C ASN H 38 -48.05 48.57 -11.36
N LYS H 39 -47.13 49.00 -10.52
CA LYS H 39 -45.89 49.52 -11.02
C LYS H 39 -45.03 48.46 -11.73
N GLN H 40 -44.93 47.26 -11.16
CA GLN H 40 -44.11 46.15 -11.77
C GLN H 40 -44.52 45.76 -13.14
N ALA H 41 -45.82 45.58 -13.25
CA ALA H 41 -46.39 45.18 -14.56
C ALA H 41 -46.21 46.27 -15.61
N GLU H 42 -46.38 47.54 -15.25
CA GLU H 42 -45.98 48.65 -16.20
C GLU H 42 -44.48 48.64 -16.61
N SER H 43 -43.59 48.49 -15.62
CA SER H 43 -42.20 48.27 -15.82
C SER H 43 -41.90 47.11 -16.78
N ILE H 44 -42.58 45.99 -16.63
CA ILE H 44 -42.34 44.88 -17.52
C ILE H 44 -42.80 45.22 -18.92
N LYS H 45 -43.96 45.84 -19.08
CA LYS H 45 -44.35 46.23 -20.42
C LYS H 45 -43.29 47.15 -21.12
N ALA H 46 -42.72 48.07 -20.38
CA ALA H 46 -41.67 48.96 -20.93
C ALA H 46 -40.44 48.20 -21.37
N MET H 47 -39.98 47.23 -20.53
CA MET H 47 -38.87 46.41 -20.89
C MET H 47 -39.15 45.57 -22.11
N GLU H 48 -40.32 44.99 -22.17
CA GLU H 48 -40.68 44.12 -23.31
C GLU H 48 -40.69 44.95 -24.64
N ALA H 49 -41.21 46.16 -24.57
CA ALA H 49 -41.18 47.10 -25.73
C ALA H 49 -39.77 47.51 -26.11
N ARG H 50 -38.87 47.83 -25.14
CA ARG H 50 -37.52 48.13 -25.47
C ARG H 50 -36.82 46.90 -26.10
N ASN H 51 -37.06 45.73 -25.51
CA ASN H 51 -36.50 44.52 -26.07
C ASN H 51 -36.92 44.22 -27.52
N GLN H 52 -38.17 44.38 -27.86
CA GLN H 52 -38.64 44.13 -29.21
C GLN H 52 -37.90 45.05 -30.20
N LYS H 53 -37.74 46.30 -29.86
CA LYS H 53 -36.91 47.18 -30.71
C LYS H 53 -35.45 46.68 -30.92
N ARG H 54 -34.85 46.15 -29.86
CA ARG H 54 -33.50 45.60 -29.92
C ARG H 54 -33.45 44.44 -30.87
N VAL H 55 -34.48 43.60 -30.79
CA VAL H 55 -34.56 42.40 -31.60
C VAL H 55 -34.73 42.82 -33.08
N GLU H 56 -35.64 43.76 -33.33
CA GLU H 56 -35.79 44.38 -34.68
C GLU H 56 -34.52 45.04 -35.20
N ASN H 57 -33.84 45.92 -34.45
CA ASN H 57 -32.57 46.47 -34.91
C ASN H 57 -31.53 45.40 -35.30
N TYR H 58 -31.40 44.38 -34.45
CA TYR H 58 -30.49 43.25 -34.69
C TYR H 58 -30.77 42.46 -35.97
N ALA H 59 -32.01 42.07 -36.21
CA ALA H 59 -32.40 41.55 -37.55
C ALA H 59 -32.08 42.50 -38.75
N LYS H 60 -32.20 43.80 -38.60
CA LYS H 60 -31.81 44.74 -39.69
C LYS H 60 -30.34 44.59 -39.94
N THR H 61 -29.57 45.01 -38.96
CA THR H 61 -28.15 45.26 -39.19
C THR H 61 -27.31 44.02 -39.01
N GLY H 62 -27.78 43.04 -38.23
CA GLY H 62 -26.92 41.92 -37.81
C GLY H 62 -25.79 42.39 -36.90
N LYS H 63 -25.89 43.59 -36.34
CA LYS H 63 -24.91 44.09 -35.35
C LYS H 63 -25.80 44.50 -34.17
N PHE H 64 -25.47 44.06 -32.98
CA PHE H 64 -26.43 44.26 -31.91
C PHE H 64 -26.23 45.65 -31.31
N VAL H 65 -27.35 46.34 -31.00
CA VAL H 65 -27.24 47.61 -30.29
C VAL H 65 -28.20 47.63 -29.11
N TYR H 66 -27.68 47.79 -27.91
CA TYR H 66 -28.52 47.77 -26.69
C TYR H 66 -29.35 49.11 -26.56
N LYS H 67 -28.68 50.24 -26.73
CA LYS H 67 -29.32 51.53 -26.50
C LYS H 67 -30.42 51.77 -27.51
N VAL H 68 -31.63 52.01 -27.00
CA VAL H 68 -32.83 52.14 -27.86
C VAL H 68 -32.98 53.51 -28.57
N GLU H 69 -32.61 54.60 -27.91
CA GLU H 69 -32.57 55.92 -28.60
C GLU H 69 -31.30 56.09 -29.55
N ASP H 70 -30.63 54.96 -29.90
CA ASP H 70 -29.69 54.82 -31.04
C ASP H 70 -30.11 53.77 -32.13
N ILE H 71 -31.40 53.59 -32.42
CA ILE H 71 -31.89 52.50 -33.31
C ILE H 71 -32.91 53.01 -34.33
N ASN I 1 -12.08 -48.84 -9.25
CA ASN I 1 -10.61 -48.71 -9.01
C ASN I 1 -10.48 -48.02 -7.67
N SER I 2 -9.92 -48.71 -6.67
CA SER I 2 -9.90 -48.08 -5.37
C SER I 2 -8.91 -46.96 -5.25
N GLU I 3 -7.79 -46.96 -5.93
CA GLU I 3 -6.91 -45.80 -5.87
C GLU I 3 -7.50 -44.54 -6.58
N LEU I 4 -8.17 -44.73 -7.70
CA LEU I 4 -8.91 -43.63 -8.37
C LEU I 4 -9.99 -43.08 -7.43
N ASP I 5 -10.71 -43.99 -6.75
CA ASP I 5 -11.69 -43.57 -5.74
C ASP I 5 -11.00 -42.69 -4.64
N ARG I 6 -9.85 -43.13 -4.13
CA ARG I 6 -9.16 -42.37 -3.08
C ARG I 6 -8.70 -41.01 -3.63
N LEU I 7 -8.10 -40.97 -4.83
CA LEU I 7 -7.71 -39.71 -5.48
C LEU I 7 -8.86 -38.75 -5.68
N SER I 8 -10.03 -39.32 -5.92
CA SER I 8 -11.26 -38.52 -6.14
C SER I 8 -11.70 -37.76 -4.90
N LYS I 9 -11.26 -38.19 -3.71
CA LYS I 9 -11.65 -37.58 -2.47
C LYS I 9 -10.67 -36.47 -2.08
N ASP I 10 -9.59 -36.30 -2.84
CA ASP I 10 -8.58 -35.24 -2.62
C ASP I 10 -9.00 -34.01 -3.41
N ASP I 11 -9.14 -32.88 -2.73
CA ASP I 11 -9.59 -31.62 -3.39
C ASP I 11 -8.53 -31.00 -4.34
N ARG I 12 -7.32 -31.55 -4.35
CA ARG I 12 -6.32 -31.13 -5.30
C ARG I 12 -6.62 -31.68 -6.68
N ASN I 13 -7.45 -32.71 -6.78
CA ASN I 13 -7.73 -33.38 -8.02
C ASN I 13 -9.15 -33.27 -8.52
N TRP I 14 -9.27 -33.47 -9.83
CA TRP I 14 -10.57 -33.70 -10.53
C TRP I 14 -10.29 -34.81 -11.52
N VAL I 15 -10.52 -36.04 -11.07
CA VAL I 15 -9.89 -37.22 -11.68
C VAL I 15 -10.75 -37.93 -12.79
N MET I 16 -12.01 -37.55 -12.88
CA MET I 16 -12.88 -38.03 -13.90
C MET I 16 -13.94 -36.96 -14.21
N GLN I 17 -14.63 -37.08 -15.32
CA GLN I 17 -15.54 -36.00 -15.75
C GLN I 17 -16.59 -35.74 -14.69
N THR I 18 -17.09 -36.83 -14.16
CA THR I 18 -18.08 -36.82 -13.10
C THR I 18 -17.58 -36.48 -11.71
N LYS I 19 -16.30 -36.12 -11.58
CA LYS I 19 -15.59 -35.86 -10.34
C LYS I 19 -15.30 -37.07 -9.50
N ASP I 20 -16.30 -37.88 -9.25
CA ASP I 20 -16.19 -39.07 -8.42
C ASP I 20 -17.17 -40.12 -8.99
N TYR I 21 -17.04 -41.37 -8.47
CA TYR I 21 -17.87 -42.41 -8.98
C TYR I 21 -19.37 -42.23 -8.71
N SER I 22 -19.74 -41.39 -7.76
CA SER I 22 -21.15 -40.99 -7.52
C SER I 22 -21.65 -39.83 -8.36
N ALA I 23 -20.76 -39.26 -9.17
CA ALA I 23 -21.05 -38.08 -9.99
C ALA I 23 -21.71 -36.94 -9.15
N THR I 24 -21.16 -36.69 -7.95
CA THR I 24 -21.69 -35.62 -7.12
C THR I 24 -21.43 -34.27 -7.73
N HIS I 25 -20.37 -34.10 -8.49
CA HIS I 25 -20.01 -32.77 -8.91
C HIS I 25 -20.05 -31.77 -7.78
N PHE I 26 -19.57 -32.22 -6.63
CA PHE I 26 -19.69 -31.41 -5.41
C PHE I 26 -18.33 -31.27 -4.75
N SER I 27 -17.87 -30.05 -4.57
CA SER I 27 -16.63 -29.76 -3.87
C SER I 27 -16.79 -29.24 -2.49
N ARG I 28 -16.02 -29.80 -1.54
CA ARG I 28 -15.90 -29.22 -0.21
C ARG I 28 -15.05 -27.99 -0.12
N LEU I 29 -14.40 -27.53 -1.20
CA LEU I 29 -13.63 -26.32 -1.10
C LEU I 29 -14.52 -25.11 -0.80
N THR I 30 -14.06 -24.22 0.04
CA THR I 30 -14.83 -23.08 0.48
C THR I 30 -14.14 -21.75 0.38
N GLU I 31 -12.93 -21.71 -0.17
CA GLU I 31 -12.17 -20.45 -0.36
C GLU I 31 -12.98 -19.49 -1.21
N ILE I 32 -13.61 -20.01 -2.27
CA ILE I 32 -14.54 -19.27 -3.09
C ILE I 32 -15.94 -19.61 -2.51
N ASN I 33 -16.70 -18.59 -2.11
CA ASN I 33 -17.99 -18.84 -1.45
C ASN I 33 -18.97 -17.74 -1.79
N SER I 34 -20.23 -17.91 -1.36
CA SER I 34 -21.28 -16.98 -1.79
C SER I 34 -20.99 -15.49 -1.40
N HIS I 35 -20.17 -15.28 -0.36
CA HIS I 35 -19.84 -13.91 0.12
C HIS I 35 -18.62 -13.25 -0.53
N ASN I 36 -17.82 -13.98 -1.30
CA ASN I 36 -16.71 -13.31 -2.06
C ASN I 36 -16.62 -13.65 -3.54
N VAL I 37 -17.59 -14.41 -4.08
CA VAL I 37 -17.48 -14.83 -5.45
C VAL I 37 -17.61 -13.67 -6.38
N LYS I 38 -18.27 -12.61 -5.94
CA LYS I 38 -18.21 -11.35 -6.70
C LYS I 38 -16.78 -10.87 -7.09
N ASN I 39 -15.77 -11.28 -6.37
CA ASN I 39 -14.36 -10.87 -6.61
C ASN I 39 -13.57 -11.88 -7.44
N LEU I 40 -14.23 -12.92 -7.91
CA LEU I 40 -13.55 -13.93 -8.70
C LEU I 40 -13.07 -13.28 -10.02
N LYS I 41 -11.82 -13.58 -10.45
CA LYS I 41 -11.27 -12.98 -11.65
C LYS I 41 -10.60 -14.05 -12.48
N VAL I 42 -10.32 -13.74 -13.73
CA VAL I 42 -9.61 -14.76 -14.58
C VAL I 42 -8.15 -14.81 -14.17
N ALA I 43 -7.67 -16.02 -13.87
CA ALA I 43 -6.30 -16.25 -13.45
C ALA I 43 -5.41 -16.48 -14.64
N TRP I 44 -5.86 -17.30 -15.55
CA TRP I 44 -5.09 -17.60 -16.76
C TRP I 44 -5.99 -18.35 -17.74
N THR I 45 -5.52 -18.46 -18.98
CA THR I 45 -6.33 -19.04 -20.07
C THR I 45 -5.43 -19.78 -21.01
N LEU I 46 -6.04 -20.70 -21.73
CA LEU I 46 -5.33 -21.46 -22.79
C LEU I 46 -6.26 -21.63 -23.99
N SER I 47 -5.71 -21.63 -25.22
CA SER I 47 -6.53 -21.88 -26.40
C SER I 47 -6.44 -23.35 -26.68
N THR I 48 -7.54 -23.96 -27.08
CA THR I 48 -7.49 -25.35 -27.47
C THR I 48 -7.02 -25.53 -28.89
N GLY I 49 -7.04 -24.49 -29.74
CA GLY I 49 -6.63 -24.59 -31.17
C GLY I 49 -7.65 -25.15 -32.14
N THR I 50 -8.86 -25.36 -31.68
CA THR I 50 -9.97 -25.86 -32.49
C THR I 50 -11.20 -25.01 -32.28
N LEU I 51 -12.13 -25.12 -33.22
CA LEU I 51 -13.46 -24.56 -33.05
C LEU I 51 -14.37 -25.75 -32.76
N HIS I 52 -15.68 -25.56 -32.87
CA HIS I 52 -16.70 -26.58 -32.66
C HIS I 52 -16.97 -26.67 -31.18
N GLY I 53 -17.98 -27.44 -30.82
CA GLY I 53 -18.38 -27.56 -29.39
C GLY I 53 -17.39 -28.26 -28.50
N HIS I 54 -17.14 -27.68 -27.32
CA HIS I 54 -16.24 -28.21 -26.33
C HIS I 54 -17.00 -28.73 -25.14
N GLU I 55 -17.35 -30.00 -25.17
CA GLU I 55 -18.04 -30.65 -24.07
C GLU I 55 -17.03 -31.23 -23.08
N GLY I 56 -17.57 -31.81 -22.03
CA GLY I 56 -16.85 -32.14 -20.84
C GLY I 56 -16.04 -30.99 -20.29
N ALA I 57 -14.96 -31.32 -19.59
CA ALA I 57 -14.07 -30.32 -19.00
C ALA I 57 -12.66 -30.93 -18.79
N PRO I 58 -11.73 -30.14 -18.29
CA PRO I 58 -10.41 -30.68 -18.00
C PRO I 58 -10.43 -31.69 -16.87
N LEU I 59 -9.42 -32.54 -16.83
CA LEU I 59 -9.11 -33.29 -15.62
C LEU I 59 -7.87 -32.63 -14.97
N VAL I 60 -7.77 -32.87 -13.68
CA VAL I 60 -6.61 -32.43 -12.88
C VAL I 60 -6.17 -33.56 -12.00
N VAL I 61 -4.89 -34.03 -12.17
CA VAL I 61 -4.41 -35.06 -11.27
C VAL I 61 -2.91 -34.83 -11.00
N ASP I 62 -2.52 -34.88 -9.75
CA ASP I 62 -1.07 -34.84 -9.32
C ASP I 62 -0.43 -33.61 -9.87
N GLY I 63 -1.12 -32.46 -9.85
CA GLY I 63 -0.47 -31.27 -10.38
C GLY I 63 -0.54 -30.99 -11.84
N ILE I 64 -1.18 -31.85 -12.65
CA ILE I 64 -1.20 -31.77 -14.09
C ILE I 64 -2.69 -31.65 -14.52
N MET I 65 -2.93 -30.66 -15.35
CA MET I 65 -4.23 -30.48 -16.04
C MET I 65 -4.20 -31.12 -17.42
N TYR I 66 -5.27 -31.82 -17.76
CA TYR I 66 -5.39 -32.44 -19.07
C TYR I 66 -6.61 -31.86 -19.80
N ILE I 67 -6.40 -31.46 -21.04
CA ILE I 67 -7.39 -30.78 -21.88
C ILE I 67 -7.60 -31.62 -23.12
N HIS I 68 -8.82 -31.64 -23.63
CA HIS I 68 -9.13 -32.30 -24.91
C HIS I 68 -10.04 -31.42 -25.72
N THR I 69 -10.10 -31.78 -27.13
CA THR I 69 -10.79 -30.93 -28.03
C THR I 69 -11.95 -31.75 -28.71
N PRO I 70 -12.76 -31.08 -29.42
CA PRO I 70 -13.58 -31.78 -30.45
C PRO I 70 -12.69 -32.21 -31.62
N PHE I 71 -13.28 -32.87 -32.58
CA PHE I 71 -12.49 -33.46 -33.69
C PHE I 71 -11.44 -32.53 -34.22
N PRO I 72 -10.17 -32.93 -34.37
CA PRO I 72 -9.68 -34.33 -34.30
C PRO I 72 -9.22 -34.83 -32.93
N ASN I 73 -9.76 -34.26 -31.81
CA ASN I 73 -9.55 -34.78 -30.51
C ASN I 73 -8.08 -34.77 -30.04
N ASN I 74 -7.44 -33.63 -30.21
CA ASN I 74 -6.18 -33.37 -29.60
C ASN I 74 -6.24 -33.38 -28.09
N VAL I 75 -5.13 -33.75 -27.48
CA VAL I 75 -4.98 -33.85 -26.05
C VAL I 75 -3.70 -33.09 -25.64
N TYR I 76 -3.81 -32.29 -24.56
CA TYR I 76 -2.68 -31.50 -24.05
C TYR I 76 -2.60 -31.70 -22.56
N ALA I 77 -1.38 -31.80 -22.02
CA ALA I 77 -1.13 -31.89 -20.60
C ALA I 77 -0.34 -30.63 -20.23
N VAL I 78 -0.78 -30.01 -19.13
CA VAL I 78 -0.23 -28.75 -18.66
C VAL I 78 0.19 -28.89 -17.18
N ASP I 79 1.47 -28.66 -16.84
CA ASP I 79 1.89 -28.64 -15.46
C ASP I 79 1.39 -27.36 -14.78
N LEU I 80 0.69 -27.47 -13.66
CA LEU I 80 0.02 -26.30 -13.12
C LEU I 80 1.02 -25.32 -12.47
N ASN I 81 2.26 -25.76 -12.24
CA ASN I 81 3.37 -24.82 -11.98
C ASN I 81 3.90 -24.05 -13.16
N ASP I 82 3.52 -24.39 -14.37
CA ASP I 82 3.90 -23.62 -15.55
C ASP I 82 2.84 -23.69 -16.64
N THR I 83 1.85 -22.88 -16.43
CA THR I 83 0.61 -22.97 -17.21
C THR I 83 0.75 -22.55 -18.66
N ARG I 84 1.85 -21.90 -19.03
CA ARG I 84 2.00 -21.48 -20.45
C ARG I 84 2.52 -22.62 -21.34
N LYS I 85 3.15 -23.65 -20.76
CA LYS I 85 3.84 -24.64 -21.57
C LYS I 85 3.00 -25.87 -21.64
N MET I 86 2.98 -26.52 -22.77
CA MET I 86 2.29 -27.82 -22.86
C MET I 86 3.33 -28.88 -22.52
N LEU I 87 3.16 -29.61 -21.43
CA LEU I 87 4.07 -30.66 -21.02
C LEU I 87 4.14 -31.75 -22.07
N TRP I 88 3.01 -32.11 -22.63
CA TRP I 88 2.99 -32.99 -23.79
C TRP I 88 1.69 -32.81 -24.61
N GLN I 89 1.70 -33.30 -25.83
CA GLN I 89 0.60 -33.16 -26.78
C GLN I 89 0.38 -34.52 -27.45
N TYR I 90 -0.85 -34.88 -27.72
CA TYR I 90 -1.18 -36.03 -28.58
C TYR I 90 -2.18 -35.51 -29.62
N LYS I 91 -1.80 -35.67 -30.89
CA LYS I 91 -2.52 -35.14 -32.04
C LYS I 91 -2.96 -36.25 -32.98
N PRO I 92 -4.21 -36.73 -32.82
CA PRO I 92 -4.68 -37.86 -33.60
C PRO I 92 -4.76 -37.58 -35.08
N LYS I 93 -4.46 -38.62 -35.87
CA LYS I 93 -4.67 -38.62 -37.31
C LYS I 93 -5.91 -39.47 -37.62
N GLN I 94 -6.98 -38.80 -37.99
CA GLN I 94 -8.27 -39.43 -38.22
C GLN I 94 -8.78 -39.13 -39.58
N ASN I 95 -9.51 -40.09 -40.12
CA ASN I 95 -10.12 -39.87 -41.41
C ASN I 95 -11.20 -38.72 -41.29
N PRO I 96 -11.05 -37.67 -42.09
CA PRO I 96 -12.00 -36.60 -41.96
C PRO I 96 -13.44 -36.98 -42.31
N ALA I 97 -13.67 -38.11 -42.99
CA ALA I 97 -15.00 -38.66 -43.18
C ALA I 97 -15.75 -38.95 -41.87
N ALA I 98 -15.02 -39.11 -40.76
CA ALA I 98 -15.69 -39.25 -39.47
C ALA I 98 -16.68 -38.09 -39.21
N ARG I 99 -16.33 -36.89 -39.68
CA ARG I 99 -17.14 -35.72 -39.45
C ARG I 99 -18.53 -35.86 -40.06
N ALA I 100 -18.64 -36.57 -41.19
CA ALA I 100 -19.93 -36.63 -41.90
C ALA I 100 -20.92 -37.55 -41.25
N VAL I 101 -20.52 -38.43 -40.33
CA VAL I 101 -21.45 -39.32 -39.65
C VAL I 101 -21.71 -38.92 -38.18
N ALA I 102 -21.36 -37.71 -37.80
CA ALA I 102 -21.69 -37.18 -36.45
C ALA I 102 -23.01 -36.44 -36.63
N CYS I 103 -23.99 -36.71 -35.87
CA CYS I 103 -25.31 -36.07 -36.08
C CYS I 103 -25.31 -34.57 -35.68
N CYS I 104 -24.88 -34.33 -34.46
CA CYS I 104 -24.94 -33.03 -33.82
C CYS I 104 -23.62 -32.45 -33.40
N ASP I 105 -22.87 -32.07 -34.37
CA ASP I 105 -21.51 -31.53 -34.10
C ASP I 105 -20.48 -32.63 -33.66
N VAL I 106 -19.23 -32.34 -33.89
CA VAL I 106 -18.13 -33.26 -33.62
C VAL I 106 -17.58 -33.15 -32.19
N VAL I 107 -18.50 -33.19 -31.25
CA VAL I 107 -18.16 -32.97 -29.82
C VAL I 107 -17.51 -34.24 -29.27
N ASN I 108 -16.82 -34.10 -28.16
CA ASN I 108 -16.17 -35.15 -27.42
C ASN I 108 -16.27 -34.84 -25.93
N ARG I 109 -16.80 -35.78 -25.15
CA ARG I 109 -17.12 -35.56 -23.75
C ARG I 109 -15.92 -35.78 -22.77
N GLY I 110 -14.75 -36.12 -23.34
CA GLY I 110 -13.47 -35.94 -22.61
C GLY I 110 -12.74 -37.16 -22.13
N LEU I 111 -11.69 -36.88 -21.41
CA LEU I 111 -10.69 -37.85 -21.02
C LEU I 111 -11.10 -38.59 -19.80
N ALA I 112 -10.51 -39.79 -19.60
CA ALA I 112 -10.54 -40.46 -18.30
C ALA I 112 -9.03 -40.72 -17.90
N TYR I 113 -8.88 -41.13 -16.64
CA TYR I 113 -7.56 -41.30 -16.03
C TYR I 113 -7.58 -42.50 -15.15
N VAL I 114 -6.44 -43.24 -15.11
CA VAL I 114 -6.21 -44.25 -14.09
C VAL I 114 -4.79 -44.07 -13.51
N PRO I 115 -4.67 -44.19 -12.19
CA PRO I 115 -3.33 -44.04 -11.61
C PRO I 115 -2.47 -45.30 -11.91
N ALA I 116 -1.19 -45.24 -11.59
CA ALA I 116 -0.29 -46.41 -11.79
C ALA I 116 -0.73 -47.50 -10.78
N GLY I 117 -0.54 -48.79 -10.82
CA GLY I 117 -0.74 -49.73 -11.75
C GLY I 117 0.11 -50.98 -11.57
N GLU I 118 -0.46 -52.10 -11.11
CA GLU I 118 -0.06 -53.45 -11.58
C GLU I 118 -0.09 -53.47 -13.09
N HIS I 119 -1.01 -52.70 -13.67
CA HIS I 119 -1.08 -52.52 -15.11
C HIS I 119 -0.06 -51.69 -16.00
N GLY I 120 0.96 -50.86 -15.81
CA GLY I 120 1.59 -50.26 -14.79
C GLY I 120 1.47 -48.73 -14.82
N PRO I 121 2.08 -47.91 -15.73
CA PRO I 121 2.05 -46.45 -15.35
C PRO I 121 0.67 -45.78 -15.47
N ALA I 122 0.50 -44.63 -14.81
CA ALA I 122 -0.76 -43.88 -14.90
C ALA I 122 -1.06 -43.63 -16.37
N LYS I 123 -2.37 -43.64 -16.69
CA LYS I 123 -2.79 -43.47 -18.08
C LYS I 123 -3.93 -42.46 -18.22
N ILE I 124 -3.89 -41.78 -19.34
CA ILE I 124 -4.98 -41.01 -19.89
C ILE I 124 -5.68 -41.80 -20.98
N PHE I 125 -7.03 -41.84 -20.92
CA PHE I 125 -7.83 -42.48 -21.97
C PHE I 125 -8.62 -41.46 -22.78
N LEU I 126 -8.60 -41.65 -24.09
CA LEU I 126 -9.28 -40.83 -25.07
C LEU I 126 -10.14 -41.72 -25.96
N ASN I 127 -11.44 -41.39 -26.10
CA ASN I 127 -12.24 -41.89 -27.17
C ASN I 127 -12.18 -40.95 -28.33
N GLN I 128 -11.86 -41.44 -29.52
CA GLN I 128 -11.82 -40.57 -30.70
C GLN I 128 -13.09 -40.67 -31.48
N LEU I 129 -13.45 -39.61 -32.20
CA LEU I 129 -14.67 -39.64 -33.04
C LEU I 129 -14.68 -40.84 -34.00
N ASP I 130 -13.52 -41.08 -34.61
CA ASP I 130 -13.38 -42.24 -35.51
C ASP I 130 -13.45 -43.66 -34.88
N GLY I 131 -13.82 -43.76 -33.62
CA GLY I 131 -14.19 -44.95 -32.99
C GLY I 131 -13.08 -45.76 -32.28
N HIS I 132 -11.89 -45.17 -32.16
CA HIS I 132 -10.73 -45.70 -31.38
C HIS I 132 -10.73 -45.27 -29.93
N ILE I 133 -10.47 -46.23 -29.08
CA ILE I 133 -10.08 -46.01 -27.71
C ILE I 133 -8.55 -46.01 -27.63
N VAL I 134 -7.99 -44.96 -27.02
CA VAL I 134 -6.52 -44.76 -26.94
C VAL I 134 -6.10 -44.63 -25.50
N ALA I 135 -5.03 -45.35 -25.13
CA ALA I 135 -4.41 -45.22 -23.79
C ALA I 135 -3.07 -44.55 -23.97
N LEU I 136 -2.93 -43.46 -23.24
CA LEU I 136 -1.72 -42.60 -23.26
C LEU I 136 -1.05 -42.60 -21.90
N ASN I 137 0.29 -42.55 -21.90
CA ASN I 137 1.05 -42.39 -20.64
C ASN I 137 0.70 -40.98 -20.07
N ALA I 138 0.21 -40.95 -18.86
CA ALA I 138 -0.31 -39.68 -18.26
C ALA I 138 0.77 -38.65 -18.08
N LYS I 139 2.00 -39.10 -17.94
CA LYS I 139 3.16 -38.21 -17.70
C LYS I 139 3.94 -37.78 -18.94
N THR I 140 3.94 -38.60 -19.99
CA THR I 140 4.67 -38.32 -21.23
C THR I 140 3.87 -38.19 -22.45
N GLY I 141 2.63 -38.67 -22.47
CA GLY I 141 1.84 -38.59 -23.67
C GLY I 141 2.10 -39.71 -24.67
N GLU I 142 2.98 -40.66 -24.35
CA GLU I 142 3.29 -41.72 -25.31
C GLU I 142 2.05 -42.64 -25.44
N GLU I 143 1.72 -42.97 -26.67
CA GLU I 143 0.61 -43.91 -26.96
C GLU I 143 0.99 -45.32 -26.48
N ILE I 144 0.24 -45.88 -25.56
CA ILE I 144 0.55 -47.21 -25.01
C ILE I 144 -0.17 -48.30 -25.79
N TRP I 145 -1.48 -48.10 -26.04
CA TRP I 145 -2.28 -48.96 -26.87
C TRP I 145 -3.44 -48.18 -27.52
N LYS I 146 -3.99 -48.75 -28.58
CA LYS I 146 -5.11 -48.18 -29.32
C LYS I 146 -5.88 -49.31 -29.96
N MET I 147 -7.21 -49.31 -29.75
CA MET I 147 -8.07 -50.40 -30.25
C MET I 147 -9.18 -49.76 -31.01
N GLU I 148 -9.74 -50.54 -31.93
CA GLU I 148 -10.88 -50.11 -32.69
C GLU I 148 -12.15 -50.53 -32.03
N ASN I 149 -12.98 -49.56 -31.61
CA ASN I 149 -14.25 -49.91 -30.99
C ASN I 149 -15.44 -49.84 -31.96
N SER I 150 -15.50 -48.76 -32.73
CA SER I 150 -16.65 -48.36 -33.56
C SER I 150 -16.19 -48.06 -34.93
N ASP I 151 -17.00 -48.41 -35.93
CA ASP I 151 -16.61 -48.28 -37.34
C ASP I 151 -17.39 -47.18 -38.04
N ILE I 152 -16.71 -46.11 -38.39
CA ILE I 152 -17.40 -44.99 -39.05
C ILE I 152 -18.09 -45.31 -40.38
N ALA I 153 -17.65 -46.35 -41.08
CA ALA I 153 -18.34 -46.77 -42.33
C ALA I 153 -19.77 -47.27 -42.07
N MET I 154 -20.05 -47.67 -40.84
CA MET I 154 -21.36 -48.07 -40.42
C MET I 154 -22.13 -46.89 -39.75
N GLY I 155 -21.60 -45.67 -39.83
CA GLY I 155 -22.13 -44.53 -39.09
C GLY I 155 -21.92 -44.61 -37.59
N SER I 156 -20.95 -45.42 -37.14
CA SER I 156 -20.72 -45.68 -35.71
C SER I 156 -19.47 -44.86 -35.27
N THR I 157 -19.67 -43.99 -34.27
CA THR I 157 -18.67 -43.11 -33.76
C THR I 157 -18.58 -43.18 -32.24
N LEU I 158 -17.65 -42.39 -31.68
CA LEU I 158 -17.58 -42.28 -30.27
C LEU I 158 -17.63 -40.80 -29.93
N THR I 159 -18.46 -40.50 -28.95
CA THR I 159 -18.55 -39.17 -28.40
C THR I 159 -18.52 -39.10 -26.90
N GLY I 160 -18.97 -40.15 -26.19
CA GLY I 160 -18.93 -40.23 -24.73
C GLY I 160 -17.52 -40.45 -24.18
N ALA I 161 -17.26 -39.94 -22.98
CA ALA I 161 -15.96 -40.14 -22.29
C ALA I 161 -15.78 -41.63 -21.94
N PRO I 162 -14.56 -42.13 -22.02
CA PRO I 162 -14.31 -43.43 -21.32
C PRO I 162 -14.50 -43.36 -19.82
N PHE I 163 -14.59 -44.50 -19.20
CA PHE I 163 -14.92 -44.59 -17.77
C PHE I 163 -14.11 -45.75 -17.15
N VAL I 164 -13.30 -45.47 -16.13
CA VAL I 164 -12.36 -46.47 -15.56
C VAL I 164 -13.00 -47.09 -14.32
N VAL I 165 -13.02 -48.42 -14.30
CA VAL I 165 -13.49 -49.13 -13.14
C VAL I 165 -12.55 -50.37 -12.97
N LYS I 166 -11.96 -50.40 -11.81
CA LYS I 166 -10.90 -51.39 -11.44
C LYS I 166 -9.84 -51.37 -12.46
N ASP I 167 -9.55 -52.50 -13.11
CA ASP I 167 -8.56 -52.52 -14.17
C ASP I 167 -9.15 -52.54 -15.59
N LYS I 168 -10.33 -51.92 -15.74
CA LYS I 168 -11.00 -51.87 -17.02
C LYS I 168 -11.40 -50.45 -17.40
N VAL I 169 -11.45 -50.18 -18.68
CA VAL I 169 -11.94 -48.88 -19.15
C VAL I 169 -13.14 -49.22 -20.06
N LEU I 170 -14.28 -48.60 -19.72
CA LEU I 170 -15.52 -48.76 -20.44
C LEU I 170 -15.63 -47.77 -21.58
N VAL I 171 -16.05 -48.26 -22.74
CA VAL I 171 -16.19 -47.45 -23.95
C VAL I 171 -17.60 -47.66 -24.46
N GLY I 172 -18.31 -46.56 -24.71
CA GLY I 172 -19.72 -46.60 -25.14
C GLY I 172 -19.84 -46.65 -26.64
N SER I 173 -20.92 -46.08 -27.18
CA SER I 173 -21.18 -46.17 -28.61
C SER I 173 -21.99 -44.88 -28.98
N ALA I 174 -22.11 -44.64 -30.27
CA ALA I 174 -22.84 -43.48 -30.86
C ALA I 174 -23.20 -43.82 -32.25
N GLY I 175 -24.31 -43.23 -32.67
CA GLY I 175 -24.78 -43.38 -34.04
C GLY I 175 -26.17 -43.90 -34.16
N ALA I 176 -27.01 -43.76 -33.14
CA ALA I 176 -28.39 -44.25 -33.29
C ALA I 176 -29.17 -43.53 -34.42
N GLU I 177 -28.79 -42.32 -34.77
CA GLU I 177 -29.39 -41.61 -35.88
C GLU I 177 -29.00 -42.23 -37.19
N LEU I 178 -28.00 -43.15 -37.18
CA LEU I 178 -27.58 -43.91 -38.37
C LEU I 178 -27.87 -45.40 -38.24
N GLY I 179 -28.75 -45.79 -37.32
CA GLY I 179 -29.09 -47.19 -37.15
C GLY I 179 -28.05 -48.08 -36.52
N VAL I 180 -27.18 -47.47 -35.74
CA VAL I 180 -26.26 -48.24 -34.95
C VAL I 180 -26.91 -48.93 -33.76
N ARG I 181 -26.73 -50.23 -33.66
CA ARG I 181 -27.17 -50.96 -32.50
C ARG I 181 -26.20 -50.77 -31.37
N GLY I 182 -26.69 -50.28 -30.21
CA GLY I 182 -25.81 -49.86 -29.10
C GLY I 182 -25.06 -51.00 -28.45
N TYR I 183 -23.84 -50.73 -28.02
CA TYR I 183 -23.09 -51.60 -27.19
C TYR I 183 -22.09 -50.83 -26.34
N VAL I 184 -21.80 -51.38 -25.16
CA VAL I 184 -20.75 -50.85 -24.24
C VAL I 184 -19.72 -51.98 -24.10
N THR I 185 -18.47 -51.60 -23.98
CA THR I 185 -17.32 -52.55 -24.09
C THR I 185 -16.33 -52.22 -22.95
N ALA I 186 -15.93 -53.25 -22.20
CA ALA I 186 -14.89 -53.09 -21.21
C ALA I 186 -13.55 -53.62 -21.80
N TYR I 187 -12.50 -52.79 -21.72
CA TYR I 187 -11.16 -53.16 -22.15
C TYR I 187 -10.28 -53.22 -20.95
N ASN I 188 -9.34 -54.18 -20.98
CA ASN I 188 -8.36 -54.26 -19.91
C ASN I 188 -7.37 -53.08 -20.00
N ILE I 189 -7.09 -52.41 -18.91
CA ILE I 189 -6.25 -51.17 -19.02
C ILE I 189 -4.77 -51.42 -19.37
N LYS I 190 -4.30 -52.62 -19.04
CA LYS I 190 -2.92 -53.00 -19.32
C LYS I 190 -2.56 -52.99 -20.80
N ASP I 191 -3.42 -53.63 -21.57
CA ASP I 191 -3.10 -53.95 -22.98
C ASP I 191 -4.27 -53.76 -23.97
N GLY I 192 -5.40 -53.19 -23.52
CA GLY I 192 -6.57 -53.06 -24.43
C GLY I 192 -7.27 -54.35 -24.82
N LYS I 193 -7.11 -55.39 -24.01
CA LYS I 193 -7.82 -56.63 -24.28
C LYS I 193 -9.31 -56.50 -23.94
N GLN I 194 -10.13 -56.77 -24.94
CA GLN I 194 -11.61 -56.75 -24.75
C GLN I 194 -12.04 -57.76 -23.72
N GLU I 195 -12.67 -57.33 -22.66
CA GLU I 195 -13.11 -58.21 -21.56
C GLU I 195 -14.54 -58.67 -21.73
N TRP I 196 -15.45 -57.75 -22.11
CA TRP I 196 -16.83 -58.07 -22.22
C TRP I 196 -17.52 -56.97 -23.02
N ARG I 197 -18.67 -57.30 -23.59
CA ARG I 197 -19.38 -56.35 -24.50
C ARG I 197 -20.85 -56.66 -24.38
N ALA I 198 -21.64 -55.65 -24.00
CA ALA I 198 -23.07 -55.81 -23.75
C ALA I 198 -23.85 -54.96 -24.78
N TYR I 199 -24.79 -55.54 -25.52
CA TYR I 199 -25.54 -54.80 -26.54
C TYR I 199 -26.87 -54.36 -25.94
N ALA I 200 -27.51 -53.38 -26.59
CA ALA I 200 -28.69 -52.78 -26.04
C ALA I 200 -29.96 -53.49 -26.55
N THR I 201 -29.83 -54.28 -27.61
CA THR I 201 -30.98 -55.00 -28.17
C THR I 201 -30.52 -56.40 -28.58
N GLY I 202 -31.48 -57.25 -28.91
CA GLY I 202 -31.19 -58.56 -29.55
C GLY I 202 -31.28 -59.68 -28.52
N PRO I 203 -30.55 -60.79 -28.78
CA PRO I 203 -30.73 -61.94 -27.91
C PRO I 203 -30.13 -61.75 -26.53
N ASP I 204 -30.66 -62.50 -25.56
CA ASP I 204 -30.20 -62.40 -24.17
C ASP I 204 -28.69 -62.57 -24.05
N GLU I 205 -28.04 -63.46 -24.85
CA GLU I 205 -26.59 -63.54 -24.72
C GLU I 205 -25.84 -62.26 -25.08
N ASP I 206 -26.34 -61.54 -26.06
CA ASP I 206 -25.75 -60.24 -26.44
C ASP I 206 -26.05 -59.13 -25.39
N LEU I 207 -27.23 -59.17 -24.75
CA LEU I 207 -27.62 -58.19 -23.74
C LEU I 207 -26.75 -58.34 -22.48
N LEU I 208 -26.26 -59.57 -22.21
CA LEU I 208 -25.38 -59.91 -21.09
C LEU I 208 -26.11 -59.74 -19.83
N LEU I 209 -27.05 -60.65 -19.57
CA LEU I 209 -27.89 -60.59 -18.42
C LEU I 209 -27.41 -61.55 -17.37
N ASP I 210 -27.51 -61.15 -16.12
CA ASP I 210 -27.40 -62.08 -14.96
C ASP I 210 -28.59 -63.06 -14.96
N LYS I 211 -28.37 -64.29 -14.47
CA LYS I 211 -29.51 -65.21 -14.39
C LYS I 211 -30.64 -64.68 -13.47
N ASP I 212 -30.29 -63.81 -12.55
CA ASP I 212 -31.27 -63.10 -11.69
C ASP I 212 -31.58 -61.68 -12.16
N PHE I 213 -31.37 -61.39 -13.44
CA PHE I 213 -31.77 -60.07 -13.99
C PHE I 213 -33.20 -59.72 -13.65
N ASN I 214 -33.37 -58.52 -13.06
CA ASN I 214 -34.66 -57.99 -12.66
C ASN I 214 -35.47 -58.84 -11.67
N LYS I 215 -34.76 -59.57 -10.82
CA LYS I 215 -35.40 -60.42 -9.85
C LYS I 215 -36.20 -59.63 -8.89
N ASP I 216 -35.70 -58.48 -8.50
CA ASP I 216 -36.43 -57.65 -7.58
C ASP I 216 -37.63 -56.94 -8.16
N ASN I 217 -37.61 -56.74 -9.47
CA ASN I 217 -38.67 -56.10 -10.23
C ASN I 217 -39.04 -56.85 -11.53
N PRO I 218 -39.66 -58.05 -11.40
CA PRO I 218 -39.89 -58.89 -12.61
C PRO I 218 -40.88 -58.26 -13.55
N HIS I 219 -41.65 -57.31 -13.02
CA HIS I 219 -42.60 -56.56 -13.81
C HIS I 219 -41.96 -55.50 -14.75
N TYR I 220 -40.68 -55.18 -14.54
CA TYR I 220 -39.92 -54.49 -15.59
C TYR I 220 -39.68 -55.29 -16.86
N GLY I 221 -39.79 -56.62 -16.76
CA GLY I 221 -39.41 -57.51 -17.84
C GLY I 221 -38.15 -58.24 -17.51
N GLN I 222 -37.99 -59.46 -18.02
CA GLN I 222 -36.78 -60.17 -17.77
C GLN I 222 -36.18 -60.67 -19.10
N PHE I 223 -36.48 -61.93 -19.50
CA PHE I 223 -35.78 -62.57 -20.58
C PHE I 223 -36.52 -62.58 -21.87
N GLY I 224 -35.75 -62.59 -22.96
CA GLY I 224 -36.24 -62.69 -24.32
C GLY I 224 -36.80 -61.39 -24.96
N LEU I 225 -36.85 -60.31 -24.19
CA LEU I 225 -37.44 -58.99 -24.64
C LEU I 225 -36.64 -58.19 -25.63
N GLY I 226 -35.33 -58.42 -25.65
CA GLY I 226 -34.55 -57.82 -26.64
C GLY I 226 -34.79 -58.32 -28.05
N LEU I 227 -35.54 -59.43 -28.19
CA LEU I 227 -36.05 -59.89 -29.45
C LEU I 227 -37.59 -59.73 -29.56
N SER I 228 -38.32 -60.07 -28.54
CA SER I 228 -39.75 -60.20 -28.65
C SER I 228 -40.47 -58.83 -28.66
N THR I 229 -39.80 -57.73 -28.29
CA THR I 229 -40.38 -56.40 -28.38
C THR I 229 -39.92 -55.72 -29.65
N TRP I 230 -39.49 -56.50 -30.63
CA TRP I 230 -39.30 -56.00 -31.98
C TRP I 230 -39.98 -56.93 -32.97
N GLU I 231 -40.21 -56.43 -34.20
CA GLU I 231 -40.75 -57.26 -35.31
C GLU I 231 -39.54 -57.72 -36.12
N GLY I 232 -39.33 -59.04 -36.13
CA GLY I 232 -38.33 -59.67 -36.96
C GLY I 232 -36.93 -59.21 -36.56
N ASP I 233 -36.13 -58.90 -37.53
CA ASP I 233 -34.75 -58.48 -37.33
C ASP I 233 -34.54 -56.93 -37.22
N ALA I 234 -35.56 -56.17 -36.86
CA ALA I 234 -35.43 -54.71 -36.76
C ALA I 234 -34.50 -54.28 -35.61
N TRP I 235 -34.31 -55.15 -34.60
CA TRP I 235 -33.36 -54.89 -33.47
C TRP I 235 -31.91 -54.79 -33.96
N LYS I 236 -31.59 -55.33 -35.14
CA LYS I 236 -30.20 -55.31 -35.62
C LYS I 236 -29.65 -53.89 -35.92
N ILE I 237 -30.56 -52.98 -36.26
CA ILE I 237 -30.27 -51.61 -36.57
C ILE I 237 -31.01 -50.72 -35.56
N GLY I 238 -31.16 -51.23 -34.37
CA GLY I 238 -32.20 -50.76 -33.43
C GLY I 238 -31.88 -49.65 -32.46
N GLY I 239 -30.69 -49.07 -32.54
CA GLY I 239 -30.28 -47.98 -31.61
C GLY I 239 -29.86 -48.44 -30.24
N GLY I 240 -30.04 -47.56 -29.26
CA GLY I 240 -29.65 -47.87 -27.94
C GLY I 240 -28.17 -47.62 -27.65
N THR I 241 -27.49 -46.82 -28.46
CA THR I 241 -26.13 -46.39 -28.21
C THR I 241 -26.06 -45.68 -26.84
N ASN I 242 -24.89 -45.76 -26.20
CA ASN I 242 -24.67 -45.12 -24.91
C ASN I 242 -23.52 -44.16 -25.02
N TRP I 243 -23.85 -42.88 -25.14
CA TRP I 243 -22.85 -41.82 -25.39
C TRP I 243 -22.76 -40.81 -24.18
N GLY I 244 -23.46 -41.13 -23.10
CA GLY I 244 -23.48 -40.29 -21.92
C GLY I 244 -22.54 -40.77 -20.80
N TRP I 245 -23.03 -40.84 -19.58
CA TRP I 245 -22.14 -40.91 -18.40
C TRP I 245 -22.49 -42.11 -17.60
N TYR I 246 -21.58 -42.47 -16.71
CA TYR I 246 -21.69 -43.67 -15.91
C TYR I 246 -21.56 -43.28 -14.45
N ALA I 247 -22.02 -44.18 -13.58
CA ALA I 247 -21.66 -44.13 -12.18
C ALA I 247 -21.28 -45.52 -11.73
N TYR I 248 -20.73 -45.61 -10.52
CA TYR I 248 -20.19 -46.85 -10.00
C TYR I 248 -20.31 -46.83 -8.50
N ASP I 249 -20.79 -47.93 -7.96
CA ASP I 249 -20.85 -48.13 -6.50
C ASP I 249 -19.85 -49.30 -6.19
N PRO I 250 -18.70 -48.99 -5.60
CA PRO I 250 -17.71 -50.02 -5.28
C PRO I 250 -18.21 -51.06 -4.30
N LYS I 251 -19.08 -50.72 -3.36
CA LYS I 251 -19.55 -51.72 -2.39
C LYS I 251 -20.43 -52.82 -3.03
N LEU I 252 -21.30 -52.40 -3.91
CA LEU I 252 -22.11 -53.29 -4.76
C LEU I 252 -21.40 -53.86 -5.98
N ASP I 253 -20.26 -53.25 -6.35
CA ASP I 253 -19.54 -53.58 -7.55
C ASP I 253 -20.42 -53.47 -8.79
N MET I 254 -21.13 -52.33 -8.86
CA MET I 254 -22.10 -52.13 -9.95
C MET I 254 -21.88 -50.86 -10.70
N ILE I 255 -21.92 -50.97 -12.04
CA ILE I 255 -21.89 -49.84 -12.98
C ILE I 255 -23.28 -49.47 -13.45
N TYR I 256 -23.55 -48.14 -13.56
CA TYR I 256 -24.87 -47.61 -13.94
C TYR I 256 -24.68 -46.73 -15.11
N TYR I 257 -25.55 -46.87 -16.13
CA TYR I 257 -25.60 -45.94 -17.25
C TYR I 257 -26.93 -46.17 -17.98
N GLY I 258 -27.22 -45.28 -18.89
CA GLY I 258 -28.41 -45.44 -19.74
C GLY I 258 -28.15 -45.69 -21.18
N SER I 259 -28.99 -46.55 -21.77
CA SER I 259 -29.00 -46.75 -23.22
C SER I 259 -29.96 -45.76 -23.96
N GLY I 260 -29.54 -45.39 -25.17
CA GLY I 260 -30.15 -44.39 -25.95
C GLY I 260 -31.41 -44.81 -26.69
N ASN I 261 -31.79 -43.96 -27.63
CA ASN I 261 -33.06 -44.11 -28.33
C ASN I 261 -33.00 -45.28 -29.37
N PRO I 262 -34.19 -45.86 -29.71
CA PRO I 262 -34.31 -46.81 -30.83
C PRO I 262 -34.27 -46.05 -32.15
N ALA I 263 -33.78 -46.76 -33.15
CA ALA I 263 -33.74 -46.33 -34.50
C ALA I 263 -34.76 -47.09 -35.35
N PRO I 264 -35.38 -46.46 -36.35
CA PRO I 264 -35.25 -45.03 -36.70
C PRO I 264 -36.11 -44.14 -35.78
N TRP I 265 -36.09 -42.82 -35.99
CA TRP I 265 -36.98 -41.94 -35.22
C TRP I 265 -38.42 -42.18 -35.60
N ASN I 266 -38.65 -42.59 -36.85
CA ASN I 266 -39.99 -43.10 -37.29
C ASN I 266 -40.49 -44.30 -36.51
N GLU I 267 -41.37 -44.06 -35.53
CA GLU I 267 -41.86 -45.06 -34.60
C GLU I 267 -42.66 -46.15 -35.31
N THR I 268 -43.29 -45.76 -36.40
CA THR I 268 -44.19 -46.67 -37.12
C THR I 268 -43.41 -47.79 -37.84
N MET I 269 -42.13 -47.53 -38.17
CA MET I 269 -41.27 -48.56 -38.74
C MET I 269 -40.75 -49.62 -37.73
N ARG I 270 -41.00 -49.46 -36.42
CA ARG I 270 -40.48 -50.37 -35.43
C ARG I 270 -41.46 -50.63 -34.33
N PRO I 271 -42.59 -51.26 -34.66
CA PRO I 271 -43.58 -51.63 -33.61
C PRO I 271 -42.91 -52.42 -32.52
N GLY I 272 -43.35 -52.18 -31.28
CA GLY I 272 -42.93 -52.94 -30.12
C GLY I 272 -42.23 -52.05 -29.08
N ASP I 273 -42.06 -52.58 -27.89
CA ASP I 273 -41.43 -51.80 -26.76
C ASP I 273 -39.97 -51.44 -27.09
N ASN I 274 -39.34 -52.14 -28.02
CA ASN I 274 -38.00 -51.82 -28.48
C ASN I 274 -36.98 -51.94 -27.34
N LYS I 275 -37.18 -52.92 -26.46
CA LYS I 275 -36.20 -53.19 -25.40
C LYS I 275 -34.85 -53.67 -26.01
N TRP I 276 -33.71 -53.28 -25.41
CA TRP I 276 -33.59 -52.50 -24.19
C TRP I 276 -32.96 -51.15 -24.44
N THR I 277 -33.47 -50.48 -25.44
CA THR I 277 -33.27 -49.04 -25.59
C THR I 277 -33.93 -48.31 -24.42
N MET I 278 -33.47 -47.07 -24.20
CA MET I 278 -34.11 -46.19 -23.17
C MET I 278 -34.13 -46.84 -21.81
N THR I 279 -33.03 -47.52 -21.42
CA THR I 279 -33.05 -48.30 -20.23
C THR I 279 -31.95 -47.86 -19.23
N ILE I 280 -32.32 -47.82 -17.95
CA ILE I 280 -31.36 -47.62 -16.82
C ILE I 280 -30.79 -49.00 -16.44
N TRP I 281 -29.51 -49.17 -16.60
CA TRP I 281 -28.87 -50.46 -16.35
C TRP I 281 -28.07 -50.39 -15.08
N GLY I 282 -28.02 -51.52 -14.37
CA GLY I 282 -27.10 -51.75 -13.27
C GLY I 282 -26.36 -53.07 -13.59
N ARG I 283 -25.07 -52.98 -13.87
CA ARG I 283 -24.34 -54.16 -14.40
C ARG I 283 -23.19 -54.46 -13.45
N ASP I 284 -23.00 -55.75 -13.18
CA ASP I 284 -21.75 -56.22 -12.50
C ASP I 284 -20.52 -55.70 -13.23
N ALA I 285 -19.58 -55.16 -12.49
CA ALA I 285 -18.37 -54.57 -13.09
C ALA I 285 -17.44 -55.59 -13.75
N ASP I 286 -17.19 -56.71 -13.08
CA ASP I 286 -16.20 -57.68 -13.61
C ASP I 286 -16.70 -58.39 -14.87
N THR I 287 -18.00 -58.69 -14.92
CA THR I 287 -18.56 -59.53 -16.00
C THR I 287 -19.43 -58.79 -16.96
N GLY I 288 -19.83 -57.58 -16.60
CA GLY I 288 -20.83 -56.87 -17.37
C GLY I 288 -22.28 -57.34 -17.28
N ARG I 289 -22.57 -58.40 -16.50
CA ARG I 289 -23.92 -58.94 -16.40
C ARG I 289 -24.92 -58.03 -15.67
N ALA I 290 -26.06 -57.79 -16.33
CA ALA I 290 -27.06 -56.89 -15.81
C ALA I 290 -27.78 -57.54 -14.70
N LYS I 291 -27.79 -56.86 -13.56
CA LYS I 291 -28.64 -57.23 -12.45
C LYS I 291 -30.01 -56.64 -12.50
N PHE I 292 -30.09 -55.41 -12.99
CA PHE I 292 -31.37 -54.80 -13.27
C PHE I 292 -31.33 -53.92 -14.51
N GLY I 293 -32.52 -53.68 -15.04
CA GLY I 293 -32.70 -52.90 -16.26
C GLY I 293 -34.13 -52.35 -16.24
N TYR I 294 -34.29 -51.00 -16.19
CA TYR I 294 -35.59 -50.37 -16.17
C TYR I 294 -35.75 -49.59 -17.45
N GLN I 295 -36.75 -49.94 -18.28
CA GLN I 295 -36.97 -49.17 -19.48
C GLN I 295 -37.84 -47.96 -19.15
N LYS I 296 -37.26 -46.78 -19.35
CA LYS I 296 -37.93 -45.53 -19.02
C LYS I 296 -38.98 -45.13 -20.04
N THR I 297 -38.66 -45.31 -21.31
CA THR I 297 -39.49 -44.89 -22.39
C THR I 297 -39.67 -46.04 -23.38
N PRO I 298 -40.63 -46.92 -23.08
CA PRO I 298 -40.96 -48.03 -24.04
C PRO I 298 -41.45 -47.47 -25.34
N HIS I 299 -41.03 -48.07 -26.46
CA HIS I 299 -41.42 -47.64 -27.79
C HIS I 299 -41.27 -46.12 -28.02
N ASP I 300 -40.06 -45.62 -27.95
CA ASP I 300 -39.88 -44.21 -28.00
C ASP I 300 -40.49 -43.67 -29.30
N GLU I 301 -41.06 -42.48 -29.16
CA GLU I 301 -41.69 -41.71 -30.26
C GLU I 301 -41.12 -40.35 -30.48
N TRP I 302 -40.08 -40.01 -29.73
CA TRP I 302 -39.70 -38.61 -29.53
C TRP I 302 -38.18 -38.36 -29.53
N ASP I 303 -37.37 -39.41 -29.75
CA ASP I 303 -35.95 -39.34 -29.50
C ASP I 303 -35.55 -38.82 -28.11
N TYR I 304 -36.18 -39.32 -27.07
CA TYR I 304 -35.76 -39.02 -25.69
C TYR I 304 -34.57 -39.91 -25.24
N ALA I 305 -33.48 -39.86 -26.01
CA ALA I 305 -32.33 -40.76 -25.79
C ALA I 305 -31.94 -40.84 -24.34
N GLY I 306 -31.95 -42.03 -23.79
CA GLY I 306 -31.79 -42.23 -22.37
C GLY I 306 -30.42 -42.23 -21.75
N VAL I 307 -29.51 -41.39 -22.25
CA VAL I 307 -28.09 -41.42 -21.92
C VAL I 307 -27.62 -40.48 -20.84
N ASN I 308 -28.55 -39.73 -20.23
CA ASN I 308 -28.16 -38.69 -19.29
C ASN I 308 -27.50 -39.24 -18.04
N TYR I 309 -26.90 -38.34 -17.33
CA TYR I 309 -26.12 -38.75 -16.17
C TYR I 309 -26.88 -39.41 -15.02
N MET I 310 -26.13 -40.17 -14.21
CA MET I 310 -26.64 -40.93 -13.04
C MET I 310 -25.91 -40.34 -11.85
N GLY I 311 -26.66 -39.77 -10.91
CA GLY I 311 -26.08 -39.16 -9.71
C GLY I 311 -26.41 -39.99 -8.52
N LEU I 312 -25.40 -40.55 -7.87
CA LEU I 312 -25.69 -41.43 -6.70
C LEU I 312 -25.75 -40.64 -5.39
N SER I 313 -26.61 -41.12 -4.46
CA SER I 313 -26.76 -40.52 -3.14
C SER I 313 -27.31 -41.51 -2.17
N GLU I 314 -27.21 -41.17 -0.89
CA GLU I 314 -27.85 -41.97 0.18
C GLU I 314 -28.83 -41.07 0.92
N GLN I 315 -30.13 -41.37 0.85
CA GLN I 315 -31.14 -40.49 1.39
C GLN I 315 -32.21 -41.37 2.03
N GLU I 316 -32.99 -40.78 2.92
CA GLU I 316 -34.02 -41.55 3.56
C GLU I 316 -35.20 -41.68 2.67
N VAL I 317 -35.75 -42.88 2.54
CA VAL I 317 -37.00 -43.15 1.79
C VAL I 317 -37.99 -43.81 2.80
N ASP I 318 -39.10 -43.13 3.11
CA ASP I 318 -40.01 -43.59 4.18
C ASP I 318 -39.20 -43.88 5.45
N GLY I 319 -38.31 -42.97 5.83
CA GLY I 319 -37.49 -43.14 7.01
C GLY I 319 -36.36 -44.13 7.03
N LYS I 320 -36.10 -44.81 5.91
CA LYS I 320 -34.99 -45.73 5.86
C LYS I 320 -33.90 -45.12 4.96
N LEU I 321 -32.68 -45.04 5.48
CA LEU I 321 -31.51 -44.57 4.68
C LEU I 321 -31.23 -45.61 3.58
N THR I 322 -31.25 -45.19 2.31
CA THR I 322 -31.26 -46.08 1.15
C THR I 322 -30.25 -45.61 0.09
N PRO I 323 -29.47 -46.57 -0.53
CA PRO I 323 -28.57 -46.20 -1.62
C PRO I 323 -29.38 -45.95 -2.90
N LEU I 324 -29.26 -44.75 -3.50
CA LEU I 324 -30.05 -44.36 -4.63
C LEU I 324 -29.17 -44.01 -5.84
N LEU I 325 -29.84 -43.99 -6.99
CA LEU I 325 -29.44 -43.25 -8.16
C LEU I 325 -30.54 -42.26 -8.57
N THR I 326 -30.14 -41.09 -9.04
CA THR I 326 -31.05 -40.11 -9.58
C THR I 326 -30.59 -39.76 -10.99
N HIS I 327 -31.55 -39.60 -11.89
CA HIS I 327 -31.31 -39.58 -13.32
C HIS I 327 -32.35 -38.70 -14.02
N PRO I 328 -31.94 -37.46 -14.40
CA PRO I 328 -32.85 -36.49 -15.09
C PRO I 328 -32.88 -36.86 -16.55
N ASP I 329 -33.95 -37.51 -17.01
CA ASP I 329 -33.98 -37.97 -18.44
C ASP I 329 -34.35 -36.90 -19.44
N ARG I 330 -34.00 -37.13 -20.73
CA ARG I 330 -34.49 -36.33 -21.83
C ARG I 330 -36.01 -36.21 -21.87
N ASN I 331 -36.69 -37.27 -21.40
CA ASN I 331 -38.16 -37.36 -21.45
C ASN I 331 -38.85 -36.44 -20.40
N GLY I 332 -38.01 -35.72 -19.61
CA GLY I 332 -38.50 -34.71 -18.69
C GLY I 332 -38.93 -35.22 -17.36
N LEU I 333 -38.71 -36.48 -17.11
CA LEU I 333 -38.86 -37.04 -15.81
C LEU I 333 -37.50 -37.20 -15.09
N VAL I 334 -37.55 -37.02 -13.79
CA VAL I 334 -36.40 -37.24 -12.90
C VAL I 334 -36.66 -38.55 -12.21
N TYR I 335 -35.84 -39.53 -12.48
CA TYR I 335 -35.98 -40.87 -11.92
C TYR I 335 -35.08 -41.05 -10.74
N THR I 336 -35.60 -41.60 -9.64
CA THR I 336 -34.78 -41.98 -8.50
C THR I 336 -35.10 -43.49 -8.23
N LEU I 337 -34.07 -44.33 -8.36
CA LEU I 337 -34.12 -45.78 -8.14
C LEU I 337 -33.27 -46.17 -6.96
N ASN I 338 -33.71 -47.18 -6.23
CA ASN I 338 -32.82 -47.91 -5.35
C ASN I 338 -31.76 -48.58 -6.22
N ARG I 339 -30.47 -48.29 -5.95
CA ARG I 339 -29.38 -48.69 -6.90
C ARG I 339 -28.85 -50.09 -6.64
N GLU I 340 -29.34 -50.66 -5.55
CA GLU I 340 -29.14 -52.08 -5.26
C GLU I 340 -30.12 -52.93 -5.99
N THR I 341 -31.39 -52.63 -5.77
CA THR I 341 -32.52 -53.50 -6.26
C THR I 341 -33.06 -53.08 -7.65
N GLY I 342 -32.83 -51.82 -8.04
CA GLY I 342 -33.44 -51.30 -9.25
C GLY I 342 -34.89 -50.82 -8.98
N ALA I 343 -35.41 -50.94 -7.76
CA ALA I 343 -36.80 -50.51 -7.47
C ALA I 343 -36.96 -48.99 -7.74
N LEU I 344 -38.08 -48.59 -8.30
CA LEU I 344 -38.42 -47.18 -8.46
C LEU I 344 -38.84 -46.57 -7.12
N VAL I 345 -38.24 -45.45 -6.82
CA VAL I 345 -38.56 -44.68 -5.63
C VAL I 345 -39.41 -43.47 -6.04
N ASN I 346 -38.99 -42.74 -7.06
CA ASN I 346 -39.80 -41.65 -7.59
C ASN I 346 -39.50 -41.43 -9.05
N ALA I 347 -40.44 -40.79 -9.70
CA ALA I 347 -40.27 -40.36 -11.09
C ALA I 347 -41.18 -39.15 -11.27
N PHE I 348 -40.66 -37.95 -11.24
CA PHE I 348 -41.47 -36.74 -11.24
C PHE I 348 -41.03 -35.85 -12.37
N LYS I 349 -41.94 -35.01 -12.84
CA LYS I 349 -41.71 -34.17 -13.95
C LYS I 349 -40.76 -33.05 -13.56
N ILE I 350 -39.71 -32.84 -14.34
CA ILE I 350 -38.73 -31.83 -14.05
C ILE I 350 -39.31 -30.42 -14.25
N ASP I 351 -40.35 -30.28 -15.07
CA ASP I 351 -41.15 -29.07 -15.28
C ASP I 351 -42.57 -29.60 -15.53
N ASP I 352 -43.59 -28.89 -15.00
CA ASP I 352 -44.99 -29.38 -15.07
C ASP I 352 -45.54 -29.39 -16.53
N THR I 353 -44.85 -28.76 -17.47
CA THR I 353 -45.30 -28.72 -18.84
C THR I 353 -45.05 -30.00 -19.69
N VAL I 354 -44.27 -30.93 -19.16
CA VAL I 354 -44.07 -32.23 -19.81
C VAL I 354 -45.43 -32.83 -20.15
N ASN I 355 -45.60 -33.27 -21.39
CA ASN I 355 -46.99 -33.70 -21.80
C ASN I 355 -47.14 -35.00 -22.57
N TRP I 356 -46.02 -35.64 -22.96
CA TRP I 356 -46.14 -36.91 -23.62
C TRP I 356 -46.65 -38.00 -22.67
N VAL I 357 -46.46 -37.79 -21.38
CA VAL I 357 -46.77 -38.72 -20.31
C VAL I 357 -47.63 -37.97 -19.32
N LYS I 358 -48.65 -38.61 -18.80
CA LYS I 358 -49.49 -37.99 -17.76
C LYS I 358 -48.71 -38.10 -16.44
N LYS I 359 -48.33 -39.33 -16.08
CA LYS I 359 -47.50 -39.61 -14.91
C LYS I 359 -46.88 -41.00 -15.07
N VAL I 360 -45.88 -41.30 -14.27
CA VAL I 360 -45.35 -42.66 -14.16
C VAL I 360 -46.05 -43.29 -12.95
N ASP I 361 -46.71 -44.42 -13.20
CA ASP I 361 -47.27 -45.17 -12.10
C ASP I 361 -46.14 -45.89 -11.39
N LEU I 362 -45.83 -45.50 -10.17
CA LEU I 362 -44.62 -46.01 -9.55
C LEU I 362 -44.67 -47.50 -9.20
N LYS I 363 -45.85 -48.04 -8.92
CA LYS I 363 -45.96 -49.48 -8.59
C LYS I 363 -45.87 -50.38 -9.84
N THR I 364 -46.43 -49.96 -10.97
CA THR I 364 -46.24 -50.72 -12.25
C THR I 364 -44.97 -50.34 -13.02
N GLY I 365 -44.40 -49.19 -12.71
CA GLY I 365 -43.25 -48.74 -13.44
C GLY I 365 -43.51 -48.13 -14.80
N LEU I 366 -44.78 -48.01 -15.21
CA LEU I 366 -45.06 -47.65 -16.63
C LEU I 366 -45.43 -46.20 -16.74
N PRO I 367 -44.89 -45.51 -17.76
CA PRO I 367 -45.35 -44.15 -18.02
C PRO I 367 -46.69 -44.27 -18.76
N ILE I 368 -47.74 -43.66 -18.18
CA ILE I 368 -49.10 -43.59 -18.77
C ILE I 368 -49.04 -42.51 -19.89
N ARG I 369 -49.13 -42.95 -21.13
CA ARG I 369 -48.93 -42.07 -22.30
C ARG I 369 -50.21 -41.25 -22.57
N ASP I 370 -50.03 -40.01 -23.00
CA ASP I 370 -51.13 -39.21 -23.46
C ASP I 370 -51.13 -39.29 -24.99
N PRO I 371 -52.10 -40.00 -25.58
CA PRO I 371 -52.18 -40.15 -27.03
C PRO I 371 -52.19 -38.87 -27.83
N GLU I 372 -52.63 -37.76 -27.23
CA GLU I 372 -52.61 -36.47 -27.93
C GLU I 372 -51.23 -35.91 -28.29
N TYR I 373 -50.20 -36.48 -27.69
CA TYR I 373 -48.82 -36.01 -27.90
C TYR I 373 -47.95 -37.18 -28.34
N SER I 374 -48.54 -38.18 -28.96
CA SER I 374 -47.81 -39.25 -29.68
C SER I 374 -47.32 -38.81 -31.02
N THR I 375 -46.41 -39.61 -31.59
CA THR I 375 -46.01 -39.41 -32.98
C THR I 375 -46.34 -40.69 -33.73
N ARG I 376 -46.55 -40.52 -35.02
CA ARG I 376 -47.03 -41.61 -35.89
C ARG I 376 -47.00 -41.17 -37.31
N MET I 377 -46.78 -42.14 -38.22
CA MET I 377 -46.85 -41.87 -39.66
C MET I 377 -48.19 -41.17 -40.04
N ASP I 378 -48.07 -40.28 -41.01
CA ASP I 378 -49.26 -39.58 -41.61
C ASP I 378 -49.96 -38.65 -40.64
N HIS I 379 -49.24 -38.18 -39.61
CA HIS I 379 -49.77 -37.16 -38.73
C HIS I 379 -48.66 -36.21 -38.41
N ASN I 380 -48.97 -34.92 -38.39
CA ASN I 380 -48.00 -33.92 -37.93
C ASN I 380 -48.35 -33.58 -36.50
N ALA I 381 -47.57 -34.11 -35.54
CA ALA I 381 -47.90 -33.95 -34.14
C ALA I 381 -47.46 -32.58 -33.68
N LYS I 382 -48.28 -31.86 -32.92
CA LYS I 382 -47.88 -30.49 -32.53
C LYS I 382 -47.82 -30.31 -31.02
N GLY I 383 -46.87 -29.54 -30.56
CA GLY I 383 -46.84 -29.11 -29.17
C GLY I 383 -46.37 -30.09 -28.12
N ILE I 384 -45.46 -30.98 -28.49
CA ILE I 384 -45.01 -32.05 -27.64
C ILE I 384 -43.89 -31.51 -26.78
N CYS I 385 -43.99 -31.74 -25.50
CA CYS I 385 -42.99 -31.31 -24.52
C CYS I 385 -42.56 -32.52 -23.74
N PRO I 386 -41.25 -32.69 -23.57
CA PRO I 386 -40.17 -31.99 -24.25
C PRO I 386 -40.03 -32.31 -25.74
N SER I 387 -39.25 -31.48 -26.40
CA SER I 387 -38.73 -31.84 -27.68
C SER I 387 -37.68 -32.95 -27.53
N ALA I 388 -37.23 -33.40 -28.68
CA ALA I 388 -36.17 -34.42 -28.72
C ALA I 388 -34.85 -33.96 -28.02
N MET I 389 -34.63 -32.65 -27.92
CA MET I 389 -33.46 -32.13 -27.22
C MET I 389 -33.57 -32.40 -25.74
N GLY I 390 -34.80 -32.70 -25.24
CA GLY I 390 -35.12 -33.03 -23.86
C GLY I 390 -35.34 -31.78 -23.04
N TYR I 391 -35.94 -31.97 -21.88
CA TYR I 391 -35.82 -30.97 -20.82
C TYR I 391 -34.53 -31.09 -20.01
N HIS I 392 -33.78 -32.15 -20.24
CA HIS I 392 -32.42 -32.28 -19.77
C HIS I 392 -31.63 -33.02 -20.86
N ASN I 393 -30.38 -32.63 -21.09
CA ASN I 393 -29.56 -33.31 -22.09
C ASN I 393 -28.26 -33.78 -21.37
N GLN I 394 -27.12 -33.71 -22.06
CA GLN I 394 -25.86 -34.37 -21.63
C GLN I 394 -25.09 -33.72 -20.52
N GLY I 395 -25.58 -32.61 -19.96
CA GLY I 395 -24.85 -31.99 -18.90
C GLY I 395 -24.81 -32.81 -17.61
N ILE I 396 -23.65 -32.90 -16.98
CA ILE I 396 -23.53 -33.60 -15.72
C ILE I 396 -23.96 -32.61 -14.59
N GLU I 397 -24.86 -33.05 -13.71
CA GLU I 397 -25.37 -32.13 -12.72
C GLU I 397 -24.73 -32.39 -11.33
N SER I 398 -25.21 -31.71 -10.30
CA SER I 398 -24.51 -31.67 -9.03
C SER I 398 -25.46 -31.92 -7.86
N TYR I 399 -24.89 -32.36 -6.74
CA TYR I 399 -25.64 -32.75 -5.58
C TYR I 399 -24.94 -32.25 -4.30
N ASP I 400 -25.62 -31.41 -3.54
CA ASP I 400 -25.15 -30.98 -2.26
C ASP I 400 -25.69 -31.93 -1.18
N PRO I 401 -24.81 -32.77 -0.59
CA PRO I 401 -25.31 -33.81 0.32
C PRO I 401 -25.73 -33.22 1.64
N ASP I 402 -25.35 -32.00 1.96
CA ASP I 402 -25.79 -31.35 3.23
C ASP I 402 -27.23 -30.86 3.09
N LYS I 403 -27.55 -30.28 1.94
CA LYS I 403 -28.86 -29.79 1.65
C LYS I 403 -29.81 -30.84 1.09
N LYS I 404 -29.25 -31.98 0.67
CA LYS I 404 -29.99 -32.99 -0.13
C LYS I 404 -30.70 -32.41 -1.34
N LEU I 405 -30.01 -31.58 -2.10
CA LEU I 405 -30.54 -30.97 -3.27
C LEU I 405 -29.65 -31.28 -4.45
N PHE I 406 -30.29 -31.64 -5.56
CA PHE I 406 -29.67 -31.64 -6.90
C PHE I 406 -29.91 -30.27 -7.56
N PHE I 407 -28.89 -29.78 -8.25
CA PHE I 407 -28.92 -28.48 -9.02
C PHE I 407 -28.75 -28.89 -10.47
N MET I 408 -29.70 -28.51 -11.33
CA MET I 408 -29.65 -28.90 -12.77
C MET I 408 -29.92 -27.71 -13.68
N GLY I 409 -29.21 -27.71 -14.77
CA GLY I 409 -29.45 -26.88 -15.93
C GLY I 409 -30.53 -27.61 -16.69
N VAL I 410 -31.59 -26.89 -17.03
CA VAL I 410 -32.80 -27.46 -17.61
C VAL I 410 -33.02 -26.74 -18.96
N ASN I 411 -33.66 -27.47 -19.88
CA ASN I 411 -34.06 -26.98 -21.15
C ASN I 411 -35.60 -26.87 -21.13
N HIS I 412 -36.08 -25.89 -21.89
CA HIS I 412 -37.55 -25.62 -21.95
C HIS I 412 -37.88 -25.44 -23.44
N ILE I 413 -37.92 -26.60 -24.13
CA ILE I 413 -38.01 -26.66 -25.58
C ILE I 413 -39.11 -27.69 -25.91
N CYS I 414 -39.94 -27.35 -26.85
CA CYS I 414 -41.13 -28.14 -27.25
C CYS I 414 -41.06 -28.29 -28.78
N MET I 415 -41.87 -29.17 -29.38
CA MET I 415 -41.71 -29.46 -30.81
C MET I 415 -42.96 -29.91 -31.51
N ASP I 416 -42.89 -29.77 -32.82
CA ASP I 416 -43.77 -30.50 -33.76
C ASP I 416 -42.95 -31.62 -34.45
N TRP I 417 -43.60 -32.69 -34.84
CA TRP I 417 -42.92 -33.85 -35.37
C TRP I 417 -43.78 -34.58 -36.33
N GLU I 418 -43.25 -34.84 -37.53
CA GLU I 418 -43.89 -35.78 -38.44
C GLU I 418 -42.88 -36.80 -39.06
N PRO I 419 -43.15 -38.10 -38.94
CA PRO I 419 -42.21 -39.08 -39.51
C PRO I 419 -42.35 -39.24 -41.01
N PHE I 420 -41.40 -39.92 -41.62
CA PHE I 420 -41.48 -40.30 -43.02
C PHE I 420 -40.74 -41.61 -43.23
N MET I 421 -41.16 -42.41 -44.20
CA MET I 421 -40.52 -43.69 -44.51
C MET I 421 -39.20 -43.45 -45.12
N LEU I 422 -38.25 -44.32 -44.79
CA LEU I 422 -36.99 -44.30 -45.48
C LEU I 422 -36.31 -45.67 -45.33
N PRO I 423 -35.39 -45.94 -46.22
CA PRO I 423 -34.60 -47.19 -46.17
C PRO I 423 -33.40 -47.04 -45.26
N TYR I 424 -32.95 -48.18 -44.74
CA TYR I 424 -31.68 -48.27 -44.03
C TYR I 424 -30.57 -48.64 -45.00
N ARG I 425 -29.54 -47.82 -45.06
CA ARG I 425 -28.33 -48.19 -45.79
C ARG I 425 -27.18 -47.88 -44.86
N ALA I 426 -26.33 -48.86 -44.60
CA ALA I 426 -25.28 -48.74 -43.61
C ALA I 426 -24.36 -47.67 -44.03
N GLY I 427 -24.09 -46.77 -43.10
CA GLY I 427 -23.29 -45.63 -43.40
C GLY I 427 -24.07 -44.34 -43.68
N GLN I 428 -25.37 -44.44 -43.96
CA GLN I 428 -26.18 -43.26 -44.24
C GLN I 428 -27.03 -42.95 -43.02
N PHE I 429 -27.49 -41.71 -42.92
CA PHE I 429 -28.47 -41.43 -41.84
C PHE I 429 -29.77 -42.23 -41.95
N PHE I 430 -30.44 -42.47 -40.83
CA PHE I 430 -31.60 -43.30 -40.69
C PHE I 430 -32.50 -42.66 -39.65
N VAL I 431 -32.87 -41.40 -39.92
CA VAL I 431 -33.66 -40.61 -38.93
C VAL I 431 -35.16 -40.80 -39.20
N GLY I 432 -35.62 -40.21 -40.28
CA GLY I 432 -36.99 -40.48 -40.69
C GLY I 432 -38.04 -39.67 -39.92
N ALA I 433 -37.66 -38.48 -39.53
CA ALA I 433 -38.60 -37.47 -38.96
C ALA I 433 -38.19 -36.08 -39.23
N THR I 434 -39.21 -35.20 -39.38
CA THR I 434 -39.02 -33.78 -39.56
C THR I 434 -39.58 -33.08 -38.34
N LEU I 435 -38.74 -32.27 -37.70
CA LEU I 435 -39.00 -31.60 -36.40
C LEU I 435 -38.88 -30.09 -36.58
N ASN I 436 -39.71 -29.35 -35.81
CA ASN I 436 -39.51 -27.91 -35.68
C ASN I 436 -39.68 -27.67 -34.24
N MET I 437 -38.78 -26.86 -33.69
CA MET I 437 -38.75 -26.70 -32.21
C MET I 437 -38.87 -25.22 -31.78
N TYR I 438 -39.28 -25.01 -30.53
CA TYR I 438 -39.54 -23.65 -30.04
C TYR I 438 -39.63 -23.68 -28.55
N PRO I 439 -39.64 -22.50 -27.90
CA PRO I 439 -39.72 -22.52 -26.45
C PRO I 439 -40.94 -23.18 -25.90
N GLY I 440 -40.83 -23.76 -24.76
CA GLY I 440 -41.94 -24.29 -24.10
C GLY I 440 -42.92 -23.20 -23.62
N PRO I 441 -44.00 -23.61 -22.96
CA PRO I 441 -45.10 -22.66 -22.59
C PRO I 441 -44.69 -21.43 -21.73
N LYS I 442 -43.64 -21.51 -20.92
CA LYS I 442 -43.17 -20.39 -20.09
C LYS I 442 -42.36 -19.42 -20.86
N GLY I 443 -41.98 -19.70 -22.09
CA GLY I 443 -41.55 -18.66 -23.04
C GLY I 443 -40.03 -18.54 -23.17
N MET I 444 -39.26 -19.05 -22.22
CA MET I 444 -37.79 -18.99 -22.39
C MET I 444 -37.27 -20.40 -22.72
N LEU I 445 -36.01 -20.52 -23.09
CA LEU I 445 -35.47 -21.84 -23.52
C LEU I 445 -34.73 -22.61 -22.43
N GLY I 446 -34.39 -21.94 -21.33
CA GLY I 446 -33.75 -22.59 -20.21
C GLY I 446 -34.18 -22.25 -18.85
N GLN I 447 -33.77 -23.11 -17.91
CA GLN I 447 -33.95 -22.87 -16.48
C GLN I 447 -32.79 -23.43 -15.70
N VAL I 448 -32.64 -22.97 -14.47
CA VAL I 448 -31.81 -23.67 -13.48
C VAL I 448 -32.73 -23.95 -12.29
N LYS I 449 -32.67 -25.18 -11.81
CA LYS I 449 -33.49 -25.64 -10.74
C LYS I 449 -32.77 -26.41 -9.68
N ALA I 450 -33.25 -26.25 -8.46
CA ALA I 450 -32.80 -27.01 -7.30
C ALA I 450 -33.97 -27.83 -6.75
N MET I 451 -33.75 -29.14 -6.54
CA MET I 451 -34.78 -30.07 -6.19
C MET I 451 -34.32 -31.18 -5.29
N ASN I 452 -35.29 -31.67 -4.50
CA ASN I 452 -35.07 -32.85 -3.73
C ASN I 452 -35.60 -34.01 -4.59
N ALA I 453 -34.74 -34.98 -4.86
CA ALA I 453 -35.03 -36.10 -5.75
C ALA I 453 -35.95 -37.17 -5.17
N VAL I 454 -36.03 -37.28 -3.86
CA VAL I 454 -36.92 -38.27 -3.25
C VAL I 454 -38.32 -37.71 -3.23
N THR I 455 -38.48 -36.47 -2.81
CA THR I 455 -39.83 -35.90 -2.67
C THR I 455 -40.31 -35.12 -3.89
N GLY I 456 -39.41 -34.77 -4.79
CA GLY I 456 -39.73 -33.92 -5.92
C GLY I 456 -39.95 -32.44 -5.64
N LYS I 457 -39.70 -32.02 -4.42
CA LYS I 457 -39.92 -30.62 -4.05
C LYS I 457 -38.85 -29.75 -4.74
N MET I 458 -39.32 -28.73 -5.46
CA MET I 458 -38.48 -27.71 -6.06
C MET I 458 -38.15 -26.69 -5.00
N GLU I 459 -36.85 -26.46 -4.79
CA GLU I 459 -36.43 -25.48 -3.78
C GLU I 459 -36.42 -24.12 -4.38
N TRP I 460 -35.94 -23.99 -5.63
CA TRP I 460 -36.00 -22.76 -6.35
C TRP I 460 -35.83 -23.04 -7.83
N GLU I 461 -36.32 -22.13 -8.65
CA GLU I 461 -36.26 -22.28 -10.11
C GLU I 461 -36.04 -20.93 -10.67
N VAL I 462 -35.12 -20.76 -11.63
CA VAL I 462 -34.87 -19.46 -12.26
C VAL I 462 -34.80 -19.63 -13.79
N PRO I 463 -35.31 -18.66 -14.56
CA PRO I 463 -35.22 -18.67 -16.03
C PRO I 463 -33.82 -18.34 -16.57
N GLU I 464 -33.51 -18.90 -17.71
CA GLU I 464 -32.35 -18.54 -18.50
C GLU I 464 -32.77 -18.33 -19.95
N LYS I 465 -32.13 -17.39 -20.67
CA LYS I 465 -32.52 -17.06 -22.05
C LYS I 465 -32.37 -18.26 -22.98
N PHE I 466 -31.33 -19.03 -22.79
CA PHE I 466 -31.10 -20.29 -23.52
C PHE I 466 -31.05 -21.52 -22.62
N ALA I 467 -31.28 -22.69 -23.24
CA ALA I 467 -31.11 -23.98 -22.59
C ALA I 467 -29.79 -24.06 -21.85
N VAL I 468 -29.77 -24.60 -20.63
CA VAL I 468 -28.53 -24.71 -19.85
C VAL I 468 -28.04 -26.11 -20.08
N TRP I 469 -27.01 -26.22 -20.89
CA TRP I 469 -26.69 -27.45 -21.57
C TRP I 469 -25.51 -28.19 -20.94
N GLY I 470 -24.59 -27.46 -20.31
CA GLY I 470 -23.32 -28.02 -19.89
C GLY I 470 -23.23 -28.64 -18.52
N GLY I 471 -24.26 -28.55 -17.70
CA GLY I 471 -24.09 -29.16 -16.39
C GLY I 471 -23.61 -28.13 -15.43
N THR I 472 -23.45 -28.57 -14.19
CA THR I 472 -23.22 -27.73 -13.05
C THR I 472 -22.17 -28.27 -12.11
N LEU I 473 -21.66 -27.37 -11.28
CA LEU I 473 -20.70 -27.66 -10.21
C LEU I 473 -21.25 -27.03 -8.96
N ALA I 474 -21.38 -27.81 -7.88
CA ALA I 474 -21.83 -27.27 -6.62
C ALA I 474 -20.72 -27.32 -5.55
N THR I 475 -20.72 -26.36 -4.63
CA THR I 475 -19.66 -26.31 -3.64
C THR I 475 -20.20 -25.99 -2.25
N ALA I 476 -19.36 -26.35 -1.27
CA ALA I 476 -19.65 -26.10 0.14
C ALA I 476 -19.58 -24.60 0.46
N GLY I 477 -19.11 -23.80 -0.49
CA GLY I 477 -19.22 -22.34 -0.41
C GLY I 477 -20.62 -21.81 -0.66
N ASP I 478 -21.59 -22.70 -0.80
CA ASP I 478 -22.98 -22.38 -1.08
C ASP I 478 -23.20 -21.77 -2.46
N LEU I 479 -22.52 -22.35 -3.43
CA LEU I 479 -22.57 -21.91 -4.79
C LEU I 479 -22.78 -23.04 -5.75
N VAL I 480 -23.52 -22.71 -6.83
CA VAL I 480 -23.62 -23.59 -8.00
C VAL I 480 -23.13 -22.78 -9.20
N PHE I 481 -22.13 -23.34 -9.92
CA PHE I 481 -21.58 -22.72 -11.06
C PHE I 481 -22.09 -23.46 -12.33
N TYR I 482 -22.27 -22.71 -13.39
CA TYR I 482 -22.61 -23.28 -14.71
C TYR I 482 -22.28 -22.30 -15.79
N GLY I 483 -22.13 -22.83 -16.98
CA GLY I 483 -22.07 -22.01 -18.15
C GLY I 483 -23.36 -21.97 -18.96
N THR I 484 -23.47 -20.92 -19.78
CA THR I 484 -24.59 -20.74 -20.66
C THR I 484 -24.20 -20.71 -22.13
N LEU I 485 -25.16 -21.06 -22.97
CA LEU I 485 -24.95 -21.07 -24.41
C LEU I 485 -24.61 -19.74 -25.01
N ASP I 486 -25.13 -18.68 -24.39
CA ASP I 486 -24.82 -17.37 -24.83
C ASP I 486 -23.43 -16.83 -24.43
N GLY I 487 -22.69 -17.59 -23.62
CA GLY I 487 -21.28 -17.26 -23.35
C GLY I 487 -21.01 -16.59 -21.99
N PHE I 488 -21.73 -17.00 -20.97
CA PHE I 488 -21.43 -16.63 -19.57
C PHE I 488 -21.05 -17.83 -18.77
N ILE I 489 -20.19 -17.62 -17.76
CA ILE I 489 -20.13 -18.50 -16.59
C ILE I 489 -20.82 -17.72 -15.44
N LYS I 490 -21.68 -18.41 -14.67
CA LYS I 490 -22.45 -17.78 -13.63
C LYS I 490 -22.32 -18.56 -12.37
N ALA I 491 -22.55 -17.85 -11.24
CA ALA I 491 -22.60 -18.53 -9.95
C ALA I 491 -23.85 -18.06 -9.20
N ARG I 492 -24.64 -19.02 -8.75
CA ARG I 492 -25.85 -18.73 -7.91
C ARG I 492 -25.69 -19.30 -6.49
N ASP I 493 -26.26 -18.57 -5.53
CA ASP I 493 -26.40 -19.08 -4.19
C ASP I 493 -27.32 -20.32 -4.18
N THR I 494 -26.85 -21.42 -3.73
CA THR I 494 -27.63 -22.73 -3.71
C THR I 494 -28.69 -22.78 -2.62
N ARG I 495 -28.79 -21.87 -1.75
CA ARG I 495 -30.01 -21.77 -0.87
C ARG I 495 -31.14 -21.08 -1.55
N THR I 496 -30.90 -20.15 -2.45
CA THR I 496 -32.02 -19.32 -2.96
C THR I 496 -32.08 -19.19 -4.44
N GLY I 497 -30.97 -19.50 -5.15
CA GLY I 497 -30.92 -19.32 -6.60
C GLY I 497 -30.40 -17.96 -6.97
N GLU I 498 -30.11 -17.12 -5.99
CA GLU I 498 -29.77 -15.72 -6.26
C GLU I 498 -28.48 -15.67 -7.05
N LEU I 499 -28.47 -14.92 -8.15
CA LEU I 499 -27.27 -14.69 -8.96
C LEU I 499 -26.22 -13.87 -8.23
N LYS I 500 -25.04 -14.44 -8.06
CA LYS I 500 -23.92 -13.78 -7.31
C LYS I 500 -22.81 -13.25 -8.15
N TRP I 501 -22.62 -13.82 -9.34
CA TRP I 501 -21.44 -13.50 -10.12
C TRP I 501 -21.70 -14.03 -11.54
N GLN I 502 -21.21 -13.26 -12.50
CA GLN I 502 -21.29 -13.66 -13.94
C GLN I 502 -20.02 -13.15 -14.64
N PHE I 503 -19.49 -13.90 -15.61
CA PHE I 503 -18.44 -13.43 -16.40
C PHE I 503 -18.66 -13.80 -17.85
N GLN I 504 -18.29 -12.90 -18.74
CA GLN I 504 -18.47 -13.04 -20.18
C GLN I 504 -17.28 -13.70 -20.82
N LEU I 505 -17.48 -14.98 -21.12
CA LEU I 505 -16.50 -15.80 -21.80
C LEU I 505 -16.57 -15.54 -23.28
N PRO I 506 -15.58 -16.04 -24.05
CA PRO I 506 -15.57 -15.61 -25.45
C PRO I 506 -16.74 -16.21 -26.20
N SER I 507 -17.00 -17.47 -25.94
CA SER I 507 -18.02 -18.24 -26.67
C SER I 507 -18.91 -18.97 -25.73
N GLY I 508 -20.04 -19.37 -26.23
CA GLY I 508 -20.92 -20.24 -25.46
C GLY I 508 -20.30 -21.50 -24.83
N VAL I 509 -20.88 -21.93 -23.74
CA VAL I 509 -20.50 -23.09 -22.95
C VAL I 509 -21.46 -24.26 -23.11
N ILE I 510 -20.88 -25.41 -23.42
CA ILE I 510 -21.57 -26.68 -23.48
C ILE I 510 -20.98 -27.79 -22.63
N GLY I 511 -19.97 -27.48 -21.84
CA GLY I 511 -19.44 -28.42 -20.81
C GLY I 511 -19.62 -27.88 -19.40
N HIS I 512 -19.07 -28.59 -18.39
CA HIS I 512 -19.31 -28.27 -16.99
C HIS I 512 -18.08 -27.55 -16.40
N PRO I 513 -18.27 -26.74 -15.37
CA PRO I 513 -17.10 -26.21 -14.63
C PRO I 513 -16.48 -27.29 -13.71
N ILE I 514 -15.17 -27.09 -13.40
CA ILE I 514 -14.48 -27.88 -12.41
C ILE I 514 -13.87 -26.95 -11.40
N THR I 515 -13.56 -27.50 -10.26
CA THR I 515 -12.77 -26.83 -9.25
C THR I 515 -11.72 -27.75 -8.64
N TYR I 516 -10.61 -27.16 -8.21
CA TYR I 516 -9.51 -27.89 -7.67
C TYR I 516 -8.62 -26.94 -6.89
N GLN I 517 -7.85 -27.49 -5.96
CA GLN I 517 -6.84 -26.73 -5.23
C GLN I 517 -5.46 -27.05 -5.80
N HIS I 518 -4.74 -26.02 -6.14
CA HIS I 518 -3.33 -26.20 -6.51
C HIS I 518 -2.45 -25.27 -5.65
N ASN I 519 -1.43 -25.89 -5.01
CA ASN I 519 -0.56 -25.12 -4.09
C ASN I 519 -1.32 -24.16 -3.17
N GLY I 520 -2.32 -24.71 -2.48
CA GLY I 520 -2.98 -23.94 -1.44
C GLY I 520 -4.07 -23.01 -1.87
N LYS I 521 -4.38 -22.94 -3.17
CA LYS I 521 -5.34 -22.00 -3.70
C LYS I 521 -6.42 -22.69 -4.56
N GLN I 522 -7.66 -22.21 -4.43
CA GLN I 522 -8.79 -22.79 -5.21
C GLN I 522 -8.91 -22.11 -6.56
N TYR I 523 -9.09 -22.93 -7.60
CA TYR I 523 -9.36 -22.47 -8.94
C TYR I 523 -10.66 -23.06 -9.44
N ILE I 524 -11.29 -22.33 -10.33
CA ILE I 524 -12.45 -22.82 -11.10
C ILE I 524 -12.07 -22.78 -12.56
N ALA I 525 -12.31 -23.87 -13.30
CA ALA I 525 -11.98 -23.94 -14.72
C ALA I 525 -13.11 -24.38 -15.59
N ILE I 526 -13.14 -23.96 -16.84
CA ILE I 526 -14.25 -24.36 -17.74
C ILE I 526 -13.81 -24.15 -19.19
N TYR I 527 -14.41 -24.89 -20.13
CA TYR I 527 -14.21 -24.69 -21.54
C TYR I 527 -15.18 -23.62 -21.99
N SER I 528 -14.74 -22.84 -22.96
CA SER I 528 -15.63 -21.95 -23.72
C SER I 528 -15.51 -22.35 -25.19
N GLY I 529 -16.62 -22.66 -25.82
CA GLY I 529 -16.57 -23.04 -27.24
C GLY I 529 -17.90 -23.68 -27.58
N VAL I 530 -18.79 -22.88 -28.17
CA VAL I 530 -20.18 -23.38 -28.37
C VAL I 530 -20.29 -24.33 -29.55
N GLY I 531 -21.29 -25.18 -29.47
CA GLY I 531 -21.57 -26.10 -30.53
C GLY I 531 -22.49 -27.10 -30.01
N GLY I 532 -22.24 -28.35 -30.37
CA GLY I 532 -23.14 -29.45 -29.99
C GLY I 532 -24.49 -29.23 -30.67
N TRP I 533 -25.51 -29.84 -30.16
CA TRP I 533 -26.81 -29.78 -30.88
C TRP I 533 -27.36 -28.35 -30.93
N PRO I 534 -27.29 -27.61 -29.81
CA PRO I 534 -27.89 -26.27 -29.91
C PRO I 534 -27.11 -25.35 -30.81
N GLY I 535 -25.80 -25.58 -30.92
CA GLY I 535 -24.97 -24.83 -31.79
C GLY I 535 -24.92 -25.21 -33.25
N VAL I 536 -25.62 -26.27 -33.66
CA VAL I 536 -25.40 -26.75 -35.05
C VAL I 536 -25.70 -25.71 -36.12
N GLY I 537 -26.71 -24.84 -35.89
CA GLY I 537 -27.07 -23.80 -36.83
C GLY I 537 -25.90 -22.83 -37.06
N LEU I 538 -25.27 -22.37 -35.96
CA LEU I 538 -24.26 -21.38 -36.17
C LEU I 538 -22.98 -22.07 -36.56
N VAL I 539 -22.72 -23.31 -36.09
CA VAL I 539 -21.54 -24.03 -36.49
C VAL I 539 -21.48 -24.32 -38.02
N PHE I 540 -22.59 -24.81 -38.55
CA PHE I 540 -22.66 -25.20 -39.99
C PHE I 540 -23.36 -24.21 -40.90
N ASP I 541 -23.71 -23.01 -40.42
CA ASP I 541 -24.39 -21.94 -41.15
C ASP I 541 -25.69 -22.48 -41.77
N LEU I 542 -26.51 -23.16 -40.95
CA LEU I 542 -27.82 -23.70 -41.38
C LEU I 542 -28.89 -22.64 -41.23
N LYS I 543 -29.89 -22.67 -42.09
CA LYS I 543 -30.97 -21.67 -42.20
C LYS I 543 -32.39 -22.25 -42.15
N ASP I 544 -32.58 -23.46 -42.64
CA ASP I 544 -33.90 -24.10 -42.60
C ASP I 544 -34.25 -24.42 -41.14
N PRO I 545 -35.44 -24.05 -40.66
CA PRO I 545 -35.68 -24.19 -39.23
C PRO I 545 -35.76 -25.65 -38.78
N THR I 546 -36.03 -26.56 -39.71
CA THR I 546 -36.07 -27.98 -39.43
C THR I 546 -34.67 -28.66 -39.59
N ALA I 547 -33.69 -27.96 -40.06
CA ALA I 547 -32.33 -28.53 -40.12
C ALA I 547 -31.71 -28.72 -38.73
N GLY I 548 -30.60 -29.46 -38.70
CA GLY I 548 -29.99 -29.80 -37.46
C GLY I 548 -30.93 -30.66 -36.64
N LEU I 549 -31.67 -31.55 -37.32
CA LEU I 549 -32.67 -32.41 -36.58
C LEU I 549 -33.68 -31.60 -35.79
N GLY I 550 -34.02 -30.43 -36.31
CA GLY I 550 -34.99 -29.60 -35.69
C GLY I 550 -34.52 -28.52 -34.77
N ALA I 551 -33.21 -28.44 -34.49
CA ALA I 551 -32.67 -27.45 -33.55
C ALA I 551 -32.54 -26.07 -34.11
N VAL I 552 -32.47 -25.94 -35.42
CA VAL I 552 -31.92 -24.72 -36.02
C VAL I 552 -32.90 -23.60 -35.79
N GLY I 553 -34.17 -23.85 -36.00
CA GLY I 553 -35.14 -22.73 -35.81
C GLY I 553 -35.21 -22.31 -34.34
N ALA I 554 -35.18 -23.29 -33.42
CA ALA I 554 -35.31 -22.95 -31.97
C ALA I 554 -34.14 -22.08 -31.51
N PHE I 555 -32.96 -22.36 -32.02
CA PHE I 555 -31.76 -21.66 -31.59
C PHE I 555 -31.23 -20.60 -32.49
N ARG I 556 -32.08 -20.13 -33.38
CA ARG I 556 -31.71 -19.16 -34.37
C ARG I 556 -31.13 -17.88 -33.85
N GLU I 557 -31.53 -17.47 -32.65
CA GLU I 557 -31.01 -16.23 -32.06
C GLU I 557 -29.61 -16.36 -31.43
N LEU I 558 -29.11 -17.57 -31.25
CA LEU I 558 -27.87 -17.81 -30.51
C LEU I 558 -26.72 -17.13 -31.21
N ALA I 559 -26.76 -17.06 -32.56
CA ALA I 559 -25.65 -16.48 -33.30
C ALA I 559 -25.59 -14.96 -33.19
N HIS I 560 -26.60 -14.32 -32.63
CA HIS I 560 -26.48 -12.93 -32.29
C HIS I 560 -25.63 -12.66 -31.05
N TYR I 561 -25.40 -13.67 -30.23
CA TYR I 561 -24.65 -13.55 -28.99
C TYR I 561 -23.25 -14.20 -29.01
N THR I 562 -23.08 -15.28 -29.77
CA THR I 562 -21.84 -16.01 -29.69
C THR I 562 -21.40 -16.48 -31.08
N GLN I 563 -20.12 -16.46 -31.26
CA GLN I 563 -19.48 -17.20 -32.41
C GLN I 563 -18.88 -18.49 -31.86
N MET I 564 -18.28 -19.27 -32.73
CA MET I 564 -17.46 -20.44 -32.29
C MET I 564 -16.19 -19.96 -31.57
N GLY I 565 -15.64 -20.84 -30.77
CA GLY I 565 -14.37 -20.59 -30.06
C GLY I 565 -13.81 -21.87 -29.56
N GLY I 566 -12.80 -21.78 -28.72
CA GLY I 566 -12.18 -22.94 -28.18
C GLY I 566 -11.07 -22.48 -27.22
N SER I 567 -11.39 -22.43 -25.90
CA SER I 567 -10.47 -21.95 -24.88
C SER I 567 -10.80 -22.56 -23.53
N VAL I 568 -9.82 -22.54 -22.63
CA VAL I 568 -10.02 -22.96 -21.24
C VAL I 568 -9.81 -21.70 -20.42
N PHE I 569 -10.72 -21.41 -19.54
CA PHE I 569 -10.62 -20.27 -18.63
C PHE I 569 -10.50 -20.80 -17.23
N VAL I 570 -9.53 -20.26 -16.52
CA VAL I 570 -9.28 -20.60 -15.17
C VAL I 570 -9.43 -19.37 -14.33
N PHE I 571 -10.24 -19.45 -13.26
CA PHE I 571 -10.53 -18.29 -12.38
C PHE I 571 -9.99 -18.51 -10.98
N SER I 572 -9.69 -17.43 -10.27
CA SER I 572 -9.34 -17.53 -8.85
C SER I 572 -9.61 -16.22 -8.16
N LEU I 573 -9.55 -16.21 -6.81
CA LEU I 573 -9.48 -14.94 -6.09
C LEU I 573 -8.02 -14.42 -6.10
N TYR J 1 -53.55 -46.42 -27.32
CA TYR J 1 -52.25 -46.94 -26.78
C TYR J 1 -51.83 -46.01 -25.64
N ASP J 2 -52.03 -46.46 -24.42
CA ASP J 2 -51.68 -45.65 -23.25
C ASP J 2 -50.46 -46.23 -22.48
N GLY J 3 -49.93 -47.36 -22.95
CA GLY J 3 -48.74 -47.93 -22.35
C GLY J 3 -48.99 -48.84 -21.15
N THR J 4 -50.24 -49.00 -20.73
CA THR J 4 -50.51 -49.67 -19.49
C THR J 4 -51.01 -51.08 -19.72
N HIS J 5 -51.19 -51.53 -20.96
CA HIS J 5 -51.85 -52.84 -21.20
C HIS J 5 -50.80 -53.88 -21.58
N CYS J 6 -50.40 -54.73 -20.64
CA CYS J 6 -49.25 -55.59 -20.81
C CYS J 6 -49.66 -56.98 -21.19
N LYS J 7 -49.37 -57.30 -22.43
CA LYS J 7 -49.36 -58.64 -22.94
C LYS J 7 -48.48 -59.64 -22.16
N ALA J 8 -47.38 -59.19 -21.62
CA ALA J 8 -46.48 -59.98 -20.81
C ALA J 8 -45.64 -58.94 -20.05
N PRO J 9 -45.04 -59.30 -18.90
CA PRO J 9 -44.13 -58.38 -18.18
C PRO J 9 -43.08 -57.80 -19.16
N GLY J 10 -42.98 -56.49 -19.21
CA GLY J 10 -42.00 -55.88 -20.06
C GLY J 10 -42.44 -55.68 -21.46
N ASN J 11 -43.68 -56.03 -21.75
CA ASN J 11 -44.19 -55.90 -23.11
C ASN J 11 -45.60 -55.33 -23.19
N CYS J 12 -45.72 -54.01 -23.41
CA CYS J 12 -47.02 -53.32 -23.31
C CYS J 12 -47.40 -52.65 -24.61
N TRP J 13 -46.65 -52.91 -25.65
CA TRP J 13 -46.83 -52.17 -26.89
C TRP J 13 -48.21 -52.59 -27.51
N GLU J 14 -48.89 -51.62 -28.10
CA GLU J 14 -50.09 -51.84 -28.87
C GLU J 14 -50.06 -50.91 -30.05
N PRO J 15 -50.70 -51.31 -31.16
CA PRO J 15 -50.79 -50.35 -32.30
C PRO J 15 -51.72 -49.20 -31.93
N LYS J 16 -51.45 -48.04 -32.47
CA LYS J 16 -52.34 -46.94 -32.24
C LYS J 16 -53.65 -47.21 -33.03
N PRO J 17 -54.71 -46.52 -32.69
CA PRO J 17 -55.99 -46.72 -33.42
C PRO J 17 -55.88 -46.59 -34.92
N GLY J 18 -56.30 -47.66 -35.61
CA GLY J 18 -56.26 -47.76 -37.01
C GLY J 18 -54.97 -48.22 -37.62
N TYR J 19 -53.95 -48.56 -36.82
CA TYR J 19 -52.65 -49.02 -37.33
C TYR J 19 -52.57 -50.51 -37.13
N PRO J 20 -51.75 -51.16 -37.94
CA PRO J 20 -51.64 -52.63 -37.79
C PRO J 20 -50.74 -53.15 -36.67
N ASP J 21 -51.06 -54.34 -36.18
CA ASP J 21 -50.24 -55.07 -35.17
C ASP J 21 -48.87 -55.44 -35.72
N LYS J 22 -48.75 -55.69 -37.02
CA LYS J 22 -47.45 -55.98 -37.65
C LYS J 22 -47.37 -55.15 -38.83
N VAL J 23 -46.16 -54.70 -39.11
CA VAL J 23 -45.94 -53.90 -40.31
C VAL J 23 -45.56 -54.67 -41.61
N ALA J 24 -45.07 -55.89 -41.51
CA ALA J 24 -44.70 -56.65 -42.77
C ALA J 24 -46.00 -56.78 -43.61
N GLY J 25 -45.87 -56.44 -44.90
CA GLY J 25 -46.95 -56.40 -45.86
C GLY J 25 -47.98 -55.27 -45.69
N SER J 26 -47.70 -54.24 -44.87
CA SER J 26 -48.58 -53.08 -44.71
C SER J 26 -47.94 -51.95 -45.50
N LYS J 27 -48.62 -50.81 -45.61
CA LYS J 27 -48.03 -49.62 -46.24
C LYS J 27 -46.85 -49.06 -45.46
N TYR J 28 -46.68 -49.48 -44.22
CA TYR J 28 -45.53 -49.08 -43.39
C TYR J 28 -44.41 -50.14 -43.30
N ASP J 29 -44.47 -51.14 -44.17
CA ASP J 29 -43.41 -52.17 -44.19
C ASP J 29 -42.08 -51.51 -44.40
N PRO J 30 -41.09 -51.71 -43.47
CA PRO J 30 -39.77 -51.08 -43.72
C PRO J 30 -38.98 -51.73 -44.87
N LYS J 31 -39.32 -52.98 -45.23
CA LYS J 31 -38.69 -53.70 -46.34
C LYS J 31 -37.15 -53.66 -46.27
N HIS J 32 -36.60 -53.94 -45.11
CA HIS J 32 -35.15 -53.88 -44.93
C HIS J 32 -34.44 -55.00 -45.67
N ASP J 33 -33.32 -54.63 -46.25
CA ASP J 33 -32.51 -55.65 -46.97
C ASP J 33 -31.72 -56.40 -45.93
N PRO J 34 -31.98 -57.71 -45.73
CA PRO J 34 -31.19 -58.51 -44.74
C PRO J 34 -29.65 -58.35 -44.87
N ASN J 35 -29.10 -58.23 -46.08
CA ASN J 35 -27.68 -57.98 -46.26
C ASN J 35 -27.18 -56.64 -45.69
N GLU J 36 -27.95 -55.57 -45.83
CA GLU J 36 -27.62 -54.30 -45.16
C GLU J 36 -27.73 -54.44 -43.65
N LEU J 37 -28.77 -55.11 -43.19
CA LEU J 37 -28.94 -55.31 -41.75
C LEU J 37 -27.77 -55.97 -41.09
N ASN J 38 -27.12 -56.90 -41.80
CA ASN J 38 -26.02 -57.63 -41.20
C ASN J 38 -24.69 -56.96 -41.25
N LYS J 39 -24.56 -55.80 -41.87
CA LYS J 39 -23.23 -55.28 -42.11
C LYS J 39 -22.52 -54.86 -40.81
N GLN J 40 -23.24 -54.27 -39.87
CA GLN J 40 -22.51 -53.74 -38.73
C GLN J 40 -21.96 -54.83 -37.79
N ALA J 41 -22.66 -55.96 -37.69
CA ALA J 41 -22.23 -57.07 -36.89
C ALA J 41 -20.99 -57.70 -37.55
N GLU J 42 -20.95 -57.72 -38.87
CA GLU J 42 -19.77 -58.27 -39.59
C GLU J 42 -18.55 -57.31 -39.41
N SER J 43 -18.78 -56.01 -39.50
CA SER J 43 -17.78 -55.00 -39.16
C SER J 43 -17.23 -55.11 -37.75
N ILE J 44 -18.08 -55.35 -36.76
CA ILE J 44 -17.64 -55.57 -35.38
C ILE J 44 -16.71 -56.80 -35.27
N LYS J 45 -17.11 -57.93 -35.86
CA LYS J 45 -16.19 -59.11 -35.91
C LYS J 45 -14.82 -58.78 -36.52
N ALA J 46 -14.76 -57.98 -37.56
CA ALA J 46 -13.49 -57.64 -38.17
C ALA J 46 -12.64 -56.72 -37.25
N MET J 47 -13.31 -55.74 -36.58
CA MET J 47 -12.59 -54.89 -35.58
C MET J 47 -12.10 -55.75 -34.41
N GLU J 48 -12.91 -56.68 -33.91
CA GLU J 48 -12.53 -57.51 -32.79
C GLU J 48 -11.29 -58.41 -33.14
N ALA J 49 -11.32 -58.92 -34.37
CA ALA J 49 -10.14 -59.72 -34.86
C ALA J 49 -8.83 -58.87 -34.99
N ARG J 50 -8.96 -57.68 -35.55
CA ARG J 50 -7.81 -56.83 -35.64
C ARG J 50 -7.31 -56.47 -34.26
N ASN J 51 -8.21 -56.21 -33.34
CA ASN J 51 -7.81 -55.92 -31.97
C ASN J 51 -7.08 -57.07 -31.27
N GLN J 52 -7.62 -58.27 -31.39
CA GLN J 52 -6.98 -59.44 -30.80
C GLN J 52 -5.59 -59.66 -31.41
N LYS J 53 -5.41 -59.39 -32.72
CA LYS J 53 -4.06 -59.43 -33.33
C LYS J 53 -3.11 -58.42 -32.61
N ARG J 54 -3.60 -57.19 -32.36
CA ARG J 54 -2.83 -56.15 -31.62
C ARG J 54 -2.46 -56.53 -30.22
N VAL J 55 -3.43 -57.04 -29.48
CA VAL J 55 -3.22 -57.44 -28.11
C VAL J 55 -2.18 -58.57 -28.01
N GLU J 56 -2.34 -59.58 -28.83
CA GLU J 56 -1.45 -60.77 -28.73
C GLU J 56 -0.01 -60.42 -29.11
N ASN J 57 0.15 -59.66 -30.15
CA ASN J 57 1.42 -59.24 -30.57
C ASN J 57 2.15 -58.40 -29.49
N TYR J 58 1.38 -57.57 -28.81
CA TYR J 58 1.93 -56.73 -27.74
C TYR J 58 2.41 -57.59 -26.57
N ALA J 59 1.63 -58.60 -26.19
CA ALA J 59 2.03 -59.51 -25.11
C ALA J 59 3.35 -60.26 -25.37
N LYS J 60 3.67 -60.54 -26.63
CA LYS J 60 4.82 -61.37 -26.99
C LYS J 60 6.03 -60.48 -27.40
N THR J 61 5.88 -59.38 -28.12
CA THR J 61 7.05 -58.46 -28.33
C THR J 61 7.27 -57.40 -27.27
N GLY J 62 6.29 -57.11 -26.42
CA GLY J 62 6.38 -55.94 -25.56
C GLY J 62 6.26 -54.57 -26.20
N LYS J 63 6.16 -54.49 -27.55
CA LYS J 63 5.99 -53.21 -28.28
C LYS J 63 4.63 -53.18 -28.97
N PHE J 64 3.93 -52.06 -28.81
CA PHE J 64 2.58 -51.99 -29.37
C PHE J 64 2.66 -51.53 -30.84
N VAL J 65 1.97 -52.22 -31.75
CA VAL J 65 1.90 -51.83 -33.15
C VAL J 65 0.42 -51.87 -33.55
N TYR J 66 -0.07 -50.73 -34.05
CA TYR J 66 -1.49 -50.57 -34.40
C TYR J 66 -1.77 -51.08 -35.81
N LYS J 67 -0.90 -50.75 -36.76
CA LYS J 67 -1.27 -50.81 -38.20
C LYS J 67 -0.87 -52.19 -38.62
N VAL J 68 -1.90 -53.08 -38.63
CA VAL J 68 -1.89 -54.57 -38.94
C VAL J 68 -1.72 -54.94 -40.46
N GLU J 69 -1.70 -53.93 -41.34
CA GLU J 69 -0.99 -54.00 -42.63
C GLU J 69 0.48 -54.30 -42.34
N ASP J 70 1.04 -53.56 -41.37
CA ASP J 70 2.43 -53.67 -40.89
C ASP J 70 2.64 -54.77 -39.78
N ILE J 71 1.99 -55.94 -39.94
CA ILE J 71 2.17 -57.19 -39.13
C ILE J 71 1.86 -58.43 -40.02
N ASN K 1 -8.84 14.08 -43.06
CA ASN K 1 -10.26 14.26 -42.70
C ASN K 1 -10.30 14.90 -41.33
N SER K 2 -10.74 16.15 -41.30
CA SER K 2 -10.74 16.96 -40.08
C SER K 2 -11.57 16.37 -38.95
N GLU K 3 -12.70 15.83 -39.30
CA GLU K 3 -13.62 15.27 -38.35
C GLU K 3 -13.02 13.95 -37.71
N LEU K 4 -12.39 13.12 -38.54
CA LEU K 4 -11.74 11.92 -38.06
C LEU K 4 -10.58 12.26 -37.18
N ASP K 5 -9.84 13.32 -37.52
CA ASP K 5 -8.76 13.82 -36.69
C ASP K 5 -9.29 14.27 -35.34
N ARG K 6 -10.38 14.99 -35.34
CA ARG K 6 -10.99 15.48 -34.10
C ARG K 6 -11.49 14.32 -33.23
N LEU K 7 -12.13 13.33 -33.85
CA LEU K 7 -12.61 12.16 -33.16
C LEU K 7 -11.47 11.39 -32.53
N SER K 8 -10.28 11.42 -33.15
CA SER K 8 -9.09 10.74 -32.63
C SER K 8 -8.60 11.42 -31.33
N LYS K 9 -8.98 12.69 -31.10
CA LYS K 9 -8.54 13.37 -29.89
C LYS K 9 -9.48 13.10 -28.70
N ASP K 10 -10.56 12.33 -28.91
CA ASP K 10 -11.46 11.92 -27.81
C ASP K 10 -10.94 10.54 -27.31
N ASP K 11 -10.66 10.42 -26.01
CA ASP K 11 -10.15 9.16 -25.45
C ASP K 11 -11.19 8.07 -25.31
N ARG K 12 -12.44 8.37 -25.68
CA ARG K 12 -13.44 7.33 -25.80
C ARG K 12 -13.25 6.52 -27.08
N ASN K 13 -12.43 7.00 -28.01
CA ASN K 13 -12.41 6.43 -29.36
C ASN K 13 -11.01 5.86 -29.68
N TRP K 14 -10.99 4.96 -30.63
CA TRP K 14 -9.73 4.46 -31.27
C TRP K 14 -10.17 4.33 -32.72
N VAL K 15 -9.94 5.39 -33.50
CA VAL K 15 -10.69 5.60 -34.75
C VAL K 15 -9.94 5.09 -36.00
N MET K 16 -8.72 4.63 -35.80
CA MET K 16 -7.93 4.01 -36.91
C MET K 16 -6.86 3.12 -36.29
N GLN K 17 -6.33 2.16 -37.04
CA GLN K 17 -5.41 1.16 -36.45
C GLN K 17 -4.20 1.84 -35.78
N THR K 18 -3.75 2.93 -36.39
CA THR K 18 -2.63 3.71 -35.92
C THR K 18 -3.01 4.74 -34.80
N LYS K 19 -4.24 4.68 -34.33
CA LYS K 19 -4.85 5.57 -33.35
C LYS K 19 -5.09 6.98 -33.91
N ASP K 20 -4.07 7.56 -34.53
CA ASP K 20 -4.18 8.91 -35.01
C ASP K 20 -3.31 9.08 -36.24
N TYR K 21 -3.47 10.20 -36.89
CA TYR K 21 -2.74 10.40 -38.12
C TYR K 21 -1.24 10.45 -38.00
N SER K 22 -0.71 10.73 -36.82
CA SER K 22 0.72 10.64 -36.58
C SER K 22 1.21 9.27 -36.18
N ALA K 23 0.29 8.32 -36.10
CA ALA K 23 0.61 6.95 -35.61
C ALA K 23 1.33 6.92 -34.25
N THR K 24 0.91 7.78 -33.35
CA THR K 24 1.60 7.84 -32.05
C THR K 24 1.36 6.56 -31.19
N HIS K 25 0.23 5.86 -31.37
CA HIS K 25 -0.16 4.77 -30.46
C HIS K 25 0.07 5.19 -28.98
N PHE K 26 -0.24 6.46 -28.70
CA PHE K 26 -0.02 7.02 -27.38
C PHE K 26 -1.33 7.50 -26.81
N SER K 27 -1.70 7.02 -25.65
CA SER K 27 -2.92 7.48 -24.98
C SER K 27 -2.52 8.32 -23.80
N ARG K 28 -3.12 9.49 -23.71
CA ARG K 28 -2.98 10.34 -22.55
C ARG K 28 -3.68 9.83 -21.35
N LEU K 29 -4.50 8.79 -21.45
CA LEU K 29 -5.21 8.32 -20.25
C LEU K 29 -4.23 7.89 -19.13
N THR K 30 -4.48 8.36 -17.90
CA THR K 30 -3.63 8.11 -16.77
C THR K 30 -4.25 7.17 -15.71
N GLU K 31 -5.45 6.70 -15.92
CA GLU K 31 -6.14 5.91 -14.90
C GLU K 31 -5.34 4.64 -14.57
N ILE K 32 -4.96 3.92 -15.63
CA ILE K 32 -4.13 2.72 -15.54
C ILE K 32 -2.66 3.21 -15.59
N ASN K 33 -1.90 2.88 -14.57
CA ASN K 33 -0.53 3.44 -14.52
C ASN K 33 0.43 2.46 -13.87
N SER K 34 1.68 2.84 -13.77
CA SER K 34 2.71 1.92 -13.30
C SER K 34 2.54 1.55 -11.84
N HIS K 35 1.86 2.36 -11.05
CA HIS K 35 1.55 2.01 -9.67
C HIS K 35 0.39 1.05 -9.43
N ASN K 36 -0.60 1.01 -10.32
CA ASN K 36 -1.76 0.12 -10.17
C ASN K 36 -1.99 -0.93 -11.22
N VAL K 37 -1.19 -0.96 -12.27
CA VAL K 37 -1.39 -1.92 -13.37
C VAL K 37 -1.31 -3.38 -12.89
N LYS K 38 -0.59 -3.62 -11.77
CA LYS K 38 -0.63 -4.95 -11.17
C LYS K 38 -2.04 -5.44 -10.85
N ASN K 39 -3.01 -4.55 -10.71
CA ASN K 39 -4.41 -4.91 -10.46
C ASN K 39 -5.34 -5.04 -11.70
N LEU K 40 -4.79 -4.88 -12.89
CA LEU K 40 -5.58 -5.02 -14.12
C LEU K 40 -6.16 -6.42 -14.24
N LYS K 41 -7.46 -6.54 -14.49
CA LYS K 41 -8.10 -7.87 -14.56
C LYS K 41 -8.91 -7.93 -15.87
N VAL K 42 -9.24 -9.14 -16.29
CA VAL K 42 -10.10 -9.30 -17.45
C VAL K 42 -11.50 -8.79 -17.16
N ALA K 43 -12.03 -7.94 -18.00
CA ALA K 43 -13.36 -7.38 -17.78
C ALA K 43 -14.39 -8.17 -18.56
N TRP K 44 -14.10 -8.44 -19.84
CA TRP K 44 -15.01 -9.27 -20.65
C TRP K 44 -14.22 -9.72 -21.90
N THR K 45 -14.75 -10.69 -22.60
CA THR K 45 -14.08 -11.27 -23.77
C THR K 45 -15.09 -11.58 -24.86
N LEU K 46 -14.61 -11.75 -26.09
CA LEU K 46 -15.48 -12.15 -27.23
C LEU K 46 -14.69 -13.09 -28.12
N SER K 47 -15.32 -14.08 -28.73
CA SER K 47 -14.61 -14.93 -29.66
C SER K 47 -14.85 -14.41 -31.05
N THR K 48 -13.83 -14.46 -31.90
CA THR K 48 -14.03 -13.99 -33.26
C THR K 48 -14.66 -15.06 -34.17
N GLY K 49 -14.68 -16.31 -33.74
CA GLY K 49 -15.16 -17.41 -34.52
C GLY K 49 -14.23 -17.92 -35.65
N THR K 50 -13.00 -17.47 -35.74
CA THR K 50 -12.05 -17.96 -36.76
C THR K 50 -10.75 -18.34 -35.99
N LEU K 51 -9.92 -19.13 -36.62
CA LEU K 51 -8.54 -19.37 -36.17
C LEU K 51 -7.65 -18.56 -37.11
N HIS K 52 -6.35 -18.90 -37.24
CA HIS K 52 -5.36 -18.11 -38.00
C HIS K 52 -5.04 -16.80 -37.29
N GLY K 53 -4.05 -16.12 -37.81
CA GLY K 53 -3.45 -14.96 -37.17
C GLY K 53 -4.41 -13.77 -37.16
N HIS K 54 -4.53 -13.13 -35.98
CA HIS K 54 -5.32 -11.89 -35.81
C HIS K 54 -4.44 -10.68 -35.70
N GLU K 55 -4.18 -10.02 -36.81
CA GLU K 55 -3.41 -8.79 -36.84
C GLU K 55 -4.32 -7.58 -36.70
N GLY K 56 -3.70 -6.44 -36.53
CA GLY K 56 -4.43 -5.24 -36.24
C GLY K 56 -5.06 -5.31 -34.85
N ALA K 57 -6.10 -4.53 -34.67
CA ALA K 57 -6.87 -4.60 -33.44
C ALA K 57 -8.27 -4.00 -33.68
N PRO K 58 -9.15 -4.05 -32.68
CA PRO K 58 -10.48 -3.38 -32.87
C PRO K 58 -10.33 -1.89 -33.08
N LEU K 59 -11.37 -1.34 -33.67
CA LEU K 59 -11.61 0.11 -33.61
C LEU K 59 -12.73 0.36 -32.59
N VAL K 60 -12.71 1.53 -31.99
CA VAL K 60 -13.83 1.97 -31.18
C VAL K 60 -14.23 3.39 -31.61
N VAL K 61 -15.50 3.59 -31.95
CA VAL K 61 -16.00 4.92 -32.27
C VAL K 61 -17.42 5.10 -31.81
N ASP K 62 -17.67 6.21 -31.14
CA ASP K 62 -19.02 6.55 -30.67
C ASP K 62 -19.74 5.37 -29.97
N GLY K 63 -19.04 4.71 -29.04
CA GLY K 63 -19.62 3.70 -28.16
C GLY K 63 -19.75 2.31 -28.80
N ILE K 64 -19.26 2.16 -30.02
CA ILE K 64 -19.28 0.88 -30.73
C ILE K 64 -17.88 0.34 -30.98
N MET K 65 -17.69 -0.93 -30.65
CA MET K 65 -16.44 -1.61 -30.98
C MET K 65 -16.57 -2.41 -32.25
N TYR K 66 -15.57 -2.32 -33.14
CA TYR K 66 -15.56 -2.97 -34.45
C TYR K 66 -14.44 -3.99 -34.50
N ILE K 67 -14.75 -5.22 -34.76
CA ILE K 67 -13.86 -6.39 -34.74
C ILE K 67 -13.76 -6.95 -36.16
N HIS K 68 -12.56 -7.41 -36.53
CA HIS K 68 -12.33 -8.02 -37.82
C HIS K 68 -11.49 -9.30 -37.64
N THR K 69 -11.64 -10.30 -38.69
CA THR K 69 -10.97 -11.58 -38.56
C THR K 69 -9.97 -11.70 -39.75
N PRO K 70 -9.16 -12.65 -39.68
CA PRO K 70 -8.50 -13.20 -40.88
C PRO K 70 -9.55 -13.82 -41.82
N PHE K 71 -9.08 -14.33 -42.97
CA PHE K 71 -9.96 -14.93 -43.99
C PHE K 71 -11.04 -15.83 -43.40
N PRO K 72 -12.33 -15.62 -43.67
CA PRO K 72 -12.88 -14.74 -44.70
C PRO K 72 -13.22 -13.29 -44.34
N ASN K 73 -12.58 -12.74 -43.33
CA ASN K 73 -12.67 -11.34 -43.04
C ASN K 73 -14.08 -10.90 -42.57
N ASN K 74 -14.66 -11.69 -41.70
CA ASN K 74 -15.90 -11.27 -41.00
C ASN K 74 -15.68 -10.01 -40.17
N VAL K 75 -16.73 -9.19 -40.09
CA VAL K 75 -16.73 -7.95 -39.41
C VAL K 75 -17.90 -7.94 -38.46
N TYR K 76 -17.64 -7.54 -37.20
CA TYR K 76 -18.70 -7.48 -36.19
C TYR K 76 -18.67 -6.14 -35.47
N ALA K 77 -19.83 -5.61 -35.13
CA ALA K 77 -19.92 -4.43 -34.33
C ALA K 77 -20.61 -4.82 -32.99
N VAL K 78 -20.09 -4.22 -31.90
CA VAL K 78 -20.52 -4.45 -30.52
C VAL K 78 -20.80 -3.11 -29.84
N ASP K 79 -22.01 -2.98 -29.35
CA ASP K 79 -22.39 -1.75 -28.60
C ASP K 79 -21.69 -1.99 -27.19
N LEU K 80 -20.85 -1.08 -26.75
CA LEU K 80 -20.10 -1.23 -25.52
C LEU K 80 -20.97 -1.19 -24.23
N ASN K 81 -22.24 -0.75 -24.36
CA ASN K 81 -23.22 -0.91 -23.27
C ASN K 81 -23.88 -2.31 -23.24
N ASP K 82 -23.62 -3.16 -24.23
CA ASP K 82 -24.14 -4.54 -24.23
C ASP K 82 -23.23 -5.49 -24.93
N THR K 83 -22.18 -5.86 -24.23
CA THR K 83 -21.00 -6.44 -24.85
C THR K 83 -21.20 -7.86 -25.30
N ARG K 84 -22.29 -8.49 -24.89
CA ARG K 84 -22.55 -9.87 -25.28
C ARG K 84 -23.26 -10.01 -26.63
N LYS K 85 -23.88 -8.95 -27.12
CA LYS K 85 -24.67 -8.97 -28.39
C LYS K 85 -23.88 -8.38 -29.51
N MET K 86 -23.98 -9.02 -30.68
CA MET K 86 -23.39 -8.38 -31.86
C MET K 86 -24.45 -7.47 -32.44
N LEU K 87 -24.16 -6.19 -32.55
CA LEU K 87 -25.11 -5.20 -33.04
C LEU K 87 -25.34 -5.47 -34.54
N TRP K 88 -24.28 -5.73 -35.29
CA TRP K 88 -24.41 -6.17 -36.68
C TRP K 88 -23.20 -6.98 -37.07
N GLN K 89 -23.37 -7.76 -38.12
CA GLN K 89 -22.29 -8.58 -38.66
C GLN K 89 -22.24 -8.43 -40.16
N TYR K 90 -21.05 -8.60 -40.75
CA TYR K 90 -20.92 -8.69 -42.20
C TYR K 90 -20.05 -9.91 -42.46
N LYS K 91 -20.51 -10.84 -43.27
CA LYS K 91 -19.77 -12.07 -43.51
C LYS K 91 -19.47 -12.25 -45.00
N PRO K 92 -18.32 -11.82 -45.49
CA PRO K 92 -17.94 -11.89 -46.94
C PRO K 92 -18.00 -13.30 -47.53
N LYS K 93 -18.42 -13.40 -48.78
CA LYS K 93 -18.37 -14.63 -49.56
C LYS K 93 -17.21 -14.38 -50.50
N GLN K 94 -16.11 -15.12 -50.28
CA GLN K 94 -14.94 -14.95 -51.07
C GLN K 94 -14.53 -16.35 -51.60
N ASN K 95 -13.92 -16.33 -52.74
CA ASN K 95 -13.37 -17.53 -53.32
C ASN K 95 -12.29 -18.11 -52.44
N PRO K 96 -12.48 -19.35 -52.01
CA PRO K 96 -11.45 -19.96 -51.13
C PRO K 96 -10.08 -20.08 -51.79
N ALA K 97 -10.01 -20.00 -53.13
CA ALA K 97 -8.69 -19.94 -53.84
C ALA K 97 -7.80 -18.81 -53.35
N ALA K 98 -8.38 -17.75 -52.78
CA ALA K 98 -7.60 -16.64 -52.29
C ALA K 98 -6.55 -17.09 -51.22
N ARG K 99 -6.90 -18.14 -50.46
CA ARG K 99 -6.02 -18.64 -49.40
C ARG K 99 -4.70 -19.13 -50.02
N ALA K 100 -4.80 -19.72 -51.25
CA ALA K 100 -3.62 -20.35 -51.91
C ALA K 100 -2.59 -19.34 -52.40
N VAL K 101 -2.93 -18.03 -52.45
CA VAL K 101 -1.95 -16.98 -52.87
C VAL K 101 -1.51 -16.02 -51.78
N ALA K 102 -1.82 -16.38 -50.54
CA ALA K 102 -1.26 -15.71 -49.37
C ALA K 102 0.08 -16.37 -48.98
N CYS K 103 1.19 -15.64 -48.90
CA CYS K 103 2.48 -16.33 -48.51
C CYS K 103 2.57 -16.82 -47.03
N CYS K 104 2.30 -15.90 -46.12
CA CYS K 104 2.45 -16.15 -44.69
C CYS K 104 1.17 -15.92 -43.93
N ASP K 105 0.28 -16.89 -44.05
CA ASP K 105 -1.03 -16.86 -43.39
C ASP K 105 -2.01 -15.78 -43.94
N VAL K 106 -3.26 -16.06 -43.76
CA VAL K 106 -4.32 -15.23 -44.33
C VAL K 106 -4.75 -14.10 -43.39
N VAL K 107 -3.78 -13.35 -42.95
CA VAL K 107 -4.04 -12.25 -41.99
C VAL K 107 -4.65 -11.06 -42.67
N ASN K 108 -5.22 -10.18 -41.84
CA ASN K 108 -5.81 -8.90 -42.27
C ASN K 108 -5.57 -7.87 -41.21
N ARG K 109 -5.05 -6.71 -41.58
CA ARG K 109 -4.59 -5.73 -40.61
C ARG K 109 -5.65 -4.72 -40.15
N GLY K 110 -6.88 -4.88 -40.63
CA GLY K 110 -8.04 -4.31 -39.98
C GLY K 110 -8.82 -3.27 -40.73
N LEU K 111 -9.84 -2.80 -40.04
CA LEU K 111 -10.86 -1.88 -40.53
C LEU K 111 -10.30 -0.44 -40.50
N ALA K 112 -10.95 0.42 -41.26
CA ALA K 112 -10.89 1.83 -41.09
C ALA K 112 -12.33 2.41 -40.96
N TYR K 113 -12.40 3.66 -40.58
CA TYR K 113 -13.62 4.38 -40.30
C TYR K 113 -13.57 5.83 -40.81
N VAL K 114 -14.71 6.31 -41.25
CA VAL K 114 -14.89 7.69 -41.57
C VAL K 114 -16.22 8.15 -40.93
N PRO K 115 -16.24 9.31 -40.32
CA PRO K 115 -17.50 9.85 -39.78
C PRO K 115 -18.45 10.37 -40.89
N ALA K 116 -19.72 10.55 -40.57
CA ALA K 116 -20.72 11.08 -41.53
C ALA K 116 -20.34 12.46 -41.96
N GLY K 117 -20.76 13.06 -43.05
CA GLY K 117 -20.21 13.07 -44.27
C GLY K 117 -21.07 13.92 -45.22
N GLU K 118 -20.49 14.84 -45.99
CA GLU K 118 -21.13 15.16 -47.30
C GLU K 118 -21.21 13.92 -48.17
N HIS K 119 -20.26 13.00 -48.00
CA HIS K 119 -20.38 11.65 -48.57
C HIS K 119 -21.47 10.55 -48.25
N GLY K 120 -22.42 10.34 -47.35
CA GLY K 120 -23.05 10.85 -46.27
C GLY K 120 -22.80 10.00 -45.00
N PRO K 121 -23.48 8.86 -44.67
CA PRO K 121 -23.35 8.31 -43.30
C PRO K 121 -21.95 7.76 -42.97
N ALA K 122 -21.65 7.68 -41.69
CA ALA K 122 -20.42 7.06 -41.22
C ALA K 122 -20.24 5.67 -41.79
N LYS K 123 -18.97 5.35 -42.12
CA LYS K 123 -18.67 4.08 -42.82
C LYS K 123 -17.54 3.34 -42.15
N ILE K 124 -17.62 2.03 -42.21
CA ILE K 124 -16.47 1.18 -41.88
C ILE K 124 -15.94 0.70 -43.24
N PHE K 125 -14.62 0.66 -43.39
CA PHE K 125 -13.98 0.07 -44.57
C PHE K 125 -13.27 -1.22 -44.26
N LEU K 126 -13.41 -2.19 -45.14
CA LEU K 126 -12.77 -3.51 -45.08
C LEU K 126 -11.97 -3.76 -46.37
N ASN K 127 -10.69 -4.09 -46.27
CA ASN K 127 -9.99 -4.70 -47.44
C ASN K 127 -10.07 -6.23 -47.33
N GLN K 128 -10.66 -6.95 -48.27
CA GLN K 128 -10.75 -8.37 -48.21
C GLN K 128 -9.55 -8.99 -48.87
N LEU K 129 -9.26 -10.22 -48.46
CA LEU K 129 -8.11 -10.92 -48.99
C LEU K 129 -8.26 -11.04 -50.51
N ASP K 130 -9.49 -11.29 -50.97
CA ASP K 130 -9.76 -11.46 -52.38
C ASP K 130 -9.67 -10.18 -53.17
N GLY K 131 -9.23 -9.07 -52.60
CA GLY K 131 -8.87 -7.94 -53.44
C GLY K 131 -9.90 -6.84 -53.53
N HIS K 132 -11.00 -6.96 -52.78
CA HIS K 132 -12.03 -5.93 -52.79
C HIS K 132 -11.90 -5.00 -51.60
N ILE K 133 -12.22 -3.74 -51.84
CA ILE K 133 -12.46 -2.69 -50.84
C ILE K 133 -13.95 -2.53 -50.73
N VAL K 134 -14.45 -2.60 -49.47
CA VAL K 134 -15.87 -2.66 -49.17
C VAL K 134 -16.14 -1.57 -48.17
N ALA K 135 -17.18 -0.77 -48.47
CA ALA K 135 -17.66 0.25 -47.58
C ALA K 135 -18.97 -0.22 -46.98
N LEU K 136 -19.05 -0.21 -45.63
CA LEU K 136 -20.20 -0.62 -44.86
C LEU K 136 -20.74 0.52 -44.05
N ASN K 137 -22.07 0.60 -43.88
CA ASN K 137 -22.66 1.57 -42.98
C ASN K 137 -22.16 1.25 -41.51
N ALA K 138 -21.57 2.22 -40.84
CA ALA K 138 -20.95 1.98 -39.51
C ALA K 138 -21.96 1.63 -38.43
N LYS K 139 -23.20 2.11 -38.58
CA LYS K 139 -24.27 1.85 -37.58
C LYS K 139 -25.08 0.62 -37.87
N THR K 140 -25.22 0.20 -39.12
CA THR K 140 -26.12 -0.91 -39.46
C THR K 140 -25.42 -2.12 -40.10
N GLY K 141 -24.22 -1.94 -40.63
CA GLY K 141 -23.53 -3.03 -41.29
C GLY K 141 -23.86 -3.22 -42.79
N GLU K 142 -24.76 -2.39 -43.33
CA GLU K 142 -25.25 -2.55 -44.71
C GLU K 142 -24.08 -2.25 -45.68
N GLU K 143 -23.91 -3.07 -46.70
CA GLU K 143 -22.91 -2.84 -47.72
C GLU K 143 -23.31 -1.66 -48.56
N ILE K 144 -22.48 -0.65 -48.64
CA ILE K 144 -22.83 0.57 -49.36
C ILE K 144 -22.27 0.50 -50.81
N TRP K 145 -21.01 0.13 -50.90
CA TRP K 145 -20.32 -0.12 -52.20
C TRP K 145 -19.17 -1.04 -52.06
N LYS K 146 -18.73 -1.62 -53.19
CA LYS K 146 -17.66 -2.61 -53.19
C LYS K 146 -16.98 -2.50 -54.55
N MET K 147 -15.65 -2.37 -54.54
CA MET K 147 -14.89 -2.24 -55.78
C MET K 147 -13.80 -3.27 -55.84
N GLU K 148 -13.43 -3.68 -57.06
CA GLU K 148 -12.27 -4.54 -57.24
C GLU K 148 -10.99 -3.76 -57.29
N ASN K 149 -10.07 -3.99 -56.34
CA ASN K 149 -8.76 -3.37 -56.41
C ASN K 149 -7.65 -4.31 -56.90
N SER K 150 -7.68 -5.54 -56.44
CA SER K 150 -6.62 -6.50 -56.66
C SER K 150 -7.22 -7.81 -57.14
N ASP K 151 -6.48 -8.49 -58.01
CA ASP K 151 -6.93 -9.74 -58.64
C ASP K 151 -6.21 -11.05 -58.19
N ILE K 152 -6.92 -11.93 -57.53
CA ILE K 152 -6.25 -13.13 -56.96
C ILE K 152 -5.65 -14.02 -58.06
N ALA K 153 -6.17 -13.92 -59.29
CA ALA K 153 -5.69 -14.78 -60.38
C ALA K 153 -4.24 -14.43 -60.71
N MET K 154 -3.85 -13.19 -60.43
CA MET K 154 -2.48 -12.72 -60.60
C MET K 154 -1.60 -12.82 -59.36
N GLY K 155 -2.12 -13.48 -58.33
CA GLY K 155 -1.48 -13.56 -57.04
C GLY K 155 -1.58 -12.33 -56.21
N SER K 156 -2.50 -11.42 -56.54
CA SER K 156 -2.59 -10.12 -55.95
C SER K 156 -3.75 -10.14 -54.94
N THR K 157 -3.42 -9.80 -53.70
CA THR K 157 -4.37 -9.86 -52.56
C THR K 157 -4.34 -8.51 -51.82
N LEU K 158 -5.14 -8.39 -50.77
CA LEU K 158 -5.02 -7.30 -49.85
C LEU K 158 -4.87 -7.86 -48.45
N THR K 159 -3.90 -7.32 -47.73
CA THR K 159 -3.77 -7.65 -46.32
C THR K 159 -3.64 -6.41 -45.44
N GLY K 160 -3.13 -5.32 -45.96
CA GLY K 160 -3.02 -4.08 -45.20
C GLY K 160 -4.36 -3.33 -45.04
N ALA K 161 -4.47 -2.61 -43.93
CA ALA K 161 -5.73 -1.87 -43.65
C ALA K 161 -5.95 -0.68 -44.60
N PRO K 162 -7.21 -0.39 -44.92
CA PRO K 162 -7.52 0.90 -45.61
C PRO K 162 -7.17 2.09 -44.75
N PHE K 163 -7.08 3.29 -45.35
CA PHE K 163 -6.66 4.47 -44.67
C PHE K 163 -7.43 5.64 -45.18
N VAL K 164 -8.10 6.34 -44.29
CA VAL K 164 -9.00 7.40 -44.68
C VAL K 164 -8.34 8.72 -44.55
N VAL K 165 -8.43 9.53 -45.64
CA VAL K 165 -7.84 10.87 -45.70
C VAL K 165 -8.76 11.77 -46.48
N LYS K 166 -9.24 12.82 -45.81
CA LYS K 166 -10.32 13.67 -46.28
C LYS K 166 -11.50 12.85 -46.74
N ASP K 167 -11.90 12.92 -48.01
CA ASP K 167 -13.04 12.17 -48.47
C ASP K 167 -12.59 11.00 -49.39
N LYS K 168 -11.39 10.48 -49.11
CA LYS K 168 -10.82 9.34 -49.82
C LYS K 168 -10.42 8.26 -48.84
N VAL K 169 -10.45 7.07 -49.35
CA VAL K 169 -9.88 5.89 -48.66
C VAL K 169 -8.80 5.26 -49.50
N LEU K 170 -7.63 5.06 -48.90
CA LEU K 170 -6.48 4.49 -49.62
C LEU K 170 -6.42 3.01 -49.40
N VAL K 171 -6.11 2.27 -50.46
CA VAL K 171 -6.08 0.79 -50.47
C VAL K 171 -4.71 0.46 -51.05
N GLY K 172 -3.99 -0.42 -50.38
CA GLY K 172 -2.64 -0.79 -50.78
C GLY K 172 -2.68 -1.97 -51.70
N SER K 173 -1.68 -2.83 -51.57
CA SER K 173 -1.53 -3.98 -52.41
C SER K 173 -0.68 -5.01 -51.70
N ALA K 174 -0.65 -6.24 -52.23
CA ALA K 174 0.09 -7.32 -51.64
C ALA K 174 0.32 -8.40 -52.71
N GLY K 175 1.31 -9.25 -52.50
CA GLY K 175 1.66 -10.33 -53.43
C GLY K 175 3.03 -10.16 -54.11
N ALA K 176 3.96 -9.41 -53.51
CA ALA K 176 5.32 -9.34 -54.10
C ALA K 176 5.98 -10.72 -54.23
N GLU K 177 5.60 -11.66 -53.37
CA GLU K 177 6.08 -13.05 -53.46
C GLU K 177 5.55 -13.77 -54.69
N LEU K 178 4.58 -13.18 -55.36
CA LEU K 178 4.00 -13.74 -56.56
C LEU K 178 4.24 -12.79 -57.77
N GLY K 179 5.19 -11.93 -57.69
CA GLY K 179 5.53 -11.01 -58.78
C GLY K 179 4.55 -9.88 -59.03
N VAL K 180 3.81 -9.46 -58.01
CA VAL K 180 2.85 -8.35 -58.17
C VAL K 180 3.62 -7.06 -58.06
N ARG K 181 3.38 -6.17 -59.01
CA ARG K 181 3.93 -4.87 -59.01
C ARG K 181 3.02 -4.01 -58.16
N GLY K 182 3.64 -3.35 -57.19
CA GLY K 182 2.98 -2.51 -56.26
C GLY K 182 2.22 -1.29 -56.76
N TYR K 183 1.07 -1.05 -56.13
CA TYR K 183 0.38 0.17 -56.33
C TYR K 183 -0.50 0.53 -55.10
N VAL K 184 -0.68 1.82 -54.88
CA VAL K 184 -1.63 2.37 -53.91
C VAL K 184 -2.71 3.21 -54.63
N THR K 185 -3.95 3.12 -54.14
CA THR K 185 -5.14 3.66 -54.90
C THR K 185 -5.97 4.45 -53.92
N ALA K 186 -6.36 5.66 -54.28
CA ALA K 186 -7.35 6.43 -53.51
C ALA K 186 -8.73 6.35 -54.16
N TYR K 187 -9.70 5.90 -53.38
CA TYR K 187 -11.10 5.80 -53.77
C TYR K 187 -11.93 6.92 -53.07
N ASN K 188 -12.89 7.52 -53.80
CA ASN K 188 -13.76 8.51 -53.25
C ASN K 188 -14.71 7.76 -52.30
N ILE K 189 -14.91 8.29 -51.10
CA ILE K 189 -15.70 7.51 -50.12
C ILE K 189 -17.20 7.46 -50.49
N LYS K 190 -17.72 8.48 -51.15
CA LYS K 190 -19.15 8.50 -51.50
C LYS K 190 -19.55 7.34 -52.37
N ASP K 191 -18.78 7.08 -53.39
CA ASP K 191 -19.18 6.13 -54.45
C ASP K 191 -18.14 5.13 -54.96
N GLY K 192 -16.99 5.07 -54.30
CA GLY K 192 -15.99 4.14 -54.66
C GLY K 192 -15.32 4.53 -55.99
N LYS K 193 -15.41 5.79 -56.42
CA LYS K 193 -14.72 6.17 -57.69
C LYS K 193 -13.25 6.30 -57.48
N GLN K 194 -12.48 5.64 -58.32
CA GLN K 194 -11.02 5.76 -58.27
C GLN K 194 -10.59 7.16 -58.59
N GLU K 195 -9.87 7.78 -57.68
CA GLU K 195 -9.35 9.16 -57.83
C GLU K 195 -7.96 9.14 -58.35
N TRP K 196 -7.08 8.32 -57.76
CA TRP K 196 -5.71 8.21 -58.23
C TRP K 196 -5.09 6.89 -57.89
N ARG K 197 -4.07 6.51 -58.65
CA ARG K 197 -3.34 5.27 -58.39
C ARG K 197 -1.88 5.51 -58.75
N ALA K 198 -1.00 5.12 -57.83
CA ALA K 198 0.41 5.33 -57.90
C ALA K 198 1.15 4.02 -57.73
N TYR K 199 1.95 3.71 -58.76
CA TYR K 199 2.72 2.44 -58.80
C TYR K 199 4.11 2.63 -58.21
N ALA K 200 4.73 1.54 -57.81
CA ALA K 200 6.04 1.59 -57.11
C ALA K 200 7.18 1.43 -58.09
N THR K 201 6.91 0.91 -59.33
CA THR K 201 7.98 0.72 -60.34
C THR K 201 7.49 1.20 -61.67
N GLY K 202 8.41 1.35 -62.61
CA GLY K 202 7.96 1.65 -63.96
C GLY K 202 8.03 3.11 -64.35
N PRO K 203 7.30 3.47 -65.40
CA PRO K 203 7.44 4.83 -65.93
C PRO K 203 7.00 5.86 -64.95
N ASP K 204 7.59 7.02 -65.06
CA ASP K 204 7.28 8.14 -64.18
C ASP K 204 5.77 8.47 -64.10
N GLU K 205 5.06 8.30 -65.19
CA GLU K 205 3.63 8.59 -65.23
C GLU K 205 2.90 7.66 -64.27
N ASP K 206 3.29 6.37 -64.25
CA ASP K 206 2.72 5.44 -63.29
C ASP K 206 3.14 5.74 -61.81
N LEU K 207 4.37 6.19 -61.58
CA LEU K 207 4.92 6.49 -60.25
C LEU K 207 4.17 7.63 -59.57
N LEU K 208 3.65 8.55 -60.42
CA LEU K 208 2.87 9.70 -60.07
C LEU K 208 3.66 10.64 -59.25
N LEU K 209 4.61 11.30 -59.95
CA LEU K 209 5.60 12.19 -59.33
C LEU K 209 5.19 13.66 -59.47
N ASP K 210 5.48 14.47 -58.47
CA ASP K 210 5.30 15.87 -58.59
C ASP K 210 6.43 16.42 -59.49
N LYS K 211 6.19 17.52 -60.19
CA LYS K 211 7.27 18.12 -61.01
C LYS K 211 8.52 18.47 -60.20
N ASP K 212 8.34 18.76 -58.91
CA ASP K 212 9.41 19.03 -58.00
C ASP K 212 9.79 17.85 -57.12
N PHE K 213 9.58 16.63 -57.63
CA PHE K 213 9.93 15.39 -56.88
C PHE K 213 11.38 15.37 -56.48
N ASN K 214 11.65 15.23 -55.17
CA ASN K 214 12.96 15.23 -54.61
C ASN K 214 13.80 16.49 -54.98
N LYS K 215 13.17 17.66 -55.09
CA LYS K 215 13.94 18.87 -55.35
C LYS K 215 14.81 19.20 -54.18
N ASP K 216 14.38 18.88 -52.93
CA ASP K 216 15.23 19.15 -51.78
C ASP K 216 16.37 18.13 -51.62
N ASN K 217 16.22 16.93 -52.20
CA ASN K 217 17.25 15.84 -52.14
C ASN K 217 17.45 15.21 -53.51
N PRO K 218 18.10 15.97 -54.42
CA PRO K 218 18.27 15.41 -55.78
C PRO K 218 19.17 14.19 -55.88
N HIS K 219 20.06 14.02 -54.93
CA HIS K 219 20.89 12.83 -54.88
C HIS K 219 20.15 11.52 -54.46
N TYR K 220 18.90 11.64 -54.00
CA TYR K 220 18.10 10.43 -53.81
C TYR K 220 17.74 9.82 -55.15
N GLY K 221 17.82 10.66 -56.19
CA GLY K 221 17.32 10.25 -57.50
C GLY K 221 16.05 11.01 -57.82
N GLN K 222 15.82 11.33 -59.10
CA GLN K 222 14.54 11.99 -59.50
C GLN K 222 13.80 11.23 -60.56
N PHE K 223 13.94 11.59 -61.85
CA PHE K 223 13.06 11.08 -62.90
C PHE K 223 13.73 9.93 -63.64
N GLY K 224 12.91 9.05 -64.17
CA GLY K 224 13.32 8.01 -65.04
C GLY K 224 13.76 6.72 -64.38
N LEU K 225 13.84 6.75 -63.05
CA LEU K 225 14.56 5.69 -62.32
C LEU K 225 13.72 4.44 -62.15
N GLY K 226 12.40 4.60 -62.25
CA GLY K 226 11.50 3.46 -62.25
C GLY K 226 11.68 2.56 -63.43
N LEU K 227 12.39 3.03 -64.48
CA LEU K 227 12.78 2.15 -65.64
C LEU K 227 14.28 1.93 -65.69
N SER K 228 15.06 2.96 -65.48
CA SER K 228 16.52 2.85 -65.71
C SER K 228 17.24 1.99 -64.64
N THR K 229 16.61 1.66 -63.49
CA THR K 229 17.31 0.86 -62.47
C THR K 229 16.77 -0.58 -62.56
N TRP K 230 16.17 -0.92 -63.69
CA TRP K 230 15.86 -2.27 -64.03
C TRP K 230 16.47 -2.59 -65.41
N GLU K 231 16.60 -3.86 -65.67
CA GLU K 231 16.94 -4.38 -67.02
C GLU K 231 15.67 -4.73 -67.71
N GLY K 232 15.40 -4.03 -68.81
CA GLY K 232 14.24 -4.34 -69.68
C GLY K 232 12.93 -4.19 -68.93
N ASP K 233 12.04 -5.14 -69.12
CA ASP K 233 10.67 -5.14 -68.53
C ASP K 233 10.54 -5.87 -67.17
N ALA K 234 11.64 -6.09 -66.48
CA ALA K 234 11.57 -6.80 -65.20
C ALA K 234 10.70 -6.01 -64.12
N TRP K 235 10.70 -4.71 -64.26
CA TRP K 235 9.87 -3.84 -63.43
C TRP K 235 8.36 -4.19 -63.43
N LYS K 236 7.88 -4.79 -64.50
CA LYS K 236 6.52 -5.18 -64.62
C LYS K 236 6.00 -6.15 -63.57
N ILE K 237 6.88 -7.00 -63.09
CA ILE K 237 6.58 -8.04 -62.13
C ILE K 237 7.52 -7.81 -60.91
N GLY K 238 7.73 -6.54 -60.63
CA GLY K 238 8.83 -6.10 -59.82
C GLY K 238 8.57 -5.80 -58.37
N GLY K 239 7.37 -6.11 -57.85
CA GLY K 239 7.10 -5.91 -56.44
C GLY K 239 6.91 -4.49 -55.99
N GLY K 240 7.28 -4.18 -54.76
CA GLY K 240 7.02 -2.87 -54.22
C GLY K 240 5.56 -2.68 -53.72
N THR K 241 4.88 -3.77 -53.45
CA THR K 241 3.49 -3.75 -52.88
C THR K 241 3.53 -3.02 -51.56
N ASN K 242 2.46 -2.34 -51.20
CA ASN K 242 2.38 -1.60 -49.91
C ASN K 242 1.27 -2.18 -49.01
N TRP K 243 1.71 -3.00 -48.07
CA TRP K 243 0.78 -3.82 -47.25
C TRP K 243 0.82 -3.44 -45.77
N GLY K 244 1.50 -2.34 -45.52
CA GLY K 244 1.79 -1.77 -44.18
C GLY K 244 0.92 -0.59 -43.85
N TRP K 245 1.50 0.41 -43.26
CA TRP K 245 0.72 1.45 -42.60
C TRP K 245 1.01 2.80 -43.17
N TYR K 246 0.14 3.77 -42.93
CA TYR K 246 0.30 5.12 -43.46
C TYR K 246 0.35 6.10 -42.33
N ALA K 247 0.83 7.33 -42.61
CA ALA K 247 0.60 8.45 -41.72
C ALA K 247 0.25 9.64 -42.55
N TYR K 248 -0.24 10.71 -41.89
CA TYR K 248 -0.76 11.89 -42.62
C TYR K 248 -0.52 13.13 -41.83
N ASP K 249 -0.01 14.16 -42.48
CA ASP K 249 0.18 15.48 -41.88
C ASP K 249 -0.82 16.44 -42.56
N PRO K 250 -1.90 16.83 -41.86
CA PRO K 250 -2.88 17.73 -42.48
C PRO K 250 -2.37 19.16 -42.73
N LYS K 251 -1.29 19.61 -42.08
CA LYS K 251 -0.70 20.97 -42.34
C LYS K 251 0.00 20.94 -43.71
N LEU K 252 0.80 19.92 -43.97
CA LEU K 252 1.51 19.75 -45.23
C LEU K 252 0.66 19.10 -46.31
N ASP K 253 -0.49 18.55 -45.90
CA ASP K 253 -1.35 17.74 -46.74
C ASP K 253 -0.61 16.61 -47.49
N MET K 254 0.15 15.83 -46.72
CA MET K 254 0.95 14.74 -47.24
C MET K 254 0.69 13.44 -46.52
N ILE K 255 0.73 12.36 -47.28
CA ILE K 255 0.61 10.99 -46.87
C ILE K 255 1.97 10.36 -46.96
N TYR K 256 2.26 9.50 -45.99
CA TYR K 256 3.55 8.80 -45.92
C TYR K 256 3.32 7.33 -45.81
N TYR K 257 4.11 6.54 -46.49
CA TYR K 257 4.02 5.10 -46.41
C TYR K 257 5.27 4.55 -47.11
N GLY K 258 5.49 3.26 -46.96
CA GLY K 258 6.68 2.61 -47.55
C GLY K 258 6.28 1.57 -48.56
N SER K 259 7.01 1.47 -49.67
CA SER K 259 6.80 0.39 -50.63
C SER K 259 7.73 -0.79 -50.36
N GLY K 260 7.26 -1.97 -50.74
CA GLY K 260 7.85 -3.23 -50.33
C GLY K 260 9.02 -3.67 -51.18
N ASN K 261 9.26 -4.96 -51.13
CA ASN K 261 10.42 -5.56 -51.70
C ASN K 261 10.25 -5.75 -53.23
N PRO K 262 11.39 -5.74 -53.93
CA PRO K 262 11.38 -6.10 -55.38
C PRO K 262 11.24 -7.58 -55.53
N ALA K 263 10.70 -8.04 -56.64
CA ALA K 263 10.47 -9.45 -56.88
C ALA K 263 11.35 -9.82 -58.12
N PRO K 264 11.82 -11.07 -58.22
CA PRO K 264 11.71 -12.12 -57.21
C PRO K 264 12.73 -11.91 -56.06
N TRP K 265 12.78 -12.81 -55.08
CA TRP K 265 13.78 -12.68 -53.98
C TRP K 265 15.19 -12.95 -54.57
N ASN K 266 15.23 -13.74 -55.64
CA ASN K 266 16.53 -13.97 -56.35
C ASN K 266 17.07 -12.70 -56.97
N GLU K 267 18.03 -12.08 -56.30
CA GLU K 267 18.49 -10.76 -56.71
C GLU K 267 19.21 -10.83 -58.06
N THR K 268 19.75 -11.99 -58.36
CA THR K 268 20.56 -12.14 -59.59
C THR K 268 19.69 -12.05 -60.88
N MET K 269 18.39 -12.29 -60.73
CA MET K 269 17.42 -12.07 -61.82
C MET K 269 16.91 -10.67 -62.07
N ARG K 270 17.35 -9.68 -61.30
CA ARG K 270 16.89 -8.34 -61.45
C ARG K 270 17.98 -7.34 -61.09
N PRO K 271 19.05 -7.32 -61.90
CA PRO K 271 20.08 -6.31 -61.74
C PRO K 271 19.50 -4.92 -61.75
N GLY K 272 20.07 -4.10 -60.89
CA GLY K 272 19.73 -2.71 -60.76
C GLY K 272 19.22 -2.31 -59.37
N ASP K 273 19.18 -1.02 -59.13
CA ASP K 273 18.69 -0.47 -57.89
C ASP K 273 17.19 -0.78 -57.64
N ASN K 274 16.43 -1.12 -58.67
CA ASN K 274 15.03 -1.63 -58.57
C ASN K 274 14.14 -0.59 -57.93
N LYS K 275 14.40 0.68 -58.25
CA LYS K 275 13.53 1.72 -57.78
C LYS K 275 12.09 1.61 -58.41
N TRP K 276 11.02 1.97 -57.68
CA TRP K 276 11.08 2.58 -56.36
C TRP K 276 10.49 1.62 -55.31
N THR K 277 11.00 0.40 -55.31
CA THR K 277 10.81 -0.56 -54.24
C THR K 277 11.58 -0.07 -53.04
N MET K 278 11.14 -0.49 -51.86
CA MET K 278 11.88 -0.13 -50.63
C MET K 278 12.01 1.37 -50.39
N THR K 279 10.95 2.12 -50.63
CA THR K 279 11.01 3.53 -50.59
C THR K 279 10.03 4.15 -49.60
N ILE K 280 10.52 5.18 -48.92
CA ILE K 280 9.72 6.02 -48.06
C ILE K 280 9.19 7.12 -48.99
N TRP K 281 7.87 7.13 -49.12
CA TRP K 281 7.17 8.18 -49.86
C TRP K 281 6.53 9.26 -49.06
N GLY K 282 6.52 10.47 -49.66
CA GLY K 282 5.72 11.61 -49.18
C GLY K 282 4.88 12.11 -50.36
N ARG K 283 3.58 11.86 -50.34
CA ARG K 283 2.67 12.14 -51.45
C ARG K 283 1.61 13.21 -51.07
N ASP K 284 1.33 14.11 -52.01
CA ASP K 284 0.21 15.02 -51.87
C ASP K 284 -1.08 14.23 -51.72
N ALA K 285 -1.93 14.59 -50.75
CA ALA K 285 -3.14 13.79 -50.49
C ALA K 285 -4.16 13.88 -51.63
N ASP K 286 -4.36 15.08 -52.18
CA ASP K 286 -5.44 15.19 -53.16
C ASP K 286 -5.12 14.51 -54.46
N THR K 287 -3.90 14.66 -54.94
CA THR K 287 -3.47 14.20 -56.30
C THR K 287 -2.67 12.92 -56.26
N GLY K 288 -2.09 12.60 -55.11
CA GLY K 288 -1.23 11.40 -55.03
C GLY K 288 0.19 11.66 -55.53
N ARG K 289 0.50 12.91 -55.91
CA ARG K 289 1.83 13.17 -56.50
C ARG K 289 2.93 13.18 -55.46
N ALA K 290 4.01 12.41 -55.69
CA ALA K 290 5.11 12.37 -54.77
C ALA K 290 5.90 13.66 -54.72
N LYS K 291 6.06 14.20 -53.53
CA LYS K 291 6.99 15.28 -53.30
C LYS K 291 8.35 14.76 -52.96
N PHE K 292 8.45 13.65 -52.23
CA PHE K 292 9.75 12.99 -52.06
C PHE K 292 9.63 11.49 -52.07
N GLY K 293 10.80 10.86 -52.17
CA GLY K 293 10.92 9.41 -52.22
C GLY K 293 12.35 9.04 -51.89
N TYR K 294 12.54 8.30 -50.80
CA TYR K 294 13.85 7.85 -50.39
C TYR K 294 13.94 6.32 -50.43
N GLN K 295 14.84 5.78 -51.26
CA GLN K 295 15.06 4.37 -51.29
C GLN K 295 16.03 3.95 -50.21
N LYS K 296 15.50 3.18 -49.25
CA LYS K 296 16.25 2.75 -48.09
C LYS K 296 17.15 1.59 -48.45
N THR K 297 16.67 0.70 -49.30
CA THR K 297 17.39 -0.53 -49.54
C THR K 297 17.47 -0.74 -51.10
N PRO K 298 18.39 -0.01 -51.71
CA PRO K 298 18.58 -0.27 -53.18
C PRO K 298 18.98 -1.72 -53.50
N HIS K 299 18.42 -2.24 -54.58
CA HIS K 299 18.69 -3.61 -55.01
C HIS K 299 18.64 -4.59 -53.84
N ASP K 300 17.47 -4.68 -53.27
CA ASP K 300 17.29 -5.63 -52.14
C ASP K 300 17.74 -7.07 -52.49
N GLU K 301 18.42 -7.71 -51.53
CA GLU K 301 18.98 -9.07 -51.63
C GLU K 301 18.48 -9.97 -50.48
N TRP K 302 17.50 -9.45 -49.71
CA TRP K 302 17.18 -10.03 -48.39
C TRP K 302 15.71 -10.04 -47.99
N ASP K 303 14.85 -9.63 -48.90
CA ASP K 303 13.43 -9.36 -48.59
C ASP K 303 13.21 -8.45 -47.36
N TYR K 304 13.94 -7.38 -47.29
CA TYR K 304 13.62 -6.32 -46.32
C TYR K 304 12.42 -5.42 -46.71
N ALA K 305 11.26 -6.05 -46.93
CA ALA K 305 10.14 -5.31 -47.44
C ALA K 305 9.98 -4.02 -46.67
N GLY K 306 9.98 -2.90 -47.38
CA GLY K 306 9.94 -1.60 -46.81
C GLY K 306 8.61 -1.01 -46.33
N VAL K 307 7.71 -1.85 -45.79
CA VAL K 307 6.33 -1.49 -45.54
C VAL K 307 6.01 -1.10 -44.12
N ASN K 308 7.00 -1.04 -43.24
CA ASN K 308 6.73 -0.77 -41.82
C ASN K 308 6.15 0.61 -41.52
N TYR K 309 5.68 0.78 -40.29
CA TYR K 309 4.93 1.98 -39.95
C TYR K 309 5.80 3.25 -39.96
N MET K 310 5.11 4.38 -40.07
CA MET K 310 5.65 5.72 -40.09
C MET K 310 5.10 6.42 -38.87
N GLY K 311 5.97 6.77 -37.93
CA GLY K 311 5.55 7.50 -36.70
C GLY K 311 5.94 8.96 -36.82
N LEU K 312 4.98 9.88 -36.81
CA LEU K 312 5.29 11.31 -36.90
C LEU K 312 5.51 11.90 -35.54
N SER K 313 6.43 12.86 -35.46
CA SER K 313 6.76 13.57 -34.22
C SER K 313 7.38 14.95 -34.64
N GLU K 314 7.45 15.86 -33.69
CA GLU K 314 8.14 17.16 -33.85
C GLU K 314 9.23 17.23 -32.77
N GLN K 315 10.49 17.25 -33.17
CA GLN K 315 11.59 17.18 -32.22
C GLN K 315 12.70 18.13 -32.75
N GLU K 316 13.59 18.48 -31.83
CA GLU K 316 14.71 19.33 -32.13
C GLU K 316 15.76 18.62 -32.91
N VAL K 317 16.14 19.21 -34.03
CA VAL K 317 17.22 18.74 -34.84
C VAL K 317 18.23 19.92 -34.99
N ASP K 318 19.47 19.66 -34.57
CA ASP K 318 20.53 20.69 -34.37
C ASP K 318 19.99 21.95 -33.71
N GLY K 319 19.21 21.77 -32.64
CA GLY K 319 18.59 22.89 -31.96
C GLY K 319 17.27 23.43 -32.50
N LYS K 320 16.89 23.12 -33.75
CA LYS K 320 15.61 23.58 -34.29
C LYS K 320 14.46 22.54 -34.26
N LEU K 321 13.30 22.96 -33.80
CA LEU K 321 12.11 22.11 -33.76
C LEU K 321 11.65 21.82 -35.19
N THR K 322 11.57 20.53 -35.53
CA THR K 322 11.49 20.03 -36.92
C THR K 322 10.35 18.99 -37.02
N PRO K 323 9.50 19.08 -38.05
CA PRO K 323 8.50 17.98 -38.27
C PRO K 323 9.20 16.75 -38.92
N LEU K 324 9.07 15.62 -38.27
CA LEU K 324 9.76 14.40 -38.63
C LEU K 324 8.85 13.21 -38.87
N LEU K 325 9.36 12.22 -39.59
CA LEU K 325 8.88 10.84 -39.59
C LEU K 325 9.98 9.90 -39.13
N THR K 326 9.56 8.85 -38.44
CA THR K 326 10.45 7.86 -37.88
C THR K 326 9.91 6.52 -38.33
N HIS K 327 10.80 5.67 -38.76
CA HIS K 327 10.41 4.48 -39.49
C HIS K 327 11.41 3.35 -39.23
N PRO K 328 11.05 2.37 -38.40
CA PRO K 328 11.89 1.20 -38.17
C PRO K 328 11.76 0.20 -39.26
N ASP K 329 12.75 0.06 -40.12
CA ASP K 329 12.62 -0.77 -41.31
C ASP K 329 12.97 -2.26 -41.01
N ARG K 330 12.44 -3.18 -41.83
CA ARG K 330 12.87 -4.61 -41.79
C ARG K 330 14.35 -4.78 -41.87
N ASN K 331 15.02 -3.87 -42.58
CA ASN K 331 16.47 -3.91 -42.71
C ASN K 331 17.27 -3.59 -41.48
N GLY K 332 16.59 -3.31 -40.35
CA GLY K 332 17.34 -3.15 -39.14
C GLY K 332 17.80 -1.77 -38.80
N LEU K 333 17.53 -0.82 -39.68
CA LEU K 333 17.80 0.53 -39.43
C LEU K 333 16.51 1.28 -39.10
N VAL K 334 16.65 2.27 -38.24
CA VAL K 334 15.61 3.17 -37.89
C VAL K 334 15.87 4.53 -38.58
N TYR K 335 14.97 4.94 -39.49
CA TYR K 335 15.14 6.12 -40.30
C TYR K 335 14.35 7.23 -39.66
N THR K 336 14.97 8.39 -39.50
CA THR K 336 14.20 9.59 -39.19
C THR K 336 14.47 10.62 -40.33
N LEU K 337 13.38 11.13 -40.92
CA LEU K 337 13.42 12.11 -42.00
C LEU K 337 12.70 13.34 -41.59
N ASN K 338 13.16 14.45 -42.12
CA ASN K 338 12.32 15.63 -42.20
C ASN K 338 11.13 15.29 -43.05
N ARG K 339 9.93 15.43 -42.49
CA ARG K 339 8.71 15.01 -43.20
C ARG K 339 8.15 16.01 -44.22
N GLU K 340 8.69 17.23 -44.22
CA GLU K 340 8.36 18.22 -45.28
C GLU K 340 9.30 18.07 -46.46
N THR K 341 10.60 17.98 -46.23
CA THR K 341 11.59 17.98 -47.32
C THR K 341 12.11 16.62 -47.70
N GLY K 342 11.89 15.58 -46.89
CA GLY K 342 12.49 14.27 -47.18
C GLY K 342 13.94 14.10 -46.77
N ALA K 343 14.56 15.14 -46.25
CA ALA K 343 15.95 15.11 -45.82
C ALA K 343 16.17 14.08 -44.70
N LEU K 344 17.24 13.32 -44.86
CA LEU K 344 17.64 12.34 -43.87
C LEU K 344 18.24 13.02 -42.64
N VAL K 345 17.70 12.74 -41.44
CA VAL K 345 18.24 13.27 -40.18
C VAL K 345 19.10 12.19 -39.45
N ASN K 346 18.59 10.98 -39.38
CA ASN K 346 19.36 9.85 -38.91
C ASN K 346 18.84 8.55 -39.48
N ALA K 347 19.75 7.56 -39.46
CA ALA K 347 19.49 6.23 -39.77
C ALA K 347 20.46 5.40 -39.00
N PHE K 348 19.99 4.77 -37.91
CA PHE K 348 20.85 4.07 -36.97
C PHE K 348 20.36 2.65 -36.79
N LYS K 349 21.25 1.74 -36.38
CA LYS K 349 20.89 0.37 -36.31
C LYS K 349 20.07 0.12 -35.09
N ILE K 350 18.96 -0.56 -35.26
CA ILE K 350 18.07 -0.86 -34.12
C ILE K 350 18.72 -1.86 -33.15
N ASP K 351 19.68 -2.65 -33.67
CA ASP K 351 20.51 -3.54 -32.89
C ASP K 351 21.86 -3.54 -33.61
N ASP K 352 22.95 -3.45 -32.85
CA ASP K 352 24.32 -3.41 -33.41
C ASP K 352 24.66 -4.66 -34.27
N THR K 353 23.93 -5.76 -34.17
CA THR K 353 24.28 -6.99 -34.91
C THR K 353 23.88 -6.98 -36.41
N VAL K 354 23.15 -5.93 -36.85
CA VAL K 354 22.79 -5.80 -38.32
C VAL K 354 24.15 -5.82 -39.06
N ASN K 355 24.28 -6.65 -40.08
CA ASN K 355 25.58 -6.79 -40.77
C ASN K 355 25.51 -6.72 -42.31
N TRP K 356 24.32 -6.56 -42.91
CA TRP K 356 24.26 -6.41 -44.40
C TRP K 356 24.80 -5.04 -44.84
N VAL K 357 24.71 -4.09 -43.90
CA VAL K 357 25.15 -2.74 -44.05
C VAL K 357 26.13 -2.39 -42.90
N LYS K 358 27.18 -1.67 -43.27
CA LYS K 358 28.18 -1.17 -42.34
C LYS K 358 27.62 -0.01 -41.65
N LYS K 359 27.15 0.94 -42.42
CA LYS K 359 26.49 2.10 -41.91
C LYS K 359 25.86 2.83 -43.08
N VAL K 360 24.94 3.77 -42.77
CA VAL K 360 24.35 4.59 -43.77
C VAL K 360 25.17 5.87 -43.72
N ASP K 361 25.62 6.30 -44.89
CA ASP K 361 26.31 7.59 -44.99
C ASP K 361 25.21 8.61 -45.06
N LEU K 362 25.10 9.46 -44.07
CA LEU K 362 23.94 10.39 -43.98
C LEU K 362 23.93 11.48 -45.04
N LYS K 363 25.14 11.86 -45.47
CA LYS K 363 25.26 12.92 -46.47
C LYS K 363 24.84 12.42 -47.84
N THR K 364 25.26 11.23 -48.19
CA THR K 364 24.93 10.69 -49.51
C THR K 364 23.59 9.97 -49.44
N GLY K 365 23.16 9.61 -48.23
CA GLY K 365 21.91 8.85 -48.06
C GLY K 365 22.05 7.37 -48.37
N LEU K 366 23.27 6.85 -48.63
CA LEU K 366 23.43 5.51 -49.16
C LEU K 366 23.83 4.51 -48.09
N PRO K 367 23.26 3.31 -48.14
CA PRO K 367 23.79 2.27 -47.25
C PRO K 367 25.07 1.66 -47.79
N ILE K 368 26.11 1.68 -46.97
CA ILE K 368 27.40 1.11 -47.33
C ILE K 368 27.32 -0.37 -47.08
N ARG K 369 27.28 -1.15 -48.16
CA ARG K 369 27.00 -2.59 -48.07
C ARG K 369 28.25 -3.34 -47.68
N ASP K 370 28.08 -4.43 -46.90
CA ASP K 370 29.13 -5.38 -46.67
C ASP K 370 28.93 -6.59 -47.54
N PRO K 371 29.76 -6.73 -48.59
CA PRO K 371 29.69 -7.90 -49.49
C PRO K 371 29.73 -9.27 -48.81
N GLU K 372 30.31 -9.38 -47.63
CA GLU K 372 30.31 -10.66 -46.97
C GLU K 372 28.87 -11.16 -46.65
N TYR K 373 27.92 -10.26 -46.57
CA TYR K 373 26.56 -10.65 -46.25
C TYR K 373 25.56 -10.36 -47.37
N SER K 374 26.06 -10.29 -48.61
CA SER K 374 25.24 -10.18 -49.79
C SER K 374 24.66 -11.52 -50.13
N THR K 375 23.66 -11.49 -51.02
CA THR K 375 23.12 -12.71 -51.54
C THR K 375 23.37 -12.70 -53.03
N ARG K 376 23.44 -13.88 -53.58
CA ARG K 376 23.75 -14.06 -55.04
C ARG K 376 23.62 -15.53 -55.41
N MET K 377 23.26 -15.74 -56.67
CA MET K 377 23.14 -17.09 -57.24
C MET K 377 24.42 -17.91 -57.01
N ASP K 378 24.23 -19.22 -56.87
CA ASP K 378 25.27 -20.21 -56.67
C ASP K 378 26.10 -20.03 -55.41
N HIS K 379 25.53 -19.39 -54.38
CA HIS K 379 26.21 -19.15 -53.13
C HIS K 379 25.18 -19.31 -52.03
N ASN K 380 25.55 -20.05 -50.97
CA ASN K 380 24.72 -20.07 -49.75
C ASN K 380 25.33 -19.11 -48.78
N ALA K 381 24.66 -17.95 -48.61
CA ALA K 381 25.14 -16.86 -47.85
C ALA K 381 24.74 -17.15 -46.40
N LYS K 382 25.70 -17.16 -45.47
CA LYS K 382 25.43 -17.51 -44.06
C LYS K 382 25.50 -16.37 -43.09
N GLY K 383 24.63 -16.40 -42.04
CA GLY K 383 24.79 -15.46 -40.94
C GLY K 383 24.39 -14.04 -41.22
N ILE K 384 23.38 -13.85 -42.04
CA ILE K 384 22.96 -12.52 -42.40
C ILE K 384 21.97 -11.96 -41.34
N CYS K 385 22.16 -10.70 -40.93
CA CYS K 385 21.27 -10.09 -39.95
C CYS K 385 20.85 -8.73 -40.46
N PRO K 386 19.56 -8.43 -40.46
CA PRO K 386 18.45 -9.29 -40.08
C PRO K 386 18.16 -10.38 -41.14
N SER K 387 17.42 -11.39 -40.74
CA SER K 387 16.73 -12.22 -41.67
C SER K 387 15.66 -11.45 -42.42
N ALA K 388 15.06 -12.12 -43.39
CA ALA K 388 13.94 -11.54 -44.17
C ALA K 388 12.73 -11.12 -43.29
N MET K 389 12.59 -11.72 -42.10
CA MET K 389 11.47 -11.35 -41.21
C MET K 389 11.74 -9.99 -40.62
N GLY K 390 12.99 -9.52 -40.73
CA GLY K 390 13.35 -8.23 -40.23
C GLY K 390 13.77 -8.21 -38.79
N TYR K 391 14.46 -7.16 -38.40
CA TYR K 391 14.54 -6.84 -36.98
C TYR K 391 13.32 -6.02 -36.54
N HIS K 392 12.49 -5.61 -37.46
CA HIS K 392 11.21 -5.01 -37.14
C HIS K 392 10.30 -5.40 -38.27
N ASN K 393 9.02 -5.77 -37.96
CA ASN K 393 8.06 -6.16 -39.00
C ASN K 393 6.82 -5.29 -38.84
N GLN K 394 5.64 -5.86 -39.09
CA GLN K 394 4.40 -5.09 -39.32
C GLN K 394 3.83 -4.48 -38.06
N GLY K 395 4.39 -4.66 -36.88
CA GLY K 395 3.70 -4.00 -35.68
C GLY K 395 3.74 -2.48 -35.66
N ILE K 396 2.65 -1.82 -35.30
CA ILE K 396 2.69 -0.38 -35.13
C ILE K 396 3.28 -0.05 -33.77
N GLU K 397 4.27 0.85 -33.73
CA GLU K 397 4.94 1.21 -32.53
C GLU K 397 4.42 2.52 -31.93
N SER K 398 5.03 2.95 -30.83
CA SER K 398 4.47 4.03 -30.05
C SER K 398 5.52 5.08 -29.67
N TYR K 399 5.03 6.28 -29.34
CA TYR K 399 5.82 7.45 -29.08
C TYR K 399 5.29 8.27 -27.93
N ASP K 400 6.08 8.42 -26.89
CA ASP K 400 5.73 9.25 -25.77
C ASP K 400 6.37 10.64 -26.02
N PRO K 401 5.54 11.66 -26.29
CA PRO K 401 6.03 12.97 -26.64
C PRO K 401 6.61 13.78 -25.50
N ASP K 402 6.38 13.40 -24.25
CA ASP K 402 7.13 14.03 -23.13
C ASP K 402 8.47 13.46 -22.92
N LYS K 403 8.60 12.13 -23.01
CA LYS K 403 9.88 11.52 -22.88
C LYS K 403 10.65 11.60 -24.19
N LYS K 404 9.98 11.83 -25.32
CA LYS K 404 10.65 11.81 -26.67
C LYS K 404 11.26 10.45 -26.92
N LEU K 405 10.50 9.38 -26.60
CA LEU K 405 11.00 8.02 -26.85
C LEU K 405 9.98 7.22 -27.69
N PHE K 406 10.48 6.48 -28.67
CA PHE K 406 9.75 5.44 -29.33
C PHE K 406 9.94 4.10 -28.53
N PHE K 407 8.88 3.32 -28.47
CA PHE K 407 8.91 2.04 -27.82
C PHE K 407 8.62 1.05 -28.93
N MET K 408 9.48 0.05 -29.05
CA MET K 408 9.34 -0.90 -30.15
C MET K 408 9.60 -2.36 -29.75
N GLY K 409 8.74 -3.24 -30.22
CA GLY K 409 8.95 -4.66 -30.25
C GLY K 409 9.85 -5.01 -31.41
N VAL K 410 10.98 -5.65 -31.11
CA VAL K 410 12.05 -5.93 -32.07
C VAL K 410 12.17 -7.50 -32.20
N ASN K 411 12.64 -7.91 -33.36
CA ASN K 411 12.90 -9.29 -33.67
C ASN K 411 14.43 -9.40 -33.71
N HIS K 412 14.94 -10.55 -33.28
CA HIS K 412 16.39 -10.81 -33.31
C HIS K 412 16.56 -12.17 -34.00
N ILE K 413 16.45 -12.09 -35.31
CA ILE K 413 16.41 -13.24 -36.18
C ILE K 413 17.46 -13.05 -37.30
N CYS K 414 18.22 -14.11 -37.59
CA CYS K 414 19.31 -14.08 -38.59
C CYS K 414 19.06 -15.22 -39.58
N MET K 415 19.78 -15.27 -40.73
CA MET K 415 19.46 -16.30 -41.73
C MET K 415 20.65 -16.71 -42.60
N ASP K 416 20.47 -17.88 -43.17
CA ASP K 416 21.25 -18.28 -44.33
C ASP K 416 20.32 -18.18 -45.55
N TRP K 417 20.88 -18.00 -46.76
CA TRP K 417 20.02 -17.77 -47.92
C TRP K 417 20.76 -18.16 -49.19
N GLU K 418 20.09 -18.91 -50.03
CA GLU K 418 20.59 -19.25 -51.36
C GLU K 418 19.47 -19.12 -52.38
N PRO K 419 19.69 -18.30 -53.42
CA PRO K 419 18.66 -18.20 -54.44
C PRO K 419 18.68 -19.34 -55.44
N PHE K 420 17.62 -19.42 -56.23
CA PHE K 420 17.46 -20.44 -57.30
C PHE K 420 16.66 -19.83 -58.41
N MET K 421 16.98 -20.26 -59.64
CA MET K 421 16.32 -19.70 -60.84
C MET K 421 14.92 -20.28 -60.97
N LEU K 422 13.97 -19.48 -61.50
CA LEU K 422 12.65 -19.97 -61.67
C LEU K 422 11.91 -19.07 -62.65
N PRO K 423 10.90 -19.61 -63.32
CA PRO K 423 10.08 -18.83 -64.25
C PRO K 423 9.03 -18.01 -63.53
N TYR K 424 8.64 -16.87 -64.09
CA TYR K 424 7.44 -16.15 -63.64
C TYR K 424 6.22 -16.67 -64.40
N ARG K 425 5.23 -17.17 -63.68
CA ARG K 425 3.92 -17.51 -64.23
C ARG K 425 2.85 -16.79 -63.36
N ALA K 426 2.04 -15.93 -63.97
CA ALA K 426 0.99 -15.22 -63.25
C ALA K 426 0.08 -16.13 -62.45
N GLY K 427 -0.04 -15.81 -61.16
CA GLY K 427 -0.83 -16.65 -60.27
C GLY K 427 -0.02 -17.67 -59.49
N GLN K 428 1.26 -17.80 -59.81
CA GLN K 428 2.16 -18.74 -59.11
C GLN K 428 3.19 -18.00 -58.27
N PHE K 429 3.68 -18.69 -57.22
CA PHE K 429 4.76 -18.06 -56.41
C PHE K 429 5.98 -17.74 -57.26
N PHE K 430 6.67 -16.68 -56.90
CA PHE K 430 7.81 -16.13 -57.64
C PHE K 430 8.84 -15.67 -56.63
N VAL K 431 9.28 -16.62 -55.80
CA VAL K 431 10.20 -16.27 -54.68
C VAL K 431 11.64 -16.55 -55.11
N GLY K 432 12.02 -17.79 -55.28
CA GLY K 432 13.37 -18.07 -55.83
C GLY K 432 14.48 -17.90 -54.82
N ALA K 433 14.20 -18.26 -53.57
CA ALA K 433 15.21 -18.46 -52.56
C ALA K 433 14.80 -19.47 -51.48
N THR K 434 15.83 -20.14 -50.95
CA THR K 434 15.73 -21.10 -49.86
C THR K 434 16.44 -20.49 -48.63
N LEU K 435 15.70 -20.44 -47.50
CA LEU K 435 16.20 -19.80 -46.30
C LEU K 435 16.17 -20.72 -45.13
N ASN K 436 17.12 -20.47 -44.23
CA ASN K 436 17.09 -21.11 -42.92
C ASN K 436 17.20 -19.94 -41.91
N MET K 437 16.30 -19.89 -40.91
CA MET K 437 16.37 -18.83 -39.92
C MET K 437 16.57 -19.34 -38.48
N TYR K 438 17.18 -18.48 -37.67
CA TYR K 438 17.59 -18.80 -36.37
C TYR K 438 17.82 -17.60 -35.53
N PRO K 439 18.01 -17.77 -34.22
CA PRO K 439 18.24 -16.55 -33.42
C PRO K 439 19.47 -15.80 -33.76
N GLY K 440 19.39 -14.51 -33.64
CA GLY K 440 20.59 -13.68 -33.84
C GLY K 440 21.65 -13.93 -32.74
N PRO K 441 22.80 -13.24 -32.83
CA PRO K 441 23.93 -13.56 -31.94
C PRO K 441 23.65 -13.45 -30.41
N LYS K 442 22.69 -12.63 -29.97
CA LYS K 442 22.38 -12.50 -28.55
C LYS K 442 21.70 -13.69 -27.99
N GLY K 443 21.20 -14.56 -28.87
CA GLY K 443 20.63 -15.84 -28.53
C GLY K 443 19.11 -15.91 -28.30
N MET K 444 18.42 -14.79 -28.13
CA MET K 444 16.95 -14.85 -28.03
C MET K 444 16.31 -14.37 -29.31
N LEU K 445 14.99 -14.55 -29.49
CA LEU K 445 14.33 -14.11 -30.73
C LEU K 445 13.73 -12.75 -30.73
N GLY K 446 13.60 -12.12 -29.58
CA GLY K 446 12.97 -10.84 -29.51
C GLY K 446 13.52 -9.92 -28.48
N GLN K 447 13.14 -8.65 -28.58
CA GLN K 447 13.50 -7.64 -27.59
C GLN K 447 12.41 -6.56 -27.53
N VAL K 448 12.46 -5.73 -26.49
CA VAL K 448 11.64 -4.51 -26.52
C VAL K 448 12.64 -3.39 -26.21
N LYS K 449 12.55 -2.29 -26.93
CA LYS K 449 13.46 -1.18 -26.77
C LYS K 449 12.76 0.16 -26.75
N ALA K 450 13.35 1.09 -26.01
CA ALA K 450 12.93 2.46 -25.99
C ALA K 450 14.13 3.28 -26.51
N MET K 451 13.85 4.15 -27.46
CA MET K 451 14.92 4.91 -28.11
C MET K 451 14.52 6.31 -28.48
N ASN K 452 15.49 7.21 -28.47
CA ASN K 452 15.30 8.53 -29.05
C ASN K 452 15.68 8.42 -30.54
N ALA K 453 14.77 8.83 -31.41
CA ALA K 453 14.92 8.60 -32.85
C ALA K 453 15.91 9.58 -33.49
N VAL K 454 16.11 10.75 -32.86
CA VAL K 454 17.05 11.72 -33.44
C VAL K 454 18.50 11.30 -33.14
N THR K 455 18.79 10.97 -31.87
CA THR K 455 20.12 10.65 -31.43
C THR K 455 20.42 9.20 -31.55
N GLY K 456 19.41 8.32 -31.60
CA GLY K 456 19.66 6.94 -31.57
C GLY K 456 19.92 6.34 -30.19
N LYS K 457 19.82 7.14 -29.13
CA LYS K 457 20.15 6.68 -27.80
C LYS K 457 19.05 5.71 -27.28
N MET K 458 19.43 4.49 -26.96
CA MET K 458 18.58 3.52 -26.32
C MET K 458 18.45 3.85 -24.82
N GLU K 459 17.25 4.19 -24.37
CA GLU K 459 16.96 4.39 -22.96
C GLU K 459 16.94 3.09 -22.19
N TRP K 460 16.37 2.08 -22.82
CA TRP K 460 16.38 0.76 -22.28
C TRP K 460 16.17 -0.30 -23.31
N GLU K 461 16.62 -1.49 -22.99
CA GLU K 461 16.49 -2.67 -23.84
C GLU K 461 16.31 -3.91 -22.99
N VAL K 462 15.36 -4.80 -23.37
CA VAL K 462 15.13 -6.00 -22.59
C VAL K 462 14.91 -7.13 -23.54
N PRO K 463 15.23 -8.33 -23.13
CA PRO K 463 15.04 -9.43 -24.02
C PRO K 463 13.62 -10.07 -23.89
N GLU K 464 13.20 -10.75 -24.93
CA GLU K 464 11.95 -11.52 -25.00
C GLU K 464 12.27 -12.85 -25.66
N LYS K 465 11.65 -13.91 -25.14
CA LYS K 465 11.90 -15.26 -25.67
C LYS K 465 11.54 -15.36 -27.18
N PHE K 466 10.40 -14.79 -27.60
CA PHE K 466 10.03 -14.75 -29.01
C PHE K 466 10.03 -13.34 -29.57
N ALA K 467 10.20 -13.22 -30.91
CA ALA K 467 10.09 -11.94 -31.63
C ALA K 467 8.82 -11.20 -31.17
N VAL K 468 8.90 -9.92 -30.91
CA VAL K 468 7.73 -9.14 -30.56
C VAL K 468 7.18 -8.51 -31.83
N TRP K 469 6.05 -9.02 -32.26
CA TRP K 469 5.56 -8.91 -33.63
C TRP K 469 4.43 -7.90 -33.80
N GLY K 470 3.63 -7.73 -32.75
CA GLY K 470 2.34 -7.05 -32.88
C GLY K 470 2.33 -5.56 -32.63
N GLY K 471 3.44 -4.99 -32.26
CA GLY K 471 3.48 -3.56 -31.95
C GLY K 471 3.11 -3.25 -30.51
N THR K 472 3.01 -1.96 -30.20
CA THR K 472 2.97 -1.51 -28.79
C THR K 472 1.97 -0.37 -28.64
N LEU K 473 1.50 -0.19 -27.40
CA LEU K 473 0.67 0.98 -26.96
C LEU K 473 1.38 1.59 -25.81
N ALA K 474 1.64 2.88 -25.87
CA ALA K 474 2.22 3.59 -24.73
C ALA K 474 1.21 4.56 -24.12
N THR K 475 1.35 4.84 -22.84
CA THR K 475 0.42 5.71 -22.17
C THR K 475 1.12 6.62 -21.19
N ALA K 476 0.43 7.71 -20.89
CA ALA K 476 0.82 8.64 -19.91
C ALA K 476 0.80 8.13 -18.48
N GLY K 477 0.30 6.92 -18.25
CA GLY K 477 0.54 6.19 -17.01
C GLY K 477 1.96 5.59 -16.87
N ASP K 478 2.88 5.99 -17.77
CA ASP K 478 4.26 5.50 -17.81
C ASP K 478 4.30 3.99 -18.06
N LEU K 479 3.45 3.51 -18.98
CA LEU K 479 3.40 2.12 -19.40
C LEU K 479 3.45 1.99 -20.89
N VAL K 480 4.11 0.91 -21.29
CA VAL K 480 3.98 0.37 -22.60
C VAL K 480 3.42 -1.06 -22.51
N PHE K 481 2.35 -1.32 -23.29
CA PHE K 481 1.71 -2.63 -23.40
C PHE K 481 2.05 -3.27 -24.76
N TYR K 482 2.18 -4.59 -24.73
CA TYR K 482 2.37 -5.35 -25.97
C TYR K 482 2.02 -6.80 -25.71
N GLY K 483 1.65 -7.46 -26.78
CA GLY K 483 1.50 -8.86 -26.79
C GLY K 483 2.71 -9.66 -27.27
N THR K 484 2.77 -10.94 -26.89
CA THR K 484 3.91 -11.77 -27.28
C THR K 484 3.38 -12.98 -28.02
N LEU K 485 4.24 -13.57 -28.84
CA LEU K 485 3.89 -14.75 -29.64
C LEU K 485 3.60 -15.97 -28.85
N ASP K 486 4.20 -16.04 -27.67
CA ASP K 486 3.93 -17.15 -26.78
C ASP K 486 2.66 -16.98 -25.95
N GLY K 487 1.96 -15.87 -26.07
CA GLY K 487 0.59 -15.78 -25.53
C GLY K 487 0.47 -14.98 -24.25
N PHE K 488 1.27 -13.92 -24.09
CA PHE K 488 1.05 -12.97 -23.01
C PHE K 488 0.67 -11.62 -23.50
N ILE K 489 -0.07 -10.88 -22.68
CA ILE K 489 -0.05 -9.38 -22.81
C ILE K 489 0.81 -8.93 -21.61
N LYS K 490 1.67 -7.91 -21.84
CA LYS K 490 2.62 -7.46 -20.86
C LYS K 490 2.60 -5.94 -20.79
N ALA K 491 2.92 -5.39 -19.63
CA ALA K 491 3.10 -4.00 -19.49
C ALA K 491 4.43 -3.72 -18.79
N ARG K 492 5.20 -2.81 -19.39
CA ARG K 492 6.49 -2.38 -18.85
C ARG K 492 6.48 -0.91 -18.53
N ASP K 493 7.25 -0.54 -17.50
CA ASP K 493 7.44 0.83 -17.12
C ASP K 493 8.18 1.50 -18.29
N THR K 494 7.69 2.48 -18.86
CA THR K 494 8.44 3.18 -19.95
C THR K 494 9.66 4.01 -19.51
N ARG K 495 9.94 4.29 -18.30
CA ARG K 495 11.20 4.89 -17.88
C ARG K 495 12.34 3.85 -17.88
N THR K 496 12.02 2.62 -17.57
CA THR K 496 13.04 1.57 -17.25
C THR K 496 12.94 0.25 -18.03
N GLY K 497 11.78 -0.06 -18.63
CA GLY K 497 11.56 -1.41 -19.13
C GLY K 497 11.13 -2.45 -18.11
N GLU K 498 11.03 -2.09 -16.81
CA GLU K 498 10.70 -3.05 -15.79
C GLU K 498 9.32 -3.62 -16.09
N LEU K 499 9.23 -4.93 -15.93
CA LEU K 499 7.99 -5.64 -16.17
C LEU K 499 7.04 -5.38 -14.99
N LYS K 500 5.90 -4.77 -15.24
CA LYS K 500 4.96 -4.50 -14.16
C LYS K 500 3.77 -5.38 -14.11
N TRP K 501 3.43 -6.02 -15.23
CA TRP K 501 2.17 -6.80 -15.27
C TRP K 501 2.27 -7.75 -16.46
N GLN K 502 1.68 -8.93 -16.30
CA GLN K 502 1.49 -9.78 -17.43
C GLN K 502 0.27 -10.66 -17.23
N PHE K 503 -0.32 -11.11 -18.33
CA PHE K 503 -1.47 -12.01 -18.22
C PHE K 503 -1.37 -13.02 -19.35
N GLN K 504 -1.72 -14.25 -19.04
CA GLN K 504 -1.72 -15.36 -19.98
C GLN K 504 -3.03 -15.40 -20.78
N LEU K 505 -2.93 -14.97 -22.03
CA LEU K 505 -3.99 -15.04 -23.05
C LEU K 505 -4.08 -16.44 -23.60
N PRO K 506 -5.13 -16.73 -24.37
CA PRO K 506 -5.22 -18.11 -24.79
C PRO K 506 -4.17 -18.49 -25.82
N SER K 507 -3.93 -17.57 -26.72
CA SER K 507 -3.06 -17.77 -27.87
C SER K 507 -2.12 -16.63 -28.00
N GLY K 508 -1.03 -16.84 -28.72
CA GLY K 508 -0.12 -15.80 -29.15
C GLY K 508 -0.74 -14.58 -29.83
N VAL K 509 -0.06 -13.44 -29.71
CA VAL K 509 -0.53 -12.19 -30.20
C VAL K 509 0.33 -11.68 -31.35
N ILE K 510 -0.32 -11.26 -32.44
CA ILE K 510 0.34 -10.63 -33.56
C ILE K 510 -0.21 -9.27 -33.94
N GLY K 511 -1.14 -8.74 -33.17
CA GLY K 511 -1.60 -7.44 -33.33
C GLY K 511 -1.30 -6.59 -32.12
N HIS K 512 -1.81 -5.35 -32.12
CA HIS K 512 -1.42 -4.39 -31.06
C HIS K 512 -2.51 -4.24 -30.00
N PRO K 513 -2.17 -3.74 -28.80
CA PRO K 513 -3.18 -3.32 -27.85
C PRO K 513 -3.79 -1.97 -28.18
N ILE K 514 -5.05 -1.74 -27.75
CA ILE K 514 -5.71 -0.47 -27.81
C ILE K 514 -6.16 -0.11 -26.39
N THR K 515 -6.40 1.17 -26.19
CA THR K 515 -7.05 1.69 -24.99
C THR K 515 -8.13 2.68 -25.35
N TYR K 516 -9.16 2.76 -24.53
CA TYR K 516 -10.24 3.68 -24.74
C TYR K 516 -10.96 3.82 -23.44
N GLN K 517 -11.70 4.92 -23.31
CA GLN K 517 -12.53 5.10 -22.14
C GLN K 517 -14.02 4.85 -22.50
N HIS K 518 -14.75 4.09 -21.67
CA HIS K 518 -16.15 3.83 -21.90
C HIS K 518 -16.89 3.93 -20.54
N ASN K 519 -17.93 4.80 -20.55
CA ASN K 519 -18.64 5.21 -19.34
C ASN K 519 -17.72 5.50 -18.17
N GLY K 520 -16.75 6.37 -18.43
CA GLY K 520 -15.74 6.81 -17.48
C GLY K 520 -14.55 5.97 -17.08
N LYS K 521 -14.50 4.72 -17.54
CA LYS K 521 -13.46 3.81 -17.12
C LYS K 521 -12.55 3.51 -18.29
N GLN K 522 -11.26 3.40 -18.01
CA GLN K 522 -10.29 3.02 -19.06
C GLN K 522 -10.24 1.52 -19.21
N TYR K 523 -10.20 1.11 -20.46
CA TYR K 523 -10.13 -0.28 -20.83
C TYR K 523 -8.91 -0.51 -21.73
N ILE K 524 -8.33 -1.69 -21.65
CA ILE K 524 -7.26 -2.12 -22.61
C ILE K 524 -7.77 -3.33 -23.37
N ALA K 525 -7.68 -3.34 -24.72
CA ALA K 525 -8.16 -4.47 -25.49
C ALA K 525 -7.09 -4.97 -26.45
N ILE K 526 -7.19 -6.23 -26.77
CA ILE K 526 -6.22 -6.87 -27.70
C ILE K 526 -6.79 -8.14 -28.29
N TYR K 527 -6.33 -8.46 -29.49
CA TYR K 527 -6.65 -9.76 -30.11
C TYR K 527 -5.69 -10.86 -29.61
N SER K 528 -6.18 -12.05 -29.40
CA SER K 528 -5.37 -13.23 -29.14
C SER K 528 -5.63 -14.23 -30.23
N GLY K 529 -4.60 -14.62 -30.97
CA GLY K 529 -4.79 -15.57 -32.09
C GLY K 529 -3.54 -15.55 -32.93
N VAL K 530 -2.67 -16.50 -32.64
CA VAL K 530 -1.33 -16.47 -33.24
C VAL K 530 -1.40 -16.93 -34.69
N GLY K 531 -0.43 -16.46 -35.47
CA GLY K 531 -0.33 -16.88 -36.89
C GLY K 531 0.60 -15.91 -37.55
N GLY K 532 0.25 -15.50 -38.77
CA GLY K 532 1.14 -14.64 -39.50
C GLY K 532 2.37 -15.44 -39.88
N TRP K 533 3.42 -14.72 -40.20
CA TRP K 533 4.65 -15.41 -40.63
C TRP K 533 5.27 -16.26 -39.51
N PRO K 534 5.42 -15.71 -38.27
CA PRO K 534 6.02 -16.52 -37.21
C PRO K 534 5.25 -17.77 -36.91
N GLY K 535 3.91 -17.70 -37.06
CA GLY K 535 3.08 -18.87 -36.74
C GLY K 535 2.79 -19.84 -37.86
N VAL K 536 3.45 -19.64 -39.00
CA VAL K 536 3.06 -20.39 -40.20
C VAL K 536 3.25 -21.89 -39.98
N GLY K 537 4.27 -22.25 -39.21
CA GLY K 537 4.52 -23.64 -38.92
C GLY K 537 3.45 -24.30 -38.10
N LEU K 538 3.01 -23.59 -37.08
CA LEU K 538 1.96 -24.18 -36.30
C LEU K 538 0.60 -24.04 -37.03
N VAL K 539 0.36 -23.01 -37.82
CA VAL K 539 -0.94 -22.85 -38.47
C VAL K 539 -1.13 -24.00 -39.48
N PHE K 540 -0.08 -24.28 -40.22
CA PHE K 540 -0.18 -25.22 -41.34
C PHE K 540 0.49 -26.55 -41.11
N ASP K 541 0.94 -26.77 -39.87
CA ASP K 541 1.54 -28.00 -39.39
C ASP K 541 2.73 -28.36 -40.29
N LEU K 542 3.60 -27.38 -40.47
CA LEU K 542 4.80 -27.51 -41.31
C LEU K 542 5.91 -27.99 -40.44
N LYS K 543 6.81 -28.79 -41.01
CA LYS K 543 7.97 -29.35 -40.23
C LYS K 543 9.37 -29.18 -40.87
N ASP K 544 9.42 -29.08 -42.19
CA ASP K 544 10.66 -28.72 -42.88
C ASP K 544 11.17 -27.32 -42.43
N PRO K 545 12.42 -27.22 -41.93
CA PRO K 545 12.82 -25.93 -41.35
C PRO K 545 12.92 -24.79 -42.36
N THR K 546 12.93 -25.14 -43.66
CA THR K 546 13.02 -24.16 -44.73
C THR K 546 11.65 -23.78 -45.24
N ALA K 547 10.62 -24.49 -44.80
CA ALA K 547 9.25 -24.12 -45.14
C ALA K 547 8.82 -22.79 -44.47
N GLY K 548 7.70 -22.25 -44.93
CA GLY K 548 7.26 -20.89 -44.60
C GLY K 548 8.30 -19.83 -44.83
N LEU K 549 8.93 -19.89 -46.02
CA LEU K 549 10.04 -18.99 -46.39
C LEU K 549 11.13 -18.93 -45.31
N GLY K 550 11.46 -20.07 -44.69
CA GLY K 550 12.47 -20.11 -43.64
C GLY K 550 12.02 -19.99 -42.17
N ALA K 551 10.80 -19.47 -41.94
CA ALA K 551 10.30 -19.24 -40.57
C ALA K 551 10.04 -20.47 -39.78
N VAL K 552 9.78 -21.62 -40.40
CA VAL K 552 9.38 -22.79 -39.66
C VAL K 552 10.48 -23.25 -38.72
N GLY K 553 11.73 -23.29 -39.19
CA GLY K 553 12.87 -23.60 -38.37
C GLY K 553 13.08 -22.68 -37.15
N ALA K 554 13.04 -21.39 -37.40
CA ALA K 554 13.25 -20.44 -36.31
C ALA K 554 12.21 -20.54 -35.16
N PHE K 555 10.96 -20.82 -35.53
CA PHE K 555 9.80 -20.72 -34.60
C PHE K 555 9.24 -22.05 -34.23
N ARG K 556 10.07 -23.08 -34.42
CA ARG K 556 9.69 -24.44 -34.13
C ARG K 556 9.21 -24.64 -32.67
N GLU K 557 9.81 -23.92 -31.73
CA GLU K 557 9.40 -24.07 -30.32
C GLU K 557 8.11 -23.37 -29.91
N LEU K 558 7.59 -22.53 -30.78
CA LEU K 558 6.38 -21.77 -30.47
C LEU K 558 5.18 -22.66 -30.10
N ALA K 559 4.99 -23.76 -30.85
CA ALA K 559 3.98 -24.70 -30.64
C ALA K 559 4.03 -25.44 -29.29
N HIS K 560 5.10 -25.28 -28.52
CA HIS K 560 5.12 -25.85 -27.19
C HIS K 560 4.32 -24.96 -26.23
N TYR K 561 4.04 -23.72 -26.64
CA TYR K 561 3.48 -22.72 -25.76
C TYR K 561 2.10 -22.32 -26.20
N THR K 562 1.84 -22.30 -27.51
CA THR K 562 0.55 -21.78 -28.01
C THR K 562 0.02 -22.62 -29.14
N GLN K 563 -1.30 -22.77 -29.12
CA GLN K 563 -2.06 -23.15 -30.32
C GLN K 563 -2.70 -21.92 -31.00
N MET K 564 -3.40 -22.16 -32.12
CA MET K 564 -4.20 -21.12 -32.69
C MET K 564 -5.40 -20.76 -31.79
N GLY K 565 -6.01 -19.64 -32.09
CA GLY K 565 -7.16 -19.18 -31.31
C GLY K 565 -7.76 -17.97 -32.04
N GLY K 566 -8.70 -17.27 -31.44
CA GLY K 566 -9.19 -16.03 -32.06
C GLY K 566 -10.18 -15.46 -31.07
N SER K 567 -9.71 -14.49 -30.30
CA SER K 567 -10.58 -13.84 -29.26
C SER K 567 -10.17 -12.41 -29.08
N VAL K 568 -11.05 -11.61 -28.47
CA VAL K 568 -10.79 -10.27 -28.02
C VAL K 568 -10.88 -10.30 -26.51
N PHE K 569 -9.84 -9.82 -25.89
CA PHE K 569 -9.73 -9.72 -24.44
C PHE K 569 -9.75 -8.24 -24.07
N VAL K 570 -10.53 -7.89 -23.04
CA VAL K 570 -10.67 -6.54 -22.61
C VAL K 570 -10.45 -6.44 -21.13
N PHE K 571 -9.56 -5.55 -20.72
CA PHE K 571 -9.12 -5.49 -19.31
C PHE K 571 -9.50 -4.16 -18.71
N SER K 572 -9.75 -4.13 -17.41
CA SER K 572 -9.85 -2.85 -16.68
C SER K 572 -9.38 -3.03 -15.22
N LEU K 573 -9.27 -1.91 -14.53
CA LEU K 573 -9.09 -1.90 -13.07
C LEU K 573 -10.51 -2.06 -12.44
N TYR L 1 30.86 -4.08 -55.05
CA TYR L 1 29.53 -3.47 -54.89
C TYR L 1 29.32 -3.10 -53.44
N ASP L 2 29.70 -1.86 -53.09
CA ASP L 2 29.43 -1.39 -51.77
C ASP L 2 28.24 -0.42 -51.74
N GLY L 3 27.59 -0.25 -52.89
CA GLY L 3 26.53 0.70 -53.10
C GLY L 3 26.81 2.18 -53.14
N THR L 4 28.08 2.57 -52.97
CA THR L 4 28.49 3.96 -52.95
C THR L 4 29.00 4.55 -54.30
N HIS L 5 29.13 3.73 -55.34
CA HIS L 5 29.65 4.19 -56.67
C HIS L 5 28.49 4.39 -57.64
N CYS L 6 28.19 5.66 -57.89
CA CYS L 6 26.97 6.11 -58.52
C CYS L 6 27.18 6.49 -59.98
N LYS L 7 26.66 5.66 -60.87
CA LYS L 7 26.49 5.95 -62.31
C LYS L 7 25.65 7.20 -62.62
N ALA L 8 24.69 7.54 -61.76
CA ALA L 8 23.81 8.74 -61.91
C ALA L 8 23.10 8.96 -60.55
N PRO L 9 22.64 10.19 -60.25
CA PRO L 9 21.80 10.37 -59.01
C PRO L 9 20.75 9.27 -58.88
N GLY L 10 20.80 8.47 -57.81
CA GLY L 10 19.76 7.42 -57.56
C GLY L 10 20.02 6.13 -58.23
N ASN L 11 21.23 5.96 -58.77
CA ASN L 11 21.56 4.73 -59.48
C ASN L 11 22.99 4.28 -59.22
N CYS L 12 23.16 3.45 -58.20
CA CYS L 12 24.46 3.04 -57.79
C CYS L 12 24.69 1.60 -58.02
N TRP L 13 23.81 0.91 -58.69
CA TRP L 13 23.99 -0.54 -58.79
C TRP L 13 25.26 -0.95 -59.56
N GLU L 14 25.96 -1.98 -59.05
CA GLU L 14 27.06 -2.62 -59.74
C GLU L 14 26.89 -4.11 -59.65
N PRO L 15 27.35 -4.83 -60.70
CA PRO L 15 27.37 -6.26 -60.62
C PRO L 15 28.35 -6.71 -59.59
N LYS L 16 28.07 -7.87 -58.99
CA LYS L 16 28.92 -8.37 -57.94
C LYS L 16 30.14 -9.03 -58.63
N PRO L 17 31.25 -9.21 -57.87
CA PRO L 17 32.40 -10.02 -58.32
C PRO L 17 32.04 -11.36 -58.99
N GLY L 18 32.37 -11.49 -60.28
CA GLY L 18 32.11 -12.72 -61.02
C GLY L 18 30.76 -12.76 -61.73
N TYR L 19 29.99 -11.69 -61.65
CA TYR L 19 28.63 -11.67 -62.24
C TYR L 19 28.53 -10.67 -63.38
N PRO L 20 27.57 -10.90 -64.29
CA PRO L 20 27.53 -10.04 -65.50
C PRO L 20 26.89 -8.67 -65.34
N ASP L 21 27.27 -7.73 -66.21
CA ASP L 21 26.62 -6.39 -66.23
C ASP L 21 25.14 -6.39 -66.61
N LYS L 22 24.77 -7.35 -67.47
CA LYS L 22 23.43 -7.53 -67.97
C LYS L 22 23.15 -9.02 -67.93
N VAL L 23 21.94 -9.42 -67.56
CA VAL L 23 21.61 -10.85 -67.50
C VAL L 23 21.13 -11.41 -68.84
N ALA L 24 20.63 -10.54 -69.72
CA ALA L 24 20.19 -10.97 -71.07
C ALA L 24 21.36 -11.77 -71.70
N GLY L 25 21.06 -13.00 -72.08
CA GLY L 25 22.05 -13.85 -72.72
C GLY L 25 23.04 -14.52 -71.82
N SER L 26 23.03 -14.27 -70.50
CA SER L 26 23.91 -14.98 -69.58
C SER L 26 23.28 -16.23 -69.09
N LYS L 27 24.06 -16.93 -68.25
CA LYS L 27 23.68 -18.09 -67.43
C LYS L 27 22.47 -17.78 -66.53
N TYR L 28 22.30 -16.52 -66.18
CA TYR L 28 21.23 -16.06 -65.26
C TYR L 28 20.12 -15.31 -65.95
N ASP L 29 20.02 -15.42 -67.27
CA ASP L 29 18.91 -14.82 -68.03
C ASP L 29 17.57 -15.37 -67.49
N PRO L 30 16.68 -14.46 -67.07
CA PRO L 30 15.39 -14.88 -66.52
C PRO L 30 14.44 -15.32 -67.63
N LYS L 31 14.64 -14.87 -68.87
CA LYS L 31 13.98 -15.47 -70.02
C LYS L 31 12.46 -15.33 -69.86
N HIS L 32 12.04 -14.15 -69.47
CA HIS L 32 10.65 -13.86 -69.16
C HIS L 32 9.81 -13.76 -70.43
N ASP L 33 8.68 -14.45 -70.43
CA ASP L 33 7.69 -14.38 -71.49
C ASP L 33 6.94 -13.04 -71.48
N PRO L 34 7.07 -12.26 -72.57
CA PRO L 34 6.51 -10.90 -72.49
C PRO L 34 5.00 -10.82 -72.23
N ASN L 35 4.26 -11.77 -72.78
CA ASN L 35 2.88 -11.91 -72.49
C ASN L 35 2.51 -12.36 -71.04
N GLU L 36 3.42 -13.07 -70.33
CA GLU L 36 3.19 -13.39 -68.94
C GLU L 36 3.33 -12.08 -68.20
N LEU L 37 4.31 -11.27 -68.61
CA LEU L 37 4.64 -10.05 -67.92
C LEU L 37 3.48 -9.09 -67.90
N ASN L 38 2.75 -9.07 -69.01
CA ASN L 38 1.68 -8.09 -69.21
C ASN L 38 0.28 -8.55 -68.58
N LYS L 39 0.14 -9.77 -68.07
CA LYS L 39 -1.15 -10.24 -67.57
C LYS L 39 -1.70 -9.34 -66.43
N GLN L 40 -0.82 -8.99 -65.48
CA GLN L 40 -1.22 -8.20 -64.32
C GLN L 40 -1.88 -6.91 -64.73
N ALA L 41 -1.18 -6.20 -65.60
CA ALA L 41 -1.61 -4.89 -66.05
C ALA L 41 -2.93 -4.94 -66.86
N GLU L 42 -3.09 -5.98 -67.67
CA GLU L 42 -4.34 -6.26 -68.37
C GLU L 42 -5.48 -6.53 -67.33
N SER L 43 -5.16 -7.31 -66.32
CA SER L 43 -6.09 -7.60 -65.24
C SER L 43 -6.55 -6.30 -64.53
N ILE L 44 -5.63 -5.38 -64.24
CA ILE L 44 -6.00 -4.11 -63.63
C ILE L 44 -6.90 -3.26 -64.55
N LYS L 45 -6.57 -3.17 -65.84
CA LYS L 45 -7.52 -2.49 -66.78
C LYS L 45 -8.92 -3.09 -66.80
N ALA L 46 -9.06 -4.41 -66.77
CA ALA L 46 -10.33 -5.06 -66.70
C ALA L 46 -11.10 -4.72 -65.39
N MET L 47 -10.41 -4.76 -64.25
CA MET L 47 -11.04 -4.28 -63.00
C MET L 47 -11.48 -2.83 -63.02
N GLU L 48 -10.63 -1.93 -63.51
CA GLU L 48 -10.89 -0.53 -63.52
C GLU L 48 -12.12 -0.24 -64.37
N ALA L 49 -12.24 -0.97 -65.47
CA ALA L 49 -13.41 -0.82 -66.40
C ALA L 49 -14.71 -1.28 -65.71
N ARG L 50 -14.68 -2.45 -65.05
CA ARG L 50 -15.81 -2.94 -64.27
C ARG L 50 -16.18 -1.98 -63.11
N ASN L 51 -15.17 -1.45 -62.43
CA ASN L 51 -15.47 -0.52 -61.37
C ASN L 51 -16.19 0.77 -61.87
N GLN L 52 -15.66 1.32 -62.95
CA GLN L 52 -16.25 2.48 -63.61
C GLN L 52 -17.74 2.26 -63.95
N LYS L 53 -18.06 1.08 -64.47
CA LYS L 53 -19.43 0.73 -64.74
C LYS L 53 -20.25 0.79 -63.48
N ARG L 54 -19.72 0.20 -62.40
CA ARG L 54 -20.44 0.22 -61.13
C ARG L 54 -20.60 1.65 -60.64
N VAL L 55 -19.57 2.50 -60.75
CA VAL L 55 -19.63 3.88 -60.29
C VAL L 55 -20.72 4.70 -61.10
N GLU L 56 -20.73 4.50 -62.41
CA GLU L 56 -21.67 5.22 -63.32
C GLU L 56 -23.07 4.86 -62.96
N ASN L 57 -23.32 3.56 -62.84
CA ASN L 57 -24.63 3.07 -62.47
C ASN L 57 -25.12 3.61 -61.12
N TYR L 58 -24.23 3.62 -60.13
CA TYR L 58 -24.57 4.14 -58.81
C TYR L 58 -25.02 5.63 -58.84
N ALA L 59 -24.24 6.46 -59.51
CA ALA L 59 -24.57 7.89 -59.73
C ALA L 59 -25.90 8.06 -60.51
N LYS L 60 -26.06 7.28 -61.56
CA LYS L 60 -27.25 7.39 -62.39
C LYS L 60 -28.56 6.84 -61.74
N THR L 61 -28.53 5.69 -61.05
CA THR L 61 -29.75 5.08 -60.43
C THR L 61 -29.93 5.39 -58.95
N GLY L 62 -28.88 5.86 -58.29
CA GLY L 62 -28.85 5.96 -56.82
C GLY L 62 -28.70 4.65 -56.08
N LYS L 63 -28.61 3.53 -56.78
CA LYS L 63 -28.53 2.23 -56.12
C LYS L 63 -27.24 1.51 -56.57
N PHE L 64 -26.51 0.96 -55.60
CA PHE L 64 -25.27 0.27 -55.91
C PHE L 64 -25.54 -1.19 -56.30
N VAL L 65 -24.83 -1.63 -57.32
CA VAL L 65 -24.95 -2.92 -57.91
C VAL L 65 -23.56 -3.38 -58.34
N TYR L 66 -23.12 -4.50 -57.78
CA TYR L 66 -21.75 -4.97 -57.99
C TYR L 66 -21.66 -5.76 -59.31
N LYS L 67 -22.60 -6.68 -59.49
CA LYS L 67 -22.47 -7.68 -60.60
C LYS L 67 -22.70 -6.92 -61.93
N VAL L 68 -21.67 -6.77 -62.75
CA VAL L 68 -21.73 -5.90 -63.92
C VAL L 68 -22.77 -6.31 -64.99
N GLU L 69 -23.01 -7.61 -65.19
CA GLU L 69 -24.09 -8.02 -66.10
C GLU L 69 -25.53 -7.68 -65.61
N ASP L 70 -25.76 -7.52 -64.30
CA ASP L 70 -27.09 -7.07 -63.78
C ASP L 70 -27.30 -5.60 -63.89
N ILE L 71 -26.34 -4.86 -64.43
CA ILE L 71 -26.52 -3.45 -64.69
C ILE L 71 -27.26 -3.31 -66.04
N ASN M 1 20.97 -30.56 27.79
CA ASN M 1 21.42 -29.44 28.63
C ASN M 1 20.27 -28.50 28.76
N SER M 2 19.77 -28.36 30.00
CA SER M 2 18.58 -27.58 30.13
C SER M 2 18.79 -26.10 29.97
N GLU M 3 19.96 -25.57 30.32
CA GLU M 3 20.21 -24.16 30.20
C GLU M 3 20.32 -23.84 28.65
N LEU M 4 20.92 -24.76 27.90
CA LEU M 4 21.03 -24.59 26.46
C LEU M 4 19.63 -24.58 25.82
N ASP M 5 18.80 -25.49 26.29
CA ASP M 5 17.38 -25.52 25.86
C ASP M 5 16.67 -24.19 26.19
N ARG M 6 16.88 -23.68 27.40
CA ARG M 6 16.32 -22.44 27.82
C ARG M 6 16.76 -21.27 26.89
N LEU M 7 18.06 -21.19 26.61
CA LEU M 7 18.56 -20.13 25.75
C LEU M 7 17.99 -20.26 24.35
N SER M 8 17.75 -21.48 23.92
CA SER M 8 17.17 -21.69 22.55
C SER M 8 15.74 -21.08 22.42
N LYS M 9 15.03 -20.88 23.54
CA LYS M 9 13.70 -20.26 23.52
C LYS M 9 13.69 -18.74 23.47
N ASP M 10 14.84 -18.09 23.63
CA ASP M 10 15.04 -16.64 23.49
C ASP M 10 15.33 -16.36 21.97
N ASP M 11 14.52 -15.55 21.32
CA ASP M 11 14.68 -15.23 19.92
C ASP M 11 15.88 -14.32 19.61
N ARG M 12 16.62 -13.86 20.61
CA ARG M 12 17.92 -13.20 20.41
C ARG M 12 18.99 -14.19 20.01
N ASN M 13 18.71 -15.47 20.26
CA ASN M 13 19.70 -16.51 20.05
C ASN M 13 19.38 -17.53 18.91
N TRP M 14 20.47 -18.16 18.44
CA TRP M 14 20.47 -19.33 17.58
C TRP M 14 21.60 -20.19 18.08
N VAL M 15 21.26 -21.08 18.99
CA VAL M 15 22.27 -21.64 19.86
C VAL M 15 22.94 -22.89 19.38
N MET M 16 22.37 -23.52 18.36
CA MET M 16 22.85 -24.77 17.76
C MET M 16 22.48 -24.80 16.31
N GLN M 17 23.19 -25.58 15.47
CA GLN M 17 22.95 -25.53 14.02
C GLN M 17 21.43 -25.82 13.70
N THR M 18 20.89 -26.75 14.46
CA THR M 18 19.48 -27.16 14.36
C THR M 18 18.47 -26.18 15.02
N LYS M 19 18.92 -25.05 15.56
CA LYS M 19 18.17 -24.06 16.35
C LYS M 19 17.78 -24.58 17.72
N ASP M 20 17.23 -25.77 17.79
CA ASP M 20 16.74 -26.32 19.02
C ASP M 20 16.84 -27.81 18.97
N TYR M 21 16.61 -28.43 20.13
CA TYR M 21 16.82 -29.85 20.21
C TYR M 21 15.90 -30.70 19.36
N SER M 22 14.79 -30.11 18.93
CA SER M 22 13.83 -30.81 18.03
C SER M 22 14.09 -30.57 16.60
N ALA M 23 15.09 -29.76 16.37
CA ALA M 23 15.52 -29.35 15.04
C ALA M 23 14.35 -28.74 14.23
N THR M 24 13.60 -27.87 14.88
CA THR M 24 12.49 -27.27 14.17
C THR M 24 12.88 -26.25 13.08
N HIS M 25 14.01 -25.53 13.22
CA HIS M 25 14.35 -24.48 12.31
C HIS M 25 13.14 -23.55 12.06
N PHE M 26 12.37 -23.36 13.11
CA PHE M 26 11.20 -22.52 13.10
C PHE M 26 11.35 -21.36 14.10
N SER M 27 11.24 -20.11 13.59
CA SER M 27 11.27 -18.94 14.44
C SER M 27 9.84 -18.42 14.57
N ARG M 28 9.49 -18.11 15.81
CA ARG M 28 8.20 -17.46 16.09
C ARG M 28 8.20 -15.98 15.80
N LEU M 29 9.34 -15.41 15.40
CA LEU M 29 9.38 -14.00 15.06
C LEU M 29 8.44 -13.65 13.90
N THR M 30 7.68 -12.56 14.09
CA THR M 30 6.67 -12.16 13.08
C THR M 30 7.00 -10.83 12.39
N GLU M 31 8.07 -10.11 12.77
CA GLU M 31 8.35 -8.79 12.19
C GLU M 31 8.49 -8.90 10.65
N ILE M 32 9.31 -9.85 10.19
CA ILE M 32 9.47 -10.09 8.75
C ILE M 32 8.42 -11.13 8.33
N ASN M 33 7.61 -10.76 7.34
CA ASN M 33 6.44 -11.62 7.05
C ASN M 33 6.08 -11.53 5.61
N SER M 34 5.15 -12.37 5.16
CA SER M 34 4.83 -12.45 3.74
C SER M 34 4.35 -11.14 3.16
N HIS M 35 3.80 -10.24 3.97
CA HIS M 35 3.40 -8.89 3.52
C HIS M 35 4.52 -7.88 3.34
N ASN M 36 5.65 -7.99 4.08
CA ASN M 36 6.70 -6.97 3.98
C ASN M 36 8.10 -7.51 3.52
N VAL M 37 8.27 -8.84 3.32
CA VAL M 37 9.58 -9.40 3.02
C VAL M 37 10.14 -8.81 1.71
N LYS M 38 9.25 -8.36 0.78
CA LYS M 38 9.70 -7.76 -0.42
C LYS M 38 10.66 -6.53 -0.11
N ASN M 39 10.55 -5.91 1.06
CA ASN M 39 11.39 -4.80 1.50
C ASN M 39 12.67 -5.20 2.24
N LEU M 40 12.95 -6.46 2.35
CA LEU M 40 14.17 -6.89 3.00
C LEU M 40 15.41 -6.40 2.26
N LYS M 41 16.40 -5.86 2.96
CA LYS M 41 17.61 -5.36 2.35
C LYS M 41 18.84 -5.85 3.13
N VAL M 42 19.97 -5.87 2.45
CA VAL M 42 21.20 -6.19 3.12
C VAL M 42 21.55 -5.16 4.22
N ALA M 43 21.75 -5.60 5.43
CA ALA M 43 22.10 -4.74 6.51
C ALA M 43 23.64 -4.59 6.69
N TRP M 44 24.34 -5.72 6.64
CA TRP M 44 25.79 -5.74 6.78
C TRP M 44 26.30 -7.09 6.31
N THR M 45 27.63 -7.17 6.06
CA THR M 45 28.21 -8.41 5.48
C THR M 45 29.58 -8.59 6.10
N LEU M 46 30.11 -9.83 6.06
CA LEU M 46 31.47 -10.12 6.54
C LEU M 46 32.08 -11.14 5.61
N SER M 47 33.35 -11.04 5.33
CA SER M 47 34.06 -12.05 4.53
C SER M 47 34.60 -13.11 5.46
N THR M 48 34.55 -14.38 5.05
CA THR M 48 35.15 -15.43 5.88
C THR M 48 36.61 -15.64 5.65
N GLY M 49 37.14 -15.10 4.56
CA GLY M 49 38.49 -15.25 4.21
C GLY M 49 38.91 -16.55 3.63
N THR M 50 37.98 -17.40 3.28
CA THR M 50 38.28 -18.66 2.62
C THR M 50 37.34 -18.85 1.48
N LEU M 51 37.72 -19.76 0.56
CA LEU M 51 36.84 -20.24 -0.48
C LEU M 51 36.35 -21.62 -0.06
N HIS M 52 35.90 -22.43 -1.01
CA HIS M 52 35.29 -23.70 -0.78
C HIS M 52 33.90 -23.61 -0.09
N GLY M 53 33.22 -24.75 -0.02
CA GLY M 53 31.81 -24.74 0.41
C GLY M 53 31.64 -24.34 1.87
N HIS M 54 30.65 -23.46 2.14
CA HIS M 54 30.33 -23.03 3.47
C HIS M 54 29.05 -23.66 3.97
N GLU M 55 29.12 -24.80 4.64
CA GLU M 55 27.93 -25.43 5.20
C GLU M 55 27.65 -24.96 6.61
N GLY M 56 26.49 -25.36 7.15
CA GLY M 56 25.99 -24.88 8.38
C GLY M 56 25.65 -23.41 8.28
N ALA M 57 25.70 -22.74 9.39
CA ALA M 57 25.49 -21.33 9.44
C ALA M 57 26.04 -20.80 10.74
N PRO M 58 26.07 -19.46 10.92
CA PRO M 58 26.45 -18.92 12.21
C PRO M 58 25.62 -19.33 13.40
N LEU M 59 26.22 -19.31 14.58
CA LEU M 59 25.47 -19.32 15.85
C LEU M 59 25.42 -17.87 16.35
N VAL M 60 24.41 -17.59 17.17
CA VAL M 60 24.31 -16.33 17.87
C VAL M 60 23.91 -16.65 19.29
N VAL M 61 24.73 -16.20 20.24
CA VAL M 61 24.41 -16.40 21.65
C VAL M 61 24.86 -15.22 22.44
N ASP M 62 23.90 -14.63 23.15
CA ASP M 62 24.15 -13.57 24.10
C ASP M 62 24.86 -12.37 23.48
N GLY M 63 24.40 -11.97 22.31
CA GLY M 63 24.92 -10.84 21.60
C GLY M 63 26.15 -11.03 20.74
N ILE M 64 26.63 -12.27 20.65
CA ILE M 64 27.83 -12.55 19.90
C ILE M 64 27.43 -13.50 18.77
N MET M 65 27.84 -13.16 17.54
CA MET M 65 27.77 -14.13 16.42
C MET M 65 29.09 -14.90 16.23
N TYR M 66 28.98 -16.19 15.97
CA TYR M 66 30.07 -17.09 15.77
C TYR M 66 30.01 -17.68 14.39
N ILE M 67 31.10 -17.50 13.66
CA ILE M 67 31.24 -17.90 12.27
C ILE M 67 32.32 -18.96 12.17
N HIS M 68 32.21 -19.83 11.18
CA HIS M 68 33.18 -20.93 10.92
C HIS M 68 33.34 -21.13 9.42
N THR M 69 34.64 -21.69 9.03
CA THR M 69 34.90 -21.87 7.65
C THR M 69 35.08 -23.34 7.28
N PRO M 70 35.16 -23.55 5.98
CA PRO M 70 35.74 -24.77 5.53
C PRO M 70 37.27 -24.79 5.88
N PHE M 71 37.90 -25.91 5.62
CA PHE M 71 39.32 -26.15 6.03
C PHE M 71 40.16 -24.92 5.70
N PRO M 72 40.95 -24.40 6.61
CA PRO M 72 41.34 -25.04 7.85
C PRO M 72 40.47 -24.76 9.06
N ASN M 73 39.19 -24.36 8.88
CA ASN M 73 38.20 -24.34 9.99
C ASN M 73 38.47 -23.20 10.97
N ASN M 74 38.75 -22.04 10.43
CA ASN M 74 38.83 -20.85 11.22
C ASN M 74 37.51 -20.50 11.87
N VAL M 75 37.58 -19.91 13.04
CA VAL M 75 36.39 -19.60 13.81
C VAL M 75 36.55 -18.13 14.21
N TYR M 76 35.51 -17.31 14.04
CA TYR M 76 35.54 -15.88 14.41
C TYR M 76 34.30 -15.56 15.26
N ALA M 77 34.47 -14.67 16.20
CA ALA M 77 33.38 -14.16 17.06
C ALA M 77 33.21 -12.65 16.75
N VAL M 78 31.97 -12.22 16.63
CA VAL M 78 31.59 -10.86 16.34
C VAL M 78 30.52 -10.36 17.36
N ASP M 79 30.85 -9.29 18.04
CA ASP M 79 29.90 -8.55 18.88
C ASP M 79 28.92 -7.87 17.98
N LEU M 80 27.64 -8.24 18.06
CA LEU M 80 26.62 -7.66 17.17
C LEU M 80 26.37 -6.11 17.39
N ASN M 81 26.87 -5.54 18.49
CA ASN M 81 26.94 -4.08 18.61
C ASN M 81 28.19 -3.45 17.90
N ASP M 82 29.09 -4.24 17.33
CA ASP M 82 30.30 -3.68 16.63
C ASP M 82 30.63 -4.68 15.51
N THR M 83 29.82 -4.67 14.45
CA THR M 83 29.82 -5.77 13.48
C THR M 83 31.06 -5.80 12.57
N ARG M 84 31.82 -4.72 12.56
CA ARG M 84 33.00 -4.64 11.71
C ARG M 84 34.26 -5.30 12.35
N LYS M 85 34.22 -5.54 13.66
CA LYS M 85 35.35 -6.04 14.40
C LYS M 85 35.24 -7.48 14.71
N MET M 86 36.34 -8.19 14.61
CA MET M 86 36.42 -9.58 15.09
C MET M 86 36.77 -9.50 16.57
N LEU M 87 35.86 -9.87 17.45
CA LEU M 87 36.12 -9.93 18.86
C LEU M 87 37.20 -10.92 19.21
N TRP M 88 37.17 -12.08 18.60
CA TRP M 88 38.27 -12.98 18.73
C TRP M 88 38.34 -13.90 17.54
N GLN M 89 39.48 -14.53 17.38
CA GLN M 89 39.70 -15.44 16.26
C GLN M 89 40.44 -16.67 16.74
N TYR M 90 40.21 -17.82 16.09
CA TYR M 90 40.89 -19.09 16.36
C TYR M 90 41.23 -19.71 15.03
N LYS M 91 42.57 -19.94 14.83
CA LYS M 91 43.04 -20.28 13.51
C LYS M 91 43.80 -21.60 13.53
N PRO M 92 43.11 -22.71 13.33
CA PRO M 92 43.75 -24.03 13.50
C PRO M 92 44.96 -24.24 12.59
N LYS M 93 45.97 -24.95 13.11
CA LYS M 93 47.13 -25.45 12.27
C LYS M 93 46.93 -26.93 12.04
N GLN M 94 46.57 -27.28 10.82
CA GLN M 94 46.23 -28.64 10.49
C GLN M 94 47.05 -29.12 9.37
N ASN M 95 47.31 -30.41 9.37
CA ASN M 95 48.03 -31.01 8.28
C ASN M 95 47.25 -30.88 6.98
N PRO M 96 47.81 -30.21 5.95
CA PRO M 96 47.08 -30.08 4.65
C PRO M 96 46.74 -31.42 3.97
N ALA M 97 47.37 -32.49 4.41
CA ALA M 97 47.00 -33.85 3.93
C ALA M 97 45.59 -34.22 4.25
N ALA M 98 44.97 -33.58 5.25
CA ALA M 98 43.56 -33.85 5.55
C ALA M 98 42.66 -33.59 4.32
N ARG M 99 43.07 -32.63 3.52
CA ARG M 99 42.33 -32.28 2.31
C ARG M 99 42.22 -33.41 1.32
N ALA M 100 43.26 -34.25 1.24
CA ALA M 100 43.28 -35.38 0.29
C ALA M 100 42.34 -36.52 0.66
N VAL M 101 41.89 -36.61 1.91
CA VAL M 101 40.92 -37.68 2.26
C VAL M 101 39.48 -37.21 2.45
N ALA M 102 39.15 -36.05 1.93
CA ALA M 102 37.76 -35.56 1.96
C ALA M 102 37.18 -35.92 0.65
N CYS M 103 36.02 -36.53 0.72
CA CYS M 103 35.52 -37.00 -0.62
C CYS M 103 34.92 -35.88 -1.50
N CYS M 104 34.06 -35.11 -0.91
CA CYS M 104 33.37 -34.07 -1.62
C CYS M 104 33.57 -32.72 -0.96
N ASP M 105 34.71 -32.17 -1.17
CA ASP M 105 35.02 -30.85 -0.62
C ASP M 105 35.29 -30.83 0.88
N VAL M 106 36.03 -29.83 1.29
CA VAL M 106 36.46 -29.69 2.66
C VAL M 106 35.49 -28.88 3.54
N VAL M 107 34.23 -29.29 3.47
CA VAL M 107 33.19 -28.60 4.20
C VAL M 107 33.22 -28.99 5.65
N ASN M 108 32.58 -28.12 6.44
CA ASN M 108 32.42 -28.28 7.84
C ASN M 108 31.08 -27.73 8.23
N ARG M 109 30.29 -28.53 8.95
CA ARG M 109 28.88 -28.17 9.20
C ARG M 109 28.66 -27.31 10.45
N GLY M 110 29.74 -26.95 11.17
CA GLY M 110 29.72 -25.81 12.09
C GLY M 110 29.92 -26.08 13.56
N LEU M 111 29.73 -25.00 14.31
CA LEU M 111 30.08 -24.92 15.70
C LEU M 111 28.90 -25.40 16.53
N ALA M 112 29.21 -25.79 17.75
CA ALA M 112 28.22 -25.90 18.83
C ALA M 112 28.61 -25.05 19.98
N TYR M 113 27.71 -24.93 20.93
CA TYR M 113 27.80 -24.06 22.06
C TYR M 113 27.22 -24.68 23.32
N VAL M 114 27.87 -24.39 24.46
CA VAL M 114 27.31 -24.71 25.73
C VAL M 114 27.46 -23.51 26.66
N PRO M 115 26.44 -23.19 27.46
CA PRO M 115 26.61 -22.14 28.38
C PRO M 115 27.48 -22.55 29.60
N ALA M 116 27.85 -21.56 30.38
CA ALA M 116 28.61 -21.82 31.61
C ALA M 116 27.69 -22.52 32.63
N GLY M 117 28.14 -23.29 33.59
CA GLY M 117 28.82 -24.48 33.53
C GLY M 117 29.22 -24.78 34.98
N GLU M 118 28.78 -25.87 35.60
CA GLU M 118 29.65 -26.51 36.62
C GLU M 118 30.97 -26.98 35.92
N HIS M 119 30.88 -27.26 34.62
CA HIS M 119 32.04 -27.54 33.80
C HIS M 119 33.19 -26.49 33.39
N GLY M 120 33.33 -25.19 33.47
CA GLY M 120 32.74 -24.08 33.99
C GLY M 120 32.47 -23.01 32.86
N PRO M 121 33.42 -22.21 32.23
CA PRO M 121 32.80 -21.10 31.44
C PRO M 121 32.12 -21.55 30.12
N ALA M 122 31.29 -20.68 29.54
CA ALA M 122 30.67 -20.99 28.24
C ALA M 122 31.71 -21.35 27.21
N LYS M 123 31.40 -22.35 26.40
CA LYS M 123 32.33 -22.84 25.36
C LYS M 123 31.74 -22.89 23.93
N ILE M 124 32.64 -22.79 22.97
CA ILE M 124 32.35 -23.06 21.55
C ILE M 124 33.10 -24.34 21.23
N PHE M 125 32.43 -25.24 20.59
CA PHE M 125 33.03 -26.47 20.10
C PHE M 125 33.17 -26.47 18.60
N LEU M 126 34.35 -26.90 18.14
CA LEU M 126 34.69 -27.09 16.75
C LEU M 126 35.14 -28.54 16.49
N ASN M 127 34.59 -29.16 15.47
CA ASN M 127 35.18 -30.40 14.87
C ASN M 127 36.07 -30.05 13.69
N GLN M 128 37.36 -30.31 13.77
CA GLN M 128 38.24 -30.02 12.63
C GLN M 128 38.28 -31.13 11.65
N LEU M 129 38.50 -30.79 10.39
CA LEU M 129 38.65 -31.79 9.35
C LEU M 129 39.67 -32.86 9.75
N ASP M 130 40.72 -32.44 10.43
CA ASP M 130 41.79 -33.45 10.78
C ASP M 130 41.47 -34.34 11.95
N GLY M 131 40.26 -34.26 12.48
CA GLY M 131 39.80 -35.25 13.35
C GLY M 131 39.83 -34.90 14.83
N HIS M 132 40.17 -33.66 15.17
CA HIS M 132 40.11 -33.23 16.49
C HIS M 132 38.82 -32.57 16.83
N ILE M 133 38.43 -32.73 18.07
CA ILE M 133 37.34 -32.00 18.70
C ILE M 133 38.03 -30.95 19.59
N VAL M 134 37.70 -29.68 19.38
CA VAL M 134 38.28 -28.56 20.11
C VAL M 134 37.24 -27.80 20.91
N ALA M 135 37.52 -27.54 22.20
CA ALA M 135 36.76 -26.64 23.03
C ALA M 135 37.44 -25.29 23.22
N LEU M 136 36.71 -24.22 22.90
CA LEU M 136 37.18 -22.84 23.01
C LEU M 136 36.34 -22.07 24.02
N ASN M 137 36.96 -21.14 24.72
CA ASN M 137 36.21 -20.19 25.51
C ASN M 137 35.31 -19.30 24.63
N ALA M 138 34.02 -19.33 24.88
CA ALA M 138 33.07 -18.63 24.01
C ALA M 138 33.26 -17.15 24.04
N LYS M 139 33.75 -16.60 25.16
CA LYS M 139 33.94 -15.15 25.27
C LYS M 139 35.31 -14.67 24.79
N THR M 140 36.34 -15.49 24.91
CA THR M 140 37.71 -15.06 24.64
C THR M 140 38.39 -15.74 23.49
N GLY M 141 37.86 -16.88 23.05
CA GLY M 141 38.44 -17.71 22.05
C GLY M 141 39.62 -18.57 22.49
N GLU M 142 39.94 -18.57 23.77
CA GLU M 142 41.06 -19.30 24.26
C GLU M 142 40.79 -20.81 24.14
N GLU M 143 41.81 -21.54 23.70
CA GLU M 143 41.71 -22.99 23.56
C GLU M 143 41.73 -23.62 24.95
N ILE M 144 40.70 -24.37 25.32
CA ILE M 144 40.56 -25.00 26.64
C ILE M 144 41.04 -26.48 26.61
N TRP M 145 40.59 -27.23 25.63
CA TRP M 145 41.07 -28.58 25.41
C TRP M 145 40.88 -29.02 23.99
N LYS M 146 41.58 -30.09 23.62
CA LYS M 146 41.61 -30.60 22.28
C LYS M 146 41.91 -32.08 22.35
N MET M 147 41.04 -32.88 21.74
CA MET M 147 41.27 -34.33 21.73
C MET M 147 41.26 -34.89 20.31
N GLU M 148 41.85 -36.07 20.11
CA GLU M 148 41.90 -36.73 18.87
C GLU M 148 40.74 -37.66 18.76
N ASN M 149 39.81 -37.40 17.82
CA ASN M 149 38.72 -38.35 17.61
C ASN M 149 38.94 -39.28 16.47
N SER M 150 39.43 -38.76 15.38
CA SER M 150 39.49 -39.44 14.11
C SER M 150 40.88 -39.26 13.55
N ASP M 151 41.38 -40.29 12.87
CA ASP M 151 42.73 -40.27 12.32
C ASP M 151 42.80 -40.17 10.81
N ILE M 152 43.29 -39.06 10.29
CA ILE M 152 43.31 -38.88 8.82
C ILE M 152 44.17 -39.92 8.08
N ALA M 153 45.18 -40.48 8.76
CA ALA M 153 45.96 -41.57 8.16
C ALA M 153 45.06 -42.76 7.79
N MET M 154 43.96 -42.99 8.53
CA MET M 154 43.01 -44.07 8.18
C MET M 154 41.89 -43.62 7.16
N GLY M 155 42.00 -42.42 6.58
CA GLY M 155 40.92 -41.79 5.77
C GLY M 155 39.74 -41.23 6.63
N SER M 156 39.94 -41.00 7.91
CA SER M 156 38.90 -40.73 8.90
C SER M 156 39.04 -39.26 9.25
N THR M 157 37.98 -38.50 8.98
CA THR M 157 37.94 -37.01 9.10
C THR M 157 36.72 -36.65 9.93
N LEU M 158 36.53 -35.34 10.17
CA LEU M 158 35.27 -34.88 10.75
C LEU M 158 34.72 -33.79 9.85
N THR M 159 33.46 -33.95 9.51
CA THR M 159 32.75 -32.87 8.82
C THR M 159 31.43 -32.46 9.53
N GLY M 160 30.73 -33.32 10.27
CA GLY M 160 29.53 -32.92 11.01
C GLY M 160 29.75 -32.10 12.26
N ALA M 161 28.80 -31.20 12.62
CA ALA M 161 28.95 -30.39 13.77
C ALA M 161 28.89 -31.23 15.05
N PRO M 162 29.58 -30.78 16.10
CA PRO M 162 29.38 -31.35 17.44
C PRO M 162 27.98 -31.04 17.95
N PHE M 163 27.55 -31.79 18.95
CA PHE M 163 26.20 -31.75 19.50
C PHE M 163 26.26 -31.81 20.97
N VAL M 164 25.79 -30.77 21.65
CA VAL M 164 25.87 -30.71 23.11
C VAL M 164 24.61 -31.29 23.74
N VAL M 165 24.78 -32.24 24.65
CA VAL M 165 23.68 -32.70 25.48
C VAL M 165 24.10 -32.91 26.95
N LYS M 166 23.42 -32.19 27.84
CA LYS M 166 23.74 -32.11 29.28
C LYS M 166 25.17 -31.58 29.38
N ASP M 167 26.09 -32.32 30.05
CA ASP M 167 27.53 -31.91 30.13
C ASP M 167 28.43 -32.74 29.25
N LYS M 168 27.88 -33.20 28.11
CA LYS M 168 28.63 -33.93 27.11
C LYS M 168 28.55 -33.26 25.71
N VAL M 169 29.57 -33.53 24.91
CA VAL M 169 29.61 -33.13 23.51
C VAL M 169 29.83 -34.32 22.67
N LEU M 170 28.92 -34.54 21.70
CA LEU M 170 28.97 -35.67 20.80
C LEU M 170 29.67 -35.31 19.50
N VAL M 171 30.53 -36.21 19.08
CA VAL M 171 31.35 -36.12 17.90
C VAL M 171 31.11 -37.31 17.08
N GLY M 172 30.82 -37.07 15.82
CA GLY M 172 30.58 -38.11 14.85
C GLY M 172 31.80 -38.64 14.14
N SER M 173 31.66 -38.92 12.85
CA SER M 173 32.67 -39.53 12.08
C SER M 173 32.42 -39.34 10.63
N ALA M 174 33.41 -39.59 9.80
CA ALA M 174 33.34 -39.41 8.35
C ALA M 174 34.43 -40.20 7.68
N GLY M 175 34.19 -40.58 6.45
CA GLY M 175 35.15 -41.36 5.71
C GLY M 175 34.65 -42.72 5.22
N ALA M 176 33.35 -42.94 5.14
CA ALA M 176 32.85 -44.24 4.66
C ALA M 176 33.38 -44.50 3.27
N GLU M 177 33.63 -43.45 2.49
CA GLU M 177 34.14 -43.65 1.13
C GLU M 177 35.63 -44.15 1.17
N LEU M 178 36.25 -44.20 2.36
CA LEU M 178 37.63 -44.69 2.58
C LEU M 178 37.61 -45.95 3.49
N GLY M 179 36.44 -46.56 3.65
CA GLY M 179 36.35 -47.72 4.52
C GLY M 179 36.43 -47.53 6.00
N VAL M 180 36.11 -46.32 6.48
CA VAL M 180 36.06 -46.06 7.89
C VAL M 180 34.77 -46.65 8.46
N ARG M 181 34.91 -47.43 9.50
CA ARG M 181 33.84 -47.97 10.23
C ARG M 181 33.36 -46.90 11.18
N GLY M 182 32.06 -46.64 11.14
CA GLY M 182 31.53 -45.49 11.86
C GLY M 182 31.44 -45.59 13.36
N TYR M 183 31.64 -44.45 14.04
CA TYR M 183 31.37 -44.36 15.41
C TYR M 183 31.03 -42.92 15.88
N VAL M 184 30.25 -42.85 16.92
CA VAL M 184 29.90 -41.61 17.60
C VAL M 184 30.41 -41.69 19.03
N THR M 185 30.86 -40.57 19.55
CA THR M 185 31.57 -40.48 20.78
C THR M 185 31.05 -39.33 21.61
N ALA M 186 30.84 -39.54 22.89
CA ALA M 186 30.49 -38.52 23.86
C ALA M 186 31.69 -38.12 24.72
N TYR M 187 32.04 -36.86 24.76
CA TYR M 187 33.12 -36.36 25.57
C TYR M 187 32.57 -35.49 26.64
N ASN M 188 33.16 -35.58 27.84
CA ASN M 188 32.77 -34.71 28.92
C ASN M 188 33.23 -33.31 28.67
N ILE M 189 32.35 -32.34 28.86
CA ILE M 189 32.70 -31.00 28.42
C ILE M 189 33.74 -30.28 29.31
N LYS M 190 33.88 -30.71 30.58
CA LYS M 190 34.86 -30.08 31.48
C LYS M 190 36.28 -30.29 31.01
N ASP M 191 36.62 -31.54 30.69
CA ASP M 191 38.00 -31.96 30.46
C ASP M 191 38.29 -32.77 29.19
N GLY M 192 37.30 -32.96 28.32
CA GLY M 192 37.54 -33.82 27.13
C GLY M 192 37.61 -35.35 27.36
N LYS M 193 37.18 -35.80 28.55
CA LYS M 193 37.21 -37.25 28.89
C LYS M 193 36.19 -38.02 28.08
N GLN M 194 36.64 -39.04 27.38
CA GLN M 194 35.71 -39.87 26.62
C GLN M 194 34.76 -40.62 27.56
N GLU M 195 33.46 -40.42 27.39
CA GLU M 195 32.41 -41.03 28.25
C GLU M 195 31.89 -42.33 27.65
N TRP M 196 31.58 -42.33 26.37
CA TRP M 196 31.14 -43.52 25.69
C TRP M 196 31.37 -43.44 24.20
N ARG M 197 31.37 -44.57 23.56
CA ARG M 197 31.65 -44.65 22.13
C ARG M 197 30.87 -45.78 21.50
N ALA M 198 30.09 -45.48 20.46
CA ALA M 198 29.19 -46.49 19.83
C ALA M 198 29.46 -46.61 18.40
N TYR M 199 29.77 -47.83 17.97
CA TYR M 199 30.10 -48.13 16.60
C TYR M 199 28.85 -48.55 15.83
N ALA M 200 28.94 -48.44 14.51
CA ALA M 200 27.77 -48.69 13.65
C ALA M 200 27.71 -50.14 13.17
N THR M 201 28.83 -50.85 13.31
CA THR M 201 28.91 -52.24 12.88
C THR M 201 29.71 -53.07 13.87
N GLY M 202 29.70 -54.39 13.69
CA GLY M 202 30.48 -55.34 14.55
C GLY M 202 29.82 -55.88 15.80
N PRO M 203 30.62 -56.39 16.76
CA PRO M 203 30.01 -57.00 17.91
C PRO M 203 29.12 -56.08 18.70
N ASP M 204 28.10 -56.68 19.29
CA ASP M 204 27.14 -55.98 20.13
C ASP M 204 27.73 -55.08 21.19
N GLU M 205 28.85 -55.48 21.79
CA GLU M 205 29.58 -54.66 22.80
C GLU M 205 29.94 -53.26 22.18
N ASP M 206 30.37 -53.27 20.93
CA ASP M 206 30.78 -52.08 20.22
C ASP M 206 29.57 -51.19 19.78
N LEU M 207 28.45 -51.82 19.44
CA LEU M 207 27.23 -51.16 19.00
C LEU M 207 26.64 -50.38 20.13
N LEU M 208 26.82 -50.91 21.35
CA LEU M 208 26.40 -50.34 22.62
C LEU M 208 24.89 -50.30 22.72
N LEU M 209 24.30 -51.43 23.08
CA LEU M 209 22.88 -51.68 22.96
C LEU M 209 22.28 -51.82 24.36
N ASP M 210 21.08 -51.31 24.59
CA ASP M 210 20.38 -51.55 25.82
C ASP M 210 20.03 -53.07 25.83
N LYS M 211 19.84 -53.65 27.03
CA LYS M 211 19.34 -55.05 27.11
C LYS M 211 17.95 -55.16 26.44
N ASP M 212 17.15 -54.07 26.50
CA ASP M 212 15.86 -53.94 25.83
C ASP M 212 15.86 -53.39 24.40
N PHE M 213 16.97 -53.49 23.71
CA PHE M 213 17.10 -52.94 22.38
C PHE M 213 16.05 -53.51 21.45
N ASN M 214 15.24 -52.60 20.90
CA ASN M 214 14.24 -52.95 19.91
C ASN M 214 13.18 -53.94 20.48
N LYS M 215 12.91 -53.85 21.76
CA LYS M 215 11.90 -54.68 22.40
C LYS M 215 10.57 -54.34 21.76
N ASP M 216 10.33 -53.08 21.43
CA ASP M 216 9.02 -52.69 20.89
C ASP M 216 8.82 -53.14 19.45
N ASN M 217 9.94 -53.33 18.74
CA ASN M 217 9.95 -53.79 17.37
C ASN M 217 10.99 -54.90 17.11
N PRO M 218 10.70 -56.11 17.59
CA PRO M 218 11.77 -57.13 17.44
C PRO M 218 12.00 -57.56 15.99
N HIS M 219 11.02 -57.30 15.15
CA HIS M 219 11.14 -57.58 13.76
C HIS M 219 12.16 -56.65 13.03
N TYR M 220 12.55 -55.53 13.64
CA TYR M 220 13.71 -54.75 13.10
C TYR M 220 15.06 -55.48 13.25
N GLY M 221 15.14 -56.42 14.20
CA GLY M 221 16.38 -57.11 14.44
C GLY M 221 16.78 -56.68 15.83
N GLN M 222 17.33 -57.59 16.60
CA GLN M 222 17.91 -57.23 17.87
C GLN M 222 19.41 -57.55 17.94
N PHE M 223 19.81 -58.74 18.42
CA PHE M 223 21.25 -59.01 18.77
C PHE M 223 22.02 -59.79 17.77
N GLY M 224 23.33 -59.54 17.74
CA GLY M 224 24.25 -60.31 16.87
C GLY M 224 24.35 -59.85 15.45
N LEU M 225 23.60 -58.80 15.07
CA LEU M 225 23.41 -58.52 13.63
C LEU M 225 24.51 -57.67 13.04
N GLY M 226 25.18 -56.87 13.85
CA GLY M 226 26.45 -56.23 13.42
C GLY M 226 27.59 -57.11 12.95
N LEU M 227 27.52 -58.39 13.32
CA LEU M 227 28.39 -59.49 12.82
C LEU M 227 27.68 -60.42 11.83
N SER M 228 26.46 -60.86 12.15
CA SER M 228 25.83 -61.89 11.25
C SER M 228 25.30 -61.40 9.90
N THR M 229 25.19 -60.07 9.71
CA THR M 229 24.79 -59.50 8.42
C THR M 229 25.93 -59.08 7.56
N TRP M 230 27.13 -59.61 7.86
CA TRP M 230 28.29 -59.38 7.08
C TRP M 230 29.00 -60.74 6.93
N GLU M 231 29.73 -60.91 5.85
CA GLU M 231 30.60 -62.09 5.64
C GLU M 231 31.94 -61.83 6.30
N GLY M 232 32.17 -62.57 7.38
CA GLY M 232 33.43 -62.57 8.05
C GLY M 232 33.76 -61.20 8.63
N ASP M 233 34.96 -60.70 8.35
CA ASP M 233 35.50 -59.47 8.99
C ASP M 233 35.21 -58.16 8.21
N ALA M 234 34.43 -58.25 7.14
CA ALA M 234 34.10 -57.14 6.26
C ALA M 234 33.48 -55.91 6.98
N TRP M 235 32.90 -56.14 8.13
CA TRP M 235 32.35 -55.10 8.96
C TRP M 235 33.45 -54.17 9.49
N LYS M 236 34.70 -54.61 9.53
CA LYS M 236 35.72 -53.77 10.15
C LYS M 236 36.01 -52.53 9.37
N ILE M 237 35.74 -52.58 8.09
CA ILE M 237 35.91 -51.45 7.21
C ILE M 237 34.55 -51.08 6.60
N GLY M 238 33.49 -51.26 7.41
CA GLY M 238 32.12 -51.40 6.90
C GLY M 238 31.30 -50.12 6.73
N GLY M 239 31.86 -48.97 7.05
CA GLY M 239 31.11 -47.70 6.89
C GLY M 239 30.23 -47.38 8.04
N GLY M 240 29.14 -46.69 7.78
CA GLY M 240 28.26 -46.32 8.86
C GLY M 240 28.63 -45.05 9.61
N THR M 241 29.51 -44.26 9.04
CA THR M 241 29.90 -43.00 9.65
C THR M 241 28.67 -42.08 9.80
N ASN M 242 28.70 -41.21 10.79
CA ASN M 242 27.60 -40.27 11.08
C ASN M 242 28.15 -38.84 11.08
N TRP M 243 27.94 -38.24 9.92
CA TRP M 243 28.45 -36.90 9.62
C TRP M 243 27.27 -35.87 9.48
N GLY M 244 26.07 -36.30 9.80
CA GLY M 244 24.89 -35.43 9.74
C GLY M 244 24.50 -34.81 11.05
N TRP M 245 23.21 -34.85 11.39
CA TRP M 245 22.68 -34.07 12.47
C TRP M 245 22.02 -34.93 13.50
N TYR M 246 21.80 -34.35 14.67
CA TYR M 246 21.17 -35.03 15.80
C TYR M 246 19.90 -34.31 16.26
N ALA M 247 19.11 -34.99 17.09
CA ALA M 247 18.04 -34.40 17.84
C ALA M 247 18.07 -34.99 19.25
N TYR M 248 17.46 -34.30 20.19
CA TYR M 248 17.41 -34.77 21.58
C TYR M 248 16.02 -34.53 22.11
N ASP M 249 15.49 -35.56 22.83
CA ASP M 249 14.28 -35.38 23.63
C ASP M 249 14.63 -35.45 25.13
N PRO M 250 14.65 -34.33 25.86
CA PRO M 250 15.05 -34.40 27.24
C PRO M 250 14.06 -35.07 28.17
N LYS M 251 12.81 -35.23 27.75
CA LYS M 251 11.82 -36.00 28.51
C LYS M 251 12.14 -37.48 28.46
N LEU M 252 12.47 -38.02 27.28
CA LEU M 252 12.84 -39.44 27.14
C LEU M 252 14.33 -39.61 27.41
N ASP M 253 15.07 -38.51 27.43
CA ASP M 253 16.54 -38.54 27.59
C ASP M 253 17.21 -39.41 26.51
N MET M 254 16.79 -39.15 25.26
CA MET M 254 17.21 -39.88 24.11
C MET M 254 17.77 -38.98 23.01
N ILE M 255 18.81 -39.48 22.34
CA ILE M 255 19.46 -38.79 21.25
C ILE M 255 19.15 -39.54 20.05
N TYR M 256 18.91 -38.82 18.95
CA TYR M 256 18.56 -39.48 17.70
C TYR M 256 19.55 -39.06 16.60
N TYR M 257 19.98 -39.99 15.73
CA TYR M 257 20.77 -39.69 14.57
C TYR M 257 20.81 -40.89 13.64
N GLY M 258 21.29 -40.68 12.46
CA GLY M 258 21.40 -41.73 11.47
C GLY M 258 22.84 -42.13 11.20
N SER M 259 23.07 -43.43 11.00
CA SER M 259 24.34 -43.93 10.48
C SER M 259 24.35 -44.05 8.99
N GLY M 260 25.51 -43.86 8.44
CA GLY M 260 25.73 -43.77 6.99
C GLY M 260 25.84 -45.05 6.24
N ASN M 261 26.39 -44.92 5.07
CA ASN M 261 26.37 -45.98 4.08
C ASN M 261 27.42 -47.02 4.43
N PRO M 262 27.18 -48.26 4.01
CA PRO M 262 28.22 -49.30 4.11
C PRO M 262 29.30 -49.10 3.10
N ALA M 263 30.51 -49.56 3.41
CA ALA M 263 31.59 -49.51 2.48
C ALA M 263 31.97 -50.95 2.07
N PRO M 264 32.42 -51.18 0.84
CA PRO M 264 32.51 -50.20 -0.20
C PRO M 264 31.15 -49.96 -0.92
N TRP M 265 31.13 -49.03 -1.87
CA TRP M 265 29.92 -48.78 -2.67
C TRP M 265 29.53 -49.99 -3.51
N ASN M 266 30.53 -50.77 -3.93
CA ASN M 266 30.38 -52.08 -4.63
C ASN M 266 29.69 -53.09 -3.74
N GLU M 267 28.41 -53.24 -3.96
CA GLU M 267 27.58 -54.05 -3.08
C GLU M 267 27.98 -55.55 -3.08
N THR M 268 28.47 -56.00 -4.22
CA THR M 268 28.82 -57.42 -4.48
C THR M 268 30.00 -57.80 -3.61
N MET M 269 30.87 -56.85 -3.26
CA MET M 269 31.93 -57.13 -2.25
C MET M 269 31.50 -57.31 -0.79
N ARG M 270 30.24 -57.08 -0.41
CA ARG M 270 29.84 -57.10 0.99
C ARG M 270 28.39 -57.63 1.13
N PRO M 271 28.21 -58.93 0.74
CA PRO M 271 26.92 -59.57 0.97
C PRO M 271 26.39 -59.44 2.38
N GLY M 272 25.07 -59.28 2.47
CA GLY M 272 24.34 -59.24 3.69
C GLY M 272 23.64 -57.90 3.93
N ASP M 273 22.81 -57.87 4.95
CA ASP M 273 22.09 -56.62 5.27
C ASP M 273 23.05 -55.48 5.76
N ASN M 274 24.25 -55.82 6.22
CA ASN M 274 25.24 -54.82 6.58
C ASN M 274 24.78 -53.95 7.71
N LYS M 275 24.11 -54.53 8.71
CA LYS M 275 23.74 -53.79 9.86
C LYS M 275 24.94 -53.33 10.67
N TRP M 276 24.87 -52.20 11.37
CA TRP M 276 23.75 -51.27 11.43
C TRP M 276 24.12 -49.91 10.72
N THR M 277 24.62 -50.06 9.53
CA THR M 277 24.67 -49.00 8.54
C THR M 277 23.21 -48.65 8.19
N MET M 278 23.04 -47.42 7.71
CA MET M 278 21.74 -46.95 7.21
C MET M 278 20.63 -47.02 8.25
N THR M 279 20.93 -46.71 9.52
CA THR M 279 20.03 -46.91 10.61
C THR M 279 19.63 -45.62 11.35
N ILE M 280 18.38 -45.53 11.78
CA ILE M 280 17.93 -44.47 12.64
C ILE M 280 18.08 -44.98 14.04
N TRP M 281 18.82 -44.27 14.89
CA TRP M 281 19.08 -44.66 16.28
C TRP M 281 18.34 -43.80 17.23
N GLY M 282 17.87 -44.40 18.33
CA GLY M 282 17.50 -43.70 19.52
C GLY M 282 18.37 -44.25 20.67
N ARG M 283 19.31 -43.42 21.13
CA ARG M 283 20.26 -43.78 22.21
C ARG M 283 20.00 -43.04 23.51
N ASP M 284 20.14 -43.75 24.63
CA ASP M 284 20.20 -43.11 25.93
C ASP M 284 21.32 -42.07 25.98
N ALA M 285 21.02 -40.86 26.42
CA ALA M 285 22.03 -39.77 26.43
C ALA M 285 23.24 -40.07 27.35
N ASP M 286 22.93 -40.59 28.54
CA ASP M 286 23.94 -40.71 29.60
C ASP M 286 24.91 -41.82 29.27
N THR M 287 24.40 -42.95 28.76
CA THR M 287 25.25 -44.15 28.55
C THR M 287 25.50 -44.40 27.14
N GLY M 288 24.73 -43.79 26.23
CA GLY M 288 24.84 -44.22 24.82
C GLY M 288 24.09 -45.48 24.39
N ARG M 289 23.45 -46.21 25.33
CA ARG M 289 22.81 -47.48 24.95
C ARG M 289 21.59 -47.25 24.08
N ALA M 290 21.55 -47.96 22.95
CA ALA M 290 20.46 -47.86 21.99
C ALA M 290 19.19 -48.57 22.46
N LYS M 291 18.12 -47.80 22.59
CA LYS M 291 16.79 -48.29 22.88
C LYS M 291 16.17 -48.79 21.60
N PHE M 292 16.46 -48.15 20.47
CA PHE M 292 16.04 -48.67 19.22
C PHE M 292 16.98 -48.37 18.07
N GLY M 293 16.78 -49.11 16.99
CA GLY M 293 17.57 -49.01 15.77
C GLY M 293 16.77 -49.58 14.60
N TYR M 294 16.44 -48.73 13.64
CA TYR M 294 15.61 -49.11 12.47
C TYR M 294 16.48 -48.97 11.26
N GLN M 295 16.80 -50.06 10.57
CA GLN M 295 17.65 -49.99 9.40
C GLN M 295 16.77 -49.67 8.20
N LYS M 296 16.96 -48.46 7.68
CA LYS M 296 16.19 -47.97 6.49
C LYS M 296 16.49 -48.65 5.23
N THR M 297 17.78 -48.86 4.90
CA THR M 297 18.20 -49.31 3.62
C THR M 297 19.12 -50.55 3.84
N PRO M 298 18.50 -51.73 4.03
CA PRO M 298 19.34 -52.94 4.17
C PRO M 298 20.12 -53.18 2.99
N HIS M 299 21.35 -53.66 3.15
CA HIS M 299 22.24 -53.94 2.01
C HIS M 299 22.30 -52.84 0.94
N ASP M 300 22.81 -51.67 1.28
CA ASP M 300 22.76 -50.54 0.37
C ASP M 300 23.46 -50.86 -0.89
N GLU M 301 22.86 -50.49 -2.02
CA GLU M 301 23.40 -50.63 -3.32
C GLU M 301 23.64 -49.28 -4.00
N TRP M 302 23.38 -48.18 -3.28
CA TRP M 302 23.26 -46.85 -3.98
C TRP M 302 23.97 -45.68 -3.33
N ASP M 303 24.63 -45.93 -2.23
CA ASP M 303 25.19 -44.84 -1.35
C ASP M 303 24.07 -43.86 -0.89
N TYR M 304 23.01 -44.43 -0.35
CA TYR M 304 21.95 -43.63 0.22
C TYR M 304 22.27 -43.30 1.70
N ALA M 305 23.44 -42.73 1.94
CA ALA M 305 23.94 -42.57 3.29
C ALA M 305 22.91 -42.03 4.26
N GLY M 306 22.65 -42.78 5.34
CA GLY M 306 21.55 -42.49 6.22
C GLY M 306 21.67 -41.38 7.27
N VAL M 307 22.43 -40.33 6.98
CA VAL M 307 22.86 -39.34 7.92
C VAL M 307 22.02 -38.05 7.99
N ASN M 308 20.93 -38.02 7.26
CA ASN M 308 20.09 -36.77 7.23
C ASN M 308 19.47 -36.40 8.51
N TYR M 309 19.00 -35.14 8.61
CA TYR M 309 18.48 -34.65 9.83
C TYR M 309 17.20 -35.36 10.37
N MET M 310 17.02 -35.18 11.65
CA MET M 310 15.93 -35.70 12.44
C MET M 310 15.14 -34.49 12.96
N GLY M 311 13.85 -34.37 12.58
CA GLY M 311 13.00 -33.27 13.10
C GLY M 311 11.94 -33.84 13.98
N LEU M 312 11.92 -33.40 15.18
CA LEU M 312 10.97 -33.94 16.14
C LEU M 312 9.71 -33.05 16.13
N SER M 313 8.59 -33.72 16.35
CA SER M 313 7.29 -33.05 16.47
C SER M 313 6.33 -33.92 17.30
N GLU M 314 5.23 -33.30 17.70
CA GLU M 314 4.12 -34.02 18.37
C GLU M 314 2.87 -33.88 17.52
N GLN M 315 2.42 -34.98 16.94
CA GLN M 315 1.26 -34.96 16.02
C GLN M 315 0.32 -36.20 16.24
N GLU M 316 -0.92 -36.07 15.79
CA GLU M 316 -1.94 -37.11 15.97
C GLU M 316 -1.69 -38.18 14.96
N VAL M 317 -1.66 -39.38 15.50
CA VAL M 317 -1.51 -40.57 14.73
C VAL M 317 -2.75 -41.46 15.14
N ASP M 318 -3.70 -41.65 14.21
CA ASP M 318 -4.93 -42.46 14.52
C ASP M 318 -5.68 -41.88 15.71
N GLY M 319 -5.85 -40.57 15.67
CA GLY M 319 -6.45 -39.84 16.76
C GLY M 319 -5.70 -39.71 18.05
N LYS M 320 -4.45 -40.15 18.13
CA LYS M 320 -3.72 -40.06 19.40
C LYS M 320 -2.45 -39.16 19.28
N LEU M 321 -2.31 -38.19 20.15
CA LEU M 321 -1.15 -37.28 20.08
C LEU M 321 0.09 -38.05 20.46
N THR M 322 1.05 -38.12 19.52
CA THR M 322 2.20 -38.97 19.63
C THR M 322 3.54 -38.18 19.48
N PRO M 323 4.56 -38.42 20.36
CA PRO M 323 5.97 -37.92 20.06
C PRO M 323 6.64 -38.59 18.91
N LEU M 324 6.99 -37.80 17.88
CA LEU M 324 7.48 -38.33 16.60
C LEU M 324 8.89 -37.83 16.24
N LEU M 325 9.58 -38.55 15.38
CA LEU M 325 10.72 -37.98 14.63
C LEU M 325 10.40 -38.15 13.18
N THR M 326 10.80 -37.17 12.38
CA THR M 326 10.65 -37.19 10.92
C THR M 326 11.97 -37.01 10.26
N HIS M 327 12.23 -37.81 9.22
CA HIS M 327 13.57 -37.93 8.66
C HIS M 327 13.54 -38.18 7.17
N PRO M 328 13.93 -37.18 6.36
CA PRO M 328 13.94 -37.36 4.96
C PRO M 328 15.26 -37.93 4.49
N ASP M 329 15.25 -39.17 4.09
CA ASP M 329 16.48 -39.89 3.79
C ASP M 329 16.97 -39.66 2.39
N ARG M 330 18.29 -39.84 2.17
CA ARG M 330 18.82 -39.84 0.85
C ARG M 330 18.11 -40.80 -0.09
N ASN M 331 17.53 -41.85 0.46
CA ASN M 331 16.90 -42.87 -0.39
C ASN M 331 15.53 -42.44 -0.93
N GLY M 332 15.09 -41.24 -0.58
CA GLY M 332 13.92 -40.68 -1.23
C GLY M 332 12.66 -40.96 -0.47
N LEU M 333 12.77 -41.61 0.69
CA LEU M 333 11.63 -41.82 1.57
C LEU M 333 11.70 -40.90 2.70
N VAL M 334 10.56 -40.41 3.13
CA VAL M 334 10.45 -39.65 4.34
C VAL M 334 9.90 -40.57 5.46
N TYR M 335 10.69 -40.83 6.48
CA TYR M 335 10.33 -41.63 7.62
C TYR M 335 9.80 -40.87 8.79
N THR M 336 8.69 -41.32 9.31
CA THR M 336 8.20 -40.89 10.55
C THR M 336 8.10 -42.08 11.47
N LEU M 337 8.71 -41.94 12.66
CA LEU M 337 8.73 -42.95 13.69
C LEU M 337 8.22 -42.38 15.02
N ASN M 338 7.62 -43.23 15.82
CA ASN M 338 7.35 -42.86 17.22
C ASN M 338 8.75 -42.81 17.84
N ARG M 339 9.08 -41.70 18.49
CA ARG M 339 10.48 -41.52 18.89
C ARG M 339 10.74 -42.13 20.26
N GLU M 340 9.69 -42.62 20.96
CA GLU M 340 9.83 -43.33 22.20
C GLU M 340 10.02 -44.82 21.95
N THR M 341 9.20 -45.42 21.09
CA THR M 341 9.28 -46.85 20.82
C THR M 341 10.08 -47.24 19.57
N GLY M 342 10.28 -46.28 18.67
CA GLY M 342 10.81 -46.59 17.36
C GLY M 342 9.86 -47.15 16.32
N ALA M 343 8.58 -47.20 16.68
CA ALA M 343 7.57 -47.83 15.78
C ALA M 343 7.45 -46.98 14.54
N LEU M 344 7.44 -47.63 13.39
CA LEU M 344 7.30 -46.98 12.08
C LEU M 344 5.87 -46.43 11.94
N VAL M 345 5.68 -45.15 11.65
CA VAL M 345 4.36 -44.56 11.50
C VAL M 345 4.11 -44.41 9.98
N ASN M 346 5.05 -43.84 9.22
CA ASN M 346 4.89 -43.80 7.79
C ASN M 346 6.23 -43.72 7.18
N ALA M 347 6.28 -44.06 5.92
CA ALA M 347 7.50 -43.96 5.10
C ALA M 347 7.07 -43.75 3.72
N PHE M 348 7.04 -42.52 3.22
CA PHE M 348 6.45 -42.22 1.94
C PHE M 348 7.49 -41.60 1.00
N LYS M 349 7.28 -41.73 -0.29
CA LYS M 349 8.23 -41.19 -1.30
C LYS M 349 8.16 -39.66 -1.34
N ILE M 350 9.30 -39.01 -1.21
CA ILE M 350 9.34 -37.57 -1.26
C ILE M 350 9.01 -37.05 -2.64
N ASP M 351 9.19 -37.90 -3.65
CA ASP M 351 8.78 -37.67 -5.02
C ASP M 351 8.39 -39.02 -5.59
N ASP M 352 7.34 -39.07 -6.41
CA ASP M 352 6.86 -40.39 -6.94
C ASP M 352 7.89 -41.04 -7.86
N THR M 353 8.96 -40.37 -8.29
CA THR M 353 9.90 -40.97 -9.24
C THR M 353 10.89 -41.94 -8.63
N VAL M 354 10.95 -41.99 -7.29
CA VAL M 354 11.79 -42.94 -6.51
C VAL M 354 11.54 -44.33 -7.05
N ASN M 355 12.60 -45.05 -7.44
CA ASN M 355 12.35 -46.37 -8.09
C ASN M 355 13.17 -47.60 -7.61
N TRP M 356 14.14 -47.40 -6.73
CA TRP M 356 14.90 -48.54 -6.20
C TRP M 356 14.00 -49.40 -5.30
N VAL M 357 12.97 -48.77 -4.73
CA VAL M 357 12.01 -49.36 -3.85
C VAL M 357 10.59 -49.14 -4.45
N LYS M 358 9.73 -50.16 -4.40
CA LYS M 358 8.32 -50.06 -4.74
C LYS M 358 7.55 -49.33 -3.69
N LYS M 359 7.64 -49.80 -2.47
CA LYS M 359 7.05 -49.18 -1.27
C LYS M 359 7.67 -49.84 -0.07
N VAL M 360 7.54 -49.21 1.08
CA VAL M 360 7.97 -49.77 2.32
C VAL M 360 6.70 -50.43 2.91
N ASP M 361 6.84 -51.67 3.29
CA ASP M 361 5.75 -52.36 3.96
C ASP M 361 5.75 -51.89 5.34
N LEU M 362 4.73 -51.15 5.74
CA LEU M 362 4.78 -50.53 7.05
C LEU M 362 4.70 -51.56 8.20
N LYS M 363 4.05 -52.69 7.94
CA LYS M 363 3.92 -53.76 8.96
C LYS M 363 5.26 -54.45 9.28
N THR M 364 5.94 -54.84 8.24
CA THR M 364 7.22 -55.56 8.35
C THR M 364 8.39 -54.62 8.46
N GLY M 365 8.20 -53.36 8.02
CA GLY M 365 9.28 -52.37 8.04
C GLY M 365 10.28 -52.44 6.91
N LEU M 366 10.04 -53.33 5.97
CA LEU M 366 10.95 -53.62 4.94
C LEU M 366 10.65 -52.89 3.62
N PRO M 367 11.66 -52.30 2.99
CA PRO M 367 11.47 -51.77 1.62
C PRO M 367 11.44 -52.92 0.65
N ILE M 368 10.39 -52.94 -0.14
CA ILE M 368 10.20 -53.92 -1.20
C ILE M 368 10.97 -53.40 -2.37
N ARG M 369 12.06 -54.11 -2.67
CA ARG M 369 13.03 -53.61 -3.64
C ARG M 369 12.58 -53.98 -4.99
N ASP M 370 12.94 -53.15 -5.96
CA ASP M 370 12.73 -53.37 -7.37
C ASP M 370 14.03 -53.77 -8.01
N PRO M 371 14.14 -55.07 -8.46
CA PRO M 371 15.43 -55.54 -8.96
C PRO M 371 15.85 -54.86 -10.21
N GLU M 372 14.90 -54.27 -10.94
CA GLU M 372 15.28 -53.59 -12.18
C GLU M 372 16.21 -52.36 -11.87
N TYR M 373 16.22 -51.87 -10.63
CA TYR M 373 16.99 -50.69 -10.25
C TYR M 373 18.03 -50.98 -9.16
N SER M 374 18.44 -52.26 -9.08
CA SER M 374 19.52 -52.72 -8.20
C SER M 374 20.82 -52.42 -8.83
N THR M 375 21.88 -52.55 -8.07
CA THR M 375 23.18 -52.44 -8.63
C THR M 375 23.90 -53.78 -8.30
N ARG M 376 24.90 -54.07 -9.13
CA ARG M 376 25.61 -55.36 -9.00
C ARG M 376 26.76 -55.41 -9.94
N MET M 377 27.76 -56.23 -9.59
CA MET M 377 28.94 -56.36 -10.47
C MET M 377 28.59 -56.79 -11.89
N ASP M 378 29.39 -56.33 -12.85
CA ASP M 378 29.30 -56.67 -14.26
C ASP M 378 27.97 -56.26 -14.86
N HIS M 379 27.42 -55.14 -14.39
CA HIS M 379 26.16 -54.63 -14.89
C HIS M 379 26.22 -53.11 -14.73
N ASN M 380 25.96 -52.35 -15.80
CA ASN M 380 25.76 -50.92 -15.68
C ASN M 380 24.25 -50.66 -15.56
N ALA M 381 23.82 -50.37 -14.32
CA ALA M 381 22.43 -50.14 -13.94
C ALA M 381 22.02 -48.72 -14.35
N LYS M 382 21.00 -48.58 -15.15
CA LYS M 382 20.57 -47.30 -15.66
C LYS M 382 19.26 -46.75 -15.04
N GLY M 383 19.23 -45.42 -14.83
CA GLY M 383 18.04 -44.70 -14.45
C GLY M 383 17.49 -44.93 -13.07
N ILE M 384 18.37 -45.09 -12.12
CA ILE M 384 18.00 -45.32 -10.76
C ILE M 384 17.70 -43.96 -10.12
N CYS M 385 16.62 -43.86 -9.38
CA CYS M 385 16.23 -42.64 -8.66
C CYS M 385 15.97 -43.01 -7.21
N PRO M 386 16.55 -42.32 -6.23
CA PRO M 386 17.45 -41.20 -6.43
C PRO M 386 18.86 -41.65 -6.88
N SER M 387 19.66 -40.71 -7.35
CA SER M 387 21.11 -40.91 -7.29
C SER M 387 21.65 -40.96 -5.88
N ALA M 388 22.96 -41.27 -5.78
CA ALA M 388 23.63 -41.39 -4.52
C ALA M 388 23.61 -39.99 -3.78
N MET M 389 23.48 -38.92 -4.55
CA MET M 389 23.34 -37.53 -3.92
C MET M 389 22.05 -37.40 -3.14
N GLY M 390 21.08 -38.28 -3.45
CA GLY M 390 19.83 -38.41 -2.73
C GLY M 390 18.79 -37.48 -3.33
N TYR M 391 17.53 -37.71 -3.01
CA TYR M 391 16.48 -36.71 -3.23
C TYR M 391 16.42 -35.79 -2.03
N HIS M 392 17.17 -36.13 -0.99
CA HIS M 392 17.43 -35.20 0.08
C HIS M 392 18.84 -35.43 0.61
N ASN M 393 19.58 -34.35 0.94
CA ASN M 393 20.98 -34.52 1.40
C ASN M 393 21.11 -33.82 2.77
N GLN M 394 22.19 -33.15 3.03
CA GLN M 394 22.58 -32.69 4.38
C GLN M 394 21.83 -31.46 4.91
N GLY M 395 20.93 -30.88 4.13
CA GLY M 395 20.21 -29.68 4.59
C GLY M 395 19.31 -29.94 5.79
N ILE M 396 19.38 -29.09 6.81
CA ILE M 396 18.48 -29.13 7.95
C ILE M 396 17.15 -28.44 7.54
N GLU M 397 16.06 -29.18 7.64
CA GLU M 397 14.74 -28.62 7.23
C GLU M 397 13.94 -28.09 8.39
N SER M 398 12.70 -27.68 8.11
CA SER M 398 11.97 -26.88 9.01
C SER M 398 10.52 -27.37 9.15
N TYR M 399 9.94 -27.03 10.30
CA TYR M 399 8.60 -27.46 10.71
C TYR M 399 7.81 -26.31 11.36
N ASP M 400 6.62 -26.04 10.80
CA ASP M 400 5.70 -25.01 11.32
C ASP M 400 4.66 -25.85 12.10
N PRO M 401 4.64 -25.69 13.39
CA PRO M 401 3.82 -26.56 14.25
C PRO M 401 2.36 -26.16 14.20
N ASP M 402 2.02 -24.99 13.68
CA ASP M 402 0.61 -24.59 13.57
C ASP M 402 0.07 -25.19 12.32
N LYS M 403 0.85 -25.23 11.23
CA LYS M 403 0.39 -25.79 9.97
C LYS M 403 0.59 -27.29 9.92
N LYS M 404 1.46 -27.81 10.81
CA LYS M 404 1.93 -29.21 10.82
C LYS M 404 2.50 -29.58 9.47
N LEU M 405 3.37 -28.69 8.95
CA LEU M 405 4.01 -28.90 7.69
C LEU M 405 5.55 -28.84 7.90
N PHE M 406 6.24 -29.79 7.30
CA PHE M 406 7.67 -29.68 7.08
C PHE M 406 7.91 -29.04 5.73
N PHE M 407 8.91 -28.16 5.67
CA PHE M 407 9.34 -27.50 4.42
C PHE M 407 10.72 -28.02 4.06
N MET M 408 10.89 -28.49 2.83
CA MET M 408 12.13 -29.15 2.44
C MET M 408 12.63 -28.71 1.11
N GLY M 409 13.93 -28.51 1.06
CA GLY M 409 14.69 -28.39 -0.19
C GLY M 409 15.01 -29.80 -0.67
N VAL M 410 14.66 -30.10 -1.91
CA VAL M 410 14.67 -31.44 -2.43
C VAL M 410 15.57 -31.43 -3.62
N ASN M 411 16.22 -32.56 -3.83
CA ASN M 411 17.03 -32.79 -5.07
C ASN M 411 16.23 -33.70 -6.06
N HIS M 412 16.45 -33.52 -7.35
CA HIS M 412 15.81 -34.36 -8.38
C HIS M 412 16.87 -34.85 -9.34
N ILE M 413 17.65 -35.85 -8.87
CA ILE M 413 18.85 -36.32 -9.55
C ILE M 413 18.77 -37.84 -9.64
N CYS M 414 19.06 -38.39 -10.79
CA CYS M 414 18.98 -39.82 -11.08
C CYS M 414 20.40 -40.24 -11.57
N MET M 415 20.70 -41.54 -11.68
CA MET M 415 22.07 -41.98 -12.04
C MET M 415 22.07 -43.30 -12.79
N ASP M 416 23.19 -43.49 -13.47
CA ASP M 416 23.65 -44.81 -13.92
C ASP M 416 24.80 -45.21 -12.97
N TRP M 417 25.01 -46.52 -12.71
CA TRP M 417 25.98 -46.97 -11.74
C TRP M 417 26.52 -48.33 -12.17
N GLU M 418 27.84 -48.42 -12.27
CA GLU M 418 28.52 -49.76 -12.45
C GLU M 418 29.60 -49.92 -11.43
N PRO M 419 29.53 -50.98 -10.63
CA PRO M 419 30.64 -51.20 -9.71
C PRO M 419 31.89 -51.82 -10.36
N PHE M 420 32.98 -51.84 -9.58
CA PHE M 420 34.27 -52.45 -9.95
C PHE M 420 35.02 -52.91 -8.70
N MET M 421 35.83 -53.97 -8.89
CA MET M 421 36.50 -54.61 -7.76
C MET M 421 37.66 -53.75 -7.40
N LEU M 422 38.01 -53.73 -6.13
CA LEU M 422 39.15 -52.96 -5.65
C LEU M 422 39.63 -53.46 -4.28
N PRO M 423 40.95 -53.28 -4.02
CA PRO M 423 41.48 -53.60 -2.72
C PRO M 423 41.21 -52.52 -1.72
N TYR M 424 41.05 -52.89 -0.45
CA TYR M 424 41.07 -51.95 0.66
C TYR M 424 42.53 -51.64 1.12
N ARG M 425 42.90 -50.36 1.17
CA ARG M 425 44.24 -49.89 1.73
C ARG M 425 43.95 -48.73 2.63
N ALA M 426 44.32 -48.85 3.86
CA ALA M 426 43.99 -47.83 4.82
C ALA M 426 44.58 -46.48 4.35
N GLY M 427 43.74 -45.43 4.31
CA GLY M 427 44.17 -44.12 3.93
C GLY M 427 43.91 -43.85 2.45
N GLN M 428 43.40 -44.86 1.72
CA GLN M 428 43.09 -44.74 0.30
C GLN M 428 41.55 -44.87 0.13
N PHE M 429 41.05 -44.31 -0.95
CA PHE M 429 39.63 -44.36 -1.27
C PHE M 429 39.20 -45.82 -1.50
N PHE M 430 38.00 -46.13 -1.06
CA PHE M 430 37.47 -47.46 -1.15
C PHE M 430 36.04 -47.34 -1.65
N VAL M 431 35.89 -46.82 -2.85
CA VAL M 431 34.56 -46.58 -3.43
C VAL M 431 34.07 -47.80 -4.28
N GLY M 432 34.63 -47.94 -5.49
CA GLY M 432 34.37 -49.13 -6.29
C GLY M 432 33.10 -49.04 -7.13
N ALA M 433 32.77 -47.84 -7.58
CA ALA M 433 31.64 -47.67 -8.54
C ALA M 433 31.87 -46.46 -9.38
N THR M 434 31.42 -46.51 -10.60
CA THR M 434 31.50 -45.41 -11.54
C THR M 434 30.07 -44.96 -11.80
N LEU M 435 29.83 -43.65 -11.63
CA LEU M 435 28.47 -43.09 -11.72
C LEU M 435 28.38 -42.05 -12.79
N ASN M 436 27.21 -41.92 -13.40
CA ASN M 436 26.89 -40.76 -14.18
C ASN M 436 25.59 -40.22 -13.61
N MET M 437 25.46 -38.90 -13.42
CA MET M 437 24.23 -38.37 -12.79
C MET M 437 23.59 -37.36 -13.73
N TYR M 438 22.26 -37.18 -13.58
CA TYR M 438 21.51 -36.32 -14.48
C TYR M 438 20.15 -35.99 -13.84
N PRO M 439 19.40 -35.02 -14.39
CA PRO M 439 18.12 -34.68 -13.78
C PRO M 439 17.19 -35.88 -13.81
N GLY M 440 16.34 -35.99 -12.81
CA GLY M 440 15.31 -36.96 -12.83
C GLY M 440 14.23 -36.63 -13.89
N PRO M 441 13.24 -37.45 -13.99
CA PRO M 441 12.25 -37.47 -15.06
C PRO M 441 11.44 -36.18 -15.18
N LYS M 442 11.23 -35.47 -14.09
CA LYS M 442 10.64 -34.10 -14.16
C LYS M 442 11.48 -33.04 -14.85
N GLY M 443 12.79 -33.25 -15.00
CA GLY M 443 13.56 -32.40 -15.88
C GLY M 443 14.46 -31.36 -15.19
N MET M 444 14.14 -30.99 -13.97
CA MET M 444 14.95 -29.98 -13.28
C MET M 444 15.70 -30.68 -12.18
N LEU M 445 16.69 -30.01 -11.61
CA LEU M 445 17.47 -30.59 -10.53
C LEU M 445 17.02 -30.41 -9.09
N GLY M 446 16.07 -29.49 -8.83
CA GLY M 446 15.61 -29.27 -7.45
C GLY M 446 14.15 -29.01 -7.35
N GLN M 447 13.65 -29.07 -6.12
CA GLN M 447 12.28 -28.74 -5.77
C GLN M 447 12.25 -28.15 -4.37
N VAL M 448 11.24 -27.41 -4.05
CA VAL M 448 10.90 -27.11 -2.67
C VAL M 448 9.47 -27.60 -2.42
N LYS M 449 9.28 -28.29 -1.31
CA LYS M 449 8.00 -28.98 -1.06
C LYS M 449 7.58 -28.74 0.36
N ALA M 450 6.29 -28.66 0.60
CA ALA M 450 5.78 -28.57 1.94
C ALA M 450 4.90 -29.79 2.14
N MET M 451 5.01 -30.47 3.28
CA MET M 451 4.36 -31.74 3.41
C MET M 451 3.96 -32.06 4.82
N ASN M 452 2.86 -32.83 4.97
CA ASN M 452 2.53 -33.41 6.23
C ASN M 452 3.25 -34.75 6.37
N ALA M 453 3.96 -34.90 7.47
CA ALA M 453 4.82 -36.09 7.69
C ALA M 453 4.07 -37.37 8.08
N VAL M 454 2.89 -37.21 8.62
CA VAL M 454 2.07 -38.37 9.03
C VAL M 454 1.32 -38.91 7.81
N THR M 455 0.70 -38.04 7.03
CA THR M 455 -0.13 -38.44 5.94
C THR M 455 0.61 -38.51 4.63
N GLY M 456 1.74 -37.86 4.49
CA GLY M 456 2.40 -37.72 3.20
C GLY M 456 1.80 -36.71 2.25
N LYS M 457 0.80 -35.96 2.66
CA LYS M 457 0.14 -35.03 1.75
C LYS M 457 1.02 -33.76 1.51
N MET M 458 1.31 -33.49 0.26
CA MET M 458 2.09 -32.32 -0.13
C MET M 458 1.14 -31.15 -0.27
N GLU M 459 1.36 -30.12 0.53
CA GLU M 459 0.56 -28.91 0.47
C GLU M 459 0.89 -28.08 -0.76
N TRP M 460 2.18 -28.07 -1.13
CA TRP M 460 2.58 -27.53 -2.37
C TRP M 460 3.97 -28.02 -2.74
N GLU M 461 4.30 -27.87 -4.00
CA GLU M 461 5.56 -28.27 -4.56
C GLU M 461 5.90 -27.33 -5.68
N VAL M 462 7.16 -26.89 -5.73
CA VAL M 462 7.61 -25.95 -6.77
C VAL M 462 8.96 -26.41 -7.28
N PRO M 463 9.27 -26.17 -8.56
CA PRO M 463 10.58 -26.56 -9.09
C PRO M 463 11.69 -25.53 -8.85
N GLU M 464 12.95 -25.99 -8.80
CA GLU M 464 14.14 -25.14 -8.68
C GLU M 464 15.15 -25.57 -9.77
N LYS M 465 15.84 -24.61 -10.36
CA LYS M 465 16.83 -24.94 -11.44
C LYS M 465 17.87 -25.95 -10.95
N PHE M 466 18.38 -25.75 -9.71
CA PHE M 466 19.36 -26.65 -9.14
C PHE M 466 18.81 -27.30 -7.86
N ALA M 467 19.43 -28.40 -7.45
CA ALA M 467 19.14 -29.06 -6.16
C ALA M 467 19.22 -28.05 -5.03
N VAL M 468 18.26 -28.06 -4.09
CA VAL M 468 18.27 -27.16 -3.01
C VAL M 468 18.94 -27.94 -1.90
N TRP M 469 20.14 -27.54 -1.57
CA TRP M 469 21.08 -28.40 -0.76
C TRP M 469 21.18 -27.99 0.70
N GLY M 470 21.00 -26.70 0.97
CA GLY M 470 21.32 -26.09 2.20
C GLY M 470 20.32 -26.11 3.33
N GLY M 471 19.12 -26.58 3.06
CA GLY M 471 18.11 -26.64 4.06
C GLY M 471 17.29 -25.32 4.15
N THR M 472 16.40 -25.22 5.17
CA THR M 472 15.39 -24.18 5.21
C THR M 472 15.18 -23.66 6.61
N LEU M 473 14.68 -22.45 6.63
CA LEU M 473 14.27 -21.76 7.86
C LEU M 473 12.79 -21.38 7.62
N ALA M 474 11.94 -21.70 8.56
CA ALA M 474 10.55 -21.31 8.49
C ALA M 474 10.19 -20.38 9.62
N THR M 475 9.26 -19.49 9.34
CA THR M 475 8.87 -18.53 10.36
C THR M 475 7.34 -18.33 10.46
N ALA M 476 6.94 -17.82 11.62
CA ALA M 476 5.57 -17.45 11.88
C ALA M 476 5.12 -16.19 11.12
N GLY M 477 6.00 -15.54 10.37
CA GLY M 477 5.58 -14.61 9.32
C GLY M 477 5.09 -15.25 8.01
N ASP M 478 4.83 -16.56 8.03
CA ASP M 478 4.32 -17.35 6.90
C ASP M 478 5.34 -17.43 5.76
N LEU M 479 6.61 -17.63 6.14
CA LEU M 479 7.70 -17.62 5.18
C LEU M 479 8.61 -18.79 5.42
N VAL M 480 9.12 -19.31 4.32
CA VAL M 480 10.23 -20.25 4.37
C VAL M 480 11.38 -19.62 3.51
N PHE M 481 12.58 -19.57 4.11
CA PHE M 481 13.72 -18.98 3.50
C PHE M 481 14.70 -20.16 3.14
N TYR M 482 15.40 -20.01 2.03
CA TYR M 482 16.48 -20.95 1.68
C TYR M 482 17.40 -20.32 0.67
N GLY M 483 18.61 -20.86 0.59
CA GLY M 483 19.54 -20.47 -0.43
C GLY M 483 19.61 -21.47 -1.54
N THR M 484 20.05 -21.04 -2.72
CA THR M 484 20.15 -21.92 -3.87
C THR M 484 21.60 -22.05 -4.32
N LEU M 485 21.91 -23.16 -5.03
CA LEU M 485 23.25 -23.38 -5.54
C LEU M 485 23.71 -22.36 -6.53
N ASP M 486 22.79 -21.74 -7.27
CA ASP M 486 23.11 -20.72 -8.27
C ASP M 486 23.26 -19.28 -7.65
N GLY M 487 23.14 -19.16 -6.33
CA GLY M 487 23.48 -17.92 -5.66
C GLY M 487 22.35 -16.97 -5.30
N PHE M 488 21.19 -17.53 -4.94
CA PHE M 488 20.14 -16.74 -4.40
C PHE M 488 19.78 -17.13 -2.95
N ILE M 489 19.32 -16.15 -2.16
CA ILE M 489 18.51 -16.41 -1.01
C ILE M 489 17.05 -16.06 -1.44
N LYS M 490 16.14 -16.95 -1.14
CA LYS M 490 14.72 -16.76 -1.55
C LYS M 490 13.81 -16.97 -0.40
N ALA M 491 12.60 -16.35 -0.45
CA ALA M 491 11.64 -16.55 0.60
C ALA M 491 10.30 -16.87 -0.12
N ARG M 492 9.67 -17.94 0.32
CA ARG M 492 8.35 -18.36 -0.24
C ARG M 492 7.31 -18.27 0.85
N ASP M 493 6.07 -18.01 0.43
CA ASP M 493 4.93 -18.08 1.35
C ASP M 493 4.67 -19.55 1.74
N THR M 494 4.70 -19.84 2.96
CA THR M 494 4.55 -21.25 3.41
C THR M 494 3.07 -21.76 3.26
N ARG M 495 2.12 -21.02 2.92
CA ARG M 495 0.76 -21.54 2.59
C ARG M 495 0.69 -22.04 1.17
N THR M 496 1.47 -21.46 0.29
CA THR M 496 1.29 -21.65 -1.19
C THR M 496 2.56 -21.96 -1.96
N GLY M 497 3.74 -21.74 -1.37
CA GLY M 497 5.01 -21.82 -2.15
C GLY M 497 5.29 -20.58 -2.98
N GLU M 498 4.40 -19.56 -2.98
CA GLU M 498 4.58 -18.41 -3.93
C GLU M 498 5.90 -17.70 -3.58
N LEU M 499 6.71 -17.37 -4.57
CA LEU M 499 7.98 -16.70 -4.28
C LEU M 499 7.69 -15.26 -3.94
N LYS M 500 8.11 -14.77 -2.79
CA LYS M 500 7.87 -13.40 -2.34
C LYS M 500 9.08 -12.51 -2.36
N TRP M 501 10.28 -13.07 -2.39
CA TRP M 501 11.48 -12.25 -2.35
C TRP M 501 12.64 -13.10 -2.79
N GLN M 502 13.58 -12.43 -3.43
CA GLN M 502 14.87 -13.06 -3.66
C GLN M 502 15.97 -12.04 -3.75
N PHE M 503 17.19 -12.47 -3.46
CA PHE M 503 18.35 -11.57 -3.54
C PHE M 503 19.55 -12.40 -4.10
N GLN M 504 20.30 -11.77 -4.98
CA GLN M 504 21.47 -12.32 -5.61
C GLN M 504 22.72 -12.13 -4.71
N LEU M 505 23.07 -13.20 -4.07
CA LEU M 505 24.27 -13.34 -3.24
C LEU M 505 25.48 -13.56 -4.16
N PRO M 506 26.71 -13.44 -3.60
CA PRO M 506 27.87 -13.56 -4.46
C PRO M 506 28.05 -14.93 -5.04
N SER M 507 27.81 -15.93 -4.19
CA SER M 507 28.09 -17.29 -4.49
C SER M 507 26.89 -18.15 -4.10
N GLY M 508 26.81 -19.32 -4.73
CA GLY M 508 25.90 -20.36 -4.31
C GLY M 508 25.93 -20.65 -2.82
N VAL M 509 24.80 -21.19 -2.32
CA VAL M 509 24.55 -21.42 -0.93
C VAL M 509 24.38 -22.96 -0.70
N ILE M 510 25.12 -23.44 0.29
CA ILE M 510 25.04 -24.87 0.74
C ILE M 510 24.72 -25.07 2.19
N GLY M 511 24.52 -23.96 2.91
CA GLY M 511 24.14 -23.98 4.32
C GLY M 511 22.73 -23.39 4.48
N HIS M 512 22.27 -23.20 5.72
CA HIS M 512 20.85 -22.79 5.97
C HIS M 512 20.83 -21.37 6.42
N PRO M 513 19.69 -20.67 6.26
CA PRO M 513 19.56 -19.37 6.83
C PRO M 513 19.27 -19.47 8.33
N ILE M 514 19.61 -18.44 9.05
CA ILE M 514 19.22 -18.29 10.46
C ILE M 514 18.49 -16.93 10.64
N THR M 515 17.75 -16.81 11.73
CA THR M 515 17.17 -15.56 12.13
C THR M 515 17.35 -15.37 13.63
N TYR M 516 17.43 -14.12 14.06
CA TYR M 516 17.56 -13.77 15.43
C TYR M 516 17.14 -12.32 15.58
N GLN M 517 16.93 -11.91 16.80
CA GLN M 517 16.66 -10.53 17.07
C GLN M 517 17.87 -9.90 17.75
N HIS M 518 18.24 -8.67 17.37
CA HIS M 518 19.28 -7.93 18.04
C HIS M 518 18.87 -6.43 18.15
N ASN M 519 18.87 -5.95 19.40
CA ASN M 519 18.40 -4.58 19.70
C ASN M 519 17.02 -4.31 19.08
N GLY M 520 16.18 -5.32 19.23
CA GLY M 520 14.74 -5.18 18.94
C GLY M 520 14.32 -5.43 17.54
N LYS M 521 15.28 -5.72 16.65
CA LYS M 521 15.04 -5.87 15.22
C LYS M 521 15.38 -7.31 14.78
N GLN M 522 14.62 -7.82 13.82
CA GLN M 522 14.83 -9.16 13.32
C GLN M 522 15.79 -9.07 12.16
N TYR M 523 16.75 -9.98 12.15
CA TYR M 523 17.73 -10.14 11.10
C TYR M 523 17.67 -11.57 10.56
N ILE M 524 18.00 -11.73 9.28
CA ILE M 524 18.17 -13.04 8.63
C ILE M 524 19.65 -13.11 8.19
N ALA M 525 20.33 -14.18 8.51
CA ALA M 525 21.74 -14.32 8.08
C ALA M 525 21.98 -15.61 7.36
N ILE M 526 23.00 -15.65 6.50
CA ILE M 526 23.25 -16.86 5.70
C ILE M 526 24.72 -16.81 5.20
N TYR M 527 25.36 -17.96 5.09
CA TYR M 527 26.56 -18.06 4.34
C TYR M 527 26.34 -18.09 2.86
N SER M 528 27.24 -17.44 2.11
CA SER M 528 27.37 -17.60 0.67
C SER M 528 28.80 -18.16 0.37
N GLY M 529 28.84 -19.29 -0.35
CA GLY M 529 30.11 -19.90 -0.75
C GLY M 529 29.85 -21.31 -1.18
N VAL M 530 29.79 -21.51 -2.47
CA VAL M 530 29.38 -22.75 -3.05
C VAL M 530 30.52 -23.78 -2.95
N GLY M 531 30.13 -25.04 -2.88
CA GLY M 531 31.07 -26.20 -2.88
C GLY M 531 30.29 -27.41 -2.43
N GLY M 532 30.87 -28.20 -1.52
CA GLY M 532 30.27 -29.49 -1.15
C GLY M 532 30.20 -30.35 -2.34
N TRP M 533 29.37 -31.37 -2.28
CA TRP M 533 29.33 -32.30 -3.41
C TRP M 533 28.89 -31.70 -4.76
N PRO M 534 27.75 -30.93 -4.78
CA PRO M 534 27.33 -30.34 -6.04
C PRO M 534 28.36 -29.40 -6.70
N GLY M 535 29.13 -28.71 -5.87
CA GLY M 535 30.14 -27.81 -6.26
C GLY M 535 31.49 -28.42 -6.65
N VAL M 536 31.66 -29.73 -6.51
CA VAL M 536 33.03 -30.27 -6.65
C VAL M 536 33.68 -29.94 -7.94
N GLY M 537 32.90 -29.95 -9.02
CA GLY M 537 33.37 -29.65 -10.32
C GLY M 537 33.95 -28.28 -10.44
N LEU M 538 33.23 -27.31 -9.90
CA LEU M 538 33.70 -25.99 -10.07
C LEU M 538 34.82 -25.65 -9.06
N VAL M 539 34.78 -26.24 -7.88
CA VAL M 539 35.83 -26.01 -6.87
C VAL M 539 37.16 -26.58 -7.31
N PHE M 540 37.14 -27.74 -7.95
CA PHE M 540 38.36 -28.46 -8.31
C PHE M 540 38.69 -28.43 -9.81
N ASP M 541 37.92 -27.66 -10.59
CA ASP M 541 38.04 -27.54 -12.04
C ASP M 541 38.03 -28.89 -12.75
N LEU M 542 37.03 -29.70 -12.44
CA LEU M 542 36.96 -31.05 -13.01
C LEU M 542 36.08 -31.01 -14.20
N LYS M 543 36.36 -31.85 -15.20
CA LYS M 543 35.56 -31.88 -16.44
C LYS M 543 35.01 -33.26 -16.85
N ASP M 544 35.50 -34.35 -16.27
CA ASP M 544 35.02 -35.67 -16.65
C ASP M 544 33.66 -35.84 -15.96
N PRO M 545 32.62 -36.24 -16.70
CA PRO M 545 31.31 -36.26 -16.04
C PRO M 545 31.15 -37.28 -14.91
N THR M 546 32.01 -38.31 -14.87
CA THR M 546 31.96 -39.29 -13.80
C THR M 546 32.81 -38.90 -12.65
N ALA M 547 33.54 -37.79 -12.75
CA ALA M 547 34.38 -37.31 -11.65
C ALA M 547 33.49 -36.73 -10.57
N GLY M 548 34.03 -36.56 -9.38
CA GLY M 548 33.27 -36.05 -8.24
C GLY M 548 32.22 -37.05 -7.85
N LEU M 549 32.57 -38.34 -8.01
CA LEU M 549 31.63 -39.45 -7.78
C LEU M 549 30.33 -39.32 -8.56
N GLY M 550 30.42 -38.87 -9.81
CA GLY M 550 29.24 -38.72 -10.70
C GLY M 550 28.57 -37.34 -10.69
N ALA M 551 28.96 -36.48 -9.76
CA ALA M 551 28.36 -35.14 -9.66
C ALA M 551 28.80 -34.13 -10.70
N VAL M 552 29.98 -34.30 -11.29
CA VAL M 552 30.51 -33.26 -12.16
C VAL M 552 29.63 -33.17 -13.39
N GLY M 553 29.17 -34.28 -13.95
CA GLY M 553 28.32 -34.20 -15.10
C GLY M 553 26.97 -33.53 -14.83
N ALA M 554 26.34 -33.88 -13.71
CA ALA M 554 25.03 -33.36 -13.42
C ALA M 554 25.06 -31.84 -13.12
N PHE M 555 26.16 -31.35 -12.55
CA PHE M 555 26.24 -29.93 -12.13
C PHE M 555 27.11 -29.08 -13.02
N ARG M 556 27.34 -29.54 -14.25
CA ARG M 556 28.29 -28.90 -15.16
C ARG M 556 27.89 -27.46 -15.45
N GLU M 557 26.59 -27.18 -15.50
CA GLU M 557 26.11 -25.80 -15.79
C GLU M 557 26.28 -24.86 -14.59
N LEU M 558 26.55 -25.34 -13.39
CA LEU M 558 26.53 -24.48 -12.21
C LEU M 558 27.54 -23.37 -12.32
N ALA M 559 28.69 -23.69 -12.90
CA ALA M 559 29.78 -22.73 -13.12
C ALA M 559 29.44 -21.57 -14.12
N HIS M 560 28.31 -21.66 -14.83
CA HIS M 560 27.82 -20.54 -15.64
C HIS M 560 27.23 -19.46 -14.74
N TYR M 561 26.88 -19.85 -13.50
CA TYR M 561 26.12 -18.96 -12.61
C TYR M 561 26.94 -18.50 -11.44
N THR M 562 27.84 -19.32 -10.93
CA THR M 562 28.50 -18.98 -9.63
C THR M 562 29.94 -19.40 -9.69
N GLN M 563 30.77 -18.59 -9.05
CA GLN M 563 32.10 -18.97 -8.66
C GLN M 563 32.12 -19.27 -7.20
N MET M 564 33.27 -19.69 -6.69
CA MET M 564 33.45 -19.82 -5.24
C MET M 564 33.39 -18.48 -4.56
N GLY M 565 33.22 -18.53 -3.24
CA GLY M 565 33.16 -17.38 -2.38
C GLY M 565 33.16 -17.74 -0.96
N GLY M 566 32.97 -16.76 -0.10
CA GLY M 566 32.89 -17.05 1.32
C GLY M 566 32.55 -15.77 2.08
N SER M 567 31.29 -15.60 2.42
CA SER M 567 30.82 -14.39 3.05
C SER M 567 29.65 -14.72 3.92
N VAL M 568 29.36 -13.84 4.88
CA VAL M 568 28.14 -13.89 5.66
C VAL M 568 27.32 -12.66 5.26
N PHE M 569 26.07 -12.88 4.83
CA PHE M 569 25.12 -11.79 4.50
C PHE M 569 24.05 -11.71 5.56
N VAL M 570 23.79 -10.48 6.03
CA VAL M 570 22.81 -10.24 7.05
C VAL M 570 21.80 -9.21 6.56
N PHE M 571 20.49 -9.54 6.69
CA PHE M 571 19.40 -8.81 6.11
C PHE M 571 18.45 -8.33 7.20
N SER M 572 17.79 -7.16 7.00
CA SER M 572 16.74 -6.69 7.90
C SER M 572 15.81 -5.79 7.10
N LEU M 573 14.71 -5.44 7.72
CA LEU M 573 13.86 -4.37 7.23
C LEU M 573 14.44 -3.00 7.81
N TYR N 1 15.39 -61.15 -5.29
CA TYR N 1 15.89 -60.45 -4.05
C TYR N 1 15.10 -59.17 -3.97
N ASP N 2 13.98 -59.27 -3.28
CA ASP N 2 13.07 -58.16 -3.08
C ASP N 2 13.13 -57.66 -1.67
N GLY N 3 13.99 -58.27 -0.85
CA GLY N 3 14.25 -57.75 0.50
C GLY N 3 13.25 -58.20 1.53
N THR N 4 12.27 -59.03 1.15
CA THR N 4 11.17 -59.40 2.07
C THR N 4 11.24 -60.85 2.58
N HIS N 5 12.22 -61.63 2.14
CA HIS N 5 12.42 -63.06 2.58
C HIS N 5 13.48 -63.15 3.61
N CYS N 6 13.05 -63.29 4.86
CA CYS N 6 13.91 -63.13 6.01
C CYS N 6 14.31 -64.47 6.63
N LYS N 7 15.62 -64.71 6.67
CA LYS N 7 16.26 -65.82 7.36
C LYS N 7 16.11 -65.69 8.92
N ALA N 8 16.22 -64.48 9.44
CA ALA N 8 15.99 -64.25 10.90
C ALA N 8 15.49 -62.80 11.02
N PRO N 9 14.96 -62.40 12.19
CA PRO N 9 14.57 -61.01 12.35
C PRO N 9 15.76 -60.11 12.04
N GLY N 10 15.56 -59.19 11.10
CA GLY N 10 16.60 -58.23 10.78
C GLY N 10 17.63 -58.73 9.82
N ASN N 11 17.38 -59.90 9.19
CA ASN N 11 18.29 -60.48 8.23
C ASN N 11 17.56 -61.01 7.04
N CYS N 12 17.45 -60.21 5.95
CA CYS N 12 16.70 -60.62 4.78
C CYS N 12 17.47 -60.72 3.54
N TRP N 13 18.77 -60.51 3.57
CA TRP N 13 19.61 -60.54 2.36
C TRP N 13 19.61 -61.87 1.62
N GLU N 14 19.57 -61.81 0.30
CA GLU N 14 19.68 -62.94 -0.58
C GLU N 14 20.56 -62.51 -1.73
N PRO N 15 21.32 -63.47 -2.34
CA PRO N 15 22.05 -63.11 -3.55
C PRO N 15 21.10 -62.88 -4.69
N LYS N 16 21.53 -62.09 -5.64
CA LYS N 16 20.77 -61.83 -6.80
C LYS N 16 20.93 -63.04 -7.74
N PRO N 17 19.98 -63.22 -8.69
CA PRO N 17 20.05 -64.37 -9.57
C PRO N 17 21.39 -64.45 -10.23
N GLY N 18 22.05 -65.60 -10.09
CA GLY N 18 23.34 -65.84 -10.72
C GLY N 18 24.54 -65.42 -9.90
N TYR N 19 24.31 -65.00 -8.66
CA TYR N 19 25.36 -64.51 -7.82
C TYR N 19 25.55 -65.45 -6.68
N PRO N 20 26.71 -65.44 -6.03
CA PRO N 20 26.98 -66.41 -4.93
C PRO N 20 26.43 -66.10 -3.56
N ASP N 21 26.24 -67.17 -2.77
CA ASP N 21 25.82 -67.03 -1.38
C ASP N 21 26.93 -66.45 -0.52
N LYS N 22 28.18 -66.80 -0.86
CA LYS N 22 29.34 -66.35 -0.13
C LYS N 22 30.28 -65.89 -1.19
N VAL N 23 30.97 -64.78 -0.94
CA VAL N 23 31.91 -64.29 -1.95
C VAL N 23 33.31 -64.93 -1.81
N ALA N 24 33.67 -65.37 -0.60
CA ALA N 24 34.95 -66.09 -0.37
C ALA N 24 35.05 -67.29 -1.36
N GLY N 25 36.12 -67.27 -2.14
CA GLY N 25 36.36 -68.24 -3.21
C GLY N 25 35.58 -68.02 -4.50
N SER N 26 34.78 -66.96 -4.60
CA SER N 26 34.04 -66.64 -5.82
C SER N 26 34.88 -65.69 -6.67
N LYS N 27 34.47 -65.44 -7.91
CA LYS N 27 35.12 -64.42 -8.69
C LYS N 27 35.00 -62.97 -8.10
N TYR N 28 34.08 -62.76 -7.16
CA TYR N 28 33.92 -61.48 -6.47
C TYR N 28 34.55 -61.42 -5.09
N ASP N 29 35.51 -62.31 -4.82
CA ASP N 29 36.13 -62.41 -3.49
C ASP N 29 36.85 -61.09 -3.19
N PRO N 30 36.46 -60.38 -2.09
CA PRO N 30 37.17 -59.14 -1.79
C PRO N 30 38.67 -59.38 -1.33
N LYS N 31 39.01 -60.59 -0.91
CA LYS N 31 40.43 -60.97 -0.65
C LYS N 31 41.10 -59.94 0.25
N HIS N 32 40.46 -59.53 1.34
CA HIS N 32 41.03 -58.44 2.14
C HIS N 32 42.20 -58.94 2.98
N ASP N 33 43.21 -58.11 3.12
CA ASP N 33 44.35 -58.38 4.00
C ASP N 33 44.00 -58.15 5.47
N PRO N 34 44.08 -59.21 6.33
CA PRO N 34 43.61 -58.99 7.71
C PRO N 34 44.38 -57.92 8.48
N ASN N 35 45.66 -57.74 8.17
CA ASN N 35 46.43 -56.69 8.80
C ASN N 35 45.94 -55.28 8.40
N GLU N 36 45.60 -55.07 7.13
CA GLU N 36 44.95 -53.80 6.70
C GLU N 36 43.69 -53.53 7.44
N LEU N 37 42.80 -54.54 7.46
CA LEU N 37 41.53 -54.48 8.17
C LEU N 37 41.67 -54.06 9.61
N ASN N 38 42.76 -54.45 10.28
CA ASN N 38 42.91 -54.07 11.65
C ASN N 38 43.47 -52.71 11.95
N LYS N 39 44.00 -52.03 11.00
CA LYS N 39 44.66 -50.74 11.25
C LYS N 39 43.83 -49.65 11.93
N GLN N 40 42.54 -49.50 11.60
CA GLN N 40 41.75 -48.37 12.15
C GLN N 40 41.55 -48.55 13.59
N ALA N 41 41.23 -49.79 13.99
CA ALA N 41 40.97 -50.08 15.39
C ALA N 41 42.22 -49.81 16.17
N GLU N 42 43.34 -50.14 15.55
CA GLU N 42 44.64 -49.96 16.21
C GLU N 42 44.93 -48.47 16.37
N SER N 43 44.76 -47.70 15.28
CA SER N 43 44.79 -46.22 15.32
C SER N 43 43.88 -45.61 16.42
N ILE N 44 42.66 -46.08 16.53
CA ILE N 44 41.73 -45.61 17.58
C ILE N 44 42.23 -45.90 18.98
N LYS N 45 42.83 -47.10 19.18
CA LYS N 45 43.38 -47.38 20.49
C LYS N 45 44.50 -46.42 20.88
N ALA N 46 45.33 -46.10 19.91
CA ALA N 46 46.41 -45.17 20.12
C ALA N 46 45.94 -43.74 20.40
N MET N 47 44.92 -43.27 19.68
CA MET N 47 44.30 -41.96 20.03
C MET N 47 43.69 -41.99 21.41
N GLU N 48 42.96 -43.07 21.76
CA GLU N 48 42.32 -43.10 23.05
C GLU N 48 43.36 -43.09 24.19
N ALA N 49 44.50 -43.74 23.95
CA ALA N 49 45.60 -43.71 25.00
C ALA N 49 46.19 -42.33 25.15
N ARG N 50 46.47 -41.66 24.03
CA ARG N 50 46.96 -40.26 24.07
C ARG N 50 45.95 -39.34 24.74
N ASN N 51 44.66 -39.43 24.35
CA ASN N 51 43.66 -38.63 25.06
C ASN N 51 43.62 -38.86 26.56
N GLN N 52 43.63 -40.12 27.01
CA GLN N 52 43.61 -40.39 28.47
C GLN N 52 44.82 -39.74 29.18
N LYS N 53 45.98 -39.75 28.52
CA LYS N 53 47.14 -39.04 29.05
C LYS N 53 46.88 -37.56 29.22
N ARG N 54 46.28 -36.91 28.22
CA ARG N 54 45.98 -35.47 28.29
C ARG N 54 44.97 -35.18 29.36
N VAL N 55 43.96 -36.03 29.46
CA VAL N 55 42.90 -35.85 30.48
C VAL N 55 43.46 -35.99 31.90
N GLU N 56 44.24 -37.05 32.08
CA GLU N 56 44.94 -37.26 33.36
C GLU N 56 45.80 -36.05 33.77
N ASN N 57 46.63 -35.55 32.86
CA ASN N 57 47.48 -34.40 33.11
C ASN N 57 46.70 -33.16 33.45
N TYR N 58 45.57 -32.99 32.78
CA TYR N 58 44.77 -31.81 33.01
C TYR N 58 44.15 -31.84 34.39
N ALA N 59 43.64 -33.01 34.77
CA ALA N 59 43.03 -33.22 36.09
C ALA N 59 44.06 -33.03 37.21
N LYS N 60 45.26 -33.55 36.97
CA LYS N 60 46.33 -33.50 37.94
C LYS N 60 46.86 -32.08 38.11
N THR N 61 47.24 -31.45 37.00
CA THR N 61 47.89 -30.14 37.04
C THR N 61 46.94 -28.95 37.00
N GLY N 62 45.71 -29.14 36.50
CA GLY N 62 44.80 -28.02 36.20
C GLY N 62 45.13 -27.21 34.94
N LYS N 63 46.06 -27.70 34.13
CA LYS N 63 46.57 -27.00 32.94
C LYS N 63 46.50 -27.97 31.76
N PHE N 64 45.81 -27.58 30.69
CA PHE N 64 45.76 -28.47 29.55
C PHE N 64 47.02 -28.49 28.66
N VAL N 65 47.50 -29.69 28.31
CA VAL N 65 48.59 -29.87 27.39
C VAL N 65 48.22 -30.91 26.37
N TYR N 66 48.31 -30.55 25.12
CA TYR N 66 48.04 -31.48 24.03
C TYR N 66 49.20 -32.46 23.72
N LYS N 67 50.42 -31.94 23.63
CA LYS N 67 51.56 -32.76 23.12
C LYS N 67 51.97 -33.73 24.21
N VAL N 68 51.82 -35.02 23.96
CA VAL N 68 52.00 -36.06 24.98
C VAL N 68 53.48 -36.12 25.46
N GLU N 69 54.40 -35.86 24.51
CA GLU N 69 55.86 -35.69 24.74
C GLU N 69 56.13 -34.68 25.83
N ASP N 70 55.38 -33.58 25.86
CA ASP N 70 55.57 -32.52 26.84
C ASP N 70 54.96 -32.82 28.17
N ILE N 71 54.30 -33.95 28.34
CA ILE N 71 53.71 -34.27 29.64
C ILE N 71 54.78 -35.11 30.37
N ASN O 1 41.44 7.50 -29.23
CA ASN O 1 40.38 6.77 -29.93
C ASN O 1 39.10 7.63 -29.82
N SER O 2 38.65 8.15 -30.97
CA SER O 2 37.46 9.01 -31.01
C SER O 2 36.19 8.37 -30.53
N GLU O 3 35.95 7.15 -30.98
CA GLU O 3 34.75 6.43 -30.58
C GLU O 3 34.75 6.12 -29.05
N LEU O 4 35.92 5.76 -28.52
CA LEU O 4 36.05 5.49 -27.11
C LEU O 4 35.79 6.73 -26.34
N ASP O 5 36.33 7.87 -26.82
CA ASP O 5 36.04 9.14 -26.20
C ASP O 5 34.54 9.49 -26.18
N ARG O 6 33.86 9.29 -27.34
CA ARG O 6 32.43 9.44 -27.39
C ARG O 6 31.66 8.53 -26.41
N LEU O 7 31.99 7.24 -26.40
CA LEU O 7 31.37 6.34 -25.49
C LEU O 7 31.54 6.78 -24.04
N SER O 8 32.71 7.36 -23.69
CA SER O 8 32.99 7.82 -22.31
C SER O 8 32.12 9.00 -21.86
N LYS O 9 31.48 9.72 -22.78
CA LYS O 9 30.60 10.83 -22.43
C LYS O 9 29.15 10.31 -22.18
N ASP O 10 28.92 9.01 -22.34
CA ASP O 10 27.59 8.45 -22.18
C ASP O 10 27.51 7.87 -20.77
N ASP O 11 26.55 8.36 -19.97
CA ASP O 11 26.43 7.93 -18.59
C ASP O 11 25.99 6.42 -18.44
N ARG O 12 25.61 5.78 -19.53
CA ARG O 12 25.37 4.35 -19.50
C ARG O 12 26.66 3.53 -19.44
N ASN O 13 27.80 4.17 -19.68
CA ASN O 13 29.06 3.46 -19.81
C ASN O 13 30.07 3.90 -18.75
N TRP O 14 31.00 2.99 -18.48
CA TRP O 14 32.26 3.27 -17.76
C TRP O 14 33.33 2.52 -18.52
N VAL O 15 33.93 3.22 -19.50
CA VAL O 15 34.64 2.57 -20.57
C VAL O 15 36.12 2.29 -20.32
N MET O 16 36.64 2.89 -19.26
CA MET O 16 38.03 2.70 -18.91
C MET O 16 38.10 2.90 -17.40
N GLN O 17 39.19 2.42 -16.80
CA GLN O 17 39.36 2.48 -15.33
C GLN O 17 39.22 3.93 -14.83
N THR O 18 39.82 4.82 -15.58
CA THR O 18 39.84 6.28 -15.31
C THR O 18 38.57 7.06 -15.69
N LYS O 19 37.57 6.33 -16.19
CA LYS O 19 36.31 6.78 -16.75
C LYS O 19 36.41 7.41 -18.08
N ASP O 20 37.32 8.35 -18.23
CA ASP O 20 37.48 9.08 -19.46
C ASP O 20 38.92 9.46 -19.58
N TYR O 21 39.28 10.01 -20.73
CA TYR O 21 40.69 10.26 -20.99
C TYR O 21 41.31 11.34 -20.07
N SER O 22 40.47 12.17 -19.46
CA SER O 22 40.93 13.18 -18.52
C SER O 22 41.04 12.63 -17.10
N ALA O 23 40.68 11.35 -16.91
CA ALA O 23 40.57 10.75 -15.59
C ALA O 23 39.76 11.53 -14.58
N THR O 24 38.59 12.07 -15.01
CA THR O 24 37.83 12.90 -14.13
C THR O 24 37.24 12.12 -12.97
N HIS O 25 36.86 10.85 -13.20
CA HIS O 25 36.06 10.08 -12.24
C HIS O 25 34.86 10.86 -11.73
N PHE O 26 34.22 11.64 -12.64
CA PHE O 26 33.10 12.49 -12.33
C PHE O 26 31.91 12.15 -13.14
N SER O 27 30.78 11.86 -12.46
CA SER O 27 29.53 11.52 -13.13
C SER O 27 28.51 12.63 -12.99
N ARG O 28 27.86 12.90 -14.11
CA ARG O 28 26.76 13.88 -14.14
C ARG O 28 25.44 13.35 -13.64
N LEU O 29 25.38 12.06 -13.36
CA LEU O 29 24.14 11.42 -12.84
C LEU O 29 23.83 11.96 -11.51
N THR O 30 22.56 12.29 -11.29
CA THR O 30 22.07 12.86 -10.04
C THR O 30 20.96 12.11 -9.34
N GLU O 31 20.54 10.96 -9.87
CA GLU O 31 19.50 10.17 -9.23
C GLU O 31 19.84 9.90 -7.78
N ILE O 32 21.09 9.51 -7.56
CA ILE O 32 21.66 9.34 -6.25
C ILE O 32 22.37 10.63 -5.84
N ASN O 33 21.94 11.24 -4.73
CA ASN O 33 22.44 12.56 -4.40
C ASN O 33 22.60 12.69 -2.90
N SER O 34 23.10 13.85 -2.43
CA SER O 34 23.46 14.00 -1.05
C SER O 34 22.22 13.89 -0.15
N HIS O 35 21.06 14.17 -0.73
CA HIS O 35 19.79 14.20 0.03
C HIS O 35 19.07 12.84 0.11
N ASN O 36 19.42 11.89 -0.73
CA ASN O 36 18.80 10.56 -0.65
C ASN O 36 19.77 9.42 -0.57
N VAL O 37 21.09 9.68 -0.51
CA VAL O 37 22.04 8.58 -0.51
C VAL O 37 21.91 7.73 0.73
N LYS O 38 21.40 8.26 1.85
CA LYS O 38 21.05 7.48 3.03
C LYS O 38 20.20 6.23 2.75
N ASN O 39 19.44 6.25 1.69
CA ASN O 39 18.59 5.17 1.28
C ASN O 39 19.19 4.20 0.24
N LEU O 40 20.47 4.33 -0.08
CA LEU O 40 21.09 3.41 -1.04
C LEU O 40 21.13 1.99 -0.41
N LYS O 41 20.81 0.96 -1.20
CA LYS O 41 20.79 -0.47 -0.76
C LYS O 41 21.54 -1.31 -1.75
N VAL O 42 21.98 -2.47 -1.31
CA VAL O 42 22.62 -3.38 -2.22
C VAL O 42 21.54 -3.94 -3.19
N ALA O 43 21.80 -3.84 -4.48
CA ALA O 43 20.96 -4.35 -5.54
C ALA O 43 21.24 -5.77 -5.88
N TRP O 44 22.51 -6.11 -6.06
CA TRP O 44 22.93 -7.42 -6.47
C TRP O 44 24.45 -7.56 -6.22
N THR O 45 24.93 -8.78 -6.23
CA THR O 45 26.29 -9.02 -5.93
C THR O 45 26.80 -10.23 -6.74
N LEU O 46 28.10 -10.26 -6.90
CA LEU O 46 28.79 -11.39 -7.58
C LEU O 46 30.07 -11.73 -6.90
N SER O 47 30.45 -13.00 -6.85
CA SER O 47 31.74 -13.39 -6.30
C SER O 47 32.71 -13.49 -7.41
N THR O 48 33.99 -13.09 -7.18
CA THR O 48 35.00 -13.21 -8.23
C THR O 48 35.67 -14.57 -8.25
N GLY O 49 35.49 -15.30 -7.17
CA GLY O 49 36.06 -16.64 -7.02
C GLY O 49 37.52 -16.67 -6.68
N THR O 50 38.11 -15.52 -6.32
CA THR O 50 39.52 -15.48 -5.88
C THR O 50 39.56 -14.65 -4.60
N LEU O 51 40.64 -14.85 -3.84
CA LEU O 51 40.97 -13.96 -2.70
C LEU O 51 42.08 -13.02 -3.21
N HIS O 52 42.91 -12.47 -2.32
CA HIS O 52 43.92 -11.45 -2.62
C HIS O 52 43.27 -10.11 -3.04
N GLY O 53 44.11 -9.10 -3.23
CA GLY O 53 43.62 -7.75 -3.46
C GLY O 53 42.92 -7.55 -4.78
N HIS O 54 41.79 -6.84 -4.70
CA HIS O 54 40.98 -6.52 -5.88
C HIS O 54 41.07 -5.05 -6.21
N GLU O 55 42.09 -4.68 -7.01
CA GLU O 55 42.23 -3.30 -7.46
C GLU O 55 41.52 -2.99 -8.78
N GLY O 56 41.54 -1.72 -9.16
CA GLY O 56 40.71 -1.26 -10.22
C GLY O 56 39.21 -1.45 -9.92
N ALA O 57 38.42 -1.60 -10.96
CA ALA O 57 36.95 -1.76 -10.80
C ALA O 57 36.43 -2.33 -12.10
N PRO O 58 35.11 -2.68 -12.12
CA PRO O 58 34.54 -3.14 -13.41
C PRO O 58 34.52 -2.11 -14.47
N LEU O 59 34.46 -2.54 -15.73
CA LEU O 59 34.04 -1.68 -16.79
C LEU O 59 32.56 -1.99 -17.18
N VAL O 60 31.90 -1.02 -17.76
CA VAL O 60 30.55 -1.23 -18.33
C VAL O 60 30.50 -0.64 -19.71
N VAL O 61 30.14 -1.42 -20.73
CA VAL O 61 29.98 -0.82 -22.06
C VAL O 61 28.82 -1.50 -22.72
N ASP O 62 27.86 -0.73 -23.27
CA ASP O 62 26.80 -1.31 -24.15
C ASP O 62 26.01 -2.41 -23.40
N GLY O 63 25.70 -2.18 -22.15
CA GLY O 63 24.93 -3.11 -21.34
C GLY O 63 25.65 -4.31 -20.75
N ILE O 64 27.03 -4.41 -20.86
CA ILE O 64 27.74 -5.54 -20.38
C ILE O 64 28.71 -5.00 -19.31
N MET O 65 28.76 -5.63 -18.16
CA MET O 65 29.78 -5.38 -17.15
C MET O 65 30.92 -6.37 -17.33
N TYR O 66 32.17 -5.89 -17.16
CA TYR O 66 33.37 -6.76 -17.29
C TYR O 66 34.11 -6.69 -15.97
N ILE O 67 34.41 -7.84 -15.40
CA ILE O 67 35.02 -7.98 -14.09
C ILE O 67 36.37 -8.68 -14.25
N HIS O 68 37.34 -8.34 -13.42
CA HIS O 68 38.62 -9.06 -13.43
C HIS O 68 39.06 -9.31 -12.02
N THR O 69 40.16 -10.34 -11.97
CA THR O 69 40.56 -10.70 -10.62
C THR O 69 42.06 -10.38 -10.41
N PRO O 70 42.52 -10.59 -9.23
CA PRO O 70 43.99 -10.80 -9.03
C PRO O 70 44.40 -12.17 -9.54
N PHE O 71 45.68 -12.46 -9.49
CA PHE O 71 46.26 -13.63 -10.17
C PHE O 71 45.38 -14.84 -9.84
N PRO O 72 45.01 -15.66 -10.81
CA PRO O 72 45.52 -15.72 -12.21
C PRO O 72 44.72 -14.86 -13.24
N ASN O 73 44.06 -13.78 -12.79
CA ASN O 73 43.52 -12.77 -13.67
C ASN O 73 42.40 -13.28 -14.55
N ASN O 74 41.46 -13.96 -13.93
CA ASN O 74 40.22 -14.28 -14.61
C ASN O 74 39.44 -13.11 -15.02
N VAL O 75 38.69 -13.27 -16.10
CA VAL O 75 37.90 -12.23 -16.68
C VAL O 75 36.47 -12.74 -16.91
N TYR O 76 35.46 -11.97 -16.49
CA TYR O 76 34.04 -12.39 -16.64
C TYR O 76 33.32 -11.22 -17.29
N ALA O 77 32.38 -11.53 -18.20
CA ALA O 77 31.49 -10.59 -18.74
C ALA O 77 30.08 -10.98 -18.23
N VAL O 78 29.32 -9.95 -17.84
CA VAL O 78 27.97 -10.13 -17.31
C VAL O 78 26.99 -9.19 -18.06
N ASP O 79 25.95 -9.77 -18.69
CA ASP O 79 24.89 -8.96 -19.30
C ASP O 79 24.05 -8.35 -18.16
N LEU O 80 23.93 -7.03 -18.13
CA LEU O 80 23.23 -6.35 -17.08
C LEU O 80 21.69 -6.58 -17.03
N ASN O 81 21.15 -7.14 -18.09
CA ASN O 81 19.78 -7.66 -18.02
C ASN O 81 19.65 -9.02 -17.37
N ASP O 82 20.77 -9.67 -17.03
CA ASP O 82 20.78 -11.05 -16.42
C ASP O 82 22.06 -11.23 -15.59
N THR O 83 22.00 -10.66 -14.42
CA THR O 83 23.20 -10.40 -13.60
C THR O 83 23.68 -11.66 -12.94
N ARG O 84 22.88 -12.71 -12.99
CA ARG O 84 23.32 -14.00 -12.41
C ARG O 84 24.21 -14.86 -13.30
N LYS O 85 24.16 -14.63 -14.59
CA LYS O 85 24.82 -15.55 -15.53
C LYS O 85 26.06 -14.85 -16.01
N MET O 86 27.09 -15.63 -16.12
CA MET O 86 28.31 -15.16 -16.83
C MET O 86 28.15 -15.38 -18.34
N LEU O 87 28.03 -14.31 -19.10
CA LEU O 87 27.96 -14.29 -20.56
C LEU O 87 29.15 -15.01 -21.10
N TRP O 88 30.37 -14.71 -20.62
CA TRP O 88 31.55 -15.47 -21.02
C TRP O 88 32.64 -15.32 -19.92
N GLN O 89 33.59 -16.25 -19.93
CA GLN O 89 34.71 -16.28 -19.01
C GLN O 89 36.03 -16.48 -19.78
N TYR O 90 37.11 -15.84 -19.30
CA TYR O 90 38.44 -16.17 -19.77
C TYR O 90 39.28 -16.43 -18.55
N LYS O 91 39.94 -17.58 -18.57
CA LYS O 91 40.62 -18.12 -17.40
C LYS O 91 42.06 -18.44 -17.77
N PRO O 92 42.92 -17.48 -17.58
CA PRO O 92 44.35 -17.71 -17.94
C PRO O 92 45.01 -18.86 -17.27
N LYS O 93 45.90 -19.53 -18.01
CA LYS O 93 46.85 -20.50 -17.48
C LYS O 93 48.22 -19.81 -17.39
N GLN O 94 48.70 -19.61 -16.19
CA GLN O 94 49.93 -18.83 -15.92
C GLN O 94 50.80 -19.66 -15.04
N ASN O 95 52.11 -19.53 -15.20
CA ASN O 95 53.06 -20.21 -14.33
C ASN O 95 52.93 -19.63 -12.89
N PRO O 96 52.68 -20.48 -11.91
CA PRO O 96 52.46 -19.91 -10.54
C PRO O 96 53.71 -19.29 -9.94
N ALA O 97 54.88 -19.52 -10.56
CA ALA O 97 56.06 -18.75 -10.18
C ALA O 97 55.92 -17.26 -10.28
N ALA O 98 55.02 -16.77 -11.10
CA ALA O 98 54.74 -15.33 -11.25
C ALA O 98 54.43 -14.72 -9.89
N ARG O 99 53.77 -15.48 -9.02
CA ARG O 99 53.40 -14.93 -7.69
C ARG O 99 54.59 -14.57 -6.86
N ALA O 100 55.71 -15.30 -7.06
CA ALA O 100 56.93 -15.12 -6.24
C ALA O 100 57.69 -13.81 -6.57
N VAL O 101 57.42 -13.20 -7.71
CA VAL O 101 58.15 -11.95 -8.10
C VAL O 101 57.20 -10.74 -8.01
N ALA O 102 56.03 -10.91 -7.37
CA ALA O 102 55.16 -9.74 -7.05
C ALA O 102 55.56 -9.20 -5.69
N CYS O 103 56.00 -7.97 -5.59
CA CYS O 103 56.47 -7.48 -4.31
C CYS O 103 55.47 -7.36 -3.19
N CYS O 104 54.35 -6.85 -3.56
CA CYS O 104 53.21 -6.44 -2.69
C CYS O 104 51.80 -6.91 -3.15
N ASP O 105 51.60 -8.17 -3.09
CA ASP O 105 50.38 -8.87 -3.50
C ASP O 105 50.22 -8.95 -5.02
N VAL O 106 49.45 -9.93 -5.41
CA VAL O 106 49.22 -10.22 -6.85
C VAL O 106 48.02 -9.45 -7.42
N VAL O 107 48.01 -8.14 -7.20
CA VAL O 107 46.93 -7.27 -7.63
C VAL O 107 47.03 -7.03 -9.13
N ASN O 108 45.92 -6.63 -9.70
CA ASN O 108 45.82 -6.29 -11.11
C ASN O 108 44.85 -5.12 -11.25
N ARG O 109 45.25 -4.09 -11.97
CA ARG O 109 44.46 -2.86 -11.98
C ARG O 109 43.39 -2.74 -13.03
N GLY O 110 43.26 -3.79 -13.86
CA GLY O 110 42.00 -4.04 -14.54
C GLY O 110 42.06 -3.96 -16.04
N LEU O 111 40.89 -4.05 -16.63
CA LEU O 111 40.73 -4.18 -18.05
C LEU O 111 40.71 -2.90 -18.73
N ALA O 112 41.00 -2.94 -20.05
CA ALA O 112 40.60 -1.84 -20.92
C ALA O 112 39.70 -2.36 -22.07
N TYR O 113 39.13 -1.43 -22.79
CA TYR O 113 38.15 -1.70 -23.87
C TYR O 113 38.41 -0.80 -25.08
N VAL O 114 38.22 -1.36 -26.27
CA VAL O 114 38.14 -0.53 -27.48
C VAL O 114 36.85 -0.95 -28.27
N PRO O 115 36.10 0.03 -28.77
CA PRO O 115 34.95 -0.38 -29.62
C PRO O 115 35.36 -0.94 -30.95
N ALA O 116 34.40 -1.57 -31.65
CA ALA O 116 34.69 -2.15 -33.02
C ALA O 116 35.14 -1.00 -33.95
N GLY O 117 36.04 -1.30 -34.86
CA GLY O 117 36.45 -0.31 -35.90
C GLY O 117 37.15 -1.06 -36.99
N GLU O 118 38.06 -0.44 -37.70
CA GLU O 118 38.76 -1.12 -38.75
C GLU O 118 39.64 -2.24 -38.30
N HIS O 119 40.07 -2.17 -37.05
CA HIS O 119 40.89 -3.25 -36.47
C HIS O 119 40.09 -4.56 -36.23
N GLY O 120 38.77 -4.53 -36.38
CA GLY O 120 37.96 -5.67 -36.06
C GLY O 120 36.93 -5.36 -34.98
N PRO O 121 36.38 -6.41 -34.38
CA PRO O 121 35.30 -6.20 -33.39
C PRO O 121 35.83 -5.57 -32.10
N ALA O 122 34.92 -5.08 -31.28
CA ALA O 122 35.30 -4.59 -29.98
C ALA O 122 36.09 -5.62 -29.20
N LYS O 123 37.05 -5.11 -28.40
CA LYS O 123 37.95 -5.95 -27.64
C LYS O 123 38.06 -5.46 -26.19
N ILE O 124 38.34 -6.42 -25.33
CA ILE O 124 38.76 -6.26 -23.93
C ILE O 124 40.24 -6.59 -23.90
N PHE O 125 40.99 -5.76 -23.21
CA PHE O 125 42.46 -6.07 -23.01
C PHE O 125 42.74 -6.35 -21.54
N LEU O 126 43.56 -7.36 -21.35
CA LEU O 126 44.03 -7.85 -20.07
C LEU O 126 45.57 -7.86 -20.09
N ASN O 127 46.16 -7.25 -19.05
CA ASN O 127 47.56 -7.47 -18.72
C ASN O 127 47.64 -8.51 -17.66
N GLN O 128 48.28 -9.62 -17.91
CA GLN O 128 48.38 -10.66 -16.91
C GLN O 128 49.63 -10.43 -16.06
N LEU O 129 49.61 -10.97 -14.85
CA LEU O 129 50.79 -10.91 -13.98
C LEU O 129 52.08 -11.44 -14.65
N ASP O 130 51.93 -12.51 -15.39
CA ASP O 130 53.03 -13.16 -16.01
C ASP O 130 53.62 -12.44 -17.24
N GLY O 131 53.14 -11.25 -17.50
CA GLY O 131 53.68 -10.38 -18.51
C GLY O 131 53.15 -10.35 -19.89
N HIS O 132 52.01 -11.03 -20.14
CA HIS O 132 51.36 -10.99 -21.43
C HIS O 132 50.26 -9.95 -21.45
N ILE O 133 50.10 -9.35 -22.61
CA ILE O 133 49.00 -8.49 -22.99
C ILE O 133 48.14 -9.40 -23.90
N VAL O 134 46.85 -9.47 -23.55
CA VAL O 134 45.88 -10.40 -24.22
C VAL O 134 44.71 -9.55 -24.73
N ALA O 135 44.35 -9.76 -25.99
CA ALA O 135 43.17 -9.10 -26.59
C ALA O 135 42.04 -10.14 -26.76
N LEU O 136 40.90 -9.83 -26.18
CA LEU O 136 39.77 -10.73 -26.12
C LEU O 136 38.64 -10.10 -26.91
N ASN O 137 37.83 -10.91 -27.64
CA ASN O 137 36.57 -10.39 -28.16
C ASN O 137 35.61 -9.89 -27.05
N ALA O 138 35.16 -8.64 -27.11
CA ALA O 138 34.31 -8.07 -26.03
C ALA O 138 32.99 -8.79 -25.81
N LYS O 139 32.47 -9.36 -26.91
CA LYS O 139 31.14 -9.98 -26.88
C LYS O 139 31.18 -11.46 -26.61
N THR O 140 32.24 -12.16 -27.00
CA THR O 140 32.34 -13.60 -26.84
C THR O 140 33.43 -14.14 -25.95
N GLY O 141 34.37 -13.30 -25.61
CA GLY O 141 35.46 -13.81 -24.79
C GLY O 141 36.59 -14.53 -25.55
N GLU O 142 36.44 -14.72 -26.84
CA GLU O 142 37.42 -15.49 -27.60
C GLU O 142 38.80 -14.73 -27.54
N GLU O 143 39.86 -15.47 -27.40
CA GLU O 143 41.20 -14.91 -27.40
C GLU O 143 41.63 -14.53 -28.83
N ILE O 144 41.87 -13.26 -29.11
CA ILE O 144 42.15 -12.79 -30.48
C ILE O 144 43.63 -12.77 -30.75
N TRP O 145 44.39 -12.25 -29.78
CA TRP O 145 45.84 -12.28 -29.84
C TRP O 145 46.43 -12.12 -28.42
N LYS O 146 47.69 -12.53 -28.26
CA LYS O 146 48.40 -12.52 -26.98
C LYS O 146 49.94 -12.33 -27.29
N MET O 147 50.59 -11.38 -26.63
CA MET O 147 51.99 -11.07 -26.88
C MET O 147 52.72 -11.06 -25.55
N GLU O 148 54.00 -11.35 -25.58
CA GLU O 148 54.84 -11.32 -24.38
C GLU O 148 55.40 -9.93 -24.18
N ASN O 149 55.06 -9.27 -23.11
CA ASN O 149 55.60 -7.92 -22.83
C ASN O 149 56.77 -7.98 -21.84
N SER O 150 56.59 -8.73 -20.77
CA SER O 150 57.48 -8.70 -19.58
C SER O 150 57.80 -10.13 -19.21
N ASP O 151 59.01 -10.36 -18.72
CA ASP O 151 59.45 -11.73 -18.46
C ASP O 151 59.60 -11.99 -16.94
N ILE O 152 58.82 -12.88 -16.37
CA ILE O 152 58.91 -13.13 -14.91
C ILE O 152 60.24 -13.71 -14.42
N ALA O 153 61.02 -14.32 -15.30
CA ALA O 153 62.37 -14.77 -14.93
C ALA O 153 63.30 -13.63 -14.57
N MET O 154 63.00 -12.45 -15.05
CA MET O 154 63.78 -11.27 -14.72
C MET O 154 63.14 -10.49 -13.58
N GLY O 155 62.05 -10.99 -13.04
CA GLY O 155 61.42 -10.19 -12.00
C GLY O 155 60.41 -9.24 -12.55
N SER O 156 60.08 -9.35 -13.84
CA SER O 156 59.34 -8.36 -14.55
C SER O 156 57.88 -8.93 -14.77
N THR O 157 56.89 -8.22 -14.23
CA THR O 157 55.49 -8.55 -14.25
C THR O 157 54.67 -7.44 -14.82
N LEU O 158 53.34 -7.64 -14.91
CA LEU O 158 52.46 -6.55 -15.17
C LEU O 158 51.39 -6.46 -14.07
N THR O 159 51.08 -5.24 -13.66
CA THR O 159 50.01 -5.02 -12.70
C THR O 159 49.12 -3.87 -13.09
N GLY O 160 49.67 -2.88 -13.81
CA GLY O 160 48.89 -1.78 -14.29
C GLY O 160 47.94 -2.11 -15.45
N ALA O 161 46.84 -1.39 -15.55
CA ALA O 161 45.80 -1.65 -16.60
C ALA O 161 46.40 -1.26 -17.96
N PRO O 162 46.00 -1.95 -19.03
CA PRO O 162 46.24 -1.43 -20.33
C PRO O 162 45.50 -0.13 -20.57
N PHE O 163 45.90 0.56 -21.64
CA PHE O 163 45.35 1.89 -21.94
C PHE O 163 45.23 2.10 -23.45
N VAL O 164 44.02 2.23 -23.94
CA VAL O 164 43.71 2.32 -25.38
C VAL O 164 43.75 3.78 -25.88
N VAL O 165 44.58 4.03 -26.90
CA VAL O 165 44.67 5.32 -27.56
C VAL O 165 44.77 5.10 -29.08
N LYS O 166 43.78 5.66 -29.76
CA LYS O 166 43.55 5.45 -31.21
C LYS O 166 43.46 3.98 -31.51
N ASP O 167 44.31 3.43 -32.35
CA ASP O 167 44.38 1.99 -32.59
C ASP O 167 45.55 1.29 -31.96
N LYS O 168 45.97 1.78 -30.79
CA LYS O 168 47.04 1.20 -30.03
C LYS O 168 46.57 0.90 -28.61
N VAL O 169 47.15 -0.14 -28.03
CA VAL O 169 47.01 -0.36 -26.60
C VAL O 169 48.38 -0.25 -25.92
N LEU O 170 48.43 0.59 -24.88
CA LEU O 170 49.66 0.78 -24.10
C LEU O 170 49.74 -0.15 -22.91
N VAL O 171 50.91 -0.71 -22.70
CA VAL O 171 51.22 -1.71 -21.73
C VAL O 171 52.43 -1.21 -20.97
N GLY O 172 52.27 -1.06 -19.67
CA GLY O 172 53.36 -0.67 -18.79
C GLY O 172 54.32 -1.73 -18.37
N SER O 173 54.86 -1.54 -17.15
CA SER O 173 55.89 -2.44 -16.64
C SER O 173 55.79 -2.45 -15.11
N ALA O 174 56.47 -3.40 -14.49
CA ALA O 174 56.48 -3.55 -13.03
C ALA O 174 57.63 -4.40 -12.64
N GLY O 175 58.08 -4.17 -11.41
CA GLY O 175 59.23 -4.91 -10.92
C GLY O 175 60.50 -4.12 -10.58
N ALA O 176 60.33 -2.83 -10.30
CA ALA O 176 61.44 -1.96 -9.83
C ALA O 176 62.03 -2.48 -8.57
N GLU O 177 61.27 -3.17 -7.69
CA GLU O 177 61.87 -3.81 -6.56
C GLU O 177 62.73 -5.00 -6.85
N LEU O 178 62.77 -5.43 -8.11
CA LEU O 178 63.61 -6.51 -8.54
C LEU O 178 64.59 -5.97 -9.61
N GLY O 179 64.81 -4.67 -9.66
CA GLY O 179 65.77 -4.10 -10.60
C GLY O 179 65.37 -4.07 -12.07
N VAL O 180 64.08 -4.17 -12.33
CA VAL O 180 63.60 -4.05 -13.68
C VAL O 180 63.68 -2.60 -14.14
N ARG O 181 64.24 -2.41 -15.34
CA ARG O 181 64.31 -1.11 -15.95
C ARG O 181 63.02 -0.87 -16.67
N GLY O 182 62.37 0.27 -16.41
CA GLY O 182 61.00 0.52 -16.87
C GLY O 182 60.89 0.83 -18.33
N TYR O 183 59.77 0.36 -18.93
CA TYR O 183 59.44 0.65 -20.28
C TYR O 183 57.92 0.59 -20.47
N VAL O 184 57.46 1.44 -21.36
CA VAL O 184 56.11 1.49 -21.85
C VAL O 184 56.11 1.15 -23.37
N THR O 185 55.07 0.40 -23.79
CA THR O 185 55.02 -0.27 -25.12
C THR O 185 53.64 -0.03 -25.66
N ALA O 186 53.54 0.43 -26.91
CA ALA O 186 52.26 0.53 -27.64
C ALA O 186 52.20 -0.66 -28.64
N TYR O 187 51.07 -1.39 -28.60
CA TYR O 187 50.77 -2.48 -29.49
C TYR O 187 49.59 -2.06 -30.37
N ASN O 188 49.71 -2.35 -31.63
CA ASN O 188 48.58 -2.20 -32.58
C ASN O 188 47.43 -3.13 -32.20
N ILE O 189 46.23 -2.55 -32.12
CA ILE O 189 45.09 -3.31 -31.64
C ILE O 189 44.65 -4.49 -32.57
N LYS O 190 44.86 -4.35 -33.84
CA LYS O 190 44.48 -5.38 -34.83
C LYS O 190 45.19 -6.72 -34.64
N ASP O 191 46.50 -6.63 -34.54
CA ASP O 191 47.38 -7.78 -34.56
C ASP O 191 48.44 -7.88 -33.46
N GLY O 192 48.49 -6.94 -32.53
CA GLY O 192 49.49 -7.15 -31.49
C GLY O 192 50.86 -6.70 -31.91
N LYS O 193 50.98 -6.01 -33.05
CA LYS O 193 52.30 -5.61 -33.50
C LYS O 193 52.82 -4.49 -32.64
N GLN O 194 54.02 -4.64 -32.17
CA GLN O 194 54.67 -3.59 -31.38
C GLN O 194 54.92 -2.36 -32.24
N GLU O 195 54.35 -1.22 -31.88
CA GLU O 195 54.50 0.04 -32.58
C GLU O 195 55.69 0.90 -32.06
N TRP O 196 55.85 1.07 -30.74
CA TRP O 196 56.96 1.77 -30.20
C TRP O 196 57.13 1.38 -28.73
N ARG O 197 58.33 1.57 -28.21
CA ARG O 197 58.65 1.22 -26.83
C ARG O 197 59.59 2.27 -26.29
N ALA O 198 59.30 2.81 -25.11
CA ALA O 198 60.06 3.88 -24.50
C ALA O 198 60.53 3.45 -23.13
N TYR O 199 61.83 3.50 -22.92
CA TYR O 199 62.44 3.10 -21.65
C TYR O 199 62.57 4.31 -20.75
N ALA O 200 62.68 4.07 -19.42
CA ALA O 200 62.65 5.16 -18.45
C ALA O 200 64.10 5.67 -18.12
N THR O 201 65.11 4.89 -18.47
CA THR O 201 66.53 5.18 -18.20
C THR O 201 67.36 4.83 -19.42
N GLY O 202 68.61 5.26 -19.39
CA GLY O 202 69.58 4.84 -20.40
C GLY O 202 69.77 5.84 -21.55
N PRO O 203 70.32 5.33 -22.65
CA PRO O 203 70.65 6.16 -23.83
C PRO O 203 69.47 6.89 -24.33
N ASP O 204 69.70 8.06 -24.93
CA ASP O 204 68.56 8.85 -25.44
C ASP O 204 67.65 8.13 -26.43
N GLU O 205 68.25 7.33 -27.26
CA GLU O 205 67.49 6.60 -28.29
C GLU O 205 66.43 5.68 -27.62
N ASP O 206 66.80 5.11 -26.48
CA ASP O 206 65.87 4.20 -25.75
C ASP O 206 64.73 4.94 -25.09
N LEU O 207 65.01 6.18 -24.63
CA LEU O 207 64.07 7.06 -24.02
C LEU O 207 62.96 7.54 -24.94
N LEU O 208 63.23 7.57 -26.26
CA LEU O 208 62.32 7.94 -27.29
C LEU O 208 61.88 9.39 -27.11
N LEU O 209 62.82 10.27 -27.39
CA LEU O 209 62.66 11.70 -27.12
C LEU O 209 62.40 12.40 -28.45
N ASP O 210 61.51 13.38 -28.43
CA ASP O 210 61.33 14.30 -29.57
C ASP O 210 62.59 15.14 -29.70
N LYS O 211 62.92 15.55 -30.93
CA LYS O 211 64.01 16.57 -31.03
C LYS O 211 63.80 17.84 -30.23
N ASP O 212 62.56 18.25 -29.96
CA ASP O 212 62.31 19.38 -29.06
C ASP O 212 61.85 19.03 -27.66
N PHE O 213 62.34 17.90 -27.21
CA PHE O 213 62.14 17.49 -25.81
C PHE O 213 62.53 18.58 -24.86
N ASN O 214 61.54 19.01 -24.07
CA ASN O 214 61.72 19.99 -23.03
C ASN O 214 62.16 21.34 -23.55
N LYS O 215 61.80 21.67 -24.79
CA LYS O 215 62.20 22.98 -25.29
C LYS O 215 61.51 24.11 -24.56
N ASP O 216 60.30 23.87 -24.00
CA ASP O 216 59.59 24.86 -23.20
C ASP O 216 60.19 25.07 -21.77
N ASN O 217 60.87 24.06 -21.23
CA ASN O 217 61.47 24.09 -19.90
C ASN O 217 62.85 23.36 -19.96
N PRO O 218 63.85 23.99 -20.62
CA PRO O 218 65.15 23.35 -20.78
C PRO O 218 65.86 23.11 -19.47
N HIS O 219 65.49 23.87 -18.45
CA HIS O 219 66.04 23.69 -17.12
C HIS O 219 65.54 22.42 -16.40
N TYR O 220 64.56 21.71 -16.99
CA TYR O 220 64.24 20.33 -16.55
C TYR O 220 65.32 19.32 -16.89
N GLY O 221 66.14 19.67 -17.86
CA GLY O 221 67.05 18.77 -18.43
C GLY O 221 66.61 18.36 -19.83
N GLN O 222 67.57 18.14 -20.75
CA GLN O 222 67.26 17.66 -22.11
C GLN O 222 67.91 16.34 -22.46
N PHE O 223 69.02 16.35 -23.21
CA PHE O 223 69.58 15.20 -23.76
C PHE O 223 70.71 14.68 -22.90
N GLY O 224 70.90 13.38 -22.98
CA GLY O 224 72.03 12.68 -22.36
C GLY O 224 71.88 12.25 -20.92
N LEU O 225 70.79 12.63 -20.24
CA LEU O 225 70.67 12.54 -18.80
C LEU O 225 70.25 11.17 -18.30
N GLY O 226 69.69 10.36 -19.21
CA GLY O 226 69.41 8.90 -18.97
C GLY O 226 70.59 8.10 -18.77
N LEU O 227 71.77 8.66 -19.19
CA LEU O 227 73.05 8.05 -18.91
C LEU O 227 73.91 8.85 -17.92
N SER O 228 73.94 10.16 -18.08
CA SER O 228 74.90 11.00 -17.33
C SER O 228 74.49 11.21 -15.87
N THR O 229 73.22 10.89 -15.51
CA THR O 229 72.80 10.96 -14.12
C THR O 229 72.89 9.60 -13.41
N TRP O 230 73.62 8.66 -13.99
CA TRP O 230 73.95 7.41 -13.36
C TRP O 230 75.41 7.23 -13.41
N GLU O 231 75.94 6.33 -12.60
CA GLU O 231 77.31 5.90 -12.74
C GLU O 231 77.43 4.61 -13.48
N GLY O 232 78.18 4.60 -14.60
CA GLY O 232 78.38 3.39 -15.40
C GLY O 232 77.04 2.80 -15.88
N ASP O 233 76.93 1.49 -15.74
CA ASP O 233 75.76 0.73 -16.23
C ASP O 233 74.61 0.57 -15.20
N ALA O 234 74.57 1.35 -14.12
CA ALA O 234 73.58 1.18 -13.06
C ALA O 234 72.19 1.44 -13.58
N TRP O 235 72.07 2.30 -14.62
CA TRP O 235 70.76 2.45 -15.28
C TRP O 235 70.13 1.17 -15.86
N LYS O 236 70.93 0.14 -16.10
CA LYS O 236 70.39 -1.05 -16.77
C LYS O 236 69.41 -1.81 -15.88
N ILE O 237 69.58 -1.66 -14.57
CA ILE O 237 68.72 -2.29 -13.55
C ILE O 237 68.11 -1.19 -12.72
N GLY O 238 67.78 -0.06 -13.33
CA GLY O 238 67.55 1.19 -12.63
C GLY O 238 66.12 1.56 -12.30
N GLY O 239 65.16 0.63 -12.46
CA GLY O 239 63.75 0.97 -12.18
C GLY O 239 63.07 1.91 -13.18
N GLY O 240 62.10 2.68 -12.70
CA GLY O 240 61.30 3.58 -13.48
C GLY O 240 60.17 2.86 -14.22
N THR O 241 59.84 1.67 -13.77
CA THR O 241 58.62 0.97 -14.24
C THR O 241 57.38 1.84 -14.09
N ASN O 242 56.38 1.62 -14.98
CA ASN O 242 55.16 2.40 -14.99
C ASN O 242 53.95 1.46 -14.84
N TRP O 243 53.46 1.36 -13.62
CA TRP O 243 52.40 0.40 -13.23
C TRP O 243 51.11 1.08 -12.81
N GLY O 244 51.12 2.37 -12.99
CA GLY O 244 50.00 3.27 -12.68
C GLY O 244 49.07 3.56 -13.83
N TRP O 245 48.70 4.82 -13.94
CA TRP O 245 47.60 5.23 -14.79
C TRP O 245 48.03 6.27 -15.84
N TYR O 246 47.22 6.45 -16.86
CA TYR O 246 47.55 7.35 -17.94
C TYR O 246 46.44 8.33 -18.10
N ALA O 247 46.72 9.40 -18.87
CA ALA O 247 45.67 10.29 -19.37
C ALA O 247 46.04 10.67 -20.82
N TYR O 248 45.10 11.28 -21.56
CA TYR O 248 45.27 11.52 -22.99
C TYR O 248 44.48 12.74 -23.33
N ASP O 249 45.13 13.63 -24.08
CA ASP O 249 44.52 14.86 -24.57
C ASP O 249 44.46 14.66 -26.10
N PRO O 250 43.25 14.42 -26.65
CA PRO O 250 43.23 14.18 -28.12
C PRO O 250 43.55 15.42 -28.94
N LYS O 251 43.32 16.62 -28.44
CA LYS O 251 43.65 17.84 -29.21
C LYS O 251 45.11 18.01 -29.32
N LEU O 252 45.87 17.70 -28.30
CA LEU O 252 47.34 17.78 -28.38
C LEU O 252 47.92 16.53 -28.90
N ASP O 253 47.10 15.46 -28.97
CA ASP O 253 47.58 14.10 -29.32
C ASP O 253 48.74 13.62 -28.40
N MET O 254 48.56 13.86 -27.09
CA MET O 254 49.60 13.55 -26.08
C MET O 254 49.07 12.63 -24.96
N ILE O 255 49.89 11.63 -24.60
CA ILE O 255 49.64 10.71 -23.48
C ILE O 255 50.52 11.15 -22.32
N TYR O 256 49.97 11.11 -21.12
CA TYR O 256 50.66 11.47 -19.93
C TYR O 256 50.69 10.29 -18.98
N TYR O 257 51.84 10.07 -18.33
CA TYR O 257 51.93 9.08 -17.26
C TYR O 257 53.23 9.32 -16.50
N GLY O 258 53.40 8.60 -15.42
CA GLY O 258 54.58 8.76 -14.54
C GLY O 258 55.43 7.55 -14.49
N SER O 259 56.76 7.72 -14.47
CA SER O 259 57.61 6.54 -14.33
C SER O 259 58.00 6.46 -12.83
N GLY O 260 58.28 5.26 -12.42
CA GLY O 260 58.44 4.88 -11.02
C GLY O 260 59.84 5.06 -10.45
N ASN O 261 60.06 4.39 -9.33
CA ASN O 261 61.23 4.63 -8.46
C ASN O 261 62.45 4.01 -9.09
N PRO O 262 63.64 4.64 -8.84
CA PRO O 262 64.85 3.96 -9.25
C PRO O 262 65.15 2.77 -8.37
N ALA O 263 65.95 1.85 -8.84
CA ALA O 263 66.36 0.65 -8.15
C ALA O 263 67.91 0.72 -7.94
N PRO O 264 68.46 0.25 -6.84
CA PRO O 264 67.73 -0.37 -5.72
C PRO O 264 67.17 0.71 -4.80
N TRP O 265 66.50 0.33 -3.71
CA TRP O 265 66.05 1.36 -2.76
C TRP O 265 67.27 1.99 -2.08
N ASN O 266 68.35 1.23 -1.92
CA ASN O 266 69.61 1.77 -1.35
C ASN O 266 70.21 2.89 -2.26
N GLU O 267 69.94 4.15 -1.87
CA GLU O 267 70.34 5.31 -2.66
C GLU O 267 71.89 5.32 -2.88
N THR O 268 72.64 4.81 -1.93
CA THR O 268 74.13 4.97 -1.91
C THR O 268 74.71 4.12 -3.00
N MET O 269 73.99 3.08 -3.43
CA MET O 269 74.42 2.29 -4.55
C MET O 269 74.25 2.87 -5.99
N ARG O 270 73.57 4.01 -6.12
CA ARG O 270 73.26 4.59 -7.42
C ARG O 270 73.30 6.09 -7.31
N PRO O 271 74.52 6.61 -7.09
CA PRO O 271 74.67 8.09 -7.09
C PRO O 271 74.16 8.67 -8.41
N GLY O 272 73.58 9.85 -8.34
CA GLY O 272 73.17 10.64 -9.51
C GLY O 272 71.64 10.87 -9.49
N ASP O 273 71.18 11.79 -10.34
CA ASP O 273 69.77 12.14 -10.35
C ASP O 273 68.89 10.94 -10.76
N ASN O 274 69.50 9.96 -11.42
CA ASN O 274 68.81 8.71 -11.84
C ASN O 274 67.65 8.99 -12.84
N LYS O 275 67.85 9.96 -13.71
CA LYS O 275 66.86 10.24 -14.74
C LYS O 275 66.72 9.00 -15.66
N TRP O 276 65.51 8.68 -16.17
CA TRP O 276 64.30 9.51 -15.97
C TRP O 276 63.24 8.66 -15.19
N THR O 277 63.70 8.13 -14.06
CA THR O 277 62.80 7.74 -12.99
C THR O 277 62.10 8.92 -12.45
N MET O 278 60.99 8.63 -11.80
CA MET O 278 60.22 9.64 -11.07
C MET O 278 59.79 10.80 -11.91
N THR O 279 59.39 10.54 -13.17
CA THR O 279 59.16 11.58 -14.12
C THR O 279 57.75 11.62 -14.65
N ILE O 280 57.19 12.81 -14.76
CA ILE O 280 55.91 13.06 -15.44
C ILE O 280 56.22 13.27 -16.90
N TRP O 281 55.68 12.40 -17.75
CA TRP O 281 55.92 12.40 -19.19
C TRP O 281 54.73 12.91 -19.96
N GLY O 282 55.02 13.60 -21.05
CA GLY O 282 54.04 13.95 -22.09
C GLY O 282 54.61 13.44 -23.38
N ARG O 283 54.01 12.38 -23.94
CA ARG O 283 54.50 11.74 -25.13
C ARG O 283 53.47 11.79 -26.27
N ASP O 284 53.94 12.04 -27.50
CA ASP O 284 53.15 11.89 -28.74
C ASP O 284 52.51 10.54 -28.85
N ALA O 285 51.20 10.49 -29.11
CA ALA O 285 50.52 9.20 -29.13
C ALA O 285 51.01 8.22 -30.23
N ASP O 286 51.16 8.75 -31.44
CA ASP O 286 51.49 7.90 -32.58
C ASP O 286 52.93 7.39 -32.55
N THR O 287 53.86 8.22 -32.10
CA THR O 287 55.26 7.86 -32.14
C THR O 287 55.93 7.49 -30.78
N GLY O 288 55.30 7.84 -29.67
CA GLY O 288 55.89 7.63 -28.36
C GLY O 288 56.89 8.74 -27.97
N ARG O 289 57.16 9.70 -28.87
CA ARG O 289 58.27 10.62 -28.65
C ARG O 289 57.93 11.62 -27.58
N ALA O 290 58.81 11.78 -26.61
CA ALA O 290 58.50 12.63 -25.49
C ALA O 290 58.66 14.10 -25.87
N LYS O 291 57.62 14.89 -25.61
CA LYS O 291 57.64 16.33 -25.76
C LYS O 291 58.12 17.02 -24.50
N PHE O 292 57.80 16.45 -23.34
CA PHE O 292 58.24 16.99 -22.06
C PHE O 292 58.45 15.85 -21.08
N GLY O 293 59.28 16.12 -20.10
CA GLY O 293 59.55 15.17 -19.00
C GLY O 293 60.00 15.96 -17.81
N TYR O 294 59.27 15.89 -16.71
CA TYR O 294 59.60 16.63 -15.52
C TYR O 294 59.94 15.63 -14.41
N GLN O 295 61.19 15.66 -13.93
CA GLN O 295 61.59 14.74 -12.82
C GLN O 295 61.18 15.32 -11.49
N LYS O 296 60.19 14.67 -10.84
CA LYS O 296 59.62 15.11 -9.57
C LYS O 296 60.58 14.94 -8.39
N THR O 297 61.21 13.78 -8.33
CA THR O 297 62.02 13.33 -7.22
C THR O 297 63.36 12.84 -7.77
N PRO O 298 64.30 13.79 -7.96
CA PRO O 298 65.65 13.44 -8.38
C PRO O 298 66.35 12.61 -7.28
N HIS O 299 67.10 11.59 -7.70
CA HIS O 299 67.83 10.76 -6.82
C HIS O 299 66.94 10.26 -5.67
N ASP O 300 65.88 9.50 -6.01
CA ASP O 300 65.00 9.13 -4.95
C ASP O 300 65.70 8.37 -3.79
N GLU O 301 65.34 8.74 -2.57
CA GLU O 301 65.85 8.07 -1.40
C GLU O 301 64.81 7.32 -0.55
N TRP O 302 63.58 7.29 -1.04
CA TRP O 302 62.45 6.95 -0.23
C TRP O 302 61.43 5.97 -0.85
N ASP O 303 61.69 5.51 -2.06
CA ASP O 303 60.70 4.83 -2.90
C ASP O 303 59.43 5.61 -3.08
N TYR O 304 59.50 6.88 -3.46
CA TYR O 304 58.29 7.62 -3.84
C TYR O 304 57.89 7.37 -5.28
N ALA O 305 57.61 6.11 -5.63
CA ALA O 305 57.39 5.73 -7.04
C ALA O 305 56.40 6.61 -7.73
N GLY O 306 56.83 7.20 -8.82
CA GLY O 306 56.10 8.31 -9.44
C GLY O 306 54.95 7.95 -10.37
N VAL O 307 54.21 6.85 -10.06
CA VAL O 307 53.28 6.25 -10.99
C VAL O 307 51.83 6.69 -10.79
N ASN O 308 51.55 7.63 -9.87
CA ASN O 308 50.15 7.93 -9.52
C ASN O 308 49.40 8.56 -10.69
N TYR O 309 48.10 8.67 -10.54
CA TYR O 309 47.26 9.08 -11.68
C TYR O 309 47.46 10.53 -12.07
N MET O 310 47.04 10.84 -13.30
CA MET O 310 47.06 12.17 -13.88
C MET O 310 45.61 12.56 -14.17
N GLY O 311 45.14 13.66 -13.57
CA GLY O 311 43.80 14.16 -13.73
C GLY O 311 43.90 15.42 -14.55
N LEU O 312 43.31 15.43 -15.74
CA LEU O 312 43.33 16.61 -16.59
C LEU O 312 42.17 17.56 -16.26
N SER O 313 42.42 18.85 -16.38
CA SER O 313 41.34 19.84 -16.14
C SER O 313 41.69 21.11 -16.94
N GLU O 314 40.77 22.04 -17.00
CA GLU O 314 41.07 23.40 -17.63
C GLU O 314 40.57 24.40 -16.62
N GLN O 315 41.51 25.16 -16.07
CA GLN O 315 41.27 26.11 -14.96
C GLN O 315 42.06 27.41 -15.23
N GLU O 316 41.56 28.48 -14.68
CA GLU O 316 42.30 29.75 -14.80
C GLU O 316 43.60 29.78 -14.00
N VAL O 317 44.66 30.18 -14.68
CA VAL O 317 45.97 30.40 -14.03
C VAL O 317 46.42 31.87 -14.34
N ASP O 318 46.53 32.67 -13.29
CA ASP O 318 46.77 34.11 -13.40
C ASP O 318 45.78 34.73 -14.38
N GLY O 319 44.52 34.37 -14.22
CA GLY O 319 43.47 34.87 -15.08
C GLY O 319 43.28 34.24 -16.44
N LYS O 320 44.13 33.32 -16.84
CA LYS O 320 44.04 32.75 -18.19
C LYS O 320 43.62 31.28 -18.15
N LEU O 321 42.54 30.93 -18.85
CA LEU O 321 42.09 29.54 -18.87
C LEU O 321 43.14 28.62 -19.54
N THR O 322 43.64 27.58 -18.84
CA THR O 322 44.87 26.84 -19.23
C THR O 322 44.59 25.32 -19.19
N PRO O 323 45.09 24.55 -20.16
CA PRO O 323 45.01 23.07 -20.09
C PRO O 323 46.05 22.49 -19.15
N LEU O 324 45.58 21.76 -18.14
CA LEU O 324 46.41 21.35 -16.97
C LEU O 324 46.39 19.83 -16.77
N LEU O 325 47.39 19.31 -16.08
CA LEU O 325 47.31 17.98 -15.53
C LEU O 325 47.63 18.18 -14.06
N THR O 326 47.03 17.37 -13.23
CA THR O 326 47.18 17.44 -11.75
C THR O 326 47.54 16.05 -11.29
N HIS O 327 48.48 15.93 -10.35
CA HIS O 327 49.09 14.60 -10.09
C HIS O 327 49.53 14.55 -8.67
N PRO O 328 48.77 13.86 -7.82
CA PRO O 328 49.21 13.77 -6.39
C PRO O 328 50.22 12.68 -6.23
N ASP O 329 51.48 13.04 -6.02
CA ASP O 329 52.56 12.03 -6.00
C ASP O 329 52.70 11.29 -4.66
N ARG O 330 53.27 10.10 -4.70
CA ARG O 330 53.71 9.45 -3.53
C ARG O 330 54.57 10.32 -2.62
N ASN O 331 55.38 11.23 -3.16
CA ASN O 331 56.26 12.08 -2.34
C ASN O 331 55.51 13.14 -1.50
N GLY O 332 54.20 13.20 -1.63
CA GLY O 332 53.36 14.07 -0.83
C GLY O 332 53.17 15.47 -1.40
N LEU O 333 53.62 15.66 -2.62
CA LEU O 333 53.34 16.91 -3.34
C LEU O 333 52.22 16.68 -4.34
N VAL O 334 51.37 17.69 -4.51
CA VAL O 334 50.38 17.68 -5.59
C VAL O 334 50.91 18.61 -6.67
N TYR O 335 51.22 18.03 -7.82
CA TYR O 335 51.74 18.72 -9.00
C TYR O 335 50.65 19.09 -9.95
N THR O 336 50.66 20.34 -10.39
CA THR O 336 49.82 20.81 -11.50
C THR O 336 50.75 21.43 -12.53
N LEU O 337 50.73 20.85 -13.76
CA LEU O 337 51.49 21.32 -14.88
C LEU O 337 50.62 21.76 -16.04
N ASN O 338 51.16 22.66 -16.86
CA ASN O 338 50.54 23.02 -18.09
C ASN O 338 50.80 21.81 -18.97
N ARG O 339 49.72 21.19 -19.49
CA ARG O 339 49.86 19.86 -20.09
C ARG O 339 50.25 19.95 -21.56
N GLU O 340 50.27 21.17 -22.11
CA GLU O 340 50.80 21.41 -23.41
C GLU O 340 52.33 21.63 -23.30
N THR O 341 52.77 22.52 -22.43
CA THR O 341 54.21 22.93 -22.40
C THR O 341 55.04 22.16 -21.40
N GLY O 342 54.36 21.55 -20.41
CA GLY O 342 55.02 20.95 -19.27
C GLY O 342 55.42 21.89 -18.15
N ALA O 343 55.10 23.20 -18.29
CA ALA O 343 55.45 24.21 -17.33
C ALA O 343 54.81 23.88 -16.01
N LEU O 344 55.61 24.00 -14.96
CA LEU O 344 55.08 23.93 -13.61
C LEU O 344 54.16 25.09 -13.22
N VAL O 345 52.93 24.76 -12.80
CA VAL O 345 51.97 25.73 -12.28
C VAL O 345 52.01 25.79 -10.75
N ASN O 346 51.91 24.65 -10.10
CA ASN O 346 52.03 24.60 -8.65
C ASN O 346 52.49 23.18 -8.20
N ALA O 347 53.03 23.10 -6.97
CA ALA O 347 53.44 21.87 -6.34
C ALA O 347 53.40 22.10 -4.88
N PHE O 348 52.32 21.68 -4.27
CA PHE O 348 52.03 21.96 -2.88
C PHE O 348 51.89 20.69 -2.09
N LYS O 349 52.20 20.78 -0.79
CA LYS O 349 52.17 19.64 0.13
C LYS O 349 50.70 19.17 0.34
N ILE O 350 50.46 17.90 0.14
CA ILE O 350 49.11 17.34 0.34
C ILE O 350 48.70 17.36 1.78
N ASP O 351 49.73 17.37 2.63
CA ASP O 351 49.54 17.51 4.06
C ASP O 351 50.77 18.23 4.55
N ASP O 352 50.59 19.14 5.49
CA ASP O 352 51.74 19.94 5.94
C ASP O 352 52.88 19.18 6.65
N THR O 353 52.66 17.94 7.02
CA THR O 353 53.68 17.12 7.67
C THR O 353 54.77 16.52 6.75
N VAL O 354 54.60 16.60 5.43
CA VAL O 354 55.64 16.21 4.49
C VAL O 354 56.97 16.91 4.86
N ASN O 355 58.02 16.12 5.04
CA ASN O 355 59.30 16.71 5.55
C ASN O 355 60.56 16.35 4.81
N TRP O 356 60.52 15.45 3.82
CA TRP O 356 61.75 15.15 3.08
C TRP O 356 62.13 16.38 2.21
N VAL O 357 61.16 17.21 1.88
CA VAL O 357 61.31 18.38 1.03
C VAL O 357 60.82 19.56 1.84
N LYS O 358 61.51 20.71 1.72
CA LYS O 358 61.02 21.95 2.35
C LYS O 358 59.91 22.59 1.53
N LYS O 359 60.22 22.74 0.27
CA LYS O 359 59.28 23.16 -0.76
C LYS O 359 59.85 22.92 -2.11
N VAL O 360 59.00 23.06 -3.13
CA VAL O 360 59.45 23.05 -4.54
C VAL O 360 59.59 24.49 -4.93
N ASP O 361 60.74 24.82 -5.50
CA ASP O 361 60.93 26.15 -6.13
C ASP O 361 60.31 26.10 -7.48
N LEU O 362 59.22 26.82 -7.66
CA LEU O 362 58.43 26.66 -8.89
C LEU O 362 59.17 27.11 -10.14
N LYS O 363 59.99 28.15 -9.96
CA LYS O 363 60.81 28.67 -11.03
C LYS O 363 61.96 27.76 -11.49
N THR O 364 62.67 27.10 -10.55
CA THR O 364 63.70 26.13 -10.98
C THR O 364 63.18 24.71 -11.22
N GLY O 365 62.00 24.47 -10.67
CA GLY O 365 61.41 23.16 -10.61
C GLY O 365 61.99 22.19 -9.60
N LEU O 366 62.95 22.62 -8.75
CA LEU O 366 63.61 21.70 -7.92
C LEU O 366 63.04 21.60 -6.49
N PRO O 367 62.83 20.36 -6.02
CA PRO O 367 62.46 20.17 -4.61
C PRO O 367 63.70 20.45 -3.73
N ILE O 368 63.55 21.37 -2.79
CA ILE O 368 64.62 21.75 -1.90
C ILE O 368 64.58 20.72 -0.78
N ARG O 369 65.60 19.90 -0.71
CA ARG O 369 65.62 18.75 0.16
C ARG O 369 66.05 19.17 1.58
N ASP O 370 65.44 18.55 2.59
CA ASP O 370 65.91 18.68 3.96
C ASP O 370 66.78 17.50 4.33
N PRO O 371 68.09 17.73 4.47
CA PRO O 371 69.04 16.61 4.75
C PRO O 371 68.74 15.88 6.04
N GLU O 372 67.96 16.48 6.97
CA GLU O 372 67.62 15.72 8.18
C GLU O 372 66.73 14.49 7.92
N TYR O 373 66.07 14.43 6.77
CA TYR O 373 65.14 13.35 6.39
C TYR O 373 65.58 12.64 5.10
N SER O 374 66.87 12.63 4.81
CA SER O 374 67.45 11.85 3.74
C SER O 374 67.70 10.42 4.21
N THR O 375 67.99 9.51 3.28
CA THR O 375 68.43 8.20 3.61
C THR O 375 69.83 8.03 3.00
N ARG O 376 70.55 7.11 3.61
CA ARG O 376 71.97 6.87 3.27
C ARG O 376 72.48 5.67 4.04
N MET O 377 73.42 4.93 3.42
CA MET O 377 74.11 3.84 4.06
C MET O 377 74.70 4.26 5.40
N ASP O 378 74.70 3.32 6.33
CA ASP O 378 75.22 3.49 7.72
C ASP O 378 74.52 4.52 8.52
N HIS O 379 73.23 4.73 8.23
CA HIS O 379 72.43 5.68 8.97
C HIS O 379 71.03 5.13 9.07
N ASN O 380 70.47 5.11 10.27
CA ASN O 380 69.06 4.73 10.43
C ASN O 380 68.19 5.98 10.49
N ALA O 381 67.58 6.34 9.37
CA ALA O 381 66.81 7.57 9.25
C ALA O 381 65.48 7.42 9.99
N LYS O 382 65.14 8.40 10.84
CA LYS O 382 63.90 8.36 11.56
C LYS O 382 62.91 9.46 11.23
N GLY O 383 61.63 9.11 11.17
CA GLY O 383 60.51 10.05 11.16
C GLY O 383 60.30 10.73 9.80
N ILE O 384 60.63 10.07 8.71
CA ILE O 384 60.46 10.64 7.39
C ILE O 384 58.96 10.54 6.94
N CYS O 385 58.44 11.67 6.44
CA CYS O 385 57.10 11.78 5.92
C CYS O 385 57.14 12.31 4.50
N PRO O 386 56.46 11.63 3.58
CA PRO O 386 55.80 10.34 3.78
C PRO O 386 56.68 9.17 3.87
N SER O 387 56.09 8.05 4.25
CA SER O 387 56.71 6.74 4.04
C SER O 387 56.75 6.40 2.53
N ALA O 388 57.42 5.32 2.23
CA ALA O 388 57.44 4.70 0.88
C ALA O 388 56.02 4.42 0.35
N MET O 389 55.05 4.17 1.23
CA MET O 389 53.66 4.00 0.76
C MET O 389 53.01 5.25 0.21
N GLY O 390 53.63 6.38 0.51
CA GLY O 390 53.25 7.69 0.07
C GLY O 390 52.16 8.28 0.87
N TYR O 391 51.99 9.58 0.73
CA TYR O 391 50.77 10.23 1.16
C TYR O 391 49.67 10.06 0.14
N HIS O 392 50.02 9.53 -1.03
CA HIS O 392 49.04 9.08 -1.99
C HIS O 392 49.62 7.92 -2.74
N ASN O 393 48.82 6.91 -3.06
CA ASN O 393 49.29 5.77 -3.78
C ASN O 393 48.40 5.61 -5.07
N GLN O 394 48.16 4.38 -5.46
CA GLN O 394 47.59 4.00 -6.73
C GLN O 394 46.12 4.35 -6.93
N GLY O 395 45.43 4.93 -5.98
CA GLY O 395 44.00 5.23 -6.22
C GLY O 395 43.74 6.34 -7.26
N ILE O 396 42.78 6.12 -8.18
CA ILE O 396 42.39 7.13 -9.17
C ILE O 396 41.43 8.08 -8.45
N GLU O 397 41.79 9.37 -8.43
CA GLU O 397 40.97 10.38 -7.74
C GLU O 397 39.99 11.08 -8.65
N SER O 398 39.26 12.07 -8.11
CA SER O 398 38.10 12.61 -8.89
C SER O 398 38.12 14.14 -8.89
N TYR O 399 37.45 14.74 -9.86
CA TYR O 399 37.46 16.20 -10.07
C TYR O 399 36.06 16.68 -10.42
N ASP O 400 35.49 17.58 -9.59
CA ASP O 400 34.19 18.18 -9.88
C ASP O 400 34.48 19.52 -10.59
N PRO O 401 34.19 19.60 -11.87
CA PRO O 401 34.54 20.77 -12.66
C PRO O 401 33.72 22.03 -12.36
N ASP O 402 32.60 21.85 -11.67
CA ASP O 402 31.74 22.97 -11.24
C ASP O 402 32.40 23.62 -10.03
N LYS O 403 32.88 22.80 -9.09
CA LYS O 403 33.46 23.28 -7.86
C LYS O 403 34.95 23.57 -8.03
N LYS O 404 35.55 23.05 -9.12
CA LYS O 404 37.02 23.11 -9.31
C LYS O 404 37.76 22.49 -8.13
N LEU O 405 37.28 21.36 -7.60
CA LEU O 405 37.92 20.68 -6.51
C LEU O 405 38.27 19.24 -6.93
N PHE O 406 39.47 18.78 -6.57
CA PHE O 406 39.83 17.39 -6.57
C PHE O 406 39.52 16.77 -5.21
N PHE O 407 39.03 15.51 -5.23
CA PHE O 407 38.67 14.76 -4.02
C PHE O 407 39.60 13.58 -3.95
N MET O 408 40.37 13.47 -2.85
CA MET O 408 41.45 12.49 -2.78
C MET O 408 41.44 11.72 -1.47
N GLY O 409 41.57 10.39 -1.62
CA GLY O 409 41.92 9.51 -0.55
C GLY O 409 43.40 9.62 -0.31
N VAL O 410 43.75 9.92 0.92
CA VAL O 410 45.11 10.26 1.32
C VAL O 410 45.57 9.25 2.39
N ASN O 411 46.87 9.06 2.44
CA ASN O 411 47.50 8.26 3.47
C ASN O 411 48.33 9.18 4.40
N HIS O 412 48.45 8.77 5.62
CA HIS O 412 49.16 9.53 6.66
C HIS O 412 50.06 8.58 7.40
N ILE O 413 51.15 8.25 6.72
CA ILE O 413 52.07 7.20 7.16
C ILE O 413 53.47 7.73 7.05
N CYS O 414 54.26 7.46 8.08
CA CYS O 414 55.63 7.94 8.17
C CYS O 414 56.55 6.73 8.39
N MET O 415 57.88 6.91 8.34
CA MET O 415 58.78 5.74 8.39
C MET O 415 60.16 6.03 8.94
N ASP O 416 60.78 4.95 9.39
CA ASP O 416 62.23 4.80 9.61
C ASP O 416 62.78 3.95 8.49
N TRP O 417 64.03 4.19 8.09
CA TRP O 417 64.63 3.55 6.96
C TRP O 417 66.14 3.42 7.12
N GLU O 418 66.65 2.21 6.95
CA GLU O 418 68.13 1.99 6.90
C GLU O 418 68.45 1.14 5.68
N PRO O 419 69.31 1.61 4.77
CA PRO O 419 69.69 0.71 3.68
C PRO O 419 70.72 -0.32 4.03
N PHE O 420 70.95 -1.22 3.10
CA PHE O 420 72.02 -2.19 3.21
C PHE O 420 72.52 -2.60 1.82
N MET O 421 73.79 -3.00 1.72
CA MET O 421 74.34 -3.42 0.48
C MET O 421 73.79 -4.79 0.11
N LEU O 422 73.66 -5.02 -1.21
CA LEU O 422 73.27 -6.31 -1.73
C LEU O 422 73.64 -6.42 -3.19
N PRO O 423 73.81 -7.63 -3.68
CA PRO O 423 74.06 -7.86 -5.09
C PRO O 423 72.77 -7.89 -5.93
N TYR O 424 72.88 -7.57 -7.22
CA TYR O 424 71.78 -7.78 -8.20
C TYR O 424 71.94 -9.18 -8.80
N ARG O 425 70.85 -9.99 -8.76
CA ARG O 425 70.79 -11.28 -9.46
C ARG O 425 69.40 -11.26 -10.10
N ALA O 426 69.38 -11.35 -11.41
CA ALA O 426 68.16 -11.28 -12.17
C ALA O 426 67.19 -12.34 -11.71
N GLY O 427 65.97 -11.88 -11.38
CA GLY O 427 64.94 -12.79 -10.89
C GLY O 427 64.79 -12.77 -9.40
N GLN O 428 65.73 -12.10 -8.70
CA GLN O 428 65.72 -11.98 -7.22
C GLN O 428 65.37 -10.55 -6.83
N PHE O 429 64.82 -10.40 -5.62
CA PHE O 429 64.55 -9.04 -5.07
C PHE O 429 65.85 -8.21 -4.96
N PHE O 430 65.72 -6.91 -5.17
CA PHE O 430 66.87 -5.98 -5.26
C PHE O 430 66.42 -4.73 -4.56
N VAL O 431 66.04 -4.91 -3.26
CA VAL O 431 65.47 -3.74 -2.50
C VAL O 431 66.55 -3.03 -1.72
N GLY O 432 67.16 -3.71 -0.77
CA GLY O 432 68.27 -3.11 -0.03
C GLY O 432 68.00 -2.01 0.96
N ALA O 433 66.83 -2.05 1.60
CA ALA O 433 66.49 -1.23 2.73
C ALA O 433 65.51 -1.94 3.66
N THR O 434 65.60 -1.60 4.92
CA THR O 434 64.69 -2.09 5.98
C THR O 434 63.94 -0.90 6.48
N LEU O 435 62.60 -1.01 6.49
CA LEU O 435 61.69 0.06 6.86
C LEU O 435 60.81 -0.35 8.03
N ASN O 436 60.37 0.63 8.81
CA ASN O 436 59.33 0.42 9.82
C ASN O 436 58.42 1.62 9.70
N MET O 437 57.12 1.42 9.67
CA MET O 437 56.18 2.49 9.38
C MET O 437 55.11 2.62 10.47
N TYR O 438 54.52 3.79 10.55
CA TYR O 438 53.63 4.17 11.67
C TYR O 438 52.87 5.40 11.24
N PRO O 439 51.81 5.75 11.96
CA PRO O 439 51.06 6.91 11.58
C PRO O 439 51.88 8.19 11.60
N GLY O 440 51.45 9.12 10.76
CA GLY O 440 51.97 10.44 10.78
C GLY O 440 51.62 11.18 12.06
N PRO O 441 52.10 12.38 12.17
CA PRO O 441 51.98 13.11 13.41
C PRO O 441 50.56 13.39 13.87
N LYS O 442 49.58 13.41 13.00
CA LYS O 442 48.19 13.60 13.33
C LYS O 442 47.55 12.43 13.91
N GLY O 443 48.18 11.28 13.77
CA GLY O 443 47.90 10.10 14.58
C GLY O 443 47.04 9.01 13.91
N MET O 444 46.35 9.32 12.82
CA MET O 444 45.50 8.33 12.11
C MET O 444 46.25 7.99 10.82
N LEU O 445 45.86 6.92 10.13
CA LEU O 445 46.57 6.48 8.94
C LEU O 445 46.00 7.00 7.65
N GLY O 446 44.79 7.57 7.66
CA GLY O 446 44.14 8.04 6.44
C GLY O 446 43.41 9.36 6.56
N GLN O 447 43.17 9.95 5.42
CA GLN O 447 42.36 11.17 5.33
C GLN O 447 41.58 11.18 4.01
N VAL O 448 40.53 11.99 3.94
CA VAL O 448 39.90 12.33 2.65
C VAL O 448 39.95 13.87 2.64
N LYS O 449 40.43 14.41 1.52
CA LYS O 449 40.60 15.86 1.35
C LYS O 449 39.99 16.36 0.07
N ALA O 450 39.53 17.62 0.08
CA ALA O 450 39.08 18.27 -1.14
C ALA O 450 39.93 19.55 -1.26
N MET O 451 40.44 19.77 -2.47
CA MET O 451 41.38 20.84 -2.74
C MET O 451 41.28 21.42 -4.12
N ASN O 452 41.69 22.67 -4.20
CA ASN O 452 41.87 23.35 -5.46
C ASN O 452 43.33 23.18 -5.82
N ALA O 453 43.56 22.57 -6.94
CA ALA O 453 44.88 22.21 -7.37
C ALA O 453 45.71 23.36 -7.90
N VAL O 454 45.10 24.46 -8.31
CA VAL O 454 45.85 25.62 -8.80
C VAL O 454 46.35 26.42 -7.60
N THR O 455 45.47 26.68 -6.66
CA THR O 455 45.77 27.53 -5.51
C THR O 455 46.35 26.74 -4.39
N GLY O 456 46.09 25.43 -4.33
CA GLY O 456 46.43 24.68 -3.14
C GLY O 456 45.50 24.77 -1.95
N LYS O 457 44.39 25.49 -2.06
CA LYS O 457 43.53 25.70 -0.95
C LYS O 457 42.72 24.43 -0.63
N MET O 458 42.75 24.05 0.64
CA MET O 458 42.02 22.84 1.11
C MET O 458 40.62 23.28 1.44
N GLU O 459 39.63 22.68 0.84
CA GLU O 459 38.25 23.02 1.13
C GLU O 459 37.79 22.34 2.42
N TRP O 460 38.15 21.06 2.61
CA TRP O 460 37.80 20.30 3.80
C TRP O 460 38.68 19.07 3.88
N GLU O 461 38.89 18.61 5.09
CA GLU O 461 39.80 17.50 5.36
C GLU O 461 39.14 16.73 6.46
N VAL O 462 39.07 15.40 6.33
CA VAL O 462 38.53 14.53 7.36
C VAL O 462 39.40 13.34 7.60
N PRO O 463 39.43 12.84 8.84
CA PRO O 463 40.33 11.74 9.13
C PRO O 463 39.63 10.36 8.84
N GLU O 464 40.45 9.34 8.61
CA GLU O 464 39.96 7.96 8.37
C GLU O 464 40.92 7.07 9.17
N LYS O 465 40.36 6.07 9.79
CA LYS O 465 41.14 5.11 10.59
C LYS O 465 42.31 4.44 9.84
N PHE O 466 42.08 4.01 8.59
CA PHE O 466 43.12 3.45 7.74
C PHE O 466 43.35 4.33 6.50
N ALA O 467 44.54 4.21 5.92
CA ALA O 467 44.89 4.84 4.63
C ALA O 467 43.78 4.62 3.61
N VAL O 468 43.42 5.64 2.87
CA VAL O 468 42.35 5.52 1.85
C VAL O 468 43.04 5.25 0.52
N TRP O 469 42.98 3.99 0.11
CA TRP O 469 43.91 3.45 -0.87
C TRP O 469 43.33 3.39 -2.29
N GLY O 470 42.03 3.20 -2.37
CA GLY O 470 41.34 2.86 -3.58
C GLY O 470 40.86 3.91 -4.55
N GLY O 471 41.00 5.16 -4.18
CA GLY O 471 40.57 6.27 -5.02
C GLY O 471 39.10 6.58 -4.78
N THR O 472 38.58 7.49 -5.61
CA THR O 472 37.27 8.11 -5.36
C THR O 472 36.50 8.26 -6.64
N LEU O 473 35.22 8.48 -6.47
CA LEU O 473 34.28 8.73 -7.54
C LEU O 473 33.48 9.95 -7.00
N ALA O 474 33.34 10.98 -7.84
CA ALA O 474 32.56 12.15 -7.43
C ALA O 474 31.38 12.31 -8.40
N THR O 475 30.31 12.91 -7.91
CA THR O 475 29.16 13.07 -8.80
C THR O 475 28.48 14.41 -8.63
N ALA O 476 27.66 14.74 -9.64
CA ALA O 476 26.91 15.98 -9.63
C ALA O 476 25.75 15.97 -8.65
N GLY O 477 25.50 14.85 -8.00
CA GLY O 477 24.66 14.85 -6.80
C GLY O 477 25.32 15.33 -5.52
N ASP O 478 26.54 15.92 -5.63
CA ASP O 478 27.26 16.51 -4.51
C ASP O 478 27.79 15.44 -3.55
N LEU O 479 28.30 14.35 -4.14
CA LEU O 479 28.80 13.21 -3.35
C LEU O 479 30.13 12.77 -3.89
N VAL O 480 30.96 12.35 -2.93
CA VAL O 480 32.14 11.58 -3.29
C VAL O 480 32.04 10.24 -2.57
N PHE O 481 32.27 9.17 -3.33
CA PHE O 481 32.21 7.83 -2.83
C PHE O 481 33.66 7.30 -2.82
N TYR O 482 33.92 6.46 -1.84
CA TYR O 482 35.18 5.70 -1.75
C TYR O 482 35.02 4.51 -0.80
N GLY O 483 35.86 3.52 -0.98
CA GLY O 483 35.99 2.47 -0.06
C GLY O 483 37.16 2.54 0.87
N THR O 484 37.08 1.85 2.02
CA THR O 484 38.14 1.89 2.98
C THR O 484 38.74 0.51 3.17
N LEU O 485 39.92 0.49 3.75
CA LEU O 485 40.65 -0.75 3.96
C LEU O 485 39.97 -1.64 4.98
N ASP O 486 39.24 -1.05 5.95
CA ASP O 486 38.56 -1.80 6.93
C ASP O 486 37.21 -2.34 6.45
N GLY O 487 36.79 -2.03 5.24
CA GLY O 487 35.67 -2.76 4.67
C GLY O 487 34.38 -1.98 4.64
N PHE O 488 34.45 -0.66 4.44
CA PHE O 488 33.27 0.13 4.12
C PHE O 488 33.31 0.74 2.73
N ILE O 489 32.11 1.05 2.19
CA ILE O 489 31.98 2.02 1.17
C ILE O 489 31.26 3.19 1.83
N LYS O 490 31.74 4.40 1.55
CA LYS O 490 31.30 5.62 2.15
C LYS O 490 30.98 6.70 1.15
N ALA O 491 30.01 7.59 1.55
CA ALA O 491 29.66 8.72 0.70
C ALA O 491 29.66 9.98 1.55
N ARG O 492 30.44 10.97 1.10
CA ARG O 492 30.48 12.30 1.72
C ARG O 492 29.98 13.36 0.83
N ASP O 493 29.38 14.37 1.46
CA ASP O 493 28.97 15.56 0.74
C ASP O 493 30.21 16.31 0.24
N THR O 494 30.32 16.61 -0.99
CA THR O 494 31.48 17.30 -1.50
C THR O 494 31.51 18.83 -1.26
N ARG O 495 30.55 19.47 -0.75
CA ARG O 495 30.69 20.83 -0.30
C ARG O 495 31.40 20.87 1.03
N THR O 496 31.17 19.89 1.92
CA THR O 496 31.55 20.02 3.31
C THR O 496 32.37 18.87 3.88
N GLY O 497 32.37 17.71 3.22
CA GLY O 497 33.00 16.51 3.81
C GLY O 497 32.11 15.68 4.72
N GLU O 498 30.87 16.12 4.97
CA GLU O 498 29.99 15.44 5.95
C GLU O 498 29.71 14.04 5.45
N LEU O 499 29.77 13.07 6.32
CA LEU O 499 29.49 11.67 5.93
C LEU O 499 27.98 11.49 5.85
N LYS O 500 27.49 11.06 4.71
CA LYS O 500 26.04 10.86 4.42
C LYS O 500 25.60 9.42 4.41
N TRP O 501 26.52 8.47 4.16
CA TRP O 501 26.14 7.09 4.03
C TRP O 501 27.39 6.20 4.19
N GLN O 502 27.15 5.03 4.77
CA GLN O 502 28.18 3.99 4.74
C GLN O 502 27.56 2.59 4.78
N PHE O 503 28.28 1.63 4.26
CA PHE O 503 27.80 0.28 4.24
C PHE O 503 28.98 -0.65 4.48
N GLN O 504 28.75 -1.68 5.26
CA GLN O 504 29.75 -2.68 5.62
C GLN O 504 29.81 -3.85 4.59
N LEU O 505 30.81 -3.77 3.72
CA LEU O 505 31.14 -4.75 2.71
C LEU O 505 31.89 -5.89 3.40
N PRO O 506 32.10 -7.00 2.71
CA PRO O 506 32.61 -8.16 3.39
C PRO O 506 34.07 -7.95 3.80
N SER O 507 34.80 -7.37 2.88
CA SER O 507 36.25 -7.14 2.98
C SER O 507 36.64 -5.73 2.63
N GLY O 508 37.81 -5.36 3.06
CA GLY O 508 38.41 -4.10 2.66
C GLY O 508 38.51 -3.86 1.17
N VAL O 509 38.54 -2.57 0.86
CA VAL O 509 38.47 -2.10 -0.53
C VAL O 509 39.82 -1.44 -0.90
N ILE O 510 40.38 -1.84 -2.06
CA ILE O 510 41.58 -1.20 -2.60
C ILE O 510 41.44 -0.70 -4.03
N GLY O 511 40.22 -0.78 -4.58
CA GLY O 511 39.88 -0.19 -5.82
C GLY O 511 38.88 0.95 -5.70
N HIS O 512 38.42 1.48 -6.82
CA HIS O 512 37.55 2.65 -6.83
C HIS O 512 36.11 2.25 -7.06
N PRO O 513 35.15 3.10 -6.63
CA PRO O 513 33.78 2.92 -7.08
C PRO O 513 33.58 3.41 -8.53
N ILE O 514 32.58 2.83 -9.19
CA ILE O 514 32.04 3.30 -10.45
C ILE O 514 30.57 3.63 -10.35
N THR O 515 30.07 4.36 -11.32
CA THR O 515 28.63 4.58 -11.46
C THR O 515 28.24 4.52 -12.94
N TYR O 516 27.03 4.06 -13.22
CA TYR O 516 26.55 4.00 -14.56
C TYR O 516 25.01 3.95 -14.46
N GLN O 517 24.38 4.26 -15.58
CA GLN O 517 22.99 4.13 -15.75
C GLN O 517 22.68 2.90 -16.56
N HIS O 518 21.80 2.04 -16.01
CA HIS O 518 21.35 0.90 -16.80
C HIS O 518 19.83 0.87 -16.82
N ASN O 519 19.26 0.95 -18.01
CA ASN O 519 17.81 0.92 -18.20
C ASN O 519 17.15 1.95 -17.34
N GLY O 520 17.66 3.14 -17.41
CA GLY O 520 17.01 4.24 -16.74
C GLY O 520 17.28 4.44 -15.27
N LYS O 521 18.12 3.60 -14.70
CA LYS O 521 18.39 3.61 -13.29
C LYS O 521 19.89 3.73 -13.02
N GLN O 522 20.25 4.51 -11.98
CA GLN O 522 21.66 4.69 -11.56
C GLN O 522 22.09 3.63 -10.56
N TYR O 523 23.26 3.05 -10.82
CA TYR O 523 23.89 2.08 -9.99
C TYR O 523 25.30 2.55 -9.58
N ILE O 524 25.74 2.07 -8.41
CA ILE O 524 27.16 2.26 -7.97
C ILE O 524 27.70 0.88 -7.77
N ALA O 525 28.90 0.60 -8.26
CA ALA O 525 29.53 -0.68 -8.07
C ALA O 525 30.95 -0.56 -7.56
N ILE O 526 31.41 -1.57 -6.85
CA ILE O 526 32.79 -1.55 -6.30
C ILE O 526 33.22 -3.00 -6.05
N TYR O 527 34.52 -3.26 -6.08
CA TYR O 527 35.06 -4.50 -5.58
C TYR O 527 35.28 -4.46 -4.06
N SER O 528 35.09 -5.60 -3.41
CA SER O 528 35.48 -5.79 -2.04
C SER O 528 36.46 -6.97 -2.04
N GLY O 529 37.65 -6.77 -1.47
CA GLY O 529 38.67 -7.78 -1.45
C GLY O 529 39.99 -7.14 -1.12
N VAL O 530 40.31 -7.14 0.15
CA VAL O 530 41.48 -6.48 0.63
C VAL O 530 42.80 -7.19 0.21
N GLY O 531 43.86 -6.38 0.17
CA GLY O 531 45.17 -6.90 -0.13
C GLY O 531 46.01 -5.77 -0.60
N GLY O 532 46.80 -6.02 -1.64
CA GLY O 532 47.75 -5.02 -2.05
C GLY O 532 48.79 -4.71 -0.97
N TRP O 533 49.43 -3.58 -1.07
CA TRP O 533 50.53 -3.36 -0.10
C TRP O 533 50.02 -3.29 1.39
N PRO O 534 48.95 -2.52 1.65
CA PRO O 534 48.51 -2.40 3.07
C PRO O 534 48.02 -3.74 3.62
N GLY O 535 47.49 -4.58 2.78
CA GLY O 535 47.04 -5.88 3.17
C GLY O 535 48.01 -7.04 3.21
N VAL O 536 49.28 -6.79 2.86
CA VAL O 536 50.25 -7.85 2.72
C VAL O 536 50.43 -8.66 4.00
N GLY O 537 50.36 -8.03 5.17
CA GLY O 537 50.41 -8.77 6.42
C GLY O 537 49.29 -9.78 6.60
N LEU O 538 48.07 -9.32 6.28
CA LEU O 538 46.95 -10.25 6.47
C LEU O 538 46.86 -11.28 5.39
N VAL O 539 47.26 -10.93 4.15
CA VAL O 539 47.25 -11.85 3.03
C VAL O 539 48.26 -12.98 3.26
N PHE O 540 49.42 -12.67 3.76
CA PHE O 540 50.50 -13.64 3.78
C PHE O 540 50.82 -14.11 5.15
N ASP O 541 50.03 -13.69 6.13
CA ASP O 541 50.22 -14.04 7.54
C ASP O 541 51.62 -13.59 8.09
N LEU O 542 51.97 -12.33 7.83
CA LEU O 542 53.31 -11.85 8.22
C LEU O 542 53.18 -11.22 9.58
N LYS O 543 54.25 -11.32 10.37
CA LYS O 543 54.30 -10.77 11.74
C LYS O 543 55.36 -9.76 12.08
N ASP O 544 56.46 -9.78 11.34
CA ASP O 544 57.64 -8.95 11.69
C ASP O 544 57.23 -7.56 11.20
N PRO O 545 57.44 -6.50 12.00
CA PRO O 545 56.98 -5.16 11.63
C PRO O 545 57.61 -4.58 10.38
N THR O 546 58.81 -5.07 10.01
CA THR O 546 59.53 -4.58 8.90
C THR O 546 59.22 -5.42 7.63
N ALA O 547 58.49 -6.53 7.82
CA ALA O 547 58.07 -7.35 6.69
C ALA O 547 57.10 -6.60 5.76
N GLY O 548 56.89 -7.14 4.57
CA GLY O 548 56.03 -6.49 3.63
C GLY O 548 56.62 -5.14 3.19
N LEU O 549 57.95 -5.09 3.07
CA LEU O 549 58.70 -3.81 2.74
C LEU O 549 58.28 -2.70 3.71
N GLY O 550 58.09 -3.07 4.97
CA GLY O 550 57.74 -2.18 6.06
C GLY O 550 56.31 -1.80 6.27
N ALA O 551 55.38 -2.42 5.54
CA ALA O 551 53.97 -2.15 5.75
C ALA O 551 53.37 -2.92 6.93
N VAL O 552 53.98 -4.04 7.34
CA VAL O 552 53.29 -4.95 8.22
C VAL O 552 53.00 -4.37 9.56
N GLY O 553 54.02 -3.72 10.18
CA GLY O 553 53.80 -3.09 11.49
C GLY O 553 52.70 -2.05 11.48
N ALA O 554 52.76 -1.19 10.50
CA ALA O 554 51.81 -0.09 10.41
C ALA O 554 50.37 -0.57 10.27
N PHE O 555 50.18 -1.67 9.56
CA PHE O 555 48.84 -2.15 9.27
C PHE O 555 48.44 -3.34 10.08
N ARG O 556 49.15 -3.55 11.18
CA ARG O 556 48.92 -4.74 12.02
C ARG O 556 47.48 -4.83 12.55
N GLU O 557 46.81 -3.73 12.74
CA GLU O 557 45.41 -3.81 13.26
C GLU O 557 44.38 -4.09 12.20
N LEU O 558 44.75 -4.09 10.92
CA LEU O 558 43.75 -4.21 9.86
C LEU O 558 43.05 -5.58 9.95
N ALA O 559 43.80 -6.61 10.37
CA ALA O 559 43.28 -8.00 10.47
C ALA O 559 42.24 -8.17 11.60
N HIS O 560 42.09 -7.17 12.47
CA HIS O 560 41.03 -7.19 13.43
C HIS O 560 39.69 -6.82 12.79
N TYR O 561 39.71 -6.19 11.62
CA TYR O 561 38.54 -5.72 10.93
C TYR O 561 38.16 -6.51 9.68
N THR O 562 39.13 -7.05 8.94
CA THR O 562 38.83 -7.58 7.64
C THR O 562 39.67 -8.85 7.44
N GLN O 563 39.03 -9.82 6.82
CA GLN O 563 39.71 -10.93 6.15
C GLN O 563 39.76 -10.66 4.66
N MET O 564 40.42 -11.55 3.94
CA MET O 564 40.41 -11.53 2.47
C MET O 564 39.02 -11.86 1.92
N GLY O 565 38.76 -11.46 0.71
CA GLY O 565 37.49 -11.75 0.04
C GLY O 565 37.62 -11.45 -1.40
N GLY O 566 36.57 -11.57 -2.18
CA GLY O 566 36.61 -11.09 -3.58
C GLY O 566 35.16 -11.09 -4.08
N SER O 567 34.56 -9.95 -4.12
CA SER O 567 33.17 -9.78 -4.62
C SER O 567 32.99 -8.47 -5.33
N VAL O 568 31.91 -8.34 -6.08
CA VAL O 568 31.53 -7.09 -6.66
C VAL O 568 30.19 -6.76 -6.02
N PHE O 569 30.04 -5.54 -5.50
CA PHE O 569 28.82 -5.07 -4.87
C PHE O 569 28.27 -3.99 -5.77
N VAL O 570 26.96 -4.09 -6.08
CA VAL O 570 26.22 -3.09 -6.87
C VAL O 570 25.06 -2.56 -6.01
N PHE O 571 24.93 -1.24 -5.98
CA PHE O 571 24.01 -0.53 -5.14
C PHE O 571 23.07 0.28 -6.04
N SER O 572 21.83 0.46 -5.55
CA SER O 572 20.92 1.37 -6.14
C SER O 572 19.89 1.88 -5.14
N LEU O 573 19.06 2.80 -5.57
CA LEU O 573 17.90 3.14 -4.80
C LEU O 573 16.79 2.17 -5.38
N TYR P 1 73.69 18.38 0.52
CA TYR P 1 72.94 18.06 -0.67
C TYR P 1 71.53 18.51 -0.48
N ASP P 2 71.21 19.67 -1.04
CA ASP P 2 69.84 20.18 -0.90
C ASP P 2 69.09 20.10 -2.24
N GLY P 3 69.77 19.58 -3.25
CA GLY P 3 69.22 19.43 -4.59
C GLY P 3 69.16 20.66 -5.46
N THR P 4 69.65 21.82 -4.99
CA THR P 4 69.59 23.04 -5.79
C THR P 4 70.90 23.40 -6.54
N HIS P 5 71.97 22.62 -6.41
CA HIS P 5 73.28 22.97 -7.03
C HIS P 5 73.45 22.16 -8.30
N CYS P 6 73.22 22.80 -9.43
CA CYS P 6 73.13 22.07 -10.72
C CYS P 6 74.40 22.19 -11.51
N LYS P 7 75.07 21.08 -11.75
CA LYS P 7 76.29 21.10 -12.51
C LYS P 7 75.95 21.27 -14.00
N ALA P 8 74.76 20.84 -14.38
CA ALA P 8 74.22 21.04 -15.72
C ALA P 8 72.70 20.99 -15.61
N PRO P 9 71.94 21.45 -16.63
CA PRO P 9 70.48 21.40 -16.55
C PRO P 9 69.99 19.97 -16.35
N GLY P 10 69.18 19.77 -15.32
CA GLY P 10 68.70 18.41 -15.04
C GLY P 10 69.66 17.53 -14.29
N ASN P 11 70.79 18.07 -13.81
CA ASN P 11 71.77 17.26 -13.12
C ASN P 11 72.25 17.98 -11.87
N CYS P 12 71.61 17.69 -10.72
CA CYS P 12 71.89 18.45 -9.51
C CYS P 12 72.45 17.54 -8.39
N TRP P 13 72.75 16.29 -8.70
CA TRP P 13 73.15 15.41 -7.66
C TRP P 13 74.53 15.84 -7.06
N GLU P 14 74.64 15.68 -5.74
CA GLU P 14 75.92 15.84 -5.00
C GLU P 14 75.97 14.72 -3.97
N PRO P 15 77.18 14.29 -3.64
CA PRO P 15 77.30 13.36 -2.51
C PRO P 15 76.94 14.03 -1.19
N LYS P 16 76.43 13.24 -0.26
CA LYS P 16 76.19 13.71 1.09
C LYS P 16 77.54 13.93 1.80
N PRO P 17 77.57 14.79 2.82
CA PRO P 17 78.81 15.03 3.58
C PRO P 17 79.54 13.77 4.00
N GLY P 18 80.80 13.64 3.63
CA GLY P 18 81.58 12.42 3.92
C GLY P 18 81.43 11.26 3.00
N TYR P 19 80.61 11.42 1.94
CA TYR P 19 80.41 10.36 0.98
C TYR P 19 81.14 10.68 -0.37
N PRO P 20 81.51 9.64 -1.11
CA PRO P 20 82.31 9.91 -2.32
C PRO P 20 81.44 10.32 -3.53
N ASP P 21 82.06 11.05 -4.48
CA ASP P 21 81.41 11.45 -5.72
C ASP P 21 81.12 10.25 -6.60
N LYS P 22 81.99 9.23 -6.53
CA LYS P 22 81.79 8.01 -7.28
C LYS P 22 81.87 6.85 -6.34
N VAL P 23 81.10 5.82 -6.59
CA VAL P 23 81.11 4.66 -5.73
C VAL P 23 82.06 3.58 -6.13
N ALA P 24 82.49 3.57 -7.39
CA ALA P 24 83.49 2.57 -7.86
C ALA P 24 84.75 2.71 -7.01
N GLY P 25 85.24 1.58 -6.50
CA GLY P 25 86.40 1.55 -5.65
C GLY P 25 86.17 1.95 -4.20
N SER P 26 84.93 2.32 -3.80
CA SER P 26 84.66 2.73 -2.43
C SER P 26 84.08 1.53 -1.70
N LYS P 27 83.90 1.67 -0.41
CA LYS P 27 83.20 0.66 0.35
C LYS P 27 81.73 0.49 -0.12
N TYR P 28 81.16 1.43 -0.91
CA TYR P 28 79.80 1.28 -1.38
C TYR P 28 79.74 0.85 -2.86
N ASP P 29 80.85 0.33 -3.37
CA ASP P 29 80.93 -0.14 -4.75
C ASP P 29 79.93 -1.28 -4.94
N PRO P 30 78.97 -1.11 -5.85
CA PRO P 30 77.98 -2.18 -6.01
C PRO P 30 78.51 -3.47 -6.69
N LYS P 31 79.67 -3.37 -7.35
CA LYS P 31 80.34 -4.55 -7.98
C LYS P 31 79.38 -5.42 -8.82
N HIS P 32 78.58 -4.77 -9.65
CA HIS P 32 77.65 -5.42 -10.52
C HIS P 32 78.36 -6.28 -11.52
N ASP P 33 77.83 -7.47 -11.72
CA ASP P 33 78.33 -8.36 -12.76
C ASP P 33 77.73 -7.95 -14.14
N PRO P 34 78.59 -7.68 -15.14
CA PRO P 34 78.01 -7.30 -16.48
C PRO P 34 77.06 -8.32 -17.14
N ASN P 35 77.34 -9.60 -17.03
CA ASN P 35 76.46 -10.62 -17.59
C ASN P 35 75.05 -10.50 -16.90
N GLU P 36 75.04 -10.33 -15.57
CA GLU P 36 73.74 -10.19 -14.87
C GLU P 36 73.05 -8.98 -15.26
N LEU P 37 73.79 -7.86 -15.37
CA LEU P 37 73.17 -6.61 -15.78
C LEU P 37 72.45 -6.63 -17.15
N ASN P 38 72.95 -7.45 -18.06
CA ASN P 38 72.46 -7.51 -19.44
C ASN P 38 71.33 -8.53 -19.64
N LYS P 39 70.99 -9.24 -18.59
CA LYS P 39 69.97 -10.34 -18.67
C LYS P 39 68.61 -9.89 -19.15
N GLN P 40 68.15 -8.78 -18.60
CA GLN P 40 66.83 -8.23 -18.95
C GLN P 40 66.72 -7.87 -20.42
N ALA P 41 67.75 -7.15 -20.89
CA ALA P 41 67.88 -6.72 -22.27
C ALA P 41 67.91 -7.93 -23.22
N GLU P 42 68.64 -8.97 -22.87
CA GLU P 42 68.62 -10.16 -23.67
C GLU P 42 67.23 -10.82 -23.69
N SER P 43 66.57 -10.88 -22.53
CA SER P 43 65.22 -11.43 -22.47
C SER P 43 64.21 -10.65 -23.34
N ILE P 44 64.32 -9.32 -23.37
CA ILE P 44 63.47 -8.48 -24.15
C ILE P 44 63.66 -8.74 -25.65
N LYS P 45 64.93 -8.84 -26.07
CA LYS P 45 65.23 -9.20 -27.47
C LYS P 45 64.54 -10.51 -27.87
N ALA P 46 64.55 -11.54 -27.00
CA ALA P 46 63.96 -12.81 -27.28
C ALA P 46 62.44 -12.72 -27.31
N MET P 47 61.83 -11.93 -26.39
CA MET P 47 60.40 -11.73 -26.47
C MET P 47 59.97 -10.99 -27.73
N GLU P 48 60.69 -9.95 -28.14
CA GLU P 48 60.33 -9.20 -29.28
C GLU P 48 60.42 -10.06 -30.56
N ALA P 49 61.40 -10.93 -30.60
CA ALA P 49 61.56 -11.85 -31.73
C ALA P 49 60.42 -12.88 -31.80
N ARG P 50 60.07 -13.47 -30.69
CA ARG P 50 58.87 -14.30 -30.64
C ARG P 50 57.59 -13.60 -31.04
N ASN P 51 57.34 -12.39 -30.50
CA ASN P 51 56.19 -11.61 -30.89
C ASN P 51 56.17 -11.32 -32.39
N GLN P 52 57.35 -10.99 -32.94
CA GLN P 52 57.32 -10.67 -34.39
C GLN P 52 56.97 -11.93 -35.21
N LYS P 53 57.40 -13.09 -34.81
CA LYS P 53 56.98 -14.34 -35.48
C LYS P 53 55.49 -14.54 -35.37
N ARG P 54 54.93 -14.30 -34.18
CA ARG P 54 53.46 -14.37 -34.05
C ARG P 54 52.68 -13.45 -34.90
N VAL P 55 53.13 -12.22 -35.02
CA VAL P 55 52.51 -11.22 -35.83
C VAL P 55 52.62 -11.60 -37.31
N GLU P 56 53.78 -12.11 -37.70
CA GLU P 56 54.02 -12.40 -39.13
C GLU P 56 53.11 -13.56 -39.55
N ASN P 57 53.01 -14.57 -38.69
CA ASN P 57 52.10 -15.71 -38.90
C ASN P 57 50.66 -15.33 -38.98
N TYR P 58 50.22 -14.34 -38.20
CA TYR P 58 48.83 -13.92 -38.14
C TYR P 58 48.49 -13.18 -39.40
N ALA P 59 49.41 -12.31 -39.85
CA ALA P 59 49.25 -11.59 -41.13
C ALA P 59 49.23 -12.61 -42.31
N LYS P 60 50.13 -13.55 -42.30
CA LYS P 60 50.26 -14.50 -43.39
C LYS P 60 49.07 -15.46 -43.50
N THR P 61 48.59 -16.00 -42.38
CA THR P 61 47.57 -17.04 -42.33
C THR P 61 46.16 -16.57 -41.97
N GLY P 62 46.00 -15.37 -41.44
CA GLY P 62 44.76 -14.94 -40.77
C GLY P 62 44.32 -15.68 -39.50
N LYS P 63 45.13 -16.60 -38.98
CA LYS P 63 44.80 -17.37 -37.78
C LYS P 63 45.91 -17.08 -36.73
N PHE P 64 45.52 -16.66 -35.53
CA PHE P 64 46.54 -16.30 -34.52
C PHE P 64 47.08 -17.55 -33.85
N VAL P 65 48.39 -17.69 -33.77
CA VAL P 65 49.00 -18.82 -33.09
C VAL P 65 50.05 -18.26 -32.09
N TYR P 66 49.92 -18.60 -30.83
CA TYR P 66 50.86 -18.09 -29.77
C TYR P 66 52.17 -18.88 -29.66
N LYS P 67 52.07 -20.20 -29.65
CA LYS P 67 53.21 -21.12 -29.45
C LYS P 67 54.12 -21.13 -30.70
N VAL P 68 55.31 -20.54 -30.57
CA VAL P 68 56.17 -20.29 -31.72
C VAL P 68 56.57 -21.54 -32.49
N GLU P 69 56.80 -22.63 -31.78
CA GLU P 69 57.17 -23.87 -32.45
C GLU P 69 55.99 -24.51 -33.22
N ASP P 70 54.74 -24.06 -33.03
CA ASP P 70 53.63 -24.51 -33.87
C ASP P 70 53.41 -23.62 -35.07
N ILE P 71 54.26 -22.61 -35.31
CA ILE P 71 54.17 -21.80 -36.51
C ILE P 71 54.93 -22.51 -37.65
CA CA Q . -36.85 -18.74 41.59
N1 PQQ R . -31.99 -14.72 38.24
C2 PQQ R . -30.98 -15.39 37.61
C2X PQQ R . -29.84 -14.73 36.87
O2A PQQ R . -30.11 -13.70 36.19
O2B PQQ R . -28.74 -15.22 36.77
C3 PQQ R . -31.24 -16.74 37.70
C3A PQQ R . -32.44 -16.87 38.50
C1A PQQ R . -32.87 -15.55 38.80
C4 PQQ R . -33.19 -18.04 38.96
O4 PQQ R . -32.94 -19.42 38.45
C5 PQQ R . -34.35 -17.90 39.69
O5 PQQ R . -35.12 -19.07 40.10
C6A PQQ R . -34.78 -16.54 39.97
N6 PQQ R . -35.94 -16.46 40.64
C7 PQQ R . -36.52 -15.29 40.98
C7X PQQ R . -37.84 -15.49 41.79
O7A PQQ R . -38.39 -16.82 41.53
O7B PQQ R . -38.68 -14.46 41.50
C8 PQQ R . -35.97 -14.06 40.66
C9 PQQ R . -34.72 -14.06 39.91
C9X PQQ R . -34.23 -12.65 39.56
O9A PQQ R . -33.14 -12.45 38.92
O9B PQQ R . -35.10 -11.76 39.91
C9A PQQ R . -34.11 -15.34 39.55
CA CA S . 0.73 16.82 47.78
N1 PQQ T . -1.95 11.69 43.56
C2 PQQ T . -2.40 12.05 42.34
C2X PQQ T . -2.95 11.07 41.34
O2A PQQ T . -3.77 11.36 40.48
O2B PQQ T . -2.50 9.91 41.26
C3 PQQ T . -2.20 13.42 42.20
C3A PQQ T . -1.66 13.83 43.48
C1A PQQ T . -1.50 12.71 44.31
C4 PQQ T . -1.25 15.10 43.96
O4 PQQ T . -1.01 16.07 42.92
C5 PQQ T . -0.71 15.31 45.25
O5 PQQ T . -0.30 16.67 45.63
C6A PQQ T . -0.59 14.14 46.09
N6 PQQ T . -0.03 14.29 47.34
C7 PQQ T . 0.21 13.31 48.21
C7X PQQ T . 0.88 13.79 49.54
O7A PQQ T . 1.60 15.00 49.22
O7B PQQ T . 1.73 12.83 50.03
C8 PQQ T . -0.13 11.98 47.94
C9 PQQ T . -0.72 11.71 46.63
C9X PQQ T . -0.99 10.22 46.43
O9A PQQ T . -1.53 9.70 45.37
O9B PQQ T . -0.57 9.59 47.47
C9A PQQ T . -0.94 12.81 45.66
CA CA U . 9.03 57.61 -5.32
N1 PQQ V . 5.64 51.54 -4.13
C2 PQQ V . 5.85 50.56 -5.04
C2X PQQ V . 5.29 49.16 -4.98
O2A PQQ V . 4.99 48.49 -5.94
O2B PQQ V . 5.16 48.68 -3.86
C3 PQQ V . 6.69 51.02 -6.03
C3A PQQ V . 6.95 52.40 -5.65
C1A PQQ V . 6.28 52.67 -4.44
C4 PQQ V . 7.73 53.40 -6.27
O4 PQQ V . 8.73 53.04 -7.28
C5 PQQ V . 7.86 54.67 -5.74
O5 PQQ V . 8.68 55.60 -6.43
C6A PQQ V . 7.20 54.97 -4.50
N6 PQQ V . 7.40 56.21 -3.98
C7 PQQ V . 6.88 56.66 -2.83
C7X PQQ V . 7.24 58.13 -2.42
O7A PQQ V . 8.49 58.52 -3.02
O7B PQQ V . 7.38 58.21 -1.06
C8 PQQ V . 6.06 55.81 -2.04
C9 PQQ V . 5.82 54.46 -2.53
C9X PQQ V . 4.97 53.61 -1.55
O9A PQQ V . 4.67 52.40 -1.79
O9B PQQ V . 4.73 54.20 -0.46
C9A PQQ V . 6.40 54.00 -3.80
CA CA W . -37.22 34.22 -0.27
N1 PQQ X . -30.22 33.48 -1.84
C2 PQQ X . -29.53 32.77 -0.93
C2X PQQ X . -28.08 32.39 -1.05
O2A PQQ X . -27.78 32.07 -2.22
O2B PQQ X . -27.32 32.18 -0.12
C3 PQQ X . -30.37 32.23 0.03
C3A PQQ X . -31.68 32.79 -0.29
C1A PQQ X . -31.53 33.56 -1.47
C4 PQQ X . -32.96 32.65 0.33
O4 PQQ X . -33.19 31.64 1.34
C5 PQQ X . -34.10 33.26 -0.17
O5 PQQ X . -35.36 33.07 0.50
C6A PQQ X . -33.93 34.02 -1.37
N6 PQQ X . -35.06 34.58 -1.86
C7 PQQ X . -35.11 35.30 -2.97
C7X PQQ X . -36.54 35.84 -3.32
O7A PQQ X . -37.49 34.95 -2.70
O7B PQQ X . -36.68 35.97 -4.66
C8 PQQ X . -33.96 35.58 -3.71
C9 PQQ X . -32.69 35.03 -3.26
C9X PQQ X . -31.50 35.27 -4.22
O9A PQQ X . -31.97 35.76 -5.29
O9B PQQ X . -30.29 34.81 -4.05
C9A PQQ X . -32.68 34.21 -2.05
CA CA Y . -30.28 -39.77 -30.51
N1 PQQ Z . -25.06 -35.09 -28.85
C2 PQQ Z . -25.53 -33.91 -28.35
C2X PQQ Z . -24.71 -32.71 -27.89
O2A PQQ Z . -25.08 -31.51 -27.88
O2B PQQ Z . -23.63 -33.00 -27.39
C3 PQQ Z . -26.91 -33.93 -28.27
C3A PQQ Z . -27.29 -35.23 -28.81
C1A PQQ Z . -26.10 -35.91 -29.13
C4 PQQ Z . -28.59 -35.82 -28.99
O4 PQQ Z . -29.70 -35.33 -28.20
C5 PQQ Z . -28.78 -37.10 -29.51
O5 PQQ Z . -30.15 -37.62 -29.64
C6A PQQ Z . -27.55 -37.81 -29.84
N6 PQQ Z . -27.70 -39.08 -30.29
C7 PQQ Z . -26.69 -39.86 -30.64
C7X PQQ Z . -27.12 -41.26 -31.11
O7A PQQ Z . -28.26 -41.71 -30.35
O7B PQQ Z . -26.10 -42.12 -30.87
C8 PQQ Z . -25.33 -39.44 -30.52
C9 PQQ Z . -25.11 -38.11 -30.02
C9X PQQ Z . -23.64 -37.74 -29.88
O9A PQQ Z . -23.20 -36.65 -29.43
O9B PQQ Z . -22.93 -38.74 -30.17
C9A PQQ Z . -26.22 -37.27 -29.66
CA CA AA . 7.75 -9.81 -49.01
N1 PQQ BA . 2.74 -10.78 -43.77
C2 PQQ BA . 3.31 -11.09 -42.60
C2X PQQ BA . 2.66 -11.30 -41.26
O2A PQQ BA . 1.88 -10.40 -41.00
O2B PQQ BA . 3.01 -12.06 -40.37
C3 PQQ BA . 4.68 -10.99 -42.69
C3A PQQ BA . 4.96 -10.67 -44.07
C1A PQQ BA . 3.71 -10.52 -44.70
C4 PQQ BA . 6.19 -10.49 -44.73
O4 PQQ BA . 7.41 -10.29 -43.96
C5 PQQ BA . 6.28 -10.16 -46.07
O5 PQQ BA . 7.57 -9.98 -46.69
C6A PQQ BA . 5.00 -10.01 -46.73
N6 PQQ BA . 5.08 -9.66 -48.04
C7 PQQ BA . 4.05 -9.46 -48.83
C7X PQQ BA . 4.40 -9.06 -50.31
O7A PQQ BA . 5.62 -8.26 -50.26
O7B PQQ BA . 3.37 -8.35 -50.87
C8 PQQ BA . 2.75 -9.61 -48.33
C9 PQQ BA . 2.56 -9.97 -46.94
C9X PQQ BA . 1.07 -10.03 -46.49
O9A PQQ BA . 0.29 -9.63 -47.41
O9B PQQ BA . 0.66 -10.31 -45.32
C9A PQQ BA . 3.72 -10.17 -46.11
CA CA CA . 28.91 -41.70 1.60
N1 PQQ DA . 29.24 -34.42 2.01
C2 PQQ DA . 28.43 -33.76 1.13
C2X PQQ DA . 28.30 -32.24 1.05
O2A PQQ DA . 27.95 -31.56 0.07
O2B PQQ DA . 28.47 -31.66 2.13
C3 PQQ DA . 27.69 -34.71 0.43
C3A PQQ DA . 28.16 -35.99 0.91
C1A PQQ DA . 29.13 -35.76 1.92
C4 PQQ DA . 27.77 -37.32 0.54
O4 PQQ DA . 26.57 -37.53 -0.25
C5 PQQ DA . 28.33 -38.42 1.15
O5 PQQ DA . 27.90 -39.75 0.75
C6A PQQ DA . 29.33 -38.17 2.16
N6 PQQ DA . 29.85 -39.28 2.78
C7 PQQ DA . 30.77 -39.27 3.74
C7X PQQ DA . 31.18 -40.68 4.26
O7A PQQ DA . 29.95 -41.39 4.05
O7B PQQ DA . 31.51 -40.64 5.60
C8 PQQ DA . 31.28 -38.05 4.24
C9 PQQ DA . 30.77 -36.82 3.67
C9X PQQ DA . 31.38 -35.58 4.34
O9A PQQ DA . 31.09 -34.37 4.01
O9B PQQ DA . 32.16 -35.87 5.32
C9A PQQ DA . 29.77 -36.87 2.59
CA CA EA . 58.23 0.53 -6.17
N1 PQQ FA . 51.57 -1.98 -5.71
C2 PQQ FA . 50.83 -1.51 -4.64
C2X PQQ FA . 49.39 -1.88 -4.34
O2A PQQ FA . 48.73 -2.08 -5.36
O2B PQQ FA . 48.82 -1.89 -3.26
C3 PQQ FA . 51.60 -0.58 -3.94
C3A PQQ FA . 52.87 -0.57 -4.65
C1A PQQ FA . 52.80 -1.46 -5.75
C4 PQQ FA . 54.05 0.18 -4.40
O4 PQQ FA . 53.99 1.40 -3.60
C5 PQQ FA . 55.18 0.08 -5.20
O5 PQQ FA . 56.30 0.91 -4.85
C6A PQQ FA . 55.09 -0.81 -6.35
N6 PQQ FA . 56.17 -0.89 -7.16
C7 PQQ FA . 56.30 -1.64 -8.26
C7X PQQ FA . 57.69 -1.50 -8.95
O7A PQQ FA . 58.22 -0.20 -8.69
O7B PQQ FA . 57.62 -1.72 -10.27
C8 PQQ FA . 55.24 -2.46 -8.70
C9 PQQ FA . 54.04 -2.43 -7.88
C9X PQQ FA . 52.92 -3.34 -8.44
O9A PQQ FA . 53.32 -3.88 -9.53
O9B PQQ FA . 51.76 -3.50 -7.84
C9A PQQ FA . 53.94 -1.60 -6.67
#